data_7RNL
#
_entry.id   7RNL
#
_cell.length_a   1.00
_cell.length_b   1.00
_cell.length_c   1.00
_cell.angle_alpha   90.00
_cell.angle_beta   90.00
_cell.angle_gamma   90.00
#
_symmetry.space_group_name_H-M   'P 1'
#
loop_
_entity.id
_entity.type
_entity.pdbx_description
1 polymer 'CTP synthase'
2 non-polymer "CYTIDINE-5'-TRIPHOSPHATE"
3 non-polymer 'MAGNESIUM ION'
#
_entity_poly.entity_id   1
_entity_poly.type   'polypeptide(L)'
_entity_poly.pdbx_seq_one_letter_code
;MKYVVVSGGVISGIGKGVLASSTGMLLKTLGLKVTSIKIDPYMNIDAGTMSPLEHGECFVLDDGGETDLDLGNYERYLGI
TLSRDHNITTGKIYSHVISRERRGDYLGKTVQIVPHLTNAIQDWIQRVSKIPVDDTGLEPDVCIIELGGTVGDIESAPFV
EALRQFQFEVGRENFALIHVSLVPVIHGEQKTKPTQAAIKDLRSLGLIPDMIACRCSEELNRSTIDKIAMFCHVGPEQVV
NVHDVNSTYHVPLLLLKQHMIDYLHSRLKLGEVPLTLEDKERGSQLLTNWENMTKNLDDSDDVVKIALVGKYTNLKDSYL
SVTKSLEHASMKCRRQLEILWVEASNLEPETQEVDKNKFHDSWNKLSSADGILVPGGFGTRGIEGMILAAKWARESGVPF
LGVCLGLQVAAIEFARNVIGRPNSSSTEFLDETLLAPEDQVVITMRLGLRPTIFQPNSEWSNIRKLYGEVNEVHERHRHR
YEINPKIVNDMESRGFIFVGKDETGQRCEIFELKGHPYYVGTQYHPEYTSKVLEPSRPFWGLVAAASGTLGEVIKDINL
;
_entity_poly.pdbx_strand_id   B,A,C,D,H,E,K,N,I,F,L,O,J,G,M,P
#
loop_
_chem_comp.id
_chem_comp.type
_chem_comp.name
_chem_comp.formula
CTP non-polymer CYTIDINE-5'-TRIPHOSPHATE 'C9 H16 N3 O14 P3'
MG non-polymer 'MAGNESIUM ION' 'Mg 2'
#
# COMPACT_ATOMS: atom_id res chain seq x y z
N MET A 1 -83.24 -25.57 22.21
CA MET A 1 -83.19 -25.15 20.80
C MET A 1 -82.39 -26.15 19.96
N LYS A 2 -82.78 -26.33 18.69
CA LYS A 2 -82.07 -27.16 17.70
C LYS A 2 -82.02 -26.40 16.38
N TYR A 3 -81.01 -26.62 15.53
CA TYR A 3 -80.92 -26.03 14.19
C TYR A 3 -80.66 -27.10 13.16
N VAL A 4 -81.28 -26.99 12.00
CA VAL A 4 -80.90 -27.72 10.79
C VAL A 4 -80.59 -26.71 9.70
N VAL A 5 -79.39 -26.67 9.19
CA VAL A 5 -79.02 -25.70 8.16
C VAL A 5 -79.06 -26.43 6.83
N VAL A 6 -79.79 -25.91 5.83
CA VAL A 6 -79.89 -26.45 4.48
C VAL A 6 -79.08 -25.55 3.56
N SER A 7 -78.18 -26.13 2.78
CA SER A 7 -76.96 -25.45 2.33
C SER A 7 -76.38 -26.10 1.09
N GLY A 8 -75.34 -25.49 0.53
CA GLY A 8 -74.41 -26.22 -0.32
C GLY A 8 -74.46 -25.81 -1.77
N GLY A 9 -74.55 -26.79 -2.66
CA GLY A 9 -74.68 -26.60 -4.10
C GLY A 9 -73.35 -26.38 -4.80
N VAL A 10 -73.14 -27.13 -5.89
CA VAL A 10 -72.20 -26.78 -6.96
C VAL A 10 -72.69 -25.57 -7.76
N ILE A 11 -74.01 -25.44 -7.94
CA ILE A 11 -74.70 -24.38 -8.67
C ILE A 11 -75.83 -23.78 -7.82
N SER A 12 -76.10 -22.49 -7.97
CA SER A 12 -77.09 -21.78 -7.14
C SER A 12 -78.55 -22.01 -7.56
N GLY A 13 -78.83 -22.42 -8.79
CA GLY A 13 -80.18 -22.74 -9.29
C GLY A 13 -80.72 -24.12 -8.89
N ILE A 14 -80.03 -24.83 -7.99
CA ILE A 14 -80.24 -26.26 -7.71
C ILE A 14 -81.54 -26.63 -6.98
N GLY A 15 -82.24 -25.66 -6.39
CA GLY A 15 -83.51 -25.91 -5.70
C GLY A 15 -83.33 -26.45 -4.28
N LYS A 16 -82.72 -25.65 -3.40
CA LYS A 16 -82.64 -25.90 -1.95
C LYS A 16 -83.94 -25.60 -1.24
N GLY A 17 -84.74 -24.67 -1.74
CA GLY A 17 -85.93 -24.14 -1.06
C GLY A 17 -87.02 -25.16 -0.80
N VAL A 18 -87.18 -26.16 -1.67
CA VAL A 18 -88.07 -27.30 -1.38
C VAL A 18 -87.49 -28.16 -0.27
N LEU A 19 -86.21 -28.53 -0.30
CA LEU A 19 -85.65 -29.35 0.77
C LEU A 19 -85.69 -28.66 2.13
N ALA A 20 -85.52 -27.34 2.20
CA ALA A 20 -85.79 -26.58 3.43
C ALA A 20 -87.27 -26.64 3.83
N SER A 21 -88.18 -26.19 2.97
CA SER A 21 -89.63 -26.12 3.24
C SER A 21 -90.28 -27.48 3.49
N SER A 22 -89.60 -28.57 3.18
CA SER A 22 -89.98 -29.97 3.22
C SER A 22 -89.25 -30.72 4.32
N THR A 23 -88.12 -30.24 4.81
CA THR A 23 -87.46 -30.84 5.98
C THR A 23 -88.18 -30.34 7.20
N GLY A 24 -88.56 -29.07 7.20
CA GLY A 24 -89.26 -28.47 8.29
C GLY A 24 -90.64 -28.96 8.46
N MET A 25 -91.25 -29.40 7.36
CA MET A 25 -92.57 -30.02 7.35
C MET A 25 -92.48 -31.40 7.97
N LEU A 26 -91.49 -32.21 7.58
CA LEU A 26 -91.30 -33.50 8.21
C LEU A 26 -91.07 -33.37 9.72
N LEU A 27 -90.24 -32.43 10.18
CA LEU A 27 -90.09 -32.23 11.62
C LEU A 27 -91.38 -31.76 12.29
N LYS A 28 -92.25 -31.01 11.62
CA LYS A 28 -93.54 -30.62 12.21
C LYS A 28 -94.50 -31.81 12.40
N THR A 29 -94.32 -32.89 11.65
CA THR A 29 -95.05 -34.13 11.90
C THR A 29 -94.66 -34.86 13.18
N LEU A 30 -93.47 -34.62 13.76
CA LEU A 30 -93.15 -35.05 15.14
C LEU A 30 -93.87 -34.18 16.19
N GLY A 31 -94.55 -33.11 15.79
CA GLY A 31 -95.28 -32.21 16.68
C GLY A 31 -94.45 -31.03 17.18
N LEU A 32 -93.16 -30.97 16.83
CA LEU A 32 -92.24 -29.89 17.20
C LEU A 32 -92.71 -28.51 16.70
N LYS A 33 -92.58 -27.46 17.50
CA LYS A 33 -92.90 -26.09 17.07
C LYS A 33 -91.82 -25.55 16.15
N VAL A 34 -91.82 -25.95 14.88
CA VAL A 34 -90.72 -25.62 13.95
C VAL A 34 -90.77 -24.16 13.47
N THR A 35 -89.63 -23.52 13.26
CA THR A 35 -89.49 -22.21 12.62
C THR A 35 -88.44 -22.28 11.51
N SER A 36 -88.27 -21.23 10.74
CA SER A 36 -87.31 -21.18 9.65
C SER A 36 -86.73 -19.79 9.43
N ILE A 37 -85.50 -19.74 8.94
CA ILE A 37 -84.75 -18.50 8.63
C ILE A 37 -84.25 -18.64 7.19
N LYS A 38 -84.38 -17.59 6.40
CA LYS A 38 -83.79 -17.52 5.06
C LYS A 38 -82.55 -16.67 5.18
N ILE A 39 -81.41 -17.09 4.62
CA ILE A 39 -80.27 -16.22 4.39
C ILE A 39 -80.25 -15.94 2.88
N ASP A 40 -80.22 -14.67 2.50
CA ASP A 40 -80.04 -14.23 1.13
C ASP A 40 -78.78 -13.39 0.99
N PRO A 41 -77.77 -13.88 0.24
CA PRO A 41 -76.52 -13.17 0.03
C PRO A 41 -76.60 -11.84 -0.73
N TYR A 42 -77.72 -11.48 -1.32
CA TYR A 42 -77.86 -10.18 -2.00
C TYR A 42 -77.76 -8.98 -1.05
N MET A 43 -77.41 -7.83 -1.59
CA MET A 43 -77.27 -6.60 -0.79
C MET A 43 -78.58 -5.89 -0.50
N ASN A 44 -79.72 -6.30 -1.05
CA ASN A 44 -80.95 -5.59 -0.72
C ASN A 44 -81.31 -5.71 0.76
N ILE A 45 -81.65 -4.57 1.36
CA ILE A 45 -82.21 -4.56 2.71
C ILE A 45 -83.45 -5.41 2.79
N ASP A 46 -84.40 -5.12 1.92
CA ASP A 46 -85.62 -5.88 1.77
C ASP A 46 -86.18 -5.68 0.36
N ALA A 47 -87.00 -6.64 -0.08
CA ALA A 47 -87.34 -6.83 -1.49
C ALA A 47 -88.16 -5.68 -2.11
N GLY A 48 -88.70 -4.76 -1.33
CA GLY A 48 -89.57 -3.68 -1.80
C GLY A 48 -88.99 -2.81 -2.92
N THR A 49 -87.66 -2.71 -3.03
CA THR A 49 -86.98 -1.94 -4.08
C THR A 49 -86.87 -2.67 -5.42
N MET A 50 -86.99 -4.01 -5.46
CA MET A 50 -86.71 -4.77 -6.68
C MET A 50 -88.00 -5.28 -7.33
N SER A 51 -88.21 -4.87 -8.58
CA SER A 51 -89.44 -5.11 -9.35
C SER A 51 -89.72 -6.59 -9.60
N PRO A 52 -91.00 -7.01 -9.69
CA PRO A 52 -91.38 -8.40 -9.94
C PRO A 52 -90.82 -9.05 -11.22
N LEU A 53 -90.34 -8.28 -12.19
CA LEU A 53 -89.56 -8.82 -13.31
C LEU A 53 -88.24 -9.46 -12.84
N GLU A 54 -87.59 -8.88 -11.84
CA GLU A 54 -86.24 -9.22 -11.39
C GLU A 54 -86.30 -10.30 -10.29
N HIS A 55 -86.30 -11.57 -10.69
CA HIS A 55 -86.39 -12.75 -9.80
C HIS A 55 -87.67 -12.84 -8.94
N GLY A 56 -88.82 -12.57 -9.56
CA GLY A 56 -90.15 -12.93 -9.04
C GLY A 56 -90.82 -11.93 -8.09
N GLU A 57 -92.04 -12.27 -7.65
CA GLU A 57 -93.00 -11.40 -6.96
C GLU A 57 -92.49 -10.70 -5.69
N CYS A 58 -93.13 -9.60 -5.31
CA CYS A 58 -92.82 -8.84 -4.10
C CYS A 58 -93.71 -9.32 -2.93
N PHE A 59 -93.23 -10.24 -2.09
CA PHE A 59 -94.00 -10.84 -1.00
C PHE A 59 -94.44 -9.81 0.05
N VAL A 60 -95.38 -10.15 0.96
CA VAL A 60 -95.77 -9.31 2.10
C VAL A 60 -95.94 -10.13 3.38
N LEU A 61 -95.38 -9.66 4.50
CA LEU A 61 -95.49 -10.24 5.83
C LEU A 61 -96.48 -9.49 6.73
N ASP A 62 -96.81 -10.01 7.91
CA ASP A 62 -97.69 -9.32 8.87
C ASP A 62 -97.19 -7.93 9.24
N ASP A 63 -95.87 -7.75 9.32
CA ASP A 63 -95.18 -6.47 9.60
C ASP A 63 -95.35 -5.41 8.50
N GLY A 64 -95.76 -5.82 7.30
CA GLY A 64 -95.62 -5.04 6.08
C GLY A 64 -94.27 -5.20 5.37
N GLY A 65 -93.40 -6.07 5.89
CA GLY A 65 -92.07 -6.32 5.33
C GLY A 65 -92.09 -6.97 3.96
N GLU A 66 -91.82 -6.20 2.92
CA GLU A 66 -91.73 -6.68 1.55
C GLU A 66 -90.47 -7.52 1.35
N THR A 67 -90.61 -8.83 1.09
CA THR A 67 -89.55 -9.80 1.40
C THR A 67 -89.29 -10.86 0.33
N ASP A 68 -88.20 -11.62 0.50
CA ASP A 68 -87.86 -12.70 -0.41
C ASP A 68 -88.96 -13.76 -0.52
N LEU A 69 -89.19 -14.24 -1.75
CA LEU A 69 -90.12 -15.31 -2.04
C LEU A 69 -90.04 -16.48 -1.08
N ASP A 70 -88.82 -16.88 -0.71
CA ASP A 70 -88.61 -18.10 0.00
C ASP A 70 -89.19 -18.09 1.42
N LEU A 71 -89.45 -16.92 2.01
CA LEU A 71 -90.25 -16.88 3.24
C LEU A 71 -91.64 -17.50 3.02
N GLY A 72 -92.25 -17.18 1.89
CA GLY A 72 -93.59 -17.64 1.56
C GLY A 72 -93.65 -19.15 1.52
N ASN A 73 -92.68 -19.82 0.89
CA ASN A 73 -92.68 -21.28 0.82
C ASN A 73 -92.68 -21.92 2.21
N TYR A 74 -91.93 -21.40 3.18
CA TYR A 74 -92.01 -21.95 4.53
C TYR A 74 -93.35 -21.62 5.18
N GLU A 75 -93.86 -20.39 5.05
CA GLU A 75 -95.15 -20.04 5.66
C GLU A 75 -96.25 -21.00 5.23
N ARG A 76 -96.38 -21.25 3.92
CA ARG A 76 -97.44 -22.13 3.42
C ARG A 76 -97.20 -23.62 3.68
N TYR A 77 -95.97 -24.12 3.68
CA TYR A 77 -95.71 -25.52 4.06
C TYR A 77 -95.84 -25.76 5.55
N LEU A 78 -95.40 -24.83 6.39
CA LEU A 78 -95.25 -25.04 7.83
C LEU A 78 -96.40 -24.45 8.67
N GLY A 79 -97.31 -23.69 8.05
CA GLY A 79 -98.43 -23.03 8.71
C GLY A 79 -98.04 -21.80 9.55
N ILE A 80 -96.75 -21.48 9.58
CA ILE A 80 -96.16 -20.45 10.45
C ILE A 80 -96.41 -19.05 9.91
N THR A 81 -96.37 -18.06 10.79
CA THR A 81 -96.27 -16.64 10.43
C THR A 81 -94.85 -16.17 10.67
N LEU A 82 -94.22 -15.55 9.68
CA LEU A 82 -92.86 -15.01 9.80
C LEU A 82 -92.86 -13.48 9.97
N SER A 83 -91.69 -12.92 10.30
CA SER A 83 -91.46 -11.49 10.47
C SER A 83 -90.26 -11.07 9.64
N ARG A 84 -90.12 -9.79 9.30
CA ARG A 84 -89.08 -9.33 8.38
C ARG A 84 -87.66 -9.59 8.87
N ASP A 85 -87.46 -9.85 10.15
CA ASP A 85 -86.18 -10.31 10.70
C ASP A 85 -85.80 -11.73 10.25
N HIS A 86 -86.74 -12.60 9.86
CA HIS A 86 -86.43 -13.98 9.44
C HIS A 86 -85.69 -14.06 8.09
N ASN A 87 -85.60 -12.95 7.37
CA ASN A 87 -84.85 -12.82 6.14
C ASN A 87 -83.48 -12.16 6.45
N ILE A 88 -82.48 -12.94 6.81
CA ILE A 88 -81.12 -12.42 6.94
C ILE A 88 -80.63 -12.04 5.54
N THR A 89 -80.01 -10.88 5.36
CA THR A 89 -79.35 -10.57 4.09
C THR A 89 -78.00 -9.91 4.28
N THR A 90 -77.15 -9.98 3.25
CA THR A 90 -75.89 -9.24 3.29
C THR A 90 -76.15 -7.75 3.42
N GLY A 91 -77.17 -7.24 2.75
CA GLY A 91 -77.65 -5.88 2.96
C GLY A 91 -77.98 -5.54 4.40
N LYS A 92 -78.81 -6.36 5.02
CA LYS A 92 -79.27 -6.11 6.39
C LYS A 92 -78.11 -6.16 7.37
N ILE A 93 -77.34 -7.25 7.42
CA ILE A 93 -76.38 -7.42 8.51
C ILE A 93 -75.22 -6.43 8.39
N TYR A 94 -74.80 -6.10 7.17
CA TYR A 94 -73.77 -5.08 6.97
C TYR A 94 -74.33 -3.68 7.26
N SER A 95 -75.57 -3.36 6.87
CA SER A 95 -76.22 -2.09 7.25
C SER A 95 -76.39 -1.98 8.78
N HIS A 96 -76.69 -3.09 9.45
CA HIS A 96 -76.82 -3.19 10.89
C HIS A 96 -75.50 -2.90 11.57
N VAL A 97 -74.45 -3.71 11.36
CA VAL A 97 -73.21 -3.47 12.08
C VAL A 97 -72.53 -2.17 11.69
N ILE A 98 -72.58 -1.71 10.42
CA ILE A 98 -72.05 -0.40 10.03
C ILE A 98 -72.89 0.72 10.65
N SER A 99 -74.21 0.61 10.81
CA SER A 99 -74.95 1.65 11.54
C SER A 99 -74.61 1.61 13.03
N ARG A 100 -74.37 0.42 13.58
CA ARG A 100 -73.93 0.24 14.96
C ARG A 100 -72.56 0.86 15.22
N GLU A 101 -71.65 0.92 14.25
CA GLU A 101 -70.39 1.65 14.38
C GLU A 101 -70.58 3.14 14.64
N ARG A 102 -71.40 3.83 13.85
CA ARG A 102 -71.65 5.26 14.07
C ARG A 102 -72.37 5.51 15.40
N ARG A 103 -73.12 4.53 15.92
CA ARG A 103 -73.69 4.52 17.28
C ARG A 103 -72.63 4.27 18.37
N GLY A 104 -71.52 3.60 18.04
CA GLY A 104 -70.33 3.47 18.90
C GLY A 104 -70.22 2.17 19.71
N ASP A 105 -71.12 1.21 19.55
CA ASP A 105 -71.27 0.11 20.51
C ASP A 105 -70.10 -0.87 20.62
N TYR A 106 -69.15 -0.87 19.67
CA TYR A 106 -67.92 -1.64 19.79
C TYR A 106 -66.83 -0.91 20.59
N LEU A 107 -67.18 0.15 21.33
CA LEU A 107 -66.32 0.92 22.24
C LEU A 107 -65.07 1.50 21.56
N GLY A 108 -65.21 1.84 20.28
CA GLY A 108 -64.09 2.33 19.50
C GLY A 108 -63.00 1.30 19.24
N LYS A 109 -63.33 0.01 19.20
CA LYS A 109 -62.41 -1.01 18.65
C LYS A 109 -62.39 -1.01 17.10
N THR A 110 -61.59 -1.88 16.48
CA THR A 110 -61.73 -2.13 15.02
C THR A 110 -62.98 -2.98 14.93
N VAL A 111 -63.78 -2.90 13.87
CA VAL A 111 -64.95 -3.82 13.71
C VAL A 111 -64.59 -4.78 12.58
N GLN A 112 -63.55 -5.59 12.75
CA GLN A 112 -63.14 -6.58 11.74
C GLN A 112 -64.39 -7.39 11.37
N ILE A 113 -64.52 -7.93 10.16
CA ILE A 113 -65.69 -8.79 9.77
C ILE A 113 -65.55 -10.17 10.43
N VAL A 114 -64.34 -10.67 10.70
CA VAL A 114 -64.19 -11.93 11.50
C VAL A 114 -64.57 -11.49 12.90
N PRO A 115 -64.45 -12.27 13.99
CA PRO A 115 -64.98 -11.87 15.27
C PRO A 115 -66.25 -11.01 15.26
N HIS A 116 -66.22 -9.73 14.98
CA HIS A 116 -67.41 -8.95 15.35
C HIS A 116 -68.62 -9.13 14.44
N LEU A 117 -68.52 -9.00 13.12
CA LEU A 117 -69.72 -9.18 12.27
C LEU A 117 -70.21 -10.64 12.28
N THR A 118 -69.34 -11.64 12.20
CA THR A 118 -69.79 -13.04 12.36
C THR A 118 -70.41 -13.30 13.72
N ASN A 119 -70.04 -12.54 14.76
CA ASN A 119 -70.74 -12.58 16.04
C ASN A 119 -72.14 -11.95 15.92
N ALA A 120 -72.34 -10.87 15.17
CA ALA A 120 -73.68 -10.32 14.94
C ALA A 120 -74.59 -11.31 14.21
N ILE A 121 -74.09 -12.05 13.21
CA ILE A 121 -74.88 -13.13 12.59
C ILE A 121 -75.29 -14.16 13.64
N GLN A 122 -74.35 -14.65 14.43
CA GLN A 122 -74.64 -15.69 15.40
C GLN A 122 -75.59 -15.20 16.49
N ASP A 123 -75.59 -13.90 16.78
CA ASP A 123 -76.56 -13.26 17.67
C ASP A 123 -77.91 -13.16 16.97
N TRP A 124 -77.97 -12.65 15.73
CA TRP A 124 -79.22 -12.54 14.98
C TRP A 124 -79.95 -13.88 14.83
N ILE A 125 -79.29 -14.95 14.43
CA ILE A 125 -79.92 -16.28 14.36
C ILE A 125 -80.46 -16.73 15.72
N GLN A 126 -79.76 -16.43 16.82
CA GLN A 126 -80.22 -16.77 18.17
C GLN A 126 -81.33 -15.87 18.67
N ARG A 127 -81.44 -14.62 18.22
CA ARG A 127 -82.60 -13.78 18.52
C ARG A 127 -83.83 -14.34 17.80
N VAL A 128 -83.71 -14.42 16.48
CA VAL A 128 -84.77 -14.73 15.54
C VAL A 128 -85.38 -16.08 15.77
N SER A 129 -84.62 -17.12 15.98
CA SER A 129 -85.19 -18.45 16.26
C SER A 129 -85.97 -18.52 17.59
N LYS A 130 -85.90 -17.53 18.50
CA LYS A 130 -86.73 -17.46 19.72
C LYS A 130 -87.98 -16.59 19.59
N ILE A 131 -88.22 -15.92 18.46
CA ILE A 131 -89.46 -15.20 18.18
C ILE A 131 -90.58 -16.23 17.96
N PRO A 132 -91.78 -16.10 18.55
CA PRO A 132 -92.86 -17.06 18.32
C PRO A 132 -93.47 -16.93 16.92
N VAL A 133 -93.98 -18.02 16.36
CA VAL A 133 -94.49 -18.06 14.98
C VAL A 133 -95.83 -18.77 14.78
N ASP A 134 -96.24 -19.68 15.67
CA ASP A 134 -97.54 -20.37 15.64
C ASP A 134 -98.68 -19.52 16.25
N ASP A 135 -99.88 -20.09 16.37
CA ASP A 135 -101.09 -19.44 16.89
C ASP A 135 -101.02 -19.04 18.39
N THR A 136 -99.99 -19.50 19.11
CA THR A 136 -99.70 -19.19 20.51
C THR A 136 -98.23 -18.78 20.65
N GLY A 137 -97.93 -17.93 21.62
CA GLY A 137 -96.62 -17.31 21.83
C GLY A 137 -95.55 -18.23 22.42
N LEU A 138 -95.54 -19.51 22.06
CA LEU A 138 -94.54 -20.49 22.48
C LEU A 138 -93.33 -20.45 21.54
N GLU A 139 -92.13 -20.41 22.09
CA GLU A 139 -90.89 -20.30 21.32
C GLU A 139 -90.55 -21.62 20.59
N PRO A 140 -89.98 -21.56 19.38
CA PRO A 140 -89.71 -22.74 18.55
C PRO A 140 -88.83 -23.85 19.14
N ASP A 141 -89.09 -25.10 18.82
CA ASP A 141 -88.25 -26.23 19.21
C ASP A 141 -87.06 -26.42 18.27
N VAL A 142 -87.27 -26.26 16.96
CA VAL A 142 -86.26 -26.46 15.91
C VAL A 142 -86.33 -25.33 14.89
N CYS A 143 -85.19 -24.84 14.43
CA CYS A 143 -85.10 -23.84 13.38
C CYS A 143 -84.39 -24.36 12.12
N ILE A 144 -85.05 -24.28 10.96
CA ILE A 144 -84.44 -24.59 9.66
C ILE A 144 -83.79 -23.34 9.08
N ILE A 145 -82.50 -23.32 8.86
CA ILE A 145 -81.82 -22.18 8.23
C ILE A 145 -81.54 -22.51 6.77
N GLU A 146 -82.09 -21.79 5.81
CA GLU A 146 -81.76 -21.96 4.40
C GLU A 146 -80.64 -20.99 4.00
N LEU A 147 -79.44 -21.49 3.74
CA LEU A 147 -78.27 -20.68 3.37
C LEU A 147 -78.32 -20.43 1.86
N GLY A 148 -78.79 -19.24 1.48
CA GLY A 148 -78.83 -18.78 0.09
C GLY A 148 -77.42 -18.60 -0.49
N GLY A 149 -77.36 -18.45 -1.82
CA GLY A 149 -76.08 -18.57 -2.52
C GLY A 149 -75.54 -20.01 -2.52
N THR A 150 -74.22 -20.19 -2.57
CA THR A 150 -73.60 -21.51 -2.35
C THR A 150 -72.46 -21.44 -1.32
N VAL A 151 -72.12 -22.59 -0.71
CA VAL A 151 -70.96 -22.70 0.21
C VAL A 151 -69.76 -22.81 -0.70
N GLY A 152 -68.93 -21.78 -0.82
CA GLY A 152 -67.81 -21.72 -1.77
C GLY A 152 -68.01 -20.52 -2.68
N ASP A 153 -68.25 -19.35 -2.09
CA ASP A 153 -68.53 -18.12 -2.86
C ASP A 153 -67.88 -16.95 -2.14
N ILE A 154 -68.15 -15.71 -2.56
CA ILE A 154 -67.61 -14.48 -1.90
C ILE A 154 -68.78 -13.69 -1.29
N GLU A 155 -70.02 -13.94 -1.70
CA GLU A 155 -71.22 -13.31 -1.08
C GLU A 155 -71.65 -14.22 0.06
N SER A 156 -71.17 -15.47 0.05
CA SER A 156 -71.53 -16.41 1.13
C SER A 156 -70.61 -16.29 2.34
N ALA A 157 -69.45 -15.69 2.17
CA ALA A 157 -68.28 -15.89 3.00
C ALA A 157 -68.47 -15.60 4.49
N PRO A 158 -69.03 -14.46 4.93
CA PRO A 158 -69.29 -14.24 6.34
C PRO A 158 -70.30 -15.23 6.93
N PHE A 159 -71.28 -15.70 6.15
CA PHE A 159 -72.26 -16.65 6.65
C PHE A 159 -71.60 -17.99 6.89
N VAL A 160 -70.80 -18.52 5.98
CA VAL A 160 -70.18 -19.83 6.24
C VAL A 160 -69.21 -19.79 7.42
N GLU A 161 -68.50 -18.67 7.65
CA GLU A 161 -67.69 -18.52 8.85
C GLU A 161 -68.54 -18.42 10.10
N ALA A 162 -69.53 -17.54 10.08
CA ALA A 162 -70.45 -17.40 11.20
C ALA A 162 -71.05 -18.75 11.61
N LEU A 163 -71.42 -19.58 10.64
CA LEU A 163 -71.97 -20.93 10.86
C LEU A 163 -70.90 -21.95 11.27
N ARG A 164 -69.62 -21.83 10.88
CA ARG A 164 -68.58 -22.61 11.53
C ARG A 164 -68.54 -22.26 13.03
N GLN A 165 -68.50 -21.00 13.45
CA GLN A 165 -68.51 -20.71 14.88
C GLN A 165 -69.81 -21.21 15.51
N PHE A 166 -70.93 -21.04 14.82
CA PHE A 166 -72.25 -21.42 15.33
C PHE A 166 -72.48 -22.92 15.50
N GLN A 167 -71.63 -23.75 14.89
CA GLN A 167 -71.58 -25.18 15.12
C GLN A 167 -71.08 -25.50 16.53
N PHE A 168 -70.43 -24.54 17.19
CA PHE A 168 -69.93 -24.66 18.57
C PHE A 168 -70.57 -23.72 19.58
N GLU A 169 -70.81 -22.47 19.20
CA GLU A 169 -71.47 -21.49 20.06
C GLU A 169 -72.90 -21.95 20.39
N VAL A 170 -73.52 -22.78 19.54
CA VAL A 170 -74.56 -23.75 19.86
C VAL A 170 -73.92 -25.14 19.73
N GLY A 171 -74.06 -26.01 20.72
CA GLY A 171 -73.35 -27.29 20.72
C GLY A 171 -73.72 -28.19 19.53
N ARG A 172 -72.78 -28.98 18.98
CA ARG A 172 -73.12 -30.14 18.14
C ARG A 172 -74.10 -31.02 18.89
N GLU A 173 -74.91 -31.75 18.15
CA GLU A 173 -76.17 -32.35 18.62
C GLU A 173 -77.30 -31.35 18.95
N ASN A 174 -77.07 -30.03 18.90
CA ASN A 174 -78.11 -29.03 18.66
C ASN A 174 -78.00 -28.40 17.25
N PHE A 175 -77.16 -28.91 16.35
CA PHE A 175 -76.96 -28.40 15.02
C PHE A 175 -76.71 -29.54 14.04
N ALA A 176 -77.23 -29.46 12.83
CA ALA A 176 -77.04 -30.42 11.74
C ALA A 176 -76.98 -29.70 10.40
N LEU A 177 -76.13 -30.16 9.46
CA LEU A 177 -76.01 -29.56 8.12
C LEU A 177 -76.49 -30.52 7.03
N ILE A 178 -77.39 -30.05 6.19
CA ILE A 178 -77.87 -30.74 5.01
C ILE A 178 -77.27 -30.03 3.80
N HIS A 179 -76.42 -30.73 3.04
CA HIS A 179 -75.77 -30.21 1.85
C HIS A 179 -76.46 -30.74 0.59
N VAL A 180 -77.20 -29.86 -0.08
CA VAL A 180 -77.77 -30.11 -1.41
C VAL A 180 -76.64 -30.12 -2.42
N SER A 181 -76.70 -30.98 -3.43
CA SER A 181 -75.56 -31.10 -4.35
C SER A 181 -75.93 -31.60 -5.73
N LEU A 182 -75.08 -31.36 -6.73
CA LEU A 182 -75.35 -31.70 -8.12
C LEU A 182 -74.61 -32.98 -8.51
N VAL A 183 -75.31 -33.93 -9.13
CA VAL A 183 -74.73 -35.17 -9.66
C VAL A 183 -75.15 -35.26 -11.13
N PRO A 184 -74.43 -34.62 -12.06
CA PRO A 184 -74.81 -34.60 -13.47
C PRO A 184 -74.86 -35.99 -14.10
N VAL A 185 -75.66 -36.16 -15.15
CA VAL A 185 -75.65 -37.35 -15.99
C VAL A 185 -75.28 -36.98 -17.42
N ILE A 186 -74.27 -37.67 -17.95
CA ILE A 186 -73.61 -37.45 -19.24
C ILE A 186 -73.37 -38.82 -19.87
N HIS A 187 -73.71 -39.00 -21.14
CA HIS A 187 -73.55 -40.26 -21.88
C HIS A 187 -74.10 -41.52 -21.16
N GLY A 188 -75.10 -41.33 -20.30
CA GLY A 188 -75.70 -42.37 -19.46
C GLY A 188 -75.01 -42.70 -18.12
N GLU A 189 -74.01 -41.93 -17.69
CA GLU A 189 -73.23 -42.24 -16.44
C GLU A 189 -73.49 -41.15 -15.39
N GLN A 190 -73.72 -41.51 -14.13
CA GLN A 190 -73.95 -40.51 -13.05
C GLN A 190 -72.57 -39.98 -12.60
N LYS A 191 -72.37 -38.66 -12.65
CA LYS A 191 -71.06 -38.01 -12.38
C LYS A 191 -71.07 -37.35 -10.99
N THR A 192 -70.59 -38.01 -9.94
CA THR A 192 -70.43 -37.46 -8.56
C THR A 192 -69.11 -36.70 -8.33
N LYS A 193 -68.51 -35.98 -9.28
CA LYS A 193 -67.29 -35.15 -9.03
C LYS A 193 -67.63 -33.67 -8.74
N PRO A 194 -68.73 -33.08 -9.25
CA PRO A 194 -69.16 -31.73 -8.85
C PRO A 194 -69.49 -31.81 -7.36
N THR A 195 -70.20 -32.85 -6.92
CA THR A 195 -70.54 -33.05 -5.49
C THR A 195 -69.24 -33.18 -4.69
N GLN A 196 -68.29 -34.03 -5.09
CA GLN A 196 -67.02 -34.26 -4.32
C GLN A 196 -66.15 -33.00 -4.33
N ALA A 197 -66.41 -32.02 -5.20
CA ALA A 197 -65.64 -30.74 -5.28
C ALA A 197 -66.39 -29.65 -4.51
N ALA A 198 -67.51 -29.98 -3.85
CA ALA A 198 -68.24 -29.04 -2.96
C ALA A 198 -68.20 -29.62 -1.54
N ILE A 199 -67.80 -30.87 -1.33
CA ILE A 199 -67.56 -31.52 -0.02
C ILE A 199 -66.16 -31.13 0.41
N LYS A 200 -65.23 -31.01 -0.49
CA LYS A 200 -63.88 -30.50 -0.25
C LYS A 200 -64.02 -29.08 0.23
N ASP A 201 -64.72 -28.20 -0.48
CA ASP A 201 -64.89 -26.79 -0.07
C ASP A 201 -65.67 -26.66 1.24
N LEU A 202 -66.64 -27.54 1.50
CA LEU A 202 -67.43 -27.47 2.72
C LEU A 202 -66.54 -27.71 3.94
N ARG A 203 -65.74 -28.77 3.94
CA ARG A 203 -64.81 -29.14 4.99
C ARG A 203 -63.81 -27.99 5.14
N SER A 204 -63.35 -27.41 4.04
CA SER A 204 -62.40 -26.30 4.06
C SER A 204 -62.99 -25.07 4.75
N LEU A 205 -64.17 -24.59 4.37
CA LEU A 205 -64.86 -23.45 5.01
C LEU A 205 -65.34 -23.78 6.43
N GLY A 206 -65.41 -25.06 6.79
CA GLY A 206 -65.29 -25.56 8.17
C GLY A 206 -66.52 -26.27 8.76
N LEU A 207 -67.71 -26.06 8.18
CA LEU A 207 -68.86 -26.89 8.51
C LEU A 207 -68.60 -28.34 8.11
N ILE A 208 -69.24 -29.32 8.76
CA ILE A 208 -69.15 -30.75 8.39
C ILE A 208 -70.52 -31.22 7.97
N PRO A 209 -70.74 -31.78 6.77
CA PRO A 209 -72.08 -32.20 6.35
C PRO A 209 -72.68 -33.43 7.01
N ASP A 210 -73.99 -33.59 7.11
CA ASP A 210 -74.76 -34.71 7.66
C ASP A 210 -75.49 -35.50 6.60
N MET A 211 -76.17 -34.85 5.69
CA MET A 211 -76.91 -35.36 4.55
C MET A 211 -76.22 -34.93 3.28
N ILE A 212 -76.42 -35.62 2.18
CA ILE A 212 -75.91 -35.25 0.87
C ILE A 212 -77.09 -35.39 -0.07
N ALA A 213 -77.84 -34.31 -0.24
CA ALA A 213 -79.14 -34.30 -0.90
C ALA A 213 -78.99 -34.01 -2.40
N CYS A 214 -78.78 -35.05 -3.19
CA CYS A 214 -78.48 -34.91 -4.60
C CYS A 214 -79.72 -34.54 -5.44
N ARG A 215 -79.55 -33.59 -6.37
CA ARG A 215 -80.52 -33.24 -7.42
C ARG A 215 -80.14 -33.83 -8.77
N CYS A 216 -80.02 -35.17 -8.81
CA CYS A 216 -79.79 -35.91 -10.03
C CYS A 216 -81.06 -35.95 -10.91
N SER A 217 -80.91 -36.22 -12.20
CA SER A 217 -82.03 -36.41 -13.14
C SER A 217 -82.73 -37.77 -12.99
N GLU A 218 -82.28 -38.63 -12.08
CA GLU A 218 -82.57 -40.06 -12.01
C GLU A 218 -82.69 -40.55 -10.56
N GLU A 219 -83.07 -41.80 -10.35
CA GLU A 219 -82.68 -42.49 -9.12
C GLU A 219 -81.16 -42.68 -9.08
N LEU A 220 -80.52 -42.37 -7.95
CA LEU A 220 -79.09 -42.62 -7.76
C LEU A 220 -78.82 -44.13 -7.78
N ASN A 221 -77.81 -44.56 -8.53
CA ASN A 221 -77.38 -45.97 -8.51
C ASN A 221 -76.89 -46.36 -7.12
N ARG A 222 -77.05 -47.62 -6.70
CA ARG A 222 -76.47 -48.12 -5.44
C ARG A 222 -74.95 -47.95 -5.39
N SER A 223 -74.26 -48.11 -6.52
CA SER A 223 -72.83 -47.82 -6.65
C SER A 223 -72.50 -46.32 -6.61
N THR A 224 -73.39 -45.43 -7.08
CA THR A 224 -73.23 -43.97 -6.98
C THR A 224 -73.30 -43.52 -5.54
N ILE A 225 -74.29 -43.99 -4.79
CA ILE A 225 -74.42 -43.71 -3.36
C ILE A 225 -73.19 -44.25 -2.61
N ASP A 226 -72.76 -45.49 -2.89
CA ASP A 226 -71.62 -46.08 -2.22
C ASP A 226 -70.33 -45.26 -2.41
N LYS A 227 -70.08 -44.71 -3.61
CA LYS A 227 -68.95 -43.81 -3.84
C LYS A 227 -69.14 -42.44 -3.19
N ILE A 228 -70.32 -41.81 -3.22
CA ILE A 228 -70.52 -40.55 -2.47
C ILE A 228 -70.29 -40.78 -0.97
N ALA A 229 -70.72 -41.89 -0.40
CA ALA A 229 -70.44 -42.26 0.99
C ALA A 229 -68.98 -42.68 1.26
N MET A 230 -68.14 -42.86 0.23
CA MET A 230 -66.70 -43.10 0.36
C MET A 230 -65.92 -41.79 0.34
N PHE A 231 -66.35 -40.80 -0.45
CA PHE A 231 -65.69 -39.51 -0.56
C PHE A 231 -66.24 -38.44 0.39
N CYS A 232 -67.56 -38.32 0.58
CA CYS A 232 -68.08 -37.70 1.78
C CYS A 232 -68.08 -38.76 2.92
N HIS A 233 -68.03 -38.34 4.18
CA HIS A 233 -67.96 -39.27 5.31
C HIS A 233 -69.34 -39.73 5.82
N VAL A 234 -70.46 -39.34 5.19
CA VAL A 234 -71.79 -39.85 5.56
C VAL A 234 -71.93 -41.33 5.24
N GLY A 235 -72.72 -42.06 6.02
CA GLY A 235 -73.12 -43.44 5.68
C GLY A 235 -74.13 -43.48 4.53
N PRO A 236 -74.17 -44.54 3.71
CA PRO A 236 -74.94 -44.57 2.47
C PRO A 236 -76.45 -44.38 2.65
N GLU A 237 -77.02 -44.72 3.80
CA GLU A 237 -78.43 -44.46 4.12
C GLU A 237 -78.77 -42.96 4.12
N GLN A 238 -77.79 -42.07 4.24
CA GLN A 238 -77.96 -40.63 4.43
C GLN A 238 -77.86 -39.80 3.14
N VAL A 239 -77.55 -40.45 2.02
CA VAL A 239 -77.32 -39.80 0.72
C VAL A 239 -78.67 -39.67 0.01
N VAL A 240 -79.54 -38.80 0.53
CA VAL A 240 -80.93 -38.73 0.06
C VAL A 240 -80.98 -38.28 -1.40
N ASN A 241 -81.93 -38.82 -2.18
CA ASN A 241 -82.19 -38.39 -3.55
C ASN A 241 -83.48 -37.59 -3.63
N VAL A 242 -83.48 -36.43 -4.27
CA VAL A 242 -84.64 -35.51 -4.24
C VAL A 242 -85.23 -35.30 -5.64
N HIS A 243 -85.32 -36.38 -6.42
CA HIS A 243 -85.76 -36.36 -7.82
C HIS A 243 -87.22 -35.91 -7.98
N ASP A 244 -87.59 -35.50 -9.20
CA ASP A 244 -88.95 -35.01 -9.51
C ASP A 244 -90.03 -36.09 -9.31
N VAL A 245 -91.18 -35.67 -8.79
CA VAL A 245 -92.41 -36.45 -8.57
C VAL A 245 -93.65 -35.59 -8.89
N ASN A 246 -94.80 -36.21 -9.08
CA ASN A 246 -96.01 -35.66 -9.72
C ASN A 246 -96.49 -34.27 -9.28
N SER A 247 -96.17 -33.82 -8.06
CA SER A 247 -96.24 -32.41 -7.65
C SER A 247 -95.32 -32.16 -6.45
N THR A 248 -94.86 -30.93 -6.20
CA THR A 248 -93.93 -30.64 -5.09
C THR A 248 -94.51 -30.92 -3.71
N TYR A 249 -95.81 -31.08 -3.56
CA TYR A 249 -96.40 -31.51 -2.29
C TYR A 249 -96.10 -32.98 -1.96
N HIS A 250 -95.63 -33.79 -2.89
CA HIS A 250 -95.14 -35.13 -2.59
C HIS A 250 -93.75 -35.15 -1.96
N VAL A 251 -92.92 -34.11 -2.14
CA VAL A 251 -91.49 -34.17 -1.77
C VAL A 251 -91.27 -34.55 -0.31
N PRO A 252 -91.98 -34.01 0.69
CA PRO A 252 -91.86 -34.47 2.06
C PRO A 252 -92.00 -35.99 2.21
N LEU A 253 -92.95 -36.61 1.52
CA LEU A 253 -93.19 -38.05 1.65
C LEU A 253 -92.12 -38.93 0.97
N LEU A 254 -91.37 -38.39 0.01
CA LEU A 254 -90.18 -39.05 -0.54
C LEU A 254 -89.05 -39.04 0.49
N LEU A 255 -88.87 -37.92 1.17
CA LEU A 255 -87.86 -37.78 2.21
C LEU A 255 -88.22 -38.66 3.42
N LEU A 256 -89.51 -38.85 3.70
CA LEU A 256 -89.98 -39.76 4.73
C LEU A 256 -89.78 -41.24 4.36
N LYS A 257 -89.92 -41.63 3.09
CA LYS A 257 -89.52 -42.96 2.61
C LYS A 257 -88.01 -43.17 2.69
N GLN A 258 -87.24 -42.10 2.56
CA GLN A 258 -85.77 -42.10 2.64
C GLN A 258 -85.23 -41.87 4.05
N HIS A 259 -86.02 -42.26 5.07
CA HIS A 259 -85.67 -42.29 6.50
C HIS A 259 -85.34 -40.95 7.14
N MET A 260 -85.60 -39.80 6.51
CA MET A 260 -85.04 -38.54 6.99
C MET A 260 -85.56 -38.09 8.36
N ILE A 261 -86.80 -38.36 8.75
CA ILE A 261 -87.23 -38.16 10.14
C ILE A 261 -86.49 -39.11 11.08
N ASP A 262 -86.32 -40.39 10.74
CA ASP A 262 -85.64 -41.33 11.63
C ASP A 262 -84.16 -40.94 11.84
N TYR A 263 -83.50 -40.46 10.79
CA TYR A 263 -82.17 -39.90 10.93
C TYR A 263 -82.17 -38.61 11.76
N LEU A 264 -82.95 -37.58 11.43
CA LEU A 264 -82.96 -36.34 12.23
C LEU A 264 -83.42 -36.55 13.67
N HIS A 265 -84.32 -37.49 13.97
CA HIS A 265 -84.69 -37.83 15.34
C HIS A 265 -83.48 -38.32 16.12
N SER A 266 -82.63 -39.16 15.53
CA SER A 266 -81.37 -39.58 16.13
C SER A 266 -80.36 -38.44 16.20
N ARG A 267 -79.97 -37.86 15.06
CA ARG A 267 -78.84 -36.93 14.94
C ARG A 267 -79.01 -35.61 15.67
N LEU A 268 -80.22 -35.22 16.07
CA LEU A 268 -80.47 -34.07 16.95
C LEU A 268 -81.10 -34.46 18.30
N LYS A 269 -81.16 -35.75 18.61
CA LYS A 269 -81.76 -36.29 19.85
C LYS A 269 -83.17 -35.72 20.14
N LEU A 270 -84.04 -35.69 19.14
CA LEU A 270 -85.35 -35.00 19.22
C LEU A 270 -86.29 -35.65 20.23
N GLY A 271 -86.02 -36.88 20.67
CA GLY A 271 -86.70 -37.49 21.81
C GLY A 271 -86.48 -36.78 23.14
N GLU A 272 -85.43 -35.98 23.29
CA GLU A 272 -85.14 -35.20 24.51
C GLU A 272 -85.88 -33.84 24.55
N VAL A 273 -86.48 -33.38 23.45
CA VAL A 273 -87.30 -32.16 23.43
C VAL A 273 -88.63 -32.43 24.15
N PRO A 274 -89.10 -31.59 25.08
CA PRO A 274 -90.39 -31.79 25.75
C PRO A 274 -91.59 -31.51 24.83
N LEU A 275 -92.47 -32.50 24.66
CA LEU A 275 -93.70 -32.41 23.86
C LEU A 275 -94.93 -32.85 24.67
N THR A 276 -96.07 -32.17 24.52
CA THR A 276 -97.35 -32.62 25.08
C THR A 276 -98.07 -33.56 24.11
N LEU A 277 -99.10 -34.31 24.52
CA LEU A 277 -99.97 -34.99 23.54
C LEU A 277 -100.66 -34.02 22.60
N GLU A 278 -100.99 -32.80 23.04
CA GLU A 278 -101.55 -31.79 22.14
C GLU A 278 -100.55 -31.38 21.04
N ASP A 279 -99.24 -31.38 21.33
CA ASP A 279 -98.23 -31.31 20.27
C ASP A 279 -98.18 -32.58 19.42
N LYS A 280 -97.96 -33.74 20.04
CA LYS A 280 -97.69 -34.98 19.30
C LYS A 280 -98.86 -35.42 18.44
N GLU A 281 -100.07 -35.44 18.98
CA GLU A 281 -101.25 -35.85 18.22
C GLU A 281 -101.59 -34.84 17.11
N ARG A 282 -101.32 -33.53 17.29
CA ARG A 282 -101.44 -32.57 16.18
C ARG A 282 -100.42 -32.89 15.08
N GLY A 283 -99.21 -33.30 15.48
CA GLY A 283 -98.16 -33.76 14.60
C GLY A 283 -98.61 -34.95 13.75
N SER A 284 -99.02 -36.04 14.37
CA SER A 284 -99.43 -37.25 13.63
C SER A 284 -100.75 -37.06 12.88
N GLN A 285 -101.65 -36.18 13.32
CA GLN A 285 -102.81 -35.82 12.54
C GLN A 285 -102.42 -35.00 11.30
N LEU A 286 -101.55 -34.01 11.40
CA LEU A 286 -101.09 -33.25 10.26
C LEU A 286 -100.40 -34.14 9.22
N LEU A 287 -99.63 -35.16 9.65
CA LEU A 287 -99.11 -36.17 8.73
C LEU A 287 -100.25 -36.83 7.94
N THR A 288 -101.33 -37.25 8.58
CA THR A 288 -102.45 -37.85 7.85
C THR A 288 -103.19 -36.87 6.96
N ASN A 289 -103.22 -35.57 7.27
CA ASN A 289 -103.76 -34.60 6.33
C ASN A 289 -102.85 -34.50 5.10
N TRP A 290 -101.53 -34.61 5.24
CA TRP A 290 -100.60 -34.58 4.11
C TRP A 290 -100.65 -35.87 3.29
N GLU A 291 -100.76 -37.02 3.93
CA GLU A 291 -101.01 -38.29 3.23
C GLU A 291 -102.37 -38.29 2.51
N ASN A 292 -103.41 -37.72 3.11
CA ASN A 292 -104.70 -37.59 2.45
C ASN A 292 -104.63 -36.64 1.25
N MET A 293 -104.12 -35.41 1.38
CA MET A 293 -104.14 -34.48 0.26
C MET A 293 -103.24 -34.92 -0.89
N THR A 294 -102.11 -35.59 -0.61
CA THR A 294 -101.30 -36.21 -1.67
C THR A 294 -101.96 -37.42 -2.32
N LYS A 295 -102.66 -38.28 -1.57
CA LYS A 295 -103.52 -39.32 -2.15
C LYS A 295 -104.65 -38.70 -3.00
N ASN A 296 -105.27 -37.60 -2.58
CA ASN A 296 -106.28 -36.94 -3.39
C ASN A 296 -105.69 -36.39 -4.70
N LEU A 297 -104.47 -35.84 -4.69
CA LEU A 297 -103.78 -35.40 -5.91
C LEU A 297 -103.49 -36.60 -6.85
N ASP A 298 -103.13 -37.76 -6.30
CA ASP A 298 -102.78 -38.94 -7.08
C ASP A 298 -103.93 -39.53 -7.92
N ASP A 299 -105.20 -39.23 -7.63
CA ASP A 299 -106.32 -39.75 -8.42
C ASP A 299 -107.47 -38.76 -8.70
N SER A 300 -107.32 -37.48 -8.35
CA SER A 300 -108.10 -36.37 -8.92
C SER A 300 -107.83 -36.24 -10.43
N ASP A 301 -108.87 -36.32 -11.25
CA ASP A 301 -108.79 -36.24 -12.71
C ASP A 301 -109.63 -35.09 -13.31
N ASP A 302 -110.72 -34.72 -12.68
CA ASP A 302 -111.67 -33.74 -13.23
C ASP A 302 -111.07 -32.34 -13.21
N VAL A 303 -110.76 -31.82 -14.40
CA VAL A 303 -110.03 -30.58 -14.56
C VAL A 303 -110.90 -29.39 -14.19
N VAL A 304 -110.27 -28.30 -13.76
CA VAL A 304 -110.85 -26.96 -13.71
C VAL A 304 -109.86 -25.98 -14.32
N LYS A 305 -110.31 -25.16 -15.27
CA LYS A 305 -109.46 -24.21 -16.01
C LYS A 305 -109.69 -22.82 -15.44
N ILE A 306 -108.67 -22.19 -14.84
CA ILE A 306 -108.79 -20.82 -14.30
C ILE A 306 -107.97 -19.87 -15.16
N ALA A 307 -108.57 -18.84 -15.74
CA ALA A 307 -107.82 -17.84 -16.49
C ALA A 307 -107.18 -16.85 -15.53
N LEU A 308 -105.87 -16.74 -15.57
CA LEU A 308 -105.12 -15.74 -14.84
C LEU A 308 -104.80 -14.64 -15.87
N VAL A 309 -105.41 -13.47 -15.68
CA VAL A 309 -105.44 -12.40 -16.68
C VAL A 309 -104.57 -11.25 -16.21
N GLY A 310 -103.43 -11.00 -16.83
CA GLY A 310 -102.53 -9.90 -16.43
C GLY A 310 -101.32 -9.69 -17.32
N LYS A 311 -100.49 -8.69 -17.05
CA LYS A 311 -99.22 -8.44 -17.74
C LYS A 311 -98.12 -9.41 -17.30
N TYR A 312 -97.05 -9.52 -18.09
CA TYR A 312 -95.83 -10.28 -17.75
C TYR A 312 -96.05 -11.77 -17.44
N THR A 313 -97.07 -12.42 -18.00
CA THR A 313 -97.35 -13.84 -17.73
C THR A 313 -96.24 -14.80 -18.15
N ASN A 314 -95.30 -14.38 -19.01
CA ASN A 314 -94.09 -15.14 -19.30
C ASN A 314 -93.12 -15.24 -18.11
N LEU A 315 -93.25 -14.35 -17.12
CA LEU A 315 -92.52 -14.33 -15.86
C LEU A 315 -93.41 -14.89 -14.74
N LYS A 316 -93.70 -16.19 -14.78
CA LYS A 316 -94.66 -16.87 -13.88
C LYS A 316 -94.34 -16.71 -12.39
N ASP A 317 -93.06 -16.56 -12.07
CA ASP A 317 -92.58 -16.27 -10.71
C ASP A 317 -93.02 -14.89 -10.21
N SER A 318 -93.40 -13.98 -11.12
CA SER A 318 -94.05 -12.71 -10.76
C SER A 318 -95.42 -12.88 -10.10
N TYR A 319 -95.95 -14.09 -10.12
CA TYR A 319 -97.21 -14.54 -9.56
C TYR A 319 -97.04 -15.81 -8.75
N LEU A 320 -95.89 -16.15 -8.19
CA LEU A 320 -95.73 -17.45 -7.54
C LEU A 320 -96.78 -17.74 -6.44
N SER A 321 -97.21 -16.77 -5.66
CA SER A 321 -98.11 -16.91 -4.52
C SER A 321 -99.54 -17.09 -5.01
N VAL A 322 -99.89 -16.46 -6.12
CA VAL A 322 -101.18 -16.59 -6.81
C VAL A 322 -101.37 -18.01 -7.33
N THR A 323 -100.36 -18.53 -8.04
CA THR A 323 -100.35 -19.90 -8.53
C THR A 323 -100.49 -20.89 -7.38
N LYS A 324 -99.69 -20.73 -6.32
CA LYS A 324 -99.67 -21.69 -5.21
C LYS A 324 -100.99 -21.71 -4.44
N SER A 325 -101.64 -20.57 -4.27
CA SER A 325 -102.95 -20.50 -3.65
C SER A 325 -104.03 -21.21 -4.46
N LEU A 326 -104.03 -21.09 -5.79
CA LEU A 326 -104.91 -21.89 -6.63
C LEU A 326 -104.62 -23.39 -6.50
N GLU A 327 -103.36 -23.83 -6.38
CA GLU A 327 -103.06 -25.24 -6.15
C GLU A 327 -103.65 -25.77 -4.84
N HIS A 328 -103.54 -25.05 -3.73
CA HIS A 328 -104.22 -25.39 -2.48
C HIS A 328 -105.74 -25.48 -2.65
N ALA A 329 -106.34 -24.48 -3.30
CA ALA A 329 -107.79 -24.45 -3.51
C ALA A 329 -108.25 -25.62 -4.38
N SER A 330 -107.49 -25.97 -5.41
CA SER A 330 -107.66 -27.11 -6.31
C SER A 330 -107.70 -28.42 -5.55
N MET A 331 -106.66 -28.72 -4.80
CA MET A 331 -106.55 -29.99 -4.07
C MET A 331 -107.65 -30.12 -3.02
N LYS A 332 -108.14 -29.01 -2.45
CA LYS A 332 -109.25 -29.00 -1.49
C LYS A 332 -110.62 -29.28 -2.14
N CYS A 333 -110.84 -28.78 -3.35
CA CYS A 333 -111.98 -29.13 -4.19
C CYS A 333 -111.90 -30.52 -4.84
N ARG A 334 -110.73 -31.17 -4.83
CA ARG A 334 -110.45 -32.43 -5.54
C ARG A 334 -110.66 -32.35 -7.06
N ARG A 335 -110.52 -31.16 -7.64
CA ARG A 335 -110.33 -30.97 -9.08
C ARG A 335 -108.89 -30.62 -9.45
N GLN A 336 -108.34 -31.30 -10.44
CA GLN A 336 -107.01 -31.06 -11.00
C GLN A 336 -106.98 -29.71 -11.71
N LEU A 337 -105.92 -28.94 -11.57
CA LEU A 337 -105.88 -27.57 -12.04
C LEU A 337 -105.18 -27.44 -13.38
N GLU A 338 -105.76 -26.68 -14.30
CA GLU A 338 -105.04 -26.01 -15.38
C GLU A 338 -105.20 -24.50 -15.21
N ILE A 339 -104.13 -23.72 -15.24
CA ILE A 339 -104.21 -22.25 -15.23
C ILE A 339 -103.98 -21.77 -16.66
N LEU A 340 -104.86 -20.90 -17.16
CA LEU A 340 -104.75 -20.34 -18.50
C LEU A 340 -104.12 -18.96 -18.43
N TRP A 341 -102.89 -18.85 -18.91
CA TRP A 341 -102.13 -17.61 -18.94
C TRP A 341 -102.66 -16.69 -20.05
N VAL A 342 -103.40 -15.66 -19.66
CA VAL A 342 -103.92 -14.63 -20.57
C VAL A 342 -103.08 -13.38 -20.39
N GLU A 343 -102.15 -13.14 -21.30
CA GLU A 343 -101.37 -11.91 -21.36
C GLU A 343 -102.29 -10.73 -21.70
N ALA A 344 -102.77 -9.98 -20.70
CA ALA A 344 -103.98 -9.16 -20.80
C ALA A 344 -104.00 -8.20 -21.97
N SER A 345 -102.87 -7.62 -22.36
CA SER A 345 -102.85 -6.64 -23.44
C SER A 345 -103.33 -7.23 -24.77
N ASN A 346 -103.26 -8.54 -24.96
CA ASN A 346 -103.75 -9.19 -26.17
C ASN A 346 -105.28 -9.18 -26.30
N LEU A 347 -106.04 -9.08 -25.21
CA LEU A 347 -107.50 -8.94 -25.27
C LEU A 347 -107.96 -7.58 -25.81
N GLU A 348 -107.10 -6.57 -25.81
CA GLU A 348 -107.47 -5.24 -26.24
C GLU A 348 -107.65 -5.22 -27.77
N PRO A 349 -108.75 -4.67 -28.31
CA PRO A 349 -109.02 -4.69 -29.75
C PRO A 349 -107.89 -4.16 -30.64
N GLU A 350 -107.07 -3.21 -30.18
CA GLU A 350 -105.93 -2.73 -30.98
C GLU A 350 -104.94 -3.85 -31.34
N THR A 351 -104.90 -4.95 -30.57
CA THR A 351 -104.04 -6.10 -30.89
C THR A 351 -104.40 -6.72 -32.22
N GLN A 352 -105.66 -6.64 -32.62
CA GLN A 352 -106.16 -7.10 -33.91
C GLN A 352 -105.48 -6.36 -35.08
N GLU A 353 -105.02 -5.13 -34.86
CA GLU A 353 -104.25 -4.35 -35.82
C GLU A 353 -102.76 -4.75 -35.88
N VAL A 354 -102.26 -5.51 -34.90
CA VAL A 354 -100.84 -5.86 -34.75
C VAL A 354 -100.58 -7.34 -35.02
N ASP A 355 -101.31 -8.23 -34.36
CA ASP A 355 -101.31 -9.66 -34.63
C ASP A 355 -102.67 -10.27 -34.22
N LYS A 356 -103.44 -10.73 -35.20
CA LYS A 356 -104.71 -11.40 -34.95
C LYS A 356 -104.53 -12.70 -34.18
N ASN A 357 -103.45 -13.44 -34.38
CA ASN A 357 -103.23 -14.70 -33.66
C ASN A 357 -103.22 -14.47 -32.14
N LYS A 358 -102.51 -13.46 -31.65
CA LYS A 358 -102.55 -13.05 -30.24
C LYS A 358 -103.96 -12.68 -29.77
N PHE A 359 -104.70 -11.93 -30.57
CA PHE A 359 -106.07 -11.54 -30.22
C PHE A 359 -107.03 -12.73 -30.09
N HIS A 360 -106.89 -13.72 -30.96
CA HIS A 360 -107.70 -14.93 -30.90
C HIS A 360 -107.23 -15.87 -29.80
N ASP A 361 -105.94 -16.18 -29.67
CA ASP A 361 -105.46 -17.10 -28.63
C ASP A 361 -105.81 -16.62 -27.23
N SER A 362 -105.68 -15.32 -26.96
CA SER A 362 -106.00 -14.77 -25.66
C SER A 362 -107.50 -14.82 -25.37
N TRP A 363 -108.36 -14.40 -26.29
CA TRP A 363 -109.81 -14.53 -26.11
C TRP A 363 -110.29 -15.97 -26.12
N ASN A 364 -109.64 -16.87 -26.84
CA ASN A 364 -109.88 -18.29 -26.80
C ASN A 364 -109.60 -18.82 -25.39
N LYS A 365 -108.41 -18.58 -24.83
CA LYS A 365 -108.07 -19.00 -23.45
C LYS A 365 -109.06 -18.44 -22.44
N LEU A 366 -109.39 -17.15 -22.53
CA LEU A 366 -110.37 -16.54 -21.64
C LEU A 366 -111.78 -17.18 -21.77
N SER A 367 -112.24 -17.43 -23.00
CA SER A 367 -113.54 -18.08 -23.25
C SER A 367 -113.60 -19.52 -22.80
N SER A 368 -112.48 -20.24 -22.86
CA SER A 368 -112.35 -21.62 -22.42
C SER A 368 -112.35 -21.78 -20.90
N ALA A 369 -112.04 -20.74 -20.15
CA ALA A 369 -111.87 -20.83 -18.71
C ALA A 369 -113.16 -21.07 -17.93
N ASP A 370 -113.12 -22.02 -17.00
CA ASP A 370 -114.21 -22.30 -16.07
C ASP A 370 -114.32 -21.24 -14.96
N GLY A 371 -113.30 -20.44 -14.74
CA GLY A 371 -113.25 -19.33 -13.78
C GLY A 371 -112.14 -18.33 -14.13
N ILE A 372 -112.22 -17.10 -13.64
CA ILE A 372 -111.38 -15.99 -14.07
C ILE A 372 -110.79 -15.26 -12.86
N LEU A 373 -109.53 -14.87 -12.96
CA LEU A 373 -108.77 -14.21 -11.90
C LEU A 373 -108.01 -13.00 -12.44
N VAL A 374 -108.25 -11.83 -11.87
CA VAL A 374 -107.41 -10.63 -12.09
C VAL A 374 -106.42 -10.49 -10.93
N PRO A 375 -105.14 -10.80 -11.12
CA PRO A 375 -104.25 -11.29 -10.07
C PRO A 375 -103.42 -10.21 -9.35
N GLY A 376 -103.96 -9.02 -9.11
CA GLY A 376 -103.21 -7.95 -8.44
C GLY A 376 -101.94 -7.55 -9.20
N GLY A 377 -102.09 -7.11 -10.45
CA GLY A 377 -100.98 -6.64 -11.27
C GLY A 377 -100.25 -5.40 -10.71
N PHE A 378 -99.25 -4.98 -11.45
CA PHE A 378 -98.31 -3.92 -11.12
C PHE A 378 -98.05 -3.09 -12.37
N GLY A 379 -97.78 -1.79 -12.20
CA GLY A 379 -97.89 -0.82 -13.30
C GLY A 379 -99.32 -0.65 -13.78
N THR A 380 -99.52 -0.17 -15.02
CA THR A 380 -100.85 0.08 -15.59
C THR A 380 -101.01 -0.34 -17.06
N ARG A 381 -99.97 -0.77 -17.76
CA ARG A 381 -99.99 -0.78 -19.25
C ARG A 381 -100.86 -1.87 -19.89
N GLY A 382 -101.25 -2.91 -19.15
CA GLY A 382 -102.22 -3.93 -19.57
C GLY A 382 -103.68 -3.71 -19.14
N ILE A 383 -104.05 -2.56 -18.58
CA ILE A 383 -105.31 -2.41 -17.83
C ILE A 383 -106.56 -2.62 -18.68
N GLU A 384 -106.59 -2.19 -19.94
CA GLU A 384 -107.78 -2.38 -20.79
C GLU A 384 -108.12 -3.85 -21.03
N GLY A 385 -107.13 -4.73 -21.16
CA GLY A 385 -107.41 -6.15 -21.22
C GLY A 385 -108.04 -6.70 -19.95
N MET A 386 -107.56 -6.25 -18.80
CA MET A 386 -108.12 -6.64 -17.50
C MET A 386 -109.54 -6.11 -17.31
N ILE A 387 -109.90 -4.96 -17.91
CA ILE A 387 -111.27 -4.45 -17.91
C ILE A 387 -112.17 -5.31 -18.80
N LEU A 388 -111.74 -5.67 -20.01
CA LEU A 388 -112.52 -6.54 -20.90
C LEU A 388 -112.77 -7.91 -20.29
N ALA A 389 -111.77 -8.54 -19.65
CA ALA A 389 -112.01 -9.77 -18.93
C ALA A 389 -113.01 -9.60 -17.78
N ALA A 390 -113.04 -8.45 -17.10
CA ALA A 390 -114.05 -8.18 -16.08
C ALA A 390 -115.45 -7.95 -16.67
N LYS A 391 -115.55 -7.38 -17.88
CA LYS A 391 -116.83 -7.23 -18.59
C LYS A 391 -117.37 -8.60 -18.97
N TRP A 392 -116.51 -9.41 -19.56
CA TRP A 392 -116.80 -10.78 -19.89
C TRP A 392 -117.26 -11.56 -18.66
N ALA A 393 -116.54 -11.49 -17.55
CA ALA A 393 -116.88 -12.26 -16.36
C ALA A 393 -118.21 -11.86 -15.72
N ARG A 394 -118.58 -10.58 -15.79
CA ARG A 394 -119.87 -10.07 -15.31
C ARG A 394 -121.03 -10.48 -16.20
N GLU A 395 -120.93 -10.26 -17.50
CA GLU A 395 -122.02 -10.51 -18.45
C GLU A 395 -122.18 -11.99 -18.79
N SER A 396 -121.10 -12.73 -19.01
CA SER A 396 -121.15 -14.16 -19.30
C SER A 396 -121.28 -15.02 -18.05
N GLY A 397 -121.52 -14.46 -16.87
CA GLY A 397 -121.76 -15.24 -15.64
C GLY A 397 -120.59 -16.11 -15.11
N VAL A 398 -119.41 -16.09 -15.73
CA VAL A 398 -118.26 -16.93 -15.34
C VAL A 398 -117.75 -16.54 -13.94
N PRO A 399 -117.34 -17.47 -13.05
CA PRO A 399 -116.81 -17.13 -11.74
C PRO A 399 -115.59 -16.22 -11.80
N PHE A 400 -115.50 -15.23 -10.91
CA PHE A 400 -114.51 -14.16 -10.96
C PHE A 400 -113.92 -13.81 -9.59
N LEU A 401 -112.61 -13.66 -9.50
CA LEU A 401 -111.96 -13.03 -8.36
C LEU A 401 -111.02 -11.91 -8.82
N GLY A 402 -111.23 -10.70 -8.33
CA GLY A 402 -110.28 -9.61 -8.48
C GLY A 402 -109.46 -9.41 -7.22
N VAL A 403 -108.15 -9.58 -7.30
CA VAL A 403 -107.23 -9.32 -6.18
C VAL A 403 -106.58 -7.95 -6.36
N CYS A 404 -106.58 -7.10 -5.34
CA CYS A 404 -105.96 -5.78 -5.32
C CYS A 404 -106.34 -4.92 -6.55
N LEU A 405 -105.47 -4.72 -7.54
CA LEU A 405 -105.80 -4.09 -8.84
C LEU A 405 -107.06 -4.72 -9.48
N GLY A 406 -107.27 -6.02 -9.28
CA GLY A 406 -108.46 -6.74 -9.72
C GLY A 406 -109.76 -6.18 -9.16
N LEU A 407 -109.84 -5.84 -7.89
CA LEU A 407 -111.02 -5.14 -7.38
C LEU A 407 -111.16 -3.79 -8.08
N GLN A 408 -110.05 -3.12 -8.37
CA GLN A 408 -110.08 -1.77 -8.91
C GLN A 408 -110.51 -1.73 -10.38
N VAL A 409 -110.00 -2.61 -11.24
CA VAL A 409 -110.54 -2.75 -12.60
C VAL A 409 -111.97 -3.23 -12.57
N ALA A 410 -112.42 -4.03 -11.59
CA ALA A 410 -113.83 -4.36 -11.50
C ALA A 410 -114.69 -3.14 -11.24
N ALA A 411 -114.28 -2.20 -10.40
CA ALA A 411 -115.02 -0.95 -10.20
C ALA A 411 -115.01 -0.07 -11.45
N ILE A 412 -113.88 -0.03 -12.16
CA ILE A 412 -113.75 0.73 -13.40
C ILE A 412 -114.63 0.13 -14.51
N GLU A 413 -114.62 -1.19 -14.66
CA GLU A 413 -115.51 -1.92 -15.56
C GLU A 413 -116.96 -1.61 -15.24
N PHE A 414 -117.37 -1.81 -13.99
CA PHE A 414 -118.75 -1.57 -13.59
C PHE A 414 -119.16 -0.11 -13.82
N ALA A 415 -118.28 0.86 -13.58
CA ALA A 415 -118.57 2.25 -13.86
C ALA A 415 -118.79 2.50 -15.36
N ARG A 416 -117.88 2.04 -16.21
CA ARG A 416 -117.96 2.22 -17.66
C ARG A 416 -119.12 1.46 -18.31
N ASN A 417 -119.48 0.28 -17.80
CA ASN A 417 -120.35 -0.66 -18.50
C ASN A 417 -121.69 -0.97 -17.80
N VAL A 418 -121.93 -0.50 -16.58
CA VAL A 418 -123.23 -0.65 -15.89
C VAL A 418 -123.75 0.70 -15.41
N ILE A 419 -122.90 1.52 -14.80
CA ILE A 419 -123.28 2.88 -14.37
C ILE A 419 -123.31 3.86 -15.55
N GLY A 420 -122.53 3.60 -16.62
CA GLY A 420 -122.61 4.33 -17.88
C GLY A 420 -121.78 5.62 -17.95
N ARG A 421 -120.57 5.61 -17.37
CA ARG A 421 -119.60 6.72 -17.47
C ARG A 421 -118.37 6.26 -18.28
N PRO A 422 -118.35 6.31 -19.63
CA PRO A 422 -117.30 5.67 -20.42
C PRO A 422 -115.92 6.33 -20.31
N ASN A 423 -115.89 7.58 -19.84
CA ASN A 423 -114.69 8.33 -19.51
C ASN A 423 -114.14 8.04 -18.10
N SER A 424 -114.84 7.28 -17.25
CA SER A 424 -114.33 6.95 -15.91
C SER A 424 -113.03 6.16 -15.96
N SER A 425 -112.14 6.41 -15.01
CA SER A 425 -110.72 6.15 -15.20
C SER A 425 -110.03 5.68 -13.93
N SER A 426 -108.96 4.91 -14.12
CA SER A 426 -107.96 4.65 -13.09
C SER A 426 -107.14 5.91 -12.84
N THR A 427 -107.37 6.55 -11.70
CA THR A 427 -106.57 7.67 -11.20
C THR A 427 -105.12 7.26 -10.92
N GLU A 428 -104.88 5.96 -10.75
CA GLU A 428 -103.59 5.28 -10.78
C GLU A 428 -102.84 5.43 -12.11
N PHE A 429 -103.52 5.79 -13.21
CA PHE A 429 -102.94 5.93 -14.54
C PHE A 429 -103.17 7.34 -15.10
N LEU A 430 -104.43 7.73 -15.32
CA LEU A 430 -104.83 8.93 -16.08
C LEU A 430 -104.96 10.17 -15.19
N ASP A 431 -103.91 10.51 -14.46
CA ASP A 431 -103.93 11.43 -13.32
C ASP A 431 -104.03 12.91 -13.71
N GLU A 432 -103.04 13.45 -14.43
CA GLU A 432 -102.96 14.89 -14.74
C GLU A 432 -103.99 15.39 -15.77
N THR A 433 -104.91 14.53 -16.19
CA THR A 433 -106.14 14.96 -16.89
C THR A 433 -107.09 15.69 -15.94
N LEU A 434 -107.05 15.39 -14.63
CA LEU A 434 -107.89 16.00 -13.57
C LEU A 434 -109.42 15.84 -13.77
N LEU A 435 -109.86 14.78 -14.45
CA LEU A 435 -111.28 14.50 -14.70
C LEU A 435 -112.10 14.23 -13.42
N ALA A 436 -113.41 14.51 -13.46
CA ALA A 436 -114.32 14.27 -12.33
C ALA A 436 -114.70 12.78 -12.06
N PRO A 437 -114.84 11.87 -13.06
CA PRO A 437 -115.19 10.46 -12.80
C PRO A 437 -113.96 9.61 -12.44
N GLU A 438 -113.37 9.88 -11.28
CA GLU A 438 -112.21 9.14 -10.75
C GLU A 438 -112.66 7.91 -9.96
N ASP A 439 -112.39 6.72 -10.45
CA ASP A 439 -112.76 5.49 -9.74
C ASP A 439 -111.84 5.16 -8.57
N GLN A 440 -110.71 5.85 -8.43
CA GLN A 440 -109.71 5.61 -7.40
C GLN A 440 -109.19 6.93 -6.82
N VAL A 441 -108.52 6.89 -5.68
CA VAL A 441 -107.68 8.00 -5.20
C VAL A 441 -106.41 7.47 -4.52
N VAL A 442 -105.29 8.20 -4.57
CA VAL A 442 -104.14 7.95 -3.68
C VAL A 442 -104.55 8.22 -2.25
N ILE A 443 -104.26 7.31 -1.32
CA ILE A 443 -104.49 7.53 0.12
C ILE A 443 -103.22 7.24 0.92
N THR A 444 -99.36 7.52 1.37
CA THR A 444 -98.32 7.21 0.36
C THR A 444 -98.03 5.70 0.27
N MET A 445 -98.45 4.91 1.27
CA MET A 445 -98.48 3.44 1.27
C MET A 445 -99.34 2.89 2.43
N ARG A 446 -99.69 1.60 2.36
CA ARG A 446 -100.44 0.81 3.36
C ARG A 446 -100.10 -0.66 3.18
N LEU A 447 -99.45 -1.25 4.17
CA LEU A 447 -98.83 -2.57 4.08
C LEU A 447 -99.10 -3.43 5.32
N GLY A 448 -98.95 -4.75 5.18
CA GLY A 448 -98.98 -5.70 6.29
C GLY A 448 -100.35 -6.28 6.60
N LEU A 449 -100.46 -7.07 7.67
CA LEU A 449 -101.74 -7.64 8.10
C LEU A 449 -102.64 -6.57 8.72
N ARG A 450 -103.84 -6.38 8.19
CA ARG A 450 -104.80 -5.35 8.63
C ARG A 450 -106.20 -5.95 8.90
N PRO A 451 -107.04 -5.30 9.73
CA PRO A 451 -108.37 -5.79 10.06
C PRO A 451 -109.43 -5.32 9.06
N THR A 452 -110.15 -6.25 8.42
CA THR A 452 -111.30 -5.96 7.56
C THR A 452 -112.59 -6.35 8.29
N ILE A 453 -113.53 -5.42 8.43
CA ILE A 453 -114.81 -5.62 9.13
C ILE A 453 -115.92 -5.76 8.08
N PHE A 454 -116.81 -6.75 8.20
CA PHE A 454 -117.95 -6.85 7.28
C PHE A 454 -119.04 -5.79 7.58
N GLN A 455 -119.55 -5.12 6.53
CA GLN A 455 -120.65 -4.16 6.57
C GLN A 455 -121.98 -4.86 6.97
N PRO A 456 -122.97 -4.20 7.59
CA PRO A 456 -123.98 -4.89 8.41
C PRO A 456 -124.89 -5.89 7.69
N ASN A 457 -125.39 -5.55 6.50
CA ASN A 457 -126.39 -6.35 5.79
C ASN A 457 -125.83 -7.63 5.13
N SER A 458 -124.53 -7.90 5.27
CA SER A 458 -123.71 -8.78 4.43
C SER A 458 -124.06 -10.26 4.46
N GLU A 459 -125.04 -10.69 5.24
CA GLU A 459 -125.35 -12.09 5.53
C GLU A 459 -125.43 -12.99 4.29
N TRP A 460 -126.01 -12.50 3.20
CA TRP A 460 -126.23 -13.24 1.95
C TRP A 460 -124.97 -13.47 1.11
N SER A 461 -123.87 -12.77 1.40
CA SER A 461 -122.69 -12.72 0.54
C SER A 461 -121.92 -14.04 0.59
N ASN A 462 -121.71 -14.70 -0.54
CA ASN A 462 -120.94 -15.93 -0.61
C ASN A 462 -119.54 -15.78 -0.01
N ILE A 463 -118.90 -14.62 -0.19
CA ILE A 463 -117.60 -14.35 0.40
C ILE A 463 -117.67 -14.38 1.92
N ARG A 464 -118.76 -13.88 2.54
CA ARG A 464 -118.93 -13.95 3.98
C ARG A 464 -119.25 -15.36 4.47
N LYS A 465 -119.95 -16.19 3.68
CA LYS A 465 -120.08 -17.64 3.95
C LYS A 465 -118.73 -18.35 3.91
N LEU A 466 -117.84 -17.99 2.99
CA LEU A 466 -116.50 -18.61 2.87
C LEU A 466 -115.58 -18.23 4.03
N TYR A 467 -115.67 -17.01 4.55
CA TYR A 467 -115.01 -16.61 5.80
C TYR A 467 -115.69 -17.11 7.08
N GLY A 468 -116.58 -18.12 7.00
CA GLY A 468 -117.24 -18.71 8.17
C GLY A 468 -118.27 -17.80 8.85
N GLU A 469 -118.70 -16.73 8.18
CA GLU A 469 -119.58 -15.66 8.69
C GLU A 469 -119.04 -14.83 9.87
N VAL A 470 -117.79 -15.04 10.28
CA VAL A 470 -117.04 -14.28 11.29
C VAL A 470 -117.02 -12.78 10.95
N ASN A 471 -117.23 -11.87 11.91
CA ASN A 471 -117.45 -10.45 11.62
C ASN A 471 -116.21 -9.67 11.14
N GLU A 472 -115.02 -10.15 11.45
CA GLU A 472 -113.75 -9.54 11.06
C GLU A 472 -112.76 -10.56 10.46
N VAL A 473 -112.03 -10.11 9.46
CA VAL A 473 -111.08 -10.88 8.65
C VAL A 473 -109.71 -10.24 8.75
N HIS A 474 -108.66 -11.01 9.06
CA HIS A 474 -107.29 -10.51 9.14
C HIS A 474 -106.46 -11.06 7.97
N GLU A 475 -106.02 -10.19 7.08
CA GLU A 475 -105.38 -10.54 5.79
C GLU A 475 -104.33 -9.47 5.42
N ARG A 476 -103.42 -9.77 4.51
CA ARG A 476 -102.26 -8.91 4.22
C ARG A 476 -102.51 -7.97 3.06
N HIS A 477 -102.12 -6.70 3.18
CA HIS A 477 -102.43 -5.62 2.24
C HIS A 477 -101.20 -5.08 1.52
N ARG A 478 -101.41 -4.58 0.31
CA ARG A 478 -100.56 -3.61 -0.39
C ARG A 478 -101.46 -2.78 -1.30
N HIS A 479 -101.53 -1.47 -1.12
CA HIS A 479 -102.11 -0.55 -2.11
C HIS A 479 -101.80 0.91 -1.84
N ARG A 480 -101.28 1.65 -2.82
CA ARG A 480 -101.26 3.12 -2.73
C ARG A 480 -102.63 3.73 -3.01
N TYR A 481 -103.28 3.26 -4.07
CA TYR A 481 -104.53 3.74 -4.63
C TYR A 481 -105.68 2.87 -4.14
N GLU A 482 -106.80 3.46 -3.74
CA GLU A 482 -107.99 2.73 -3.29
C GLU A 482 -109.24 3.27 -3.97
N ILE A 483 -110.35 2.52 -3.97
CA ILE A 483 -111.58 3.01 -4.62
C ILE A 483 -111.99 4.37 -4.05
N ASN A 484 -112.32 5.31 -4.92
CA ASN A 484 -112.84 6.61 -4.53
C ASN A 484 -114.15 6.41 -3.74
N PRO A 485 -114.19 6.69 -2.43
CA PRO A 485 -115.34 6.34 -1.62
C PRO A 485 -116.60 7.14 -1.97
N LYS A 486 -116.50 8.20 -2.79
CA LYS A 486 -117.66 8.99 -3.23
C LYS A 486 -118.48 8.37 -4.38
N ILE A 487 -118.04 7.25 -4.95
CA ILE A 487 -118.83 6.43 -5.90
C ILE A 487 -119.63 5.30 -5.20
N VAL A 488 -119.23 4.87 -4.02
CA VAL A 488 -119.76 3.71 -3.29
C VAL A 488 -121.27 3.76 -3.11
N ASN A 489 -121.87 4.90 -2.79
CA ASN A 489 -123.32 4.98 -2.62
C ASN A 489 -124.11 4.71 -3.93
N ASP A 490 -123.48 4.90 -5.09
CA ASP A 490 -124.05 4.56 -6.38
C ASP A 490 -123.94 3.04 -6.60
N MET A 491 -122.74 2.48 -6.46
CA MET A 491 -122.52 1.03 -6.59
C MET A 491 -123.37 0.20 -5.60
N GLU A 492 -123.46 0.64 -4.35
CA GLU A 492 -124.34 0.06 -3.35
C GLU A 492 -125.82 0.08 -3.79
N SER A 493 -126.24 1.05 -4.61
CA SER A 493 -127.61 1.08 -5.12
C SER A 493 -127.81 0.16 -6.33
N ARG A 494 -126.77 -0.04 -7.15
CA ARG A 494 -126.81 -0.82 -8.40
C ARG A 494 -126.50 -2.33 -8.23
N GLY A 495 -126.39 -2.81 -6.99
CA GLY A 495 -126.15 -4.24 -6.69
C GLY A 495 -124.69 -4.64 -6.53
N PHE A 496 -123.73 -3.72 -6.68
CA PHE A 496 -122.31 -3.90 -6.37
C PHE A 496 -122.06 -3.48 -4.90
N ILE A 497 -122.21 -4.44 -3.98
CA ILE A 497 -122.33 -4.16 -2.56
C ILE A 497 -121.00 -4.41 -1.87
N PHE A 498 -120.50 -3.43 -1.13
CA PHE A 498 -119.21 -3.50 -0.47
C PHE A 498 -119.31 -4.29 0.85
N VAL A 499 -119.21 -5.61 0.73
CA VAL A 499 -119.32 -6.56 1.84
C VAL A 499 -118.41 -6.22 3.02
N GLY A 500 -117.22 -5.67 2.78
CA GLY A 500 -116.22 -5.43 3.83
C GLY A 500 -115.44 -4.13 3.66
N LYS A 501 -115.10 -3.51 4.79
CA LYS A 501 -114.47 -2.19 4.88
C LYS A 501 -113.43 -2.13 6.00
N ASP A 502 -112.56 -1.15 5.94
CA ASP A 502 -111.64 -0.81 7.03
C ASP A 502 -112.41 -0.37 8.30
N GLU A 503 -111.83 -0.55 9.48
CA GLU A 503 -112.42 -0.18 10.77
C GLU A 503 -112.90 1.29 10.91
N THR A 504 -112.37 2.24 10.13
CA THR A 504 -112.87 3.64 10.09
C THR A 504 -114.16 3.79 9.25
N GLY A 505 -114.52 2.78 8.44
CA GLY A 505 -115.61 2.78 7.48
C GLY A 505 -115.30 3.47 6.13
N GLN A 506 -114.24 4.27 6.08
CA GLN A 506 -113.99 5.18 4.95
C GLN A 506 -113.31 4.51 3.74
N ARG A 507 -112.77 3.31 3.91
CA ARG A 507 -111.99 2.57 2.91
C ARG A 507 -112.67 1.24 2.59
N CYS A 508 -112.78 0.90 1.32
CA CYS A 508 -113.51 -0.26 0.82
C CYS A 508 -112.57 -1.40 0.43
N GLU A 509 -112.85 -2.60 0.93
CA GLU A 509 -111.86 -3.69 0.97
C GLU A 509 -112.37 -4.99 0.36
N ILE A 510 -113.67 -5.26 0.39
CA ILE A 510 -114.29 -6.38 -0.32
C ILE A 510 -115.57 -5.91 -0.99
N PHE A 511 -115.87 -6.38 -2.20
CA PHE A 511 -117.22 -6.34 -2.74
C PHE A 511 -117.64 -7.72 -3.27
N GLU A 512 -118.95 -7.95 -3.32
CA GLU A 512 -119.56 -9.06 -4.04
C GLU A 512 -120.73 -8.50 -4.86
N LEU A 513 -120.84 -8.89 -6.12
CA LEU A 513 -121.93 -8.44 -6.99
C LEU A 513 -123.17 -9.32 -6.74
N LYS A 514 -124.32 -8.69 -6.44
CA LYS A 514 -125.60 -9.40 -6.27
C LYS A 514 -126.01 -10.12 -7.56
N GLY A 515 -126.58 -11.31 -7.44
CA GLY A 515 -127.20 -12.02 -8.57
C GLY A 515 -126.22 -12.59 -9.61
N HIS A 516 -125.02 -12.97 -9.19
CA HIS A 516 -124.04 -13.71 -10.00
C HIS A 516 -123.52 -14.93 -9.22
N PRO A 517 -123.24 -16.09 -9.84
CA PRO A 517 -122.80 -17.30 -9.13
C PRO A 517 -121.60 -17.12 -8.18
N TYR A 518 -120.60 -16.33 -8.55
CA TYR A 518 -119.46 -15.94 -7.70
C TYR A 518 -118.65 -14.84 -8.40
N TYR A 519 -118.77 -13.59 -7.95
CA TYR A 519 -118.05 -12.45 -8.53
C TYR A 519 -117.62 -11.52 -7.41
N VAL A 520 -116.33 -11.55 -7.09
CA VAL A 520 -115.76 -10.97 -5.86
C VAL A 520 -114.59 -10.04 -6.20
N GLY A 521 -114.50 -8.86 -5.58
CA GLY A 521 -113.21 -8.15 -5.48
C GLY A 521 -112.69 -8.16 -4.04
N THR A 522 -111.41 -8.40 -3.83
CA THR A 522 -110.71 -8.23 -2.55
C THR A 522 -109.54 -7.28 -2.75
N GLN A 523 -109.45 -6.16 -2.04
CA GLN A 523 -108.38 -5.19 -2.23
C GLN A 523 -107.12 -5.50 -1.41
N TYR A 524 -107.25 -6.27 -0.35
CA TYR A 524 -106.11 -6.99 0.19
C TYR A 524 -105.69 -8.11 -0.76
N HIS A 525 -104.54 -8.71 -0.50
CA HIS A 525 -103.98 -9.84 -1.23
C HIS A 525 -104.35 -11.13 -0.51
N PRO A 526 -105.30 -11.95 -0.99
CA PRO A 526 -105.59 -13.19 -0.32
C PRO A 526 -104.55 -14.27 -0.58
N GLU A 527 -103.61 -14.11 -1.48
CA GLU A 527 -102.66 -15.17 -1.83
C GLU A 527 -101.81 -15.58 -0.64
N TYR A 528 -101.22 -14.60 0.06
CA TYR A 528 -100.08 -14.81 0.94
C TYR A 528 -100.41 -15.62 2.20
N THR A 529 -101.65 -15.57 2.66
CA THR A 529 -102.13 -16.23 3.87
C THR A 529 -102.58 -17.67 3.67
N SER A 530 -102.70 -18.15 2.44
CA SER A 530 -103.03 -19.54 2.16
C SER A 530 -101.95 -20.48 2.69
N LYS A 531 -102.36 -21.58 3.34
CA LYS A 531 -101.48 -22.69 3.76
C LYS A 531 -101.86 -23.95 3.00
N VAL A 532 -100.96 -24.92 2.85
CA VAL A 532 -101.20 -26.16 2.09
C VAL A 532 -102.38 -27.01 2.62
N LEU A 533 -102.83 -26.78 3.84
CA LEU A 533 -103.98 -27.44 4.45
C LEU A 533 -105.11 -26.47 4.83
N GLU A 534 -105.03 -25.21 4.39
CA GLU A 534 -105.97 -24.13 4.70
C GLU A 534 -105.92 -23.11 3.55
N PRO A 535 -106.57 -23.39 2.41
CA PRO A 535 -106.53 -22.52 1.25
C PRO A 535 -107.25 -21.22 1.52
N SER A 536 -106.77 -20.14 0.92
CA SER A 536 -107.28 -18.80 1.22
C SER A 536 -108.74 -18.68 0.79
N ARG A 537 -109.64 -18.23 1.67
CA ARG A 537 -111.08 -18.36 1.44
C ARG A 537 -111.60 -17.80 0.11
N PRO A 538 -111.14 -16.65 -0.41
CA PRO A 538 -111.59 -16.17 -1.71
C PRO A 538 -111.13 -17.08 -2.86
N PHE A 539 -109.93 -17.64 -2.76
CA PHE A 539 -109.38 -18.57 -3.76
C PHE A 539 -110.04 -19.96 -3.69
N TRP A 540 -110.40 -20.41 -2.49
CA TRP A 540 -111.21 -21.61 -2.33
C TRP A 540 -112.60 -21.38 -2.92
N GLY A 541 -113.17 -20.19 -2.74
CA GLY A 541 -114.40 -19.77 -3.42
C GLY A 541 -114.31 -19.84 -4.94
N LEU A 542 -113.29 -19.26 -5.54
CA LEU A 542 -113.12 -19.28 -7.00
C LEU A 542 -113.00 -20.70 -7.56
N VAL A 543 -112.08 -21.51 -7.03
CA VAL A 543 -111.88 -22.85 -7.55
C VAL A 543 -113.04 -23.77 -7.23
N ALA A 544 -113.81 -23.52 -6.18
CA ALA A 544 -115.06 -24.22 -5.94
C ALA A 544 -116.12 -23.80 -6.97
N ALA A 545 -116.41 -22.52 -7.15
CA ALA A 545 -117.41 -22.07 -8.14
C ALA A 545 -117.12 -22.60 -9.54
N ALA A 546 -115.86 -22.53 -9.97
CA ALA A 546 -115.43 -23.05 -11.25
C ALA A 546 -115.54 -24.59 -11.36
N SER A 547 -115.37 -25.33 -10.27
CA SER A 547 -115.58 -26.80 -10.23
C SER A 547 -117.04 -27.21 -10.18
N GLY A 548 -117.95 -26.28 -9.93
CA GLY A 548 -119.25 -26.57 -9.34
C GLY A 548 -119.11 -27.00 -7.87
N THR A 549 -120.25 -27.19 -7.20
CA THR A 549 -120.30 -27.57 -5.78
C THR A 549 -119.76 -26.50 -4.81
N LEU A 550 -119.94 -25.22 -5.15
CA LEU A 550 -119.68 -24.10 -4.23
C LEU A 550 -120.49 -24.21 -2.93
N GLY A 551 -121.74 -24.66 -3.02
CA GLY A 551 -122.56 -24.97 -1.85
C GLY A 551 -121.97 -26.05 -0.95
N GLU A 552 -121.47 -27.15 -1.50
CA GLU A 552 -120.86 -28.25 -0.73
C GLU A 552 -119.57 -27.82 0.00
N VAL A 553 -118.77 -26.94 -0.61
CA VAL A 553 -117.64 -26.29 0.07
C VAL A 553 -118.12 -25.43 1.23
N ILE A 554 -119.18 -24.64 1.05
CA ILE A 554 -119.74 -23.83 2.13
C ILE A 554 -120.21 -24.70 3.32
N LYS A 555 -120.67 -25.94 3.14
CA LYS A 555 -120.87 -26.87 4.26
C LYS A 555 -119.56 -27.35 4.87
N ASP A 556 -118.57 -27.73 4.08
CA ASP A 556 -117.30 -28.20 4.60
C ASP A 556 -116.61 -27.16 5.52
N ILE A 557 -116.75 -25.88 5.18
CA ILE A 557 -116.30 -24.77 6.02
C ILE A 557 -117.13 -24.65 7.31
N ASN A 558 -118.45 -24.53 7.20
CA ASN A 558 -119.27 -24.10 8.33
C ASN A 558 -119.64 -25.23 9.31
N LEU A 559 -119.52 -26.50 8.93
CA LEU A 559 -119.66 -27.64 9.85
C LEU A 559 -118.46 -27.72 10.81
N MET B 1 -56.75 -52.47 18.13
CA MET B 1 -55.77 -51.59 17.51
C MET B 1 -56.19 -50.13 17.63
N LYS B 2 -55.22 -49.21 17.77
CA LYS B 2 -55.42 -47.76 17.79
C LYS B 2 -54.36 -47.09 16.92
N TYR B 3 -54.63 -45.94 16.32
CA TYR B 3 -53.64 -45.18 15.55
C TYR B 3 -53.61 -43.73 16.02
N VAL B 4 -52.42 -43.14 16.09
CA VAL B 4 -52.24 -41.69 16.20
C VAL B 4 -51.39 -41.24 15.03
N VAL B 5 -51.89 -40.39 14.16
CA VAL B 5 -51.13 -39.93 13.00
C VAL B 5 -50.57 -38.57 13.34
N VAL B 6 -49.27 -38.35 13.19
CA VAL B 6 -48.58 -37.08 13.40
C VAL B 6 -48.22 -36.49 12.05
N SER B 7 -48.60 -35.25 11.80
CA SER B 7 -48.89 -34.77 10.44
C SER B 7 -48.80 -33.26 10.36
N GLY B 8 -48.93 -32.72 9.15
CA GLY B 8 -49.33 -31.33 8.99
C GLY B 8 -48.25 -30.43 8.42
N GLY B 9 -48.04 -29.30 9.06
CA GLY B 9 -46.99 -28.35 8.72
C GLY B 9 -47.39 -27.39 7.61
N VAL B 10 -47.18 -26.09 7.85
CA VAL B 10 -47.02 -25.07 6.80
C VAL B 10 -45.72 -25.26 6.02
N ILE B 11 -44.66 -25.71 6.70
CA ILE B 11 -43.32 -25.95 6.15
C ILE B 11 -42.81 -27.34 6.55
N SER B 12 -42.04 -27.99 5.70
CA SER B 12 -41.57 -29.37 5.91
C SER B 12 -40.41 -29.51 6.90
N GLY B 13 -39.63 -28.46 7.15
CA GLY B 13 -38.53 -28.46 8.12
C GLY B 13 -38.95 -28.28 9.60
N ILE B 14 -40.25 -28.35 9.89
CA ILE B 14 -40.83 -27.92 11.17
C ILE B 14 -40.53 -28.82 12.38
N GLY B 15 -40.03 -30.02 12.18
CA GLY B 15 -39.68 -30.94 13.28
C GLY B 15 -40.89 -31.69 13.85
N LYS B 16 -41.52 -32.53 13.03
CA LYS B 16 -42.56 -33.48 13.45
C LYS B 16 -41.98 -34.71 14.15
N GLY B 17 -40.75 -35.09 13.83
CA GLY B 17 -40.14 -36.35 14.27
C GLY B 17 -39.97 -36.47 15.77
N VAL B 18 -39.72 -35.36 16.48
CA VAL B 18 -39.73 -35.37 17.95
C VAL B 18 -41.15 -35.55 18.47
N LEU B 19 -42.16 -34.84 17.96
CA LEU B 19 -43.51 -35.03 18.44
C LEU B 19 -44.04 -36.44 18.21
N ALA B 20 -43.68 -37.10 17.10
CA ALA B 20 -43.95 -38.53 16.91
C ALA B 20 -43.20 -39.39 17.94
N SER B 21 -41.86 -39.31 17.99
CA SER B 21 -41.02 -40.13 18.87
C SER B 21 -41.26 -39.89 20.36
N SER B 22 -41.97 -38.83 20.72
CA SER B 22 -42.28 -38.31 22.04
C SER B 22 -43.75 -38.49 22.38
N THR B 23 -44.64 -38.66 21.42
CA THR B 23 -46.03 -39.01 21.69
C THR B 23 -46.09 -40.48 21.99
N GLY B 24 -45.32 -41.27 21.24
CA GLY B 24 -45.27 -42.69 21.41
C GLY B 24 -44.62 -43.11 22.66
N MET B 25 -43.70 -42.28 23.16
CA MET B 25 -43.04 -42.49 24.43
C MET B 25 -44.03 -42.23 25.56
N LEU B 26 -44.78 -41.13 25.52
CA LEU B 26 -45.81 -40.90 26.50
C LEU B 26 -46.83 -42.03 26.54
N LEU B 27 -47.31 -42.53 25.41
CA LEU B 27 -48.22 -43.68 25.43
C LEU B 27 -47.55 -44.94 25.99
N LYS B 28 -46.25 -45.15 25.81
CA LYS B 28 -45.57 -46.31 26.41
C LYS B 28 -45.50 -46.23 27.94
N THR B 29 -45.59 -45.04 28.52
CA THR B 29 -45.73 -44.91 29.97
C THR B 29 -47.07 -45.36 30.54
N LEU B 30 -48.14 -45.46 29.74
CA LEU B 30 -49.37 -46.19 30.13
C LEU B 30 -49.17 -47.71 30.11
N GLY B 31 -48.04 -48.21 29.62
CA GLY B 31 -47.73 -49.63 29.54
C GLY B 31 -48.15 -50.28 28.22
N LEU B 32 -48.78 -49.53 27.32
CA LEU B 32 -49.22 -50.00 26.01
C LEU B 32 -48.04 -50.49 25.14
N LYS B 33 -48.21 -51.59 24.39
CA LYS B 33 -47.18 -52.07 23.46
C LYS B 33 -47.15 -51.21 22.21
N VAL B 34 -46.53 -50.04 22.28
CA VAL B 34 -46.59 -49.05 21.17
C VAL B 34 -45.69 -49.44 20.00
N THR B 35 -46.10 -49.15 18.77
CA THR B 35 -45.27 -49.26 17.55
C THR B 35 -45.35 -47.95 16.75
N SER B 36 -44.58 -47.82 15.69
CA SER B 36 -44.56 -46.62 14.86
C SER B 36 -44.27 -46.92 13.40
N ILE B 37 -44.79 -46.08 12.52
CA ILE B 37 -44.64 -46.17 11.05
C ILE B 37 -44.16 -44.81 10.57
N LYS B 38 -43.17 -44.77 9.70
CA LYS B 38 -42.73 -43.54 9.03
C LYS B 38 -43.33 -43.57 7.64
N ILE B 39 -43.92 -42.48 7.16
CA ILE B 39 -44.23 -42.29 5.75
C ILE B 39 -43.21 -41.26 5.24
N ASP B 40 -42.50 -41.60 4.17
CA ASP B 40 -41.61 -40.68 3.47
C ASP B 40 -42.06 -40.50 2.02
N PRO B 41 -42.49 -39.29 1.64
CA PRO B 41 -42.94 -38.98 0.29
C PRO B 41 -41.89 -39.10 -0.83
N TYR B 42 -40.62 -39.28 -0.53
CA TYR B 42 -39.60 -39.46 -1.57
C TYR B 42 -39.77 -40.75 -2.36
N MET B 43 -39.23 -40.78 -3.57
CA MET B 43 -39.33 -41.95 -4.45
C MET B 43 -38.32 -43.05 -4.14
N ASN B 44 -37.37 -42.87 -3.23
CA ASN B 44 -36.44 -43.97 -2.97
C ASN B 44 -37.13 -45.19 -2.37
N ILE B 45 -36.83 -46.35 -2.94
CA ILE B 45 -37.26 -47.63 -2.35
C ILE B 45 -36.79 -47.74 -0.91
N ASP B 46 -35.50 -47.60 -0.73
CA ASP B 46 -34.87 -47.58 0.58
C ASP B 46 -33.55 -46.81 0.49
N ALA B 47 -33.10 -46.31 1.65
CA ALA B 47 -32.07 -45.27 1.73
C ALA B 47 -30.68 -45.69 1.24
N GLY B 48 -30.42 -46.97 1.01
CA GLY B 48 -29.10 -47.49 0.62
C GLY B 48 -28.48 -46.84 -0.62
N THR B 49 -29.29 -46.28 -1.52
CA THR B 49 -28.81 -45.59 -2.73
C THR B 49 -28.36 -44.15 -2.48
N MET B 50 -28.77 -43.49 -1.40
CA MET B 50 -28.53 -42.05 -1.21
C MET B 50 -27.44 -41.81 -0.15
N SER B 51 -26.38 -41.14 -0.58
CA SER B 51 -25.16 -40.91 0.21
C SER B 51 -25.40 -40.08 1.48
N PRO B 52 -24.63 -40.30 2.56
CA PRO B 52 -24.76 -39.57 3.81
C PRO B 52 -24.63 -38.03 3.73
N LEU B 53 -24.07 -37.48 2.66
CA LEU B 53 -24.13 -36.04 2.38
C LEU B 53 -25.57 -35.56 2.16
N GLU B 54 -26.40 -36.37 1.51
CA GLU B 54 -27.74 -36.02 1.04
C GLU B 54 -28.79 -36.34 2.10
N HIS B 55 -29.05 -35.39 3.01
CA HIS B 55 -30.00 -35.53 4.12
C HIS B 55 -29.68 -36.64 5.14
N GLY B 56 -28.41 -36.76 5.53
CA GLY B 56 -27.96 -37.50 6.72
C GLY B 56 -27.68 -39.00 6.53
N GLU B 57 -27.24 -39.65 7.62
CA GLU B 57 -26.65 -41.00 7.67
C GLU B 57 -27.51 -42.13 7.07
N CYS B 58 -26.87 -43.21 6.68
CA CYS B 58 -27.51 -44.40 6.13
C CYS B 58 -27.80 -45.41 7.27
N PHE B 59 -29.01 -45.41 7.84
CA PHE B 59 -29.38 -46.26 8.99
C PHE B 59 -29.31 -47.76 8.66
N VAL B 60 -29.35 -48.65 9.66
CA VAL B 60 -29.45 -50.11 9.47
C VAL B 60 -30.44 -50.74 10.45
N LEU B 61 -31.30 -51.63 9.96
CA LEU B 61 -32.29 -52.41 10.73
C LEU B 61 -31.85 -53.85 10.92
N ASP B 62 -32.56 -54.63 11.75
CA ASP B 62 -32.26 -56.07 11.94
C ASP B 62 -32.28 -56.86 10.62
N ASP B 63 -33.17 -56.48 9.69
CA ASP B 63 -33.30 -57.08 8.36
C ASP B 63 -32.10 -56.82 7.42
N GLY B 64 -31.25 -55.86 7.77
CA GLY B 64 -30.29 -55.26 6.84
C GLY B 64 -30.85 -54.10 6.02
N GLY B 65 -32.11 -53.72 6.25
CA GLY B 65 -32.78 -52.65 5.51
C GLY B 65 -32.20 -51.25 5.78
N GLU B 66 -31.44 -50.75 4.83
CA GLU B 66 -30.84 -49.41 4.88
C GLU B 66 -31.92 -48.35 4.72
N THR B 67 -32.19 -47.54 5.76
CA THR B 67 -33.50 -46.87 5.92
C THR B 67 -33.44 -45.41 6.38
N ASP B 68 -34.58 -44.74 6.33
CA ASP B 68 -34.70 -43.36 6.77
C ASP B 68 -34.29 -43.17 8.24
N LEU B 69 -33.58 -42.08 8.52
CA LEU B 69 -33.18 -41.68 9.86
C LEU B 69 -34.29 -41.81 10.89
N ASP B 70 -35.50 -41.41 10.51
CA ASP B 70 -36.57 -41.26 11.46
C ASP B 70 -37.03 -42.57 12.07
N LEU B 71 -36.74 -43.73 11.45
CA LEU B 71 -36.93 -45.01 12.14
C LEU B 71 -36.09 -45.06 13.42
N GLY B 72 -34.84 -44.61 13.33
CA GLY B 72 -33.91 -44.65 14.44
C GLY B 72 -34.44 -43.88 15.64
N ASN B 73 -34.99 -42.68 15.44
CA ASN B 73 -35.52 -41.90 16.55
C ASN B 73 -36.63 -42.64 17.30
N TYR B 74 -37.53 -43.36 16.63
CA TYR B 74 -38.51 -44.15 17.35
C TYR B 74 -37.86 -45.34 18.04
N GLU B 75 -36.94 -46.06 17.39
CA GLU B 75 -36.29 -47.21 18.02
C GLU B 75 -35.66 -46.83 19.35
N ARG B 76 -34.86 -45.75 19.38
CA ARG B 76 -34.18 -45.34 20.60
C ARG B 76 -35.09 -44.70 21.64
N TYR B 77 -36.14 -43.97 21.27
CA TYR B 77 -37.09 -43.45 22.27
C TYR B 77 -38.01 -44.53 22.82
N LEU B 78 -38.46 -45.47 21.99
CA LEU B 78 -39.52 -46.41 22.34
C LEU B 78 -39.01 -47.80 22.75
N GLY B 79 -37.71 -48.07 22.60
CA GLY B 79 -37.08 -49.36 22.90
C GLY B 79 -37.38 -50.46 21.88
N ILE B 80 -38.16 -50.14 20.85
CA ILE B 80 -38.67 -51.09 19.87
C ILE B 80 -37.62 -51.48 18.83
N THR B 81 -37.80 -52.64 18.21
CA THR B 81 -37.09 -53.04 16.99
C THR B 81 -38.02 -52.90 15.81
N LEU B 82 -37.60 -52.19 14.76
CA LEU B 82 -38.39 -52.03 13.53
C LEU B 82 -37.90 -52.92 12.40
N SER B 83 -38.67 -53.00 11.32
CA SER B 83 -38.38 -53.76 10.10
C SER B 83 -38.53 -52.85 8.89
N ARG B 84 -37.91 -53.19 7.75
CA ARG B 84 -37.88 -52.30 6.60
C ARG B 84 -39.27 -51.98 6.02
N ASP B 85 -40.28 -52.76 6.34
CA ASP B 85 -41.68 -52.45 6.02
C ASP B 85 -42.23 -51.24 6.79
N HIS B 86 -41.68 -50.87 7.96
CA HIS B 86 -42.19 -49.73 8.74
C HIS B 86 -41.91 -48.37 8.11
N ASN B 87 -41.09 -48.33 7.06
CA ASN B 87 -40.80 -47.15 6.27
C ASN B 87 -41.67 -47.19 4.98
N ILE B 88 -42.88 -46.67 5.04
CA ILE B 88 -43.70 -46.50 3.83
C ILE B 88 -43.02 -45.42 2.99
N THR B 89 -42.88 -45.62 1.67
CA THR B 89 -42.43 -44.54 0.79
C THR B 89 -43.22 -44.47 -0.51
N THR B 90 -43.21 -43.32 -1.17
CA THR B 90 -43.80 -43.21 -2.49
C THR B 90 -43.12 -44.18 -3.46
N GLY B 91 -41.80 -44.32 -3.35
CA GLY B 91 -41.06 -45.36 -4.07
C GLY B 91 -41.58 -46.77 -3.86
N LYS B 92 -41.72 -47.16 -2.60
CA LYS B 92 -42.15 -48.52 -2.24
C LYS B 92 -43.54 -48.78 -2.74
N ILE B 93 -44.53 -47.97 -2.36
CA ILE B 93 -45.94 -48.35 -2.61
C ILE B 93 -46.26 -48.29 -4.10
N TYR B 94 -45.68 -47.36 -4.84
CA TYR B 94 -45.86 -47.32 -6.29
C TYR B 94 -45.09 -48.46 -6.97
N SER B 95 -43.88 -48.81 -6.54
CA SER B 95 -43.16 -49.99 -7.03
C SER B 95 -43.93 -51.29 -6.74
N HIS B 96 -44.57 -51.36 -5.58
CA HIS B 96 -45.40 -52.49 -5.14
C HIS B 96 -46.61 -52.63 -6.05
N VAL B 97 -47.53 -51.65 -6.10
CA VAL B 97 -48.73 -51.83 -6.91
C VAL B 97 -48.43 -51.91 -8.40
N ILE B 98 -47.46 -51.19 -8.95
CA ILE B 98 -47.07 -51.35 -10.36
C ILE B 98 -46.43 -52.71 -10.60
N SER B 99 -45.65 -53.29 -9.68
CA SER B 99 -45.17 -54.67 -9.88
C SER B 99 -46.34 -55.67 -9.78
N ARG B 100 -47.30 -55.40 -8.90
CA ARG B 100 -48.52 -56.19 -8.77
C ARG B 100 -49.37 -56.17 -10.04
N GLU B 101 -49.38 -55.10 -10.82
CA GLU B 101 -50.04 -55.07 -12.13
C GLU B 101 -49.47 -56.08 -13.11
N ARG B 102 -48.16 -56.15 -13.28
CA ARG B 102 -47.55 -57.13 -14.19
C ARG B 102 -47.77 -58.57 -13.70
N ARG B 103 -47.97 -58.77 -12.39
CA ARG B 103 -48.41 -60.05 -11.78
C ARG B 103 -49.90 -60.33 -12.02
N GLY B 104 -50.73 -59.31 -12.24
CA GLY B 104 -52.11 -59.43 -12.70
C GLY B 104 -53.19 -59.37 -11.63
N ASP B 105 -52.86 -59.11 -10.37
CA ASP B 105 -53.78 -59.36 -9.25
C ASP B 105 -55.04 -58.48 -9.19
N TYR B 106 -55.11 -57.39 -9.94
CA TYR B 106 -56.34 -56.60 -10.08
C TYR B 106 -57.29 -57.15 -11.16
N LEU B 107 -57.07 -58.40 -11.62
CA LEU B 107 -57.92 -59.15 -12.56
C LEU B 107 -58.13 -58.42 -13.90
N GLY B 108 -57.12 -57.66 -14.32
CA GLY B 108 -57.22 -56.87 -15.52
C GLY B 108 -58.21 -55.72 -15.45
N LYS B 109 -58.48 -55.17 -14.26
CA LYS B 109 -59.18 -53.87 -14.16
C LYS B 109 -58.24 -52.67 -14.45
N THR B 110 -58.76 -51.44 -14.39
CA THR B 110 -57.87 -50.25 -14.39
C THR B 110 -57.29 -50.24 -12.98
N VAL B 111 -56.06 -49.78 -12.75
CA VAL B 111 -55.53 -49.66 -11.37
C VAL B 111 -55.46 -48.15 -11.06
N GLN B 112 -56.61 -47.48 -11.05
CA GLN B 112 -56.67 -46.03 -10.73
C GLN B 112 -55.91 -45.84 -9.41
N ILE B 113 -55.29 -44.68 -9.14
CA ILE B 113 -54.59 -44.43 -7.84
C ILE B 113 -55.63 -44.18 -6.75
N VAL B 114 -56.82 -43.66 -7.04
CA VAL B 114 -57.91 -43.59 -6.02
C VAL B 114 -58.33 -45.03 -5.85
N PRO B 115 -59.39 -45.43 -5.12
CA PRO B 115 -59.64 -46.83 -4.86
C PRO B 115 -58.42 -47.74 -4.75
N HIS B 116 -57.78 -48.16 -5.81
CA HIS B 116 -56.88 -49.31 -5.61
C HIS B 116 -55.55 -49.01 -4.91
N LEU B 117 -54.76 -48.01 -5.32
CA LEU B 117 -53.49 -47.73 -4.61
C LEU B 117 -53.75 -47.20 -3.18
N THR B 118 -54.69 -46.28 -2.96
CA THR B 118 -55.03 -45.89 -1.59
C THR B 118 -55.53 -47.06 -0.75
N ASN B 119 -56.12 -48.09 -1.36
CA ASN B 119 -56.43 -49.33 -0.66
C ASN B 119 -55.16 -50.11 -0.31
N ALA B 120 -54.12 -50.15 -1.16
CA ALA B 120 -52.85 -50.78 -0.81
C ALA B 120 -52.17 -50.08 0.36
N ILE B 121 -52.20 -48.74 0.46
CA ILE B 121 -51.71 -48.02 1.64
C ILE B 121 -52.47 -48.47 2.88
N GLN B 122 -53.80 -48.48 2.83
CA GLN B 122 -54.60 -48.82 3.99
C GLN B 122 -54.42 -50.27 4.41
N ASP B 123 -54.08 -51.15 3.46
CA ASP B 123 -53.70 -52.53 3.73
C ASP B 123 -52.31 -52.59 4.34
N TRP B 124 -51.31 -51.90 3.76
CA TRP B 124 -49.94 -51.88 4.29
C TRP B 124 -49.88 -51.39 5.74
N ILE B 125 -50.52 -50.27 6.08
CA ILE B 125 -50.56 -49.80 7.47
C ILE B 125 -51.21 -50.83 8.40
N GLN B 126 -52.23 -51.56 7.96
CA GLN B 126 -52.87 -52.60 8.76
C GLN B 126 -52.06 -53.88 8.84
N ARG B 127 -51.23 -54.19 7.85
CA ARG B 127 -50.28 -55.31 7.98
C ARG B 127 -49.21 -54.96 9.01
N VAL B 128 -48.52 -53.85 8.76
CA VAL B 128 -47.34 -53.40 9.47
C VAL B 128 -47.60 -53.14 10.92
N SER B 129 -48.67 -52.48 11.30
CA SER B 129 -48.97 -52.25 12.72
C SER B 129 -49.28 -53.54 13.50
N LYS B 130 -49.49 -54.72 12.86
CA LYS B 130 -49.63 -56.01 13.55
C LYS B 130 -48.35 -56.85 13.62
N ILE B 131 -47.23 -56.40 13.04
CA ILE B 131 -45.92 -57.04 13.19
C ILE B 131 -45.41 -56.79 14.62
N PRO B 132 -44.91 -57.79 15.37
CA PRO B 132 -44.39 -57.56 16.73
C PRO B 132 -43.07 -56.79 16.73
N VAL B 133 -42.82 -56.00 17.79
CA VAL B 133 -41.64 -55.12 17.86
C VAL B 133 -40.88 -55.14 19.19
N ASP B 134 -41.50 -55.54 20.30
CA ASP B 134 -40.87 -55.68 21.62
C ASP B 134 -40.13 -57.02 21.78
N ASP B 135 -39.60 -57.30 22.98
CA ASP B 135 -38.82 -58.51 23.31
C ASP B 135 -39.62 -59.82 23.25
N THR B 136 -40.95 -59.74 23.10
CA THR B 136 -41.89 -60.86 22.94
C THR B 136 -42.81 -60.60 21.77
N GLY B 137 -43.27 -61.65 21.12
CA GLY B 137 -44.06 -61.61 19.88
C GLY B 137 -45.52 -61.18 20.05
N LEU B 138 -45.82 -60.26 20.96
CA LEU B 138 -47.14 -59.70 21.18
C LEU B 138 -47.37 -58.51 20.23
N GLU B 139 -48.53 -58.49 19.57
CA GLU B 139 -48.86 -57.46 18.58
C GLU B 139 -49.19 -56.10 19.25
N PRO B 140 -48.82 -54.98 18.63
CA PRO B 140 -48.95 -53.64 19.21
C PRO B 140 -50.36 -53.18 19.63
N ASP B 141 -50.46 -52.41 20.70
CA ASP B 141 -51.74 -51.81 21.13
C ASP B 141 -52.06 -50.53 20.37
N VAL B 142 -51.05 -49.68 20.12
CA VAL B 142 -51.18 -48.37 19.46
C VAL B 142 -50.07 -48.18 18.45
N CYS B 143 -50.38 -47.62 17.29
CA CYS B 143 -49.40 -47.30 16.26
C CYS B 143 -49.32 -45.79 15.99
N ILE B 144 -48.13 -45.19 16.11
CA ILE B 144 -47.88 -43.79 15.74
C ILE B 144 -47.48 -43.71 14.27
N ILE B 145 -48.22 -43.05 13.42
CA ILE B 145 -47.86 -42.87 12.01
C ILE B 145 -47.29 -41.46 11.81
N GLU B 146 -46.03 -41.30 11.42
CA GLU B 146 -45.48 -40.00 11.08
C GLU B 146 -45.62 -39.75 9.58
N LEU B 147 -46.49 -38.82 9.17
CA LEU B 147 -46.74 -38.49 7.77
C LEU B 147 -45.70 -37.46 7.33
N GLY B 148 -44.67 -37.96 6.62
CA GLY B 148 -43.61 -37.12 6.03
C GLY B 148 -44.15 -36.22 4.93
N GLY B 149 -43.33 -35.24 4.52
CA GLY B 149 -43.81 -34.14 3.70
C GLY B 149 -44.77 -33.20 4.47
N THR B 150 -45.71 -32.56 3.80
CA THR B 150 -46.80 -31.82 4.47
C THR B 150 -48.17 -32.20 3.93
N VAL B 151 -49.23 -31.95 4.72
CA VAL B 151 -50.64 -32.16 4.27
C VAL B 151 -50.95 -30.91 3.44
N GLY B 152 -51.04 -31.03 2.12
CA GLY B 152 -51.21 -29.87 1.21
C GLY B 152 -50.05 -29.86 0.24
N ASP B 153 -49.77 -30.99 -0.40
CA ASP B 153 -48.62 -31.13 -1.32
C ASP B 153 -49.05 -32.02 -2.49
N ILE B 154 -48.12 -32.42 -3.35
CA ILE B 154 -48.40 -33.34 -4.50
C ILE B 154 -47.66 -34.66 -4.28
N GLU B 155 -46.66 -34.71 -3.41
CA GLU B 155 -45.96 -35.97 -3.05
C GLU B 155 -46.72 -36.55 -1.85
N SER B 156 -47.54 -35.75 -1.19
CA SER B 156 -48.31 -36.25 -0.05
C SER B 156 -49.64 -36.86 -0.47
N ALA B 157 -50.09 -36.59 -1.68
CA ALA B 157 -51.48 -36.66 -2.09
C ALA B 157 -52.15 -38.03 -1.91
N PRO B 158 -51.58 -39.17 -2.36
CA PRO B 158 -52.18 -40.46 -2.10
C PRO B 158 -52.23 -40.81 -0.61
N PHE B 159 -51.28 -40.37 0.19
CA PHE B 159 -51.28 -40.66 1.63
C PHE B 159 -52.41 -39.91 2.30
N VAL B 160 -52.61 -38.62 2.04
CA VAL B 160 -53.71 -37.93 2.73
C VAL B 160 -55.09 -38.46 2.32
N GLU B 161 -55.26 -38.93 1.09
CA GLU B 161 -56.50 -39.62 0.69
C GLU B 161 -56.64 -40.96 1.36
N ALA B 162 -55.60 -41.78 1.29
CA ALA B 162 -55.59 -43.07 1.97
C ALA B 162 -55.96 -42.95 3.44
N LEU B 163 -55.44 -41.93 4.13
CA LEU B 163 -55.74 -41.63 5.54
C LEU B 163 -57.13 -41.02 5.75
N ARG B 164 -57.71 -40.28 4.80
CA ARG B 164 -59.13 -39.98 4.89
C ARG B 164 -59.94 -41.29 4.87
N GLN B 165 -59.73 -42.22 3.95
CA GLN B 165 -60.48 -43.47 4.02
C GLN B 165 -60.17 -44.23 5.31
N PHE B 166 -58.90 -44.22 5.73
CA PHE B 166 -58.46 -44.95 6.93
C PHE B 166 -59.00 -44.42 8.26
N GLN B 167 -59.53 -43.19 8.26
CA GLN B 167 -60.28 -42.63 9.36
C GLN B 167 -61.61 -43.36 9.58
N PHE B 168 -62.08 -44.10 8.56
CA PHE B 168 -63.31 -44.89 8.63
C PHE B 168 -63.11 -46.39 8.47
N GLU B 169 -62.22 -46.82 7.58
CA GLU B 169 -61.90 -48.24 7.40
C GLU B 169 -61.31 -48.83 8.69
N VAL B 170 -60.70 -48.00 9.54
CA VAL B 170 -60.56 -48.17 10.98
C VAL B 170 -61.46 -47.12 11.64
N GLY B 171 -62.32 -47.50 12.58
CA GLY B 171 -63.32 -46.58 13.14
C GLY B 171 -62.69 -45.35 13.83
N ARG B 172 -63.32 -44.16 13.77
CA ARG B 172 -63.03 -43.06 14.70
C ARG B 172 -63.16 -43.58 16.12
N GLU B 173 -62.44 -42.97 17.03
CA GLU B 173 -62.10 -43.54 18.34
C GLU B 173 -61.12 -44.73 18.33
N ASN B 174 -60.74 -45.26 17.18
CA ASN B 174 -59.47 -45.99 16.98
C ASN B 174 -58.45 -45.18 16.18
N PHE B 175 -58.68 -43.90 15.88
CA PHE B 175 -57.79 -43.05 15.11
C PHE B 175 -57.83 -41.62 15.66
N ALA B 176 -56.69 -40.94 15.68
CA ALA B 176 -56.54 -39.55 16.09
C ALA B 176 -55.47 -38.85 15.25
N LEU B 177 -55.67 -37.56 14.90
CA LEU B 177 -54.70 -36.78 14.12
C LEU B 177 -54.08 -35.65 14.94
N ILE B 178 -52.77 -35.59 14.97
CA ILE B 178 -51.99 -34.53 15.57
C ILE B 178 -51.37 -33.71 14.43
N HIS B 179 -51.78 -32.45 14.32
CA HIS B 179 -51.31 -31.54 13.28
C HIS B 179 -50.27 -30.58 13.87
N VAL B 180 -49.00 -30.78 13.52
CA VAL B 180 -47.90 -29.87 13.81
C VAL B 180 -48.06 -28.64 12.94
N SER B 181 -47.76 -27.45 13.44
CA SER B 181 -48.01 -26.24 12.67
C SER B 181 -47.12 -25.07 13.02
N LEU B 182 -47.00 -24.09 12.13
CA LEU B 182 -46.09 -22.94 12.30
C LEU B 182 -46.87 -21.71 12.75
N VAL B 183 -46.39 -21.03 13.79
CA VAL B 183 -46.95 -19.77 14.28
C VAL B 183 -45.81 -18.77 14.34
N PRO B 184 -45.48 -18.09 13.23
CA PRO B 184 -44.35 -17.15 13.18
C PRO B 184 -44.49 -16.00 14.16
N VAL B 185 -43.37 -15.42 14.57
CA VAL B 185 -43.34 -14.17 15.32
C VAL B 185 -42.56 -13.11 14.54
N ILE B 186 -43.20 -11.96 14.36
CA ILE B 186 -42.79 -10.82 13.54
C ILE B 186 -43.12 -9.55 14.33
N HIS B 187 -42.17 -8.61 14.44
CA HIS B 187 -42.33 -7.35 15.17
C HIS B 187 -42.89 -7.49 16.60
N GLY B 188 -42.65 -8.64 17.24
CA GLY B 188 -43.16 -8.99 18.57
C GLY B 188 -44.58 -9.59 18.65
N GLU B 189 -45.23 -9.92 17.52
CA GLU B 189 -46.64 -10.42 17.52
C GLU B 189 -46.68 -11.87 17.04
N GLN B 190 -47.44 -12.75 17.70
CA GLN B 190 -47.54 -14.18 17.27
C GLN B 190 -48.55 -14.24 16.11
N LYS B 191 -48.14 -14.79 14.97
CA LYS B 191 -48.94 -14.81 13.71
C LYS B 191 -49.52 -16.22 13.48
N THR B 192 -50.76 -16.51 13.89
CA THR B 192 -51.48 -17.78 13.63
C THR B 192 -52.24 -17.82 12.29
N LYS B 193 -51.79 -17.21 11.19
CA LYS B 193 -52.44 -17.35 9.85
C LYS B 193 -51.79 -18.43 8.97
N PRO B 194 -50.50 -18.78 9.09
CA PRO B 194 -49.91 -19.93 8.40
C PRO B 194 -50.64 -21.17 8.94
N THR B 195 -50.83 -21.27 10.26
CA THR B 195 -51.54 -22.40 10.89
C THR B 195 -52.97 -22.44 10.34
N GLN B 196 -53.72 -21.33 10.34
CA GLN B 196 -55.14 -21.30 9.89
C GLN B 196 -55.24 -21.59 8.39
N ALA B 197 -54.15 -21.52 7.63
CA ALA B 197 -54.12 -21.79 6.16
C ALA B 197 -53.64 -23.22 5.93
N ALA B 198 -53.41 -24.01 6.99
CA ALA B 198 -53.08 -25.46 6.88
C ALA B 198 -54.20 -26.25 7.56
N ILE B 199 -55.11 -25.62 8.33
CA ILE B 199 -56.31 -26.21 8.93
C ILE B 199 -57.39 -26.18 7.86
N LYS B 200 -57.43 -25.18 7.02
CA LYS B 200 -58.30 -25.08 5.86
C LYS B 200 -57.94 -26.24 4.94
N ASP B 201 -56.68 -26.39 4.55
CA ASP B 201 -56.26 -27.49 3.66
C ASP B 201 -56.46 -28.87 4.27
N LEU B 202 -56.31 -29.01 5.59
CA LEU B 202 -56.48 -30.30 6.25
C LEU B 202 -57.93 -30.76 6.12
N ARG B 203 -58.89 -29.91 6.46
CA ARG B 203 -60.32 -30.17 6.36
C ARG B 203 -60.64 -30.47 4.90
N SER B 204 -60.05 -29.74 3.96
CA SER B 204 -60.29 -29.93 2.53
C SER B 204 -59.82 -31.32 2.09
N LEU B 205 -58.58 -31.73 2.36
CA LEU B 205 -58.05 -33.07 2.03
C LEU B 205 -58.71 -34.18 2.84
N GLY B 206 -59.39 -33.85 3.93
CA GLY B 206 -60.51 -34.61 4.51
C GLY B 206 -60.31 -35.19 5.91
N LEU B 207 -59.06 -35.32 6.37
CA LEU B 207 -58.80 -35.60 7.78
C LEU B 207 -59.31 -34.47 8.66
N ILE B 208 -59.65 -34.73 9.92
CA ILE B 208 -60.04 -33.69 10.89
C ILE B 208 -59.03 -33.67 12.02
N PRO B 209 -58.36 -32.56 12.36
CA PRO B 209 -57.36 -32.55 13.42
C PRO B 209 -57.84 -32.68 14.86
N ASP B 210 -57.07 -33.18 15.80
CA ASP B 210 -57.31 -33.35 17.23
C ASP B 210 -56.48 -32.43 18.09
N MET B 211 -55.20 -32.32 17.83
CA MET B 211 -54.21 -31.48 18.46
C MET B 211 -53.73 -30.45 17.46
N ILE B 212 -53.19 -29.33 17.92
CA ILE B 212 -52.60 -28.31 17.06
C ILE B 212 -51.27 -27.98 17.71
N ALA B 213 -50.22 -28.69 17.31
CA ALA B 213 -48.93 -28.69 17.97
C ALA B 213 -48.01 -27.63 17.37
N CYS B 214 -48.07 -26.42 17.89
CA CYS B 214 -47.35 -25.28 17.33
C CYS B 214 -45.85 -25.31 17.65
N ARG B 215 -45.03 -25.01 16.65
CA ARG B 215 -43.58 -24.75 16.76
C ARG B 215 -43.26 -23.25 16.73
N CYS B 216 -43.85 -22.52 17.67
CA CYS B 216 -43.54 -21.10 17.88
C CYS B 216 -42.16 -20.92 18.51
N SER B 217 -41.58 -19.72 18.39
CA SER B 217 -40.32 -19.35 19.05
C SER B 217 -40.46 -19.06 20.54
N GLU B 218 -41.67 -19.16 21.10
CA GLU B 218 -42.07 -18.60 22.39
C GLU B 218 -43.06 -19.51 23.12
N GLU B 219 -43.43 -19.20 24.36
CA GLU B 219 -44.72 -19.64 24.87
C GLU B 219 -45.87 -18.99 24.09
N LEU B 220 -46.87 -19.76 23.68
CA LEU B 220 -48.07 -19.21 23.05
C LEU B 220 -48.84 -18.33 24.03
N ASN B 221 -49.24 -17.14 23.61
CA ASN B 221 -50.10 -16.28 24.43
C ASN B 221 -51.45 -16.96 24.69
N ARG B 222 -52.09 -16.71 25.84
CA ARG B 222 -53.46 -17.21 26.11
C ARG B 222 -54.46 -16.74 25.07
N SER B 223 -54.31 -15.51 24.55
CA SER B 223 -55.10 -15.00 23.42
C SER B 223 -54.76 -15.65 22.07
N THR B 224 -53.51 -16.08 21.85
CA THR B 224 -53.10 -16.82 20.64
C THR B 224 -53.75 -18.19 20.61
N ILE B 225 -53.72 -18.92 21.73
CA ILE B 225 -54.40 -20.21 21.85
C ILE B 225 -55.91 -20.04 21.67
N ASP B 226 -56.51 -19.03 22.30
CA ASP B 226 -57.95 -18.79 22.19
C ASP B 226 -58.39 -18.56 20.73
N LYS B 227 -57.61 -17.81 19.93
CA LYS B 227 -57.90 -17.64 18.50
C LYS B 227 -57.62 -18.91 17.69
N ILE B 228 -56.54 -19.66 17.93
CA ILE B 228 -56.36 -20.95 17.21
C ILE B 228 -57.52 -21.90 17.53
N ALA B 229 -58.02 -21.95 18.76
CA ALA B 229 -59.20 -22.72 19.13
C ALA B 229 -60.55 -22.14 18.62
N MET B 230 -60.55 -20.93 18.05
CA MET B 230 -61.72 -20.34 17.38
C MET B 230 -61.72 -20.69 15.90
N PHE B 231 -60.56 -20.74 15.25
CA PHE B 231 -60.44 -21.04 13.83
C PHE B 231 -60.21 -22.53 13.53
N CYS B 232 -59.37 -23.25 14.28
CA CYS B 232 -59.50 -24.70 14.35
C CYS B 232 -60.61 -25.04 15.37
N HIS B 233 -61.26 -26.19 15.25
CA HIS B 233 -62.35 -26.58 16.13
C HIS B 233 -61.90 -27.27 17.43
N VAL B 234 -60.60 -27.43 17.70
CA VAL B 234 -60.11 -27.99 18.97
C VAL B 234 -60.41 -27.05 20.14
N GLY B 235 -60.62 -27.60 21.33
CA GLY B 235 -60.69 -26.80 22.57
C GLY B 235 -59.31 -26.29 23.00
N PRO B 236 -59.20 -25.14 23.68
CA PRO B 236 -57.93 -24.47 23.94
C PRO B 236 -56.93 -25.30 24.75
N GLU B 237 -57.37 -26.24 25.58
CA GLU B 237 -56.49 -27.17 26.29
C GLU B 237 -55.66 -28.06 25.35
N GLN B 238 -56.07 -28.21 24.09
CA GLN B 238 -55.48 -29.15 23.13
C GLN B 238 -54.45 -28.54 22.18
N VAL B 239 -54.23 -27.23 22.28
CA VAL B 239 -53.33 -26.45 21.40
C VAL B 239 -51.93 -26.51 21.98
N VAL B 240 -51.30 -27.69 21.95
CA VAL B 240 -50.03 -27.91 22.65
C VAL B 240 -48.92 -27.03 22.06
N ASN B 241 -48.02 -26.54 22.91
CA ASN B 241 -46.83 -25.80 22.48
C ASN B 241 -45.57 -26.65 22.64
N VAL B 242 -44.74 -26.74 21.62
CA VAL B 242 -43.59 -27.68 21.63
C VAL B 242 -42.26 -26.94 21.56
N HIS B 243 -42.14 -25.83 22.30
CA HIS B 243 -40.97 -24.93 22.29
C HIS B 243 -39.69 -25.61 22.79
N ASP B 244 -38.52 -25.03 22.48
CA ASP B 244 -37.22 -25.57 22.87
C ASP B 244 -37.03 -25.61 24.40
N VAL B 245 -36.39 -26.68 24.88
CA VAL B 245 -35.99 -26.95 26.27
C VAL B 245 -34.60 -27.61 26.30
N ASN B 246 -33.94 -27.62 27.46
CA ASN B 246 -32.50 -27.87 27.65
C ASN B 246 -31.88 -29.11 26.95
N SER B 247 -32.67 -30.14 26.64
CA SER B 247 -32.31 -31.19 25.68
C SER B 247 -33.58 -31.87 25.15
N THR B 248 -33.56 -32.49 23.98
CA THR B 248 -34.77 -33.14 23.39
C THR B 248 -35.32 -34.28 24.23
N TYR B 249 -34.58 -34.84 25.18
CA TYR B 249 -35.12 -35.83 26.10
C TYR B 249 -36.11 -35.24 27.11
N HIS B 250 -36.18 -33.91 27.27
CA HIS B 250 -37.23 -33.28 28.07
C HIS B 250 -38.57 -33.21 27.34
N VAL B 251 -38.62 -33.27 26.01
CA VAL B 251 -39.85 -32.96 25.25
C VAL B 251 -41.06 -33.80 25.68
N PRO B 252 -40.96 -35.12 25.89
CA PRO B 252 -42.06 -35.90 26.43
C PRO B 252 -42.65 -35.31 27.71
N LEU B 253 -41.83 -34.83 28.64
CA LEU B 253 -42.32 -34.30 29.92
C LEU B 253 -42.98 -32.92 29.80
N LEU B 254 -42.70 -32.16 28.76
CA LEU B 254 -43.44 -30.93 28.43
C LEU B 254 -44.84 -31.29 27.93
N LEU B 255 -44.94 -32.31 27.08
CA LEU B 255 -46.21 -32.78 26.56
C LEU B 255 -47.04 -33.40 27.69
N LEU B 256 -46.40 -34.03 28.67
CA LEU B 256 -47.07 -34.56 29.86
C LEU B 256 -47.56 -33.45 30.80
N LYS B 257 -46.85 -32.33 30.95
CA LYS B 257 -47.36 -31.14 31.64
C LYS B 257 -48.52 -30.50 30.89
N GLN B 258 -48.56 -30.64 29.57
CA GLN B 258 -49.61 -30.11 28.68
C GLN B 258 -50.75 -31.10 28.45
N HIS B 259 -51.00 -31.99 29.42
CA HIS B 259 -52.11 -32.94 29.50
C HIS B 259 -52.20 -33.99 28.39
N MET B 260 -51.18 -34.19 27.54
CA MET B 260 -51.36 -34.96 26.32
C MET B 260 -51.66 -36.45 26.55
N ILE B 261 -51.15 -37.10 27.60
CA ILE B 261 -51.63 -38.44 27.97
C ILE B 261 -53.08 -38.39 28.42
N ASP B 262 -53.49 -37.42 29.23
CA ASP B 262 -54.89 -37.38 29.71
C ASP B 262 -55.87 -37.15 28.55
N TYR B 263 -55.50 -36.32 27.58
CA TYR B 263 -56.27 -36.18 26.36
C TYR B 263 -56.27 -37.46 25.53
N LEU B 264 -55.12 -38.04 25.15
CA LEU B 264 -55.10 -39.28 24.36
C LEU B 264 -55.76 -40.47 25.07
N HIS B 265 -55.69 -40.58 26.40
CA HIS B 265 -56.41 -41.60 27.14
C HIS B 265 -57.92 -41.49 26.93
N SER B 266 -58.46 -40.28 26.94
CA SER B 266 -59.86 -40.03 26.61
C SER B 266 -60.15 -40.25 25.13
N ARG B 267 -59.49 -39.52 24.24
CA ARG B 267 -59.83 -39.44 22.81
C ARG B 267 -59.64 -40.74 22.03
N LEU B 268 -58.90 -41.72 22.54
CA LEU B 268 -58.80 -43.07 21.98
C LEU B 268 -59.35 -44.16 22.92
N LYS B 269 -60.01 -43.79 24.01
CA LYS B 269 -60.57 -44.69 25.03
C LYS B 269 -59.56 -45.76 25.50
N LEU B 270 -58.33 -45.36 25.82
CA LEU B 270 -57.20 -46.27 26.11
C LEU B 270 -57.43 -47.10 27.38
N GLY B 271 -58.36 -46.72 28.24
CA GLY B 271 -58.84 -47.55 29.34
C GLY B 271 -59.53 -48.85 28.91
N GLU B 272 -60.02 -48.95 27.67
CA GLU B 272 -60.65 -50.16 27.14
C GLU B 272 -59.63 -51.16 26.55
N VAL B 273 -58.36 -50.79 26.36
CA VAL B 273 -57.31 -51.71 25.91
C VAL B 273 -56.94 -52.65 27.07
N PRO B 274 -56.84 -53.98 26.88
CA PRO B 274 -56.46 -54.90 27.95
C PRO B 274 -54.97 -54.80 28.30
N LEU B 275 -54.65 -54.52 29.56
CA LEU B 275 -53.28 -54.44 30.10
C LEU B 275 -53.10 -55.32 31.34
N THR B 276 -51.96 -56.00 31.48
CA THR B 276 -51.58 -56.71 32.72
C THR B 276 -50.87 -55.77 33.69
N LEU B 277 -50.71 -56.12 34.98
CA LEU B 277 -49.79 -55.37 35.84
C LEU B 277 -48.35 -55.41 35.35
N GLU B 278 -47.92 -56.48 34.68
CA GLU B 278 -46.58 -56.51 34.08
C GLU B 278 -46.45 -55.48 32.95
N ASP B 279 -47.51 -55.19 32.21
CA ASP B 279 -47.54 -54.01 31.33
C ASP B 279 -47.55 -52.71 32.12
N LYS B 280 -48.55 -52.51 33.00
CA LYS B 280 -48.77 -51.20 33.63
C LYS B 280 -47.61 -50.79 34.53
N GLU B 281 -47.11 -51.67 35.38
CA GLU B 281 -46.01 -51.34 36.28
C GLU B 281 -44.70 -51.13 35.50
N ARG B 282 -44.48 -51.82 34.36
CA ARG B 282 -43.34 -51.49 33.48
C ARG B 282 -43.50 -50.09 32.89
N GLY B 283 -44.72 -49.72 32.56
CA GLY B 283 -45.09 -48.39 32.10
C GLY B 283 -44.74 -47.31 33.13
N SER B 284 -45.27 -47.40 34.34
CA SER B 284 -45.01 -46.39 35.37
C SER B 284 -43.57 -46.43 35.89
N GLN B 285 -42.88 -47.56 35.85
CA GLN B 285 -41.45 -47.61 36.14
C GLN B 285 -40.64 -46.90 35.04
N LEU B 286 -40.92 -47.15 33.75
CA LEU B 286 -40.24 -46.46 32.67
C LEU B 286 -40.43 -44.95 32.75
N LEU B 287 -41.62 -44.46 33.13
CA LEU B 287 -41.81 -43.04 33.42
C LEU B 287 -40.81 -42.54 34.47
N THR B 288 -40.64 -43.25 35.59
CA THR B 288 -39.66 -42.83 36.59
C THR B 288 -38.22 -42.93 36.11
N ASN B 289 -37.87 -43.85 35.20
CA ASN B 289 -36.54 -43.81 34.60
C ASN B 289 -36.37 -42.56 33.74
N TRP B 290 -37.41 -42.09 33.04
CA TRP B 290 -37.35 -40.87 32.24
C TRP B 290 -37.32 -39.61 33.10
N GLU B 291 -38.10 -39.56 34.18
CA GLU B 291 -38.00 -38.49 35.18
C GLU B 291 -36.63 -38.47 35.87
N ASN B 292 -36.05 -39.62 36.18
CA ASN B 292 -34.71 -39.69 36.74
C ASN B 292 -33.65 -39.22 35.75
N MET B 293 -33.60 -39.74 34.52
CA MET B 293 -32.52 -39.36 33.59
C MET B 293 -32.62 -37.88 33.17
N THR B 294 -33.83 -37.31 33.04
CA THR B 294 -33.99 -35.86 32.82
C THR B 294 -33.62 -35.02 34.03
N LYS B 295 -33.93 -35.45 35.26
CA LYS B 295 -33.40 -34.82 36.47
C LYS B 295 -31.87 -34.91 36.53
N ASN B 296 -31.26 -36.03 36.14
CA ASN B 296 -29.80 -36.14 36.09
C ASN B 296 -29.20 -35.18 35.07
N LEU B 297 -29.82 -34.98 33.91
CA LEU B 297 -29.38 -34.00 32.92
C LEU B 297 -29.49 -32.56 33.48
N ASP B 298 -30.52 -32.26 34.25
CA ASP B 298 -30.75 -30.91 34.80
C ASP B 298 -29.68 -30.43 35.79
N ASP B 299 -28.87 -31.30 36.40
CA ASP B 299 -27.82 -30.88 37.34
C ASP B 299 -26.47 -31.61 37.22
N SER B 300 -26.28 -32.46 36.21
CA SER B 300 -24.96 -32.89 35.72
C SER B 300 -24.18 -31.68 35.17
N ASP B 301 -22.99 -31.43 35.71
CA ASP B 301 -22.11 -30.31 35.32
C ASP B 301 -20.73 -30.76 34.84
N ASP B 302 -20.21 -31.87 35.34
CA ASP B 302 -18.84 -32.30 35.07
C ASP B 302 -18.71 -32.79 33.62
N VAL B 303 -17.99 -32.02 32.82
CA VAL B 303 -17.91 -32.22 31.38
C VAL B 303 -17.06 -33.44 31.06
N VAL B 304 -17.32 -34.07 29.93
CA VAL B 304 -16.43 -35.02 29.27
C VAL B 304 -16.36 -34.65 27.80
N LYS B 305 -15.14 -34.50 27.25
CA LYS B 305 -14.90 -34.08 25.87
C LYS B 305 -14.53 -35.31 25.04
N ILE B 306 -15.35 -35.69 24.05
CA ILE B 306 -15.06 -36.83 23.17
C ILE B 306 -14.71 -36.32 21.78
N ALA B 307 -13.55 -36.63 21.25
CA ALA B 307 -13.21 -36.27 19.87
C ALA B 307 -13.85 -37.25 18.90
N LEU B 308 -14.68 -36.75 18.01
CA LEU B 308 -15.23 -37.52 16.91
C LEU B 308 -14.40 -37.16 15.69
N VAL B 309 -13.63 -38.13 15.19
CA VAL B 309 -12.59 -37.90 14.21
C VAL B 309 -13.00 -38.52 12.87
N GLY B 310 -13.31 -37.71 11.86
CA GLY B 310 -13.74 -38.21 10.54
C GLY B 310 -13.95 -37.15 9.48
N LYS B 311 -14.29 -37.55 8.25
CA LYS B 311 -14.63 -36.63 7.15
C LYS B 311 -16.04 -36.05 7.31
N TYR B 312 -16.34 -34.98 6.60
CA TYR B 312 -17.68 -34.36 6.50
C TYR B 312 -18.31 -33.94 7.84
N THR B 313 -17.52 -33.58 8.85
CA THR B 313 -18.06 -33.19 10.18
C THR B 313 -18.94 -31.95 10.15
N ASN B 314 -18.91 -31.14 9.09
CA ASN B 314 -19.87 -30.04 8.88
C ASN B 314 -21.29 -30.53 8.60
N LEU B 315 -21.45 -31.79 8.17
CA LEU B 315 -22.71 -32.48 7.95
C LEU B 315 -23.01 -33.42 9.14
N LYS B 316 -23.31 -32.85 10.31
CA LYS B 316 -23.45 -33.58 11.58
C LYS B 316 -24.52 -34.68 11.55
N ASP B 317 -25.54 -34.49 10.70
CA ASP B 317 -26.58 -35.49 10.46
C ASP B 317 -26.03 -36.74 9.75
N SER B 318 -24.87 -36.67 9.12
CA SER B 318 -24.13 -37.82 8.59
C SER B 318 -23.66 -38.78 9.69
N TYR B 319 -23.76 -38.36 10.95
CA TYR B 319 -23.42 -39.07 12.17
C TYR B 319 -24.53 -38.99 13.20
N LEU B 320 -25.80 -38.81 12.86
CA LEU B 320 -26.81 -38.58 13.89
C LEU B 320 -26.88 -39.69 14.95
N SER B 321 -26.68 -40.96 14.62
CA SER B 321 -26.81 -42.12 15.49
C SER B 321 -25.61 -42.21 16.41
N VAL B 322 -24.43 -41.80 15.94
CA VAL B 322 -23.18 -41.72 16.69
C VAL B 322 -23.30 -40.68 17.79
N THR B 323 -23.75 -39.48 17.45
CA THR B 323 -24.02 -38.41 18.40
C THR B 323 -25.00 -38.87 19.47
N LYS B 324 -26.14 -39.43 19.05
CA LYS B 324 -27.20 -39.80 19.99
C LYS B 324 -26.78 -40.90 20.96
N SER B 325 -25.98 -41.86 20.50
CA SER B 325 -25.44 -42.90 21.38
C SER B 325 -24.48 -42.34 22.43
N LEU B 326 -23.63 -41.37 22.07
CA LEU B 326 -22.82 -40.66 23.07
C LEU B 326 -23.69 -39.90 24.07
N GLU B 327 -24.80 -39.28 23.67
CA GLU B 327 -25.71 -38.63 24.62
C GLU B 327 -26.31 -39.60 25.64
N HIS B 328 -26.78 -40.78 25.21
CA HIS B 328 -27.21 -41.83 26.13
C HIS B 328 -26.09 -42.26 27.09
N ALA B 329 -24.89 -42.49 26.58
CA ALA B 329 -23.76 -42.92 27.39
C ALA B 329 -23.38 -41.84 28.42
N SER B 330 -23.40 -40.58 28.01
CA SER B 330 -23.20 -39.38 28.83
C SER B 330 -24.14 -39.33 30.01
N MET B 331 -25.44 -39.34 29.74
CA MET B 331 -26.46 -39.23 30.79
C MET B 331 -26.39 -40.40 31.76
N LYS B 332 -25.97 -41.58 31.32
CA LYS B 332 -25.79 -42.77 32.17
C LYS B 332 -24.56 -42.66 33.10
N CYS B 333 -23.47 -42.07 32.61
CA CYS B 333 -22.30 -41.70 33.42
C CYS B 333 -22.52 -40.47 34.32
N ARG B 334 -23.59 -39.70 34.11
CA ARG B 334 -23.85 -38.40 34.78
C ARG B 334 -22.75 -37.36 34.54
N ARG B 335 -22.03 -37.45 33.43
CA ARG B 335 -21.19 -36.35 32.91
C ARG B 335 -21.83 -35.68 31.69
N GLN B 336 -21.87 -34.37 31.69
CA GLN B 336 -22.34 -33.53 30.59
C GLN B 336 -21.39 -33.65 29.39
N LEU B 337 -21.91 -33.73 28.18
CA LEU B 337 -21.10 -34.04 27.01
C LEU B 337 -20.71 -32.79 26.23
N GLU B 338 -19.46 -32.70 25.83
CA GLU B 338 -19.03 -31.92 24.66
C GLU B 338 -18.42 -32.87 23.64
N ILE B 339 -18.84 -32.81 22.37
CA ILE B 339 -18.20 -33.60 21.29
C ILE B 339 -17.30 -32.64 20.52
N LEU B 340 -16.05 -33.03 20.30
CA LEU B 340 -15.08 -32.25 19.54
C LEU B 340 -15.01 -32.75 18.12
N TRP B 341 -15.51 -31.95 17.18
CA TRP B 341 -15.53 -32.25 15.75
C TRP B 341 -14.13 -32.07 15.16
N VAL B 342 -13.45 -33.18 14.89
CA VAL B 342 -12.14 -33.20 14.25
C VAL B 342 -12.32 -33.64 12.81
N GLU B 343 -12.32 -32.69 11.89
CA GLU B 343 -12.32 -32.96 10.45
C GLU B 343 -11.01 -33.65 10.04
N ALA B 344 -11.00 -34.98 9.95
CA ALA B 344 -9.79 -35.79 10.03
C ALA B 344 -8.68 -35.38 9.08
N SER B 345 -9.00 -34.93 7.88
CA SER B 345 -7.95 -34.58 6.91
C SER B 345 -7.05 -33.46 7.41
N ASN B 346 -7.50 -32.62 8.34
CA ASN B 346 -6.69 -31.56 8.90
C ASN B 346 -5.55 -32.07 9.81
N LEU B 347 -5.65 -33.26 10.40
CA LEU B 347 -4.56 -33.85 11.18
C LEU B 347 -3.38 -34.30 10.30
N GLU B 348 -3.57 -34.47 9.01
CA GLU B 348 -2.52 -34.95 8.12
C GLU B 348 -1.46 -33.85 7.92
N PRO B 349 -0.16 -34.14 8.07
CA PRO B 349 0.89 -33.13 7.98
C PRO B 349 0.87 -32.27 6.71
N GLU B 350 0.40 -32.78 5.56
CA GLU B 350 0.30 -31.95 4.35
C GLU B 350 -0.61 -30.72 4.55
N THR B 351 -1.54 -30.75 5.50
CA THR B 351 -2.38 -29.59 5.81
C THR B 351 -1.57 -28.39 6.25
N GLN B 352 -0.43 -28.63 6.88
CA GLN B 352 0.52 -27.59 7.30
C GLN B 352 1.06 -26.79 6.10
N GLU B 353 1.09 -27.41 4.92
CA GLU B 353 1.46 -26.75 3.66
C GLU B 353 0.32 -25.93 3.05
N VAL B 354 -0.92 -26.10 3.52
CA VAL B 354 -2.14 -25.48 2.95
C VAL B 354 -2.74 -24.42 3.86
N ASP B 355 -2.98 -24.77 5.13
CA ASP B 355 -3.38 -23.84 6.17
C ASP B 355 -2.95 -24.38 7.55
N LYS B 356 -2.00 -23.71 8.19
CA LYS B 356 -1.54 -24.06 9.53
C LYS B 356 -2.64 -23.93 10.57
N ASN B 357 -3.56 -22.98 10.44
CA ASN B 357 -4.65 -22.82 11.40
C ASN B 357 -5.49 -24.10 11.51
N LYS B 358 -5.89 -24.71 10.39
CA LYS B 358 -6.56 -26.02 10.37
C LYS B 358 -5.72 -27.10 11.04
N PHE B 359 -4.42 -27.16 10.76
CA PHE B 359 -3.54 -28.17 11.36
C PHE B 359 -3.44 -28.04 12.88
N HIS B 360 -3.40 -26.83 13.40
CA HIS B 360 -3.36 -26.59 14.83
C HIS B 360 -4.73 -26.77 15.49
N ASP B 361 -5.81 -26.20 14.95
CA ASP B 361 -7.14 -26.36 15.56
C ASP B 361 -7.55 -27.82 15.67
N SER B 362 -7.30 -28.62 14.64
CA SER B 362 -7.66 -30.03 14.66
C SER B 362 -6.83 -30.82 15.67
N TRP B 363 -5.50 -30.66 15.71
CA TRP B 363 -4.66 -31.31 16.72
C TRP B 363 -4.90 -30.76 18.13
N ASN B 364 -5.27 -29.50 18.27
CA ASN B 364 -5.69 -28.90 19.53
C ASN B 364 -6.95 -29.62 20.03
N LYS B 365 -8.01 -29.71 19.23
CA LYS B 365 -9.25 -30.43 19.60
C LYS B 365 -8.97 -31.88 19.96
N LEU B 366 -8.19 -32.58 19.16
CA LEU B 366 -7.80 -33.96 19.46
C LEU B 366 -7.01 -34.09 20.78
N SER B 367 -6.04 -33.20 21.02
CA SER B 367 -5.25 -33.21 22.26
C SER B 367 -6.07 -32.84 23.50
N SER B 368 -7.07 -31.99 23.35
CA SER B 368 -7.98 -31.58 24.43
C SER B 368 -8.97 -32.68 24.84
N ALA B 369 -9.24 -33.65 23.98
CA ALA B 369 -10.27 -34.65 24.22
C ALA B 369 -9.94 -35.63 25.34
N ASP B 370 -10.90 -35.87 26.23
CA ASP B 370 -10.84 -36.87 27.28
C ASP B 370 -11.01 -38.30 26.75
N GLY B 371 -11.54 -38.47 25.54
CA GLY B 371 -11.72 -39.74 24.85
C GLY B 371 -11.86 -39.54 23.34
N ILE B 372 -11.63 -40.57 22.54
CA ILE B 372 -11.51 -40.46 21.07
C ILE B 372 -12.37 -41.52 20.38
N LEU B 373 -13.02 -41.14 19.30
CA LEU B 373 -13.91 -41.99 18.53
C LEU B 373 -13.63 -41.88 17.03
N VAL B 374 -13.36 -43.02 16.38
CA VAL B 374 -13.32 -43.11 14.91
C VAL B 374 -14.65 -43.69 14.43
N PRO B 375 -15.54 -42.88 13.83
CA PRO B 375 -16.99 -43.10 13.87
C PRO B 375 -17.57 -43.86 12.67
N GLY B 376 -16.87 -44.85 12.12
CA GLY B 376 -17.38 -45.60 10.97
C GLY B 376 -17.63 -44.73 9.75
N GLY B 377 -16.59 -44.04 9.27
CA GLY B 377 -16.66 -43.22 8.06
C GLY B 377 -17.02 -43.98 6.79
N PHE B 378 -17.08 -43.23 5.70
CA PHE B 378 -17.51 -43.64 4.37
C PHE B 378 -16.60 -42.99 3.33
N GLY B 379 -16.38 -43.67 2.22
CA GLY B 379 -15.26 -43.35 1.32
C GLY B 379 -13.90 -43.64 1.98
N THR B 380 -12.83 -43.00 1.49
CA THR B 380 -11.46 -43.22 2.00
C THR B 380 -10.62 -41.94 2.15
N ARG B 381 -11.07 -40.76 1.71
CA ARG B 381 -10.17 -39.63 1.45
C ARG B 381 -9.61 -38.93 2.69
N GLY B 382 -10.20 -39.13 3.88
CA GLY B 382 -9.67 -38.68 5.18
C GLY B 382 -8.85 -39.69 5.98
N ILE B 383 -8.47 -40.85 5.42
CA ILE B 383 -8.01 -41.99 6.23
C ILE B 383 -6.72 -41.72 6.97
N GLU B 384 -5.76 -40.98 6.43
CA GLU B 384 -4.51 -40.71 7.14
C GLU B 384 -4.70 -39.91 8.43
N GLY B 385 -5.65 -38.99 8.48
CA GLY B 385 -5.98 -38.33 9.74
C GLY B 385 -6.55 -39.29 10.79
N MET B 386 -7.40 -40.21 10.36
CA MET B 386 -7.96 -41.22 11.26
C MET B 386 -6.89 -42.21 11.74
N ILE B 387 -5.83 -42.46 10.97
CA ILE B 387 -4.69 -43.25 11.42
C ILE B 387 -3.86 -42.49 12.46
N LEU B 388 -3.55 -41.21 12.24
CA LEU B 388 -2.82 -40.39 13.21
C LEU B 388 -3.58 -40.28 14.54
N ALA B 389 -4.89 -40.07 14.53
CA ALA B 389 -5.65 -40.09 15.76
C ALA B 389 -5.61 -41.46 16.46
N ALA B 390 -5.55 -42.57 15.72
CA ALA B 390 -5.37 -43.89 16.32
C ALA B 390 -3.95 -44.09 16.89
N LYS B 391 -2.91 -43.50 16.29
CA LYS B 391 -1.54 -43.53 16.81
C LYS B 391 -1.49 -42.77 18.13
N TRP B 392 -2.03 -41.55 18.12
CA TRP B 392 -2.17 -40.73 19.29
C TRP B 392 -2.92 -41.47 20.41
N ALA B 393 -4.07 -42.07 20.12
CA ALA B 393 -4.86 -42.74 21.14
C ALA B 393 -4.18 -43.95 21.77
N ARG B 394 -3.37 -44.69 20.99
CA ARG B 394 -2.58 -45.83 21.48
C ARG B 394 -1.40 -45.38 22.34
N GLU B 395 -0.59 -44.45 21.85
CA GLU B 395 0.64 -44.04 22.54
C GLU B 395 0.38 -43.09 23.71
N SER B 396 -0.53 -42.12 23.57
CA SER B 396 -0.88 -41.21 24.65
C SER B 396 -1.90 -41.78 25.63
N GLY B 397 -2.23 -43.07 25.57
CA GLY B 397 -3.13 -43.72 26.54
C GLY B 397 -4.59 -43.23 26.60
N VAL B 398 -5.02 -42.30 25.76
CA VAL B 398 -6.38 -41.72 25.76
C VAL B 398 -7.43 -42.79 25.42
N PRO B 399 -8.62 -42.85 26.05
CA PRO B 399 -9.65 -43.82 25.71
C PRO B 399 -10.09 -43.75 24.25
N PHE B 400 -10.30 -44.91 23.61
CA PHE B 400 -10.53 -45.00 22.18
C PHE B 400 -11.63 -46.00 21.80
N LEU B 401 -12.53 -45.62 20.90
CA LEU B 401 -13.42 -46.57 20.24
C LEU B 401 -13.35 -46.40 18.72
N GLY B 402 -13.03 -47.46 18.01
CA GLY B 402 -13.15 -47.52 16.56
C GLY B 402 -14.40 -48.27 16.14
N VAL B 403 -15.33 -47.62 15.45
CA VAL B 403 -16.54 -48.24 14.90
C VAL B 403 -16.33 -48.54 13.43
N CYS B 404 -16.62 -49.76 12.97
CA CYS B 404 -16.53 -50.18 11.57
C CYS B 404 -15.18 -49.82 10.92
N LEU B 405 -15.09 -48.82 10.03
CA LEU B 405 -13.82 -48.26 9.52
C LEU B 405 -12.83 -47.95 10.64
N GLY B 406 -13.31 -47.54 11.81
CA GLY B 406 -12.51 -47.30 13.01
C GLY B 406 -11.73 -48.52 13.48
N LEU B 407 -12.32 -49.71 13.51
CA LEU B 407 -11.56 -50.92 13.78
C LEU B 407 -10.48 -51.11 12.70
N GLN B 408 -10.80 -50.78 11.46
CA GLN B 408 -9.92 -51.06 10.33
C GLN B 408 -8.73 -50.12 10.28
N VAL B 409 -8.90 -48.81 10.48
CA VAL B 409 -7.76 -47.92 10.67
C VAL B 409 -6.97 -48.26 11.91
N ALA B 410 -7.58 -48.78 12.98
CA ALA B 410 -6.80 -49.23 14.12
C ALA B 410 -5.87 -50.40 13.75
N ALA B 411 -6.31 -51.36 12.95
CA ALA B 411 -5.42 -52.42 12.47
C ALA B 411 -4.32 -51.90 11.55
N ILE B 412 -4.65 -50.94 10.69
CA ILE B 412 -3.68 -50.30 9.80
C ILE B 412 -2.64 -49.50 10.59
N GLU B 413 -3.07 -48.71 11.57
CA GLU B 413 -2.20 -48.00 12.49
C GLU B 413 -1.27 -48.98 13.22
N PHE B 414 -1.82 -50.00 13.85
CA PHE B 414 -1.03 -50.97 14.58
C PHE B 414 -0.03 -51.70 13.67
N ALA B 415 -0.40 -52.02 12.43
CA ALA B 415 0.51 -52.62 11.48
C ALA B 415 1.68 -51.68 11.14
N ARG B 416 1.39 -50.42 10.78
CA ARG B 416 2.40 -49.43 10.42
C ARG B 416 3.29 -49.02 11.58
N ASN B 417 2.76 -48.95 12.80
CA ASN B 417 3.41 -48.29 13.93
C ASN B 417 3.78 -49.19 15.11
N VAL B 418 3.39 -50.46 15.14
CA VAL B 418 3.81 -51.43 16.17
C VAL B 418 4.40 -52.69 15.55
N ILE B 419 3.78 -53.23 14.51
CA ILE B 419 4.31 -54.40 13.77
C ILE B 419 5.43 -53.98 12.82
N GLY B 420 5.45 -52.74 12.35
CA GLY B 420 6.57 -52.16 11.60
C GLY B 420 6.54 -52.42 10.09
N ARG B 421 5.36 -52.39 9.46
CA ARG B 421 5.19 -52.48 7.99
C ARG B 421 4.66 -51.15 7.44
N PRO B 422 5.49 -50.14 7.14
CA PRO B 422 4.99 -48.78 6.83
C PRO B 422 4.25 -48.67 5.51
N ASN B 423 4.43 -49.63 4.62
CA ASN B 423 3.70 -49.80 3.37
C ASN B 423 2.35 -50.51 3.53
N SER B 424 2.01 -51.06 4.70
CA SER B 424 0.71 -51.73 4.89
C SER B 424 -0.46 -50.77 4.70
N SER B 425 -1.56 -51.29 4.14
CA SER B 425 -2.52 -50.46 3.44
C SER B 425 -3.95 -50.92 3.62
N SER B 426 -4.88 -49.97 3.52
CA SER B 426 -6.28 -50.23 3.30
C SER B 426 -6.50 -50.74 1.89
N THR B 427 -6.79 -52.02 1.75
CA THR B 427 -7.21 -52.66 0.48
C THR B 427 -8.54 -52.09 -0.04
N GLU B 428 -9.32 -51.48 0.87
CA GLU B 428 -10.46 -50.60 0.60
C GLU B 428 -10.10 -49.37 -0.24
N PHE B 429 -8.83 -48.96 -0.30
CA PHE B 429 -8.35 -47.78 -1.01
C PHE B 429 -7.29 -48.16 -2.07
N LEU B 430 -6.14 -48.67 -1.65
CA LEU B 430 -4.93 -48.84 -2.46
C LEU B 430 -4.89 -50.22 -3.16
N ASP B 431 -5.93 -50.52 -3.93
CA ASP B 431 -6.24 -51.87 -4.41
C ASP B 431 -5.35 -52.36 -5.56
N GLU B 432 -5.38 -51.69 -6.72
CA GLU B 432 -4.68 -52.13 -7.94
C GLU B 432 -3.14 -51.99 -7.89
N THR B 433 -2.59 -51.60 -6.74
CA THR B 433 -1.16 -51.77 -6.45
C THR B 433 -0.78 -53.25 -6.25
N LEU B 434 -1.73 -54.09 -5.80
CA LEU B 434 -1.56 -55.53 -5.56
C LEU B 434 -0.45 -55.90 -4.54
N LEU B 435 -0.15 -55.02 -3.57
CA LEU B 435 0.87 -55.25 -2.55
C LEU B 435 0.55 -56.42 -1.60
N ALA B 436 1.56 -57.05 -1.02
CA ALA B 436 1.41 -58.15 -0.06
C ALA B 436 0.92 -57.76 1.36
N PRO B 437 1.27 -56.59 1.96
CA PRO B 437 0.79 -56.22 3.30
C PRO B 437 -0.61 -55.59 3.27
N GLU B 438 -1.61 -56.38 2.94
CA GLU B 438 -3.03 -55.97 2.88
C GLU B 438 -3.69 -56.14 4.25
N ASP B 439 -4.04 -55.05 4.92
CA ASP B 439 -4.71 -55.13 6.22
C ASP B 439 -6.18 -55.50 6.14
N GLN B 440 -6.77 -55.50 4.95
CA GLN B 440 -8.18 -55.79 4.71
C GLN B 440 -8.37 -56.69 3.49
N VAL B 441 -9.54 -57.27 3.33
CA VAL B 441 -9.98 -57.87 2.05
C VAL B 441 -11.47 -57.62 1.81
N VAL B 442 -11.92 -57.52 0.56
CA VAL B 442 -13.35 -57.62 0.22
C VAL B 442 -13.84 -59.03 0.52
N ILE B 443 -14.96 -59.17 1.22
CA ILE B 443 -15.60 -60.48 1.47
C ILE B 443 -17.07 -60.45 1.07
N THR B 444 -19.88 -59.41 -1.42
CA THR B 444 -20.11 -58.08 -2.00
C THR B 444 -20.84 -57.13 -1.04
N MET B 445 -21.49 -57.67 0.01
CA MET B 445 -22.05 -56.95 1.17
C MET B 445 -22.37 -57.90 2.34
N ARG B 446 -22.60 -57.33 3.52
CA ARG B 446 -23.01 -58.01 4.78
C ARG B 446 -23.70 -56.99 5.67
N LEU B 447 -25.00 -57.20 5.92
CA LEU B 447 -25.89 -56.22 6.54
C LEU B 447 -26.80 -56.85 7.59
N GLY B 448 -27.34 -56.01 8.49
CA GLY B 448 -28.37 -56.41 9.45
C GLY B 448 -27.85 -56.90 10.79
N LEU B 449 -28.73 -57.37 11.66
CA LEU B 449 -28.34 -57.92 12.96
C LEU B 449 -27.69 -59.28 12.81
N ARG B 450 -26.45 -59.45 13.30
CA ARG B 450 -25.66 -60.68 13.17
C ARG B 450 -25.10 -61.14 14.54
N PRO B 451 -24.77 -62.43 14.71
CA PRO B 451 -24.25 -62.96 15.97
C PRO B 451 -22.72 -62.85 16.06
N THR B 452 -22.22 -62.19 17.09
CA THR B 452 -20.78 -62.11 17.41
C THR B 452 -20.50 -62.99 18.63
N ILE B 453 -19.57 -63.93 18.52
CA ILE B 453 -19.20 -64.87 19.58
C ILE B 453 -17.85 -64.44 20.17
N PHE B 454 -17.71 -64.38 21.50
CA PHE B 454 -16.41 -64.07 22.10
C PHE B 454 -15.41 -65.27 22.02
N GLN B 455 -14.17 -64.99 21.61
CA GLN B 455 -13.04 -65.94 21.55
C GLN B 455 -12.66 -66.42 22.97
N PRO B 456 -12.09 -67.62 23.19
CA PRO B 456 -12.18 -68.30 24.49
C PRO B 456 -11.50 -67.61 25.69
N ASN B 457 -10.31 -67.05 25.50
CA ASN B 457 -9.50 -66.51 26.60
C ASN B 457 -9.98 -65.12 27.11
N SER B 458 -11.07 -64.60 26.54
CA SER B 458 -11.47 -63.18 26.57
C SER B 458 -11.84 -62.59 27.92
N GLU B 459 -11.80 -63.36 28.99
CA GLU B 459 -12.32 -63.01 30.32
C GLU B 459 -11.86 -61.64 30.84
N TRP B 460 -10.60 -61.27 30.60
CA TRP B 460 -9.99 -60.01 31.07
C TRP B 460 -10.44 -58.76 30.31
N SER B 461 -11.09 -58.90 29.16
CA SER B 461 -11.36 -57.80 28.24
C SER B 461 -12.44 -56.88 28.79
N ASN B 462 -12.15 -55.59 28.95
CA ASN B 462 -13.13 -54.62 29.43
C ASN B 462 -14.39 -54.61 28.56
N ILE B 463 -14.26 -54.79 27.25
CA ILE B 463 -15.41 -54.87 26.36
C ILE B 463 -16.31 -56.05 26.71
N ARG B 464 -15.73 -57.20 27.10
CA ARG B 464 -16.52 -58.36 27.54
C ARG B 464 -17.16 -58.14 28.92
N LYS B 465 -16.52 -57.40 29.82
CA LYS B 465 -17.17 -56.93 31.07
C LYS B 465 -18.36 -56.01 30.79
N LEU B 466 -18.26 -55.12 29.79
CA LEU B 466 -19.34 -54.20 29.42
C LEU B 466 -20.55 -54.92 28.79
N TYR B 467 -20.32 -55.97 28.01
CA TYR B 467 -21.38 -56.87 27.53
C TYR B 467 -21.88 -57.87 28.59
N GLY B 468 -21.62 -57.65 29.88
CA GLY B 468 -22.12 -58.51 30.96
C GLY B 468 -21.47 -59.91 31.02
N GLU B 469 -20.34 -60.10 30.33
CA GLU B 469 -19.62 -61.36 30.13
C GLU B 469 -20.38 -62.49 29.40
N VAL B 470 -21.58 -62.20 28.87
CA VAL B 470 -22.41 -63.08 28.02
C VAL B 470 -21.62 -63.55 26.79
N ASN B 471 -21.70 -64.82 26.41
CA ASN B 471 -20.81 -65.41 25.39
C ASN B 471 -21.06 -64.94 23.94
N GLU B 472 -22.27 -64.47 23.64
CA GLU B 472 -22.66 -63.97 22.32
C GLU B 472 -23.36 -62.61 22.39
N VAL B 473 -23.08 -61.77 21.41
CA VAL B 473 -23.55 -60.40 21.27
C VAL B 473 -24.30 -60.26 19.96
N HIS B 474 -25.50 -59.69 19.98
CA HIS B 474 -26.31 -59.46 18.76
C HIS B 474 -26.39 -57.97 18.46
N GLU B 475 -25.79 -57.54 17.34
CA GLU B 475 -25.58 -56.13 16.99
C GLU B 475 -25.66 -55.96 15.46
N ARG B 476 -25.84 -54.74 14.96
CA ARG B 476 -26.13 -54.50 13.53
C ARG B 476 -24.87 -54.17 12.73
N HIS B 477 -24.71 -54.75 11.55
CA HIS B 477 -23.50 -54.69 10.73
C HIS B 477 -23.69 -53.93 9.43
N ARG B 478 -22.62 -53.32 8.94
CA ARG B 478 -22.38 -52.94 7.54
C ARG B 478 -20.89 -53.00 7.28
N HIS B 479 -20.44 -53.83 6.34
CA HIS B 479 -19.07 -53.77 5.82
C HIS B 479 -18.86 -54.59 4.54
N ARG B 480 -18.34 -54.00 3.48
CA ARG B 480 -17.81 -54.80 2.35
C ARG B 480 -16.46 -55.43 2.66
N TYR B 481 -15.56 -54.62 3.22
CA TYR B 481 -14.17 -54.94 3.51
C TYR B 481 -14.01 -55.33 4.98
N GLU B 482 -13.26 -56.37 5.29
CA GLU B 482 -13.02 -56.83 6.66
C GLU B 482 -11.52 -57.07 6.88
N ILE B 483 -11.05 -57.13 8.13
CA ILE B 483 -9.63 -57.36 8.39
C ILE B 483 -9.15 -58.63 7.69
N ASN B 484 -8.02 -58.57 7.00
CA ASN B 484 -7.39 -59.73 6.40
C ASN B 484 -7.05 -60.75 7.49
N PRO B 485 -7.70 -61.92 7.56
CA PRO B 485 -7.55 -62.82 8.69
C PRO B 485 -6.16 -63.44 8.77
N LYS B 486 -5.30 -63.31 7.74
CA LYS B 486 -3.92 -63.83 7.76
C LYS B 486 -2.91 -62.95 8.51
N ILE B 487 -3.31 -61.77 9.01
CA ILE B 487 -2.51 -60.95 9.94
C ILE B 487 -2.83 -61.23 11.42
N VAL B 488 -4.00 -61.78 11.74
CA VAL B 488 -4.54 -61.95 13.09
C VAL B 488 -3.59 -62.70 14.01
N ASN B 489 -2.92 -63.76 13.56
CA ASN B 489 -1.99 -64.51 14.41
C ASN B 489 -0.76 -63.67 14.85
N ASP B 490 -0.41 -62.63 14.10
CA ASP B 490 0.62 -61.69 14.47
C ASP B 490 0.09 -60.71 15.53
N MET B 491 -1.04 -60.07 15.26
CA MET B 491 -1.68 -59.16 16.21
C MET B 491 -2.03 -59.83 17.55
N GLU B 492 -2.56 -61.05 17.51
CA GLU B 492 -2.79 -61.88 18.68
C GLU B 492 -1.50 -62.13 19.48
N SER B 493 -0.33 -62.16 18.84
CA SER B 493 0.93 -62.32 19.56
C SER B 493 1.44 -61.00 20.17
N ARG B 494 1.14 -59.86 19.52
CA ARG B 494 1.63 -58.52 19.90
C ARG B 494 0.72 -57.78 20.90
N GLY B 495 -0.30 -58.44 21.45
CA GLY B 495 -1.21 -57.87 22.46
C GLY B 495 -2.48 -57.20 21.90
N PHE B 496 -2.68 -57.18 20.58
CA PHE B 496 -3.91 -56.77 19.91
C PHE B 496 -4.81 -58.00 19.72
N ILE B 497 -5.65 -58.29 20.72
CA ILE B 497 -6.33 -59.58 20.84
C ILE B 497 -7.77 -59.46 20.35
N PHE B 498 -8.16 -60.33 19.44
CA PHE B 498 -9.49 -60.29 18.84
C PHE B 498 -10.53 -60.95 19.75
N VAL B 499 -11.05 -60.15 20.69
CA VAL B 499 -12.02 -60.56 21.69
C VAL B 499 -13.23 -61.28 21.09
N GLY B 500 -13.69 -60.92 19.90
CA GLY B 500 -14.92 -61.45 19.30
C GLY B 500 -14.84 -61.66 17.79
N LYS B 501 -15.52 -62.71 17.32
CA LYS B 501 -15.48 -63.20 15.94
C LYS B 501 -16.87 -63.68 15.49
N ASP B 502 -17.04 -63.78 14.17
CA ASP B 502 -18.19 -64.43 13.55
C ASP B 502 -18.26 -65.93 13.93
N GLU B 503 -19.46 -66.52 13.94
CA GLU B 503 -19.69 -67.93 14.25
C GLU B 503 -18.86 -68.95 13.45
N THR B 504 -18.37 -68.63 12.24
CA THR B 504 -17.45 -69.50 11.48
C THR B 504 -16.00 -69.44 11.98
N GLY B 505 -15.66 -68.46 12.82
CA GLY B 505 -14.31 -68.13 13.31
C GLY B 505 -13.44 -67.33 12.34
N GLN B 506 -13.82 -67.27 11.06
CA GLN B 506 -12.94 -66.76 9.99
C GLN B 506 -12.93 -65.23 9.86
N ARG B 507 -13.88 -64.54 10.50
CA ARG B 507 -14.10 -63.09 10.40
C ARG B 507 -13.96 -62.43 11.77
N CYS B 508 -13.25 -61.33 11.85
CA CYS B 508 -12.91 -60.66 13.10
C CYS B 508 -13.76 -59.41 13.34
N GLU B 509 -14.35 -59.31 14.52
CA GLU B 509 -15.48 -58.40 14.76
C GLU B 509 -15.28 -57.48 15.96
N ILE B 510 -14.51 -57.88 16.97
CA ILE B 510 -14.09 -57.01 18.07
C ILE B 510 -12.62 -57.24 18.36
N PHE B 511 -11.87 -56.20 18.68
CA PHE B 511 -10.58 -56.33 19.38
C PHE B 511 -10.51 -55.40 20.58
N GLU B 512 -9.68 -55.75 21.55
CA GLU B 512 -9.26 -54.87 22.65
C GLU B 512 -7.74 -54.99 22.78
N LEU B 513 -7.05 -53.87 22.89
CA LEU B 513 -5.60 -53.85 23.06
C LEU B 513 -5.24 -54.10 24.54
N LYS B 514 -4.39 -55.10 24.81
CA LYS B 514 -3.89 -55.38 26.17
C LYS B 514 -3.11 -54.19 26.74
N GLY B 515 -3.26 -53.91 28.03
CA GLY B 515 -2.43 -52.92 28.73
C GLY B 515 -2.69 -51.46 28.37
N HIS B 516 -3.93 -51.10 28.01
CA HIS B 516 -4.39 -49.71 27.82
C HIS B 516 -5.71 -49.50 28.59
N PRO B 517 -5.98 -48.34 29.20
CA PRO B 517 -7.20 -48.10 29.99
C PRO B 517 -8.52 -48.45 29.31
N TYR B 518 -8.68 -48.16 28.01
CA TYR B 518 -9.82 -48.56 27.18
C TYR B 518 -9.52 -48.27 25.70
N TYR B 519 -9.22 -49.29 24.90
CA TYR B 519 -8.91 -49.12 23.49
C TYR B 519 -9.51 -50.29 22.71
N VAL B 520 -10.60 -50.01 22.00
CA VAL B 520 -11.52 -51.02 21.43
C VAL B 520 -11.74 -50.77 19.96
N GLY B 521 -11.72 -51.80 19.11
CA GLY B 521 -12.38 -51.73 17.80
C GLY B 521 -13.62 -52.63 17.76
N THR B 522 -14.73 -52.16 17.20
CA THR B 522 -15.92 -52.97 16.88
C THR B 522 -16.24 -52.82 15.40
N GLN B 523 -16.29 -53.90 14.63
CA GLN B 523 -16.52 -53.82 13.18
C GLN B 523 -18.00 -53.80 12.80
N TYR B 524 -18.87 -54.28 13.67
CA TYR B 524 -20.27 -53.88 13.64
C TYR B 524 -20.42 -52.41 14.07
N HIS B 525 -21.60 -51.86 13.87
CA HIS B 525 -21.98 -50.52 14.27
C HIS B 525 -22.69 -50.56 15.62
N PRO B 526 -22.06 -50.17 16.73
CA PRO B 526 -22.77 -50.17 17.99
C PRO B 526 -23.76 -49.02 18.15
N GLU B 527 -23.78 -48.03 17.27
CA GLU B 527 -24.63 -46.86 17.44
C GLU B 527 -26.10 -47.23 17.46
N TYR B 528 -26.55 -48.04 16.48
CA TYR B 528 -27.97 -48.14 16.12
C TYR B 528 -28.83 -48.85 17.17
N THR B 529 -28.23 -49.71 17.98
CA THR B 529 -28.90 -50.50 19.02
C THR B 529 -29.04 -49.80 20.35
N SER B 530 -28.39 -48.66 20.56
CA SER B 530 -28.54 -47.87 21.79
C SER B 530 -29.99 -47.39 21.96
N LYS B 531 -30.53 -47.50 23.17
CA LYS B 531 -31.83 -46.91 23.56
C LYS B 531 -31.61 -45.85 24.63
N VAL B 532 -32.51 -44.89 24.78
CA VAL B 532 -32.37 -43.78 25.74
C VAL B 532 -32.22 -44.22 27.20
N LEU B 533 -32.57 -45.46 27.54
CA LEU B 533 -32.41 -46.04 28.87
C LEU B 533 -31.48 -47.27 28.88
N GLU B 534 -30.77 -47.52 27.79
CA GLU B 534 -29.88 -48.69 27.59
C GLU B 534 -28.82 -48.29 26.55
N PRO B 535 -27.80 -47.53 26.95
CA PRO B 535 -26.77 -47.06 26.04
C PRO B 535 -25.92 -48.20 25.53
N SER B 536 -25.45 -48.10 24.30
CA SER B 536 -24.75 -49.19 23.63
C SER B 536 -23.45 -49.50 24.35
N ARG B 537 -23.19 -50.75 24.71
CA ARG B 537 -22.11 -51.08 25.65
C ARG B 537 -20.72 -50.55 25.28
N PRO B 538 -20.26 -50.54 24.02
CA PRO B 538 -18.97 -49.97 23.68
C PRO B 538 -18.94 -48.45 23.89
N PHE B 539 -20.05 -47.77 23.61
CA PHE B 539 -20.19 -46.31 23.80
C PHE B 539 -20.33 -45.93 25.27
N TRP B 540 -20.99 -46.76 26.08
CA TRP B 540 -21.00 -46.61 27.53
C TRP B 540 -19.60 -46.82 28.08
N GLY B 541 -18.85 -47.79 27.55
CA GLY B 541 -17.42 -47.95 27.85
C GLY B 541 -16.59 -46.70 27.57
N LEU B 542 -16.69 -46.13 26.37
CA LEU B 542 -15.92 -44.93 26.01
C LEU B 542 -16.23 -43.75 26.92
N VAL B 543 -17.50 -43.38 27.08
CA VAL B 543 -17.85 -42.22 27.90
C VAL B 543 -17.62 -42.46 29.37
N ALA B 544 -17.62 -43.71 29.84
CA ALA B 544 -17.19 -44.03 31.19
C ALA B 544 -15.68 -43.87 31.34
N ALA B 545 -14.84 -44.48 30.48
CA ALA B 545 -13.39 -44.35 30.55
C ALA B 545 -12.94 -42.88 30.52
N ALA B 546 -13.51 -42.10 29.61
CA ALA B 546 -13.24 -40.67 29.52
C ALA B 546 -13.70 -39.86 30.75
N SER B 547 -14.78 -40.27 31.43
CA SER B 547 -15.24 -39.64 32.68
C SER B 547 -14.42 -40.04 33.90
N GLY B 548 -13.57 -41.07 33.79
CA GLY B 548 -13.17 -41.88 34.92
C GLY B 548 -14.32 -42.75 35.44
N THR B 549 -14.04 -43.61 36.41
CA THR B 549 -15.02 -44.54 37.01
C THR B 549 -15.55 -45.61 36.03
N LEU B 550 -14.72 -46.07 35.10
CA LEU B 550 -15.01 -47.24 34.25
C LEU B 550 -15.29 -48.50 35.08
N GLY B 551 -14.56 -48.70 36.18
CA GLY B 551 -14.82 -49.76 37.13
C GLY B 551 -16.21 -49.68 37.77
N GLU B 552 -16.66 -48.50 38.20
CA GLU B 552 -17.98 -48.31 38.82
C GLU B 552 -19.14 -48.57 37.84
N VAL B 553 -18.97 -48.23 36.57
CA VAL B 553 -19.91 -48.64 35.51
C VAL B 553 -19.94 -50.15 35.34
N ILE B 554 -18.79 -50.83 35.36
CA ILE B 554 -18.74 -52.29 35.29
C ILE B 554 -19.49 -52.95 36.46
N LYS B 555 -19.55 -52.35 37.67
CA LYS B 555 -20.47 -52.84 38.72
C LYS B 555 -21.94 -52.56 38.40
N ASP B 556 -22.27 -51.37 37.92
CA ASP B 556 -23.66 -51.03 37.62
C ASP B 556 -24.27 -51.99 36.58
N ILE B 557 -23.46 -52.43 35.62
CA ILE B 557 -23.85 -53.46 34.64
C ILE B 557 -24.02 -54.83 35.30
N ASN B 558 -23.00 -55.33 35.99
CA ASN B 558 -22.95 -56.74 36.38
C ASN B 558 -23.74 -57.07 37.66
N LEU B 559 -24.10 -56.10 38.49
CA LEU B 559 -25.01 -56.28 39.62
C LEU B 559 -26.45 -56.50 39.13
N MET C 1 -40.58 -26.32 -32.45
CA MET C 1 -41.61 -27.15 -31.81
C MET C 1 -42.70 -26.28 -31.21
N LYS C 2 -43.95 -26.75 -31.20
CA LYS C 2 -45.11 -26.12 -30.57
C LYS C 2 -45.92 -27.18 -29.83
N TYR C 3 -46.63 -26.84 -28.74
CA TYR C 3 -47.52 -27.75 -28.02
C TYR C 3 -48.90 -27.13 -27.86
N VAL C 4 -49.94 -27.93 -27.99
CA VAL C 4 -51.29 -27.59 -27.53
C VAL C 4 -51.74 -28.65 -26.55
N VAL C 5 -52.00 -28.31 -25.31
CA VAL C 5 -52.42 -29.29 -24.31
C VAL C 5 -53.93 -29.19 -24.19
N VAL C 6 -54.65 -30.31 -24.32
CA VAL C 6 -56.10 -30.41 -24.17
C VAL C 6 -56.39 -31.10 -22.84
N SER C 7 -57.23 -30.48 -22.01
CA SER C 7 -57.15 -30.63 -20.55
C SER C 7 -58.46 -30.27 -19.88
N GLY C 8 -58.54 -30.48 -18.57
CA GLY C 8 -59.50 -29.76 -17.75
C GLY C 8 -60.59 -30.64 -17.17
N GLY C 9 -61.83 -30.20 -17.33
CA GLY C 9 -63.02 -30.93 -16.92
C GLY C 9 -63.37 -30.75 -15.45
N VAL C 10 -64.64 -30.42 -15.18
CA VAL C 10 -65.29 -30.66 -13.89
C VAL C 10 -65.50 -32.15 -13.63
N ILE C 11 -65.76 -32.93 -14.68
CA ILE C 11 -66.01 -34.37 -14.67
C ILE C 11 -65.14 -35.08 -15.72
N SER C 12 -64.71 -36.30 -15.44
CA SER C 12 -63.79 -37.04 -16.31
C SER C 12 -64.44 -37.68 -17.54
N GLY C 13 -65.76 -37.91 -17.53
CA GLY C 13 -66.51 -38.47 -18.68
C GLY C 13 -66.87 -37.45 -19.78
N ILE C 14 -66.32 -36.23 -19.71
CA ILE C 14 -66.77 -35.08 -20.51
C ILE C 14 -66.46 -35.12 -22.01
N GLY C 15 -65.59 -36.03 -22.47
CA GLY C 15 -65.25 -36.16 -23.89
C GLY C 15 -64.24 -35.12 -24.38
N LYS C 16 -63.02 -35.18 -23.84
CA LYS C 16 -61.85 -34.42 -24.33
C LYS C 16 -61.26 -35.01 -25.58
N GLY C 17 -61.37 -36.33 -25.79
CA GLY C 17 -60.69 -37.06 -26.85
C GLY C 17 -61.07 -36.64 -28.26
N VAL C 18 -62.32 -36.21 -28.49
CA VAL C 18 -62.70 -35.60 -29.77
C VAL C 18 -62.05 -34.24 -29.92
N LEU C 19 -62.08 -33.35 -28.93
CA LEU C 19 -61.45 -32.05 -29.06
C LEU C 19 -59.94 -32.15 -29.30
N ALA C 20 -59.25 -33.11 -28.69
CA ALA C 20 -57.85 -33.40 -29.04
C ALA C 20 -57.72 -33.91 -30.50
N SER C 21 -58.39 -35.00 -30.86
CA SER C 21 -58.31 -35.62 -32.19
C SER C 21 -58.80 -34.74 -33.33
N SER C 22 -59.50 -33.65 -33.02
CA SER C 22 -60.15 -32.68 -33.88
C SER C 22 -59.45 -31.34 -33.86
N THR C 23 -58.63 -31.02 -32.85
CA THR C 23 -57.80 -29.83 -32.86
C THR C 23 -56.60 -30.12 -33.71
N GLY C 24 -56.06 -31.32 -33.59
CA GLY C 24 -54.92 -31.75 -34.33
C GLY C 24 -55.19 -31.93 -35.77
N MET C 25 -56.42 -32.26 -36.11
CA MET C 25 -56.89 -32.37 -37.48
C MET C 25 -56.97 -30.98 -38.10
N LEU C 26 -57.56 -30.00 -37.41
CA LEU C 26 -57.57 -28.65 -37.91
C LEU C 26 -56.17 -28.11 -38.13
N LEU C 27 -55.23 -28.32 -37.22
CA LEU C 27 -53.84 -27.90 -37.47
C LEU C 27 -53.20 -28.64 -38.65
N LYS C 28 -53.55 -29.89 -38.93
CA LYS C 28 -53.03 -30.60 -40.11
C LYS C 28 -53.54 -30.00 -41.43
N THR C 29 -54.67 -29.31 -41.42
CA THR C 29 -55.12 -28.56 -42.60
C THR C 29 -54.28 -27.33 -42.92
N LEU C 30 -53.50 -26.77 -41.98
CA LEU C 30 -52.45 -25.78 -42.30
C LEU C 30 -51.22 -26.43 -42.96
N GLY C 31 -51.16 -27.76 -43.04
CA GLY C 31 -50.06 -28.51 -43.63
C GLY C 31 -48.97 -28.89 -42.63
N LEU C 32 -49.09 -28.48 -41.38
CA LEU C 32 -48.15 -28.80 -40.30
C LEU C 32 -48.00 -30.31 -40.06
N LYS C 33 -46.80 -30.82 -39.82
CA LYS C 33 -46.59 -32.23 -39.47
C LYS C 33 -47.01 -32.50 -38.02
N VAL C 34 -48.30 -32.63 -37.77
CA VAL C 34 -48.82 -32.72 -36.39
C VAL C 34 -48.58 -34.10 -35.76
N THR C 35 -48.32 -34.16 -34.45
CA THR C 35 -48.26 -35.38 -33.66
C THR C 35 -49.13 -35.24 -32.41
N SER C 36 -49.29 -36.29 -31.63
CA SER C 36 -50.11 -36.27 -30.42
C SER C 36 -49.58 -37.20 -29.34
N ILE C 37 -49.84 -36.86 -28.09
CA ILE C 37 -49.44 -37.61 -26.90
C ILE C 37 -50.68 -37.79 -26.04
N LYS C 38 -50.93 -38.98 -25.52
CA LYS C 38 -51.98 -39.24 -24.55
C LYS C 38 -51.32 -39.32 -23.20
N ILE C 39 -51.86 -38.65 -22.17
CA ILE C 39 -51.51 -38.89 -20.78
C ILE C 39 -52.70 -39.66 -20.19
N ASP C 40 -52.45 -40.81 -19.58
CA ASP C 40 -53.43 -41.58 -18.82
C ASP C 40 -53.00 -41.72 -17.36
N PRO C 41 -53.75 -41.12 -16.42
CA PRO C 41 -53.44 -41.20 -15.00
C PRO C 41 -53.51 -42.59 -14.35
N TYR C 42 -54.00 -43.62 -15.02
CA TYR C 42 -54.01 -44.96 -14.45
C TYR C 42 -52.61 -45.55 -14.25
N MET C 43 -52.51 -46.52 -13.34
CA MET C 43 -51.23 -47.16 -13.03
C MET C 43 -50.82 -48.24 -14.02
N ASN C 44 -51.64 -48.63 -15.00
CA ASN C 44 -51.18 -49.66 -15.91
C ASN C 44 -49.99 -49.21 -16.75
N ILE C 45 -48.97 -50.07 -16.83
CA ILE C 45 -47.85 -49.85 -17.74
C ILE C 45 -48.34 -49.71 -19.17
N ASP C 46 -49.09 -50.70 -19.61
CA ASP C 46 -49.74 -50.70 -20.91
C ASP C 46 -50.95 -51.63 -20.87
N ALA C 47 -51.90 -51.38 -21.80
CA ALA C 47 -53.26 -51.90 -21.72
C ALA C 47 -53.39 -53.43 -21.82
N GLY C 48 -52.34 -54.14 -22.22
CA GLY C 48 -52.38 -55.59 -22.44
C GLY C 48 -52.88 -56.43 -21.25
N THR C 49 -52.75 -55.93 -20.03
CA THR C 49 -53.23 -56.62 -18.81
C THR C 49 -54.73 -56.46 -18.56
N MET C 50 -55.40 -55.44 -19.12
CA MET C 50 -56.78 -55.12 -18.76
C MET C 50 -57.75 -55.55 -19.87
N SER C 51 -58.70 -56.42 -19.51
CA SER C 51 -59.64 -57.08 -20.42
C SER C 51 -60.58 -56.08 -21.12
N PRO C 52 -61.02 -56.38 -22.36
CA PRO C 52 -61.93 -55.52 -23.12
C PRO C 52 -63.27 -55.19 -22.45
N LEU C 53 -63.71 -55.94 -21.44
CA LEU C 53 -64.85 -55.54 -20.59
C LEU C 53 -64.56 -54.24 -19.82
N GLU C 54 -63.33 -54.05 -19.36
CA GLU C 54 -62.91 -52.99 -18.46
C GLU C 54 -62.46 -51.74 -19.23
N HIS C 55 -63.40 -50.85 -19.56
CA HIS C 55 -63.15 -49.63 -20.35
C HIS C 55 -62.61 -49.85 -21.78
N GLY C 56 -63.18 -50.81 -22.50
CA GLY C 56 -63.06 -50.95 -23.96
C GLY C 56 -61.86 -51.74 -24.50
N GLU C 57 -61.79 -51.87 -25.82
CA GLU C 57 -60.91 -52.77 -26.57
C GLU C 57 -59.40 -52.65 -26.28
N CYS C 58 -58.65 -53.70 -26.56
CA CYS C 58 -57.20 -53.74 -26.40
C CYS C 58 -56.51 -53.35 -27.73
N PHE C 59 -56.13 -52.08 -27.91
CA PHE C 59 -55.55 -51.56 -29.16
C PHE C 59 -54.21 -52.22 -29.51
N VAL C 60 -53.69 -52.06 -30.74
CA VAL C 60 -52.35 -52.52 -31.14
C VAL C 60 -51.63 -51.46 -32.00
N LEU C 61 -50.37 -51.20 -31.70
CA LEU C 61 -49.46 -50.29 -32.44
C LEU C 61 -48.47 -51.05 -33.32
N ASP C 62 -47.72 -50.35 -34.17
CA ASP C 62 -46.67 -50.98 -34.99
C ASP C 62 -45.63 -51.75 -34.17
N ASP C 63 -45.32 -51.24 -32.97
CA ASP C 63 -44.39 -51.86 -32.01
C ASP C 63 -44.89 -53.19 -31.42
N GLY C 64 -46.18 -53.48 -31.55
CA GLY C 64 -46.87 -54.49 -30.74
C GLY C 64 -47.38 -53.98 -29.40
N GLY C 65 -47.23 -52.69 -29.11
CA GLY C 65 -47.65 -52.07 -27.85
C GLY C 65 -49.16 -52.03 -27.67
N GLU C 66 -49.68 -52.91 -26.83
CA GLU C 66 -51.10 -52.98 -26.48
C GLU C 66 -51.50 -51.77 -25.62
N THR C 67 -52.35 -50.87 -26.13
CA THR C 67 -52.39 -49.48 -25.65
C THR C 67 -53.78 -48.88 -25.46
N ASP C 68 -53.84 -47.71 -24.84
CA ASP C 68 -55.09 -46.99 -24.63
C ASP C 68 -55.82 -46.68 -25.94
N LEU C 69 -57.14 -46.84 -25.92
CA LEU C 69 -58.03 -46.51 -27.03
C LEU C 69 -57.70 -45.18 -27.68
N ASP C 70 -57.41 -44.17 -26.88
CA ASP C 70 -57.32 -42.81 -27.37
C ASP C 70 -56.14 -42.58 -28.32
N LEU C 71 -55.13 -43.44 -28.33
CA LEU C 71 -54.14 -43.40 -29.40
C LEU C 71 -54.80 -43.62 -30.76
N GLY C 72 -55.71 -44.58 -30.83
CA GLY C 72 -56.39 -44.95 -32.06
C GLY C 72 -57.13 -43.77 -32.65
N ASN C 73 -57.86 -42.99 -31.84
CA ASN C 73 -58.60 -41.84 -32.34
C ASN C 73 -57.68 -40.82 -33.02
N TYR C 74 -56.49 -40.55 -32.48
CA TYR C 74 -55.57 -39.66 -33.18
C TYR C 74 -55.01 -40.31 -34.44
N GLU C 75 -54.64 -41.59 -34.41
CA GLU C 75 -54.10 -42.26 -35.60
C GLU C 75 -55.07 -42.14 -36.78
N ARG C 76 -56.35 -42.46 -36.57
CA ARG C 76 -57.33 -42.42 -37.65
C ARG C 76 -57.76 -41.01 -38.06
N TYR C 77 -57.82 -40.03 -37.16
CA TYR C 77 -58.12 -38.65 -37.56
C TYR C 77 -56.93 -37.98 -38.24
N LEU C 78 -55.70 -38.24 -37.78
CA LEU C 78 -54.51 -37.47 -38.19
C LEU C 78 -53.67 -38.19 -39.25
N GLY C 79 -53.98 -39.43 -39.57
CA GLY C 79 -53.23 -40.27 -40.54
C GLY C 79 -51.88 -40.78 -40.02
N ILE C 80 -51.54 -40.43 -38.78
CA ILE C 80 -50.23 -40.68 -38.17
C ILE C 80 -50.08 -42.12 -37.71
N THR C 81 -48.84 -42.59 -37.60
CA THR C 81 -48.50 -43.82 -36.89
C THR C 81 -47.88 -43.46 -35.56
N LEU C 82 -48.38 -44.02 -34.45
CA LEU C 82 -47.85 -43.79 -33.11
C LEU C 82 -47.00 -44.97 -32.62
N SER C 83 -46.30 -44.77 -31.50
CA SER C 83 -45.46 -45.75 -30.83
C SER C 83 -45.83 -45.83 -29.36
N ARG C 84 -45.52 -46.93 -28.67
CA ARG C 84 -45.98 -47.15 -27.30
C ARG C 84 -45.49 -46.10 -26.30
N ASP C 85 -44.46 -45.34 -26.63
CA ASP C 85 -44.02 -44.18 -25.86
C ASP C 85 -45.01 -43.02 -25.89
N HIS C 86 -45.90 -42.89 -26.90
CA HIS C 86 -46.85 -41.77 -26.99
C HIS C 86 -47.97 -41.84 -25.94
N ASN C 87 -48.09 -42.96 -25.24
CA ASN C 87 -49.01 -43.15 -24.13
C ASN C 87 -48.24 -42.95 -22.80
N ILE C 88 -48.16 -41.73 -22.31
CA ILE C 88 -47.63 -41.47 -20.97
C ILE C 88 -48.63 -42.05 -19.97
N THR C 89 -48.16 -42.77 -18.94
CA THR C 89 -49.04 -43.17 -17.84
C THR C 89 -48.41 -43.00 -16.48
N THR C 90 -49.22 -42.92 -15.44
CA THR C 90 -48.70 -42.93 -14.07
C THR C 90 -47.92 -44.20 -13.81
N GLY C 91 -48.41 -45.34 -14.31
CA GLY C 91 -47.65 -46.59 -14.30
C GLY C 91 -46.26 -46.50 -14.93
N LYS C 92 -46.21 -45.99 -16.16
CA LYS C 92 -44.95 -45.91 -16.91
C LYS C 92 -43.97 -45.00 -16.22
N ILE C 93 -44.33 -43.73 -15.96
CA ILE C 93 -43.33 -42.76 -15.52
C ILE C 93 -42.82 -43.07 -14.11
N TYR C 94 -43.69 -43.57 -13.23
CA TYR C 94 -43.25 -44.00 -11.90
C TYR C 94 -42.44 -45.29 -11.99
N SER C 95 -42.79 -46.27 -12.83
CA SER C 95 -41.95 -47.45 -13.06
C SER C 95 -40.59 -47.08 -13.66
N HIS C 96 -40.54 -46.08 -14.53
CA HIS C 96 -39.34 -45.55 -15.15
C HIS C 96 -38.44 -44.93 -14.10
N VAL C 97 -38.86 -43.85 -13.42
CA VAL C 97 -37.96 -43.21 -12.46
C VAL C 97 -37.61 -44.11 -11.27
N ILE C 98 -38.52 -44.93 -10.75
CA ILE C 98 -38.19 -45.90 -9.69
C ILE C 98 -37.24 -46.98 -10.21
N SER C 99 -37.33 -47.45 -11.46
CA SER C 99 -36.30 -48.37 -11.98
C SER C 99 -34.96 -47.65 -12.16
N ARG C 100 -35.00 -46.38 -12.56
CA ARG C 100 -33.81 -45.52 -12.68
C ARG C 100 -33.12 -45.31 -11.33
N GLU C 101 -33.83 -45.28 -10.21
CA GLU C 101 -33.21 -45.24 -8.89
C GLU C 101 -32.32 -46.45 -8.60
N ARG C 102 -32.80 -47.67 -8.82
CA ARG C 102 -31.98 -48.87 -8.59
C ARG C 102 -30.79 -48.92 -9.55
N ARG C 103 -30.88 -48.29 -10.73
CA ARG C 103 -29.77 -48.06 -11.66
C ARG C 103 -28.79 -46.98 -11.18
N GLY C 104 -29.24 -46.03 -10.35
CA GLY C 104 -28.39 -45.07 -9.62
C GLY C 104 -28.27 -43.69 -10.25
N ASP C 105 -28.97 -43.38 -11.34
CA ASP C 105 -28.65 -42.21 -12.18
C ASP C 105 -28.86 -40.84 -11.53
N TYR C 106 -29.57 -40.74 -10.40
CA TYR C 106 -29.65 -39.49 -9.63
C TYR C 106 -28.47 -39.29 -8.66
N LEU C 107 -27.39 -40.05 -8.84
CA LEU C 107 -26.12 -39.95 -8.09
C LEU C 107 -26.28 -40.08 -6.58
N GLY C 108 -27.27 -40.88 -6.16
CA GLY C 108 -27.58 -41.03 -4.76
C GLY C 108 -28.14 -39.79 -4.09
N LYS C 109 -28.82 -38.91 -4.83
CA LYS C 109 -29.64 -37.85 -4.21
C LYS C 109 -31.01 -38.41 -3.71
N THR C 110 -31.84 -37.55 -3.12
CA THR C 110 -33.25 -37.93 -2.87
C THR C 110 -33.89 -37.85 -4.24
N VAL C 111 -34.89 -38.67 -4.57
CA VAL C 111 -35.62 -38.52 -5.88
C VAL C 111 -37.01 -37.98 -5.55
N GLN C 112 -37.08 -36.78 -4.97
CA GLN C 112 -38.38 -36.14 -4.65
C GLN C 112 -39.24 -36.20 -5.92
N ILE C 113 -40.57 -36.25 -5.84
CA ILE C 113 -41.45 -36.24 -7.06
C ILE C 113 -41.49 -34.83 -7.63
N VAL C 114 -41.34 -33.76 -6.84
CA VAL C 114 -41.19 -32.39 -7.43
C VAL C 114 -39.81 -32.41 -8.05
N PRO C 115 -39.20 -31.33 -8.57
CA PRO C 115 -37.97 -31.45 -9.31
C PRO C 115 -37.75 -32.74 -10.10
N HIS C 116 -37.39 -33.87 -9.52
CA HIS C 116 -36.86 -34.91 -10.40
C HIS C 116 -37.90 -35.67 -11.24
N LEU C 117 -38.99 -36.19 -10.69
CA LEU C 117 -39.97 -36.90 -11.52
C LEU C 117 -40.69 -35.94 -12.48
N THR C 118 -41.12 -34.75 -12.05
CA THR C 118 -41.69 -33.78 -13.01
C THR C 118 -40.68 -33.37 -14.08
N ASN C 119 -39.38 -33.43 -13.81
CA ASN C 119 -38.37 -33.28 -14.84
C ASN C 119 -38.36 -34.47 -15.81
N ALA C 120 -38.55 -35.71 -15.36
CA ALA C 120 -38.68 -36.86 -16.25
C ALA C 120 -39.88 -36.74 -17.18
N ILE C 121 -41.04 -36.27 -16.70
CA ILE C 121 -42.19 -35.98 -17.57
C ILE C 121 -41.80 -34.95 -18.63
N GLN C 122 -41.21 -33.84 -18.24
CA GLN C 122 -40.87 -32.79 -19.18
C GLN C 122 -39.81 -33.24 -20.19
N ASP C 123 -38.96 -34.18 -19.81
CA ASP C 123 -38.01 -34.83 -20.72
C ASP C 123 -38.74 -35.80 -21.64
N TRP C 124 -39.62 -36.68 -21.12
CA TRP C 124 -40.38 -37.62 -21.93
C TRP C 124 -41.22 -36.93 -23.01
N ILE C 125 -41.99 -35.89 -22.68
CA ILE C 125 -42.74 -35.13 -23.69
C ILE C 125 -41.83 -34.53 -24.75
N GLN C 126 -40.63 -34.06 -24.40
CA GLN C 126 -39.67 -33.51 -25.36
C GLN C 126 -38.95 -34.57 -26.17
N ARG C 127 -38.80 -35.80 -25.65
CA ARG C 127 -38.30 -36.91 -26.47
C ARG C 127 -39.34 -37.29 -27.51
N VAL C 128 -40.52 -37.64 -27.02
CA VAL C 128 -41.63 -38.22 -27.76
C VAL C 128 -42.13 -37.32 -28.86
N SER C 129 -42.32 -36.05 -28.63
CA SER C 129 -42.76 -35.13 -29.70
C SER C 129 -41.73 -34.95 -30.83
N LYS C 130 -40.46 -35.41 -30.70
CA LYS C 130 -39.47 -35.42 -31.79
C LYS C 130 -39.35 -36.75 -32.54
N ILE C 131 -40.07 -37.80 -32.15
CA ILE C 131 -40.14 -39.07 -32.88
C ILE C 131 -40.96 -38.84 -34.16
N PRO C 132 -40.53 -39.28 -35.36
CA PRO C 132 -41.32 -39.09 -36.57
C PRO C 132 -42.57 -39.98 -36.63
N VAL C 133 -43.63 -39.52 -37.28
CA VAL C 133 -44.93 -40.22 -37.29
C VAL C 133 -45.60 -40.35 -38.66
N ASP C 134 -45.29 -39.48 -39.64
CA ASP C 134 -45.81 -39.54 -41.01
C ASP C 134 -45.03 -40.52 -41.90
N ASP C 135 -45.35 -40.57 -43.20
CA ASP C 135 -44.74 -41.49 -44.19
C ASP C 135 -43.24 -41.23 -44.47
N THR C 136 -42.68 -40.13 -43.96
CA THR C 136 -41.27 -39.75 -44.03
C THR C 136 -40.77 -39.34 -42.65
N GLY C 137 -39.49 -39.55 -42.39
CA GLY C 137 -38.85 -39.37 -41.08
C GLY C 137 -38.61 -37.92 -40.67
N LEU C 138 -39.52 -37.00 -41.01
CA LEU C 138 -39.47 -35.60 -40.62
C LEU C 138 -40.12 -35.41 -39.24
N GLU C 139 -39.46 -34.68 -38.35
CA GLU C 139 -39.93 -34.47 -36.99
C GLU C 139 -41.13 -33.50 -36.92
N PRO C 140 -42.09 -33.72 -36.02
CA PRO C 140 -43.32 -32.93 -35.93
C PRO C 140 -43.21 -31.42 -35.75
N ASP C 141 -44.10 -30.65 -36.33
CA ASP C 141 -44.17 -29.19 -36.12
C ASP C 141 -44.93 -28.82 -34.85
N VAL C 142 -46.03 -29.52 -34.55
CA VAL C 142 -46.91 -29.27 -33.40
C VAL C 142 -47.29 -30.58 -32.74
N CYS C 143 -47.33 -30.61 -31.42
CA CYS C 143 -47.77 -31.76 -30.63
C CYS C 143 -49.02 -31.46 -29.80
N ILE C 144 -50.09 -32.24 -29.98
CA ILE C 144 -51.30 -32.17 -29.15
C ILE C 144 -51.15 -33.10 -27.94
N ILE C 145 -51.15 -32.59 -26.73
CA ILE C 145 -51.09 -33.42 -25.52
C ILE C 145 -52.49 -33.55 -24.93
N GLU C 146 -53.07 -34.73 -24.85
CA GLU C 146 -54.35 -34.94 -24.15
C GLU C 146 -54.10 -35.35 -22.70
N LEU C 147 -54.40 -34.48 -21.75
CA LEU C 147 -54.20 -34.72 -20.32
C LEU C 147 -55.42 -35.49 -19.79
N GLY C 148 -55.26 -36.81 -19.65
CA GLY C 148 -56.28 -37.69 -19.07
C GLY C 148 -56.53 -37.40 -17.59
N GLY C 149 -57.61 -37.96 -17.05
CA GLY C 149 -58.11 -37.52 -15.75
C GLY C 149 -58.71 -36.11 -15.79
N THR C 150 -58.66 -35.36 -14.68
CA THR C 150 -58.99 -33.92 -14.69
C THR C 150 -57.90 -33.08 -14.00
N VAL C 151 -57.86 -31.79 -14.31
CA VAL C 151 -56.95 -30.83 -13.63
C VAL C 151 -57.65 -30.50 -12.32
N GLY C 152 -57.16 -31.00 -11.18
CA GLY C 152 -57.82 -30.85 -9.87
C GLY C 152 -58.09 -32.25 -9.33
N ASP C 153 -57.08 -33.10 -9.31
CA ASP C 153 -57.22 -34.51 -8.86
C ASP C 153 -55.95 -34.90 -8.10
N ILE C 154 -55.79 -36.17 -7.76
CA ILE C 154 -54.57 -36.69 -7.06
C ILE C 154 -53.82 -37.65 -7.98
N GLU C 155 -54.46 -38.18 -9.02
CA GLU C 155 -53.79 -39.02 -10.05
C GLU C 155 -53.27 -38.07 -11.13
N SER C 156 -53.79 -36.84 -11.16
CA SER C 156 -53.32 -35.87 -12.16
C SER C 156 -52.09 -35.10 -11.70
N ALA C 157 -51.80 -35.11 -10.40
CA ALA C 157 -51.02 -34.12 -9.72
C ALA C 157 -49.59 -33.89 -10.26
N PRO C 158 -48.76 -34.93 -10.48
CA PRO C 158 -47.46 -34.72 -11.08
C PRO C 158 -47.53 -34.17 -12.50
N PHE C 159 -48.54 -34.52 -13.29
CA PHE C 159 -48.68 -34.03 -14.65
C PHE C 159 -49.00 -32.55 -14.64
N VAL C 160 -49.94 -32.08 -13.82
CA VAL C 160 -50.23 -30.64 -13.85
C VAL C 160 -49.06 -29.79 -13.34
N GLU C 161 -48.25 -30.30 -12.40
CA GLU C 161 -47.01 -29.61 -12.02
C GLU C 161 -45.98 -29.64 -13.12
N ALA C 162 -45.72 -30.82 -13.67
CA ALA C 162 -44.80 -30.96 -14.79
C ALA C 162 -45.14 -29.99 -15.93
N LEU C 163 -46.42 -29.85 -16.25
CA LEU C 163 -46.92 -28.92 -17.27
C LEU C 163 -46.90 -27.45 -16.85
N ARG C 164 -47.01 -27.10 -15.56
CA ARG C 164 -46.67 -25.75 -15.14
C ARG C 164 -45.19 -25.48 -15.45
N GLN C 165 -44.23 -26.34 -15.09
CA GLN C 165 -42.85 -26.06 -15.46
C GLN C 165 -42.69 -26.03 -16.97
N PHE C 166 -43.37 -26.95 -17.67
CA PHE C 166 -43.27 -27.06 -19.14
C PHE C 166 -43.84 -25.89 -19.94
N GLN C 167 -44.65 -25.05 -19.29
CA GLN C 167 -45.10 -23.78 -19.83
C GLN C 167 -43.94 -22.78 -19.96
N PHE C 168 -42.83 -23.03 -19.26
CA PHE C 168 -41.61 -22.20 -19.31
C PHE C 168 -40.38 -22.90 -19.84
N GLU C 169 -40.17 -24.15 -19.48
CA GLU C 169 -39.05 -24.95 -19.98
C GLU C 169 -39.15 -25.12 -21.52
N VAL C 170 -40.37 -25.05 -22.08
CA VAL C 170 -40.66 -24.62 -23.45
C VAL C 170 -41.34 -23.25 -23.34
N GLY C 171 -40.89 -22.25 -24.10
CA GLY C 171 -41.38 -20.89 -23.94
C GLY C 171 -42.89 -20.75 -24.20
N ARG C 172 -43.62 -19.86 -23.49
CA ARG C 172 -44.94 -19.38 -23.94
C ARG C 172 -44.82 -18.86 -25.35
N GLU C 173 -45.91 -18.91 -26.08
CA GLU C 173 -45.92 -18.84 -27.56
C GLU C 173 -45.33 -20.07 -28.29
N ASN C 174 -44.74 -21.03 -27.60
CA ASN C 174 -44.62 -22.42 -28.08
C ASN C 174 -45.55 -23.38 -27.30
N PHE C 175 -46.47 -22.89 -26.47
CA PHE C 175 -47.38 -23.70 -25.67
C PHE C 175 -48.73 -23.01 -25.55
N ALA C 176 -49.82 -23.74 -25.60
CA ALA C 176 -51.19 -23.26 -25.42
C ALA C 176 -52.04 -24.31 -24.68
N LEU C 177 -52.96 -23.87 -23.81
CA LEU C 177 -53.84 -24.78 -23.06
C LEU C 177 -55.30 -24.62 -23.47
N ILE C 178 -55.94 -25.72 -23.82
CA ILE C 178 -57.36 -25.80 -24.11
C ILE C 178 -58.02 -26.53 -22.95
N HIS C 179 -58.89 -25.85 -22.21
CA HIS C 179 -59.61 -26.38 -21.07
C HIS C 179 -61.05 -26.73 -21.46
N VAL C 180 -61.33 -28.02 -21.58
CA VAL C 180 -62.68 -28.56 -21.74
C VAL C 180 -63.43 -28.39 -20.44
N SER C 181 -64.72 -28.08 -20.47
CA SER C 181 -65.43 -27.79 -19.22
C SER C 181 -66.93 -28.04 -19.29
N LEU C 182 -67.58 -28.20 -18.14
CA LEU C 182 -68.99 -28.55 -18.06
C LEU C 182 -69.83 -27.30 -17.74
N VAL C 183 -70.90 -27.08 -18.49
CA VAL C 183 -71.87 -26.00 -18.27
C VAL C 183 -73.25 -26.64 -18.20
N PRO C 184 -73.67 -27.16 -17.04
CA PRO C 184 -74.96 -27.86 -16.91
C PRO C 184 -76.15 -26.97 -17.25
N VAL C 185 -77.25 -27.59 -17.67
CA VAL C 185 -78.54 -26.91 -17.82
C VAL C 185 -79.59 -27.56 -16.91
N ILE C 186 -80.23 -26.71 -16.11
CA ILE C 186 -81.17 -27.05 -15.04
C ILE C 186 -82.32 -26.04 -15.12
N HIS C 187 -83.57 -26.52 -15.08
CA HIS C 187 -84.79 -25.69 -15.16
C HIS C 187 -84.80 -24.67 -16.32
N GLY C 188 -84.09 -24.97 -17.42
CA GLY C 188 -83.92 -24.10 -18.58
C GLY C 188 -82.80 -23.05 -18.52
N GLU C 189 -81.93 -23.05 -17.49
CA GLU C 189 -80.88 -22.00 -17.32
C GLU C 189 -79.50 -22.61 -17.50
N GLN C 190 -78.58 -21.98 -18.23
CA GLN C 190 -77.19 -22.51 -18.42
C GLN C 190 -76.38 -22.14 -17.17
N LYS C 191 -75.79 -23.13 -16.50
CA LYS C 191 -75.07 -22.97 -15.21
C LYS C 191 -73.55 -23.00 -15.43
N THR C 192 -72.87 -21.87 -15.58
CA THR C 192 -71.39 -21.75 -15.68
C THR C 192 -70.66 -21.66 -14.32
N LYS C 193 -71.09 -22.31 -13.23
CA LYS C 193 -70.32 -22.34 -11.94
C LYS C 193 -69.45 -23.59 -11.80
N PRO C 194 -69.75 -24.77 -12.38
CA PRO C 194 -68.84 -25.91 -12.41
C PRO C 194 -67.60 -25.46 -13.20
N THR C 195 -67.80 -24.80 -14.34
CA THR C 195 -66.68 -24.27 -15.17
C THR C 195 -65.86 -23.29 -14.33
N GLN C 196 -66.47 -22.30 -13.67
CA GLN C 196 -65.76 -21.24 -12.90
C GLN C 196 -65.07 -21.86 -11.67
N ALA C 197 -65.41 -23.09 -11.27
CA ALA C 197 -64.79 -23.80 -10.11
C ALA C 197 -63.72 -24.76 -10.63
N ALA C 198 -63.42 -24.78 -11.93
CA ALA C 198 -62.30 -25.55 -12.52
C ALA C 198 -61.32 -24.56 -13.15
N ILE C 199 -61.66 -23.27 -13.32
CA ILE C 199 -60.78 -22.19 -13.75
C ILE C 199 -60.05 -21.69 -12.53
N LYS C 200 -60.66 -21.68 -11.36
CA LYS C 200 -60.04 -21.38 -10.09
C LYS C 200 -58.96 -22.43 -9.86
N ASP C 201 -59.28 -23.72 -9.91
CA ASP C 201 -58.29 -24.79 -9.69
C ASP C 201 -57.18 -24.79 -10.75
N LEU C 202 -57.48 -24.44 -11.98
CA LEU C 202 -56.49 -24.43 -13.06
C LEU C 202 -55.42 -23.38 -12.74
N ARG C 203 -55.80 -22.15 -12.43
CA ARG C 203 -54.93 -21.04 -12.08
C ARG C 203 -54.13 -21.45 -10.85
N SER C 204 -54.78 -22.12 -9.88
CA SER C 204 -54.12 -22.57 -8.66
C SER C 204 -53.02 -23.58 -8.95
N LEU C 205 -53.29 -24.66 -9.69
CA LEU C 205 -52.29 -25.68 -10.08
C LEU C 205 -51.26 -25.12 -11.08
N GLY C 206 -51.54 -23.98 -11.72
CA GLY C 206 -50.55 -23.04 -12.24
C GLY C 206 -50.52 -22.82 -13.75
N LEU C 207 -51.08 -23.75 -14.53
CA LEU C 207 -51.33 -23.49 -15.96
C LEU C 207 -52.32 -22.33 -16.12
N ILE C 208 -52.28 -21.61 -17.23
CA ILE C 208 -53.25 -20.54 -17.55
C ILE C 208 -54.03 -20.94 -18.79
N PRO C 209 -55.36 -21.03 -18.81
CA PRO C 209 -56.09 -21.45 -20.00
C PRO C 209 -56.17 -20.50 -21.18
N ASP C 210 -56.32 -20.93 -22.42
CA ASP C 210 -56.46 -20.19 -23.67
C ASP C 210 -57.84 -20.27 -24.27
N MET C 211 -58.43 -21.43 -24.33
CA MET C 211 -59.77 -21.77 -24.80
C MET C 211 -60.59 -22.26 -23.62
N ILE C 212 -61.90 -22.18 -23.70
CA ILE C 212 -62.81 -22.72 -22.69
C ILE C 212 -63.86 -23.49 -23.48
N ALA C 213 -63.60 -24.78 -23.69
CA ALA C 213 -64.36 -25.61 -24.62
C ALA C 213 -65.50 -26.31 -23.90
N CYS C 214 -66.66 -25.65 -23.84
CA CYS C 214 -67.80 -26.15 -23.08
C CYS C 214 -68.52 -27.31 -23.76
N ARG C 215 -68.87 -28.33 -22.97
CA ARG C 215 -69.76 -29.44 -23.36
C ARG C 215 -71.18 -29.27 -22.80
N CYS C 216 -71.80 -28.14 -23.16
CA CYS C 216 -73.20 -27.87 -22.85
C CYS C 216 -74.14 -28.74 -23.69
N SER C 217 -75.38 -28.91 -23.25
CA SER C 217 -76.44 -29.61 -23.99
C SER C 217 -77.02 -28.79 -25.16
N GLU C 218 -76.57 -27.55 -25.35
CA GLU C 218 -77.21 -26.51 -26.15
C GLU C 218 -76.17 -25.65 -26.90
N GLU C 219 -76.62 -24.73 -27.75
CA GLU C 219 -75.81 -23.55 -28.04
C GLU C 219 -75.66 -22.68 -26.78
N LEU C 220 -74.44 -22.23 -26.48
CA LEU C 220 -74.21 -21.29 -25.39
C LEU C 220 -74.88 -19.95 -25.68
N ASN C 221 -75.61 -19.40 -24.72
CA ASN C 221 -76.18 -18.06 -24.85
C ASN C 221 -75.07 -17.01 -25.00
N ARG C 222 -75.32 -15.92 -25.73
CA ARG C 222 -74.35 -14.80 -25.81
C ARG C 222 -74.04 -14.21 -24.44
N SER C 223 -75.01 -14.16 -23.52
CA SER C 223 -74.80 -13.78 -22.12
C SER C 223 -74.04 -14.83 -21.30
N THR C 224 -74.16 -16.13 -21.61
CA THR C 224 -73.38 -17.20 -20.98
C THR C 224 -71.91 -17.09 -21.34
N ILE C 225 -71.60 -16.90 -22.62
CA ILE C 225 -70.23 -16.67 -23.08
C ILE C 225 -69.66 -15.39 -22.45
N ASP C 226 -70.42 -14.30 -22.43
CA ASP C 226 -69.96 -13.04 -21.85
C ASP C 226 -69.58 -13.18 -20.36
N LYS C 227 -70.34 -13.93 -19.56
CA LYS C 227 -69.97 -14.23 -18.17
C LYS C 227 -68.80 -15.20 -18.06
N ILE C 228 -68.70 -16.26 -18.86
CA ILE C 228 -67.49 -17.10 -18.82
C ILE C 228 -66.25 -16.28 -19.17
N ALA C 229 -66.31 -15.37 -20.13
CA ALA C 229 -65.23 -14.45 -20.46
C ALA C 229 -64.99 -13.33 -19.43
N MET C 230 -65.87 -13.16 -18.43
CA MET C 230 -65.68 -12.26 -17.30
C MET C 230 -64.98 -12.96 -16.14
N PHE C 231 -65.28 -14.24 -15.90
CA PHE C 231 -64.69 -15.03 -14.82
C PHE C 231 -63.44 -15.82 -15.23
N CYS C 232 -63.40 -16.45 -16.40
CA CYS C 232 -62.12 -16.77 -17.01
C CYS C 232 -61.62 -15.51 -17.76
N HIS C 233 -60.31 -15.37 -17.95
CA HIS C 233 -59.73 -14.19 -18.60
C HIS C 233 -59.68 -14.27 -20.13
N VAL C 234 -60.20 -15.33 -20.78
CA VAL C 234 -60.27 -15.40 -22.25
C VAL C 234 -61.27 -14.37 -22.80
N GLY C 235 -61.02 -13.87 -24.01
CA GLY C 235 -62.00 -13.06 -24.75
C GLY C 235 -63.16 -13.91 -25.28
N PRO C 236 -64.38 -13.36 -25.43
CA PRO C 236 -65.58 -14.14 -25.71
C PRO C 236 -65.54 -14.92 -27.03
N GLU C 237 -64.76 -14.50 -28.02
CA GLU C 237 -64.54 -15.26 -29.26
C GLU C 237 -63.89 -16.64 -29.02
N GLN C 238 -63.25 -16.84 -27.88
CA GLN C 238 -62.44 -18.03 -27.58
C GLN C 238 -63.18 -19.11 -26.77
N VAL C 239 -64.42 -18.85 -26.37
CA VAL C 239 -65.23 -19.73 -25.52
C VAL C 239 -65.96 -20.72 -26.43
N VAL C 240 -65.22 -21.64 -27.05
CA VAL C 240 -65.79 -22.51 -28.09
C VAL C 240 -66.87 -23.42 -27.51
N ASN C 241 -67.93 -23.70 -28.28
CA ASN C 241 -68.96 -24.65 -27.92
C ASN C 241 -68.83 -25.93 -28.74
N VAL C 242 -68.85 -27.11 -28.11
CA VAL C 242 -68.56 -28.38 -28.81
C VAL C 242 -69.77 -29.32 -28.79
N HIS C 243 -70.97 -28.76 -29.01
CA HIS C 243 -72.24 -29.48 -28.95
C HIS C 243 -72.36 -30.59 -30.01
N ASP C 244 -73.29 -31.53 -29.80
CA ASP C 244 -73.52 -32.66 -30.71
C ASP C 244 -73.98 -32.22 -32.11
N VAL C 245 -73.48 -32.90 -33.13
CA VAL C 245 -73.80 -32.76 -34.57
C VAL C 245 -73.85 -34.15 -35.23
N ASN C 246 -74.45 -34.25 -36.42
CA ASN C 246 -74.92 -35.48 -37.07
C ASN C 246 -73.95 -36.68 -37.12
N SER C 247 -72.64 -36.46 -37.07
CA SER C 247 -71.63 -37.50 -36.76
C SER C 247 -70.35 -36.83 -36.26
N THR C 248 -69.50 -37.53 -35.48
CA THR C 248 -68.27 -36.94 -34.92
C THR C 248 -67.27 -36.48 -35.97
N TYR C 249 -67.37 -36.91 -37.22
CA TYR C 249 -66.53 -36.37 -38.29
C TYR C 249 -66.88 -34.93 -38.66
N HIS C 250 -68.02 -34.39 -38.25
CA HIS C 250 -68.30 -32.96 -38.40
C HIS C 250 -67.59 -32.08 -37.39
N VAL C 251 -67.15 -32.61 -36.24
CA VAL C 251 -66.67 -31.76 -35.12
C VAL C 251 -65.53 -30.83 -35.52
N PRO C 252 -64.49 -31.24 -36.27
CA PRO C 252 -63.49 -30.31 -36.78
C PRO C 252 -64.07 -29.10 -37.49
N LEU C 253 -65.10 -29.27 -38.32
CA LEU C 253 -65.67 -28.17 -39.10
C LEU C 253 -66.54 -27.21 -38.25
N LEU C 254 -67.03 -27.64 -37.10
CA LEU C 254 -67.67 -26.76 -36.11
C LEU C 254 -66.62 -25.87 -35.46
N LEU C 255 -65.47 -26.45 -35.11
CA LEU C 255 -64.36 -25.73 -34.51
C LEU C 255 -63.76 -24.75 -35.53
N LEU C 256 -63.77 -25.10 -36.81
CA LEU C 256 -63.34 -24.20 -37.89
C LEU C 256 -64.32 -23.04 -38.12
N LYS C 257 -65.64 -23.25 -37.98
CA LYS C 257 -66.62 -22.15 -37.96
C LYS C 257 -66.45 -21.25 -36.74
N GLN C 258 -65.97 -21.80 -35.63
CA GLN C 258 -65.72 -21.10 -34.37
C GLN C 258 -64.29 -20.54 -34.27
N HIS C 259 -63.68 -20.21 -35.42
CA HIS C 259 -62.40 -19.52 -35.58
C HIS C 259 -61.16 -20.22 -35.02
N MET C 260 -61.23 -21.51 -34.63
CA MET C 260 -60.16 -22.09 -33.84
C MET C 260 -58.80 -22.21 -34.57
N ILE C 261 -58.77 -22.43 -35.89
CA ILE C 261 -57.50 -22.28 -36.63
C ILE C 261 -57.02 -20.84 -36.62
N ASP C 262 -57.88 -19.85 -36.82
CA ASP C 262 -57.44 -18.46 -36.84
C ASP C 262 -56.89 -18.00 -35.49
N TYR C 263 -57.49 -18.46 -34.40
CA TYR C 263 -56.95 -18.25 -33.08
C TYR C 263 -55.63 -18.99 -32.88
N LEU C 264 -55.54 -20.31 -33.08
CA LEU C 264 -54.27 -21.04 -32.90
C LEU C 264 -53.16 -20.58 -33.84
N HIS C 265 -53.45 -20.12 -35.06
CA HIS C 265 -52.45 -19.53 -35.95
C HIS C 265 -51.83 -18.28 -35.32
N SER C 266 -52.63 -17.43 -34.68
CA SER C 266 -52.13 -16.28 -33.92
C SER C 266 -51.41 -16.71 -32.64
N ARG C 267 -52.10 -17.40 -31.74
CA ARG C 267 -51.64 -17.68 -30.37
C ARG C 267 -50.39 -18.57 -30.28
N LEU C 268 -50.03 -19.30 -31.32
CA LEU C 268 -48.76 -20.04 -31.41
C LEU C 268 -47.83 -19.54 -32.53
N LYS C 269 -48.16 -18.41 -33.16
CA LYS C 269 -47.40 -17.80 -34.27
C LYS C 269 -47.07 -18.81 -35.38
N LEU C 270 -48.04 -19.61 -35.83
CA LEU C 270 -47.83 -20.74 -36.75
C LEU C 270 -47.36 -20.29 -38.13
N GLY C 271 -47.51 -19.01 -38.48
CA GLY C 271 -46.89 -18.42 -39.67
C GLY C 271 -45.35 -18.42 -39.63
N GLU C 272 -44.72 -18.52 -38.47
CA GLU C 272 -43.26 -18.59 -38.33
C GLU C 272 -42.69 -20.02 -38.50
N VAL C 273 -43.51 -21.06 -38.51
CA VAL C 273 -43.08 -22.44 -38.78
C VAL C 273 -42.75 -22.58 -40.27
N PRO C 274 -41.60 -23.15 -40.68
CA PRO C 274 -41.27 -23.34 -42.10
C PRO C 274 -42.11 -24.45 -42.75
N LEU C 275 -42.83 -24.12 -43.83
CA LEU C 275 -43.64 -25.05 -44.63
C LEU C 275 -43.30 -24.97 -46.11
N THR C 276 -43.26 -26.11 -46.81
CA THR C 276 -43.16 -26.14 -48.28
C THR C 276 -44.55 -26.05 -48.93
N LEU C 277 -44.65 -25.78 -50.24
CA LEU C 277 -45.94 -25.98 -50.93
C LEU C 277 -46.41 -27.42 -50.90
N GLU C 278 -45.51 -28.40 -50.88
CA GLU C 278 -45.90 -29.81 -50.72
C GLU C 278 -46.54 -30.07 -49.34
N ASP C 279 -46.13 -29.36 -48.29
CA ASP C 279 -46.88 -29.33 -47.04
C ASP C 279 -48.21 -28.58 -47.19
N LYS C 280 -48.17 -27.31 -47.61
CA LYS C 280 -49.36 -26.45 -47.58
C LYS C 280 -50.47 -26.94 -48.49
N GLU C 281 -50.16 -27.30 -49.72
CA GLU C 281 -51.17 -27.78 -50.67
C GLU C 281 -51.73 -29.15 -50.25
N ARG C 282 -50.93 -30.02 -49.59
CA ARG C 282 -51.48 -31.26 -48.99
C ARG C 282 -52.44 -30.91 -47.86
N GLY C 283 -52.13 -29.89 -47.09
CA GLY C 283 -52.99 -29.35 -46.05
C GLY C 283 -54.34 -28.88 -46.59
N SER C 284 -54.35 -27.96 -47.55
CA SER C 284 -55.61 -27.45 -48.11
C SER C 284 -56.35 -28.47 -48.95
N GLN C 285 -55.68 -29.45 -49.56
CA GLN C 285 -56.35 -30.56 -50.21
C GLN C 285 -57.01 -31.47 -49.18
N LEU C 286 -56.34 -31.85 -48.09
CA LEU C 286 -56.94 -32.66 -47.03
C LEU C 286 -58.17 -31.99 -46.43
N LEU C 287 -58.16 -30.66 -46.26
CA LEU C 287 -59.37 -29.93 -45.87
C LEU C 287 -60.52 -30.20 -46.85
N THR C 288 -60.29 -30.12 -48.16
CA THR C 288 -61.36 -30.42 -49.12
C THR C 288 -61.77 -31.88 -49.13
N ASN C 289 -60.91 -32.84 -48.80
CA ASN C 289 -61.36 -34.21 -48.61
C ASN C 289 -62.27 -34.31 -47.39
N TRP C 290 -62.03 -33.56 -46.32
CA TRP C 290 -62.88 -33.54 -45.13
C TRP C 290 -64.21 -32.82 -45.38
N GLU C 291 -64.19 -31.71 -46.09
CA GLU C 291 -65.42 -31.04 -46.54
C GLU C 291 -66.23 -31.93 -47.50
N ASN C 292 -65.58 -32.67 -48.40
CA ASN C 292 -66.27 -33.60 -49.27
C ASN C 292 -66.86 -34.77 -48.49
N MET C 293 -66.12 -35.48 -47.64
CA MET C 293 -66.68 -36.65 -46.96
C MET C 293 -67.77 -36.28 -45.97
N THR C 294 -67.70 -35.12 -45.31
CA THR C 294 -68.81 -34.61 -44.48
C THR C 294 -70.02 -34.17 -45.28
N LYS C 295 -69.84 -33.53 -46.45
CA LYS C 295 -70.95 -33.30 -47.39
C LYS C 295 -71.56 -34.62 -47.89
N ASN C 296 -70.76 -35.65 -48.16
CA ASN C 296 -71.30 -36.95 -48.56
C ASN C 296 -72.12 -37.58 -47.42
N LEU C 297 -71.69 -37.46 -46.16
CA LEU C 297 -72.48 -37.93 -45.02
C LEU C 297 -73.81 -37.16 -44.88
N ASP C 298 -73.81 -35.87 -45.16
CA ASP C 298 -75.00 -35.02 -45.02
C ASP C 298 -76.16 -35.38 -45.98
N ASP C 299 -75.94 -36.11 -47.07
CA ASP C 299 -77.02 -36.49 -48.00
C ASP C 299 -76.96 -37.92 -48.55
N SER C 300 -76.03 -38.77 -48.07
CA SER C 300 -76.13 -40.22 -48.18
C SER C 300 -77.36 -40.74 -47.41
N ASP C 301 -78.24 -41.46 -48.08
CA ASP C 301 -79.49 -42.02 -47.52
C ASP C 301 -79.58 -43.55 -47.63
N ASP C 302 -79.00 -44.13 -48.67
CA ASP C 302 -79.17 -45.55 -48.98
C ASP C 302 -78.41 -46.42 -47.96
N VAL C 303 -79.18 -47.11 -47.12
CA VAL C 303 -78.65 -47.84 -45.97
C VAL C 303 -77.90 -49.08 -46.42
N VAL C 304 -76.93 -49.51 -45.63
CA VAL C 304 -76.34 -50.84 -45.67
C VAL C 304 -76.30 -51.40 -44.26
N LYS C 305 -76.82 -52.61 -44.04
CA LYS C 305 -76.91 -53.25 -42.72
C LYS C 305 -75.80 -54.28 -42.60
N ILE C 306 -74.85 -54.11 -41.68
CA ILE C 306 -73.76 -55.07 -41.45
C ILE C 306 -73.98 -55.78 -40.12
N ALA C 307 -74.09 -57.10 -40.09
CA ALA C 307 -74.17 -57.83 -38.83
C ALA C 307 -72.80 -58.00 -38.22
N LEU C 308 -72.61 -57.48 -37.02
CA LEU C 308 -71.41 -57.70 -36.23
C LEU C 308 -71.77 -58.79 -35.24
N VAL C 309 -71.14 -59.96 -35.41
CA VAL C 309 -71.53 -61.20 -34.72
C VAL C 309 -70.47 -61.57 -33.70
N GLY C 310 -70.75 -61.46 -32.40
CA GLY C 310 -69.77 -61.79 -31.36
C GLY C 310 -70.30 -61.72 -29.94
N LYS C 311 -69.48 -62.05 -28.93
CA LYS C 311 -69.81 -61.91 -27.50
C LYS C 311 -69.74 -60.46 -27.04
N TYR C 312 -70.33 -60.15 -25.88
CA TYR C 312 -70.23 -58.86 -25.20
C TYR C 312 -70.67 -57.63 -26.03
N THR C 313 -71.60 -57.77 -26.97
CA THR C 313 -72.06 -56.65 -27.83
C THR C 313 -72.72 -55.52 -27.06
N ASN C 314 -73.15 -55.73 -25.81
CA ASN C 314 -73.61 -54.65 -24.93
C ASN C 314 -72.48 -53.69 -24.50
N LEU C 315 -71.23 -54.13 -24.61
CA LEU C 315 -70.01 -53.35 -24.35
C LEU C 315 -69.40 -52.91 -25.70
N LYS C 316 -70.06 -52.00 -26.41
CA LYS C 316 -69.72 -51.58 -27.78
C LYS C 316 -68.30 -51.03 -27.92
N ASP C 317 -67.77 -50.44 -26.84
CA ASP C 317 -66.39 -49.96 -26.76
C ASP C 317 -65.38 -51.11 -26.81
N SER C 318 -65.80 -52.35 -26.53
CA SER C 318 -64.99 -53.56 -26.74
C SER C 318 -64.66 -53.81 -28.22
N TYR C 319 -65.32 -53.09 -29.11
CA TYR C 319 -65.18 -53.11 -30.56
C TYR C 319 -65.05 -51.72 -31.13
N LEU C 320 -64.55 -50.70 -30.43
CA LEU C 320 -64.57 -49.34 -30.96
C LEU C 320 -63.88 -49.20 -32.33
N SER C 321 -62.79 -49.91 -32.61
CA SER C 321 -61.97 -49.80 -33.82
C SER C 321 -62.68 -50.49 -34.98
N VAL C 322 -63.42 -51.56 -34.70
CA VAL C 322 -64.24 -52.30 -35.66
C VAL C 322 -65.38 -51.43 -36.17
N THR C 323 -66.11 -50.80 -35.25
CA THR C 323 -67.17 -49.85 -35.57
C THR C 323 -66.63 -48.70 -36.43
N LYS C 324 -65.52 -48.08 -36.00
CA LYS C 324 -64.99 -46.90 -36.69
C LYS C 324 -64.50 -47.22 -38.09
N SER C 325 -63.90 -48.39 -38.30
CA SER C 325 -63.50 -48.83 -39.64
C SER C 325 -64.68 -49.04 -40.58
N LEU C 326 -65.80 -49.61 -40.10
CA LEU C 326 -67.02 -49.68 -40.89
C LEU C 326 -67.57 -48.28 -41.22
N GLU C 327 -67.49 -47.30 -40.32
CA GLU C 327 -67.90 -45.93 -40.64
C GLU C 327 -67.07 -45.30 -41.77
N HIS C 328 -65.75 -45.45 -41.76
CA HIS C 328 -64.90 -45.03 -42.87
C HIS C 328 -65.29 -45.73 -44.18
N ALA C 329 -65.48 -47.04 -44.15
CA ALA C 329 -65.84 -47.82 -45.34
C ALA C 329 -67.21 -47.39 -45.90
N SER C 330 -68.16 -47.13 -45.02
CA SER C 330 -69.50 -46.60 -45.29
C SER C 330 -69.44 -45.29 -46.05
N MET C 331 -68.79 -44.29 -45.47
CA MET C 331 -68.72 -42.95 -46.07
C MET C 331 -68.00 -42.98 -47.42
N LYS C 332 -67.06 -43.90 -47.63
CA LYS C 332 -66.35 -44.09 -48.91
C LYS C 332 -67.23 -44.73 -50.00
N CYS C 333 -68.09 -45.67 -49.62
CA CYS C 333 -69.15 -46.21 -50.48
C CYS C 333 -70.35 -45.28 -50.70
N ARG C 334 -70.48 -44.20 -49.92
CA ARG C 334 -71.65 -43.31 -49.90
C ARG C 334 -72.96 -44.01 -49.56
N ARG C 335 -72.91 -45.13 -48.82
CA ARG C 335 -74.07 -45.70 -48.14
C ARG C 335 -74.04 -45.44 -46.63
N GLN C 336 -75.15 -44.99 -46.07
CA GLN C 336 -75.36 -44.77 -44.65
C GLN C 336 -75.35 -46.11 -43.91
N LEU C 337 -74.73 -46.19 -42.74
CA LEU C 337 -74.51 -47.45 -42.06
C LEU C 337 -75.54 -47.72 -40.97
N GLU C 338 -76.07 -48.93 -40.91
CA GLU C 338 -76.61 -49.52 -39.69
C GLU C 338 -75.79 -50.76 -39.34
N ILE C 339 -75.32 -50.90 -38.11
CA ILE C 339 -74.64 -52.13 -37.66
C ILE C 339 -75.63 -52.93 -36.83
N LEU C 340 -75.80 -54.21 -37.12
CA LEU C 340 -76.69 -55.09 -36.40
C LEU C 340 -75.92 -55.90 -35.38
N TRP C 341 -76.12 -55.59 -34.10
CA TRP C 341 -75.48 -56.26 -32.98
C TRP C 341 -76.09 -57.64 -32.76
N VAL C 342 -75.37 -58.68 -33.16
CA VAL C 342 -75.76 -60.08 -32.95
C VAL C 342 -74.92 -60.64 -31.82
N GLU C 343 -75.49 -60.73 -30.63
CA GLU C 343 -74.87 -61.39 -29.48
C GLU C 343 -74.74 -62.90 -29.76
N ALA C 344 -73.59 -63.36 -30.22
CA ALA C 344 -73.46 -64.63 -30.96
C ALA C 344 -74.04 -65.84 -30.25
N SER C 345 -73.96 -65.92 -28.93
CA SER C 345 -74.46 -67.09 -28.22
C SER C 345 -75.95 -67.31 -28.43
N ASN C 346 -76.72 -66.28 -28.78
CA ASN C 346 -78.15 -66.40 -29.05
C ASN C 346 -78.46 -67.18 -30.35
N LEU C 347 -77.56 -67.22 -31.33
CA LEU C 347 -77.74 -68.03 -32.54
C LEU C 347 -77.64 -69.53 -32.28
N GLU C 348 -77.06 -69.96 -31.16
CA GLU C 348 -76.87 -71.37 -30.86
C GLU C 348 -78.23 -72.01 -30.53
N PRO C 349 -78.59 -73.16 -31.11
CA PRO C 349 -79.91 -73.78 -30.90
C PRO C 349 -80.29 -74.00 -29.44
N GLU C 350 -79.34 -74.23 -28.52
CA GLU C 350 -79.68 -74.37 -27.09
C GLU C 350 -80.37 -73.14 -26.52
N THR C 351 -80.20 -71.96 -27.12
CA THR C 351 -80.90 -70.73 -26.68
C THR C 351 -82.41 -70.87 -26.79
N GLN C 352 -82.88 -71.68 -27.74
CA GLN C 352 -84.30 -71.98 -27.92
C GLN C 352 -84.89 -72.70 -26.70
N GLU C 353 -84.07 -73.40 -25.92
CA GLU C 353 -84.46 -74.02 -24.65
C GLU C 353 -84.50 -73.03 -23.48
N VAL C 354 -83.92 -71.83 -23.63
CA VAL C 354 -83.75 -70.83 -22.56
C VAL C 354 -84.65 -69.60 -22.78
N ASP C 355 -84.58 -68.99 -23.95
CA ASP C 355 -85.48 -67.92 -24.38
C ASP C 355 -85.57 -67.92 -25.91
N LYS C 356 -86.73 -68.25 -26.45
CA LYS C 356 -87.00 -68.21 -27.88
C LYS C 356 -86.91 -66.79 -28.45
N ASN C 357 -87.28 -65.76 -27.69
CA ASN C 357 -87.20 -64.38 -28.18
C ASN C 357 -85.76 -64.03 -28.58
N LYS C 358 -84.76 -64.34 -27.75
CA LYS C 358 -83.34 -64.18 -28.09
C LYS C 358 -82.96 -64.97 -29.34
N PHE C 359 -83.40 -66.22 -29.47
CA PHE C 359 -83.09 -67.04 -30.64
C PHE C 359 -83.66 -66.46 -31.94
N HIS C 360 -84.86 -65.91 -31.90
CA HIS C 360 -85.46 -65.27 -33.07
C HIS C 360 -84.88 -63.90 -33.34
N ASP C 361 -84.74 -63.01 -32.37
CA ASP C 361 -84.18 -61.67 -32.61
C ASP C 361 -82.78 -61.73 -33.19
N SER C 362 -81.93 -62.61 -32.70
CA SER C 362 -80.57 -62.75 -33.20
C SER C 362 -80.53 -63.30 -34.62
N TRP C 363 -81.26 -64.37 -34.93
CA TRP C 363 -81.35 -64.88 -36.31
C TRP C 363 -82.09 -63.93 -37.25
N ASN C 364 -83.06 -63.16 -36.76
CA ASN C 364 -83.71 -62.10 -37.50
C ASN C 364 -82.68 -61.03 -37.89
N LYS C 365 -81.91 -60.48 -36.95
CA LYS C 365 -80.87 -59.49 -37.24
C LYS C 365 -79.84 -60.05 -38.23
N LEU C 366 -79.36 -61.27 -38.03
CA LEU C 366 -78.43 -61.91 -38.96
C LEU C 366 -79.03 -62.10 -40.36
N SER C 367 -80.28 -62.54 -40.48
CA SER C 367 -80.96 -62.71 -41.76
C SER C 367 -81.24 -61.40 -42.48
N SER C 368 -81.48 -60.32 -41.74
CA SER C 368 -81.72 -58.98 -42.27
C SER C 368 -80.46 -58.31 -42.81
N ALA C 369 -79.27 -58.75 -42.39
CA ALA C 369 -78.03 -58.07 -42.74
C ALA C 369 -77.64 -58.20 -44.21
N ASP C 370 -77.25 -57.09 -44.82
CA ASP C 370 -76.70 -57.03 -46.17
C ASP C 370 -75.25 -57.54 -46.25
N GLY C 371 -74.57 -57.63 -45.13
CA GLY C 371 -73.20 -58.17 -44.99
C GLY C 371 -72.90 -58.60 -43.56
N ILE C 372 -71.91 -59.45 -43.34
CA ILE C 372 -71.66 -60.12 -42.05
C ILE C 372 -70.19 -60.00 -41.66
N LEU C 373 -69.94 -59.77 -40.38
CA LEU C 373 -68.61 -59.58 -39.82
C LEU C 373 -68.42 -60.40 -38.55
N VAL C 374 -67.40 -61.25 -38.52
CA VAL C 374 -66.94 -61.92 -37.28
C VAL C 374 -65.72 -61.15 -36.74
N PRO C 375 -65.87 -60.38 -35.66
CA PRO C 375 -65.05 -59.19 -35.40
C PRO C 375 -63.82 -59.42 -34.51
N GLY C 376 -63.13 -60.55 -34.62
CA GLY C 376 -61.95 -60.83 -33.80
C GLY C 376 -62.26 -60.84 -32.30
N GLY C 377 -63.18 -61.70 -31.88
CA GLY C 377 -63.53 -61.87 -30.47
C GLY C 377 -62.37 -62.34 -29.57
N PHE C 378 -62.70 -62.48 -28.30
CA PHE C 378 -61.80 -62.78 -27.20
C PHE C 378 -62.49 -63.79 -26.27
N GLY C 379 -61.71 -64.66 -25.62
CA GLY C 379 -62.23 -65.88 -25.01
C GLY C 379 -62.76 -66.86 -26.06
N THR C 380 -63.64 -67.78 -25.66
CA THR C 380 -64.21 -68.81 -26.55
C THR C 380 -65.70 -69.06 -26.38
N ARG C 381 -66.39 -68.49 -25.39
CA ARG C 381 -67.70 -69.01 -24.94
C ARG C 381 -68.88 -68.76 -25.89
N GLY C 382 -68.76 -67.84 -26.84
CA GLY C 382 -69.74 -67.62 -27.93
C GLY C 382 -69.45 -68.31 -29.26
N ILE C 383 -68.47 -69.22 -29.35
CA ILE C 383 -67.91 -69.65 -30.64
C ILE C 383 -68.92 -70.37 -31.53
N GLU C 384 -69.83 -71.18 -31.01
CA GLU C 384 -70.80 -71.88 -31.85
C GLU C 384 -71.74 -70.94 -32.59
N GLY C 385 -72.13 -69.81 -32.01
CA GLY C 385 -72.89 -68.81 -32.74
C GLY C 385 -72.10 -68.20 -33.90
N MET C 386 -70.82 -67.93 -33.68
CA MET C 386 -69.95 -67.41 -34.73
C MET C 386 -69.70 -68.43 -35.85
N ILE C 387 -69.75 -69.74 -35.56
CA ILE C 387 -69.69 -70.79 -36.58
C ILE C 387 -70.99 -70.82 -37.39
N LEU C 388 -72.17 -70.77 -36.75
CA LEU C 388 -73.45 -70.75 -37.46
C LEU C 388 -73.58 -69.53 -38.37
N ALA C 389 -73.17 -68.33 -37.93
CA ALA C 389 -73.14 -67.18 -38.82
C ALA C 389 -72.18 -67.38 -39.99
N ALA C 390 -71.05 -68.07 -39.83
CA ALA C 390 -70.17 -68.40 -40.94
C ALA C 390 -70.77 -69.45 -41.89
N LYS C 391 -71.58 -70.39 -41.39
CA LYS C 391 -72.31 -71.36 -42.23
C LYS C 391 -73.34 -70.63 -43.08
N TRP C 392 -74.12 -69.80 -42.43
CA TRP C 392 -75.08 -68.93 -43.08
C TRP C 392 -74.42 -68.07 -44.15
N ALA C 393 -73.32 -67.40 -43.85
CA ALA C 393 -72.67 -66.51 -44.80
C ALA C 393 -72.10 -67.22 -46.03
N ARG C 394 -71.62 -68.45 -45.87
CA ARG C 394 -71.12 -69.29 -46.97
C ARG C 394 -72.26 -69.82 -47.85
N GLU C 395 -73.29 -70.42 -47.26
CA GLU C 395 -74.37 -71.06 -48.01
C GLU C 395 -75.37 -70.06 -48.58
N SER C 396 -75.76 -69.03 -47.81
CA SER C 396 -76.69 -68.00 -48.29
C SER C 396 -76.00 -66.91 -49.11
N GLY C 397 -74.74 -67.06 -49.50
CA GLY C 397 -74.05 -66.09 -50.38
C GLY C 397 -73.83 -64.66 -49.84
N VAL C 398 -74.21 -64.35 -48.60
CA VAL C 398 -74.11 -63.00 -48.01
C VAL C 398 -72.64 -62.57 -47.88
N PRO C 399 -72.23 -61.32 -48.14
CA PRO C 399 -70.85 -60.88 -47.96
C PRO C 399 -70.33 -61.07 -46.55
N PHE C 400 -69.07 -61.51 -46.41
CA PHE C 400 -68.50 -61.93 -45.13
C PHE C 400 -67.07 -61.47 -44.93
N LEU C 401 -66.75 -60.94 -43.75
CA LEU C 401 -65.36 -60.75 -43.32
C LEU C 401 -65.13 -61.37 -41.95
N GLY C 402 -64.17 -62.27 -41.85
CA GLY C 402 -63.67 -62.78 -40.58
C GLY C 402 -62.37 -62.11 -40.19
N VAL C 403 -62.34 -61.39 -39.07
CA VAL C 403 -61.12 -60.78 -38.54
C VAL C 403 -60.56 -61.65 -37.42
N CYS C 404 -59.27 -61.97 -37.45
CA CYS C 404 -58.57 -62.75 -36.42
C CYS C 404 -59.31 -64.06 -36.07
N LEU C 405 -59.96 -64.18 -34.90
CA LEU C 405 -60.86 -65.31 -34.55
C LEU C 405 -61.87 -65.60 -35.67
N GLY C 406 -62.32 -64.58 -36.40
CA GLY C 406 -63.20 -64.71 -37.56
C GLY C 406 -62.62 -65.57 -38.68
N LEU C 407 -61.35 -65.42 -39.03
CA LEU C 407 -60.74 -66.35 -39.96
C LEU C 407 -60.75 -67.76 -39.39
N GLN C 408 -60.56 -67.90 -38.08
CA GLN C 408 -60.40 -69.20 -37.45
C GLN C 408 -61.72 -69.96 -37.33
N VAL C 409 -62.83 -69.31 -36.93
CA VAL C 409 -64.15 -69.93 -37.02
C VAL C 409 -64.54 -70.19 -38.46
N ALA C 410 -64.11 -69.41 -39.44
CA ALA C 410 -64.37 -69.75 -40.83
C ALA C 410 -63.68 -71.07 -41.24
N ALA C 411 -62.45 -71.32 -40.80
CA ALA C 411 -61.81 -72.62 -41.07
C ALA C 411 -62.50 -73.77 -40.34
N ILE C 412 -62.95 -73.54 -39.11
CA ILE C 412 -63.68 -74.53 -38.32
C ILE C 412 -65.03 -74.85 -38.96
N GLU C 413 -65.78 -73.82 -39.38
CA GLU C 413 -67.03 -73.97 -40.12
C GLU C 413 -66.79 -74.78 -41.39
N PHE C 414 -65.83 -74.37 -42.22
CA PHE C 414 -65.56 -75.06 -43.47
C PHE C 414 -65.14 -76.51 -43.24
N ALA C 415 -64.36 -76.80 -42.19
CA ALA C 415 -63.99 -78.17 -41.85
C ALA C 415 -65.23 -79.00 -41.48
N ARG C 416 -66.07 -78.51 -40.57
CA ARG C 416 -67.28 -79.22 -40.11
C ARG C 416 -68.35 -79.37 -41.19
N ASN C 417 -68.49 -78.40 -42.10
CA ASN C 417 -69.65 -78.29 -42.98
C ASN C 417 -69.36 -78.41 -44.49
N VAL C 418 -68.10 -78.46 -44.91
CA VAL C 418 -67.73 -78.71 -46.32
C VAL C 418 -66.76 -79.86 -46.46
N ILE C 419 -65.72 -79.92 -45.61
CA ILE C 419 -64.77 -81.04 -45.58
C ILE C 419 -65.37 -82.26 -44.88
N GLY C 420 -66.31 -82.08 -43.96
CA GLY C 420 -67.10 -83.17 -43.36
C GLY C 420 -66.46 -83.83 -42.14
N ARG C 421 -65.78 -83.07 -41.28
CA ARG C 421 -65.24 -83.55 -39.99
C ARG C 421 -66.00 -82.90 -38.81
N PRO C 422 -67.15 -83.42 -38.35
CA PRO C 422 -68.01 -82.69 -37.41
C PRO C 422 -67.43 -82.55 -36.00
N ASN C 423 -66.44 -83.38 -35.67
CA ASN C 423 -65.65 -83.32 -34.45
C ASN C 423 -64.48 -82.32 -34.53
N SER C 424 -64.17 -81.72 -35.68
CA SER C 424 -63.08 -80.74 -35.78
C SER C 424 -63.31 -79.51 -34.92
N SER C 425 -62.25 -78.96 -34.36
CA SER C 425 -62.35 -78.17 -33.14
C SER C 425 -61.37 -77.01 -33.10
N SER C 426 -61.75 -75.96 -32.38
CA SER C 426 -60.84 -74.92 -31.94
C SER C 426 -59.93 -75.47 -30.85
N THR C 427 -58.67 -75.69 -31.17
CA THR C 427 -57.59 -76.04 -30.23
C THR C 427 -57.35 -74.93 -29.19
N GLU C 428 -57.77 -73.71 -29.52
CA GLU C 428 -57.95 -72.57 -28.63
C GLU C 428 -58.94 -72.83 -27.48
N PHE C 429 -59.84 -73.81 -27.60
CA PHE C 429 -60.86 -74.14 -26.61
C PHE C 429 -60.73 -75.59 -26.13
N LEU C 430 -60.91 -76.57 -27.02
CA LEU C 430 -61.08 -78.00 -26.70
C LEU C 430 -59.73 -78.75 -26.66
N ASP C 431 -58.80 -78.26 -25.83
CA ASP C 431 -57.39 -78.62 -25.89
C ASP C 431 -57.05 -80.00 -25.32
N GLU C 432 -57.31 -80.24 -24.03
CA GLU C 432 -56.90 -81.48 -23.33
C GLU C 432 -57.72 -82.74 -23.72
N THR C 433 -58.61 -82.62 -24.71
CA THR C 433 -59.17 -83.77 -25.41
C THR C 433 -58.12 -84.48 -26.29
N LEU C 434 -57.10 -83.75 -26.78
CA LEU C 434 -56.01 -84.26 -27.63
C LEU C 434 -56.46 -84.90 -28.97
N LEU C 435 -57.61 -84.49 -29.52
CA LEU C 435 -58.14 -85.02 -30.78
C LEU C 435 -57.25 -84.72 -32.00
N ALA C 436 -57.31 -85.56 -33.04
CA ALA C 436 -56.56 -85.39 -34.29
C ALA C 436 -57.06 -84.26 -35.24
N PRO C 437 -58.36 -83.94 -35.38
CA PRO C 437 -58.84 -82.88 -36.26
C PRO C 437 -58.76 -81.48 -35.62
N GLU C 438 -57.54 -81.00 -35.38
CA GLU C 438 -57.26 -79.70 -34.79
C GLU C 438 -57.19 -78.62 -35.88
N ASP C 439 -58.14 -77.70 -35.92
CA ASP C 439 -58.13 -76.62 -36.92
C ASP C 439 -57.13 -75.51 -36.61
N GLN C 440 -56.56 -75.50 -35.41
CA GLN C 440 -55.63 -74.47 -34.94
C GLN C 440 -54.44 -75.09 -34.20
N VAL C 441 -53.37 -74.34 -33.99
CA VAL C 441 -52.33 -74.67 -33.01
C VAL C 441 -51.81 -73.42 -32.30
N VAL C 442 -51.38 -73.51 -31.04
CA VAL C 442 -50.56 -72.45 -30.41
C VAL C 442 -49.23 -72.35 -31.13
N ILE C 443 -48.79 -71.15 -31.50
CA ILE C 443 -47.46 -70.91 -32.08
C ILE C 443 -46.73 -69.81 -31.33
N THR C 444 -45.70 -68.08 -27.99
CA THR C 444 -46.59 -67.71 -26.88
C THR C 444 -47.34 -66.39 -27.14
N MET C 445 -46.88 -65.57 -28.10
CA MET C 445 -47.55 -64.40 -28.66
C MET C 445 -46.91 -63.95 -29.99
N ARG C 446 -47.61 -63.08 -30.73
CA ARG C 446 -47.18 -62.44 -31.99
C ARG C 446 -47.99 -61.16 -32.17
N LEU C 447 -47.30 -60.02 -32.13
CA LEU C 447 -47.91 -58.69 -32.03
C LEU C 447 -47.26 -57.67 -32.98
N GLY C 448 -47.97 -56.59 -33.27
CA GLY C 448 -47.43 -55.43 -33.99
C GLY C 448 -47.60 -55.49 -35.51
N LEU C 449 -47.04 -54.52 -36.23
CA LEU C 449 -47.10 -54.50 -37.70
C LEU C 449 -46.18 -55.56 -38.29
N ARG C 450 -46.72 -56.46 -39.11
CA ARG C 450 -45.98 -57.58 -39.73
C ARG C 450 -46.20 -57.65 -41.24
N PRO C 451 -45.29 -58.27 -42.02
CA PRO C 451 -45.40 -58.37 -43.46
C PRO C 451 -46.20 -59.60 -43.90
N THR C 452 -47.27 -59.41 -44.66
CA THR C 452 -48.05 -60.48 -45.30
C THR C 452 -47.75 -60.51 -46.79
N ILE C 453 -47.32 -61.64 -47.32
CA ILE C 453 -46.97 -61.83 -48.74
C ILE C 453 -48.10 -62.60 -49.44
N PHE C 454 -48.57 -62.17 -50.60
CA PHE C 454 -49.57 -62.94 -51.36
C PHE C 454 -48.96 -64.20 -52.02
N GLN C 455 -49.63 -65.35 -51.89
CA GLN C 455 -49.31 -66.64 -52.53
C GLN C 455 -49.45 -66.53 -54.07
N PRO C 456 -48.73 -67.32 -54.90
CA PRO C 456 -48.47 -66.92 -56.28
C PRO C 456 -49.67 -66.80 -57.22
N ASN C 457 -50.63 -67.72 -57.14
CA ASN C 457 -51.75 -67.79 -58.09
C ASN C 457 -52.84 -66.73 -57.85
N SER C 458 -52.66 -65.86 -56.85
CA SER C 458 -53.71 -65.07 -56.18
C SER C 458 -54.42 -64.01 -57.03
N GLU C 459 -54.06 -63.85 -58.29
CA GLU C 459 -54.49 -62.75 -59.16
C GLU C 459 -56.00 -62.51 -59.17
N TRP C 460 -56.82 -63.57 -59.14
CA TRP C 460 -58.28 -63.50 -59.21
C TRP C 460 -58.96 -63.03 -57.92
N SER C 461 -58.24 -62.99 -56.80
CA SER C 461 -58.81 -62.79 -55.46
C SER C 461 -59.27 -61.35 -55.29
N ASN C 462 -60.54 -61.12 -54.97
CA ASN C 462 -61.07 -59.78 -54.73
C ASN C 462 -60.29 -59.05 -53.63
N ILE C 463 -59.84 -59.76 -52.60
CA ILE C 463 -59.02 -59.15 -51.55
C ILE C 463 -57.71 -58.62 -52.11
N ARG C 464 -57.09 -59.31 -53.07
CA ARG C 464 -55.87 -58.83 -53.72
C ARG C 464 -56.14 -57.65 -54.65
N LYS C 465 -57.30 -57.59 -55.32
CA LYS C 465 -57.76 -56.38 -56.04
C LYS C 465 -57.94 -55.18 -55.10
N LEU C 466 -58.46 -55.40 -53.90
CA LEU C 466 -58.68 -54.32 -52.92
C LEU C 466 -57.36 -53.78 -52.34
N TYR C 467 -56.36 -54.63 -52.13
CA TYR C 467 -54.99 -54.20 -51.80
C TYR C 467 -54.19 -53.65 -53.01
N GLY C 468 -54.84 -53.28 -54.12
CA GLY C 468 -54.18 -52.68 -55.29
C GLY C 468 -53.29 -53.65 -56.08
N GLU C 469 -53.44 -54.96 -55.86
CA GLU C 469 -52.62 -56.05 -56.39
C GLU C 469 -51.13 -56.05 -56.01
N VAL C 470 -50.70 -55.15 -55.12
CA VAL C 470 -49.36 -55.07 -54.52
C VAL C 470 -48.97 -56.40 -53.85
N ASN C 471 -47.74 -56.88 -54.01
CA ASN C 471 -47.36 -58.24 -53.60
C ASN C 471 -47.26 -58.47 -52.08
N GLU C 472 -47.05 -57.42 -51.30
CA GLU C 472 -46.95 -57.46 -49.84
C GLU C 472 -47.81 -56.40 -49.16
N VAL C 473 -48.40 -56.78 -48.03
CA VAL C 473 -49.33 -56.00 -47.23
C VAL C 473 -48.77 -55.85 -45.82
N HIS C 474 -48.72 -54.64 -45.29
CA HIS C 474 -48.24 -54.37 -43.92
C HIS C 474 -49.40 -53.95 -43.02
N GLU C 475 -49.73 -54.78 -42.03
CA GLU C 475 -50.93 -54.66 -41.20
C GLU C 475 -50.64 -55.16 -39.77
N ARG C 476 -51.46 -54.83 -38.78
CA ARG C 476 -51.17 -55.08 -37.36
C ARG C 476 -51.77 -56.39 -36.87
N HIS C 477 -51.03 -57.19 -36.11
CA HIS C 477 -51.41 -58.54 -35.69
C HIS C 477 -51.62 -58.67 -34.19
N ARG C 478 -52.48 -59.60 -33.81
CA ARG C 478 -52.54 -60.25 -32.50
C ARG C 478 -53.08 -61.66 -32.68
N HIS C 479 -52.32 -62.69 -32.33
CA HIS C 479 -52.84 -64.06 -32.20
C HIS C 479 -51.89 -65.01 -31.48
N ARG C 480 -52.33 -65.71 -30.45
CA ARG C 480 -51.57 -66.87 -29.92
C ARG C 480 -51.72 -68.10 -30.82
N TYR C 481 -52.95 -68.39 -31.22
CA TYR C 481 -53.39 -69.56 -31.97
C TYR C 481 -53.51 -69.22 -33.45
N GLU C 482 -53.03 -70.07 -34.34
CA GLU C 482 -53.12 -69.86 -35.79
C GLU C 482 -53.64 -71.13 -36.48
N ILE C 483 -54.13 -71.04 -37.72
CA ILE C 483 -54.63 -72.23 -38.42
C ILE C 483 -53.56 -73.32 -38.46
N ASN C 484 -53.93 -74.55 -38.13
CA ASN C 484 -53.06 -75.71 -38.25
C ASN C 484 -52.63 -75.87 -39.71
N PRO C 485 -51.35 -75.65 -40.07
CA PRO C 485 -50.96 -75.60 -41.47
C PRO C 485 -51.06 -76.97 -42.16
N LYS C 486 -51.28 -78.07 -41.43
CA LYS C 486 -51.45 -79.41 -42.02
C LYS C 486 -52.85 -79.70 -42.60
N ILE C 487 -53.82 -78.78 -42.44
CA ILE C 487 -55.13 -78.84 -43.12
C ILE C 487 -55.14 -78.04 -44.45
N VAL C 488 -54.24 -77.07 -44.64
CA VAL C 488 -54.21 -76.12 -45.75
C VAL C 488 -54.23 -76.80 -47.11
N ASN C 489 -53.50 -77.89 -47.33
CA ASN C 489 -53.51 -78.57 -48.63
C ASN C 489 -54.87 -79.18 -48.99
N ASP C 490 -55.72 -79.46 -48.01
CA ASP C 490 -57.09 -79.90 -48.22
C ASP C 490 -57.97 -78.70 -48.60
N MET C 491 -57.95 -77.64 -47.80
CA MET C 491 -58.70 -76.42 -48.08
C MET C 491 -58.33 -75.78 -49.44
N GLU C 492 -57.04 -75.73 -49.76
CA GLU C 492 -56.55 -75.32 -51.07
C GLU C 492 -57.11 -76.17 -52.21
N SER C 493 -57.44 -77.45 -51.96
CA SER C 493 -58.06 -78.28 -52.99
C SER C 493 -59.57 -78.06 -53.12
N ARG C 494 -60.23 -77.71 -52.01
CA ARG C 494 -61.71 -77.54 -51.92
C ARG C 494 -62.20 -76.13 -52.25
N GLY C 495 -61.33 -75.23 -52.72
CA GLY C 495 -61.69 -73.86 -53.13
C GLY C 495 -61.55 -72.79 -52.04
N PHE C 496 -61.12 -73.16 -50.82
CA PHE C 496 -60.76 -72.24 -49.73
C PHE C 496 -59.25 -71.95 -49.85
N ILE C 497 -58.90 -70.90 -50.61
CA ILE C 497 -57.54 -70.67 -51.08
C ILE C 497 -56.87 -69.61 -50.21
N PHE C 498 -55.69 -69.91 -49.66
CA PHE C 498 -54.98 -69.01 -48.77
C PHE C 498 -54.22 -67.95 -49.56
N VAL C 499 -54.91 -66.88 -49.92
CA VAL C 499 -54.40 -65.76 -50.71
C VAL C 499 -53.09 -65.19 -50.17
N GLY C 500 -52.88 -65.17 -48.85
CA GLY C 500 -51.72 -64.52 -48.21
C GLY C 500 -51.17 -65.28 -47.01
N LYS C 501 -49.85 -65.22 -46.85
CA LYS C 501 -49.07 -65.97 -45.86
C LYS C 501 -47.92 -65.12 -45.29
N ASP C 502 -47.41 -65.54 -44.14
CA ASP C 502 -46.17 -65.01 -43.56
C ASP C 502 -44.97 -65.27 -44.48
N GLU C 503 -43.93 -64.43 -44.42
CA GLU C 503 -42.70 -64.54 -45.21
C GLU C 503 -41.98 -65.91 -45.15
N THR C 504 -42.15 -66.71 -44.09
CA THR C 504 -41.61 -68.09 -44.03
C THR C 504 -42.44 -69.11 -44.82
N GLY C 505 -43.66 -68.74 -45.24
CA GLY C 505 -44.65 -69.60 -45.89
C GLY C 505 -45.47 -70.48 -44.95
N GLN C 506 -45.01 -70.67 -43.71
CA GLN C 506 -45.55 -71.69 -42.79
C GLN C 506 -46.82 -71.27 -42.06
N ARG C 507 -47.17 -69.99 -42.08
CA ARG C 507 -48.28 -69.37 -41.34
C ARG C 507 -49.27 -68.73 -42.31
N CYS C 508 -50.55 -68.96 -42.12
CA CYS C 508 -51.62 -68.53 -43.01
C CYS C 508 -52.38 -67.32 -42.48
N GLU C 509 -52.52 -66.29 -43.32
CA GLU C 509 -52.85 -64.94 -42.86
C GLU C 509 -54.05 -64.33 -43.57
N ILE C 510 -54.33 -64.71 -44.82
CA ILE C 510 -55.55 -64.33 -45.54
C ILE C 510 -56.09 -65.56 -46.28
N PHE C 511 -57.40 -65.74 -46.33
CA PHE C 511 -58.04 -66.61 -47.33
C PHE C 511 -59.19 -65.87 -48.02
N GLU C 512 -59.52 -66.31 -49.23
CA GLU C 512 -60.74 -65.95 -49.94
C GLU C 512 -61.35 -67.23 -50.50
N LEU C 513 -62.66 -67.43 -50.32
CA LEU C 513 -63.34 -68.59 -50.85
C LEU C 513 -63.70 -68.38 -52.33
N LYS C 514 -63.30 -69.30 -53.20
CA LYS C 514 -63.64 -69.27 -54.64
C LYS C 514 -65.15 -69.33 -54.85
N GLY C 515 -65.67 -68.59 -55.82
CA GLY C 515 -67.06 -68.70 -56.25
C GLY C 515 -68.12 -68.16 -55.27
N HIS C 516 -67.77 -67.14 -54.48
CA HIS C 516 -68.71 -66.38 -53.63
C HIS C 516 -68.51 -64.88 -53.87
N PRO C 517 -69.55 -64.02 -53.84
CA PRO C 517 -69.43 -62.58 -54.11
C PRO C 517 -68.35 -61.83 -53.31
N TYR C 518 -68.19 -62.14 -52.02
CA TYR C 518 -67.12 -61.63 -51.15
C TYR C 518 -67.10 -62.40 -49.82
N TYR C 519 -66.15 -63.30 -49.62
CA TYR C 519 -66.05 -64.10 -48.40
C TYR C 519 -64.57 -64.26 -48.04
N VAL C 520 -64.14 -63.53 -47.02
CA VAL C 520 -62.72 -63.28 -46.70
C VAL C 520 -62.43 -63.62 -45.25
N GLY C 521 -61.33 -64.31 -44.94
CA GLY C 521 -60.75 -64.24 -43.60
C GLY C 521 -59.43 -63.49 -43.59
N THR C 522 -59.18 -62.61 -42.63
CA THR C 522 -57.89 -61.99 -42.36
C THR C 522 -57.48 -62.27 -40.93
N GLN C 523 -56.32 -62.89 -40.68
CA GLN C 523 -55.90 -63.26 -39.32
C GLN C 523 -55.16 -62.13 -38.59
N TYR C 524 -54.60 -61.18 -39.32
CA TYR C 524 -54.31 -59.87 -38.75
C TYR C 524 -55.61 -59.11 -38.49
N HIS C 525 -55.51 -57.99 -37.77
CA HIS C 525 -56.59 -57.09 -37.47
C HIS C 525 -56.61 -55.94 -38.48
N PRO C 526 -57.52 -55.90 -39.46
CA PRO C 526 -57.55 -54.79 -40.38
C PRO C 526 -58.14 -53.51 -39.78
N GLU C 527 -58.73 -53.53 -38.59
CA GLU C 527 -59.41 -52.37 -38.04
C GLU C 527 -58.44 -51.22 -37.82
N TYR C 528 -57.30 -51.48 -37.17
CA TYR C 528 -56.47 -50.46 -36.53
C TYR C 528 -55.79 -49.51 -37.51
N THR C 529 -55.52 -49.97 -38.73
CA THR C 529 -54.82 -49.22 -39.78
C THR C 529 -55.72 -48.34 -40.63
N SER C 530 -57.04 -48.45 -40.50
CA SER C 530 -57.98 -47.56 -41.20
C SER C 530 -57.80 -46.10 -40.78
N LYS C 531 -57.79 -45.17 -41.74
CA LYS C 531 -57.82 -43.72 -41.49
C LYS C 531 -59.11 -43.14 -42.05
N VAL C 532 -59.57 -42.00 -41.55
CA VAL C 532 -60.84 -41.37 -41.97
C VAL C 532 -60.93 -41.05 -43.47
N LEU C 533 -59.81 -41.01 -44.18
CA LEU C 533 -59.73 -40.78 -45.62
C LEU C 533 -59.10 -41.96 -46.38
N GLU C 534 -58.90 -43.10 -45.72
CA GLU C 534 -58.24 -44.30 -46.25
C GLU C 534 -58.77 -45.52 -45.47
N PRO C 535 -59.99 -45.98 -45.78
CA PRO C 535 -60.61 -47.09 -45.06
C PRO C 535 -59.86 -48.40 -45.31
N SER C 536 -59.83 -49.25 -44.31
CA SER C 536 -59.01 -50.47 -44.37
C SER C 536 -59.52 -51.39 -45.46
N ARG C 537 -58.66 -51.87 -46.36
CA ARG C 537 -59.11 -52.51 -47.61
C ARG C 537 -60.09 -53.68 -47.42
N PRO C 538 -59.95 -54.59 -46.44
CA PRO C 538 -60.93 -55.65 -46.26
C PRO C 538 -62.29 -55.12 -45.81
N PHE C 539 -62.32 -54.07 -45.01
CA PHE C 539 -63.55 -53.42 -44.53
C PHE C 539 -64.21 -52.56 -45.63
N TRP C 540 -63.42 -51.93 -46.50
CA TRP C 540 -63.93 -51.29 -47.70
C TRP C 540 -64.53 -52.33 -48.64
N GLY C 541 -63.89 -53.49 -48.77
CA GLY C 541 -64.46 -54.65 -49.48
C GLY C 541 -65.81 -55.08 -48.94
N LEU C 542 -65.94 -55.31 -47.63
CA LEU C 542 -67.21 -55.73 -47.03
C LEU C 542 -68.33 -54.72 -47.26
N VAL C 543 -68.13 -53.45 -46.91
CA VAL C 543 -69.18 -52.45 -47.06
C VAL C 543 -69.48 -52.13 -48.51
N ALA C 544 -68.53 -52.32 -49.42
CA ALA C 544 -68.81 -52.25 -50.84
C ALA C 544 -69.66 -53.44 -51.30
N ALA C 545 -69.27 -54.69 -51.04
CA ALA C 545 -70.04 -55.87 -51.43
C ALA C 545 -71.49 -55.80 -50.91
N ALA C 546 -71.67 -55.43 -49.65
CA ALA C 546 -72.98 -55.26 -49.05
C ALA C 546 -73.80 -54.11 -49.67
N SER C 547 -73.16 -53.04 -50.15
CA SER C 547 -73.83 -51.94 -50.86
C SER C 547 -74.18 -52.26 -52.30
N GLY C 548 -73.64 -53.36 -52.84
CA GLY C 548 -73.43 -53.50 -54.29
C GLY C 548 -72.33 -52.56 -54.79
N THR C 549 -71.96 -52.69 -56.06
CA THR C 549 -70.90 -51.90 -56.70
C THR C 549 -69.49 -52.17 -56.15
N LEU C 550 -69.21 -53.42 -55.74
CA LEU C 550 -67.86 -53.88 -55.40
C LEU C 550 -66.87 -53.70 -56.57
N GLY C 551 -67.32 -53.94 -57.80
CA GLY C 551 -66.55 -53.66 -59.00
C GLY C 551 -66.18 -52.18 -59.17
N GLU C 552 -67.10 -51.26 -58.94
CA GLU C 552 -66.84 -49.81 -59.05
C GLU C 552 -65.85 -49.29 -58.00
N VAL C 553 -65.87 -49.86 -56.79
CA VAL C 553 -64.83 -49.62 -55.78
C VAL C 553 -63.48 -50.13 -56.26
N ILE C 554 -63.41 -51.32 -56.86
CA ILE C 554 -62.16 -51.84 -57.40
C ILE C 554 -61.57 -50.94 -58.49
N LYS C 555 -62.38 -50.21 -59.29
CA LYS C 555 -61.85 -49.14 -60.18
C LYS C 555 -61.35 -47.93 -59.38
N ASP C 556 -62.10 -47.46 -58.39
CA ASP C 556 -61.69 -46.28 -57.61
C ASP C 556 -60.32 -46.48 -56.93
N ILE C 557 -60.04 -47.72 -56.49
CA ILE C 557 -58.73 -48.11 -55.96
C ILE C 557 -57.65 -48.12 -57.05
N ASN C 558 -57.86 -48.87 -58.13
CA ASN C 558 -56.79 -49.20 -59.06
C ASN C 558 -56.49 -48.11 -60.10
N LEU C 559 -57.40 -47.15 -60.34
CA LEU C 559 -57.13 -45.97 -61.16
C LEU C 559 -56.18 -45.00 -60.45
N MET D 1 -52.89 6.91 -17.60
CA MET D 1 -52.90 6.41 -16.22
C MET D 1 -52.18 5.08 -16.10
N LYS D 2 -51.52 4.82 -14.97
CA LYS D 2 -50.86 3.54 -14.64
C LYS D 2 -51.18 3.19 -13.19
N TYR D 3 -51.22 1.91 -12.82
CA TYR D 3 -51.42 1.46 -11.45
C TYR D 3 -50.34 0.46 -11.04
N VAL D 4 -49.86 0.56 -9.81
CA VAL D 4 -49.08 -0.51 -9.17
C VAL D 4 -49.80 -0.91 -7.89
N VAL D 5 -50.23 -2.14 -7.77
CA VAL D 5 -50.94 -2.58 -6.57
C VAL D 5 -49.96 -3.31 -5.70
N VAL D 6 -49.83 -2.95 -4.42
CA VAL D 6 -48.96 -3.59 -3.43
C VAL D 6 -49.85 -4.38 -2.48
N SER D 7 -49.54 -5.65 -2.29
CA SER D 7 -50.55 -6.68 -1.96
C SER D 7 -49.91 -7.89 -1.31
N GLY D 8 -50.74 -8.83 -0.86
CA GLY D 8 -50.31 -10.20 -0.66
C GLY D 8 -50.26 -10.64 0.79
N GLY D 9 -49.14 -11.23 1.18
CA GLY D 9 -48.87 -11.65 2.54
C GLY D 9 -49.46 -13.01 2.89
N VAL D 10 -48.63 -13.88 3.46
CA VAL D 10 -49.06 -15.02 4.29
C VAL D 10 -49.68 -14.56 5.61
N ILE D 11 -49.16 -13.46 6.18
CA ILE D 11 -49.57 -12.84 7.44
C ILE D 11 -49.80 -11.34 7.26
N SER D 12 -50.74 -10.76 7.98
CA SER D 12 -51.13 -9.36 7.82
C SER D 12 -50.19 -8.35 8.51
N GLY D 13 -49.39 -8.76 9.48
CA GLY D 13 -48.38 -7.90 10.14
C GLY D 13 -47.06 -7.72 9.38
N ILE D 14 -47.00 -8.15 8.12
CA ILE D 14 -45.75 -8.30 7.35
C ILE D 14 -45.06 -7.00 6.92
N GLY D 15 -45.72 -5.85 7.00
CA GLY D 15 -45.14 -4.56 6.64
C GLY D 15 -45.12 -4.30 5.12
N LYS D 16 -46.31 -4.20 4.53
CA LYS D 16 -46.51 -3.74 3.14
C LYS D 16 -46.39 -2.24 3.00
N GLY D 17 -46.70 -1.47 4.04
CA GLY D 17 -46.81 -0.01 3.99
C GLY D 17 -45.52 0.70 3.64
N VAL D 18 -44.36 0.17 4.02
CA VAL D 18 -43.06 0.68 3.55
C VAL D 18 -42.88 0.38 2.08
N LEU D 19 -43.12 -0.84 1.60
CA LEU D 19 -42.95 -1.13 0.18
C LEU D 19 -43.88 -0.31 -0.70
N ALA D 20 -45.11 -0.01 -0.28
CA ALA D 20 -45.96 0.96 -0.96
C ALA D 20 -45.36 2.38 -0.92
N SER D 21 -45.12 2.94 0.26
CA SER D 21 -44.60 4.31 0.44
C SER D 21 -43.21 4.54 -0.16
N SER D 22 -42.50 3.49 -0.51
CA SER D 22 -41.14 3.40 -1.02
C SER D 22 -41.10 2.99 -2.48
N THR D 23 -42.15 2.38 -3.02
CA THR D 23 -42.24 2.12 -4.46
C THR D 23 -42.66 3.40 -5.12
N GLY D 24 -43.58 4.12 -4.50
CA GLY D 24 -44.07 5.36 -5.02
C GLY D 24 -43.09 6.45 -4.98
N MET D 25 -42.15 6.38 -4.03
CA MET D 25 -41.05 7.30 -3.92
C MET D 25 -40.06 7.05 -5.06
N LEU D 26 -39.69 5.80 -5.31
CA LEU D 26 -38.84 5.49 -6.44
C LEU D 26 -39.45 5.96 -7.76
N LEU D 27 -40.74 5.74 -8.00
CA LEU D 27 -41.37 6.27 -9.21
C LEU D 27 -41.37 7.80 -9.26
N LYS D 28 -41.46 8.51 -8.13
CA LYS D 28 -41.37 9.97 -8.13
C LYS D 28 -39.99 10.49 -8.52
N THR D 29 -38.93 9.68 -8.36
CA THR D 29 -37.61 10.04 -8.88
C THR D 29 -37.49 10.00 -10.41
N LEU D 30 -38.39 9.30 -11.13
CA LEU D 30 -38.53 9.47 -12.59
C LEU D 30 -39.22 10.79 -12.96
N GLY D 31 -39.73 11.54 -11.99
CA GLY D 31 -40.42 12.81 -12.20
C GLY D 31 -41.93 12.67 -12.38
N LEU D 32 -42.47 11.45 -12.39
CA LEU D 32 -43.89 11.15 -12.53
C LEU D 32 -44.73 11.79 -11.41
N LYS D 33 -45.90 12.33 -11.71
CA LYS D 33 -46.82 12.86 -10.69
C LYS D 33 -47.52 11.72 -9.96
N VAL D 34 -46.84 11.07 -9.02
CA VAL D 34 -47.37 9.85 -8.37
C VAL D 34 -48.46 10.16 -7.35
N THR D 35 -49.46 9.29 -7.21
CA THR D 35 -50.49 9.31 -6.15
C THR D 35 -50.59 7.94 -5.51
N SER D 36 -51.38 7.80 -4.45
CA SER D 36 -51.56 6.54 -3.75
C SER D 36 -52.94 6.38 -3.15
N ILE D 37 -53.39 5.15 -3.03
CA ILE D 37 -54.70 4.77 -2.47
C ILE D 37 -54.44 3.71 -1.41
N LYS D 38 -55.07 3.81 -0.26
CA LYS D 38 -55.03 2.77 0.78
C LYS D 38 -56.35 2.03 0.68
N ILE D 39 -56.34 0.70 0.69
CA ILE D 39 -57.53 -0.11 0.92
C ILE D 39 -57.38 -0.66 2.35
N ASP D 40 -58.39 -0.45 3.20
CA ASP D 40 -58.47 -1.04 4.53
C ASP D 40 -59.72 -1.92 4.64
N PRO D 41 -59.56 -3.23 4.81
CA PRO D 41 -60.66 -4.16 4.95
C PRO D 41 -61.57 -3.99 6.18
N TYR D 42 -61.22 -3.17 7.15
CA TYR D 42 -62.10 -2.92 8.30
C TYR D 42 -63.40 -2.24 7.94
N MET D 43 -64.41 -2.40 8.78
CA MET D 43 -65.74 -1.81 8.56
C MET D 43 -65.84 -0.35 8.95
N ASN D 44 -64.84 0.27 9.58
CA ASN D 44 -65.00 1.68 9.91
C ASN D 44 -65.12 2.57 8.68
N ILE D 45 -66.10 3.46 8.70
CA ILE D 45 -66.23 4.50 7.69
C ILE D 45 -64.97 5.33 7.61
N ASP D 46 -64.57 5.87 8.75
CA ASP D 46 -63.33 6.61 8.90
C ASP D 46 -62.89 6.57 10.37
N ALA D 47 -61.59 6.77 10.58
CA ALA D 47 -60.90 6.42 11.83
C ALA D 47 -61.35 7.23 13.06
N GLY D 48 -62.11 8.31 12.90
CA GLY D 48 -62.52 9.19 14.00
C GLY D 48 -63.25 8.50 15.16
N THR D 49 -63.88 7.36 14.93
CA THR D 49 -64.57 6.58 15.98
C THR D 49 -63.64 5.71 16.82
N MET D 50 -62.43 5.37 16.34
CA MET D 50 -61.58 4.38 17.01
C MET D 50 -60.40 5.05 17.72
N SER D 51 -60.32 4.84 19.03
CA SER D 51 -59.38 5.50 19.94
C SER D 51 -57.92 5.17 19.63
N PRO D 52 -56.97 6.09 19.89
CA PRO D 52 -55.55 5.88 19.65
C PRO D 52 -54.90 4.66 20.34
N LEU D 53 -55.51 4.09 21.37
CA LEU D 53 -55.10 2.78 21.91
C LEU D 53 -55.26 1.65 20.88
N GLU D 54 -56.31 1.69 20.07
CA GLU D 54 -56.72 0.63 19.17
C GLU D 54 -56.07 0.79 17.78
N HIS D 55 -54.87 0.23 17.61
CA HIS D 55 -54.07 0.31 16.38
C HIS D 55 -53.64 1.73 15.95
N GLY D 56 -53.19 2.54 16.90
CA GLY D 56 -52.44 3.78 16.67
C GLY D 56 -53.25 5.06 16.44
N GLU D 57 -52.53 6.17 16.25
CA GLU D 57 -53.04 7.55 16.27
C GLU D 57 -54.20 7.87 15.30
N CYS D 58 -54.96 8.91 15.61
CA CYS D 58 -56.07 9.39 14.78
C CYS D 58 -55.57 10.49 13.81
N PHE D 59 -55.22 10.14 12.57
CA PHE D 59 -54.64 11.07 11.58
C PHE D 59 -55.61 12.20 11.21
N VAL D 60 -55.14 13.27 10.54
CA VAL D 60 -56.00 14.35 9.99
C VAL D 60 -55.55 14.76 8.59
N LEU D 61 -56.49 14.90 7.66
CA LEU D 61 -56.30 15.37 6.28
C LEU D 61 -56.74 16.82 6.09
N ASP D 62 -56.46 17.43 4.93
CA ASP D 62 -56.91 18.79 4.63
C ASP D 62 -58.44 18.95 4.74
N ASP D 63 -59.18 17.91 4.38
CA ASP D 63 -60.66 17.85 4.46
C ASP D 63 -61.21 17.87 5.91
N GLY D 64 -60.35 17.59 6.89
CA GLY D 64 -60.78 17.21 8.24
C GLY D 64 -61.04 15.72 8.41
N GLY D 65 -60.81 14.91 7.37
CA GLY D 65 -61.05 13.46 7.39
C GLY D 65 -60.11 12.70 8.32
N GLU D 66 -60.62 12.28 9.47
CA GLU D 66 -59.88 11.49 10.45
C GLU D 66 -59.67 10.07 9.93
N THR D 67 -58.42 9.66 9.65
CA THR D 67 -58.13 8.58 8.69
C THR D 67 -57.06 7.58 9.13
N ASP D 68 -56.94 6.50 8.37
CA ASP D 68 -55.92 5.48 8.62
C ASP D 68 -54.50 6.04 8.60
N LEU D 69 -53.67 5.58 9.52
CA LEU D 69 -52.25 5.92 9.60
C LEU D 69 -51.54 5.88 8.26
N ASP D 70 -51.84 4.87 7.44
CA ASP D 70 -51.07 4.60 6.26
C ASP D 70 -51.20 5.68 5.20
N LEU D 71 -52.24 6.53 5.23
CA LEU D 71 -52.24 7.73 4.40
C LEU D 71 -51.04 8.62 4.72
N GLY D 72 -50.75 8.79 6.00
CA GLY D 72 -49.68 9.65 6.47
C GLY D 72 -48.34 9.21 5.90
N ASN D 73 -48.03 7.91 5.90
CA ASN D 73 -46.75 7.42 5.37
C ASN D 73 -46.58 7.80 3.90
N TYR D 74 -47.62 7.73 3.06
CA TYR D 74 -47.47 8.19 1.68
C TYR D 74 -47.32 9.70 1.61
N GLU D 75 -48.11 10.47 2.37
CA GLU D 75 -48.01 11.93 2.34
C GLU D 75 -46.58 12.39 2.62
N ARG D 76 -45.96 11.89 3.69
CA ARG D 76 -44.62 12.29 4.06
C ARG D 76 -43.51 11.74 3.17
N TYR D 77 -43.63 10.53 2.61
CA TYR D 77 -42.64 10.02 1.65
C TYR D 77 -42.77 10.68 0.28
N LEU D 78 -43.99 10.95 -0.18
CA LEU D 78 -44.24 11.35 -1.57
C LEU D 78 -44.46 12.86 -1.74
N GLY D 79 -44.55 13.62 -0.64
CA GLY D 79 -44.80 15.07 -0.64
C GLY D 79 -46.25 15.46 -0.98
N ILE D 80 -47.10 14.48 -1.23
CA ILE D 80 -48.46 14.66 -1.72
C ILE D 80 -49.42 15.08 -0.62
N THR D 81 -50.51 15.73 -0.99
CA THR D 81 -51.68 15.94 -0.12
C THR D 81 -52.77 14.97 -0.53
N LEU D 82 -53.32 14.21 0.41
CA LEU D 82 -54.42 13.28 0.16
C LEU D 82 -55.77 13.82 0.64
N SER D 83 -56.84 13.14 0.26
CA SER D 83 -58.23 13.46 0.63
C SER D 83 -58.91 12.21 1.20
N ARG D 84 -59.98 12.37 1.98
CA ARG D 84 -60.58 11.24 2.69
C ARG D 84 -61.12 10.15 1.76
N ASP D 85 -61.32 10.43 0.49
CA ASP D 85 -61.64 9.41 -0.52
C ASP D 85 -60.48 8.46 -0.82
N HIS D 86 -59.21 8.83 -0.58
CA HIS D 86 -58.07 7.96 -0.86
C HIS D 86 -57.96 6.74 0.07
N ASN D 87 -58.76 6.71 1.14
CA ASN D 87 -58.88 5.60 2.05
C ASN D 87 -60.13 4.77 1.67
N ILE D 88 -60.01 3.82 0.77
CA ILE D 88 -61.09 2.87 0.50
C ILE D 88 -61.25 1.99 1.74
N THR D 89 -62.48 1.75 2.20
CA THR D 89 -62.71 0.76 3.25
C THR D 89 -63.91 -0.11 2.99
N THR D 90 -63.97 -1.28 3.62
CA THR D 90 -65.16 -2.12 3.55
C THR D 90 -66.36 -1.38 4.11
N GLY D 91 -66.17 -0.62 5.18
CA GLY D 91 -67.19 0.31 5.69
C GLY D 91 -67.71 1.30 4.66
N LYS D 92 -66.80 2.00 4.01
CA LYS D 92 -67.17 3.04 3.04
C LYS D 92 -67.90 2.44 1.86
N ILE D 93 -67.31 1.47 1.16
CA ILE D 93 -67.88 1.04 -0.12
C ILE D 93 -69.21 0.31 0.07
N TYR D 94 -69.37 -0.45 1.15
CA TYR D 94 -70.64 -1.09 1.46
C TYR D 94 -71.66 -0.05 1.94
N SER D 95 -71.29 0.94 2.74
CA SER D 95 -72.19 2.05 3.11
C SER D 95 -72.61 2.88 1.88
N HIS D 96 -71.71 3.05 0.92
CA HIS D 96 -71.94 3.74 -0.34
C HIS D 96 -72.96 2.99 -1.17
N VAL D 97 -72.66 1.75 -1.62
CA VAL D 97 -73.61 1.06 -2.49
C VAL D 97 -74.93 0.72 -1.79
N ILE D 98 -74.95 0.38 -0.50
CA ILE D 98 -76.22 0.18 0.23
C ILE D 98 -76.97 1.50 0.38
N SER D 99 -76.33 2.65 0.57
CA SER D 99 -77.08 3.93 0.56
C SER D 99 -77.60 4.25 -0.85
N ARG D 100 -76.83 3.89 -1.88
CA ARG D 100 -77.23 4.03 -3.28
C ARG D 100 -78.44 3.17 -3.62
N GLU D 101 -78.63 2.00 -3.00
CA GLU D 101 -79.86 1.21 -3.16
C GLU D 101 -81.11 1.95 -2.72
N ARG D 102 -81.13 2.54 -1.53
CA ARG D 102 -82.31 3.29 -1.07
C ARG D 102 -82.56 4.54 -1.93
N ARG D 103 -81.52 5.08 -2.58
CA ARG D 103 -81.62 6.14 -3.61
C ARG D 103 -82.16 5.60 -4.96
N GLY D 104 -81.99 4.31 -5.25
CA GLY D 104 -82.62 3.61 -6.37
C GLY D 104 -81.78 3.45 -7.63
N ASP D 105 -80.52 3.85 -7.65
CA ASP D 105 -79.76 4.04 -8.89
C ASP D 105 -79.47 2.77 -9.70
N TYR D 106 -79.63 1.57 -9.14
CA TYR D 106 -79.55 0.32 -9.90
C TYR D 106 -80.88 -0.05 -10.59
N LEU D 107 -81.81 0.89 -10.71
CA LEU D 107 -83.09 0.77 -11.43
C LEU D 107 -83.97 -0.40 -10.93
N GLY D 108 -83.86 -0.70 -9.64
CA GLY D 108 -84.57 -1.83 -9.07
C GLY D 108 -84.10 -3.18 -9.56
N LYS D 109 -82.84 -3.33 -9.96
CA LYS D 109 -82.24 -4.66 -10.15
C LYS D 109 -81.83 -5.32 -8.81
N THR D 110 -81.28 -6.53 -8.84
CA THR D 110 -80.61 -7.10 -7.64
C THR D 110 -79.31 -6.33 -7.56
N VAL D 111 -78.74 -6.07 -6.40
CA VAL D 111 -77.39 -5.42 -6.31
C VAL D 111 -76.43 -6.51 -5.82
N GLN D 112 -76.25 -7.58 -6.58
CA GLN D 112 -75.32 -8.66 -6.22
C GLN D 112 -73.97 -7.99 -5.90
N ILE D 113 -73.12 -8.57 -5.01
CA ILE D 113 -71.78 -7.98 -4.71
C ILE D 113 -70.83 -8.27 -5.88
N VAL D 114 -71.00 -9.35 -6.65
CA VAL D 114 -70.20 -9.53 -7.91
C VAL D 114 -70.77 -8.49 -8.84
N PRO D 115 -70.45 -8.38 -10.15
CA PRO D 115 -70.89 -7.27 -10.95
C PRO D 115 -71.06 -5.92 -10.24
N HIS D 116 -72.11 -5.67 -9.49
CA HIS D 116 -72.35 -4.26 -9.17
C HIS D 116 -71.42 -3.65 -8.11
N LEU D 117 -71.22 -4.24 -6.93
CA LEU D 117 -70.31 -3.64 -5.94
C LEU D 117 -68.85 -3.67 -6.42
N THR D 118 -68.35 -4.77 -6.99
CA THR D 118 -67.00 -4.74 -7.57
C THR D 118 -66.86 -3.72 -8.69
N ASN D 119 -67.94 -3.38 -9.40
CA ASN D 119 -67.94 -2.26 -10.33
C ASN D 119 -67.82 -0.91 -9.59
N ALA D 120 -68.47 -0.72 -8.43
CA ALA D 120 -68.29 0.50 -7.64
C ALA D 120 -66.84 0.67 -7.16
N ILE D 121 -66.16 -0.41 -6.74
CA ILE D 121 -64.72 -0.34 -6.41
C ILE D 121 -63.94 0.12 -7.64
N GLN D 122 -64.14 -0.49 -8.80
CA GLN D 122 -63.38 -0.17 -9.98
C GLN D 122 -63.67 1.25 -10.47
N ASP D 123 -64.85 1.77 -10.20
CA ASP D 123 -65.21 3.17 -10.44
C ASP D 123 -64.52 4.07 -9.41
N TRP D 124 -64.59 3.77 -8.11
CA TRP D 124 -63.94 4.56 -7.07
C TRP D 124 -62.43 4.71 -7.29
N ILE D 125 -61.70 3.63 -7.56
CA ILE D 125 -60.27 3.73 -7.87
C ILE D 125 -60.00 4.60 -9.08
N GLN D 126 -60.85 4.57 -10.11
CA GLN D 126 -60.71 5.41 -11.31
C GLN D 126 -61.12 6.85 -11.07
N ARG D 127 -62.03 7.14 -10.13
CA ARG D 127 -62.30 8.52 -9.73
C ARG D 127 -61.11 9.09 -9.00
N VAL D 128 -60.73 8.43 -7.92
CA VAL D 128 -59.76 8.85 -6.93
C VAL D 128 -58.39 9.04 -7.52
N SER D 129 -57.89 8.15 -8.34
CA SER D 129 -56.57 8.33 -8.97
C SER D 129 -56.51 9.53 -9.95
N LYS D 130 -57.64 10.16 -10.36
CA LYS D 130 -57.65 11.39 -11.15
C LYS D 130 -57.81 12.69 -10.34
N ILE D 131 -57.97 12.62 -9.02
CA ILE D 131 -57.97 13.79 -8.14
C ILE D 131 -56.54 14.34 -8.05
N PRO D 132 -56.26 15.65 -8.20
CA PRO D 132 -54.91 16.18 -8.09
C PRO D 132 -54.38 16.16 -6.65
N VAL D 133 -53.07 16.01 -6.48
CA VAL D 133 -52.45 15.86 -5.14
C VAL D 133 -51.19 16.71 -4.89
N ASP D 134 -50.47 17.15 -5.93
CA ASP D 134 -49.30 18.02 -5.83
C ASP D 134 -49.68 19.51 -5.71
N ASP D 135 -48.69 20.41 -5.72
CA ASP D 135 -48.86 21.86 -5.57
C ASP D 135 -49.61 22.56 -6.73
N THR D 136 -49.86 21.83 -7.83
CA THR D 136 -50.63 22.26 -8.99
C THR D 136 -51.67 21.19 -9.35
N GLY D 137 -52.79 21.61 -9.93
CA GLY D 137 -53.96 20.77 -10.22
C GLY D 137 -53.80 19.81 -11.41
N LEU D 138 -52.60 19.25 -11.62
CA LEU D 138 -52.32 18.26 -12.66
C LEU D 138 -52.64 16.85 -12.15
N GLU D 139 -53.35 16.07 -12.94
CA GLU D 139 -53.79 14.73 -12.56
C GLU D 139 -52.63 13.72 -12.57
N PRO D 140 -52.60 12.74 -11.65
CA PRO D 140 -51.51 11.80 -11.48
C PRO D 140 -51.09 10.94 -12.69
N ASP D 141 -49.81 10.64 -12.84
CA ASP D 141 -49.33 9.73 -13.88
C ASP D 141 -49.44 8.27 -13.46
N VAL D 142 -49.16 7.95 -12.20
CA VAL D 142 -49.13 6.59 -11.64
C VAL D 142 -49.80 6.58 -10.28
N CYS D 143 -50.61 5.57 -9.98
CA CYS D 143 -51.24 5.37 -8.69
C CYS D 143 -50.78 4.08 -7.99
N ILE D 144 -50.24 4.19 -6.78
CA ILE D 144 -49.89 3.03 -5.94
C ILE D 144 -51.11 2.63 -5.09
N ILE D 145 -51.64 1.43 -5.25
CA ILE D 145 -52.76 0.95 -4.42
C ILE D 145 -52.20 0.00 -3.37
N GLU D 146 -52.32 0.30 -2.08
CA GLU D 146 -51.96 -0.63 -1.01
C GLU D 146 -53.18 -1.44 -0.57
N LEU D 147 -53.22 -2.73 -0.89
CA LEU D 147 -54.33 -3.63 -0.55
C LEU D 147 -54.12 -4.13 0.88
N GLY D 148 -54.83 -3.52 1.82
CA GLY D 148 -54.85 -3.92 3.23
C GLY D 148 -55.46 -5.31 3.44
N GLY D 149 -55.27 -5.88 4.63
CA GLY D 149 -55.54 -7.30 4.84
C GLY D 149 -54.56 -8.21 4.10
N THR D 150 -54.98 -9.41 3.71
CA THR D 150 -54.18 -10.26 2.81
C THR D 150 -55.01 -10.78 1.62
N VAL D 151 -54.33 -11.18 0.53
CA VAL D 151 -55.00 -11.81 -0.64
C VAL D 151 -55.20 -13.26 -0.20
N GLY D 152 -56.42 -13.69 0.08
CA GLY D 152 -56.72 -15.03 0.63
C GLY D 152 -57.41 -14.87 1.95
N ASP D 153 -58.45 -14.05 2.01
CA ASP D 153 -59.19 -13.74 3.25
C ASP D 153 -60.68 -13.63 2.91
N ILE D 154 -61.50 -13.19 3.86
CA ILE D 154 -62.97 -12.98 3.65
C ILE D 154 -63.30 -11.49 3.76
N GLU D 155 -62.43 -10.68 4.36
CA GLU D 155 -62.60 -9.20 4.41
C GLU D 155 -61.92 -8.64 3.16
N SER D 156 -61.05 -9.44 2.52
CA SER D 156 -60.38 -8.98 1.30
C SER D 156 -61.21 -9.23 0.04
N ALA D 157 -62.19 -10.10 0.12
CA ALA D 157 -62.76 -10.82 -1.01
C ALA D 157 -63.32 -9.95 -2.14
N PRO D 158 -64.16 -8.93 -1.90
CA PRO D 158 -64.60 -8.05 -2.97
C PRO D 158 -63.46 -7.25 -3.60
N PHE D 159 -62.42 -6.88 -2.85
CA PHE D 159 -61.30 -6.14 -3.41
C PHE D 159 -60.51 -7.01 -4.35
N VAL D 160 -60.17 -8.25 -3.99
CA VAL D 160 -59.38 -9.08 -4.92
C VAL D 160 -60.16 -9.42 -6.19
N GLU D 161 -61.49 -9.57 -6.13
CA GLU D 161 -62.31 -9.71 -7.34
C GLU D 161 -62.34 -8.43 -8.15
N ALA D 162 -62.66 -7.32 -7.51
CA ALA D 162 -62.65 -6.03 -8.17
C ALA D 162 -61.35 -5.76 -8.92
N LEU D 163 -60.21 -6.10 -8.31
CA LEU D 163 -58.88 -5.98 -8.90
C LEU D 163 -58.58 -7.04 -9.97
N ARG D 164 -59.15 -8.24 -9.93
CA ARG D 164 -59.10 -9.11 -11.10
C ARG D 164 -59.82 -8.42 -12.27
N GLN D 165 -61.03 -7.89 -12.14
CA GLN D 165 -61.65 -7.20 -13.26
C GLN D 165 -60.81 -5.97 -13.65
N PHE D 166 -60.28 -5.25 -12.67
CA PHE D 166 -59.50 -4.03 -12.91
C PHE D 166 -58.16 -4.23 -13.62
N GLN D 167 -57.66 -5.48 -13.64
CA GLN D 167 -56.53 -5.88 -14.45
C GLN D 167 -56.84 -5.81 -15.95
N PHE D 168 -58.14 -5.79 -16.31
CA PHE D 168 -58.60 -5.68 -17.70
C PHE D 168 -59.40 -4.42 -18.01
N GLU D 169 -60.27 -3.99 -17.11
CA GLU D 169 -61.04 -2.75 -17.28
C GLU D 169 -60.10 -1.53 -17.36
N VAL D 170 -58.89 -1.62 -16.78
CA VAL D 170 -57.68 -0.90 -17.18
C VAL D 170 -56.73 -1.94 -17.80
N GLY D 171 -56.19 -1.68 -18.98
CA GLY D 171 -55.41 -2.69 -19.71
C GLY D 171 -54.16 -3.15 -18.94
N ARG D 172 -53.75 -4.43 -19.05
CA ARG D 172 -52.38 -4.86 -18.69
C ARG D 172 -51.39 -3.98 -19.44
N GLU D 173 -50.22 -3.83 -18.87
CA GLU D 173 -49.27 -2.74 -19.18
C GLU D 173 -49.71 -1.32 -18.74
N ASN D 174 -50.92 -1.13 -18.22
CA ASN D 174 -51.27 -0.03 -17.31
C ASN D 174 -51.48 -0.51 -15.87
N PHE D 175 -51.18 -1.76 -15.54
CA PHE D 175 -51.35 -2.33 -14.20
C PHE D 175 -50.24 -3.31 -13.89
N ALA D 176 -49.75 -3.33 -12.67
CA ALA D 176 -48.73 -4.25 -12.16
C ALA D 176 -49.01 -4.63 -10.71
N LEU D 177 -48.75 -5.89 -10.32
CA LEU D 177 -48.97 -6.36 -8.93
C LEU D 177 -47.65 -6.72 -8.24
N ILE D 178 -47.43 -6.15 -7.08
CA ILE D 178 -46.31 -6.44 -6.20
C ILE D 178 -46.86 -7.24 -5.02
N HIS D 179 -46.44 -8.49 -4.88
CA HIS D 179 -46.87 -9.39 -3.81
C HIS D 179 -45.78 -9.48 -2.75
N VAL D 180 -46.03 -8.86 -1.60
CA VAL D 180 -45.22 -8.99 -0.39
C VAL D 180 -45.43 -10.39 0.18
N SER D 181 -44.41 -11.04 0.72
CA SER D 181 -44.56 -12.42 1.16
C SER D 181 -43.60 -12.83 2.26
N LEU D 182 -43.92 -13.90 3.00
CA LEU D 182 -43.14 -14.35 4.14
C LEU D 182 -42.27 -15.55 3.76
N VAL D 183 -40.98 -15.51 4.11
CA VAL D 183 -40.04 -16.61 3.91
C VAL D 183 -39.39 -16.89 5.25
N PRO D 184 -40.01 -17.69 6.13
CA PRO D 184 -39.49 -17.95 7.47
C PRO D 184 -38.11 -18.61 7.46
N VAL D 185 -37.35 -18.41 8.52
CA VAL D 185 -36.11 -19.15 8.77
C VAL D 185 -36.21 -19.94 10.06
N ILE D 186 -35.92 -21.23 9.96
CA ILE D 186 -36.06 -22.26 10.99
C ILE D 186 -34.83 -23.16 10.91
N HIS D 187 -34.18 -23.46 12.04
CA HIS D 187 -32.98 -24.29 12.13
C HIS D 187 -31.86 -23.92 11.13
N GLY D 188 -31.79 -22.64 10.74
CA GLY D 188 -30.85 -22.11 9.75
C GLY D 188 -31.23 -22.24 8.26
N GLU D 189 -32.46 -22.68 7.92
CA GLU D 189 -32.86 -22.93 6.50
C GLU D 189 -33.96 -21.93 6.10
N GLN D 190 -33.87 -21.31 4.92
CA GLN D 190 -34.92 -20.36 4.45
C GLN D 190 -36.10 -21.18 3.90
N LYS D 191 -37.31 -20.97 4.42
CA LYS D 191 -38.52 -21.75 4.10
C LYS D 191 -39.44 -20.97 3.16
N THR D 192 -39.37 -21.15 1.84
CA THR D 192 -40.27 -20.54 0.82
C THR D 192 -41.57 -21.34 0.57
N LYS D 193 -42.20 -22.01 1.53
CA LYS D 193 -43.53 -22.69 1.31
C LYS D 193 -44.71 -21.82 1.77
N PRO D 194 -44.60 -20.91 2.75
CA PRO D 194 -45.66 -19.95 3.08
C PRO D 194 -45.85 -19.08 1.83
N THR D 195 -44.76 -18.61 1.22
CA THR D 195 -44.81 -17.79 -0.02
C THR D 195 -45.49 -18.61 -1.12
N GLN D 196 -45.09 -19.85 -1.39
CA GLN D 196 -45.64 -20.69 -2.49
C GLN D 196 -47.10 -21.03 -2.21
N ALA D 197 -47.60 -20.87 -0.98
CA ALA D 197 -49.02 -21.16 -0.60
C ALA D 197 -49.81 -19.86 -0.62
N ALA D 198 -49.22 -18.74 -1.02
CA ALA D 198 -49.93 -17.45 -1.21
C ALA D 198 -49.83 -17.07 -2.69
N ILE D 199 -48.99 -17.72 -3.51
CA ILE D 199 -48.88 -17.58 -4.96
C ILE D 199 -49.94 -18.47 -5.58
N LYS D 200 -50.23 -19.61 -4.98
CA LYS D 200 -51.32 -20.50 -5.36
C LYS D 200 -52.62 -19.73 -5.16
N ASP D 201 -52.86 -19.16 -3.99
CA ASP D 201 -54.11 -18.41 -3.73
C ASP D 201 -54.22 -17.15 -4.59
N LEU D 202 -53.11 -16.50 -4.92
CA LEU D 202 -53.14 -15.29 -5.73
C LEU D 202 -53.65 -15.62 -7.14
N ARG D 203 -53.08 -16.63 -7.79
CA ARG D 203 -53.46 -17.11 -9.10
C ARG D 203 -54.92 -17.53 -9.05
N SER D 204 -55.34 -18.21 -7.97
CA SER D 204 -56.71 -18.66 -7.79
C SER D 204 -57.68 -17.48 -7.74
N LEU D 205 -57.47 -16.48 -6.88
CA LEU D 205 -58.32 -15.26 -6.79
C LEU D 205 -58.20 -14.36 -8.02
N GLY D 206 -57.17 -14.56 -8.84
CA GLY D 206 -57.15 -14.25 -10.28
C GLY D 206 -56.16 -13.18 -10.75
N LEU D 207 -55.67 -12.33 -9.83
CA LEU D 207 -54.51 -11.48 -10.15
C LEU D 207 -53.29 -12.33 -10.46
N ILE D 208 -52.35 -11.81 -11.25
CA ILE D 208 -51.06 -12.49 -11.53
C ILE D 208 -49.94 -11.64 -10.98
N PRO D 209 -49.04 -12.12 -10.11
CA PRO D 209 -47.98 -11.29 -9.56
C PRO D 209 -46.83 -10.88 -10.46
N ASP D 210 -46.13 -9.78 -10.26
CA ASP D 210 -44.98 -9.24 -10.99
C ASP D 210 -43.70 -9.30 -10.19
N MET D 211 -43.72 -8.90 -8.94
CA MET D 211 -42.65 -8.90 -7.96
C MET D 211 -43.00 -9.88 -6.86
N ILE D 212 -42.02 -10.39 -6.13
CA ILE D 212 -42.23 -11.25 -4.99
C ILE D 212 -41.33 -10.68 -3.90
N ALA D 213 -41.89 -9.76 -3.10
CA ALA D 213 -41.14 -8.94 -2.16
C ALA D 213 -41.06 -9.59 -0.79
N CYS D 214 -40.06 -10.43 -0.58
CA CYS D 214 -39.94 -11.22 0.63
C CYS D 214 -39.49 -10.40 1.84
N ARG D 215 -40.12 -10.63 2.99
CA ARG D 215 -39.72 -10.12 4.32
C ARG D 215 -39.03 -11.21 5.15
N CYS D 216 -37.93 -11.74 4.61
CA CYS D 216 -37.06 -12.68 5.31
C CYS D 216 -36.24 -11.96 6.40
N SER D 217 -35.73 -12.72 7.37
CA SER D 217 -34.83 -12.21 8.41
C SER D 217 -33.39 -11.97 7.92
N GLU D 218 -33.10 -12.26 6.65
CA GLU D 218 -31.76 -12.43 6.09
C GLU D 218 -31.67 -11.87 4.66
N GLU D 219 -30.47 -11.85 4.07
CA GLU D 219 -30.39 -11.90 2.61
C GLU D 219 -30.91 -13.23 2.08
N LEU D 220 -31.76 -13.21 1.04
CA LEU D 220 -32.21 -14.43 0.38
C LEU D 220 -31.05 -15.15 -0.29
N ASN D 221 -30.93 -16.46 -0.09
CA ASN D 221 -29.92 -17.25 -0.79
C ASN D 221 -30.17 -17.22 -2.31
N ARG D 222 -29.11 -17.31 -3.13
CA ARG D 222 -29.28 -17.43 -4.60
C ARG D 222 -30.11 -18.64 -4.99
N SER D 223 -29.98 -19.76 -4.26
CA SER D 223 -30.84 -20.94 -4.42
C SER D 223 -32.28 -20.74 -3.93
N THR D 224 -32.52 -19.90 -2.92
CA THR D 224 -33.87 -19.54 -2.44
C THR D 224 -34.60 -18.73 -3.50
N ILE D 225 -33.95 -17.72 -4.07
CA ILE D 225 -34.53 -16.94 -5.17
C ILE D 225 -34.79 -17.83 -6.38
N ASP D 226 -33.86 -18.70 -6.76
CA ASP D 226 -34.03 -19.60 -7.91
C ASP D 226 -35.25 -20.51 -7.75
N LYS D 227 -35.51 -21.06 -6.55
CA LYS D 227 -36.73 -21.84 -6.29
C LYS D 227 -37.99 -20.97 -6.25
N ILE D 228 -37.99 -19.78 -5.63
CA ILE D 228 -39.18 -18.91 -5.72
C ILE D 228 -39.49 -18.55 -7.17
N ALA D 229 -38.49 -18.30 -8.01
CA ALA D 229 -38.67 -18.06 -9.45
C ALA D 229 -39.03 -19.34 -10.26
N MET D 230 -38.97 -20.53 -9.67
CA MET D 230 -39.43 -21.79 -10.26
C MET D 230 -40.90 -22.04 -9.93
N PHE D 231 -41.35 -21.70 -8.73
CA PHE D 231 -42.73 -21.91 -8.28
C PHE D 231 -43.64 -20.70 -8.52
N CYS D 232 -43.21 -19.47 -8.27
CA CYS D 232 -43.82 -18.32 -8.93
C CYS D 232 -43.22 -18.19 -10.34
N HIS D 233 -43.94 -17.58 -11.28
CA HIS D 233 -43.48 -17.44 -12.67
C HIS D 233 -42.59 -16.20 -12.92
N VAL D 234 -42.27 -15.39 -11.91
CA VAL D 234 -41.34 -14.25 -12.08
C VAL D 234 -39.92 -14.73 -12.37
N GLY D 235 -39.15 -13.96 -13.12
CA GLY D 235 -37.71 -14.20 -13.28
C GLY D 235 -36.92 -13.83 -12.02
N PRO D 236 -35.79 -14.46 -11.73
CA PRO D 236 -35.09 -14.34 -10.46
C PRO D 236 -34.62 -12.92 -10.12
N GLU D 237 -34.39 -12.05 -11.11
CA GLU D 237 -34.08 -10.64 -10.88
C GLU D 237 -35.21 -9.88 -10.17
N GLN D 238 -36.43 -10.39 -10.19
CA GLN D 238 -37.64 -9.70 -9.72
C GLN D 238 -38.06 -10.07 -8.29
N VAL D 239 -37.34 -11.01 -7.66
CA VAL D 239 -37.66 -11.53 -6.32
C VAL D 239 -36.99 -10.64 -5.29
N VAL D 240 -37.48 -9.40 -5.15
CA VAL D 240 -36.81 -8.39 -4.32
C VAL D 240 -36.78 -8.81 -2.86
N ASN D 241 -35.69 -8.50 -2.14
CA ASN D 241 -35.58 -8.72 -0.70
C ASN D 241 -35.68 -7.38 0.05
N VAL D 242 -36.50 -7.28 1.08
CA VAL D 242 -36.78 -6.00 1.75
C VAL D 242 -36.34 -6.01 3.21
N HIS D 243 -35.17 -6.60 3.48
CA HIS D 243 -34.62 -6.81 4.82
C HIS D 243 -34.32 -5.48 5.56
N ASP D 244 -34.19 -5.54 6.88
CA ASP D 244 -33.93 -4.36 7.72
C ASP D 244 -32.57 -3.69 7.41
N VAL D 245 -32.56 -2.37 7.44
CA VAL D 245 -31.41 -1.46 7.26
C VAL D 245 -31.52 -0.28 8.23
N ASN D 246 -30.42 0.45 8.46
CA ASN D 246 -30.19 1.37 9.57
C ASN D 246 -31.29 2.41 9.89
N SER D 247 -32.14 2.79 8.92
CA SER D 247 -33.42 3.46 9.17
C SER D 247 -34.35 3.24 7.97
N THR D 248 -35.67 3.34 8.13
CA THR D 248 -36.63 3.10 7.03
C THR D 248 -36.49 4.08 5.87
N TYR D 249 -35.82 5.21 6.02
CA TYR D 249 -35.52 6.10 4.90
C TYR D 249 -34.49 5.53 3.94
N HIS D 250 -33.75 4.48 4.30
CA HIS D 250 -32.90 3.77 3.35
C HIS D 250 -33.67 2.84 2.42
N VAL D 251 -34.88 2.38 2.77
CA VAL D 251 -35.55 1.30 2.02
C VAL D 251 -35.72 1.59 0.54
N PRO D 252 -36.12 2.79 0.08
CA PRO D 252 -36.15 3.11 -1.33
C PRO D 252 -34.83 2.81 -2.04
N LEU D 253 -33.68 3.13 -1.44
CA LEU D 253 -32.38 2.95 -2.08
C LEU D 253 -31.93 1.47 -2.13
N LEU D 254 -32.46 0.61 -1.28
CA LEU D 254 -32.28 -0.84 -1.40
C LEU D 254 -33.05 -1.38 -2.60
N LEU D 255 -34.28 -0.90 -2.79
CA LEU D 255 -35.12 -1.28 -3.92
C LEU D 255 -34.52 -0.74 -5.22
N LEU D 256 -33.87 0.42 -5.19
CA LEU D 256 -33.14 0.95 -6.32
C LEU D 256 -31.87 0.17 -6.68
N LYS D 257 -31.14 -0.36 -5.69
CA LYS D 257 -30.04 -1.32 -5.92
C LYS D 257 -30.56 -2.64 -6.49
N GLN D 258 -31.78 -3.02 -6.16
CA GLN D 258 -32.45 -4.24 -6.62
C GLN D 258 -33.26 -4.04 -7.91
N HIS D 259 -32.84 -3.07 -8.74
CA HIS D 259 -33.35 -2.79 -10.08
C HIS D 259 -34.82 -2.37 -10.19
N MET D 260 -35.52 -2.06 -9.10
CA MET D 260 -36.98 -1.95 -9.16
C MET D 260 -37.50 -0.79 -10.02
N ILE D 261 -36.81 0.35 -10.13
CA ILE D 261 -37.16 1.35 -11.14
C ILE D 261 -36.92 0.81 -12.55
N ASP D 262 -35.82 0.13 -12.82
CA ASP D 262 -35.55 -0.38 -14.17
C ASP D 262 -36.58 -1.42 -14.60
N TYR D 263 -37.02 -2.28 -13.68
CA TYR D 263 -38.12 -3.18 -13.93
C TYR D 263 -39.44 -2.43 -14.13
N LEU D 264 -39.89 -1.58 -13.21
CA LEU D 264 -41.16 -0.85 -13.37
C LEU D 264 -41.16 0.08 -14.60
N HIS D 265 -40.02 0.68 -14.99
CA HIS D 265 -39.93 1.46 -16.23
C HIS D 265 -40.25 0.59 -17.45
N SER D 266 -39.77 -0.65 -17.50
CA SER D 266 -40.11 -1.60 -18.54
C SER D 266 -41.56 -2.08 -18.41
N ARG D 267 -41.93 -2.70 -17.29
CA ARG D 267 -43.19 -3.43 -17.11
C ARG D 267 -44.45 -2.56 -17.17
N LEU D 268 -44.35 -1.24 -17.03
CA LEU D 268 -45.45 -0.31 -17.24
C LEU D 268 -45.20 0.67 -18.41
N LYS D 269 -44.15 0.46 -19.20
CA LYS D 269 -43.75 1.31 -20.33
C LYS D 269 -43.69 2.80 -19.96
N LEU D 270 -43.06 3.16 -18.83
CA LEU D 270 -43.09 4.51 -18.26
C LEU D 270 -42.39 5.54 -19.16
N GLY D 271 -41.57 5.11 -20.11
CA GLY D 271 -41.04 5.97 -21.17
C GLY D 271 -42.11 6.56 -22.10
N GLU D 272 -43.30 5.96 -22.19
CA GLU D 272 -44.40 6.48 -23.01
C GLU D 272 -45.25 7.55 -22.28
N VAL D 273 -45.09 7.75 -20.98
CA VAL D 273 -45.77 8.82 -20.24
C VAL D 273 -45.13 10.17 -20.61
N PRO D 274 -45.90 11.23 -20.94
CA PRO D 274 -45.34 12.54 -21.27
C PRO D 274 -44.79 13.27 -20.02
N LEU D 275 -43.52 13.64 -20.03
CA LEU D 275 -42.83 14.39 -18.97
C LEU D 275 -42.13 15.64 -19.52
N THR D 276 -42.17 16.76 -18.79
CA THR D 276 -41.36 17.94 -19.10
C THR D 276 -39.98 17.85 -18.45
N LEU D 277 -38.99 18.68 -18.83
CA LEU D 277 -37.77 18.79 -18.03
C LEU D 277 -38.05 19.31 -16.61
N GLU D 278 -39.06 20.14 -16.41
CA GLU D 278 -39.45 20.56 -15.06
C GLU D 278 -39.95 19.38 -14.22
N ASP D 279 -40.60 18.39 -14.82
CA ASP D 279 -40.84 17.10 -14.16
C ASP D 279 -39.53 16.32 -13.95
N LYS D 280 -38.80 16.02 -15.02
CA LYS D 280 -37.67 15.09 -14.95
C LYS D 280 -36.55 15.59 -14.06
N GLU D 281 -36.15 16.85 -14.20
CA GLU D 281 -35.07 17.41 -13.39
C GLU D 281 -35.49 17.56 -11.92
N ARG D 282 -36.77 17.81 -11.61
CA ARG D 282 -37.25 17.74 -10.22
C ARG D 282 -37.15 16.32 -9.68
N GLY D 283 -37.43 15.35 -10.52
CA GLY D 283 -37.26 13.92 -10.22
C GLY D 283 -35.83 13.57 -9.86
N SER D 284 -34.86 13.84 -10.72
CA SER D 284 -33.46 13.51 -10.47
C SER D 284 -32.84 14.38 -9.37
N GLN D 285 -33.31 15.61 -9.15
CA GLN D 285 -32.90 16.39 -8.00
C GLN D 285 -33.44 15.80 -6.70
N LEU D 286 -34.72 15.41 -6.63
CA LEU D 286 -35.27 14.77 -5.44
C LEU D 286 -34.53 13.49 -5.09
N LEU D 287 -34.11 12.69 -6.08
CA LEU D 287 -33.23 11.54 -5.84
C LEU D 287 -31.96 11.98 -5.11
N THR D 288 -31.28 13.04 -5.55
CA THR D 288 -30.08 13.49 -4.85
C THR D 288 -30.37 14.07 -3.48
N ASN D 289 -31.55 14.64 -3.21
CA ASN D 289 -31.89 15.00 -1.84
C ASN D 289 -32.05 13.75 -0.98
N TRP D 290 -32.58 12.65 -1.51
CA TRP D 290 -32.72 11.39 -0.78
C TRP D 290 -31.38 10.69 -0.57
N GLU D 291 -30.50 10.69 -1.56
CA GLU D 291 -29.13 10.21 -1.41
C GLU D 291 -28.34 11.07 -0.41
N ASN D 292 -28.53 12.39 -0.41
CA ASN D 292 -27.89 13.26 0.57
C ASN D 292 -28.42 13.01 1.99
N MET D 293 -29.72 13.00 2.22
CA MET D 293 -30.22 12.85 3.59
C MET D 293 -29.94 11.45 4.16
N THR D 294 -29.93 10.39 3.35
CA THR D 294 -29.49 9.06 3.79
C THR D 294 -27.99 8.98 4.04
N LYS D 295 -27.14 9.62 3.22
CA LYS D 295 -25.71 9.79 3.55
C LYS D 295 -25.52 10.59 4.84
N ASN D 296 -26.30 11.64 5.11
CA ASN D 296 -26.21 12.38 6.35
C ASN D 296 -26.59 11.50 7.56
N LEU D 297 -27.60 10.63 7.43
CA LEU D 297 -27.96 9.68 8.49
C LEU D 297 -26.83 8.66 8.73
N ASP D 298 -26.13 8.22 7.69
CA ASP D 298 -25.07 7.23 7.79
C ASP D 298 -23.83 7.67 8.60
N ASP D 299 -23.61 8.98 8.81
CA ASP D 299 -22.45 9.44 9.60
C ASP D 299 -22.72 10.61 10.56
N SER D 300 -23.99 11.03 10.73
CA SER D 300 -24.44 11.81 11.90
C SER D 300 -24.26 10.99 13.19
N ASP D 301 -23.53 11.51 14.16
CA ASP D 301 -23.24 10.87 15.45
C ASP D 301 -23.70 11.68 16.66
N ASP D 302 -23.71 13.00 16.56
CA ASP D 302 -23.96 13.89 17.70
C ASP D 302 -25.45 13.83 18.09
N VAL D 303 -25.71 13.24 19.25
CA VAL D 303 -27.06 12.93 19.70
C VAL D 303 -27.79 14.20 20.12
N VAL D 304 -29.11 14.18 20.01
CA VAL D 304 -30.02 15.12 20.66
C VAL D 304 -31.13 14.32 21.33
N LYS D 305 -31.39 14.56 22.62
CA LYS D 305 -32.39 13.83 23.40
C LYS D 305 -33.63 14.69 23.55
N ILE D 306 -34.77 14.28 23.01
CA ILE D 306 -36.04 15.02 23.13
C ILE D 306 -36.99 14.28 24.05
N ALA D 307 -37.46 14.86 25.14
CA ALA D 307 -38.45 14.23 25.99
C ALA D 307 -39.84 14.39 25.38
N LEU D 308 -40.50 13.29 25.10
CA LEU D 308 -41.88 13.27 24.68
C LEU D 308 -42.68 12.91 25.92
N VAL D 309 -43.47 13.88 26.41
CA VAL D 309 -44.11 13.82 27.73
C VAL D 309 -45.61 13.64 27.55
N GLY D 310 -46.18 12.48 27.89
CA GLY D 310 -47.61 12.23 27.73
C GLY D 310 -48.09 10.89 28.27
N LYS D 311 -49.39 10.61 28.20
CA LYS D 311 -49.99 9.31 28.58
C LYS D 311 -49.75 8.25 27.50
N TYR D 312 -49.93 6.98 27.83
CA TYR D 312 -49.91 5.85 26.90
C TYR D 312 -48.61 5.69 26.08
N THR D 313 -47.45 6.12 26.58
CA THR D 313 -46.18 6.03 25.83
C THR D 313 -45.74 4.61 25.51
N ASN D 314 -46.30 3.59 26.16
CA ASN D 314 -46.09 2.19 25.77
C ASN D 314 -46.76 1.83 24.43
N LEU D 315 -47.73 2.62 23.98
CA LEU D 315 -48.39 2.53 22.69
C LEU D 315 -47.82 3.57 21.73
N LYS D 316 -46.56 3.41 21.30
CA LYS D 316 -45.80 4.39 20.51
C LYS D 316 -46.47 4.78 19.19
N ASP D 317 -47.25 3.86 18.62
CA ASP D 317 -48.06 4.11 17.43
C ASP D 317 -49.18 5.13 17.69
N SER D 318 -49.56 5.37 18.93
CA SER D 318 -50.46 6.46 19.33
C SER D 318 -49.87 7.84 19.06
N TYR D 319 -48.59 7.91 18.73
CA TYR D 319 -47.81 9.09 18.40
C TYR D 319 -46.99 8.87 17.13
N LEU D 320 -47.36 8.03 16.18
CA LEU D 320 -46.49 7.75 15.05
C LEU D 320 -46.07 9.01 14.26
N SER D 321 -46.92 10.01 14.09
CA SER D 321 -46.70 11.21 13.29
C SER D 321 -45.78 12.17 14.03
N VAL D 322 -45.87 12.19 15.36
CA VAL D 322 -45.00 12.97 16.26
C VAL D 322 -43.57 12.48 16.17
N THR D 323 -43.38 11.16 16.32
CA THR D 323 -42.08 10.52 16.16
C THR D 323 -41.48 10.82 14.80
N LYS D 324 -42.25 10.61 13.73
CA LYS D 324 -41.73 10.75 12.37
C LYS D 324 -41.32 12.20 12.05
N SER D 325 -42.06 13.19 12.54
CA SER D 325 -41.71 14.59 12.38
C SER D 325 -40.41 14.94 13.11
N LEU D 326 -40.16 14.42 14.30
CA LEU D 326 -38.86 14.57 14.97
C LEU D 326 -37.73 13.91 14.15
N GLU D 327 -37.96 12.76 13.52
CA GLU D 327 -36.94 12.15 12.66
C GLU D 327 -36.56 13.04 11.46
N HIS D 328 -37.53 13.62 10.76
CA HIS D 328 -37.26 14.61 9.71
C HIS D 328 -36.47 15.82 10.26
N ALA D 329 -36.88 16.37 11.39
CA ALA D 329 -36.22 17.53 11.98
C ALA D 329 -34.77 17.20 12.38
N SER D 330 -34.55 16.01 12.93
CA SER D 330 -33.25 15.43 13.29
C SER D 330 -32.31 15.37 12.10
N MET D 331 -32.72 14.69 11.04
CA MET D 331 -31.87 14.51 9.87
C MET D 331 -31.55 15.84 9.19
N LYS D 332 -32.42 16.84 9.28
CA LYS D 332 -32.20 18.20 8.76
C LYS D 332 -31.18 18.99 9.58
N CYS D 333 -31.21 18.85 10.91
CA CYS D 333 -30.17 19.36 11.82
C CYS D 333 -28.84 18.59 11.78
N ARG D 334 -28.80 17.39 11.18
CA ARG D 334 -27.66 16.46 11.21
C ARG D 334 -27.24 16.03 12.62
N ARG D 335 -28.17 16.03 13.58
CA ARG D 335 -28.03 15.34 14.86
C ARG D 335 -28.87 14.07 14.92
N GLN D 336 -28.27 12.97 15.36
CA GLN D 336 -28.91 11.68 15.58
C GLN D 336 -29.91 11.78 16.74
N LEU D 337 -31.07 11.17 16.64
CA LEU D 337 -32.15 11.38 17.60
C LEU D 337 -32.20 10.25 18.64
N GLU D 338 -32.37 10.61 19.91
CA GLU D 338 -32.97 9.76 20.92
C GLU D 338 -34.23 10.44 21.44
N ILE D 339 -35.37 9.75 21.49
CA ILE D 339 -36.59 10.30 22.11
C ILE D 339 -36.74 9.66 23.48
N LEU D 340 -36.95 10.46 24.51
CA LEU D 340 -37.13 9.99 25.87
C LEU D 340 -38.61 9.92 26.20
N TRP D 341 -39.12 8.70 26.34
CA TRP D 341 -40.52 8.42 26.67
C TRP D 341 -40.78 8.71 28.14
N VAL D 342 -41.44 9.82 28.43
CA VAL D 342 -41.86 10.20 29.78
C VAL D 342 -43.34 9.97 29.91
N GLU D 343 -43.72 8.86 30.54
CA GLU D 343 -45.10 8.56 30.89
C GLU D 343 -45.62 9.57 31.93
N ALA D 344 -46.31 10.63 31.49
CA ALA D 344 -46.46 11.88 32.24
C ALA D 344 -46.96 11.70 33.66
N SER D 345 -47.86 10.76 33.92
CA SER D 345 -48.42 10.61 35.26
C SER D 345 -47.36 10.29 36.31
N ASN D 346 -46.20 9.73 35.91
CA ASN D 346 -45.12 9.44 36.83
C ASN D 346 -44.41 10.70 37.37
N LEU D 347 -44.44 11.84 36.68
CA LEU D 347 -43.90 13.09 37.19
C LEU D 347 -44.72 13.68 38.33
N GLU D 348 -45.97 13.28 38.51
CA GLU D 348 -46.84 13.82 39.53
C GLU D 348 -46.38 13.35 40.92
N PRO D 349 -46.21 14.23 41.92
CA PRO D 349 -45.70 13.85 43.24
C PRO D 349 -46.41 12.69 43.92
N GLU D 350 -47.72 12.48 43.68
CA GLU D 350 -48.41 11.32 44.27
C GLU D 350 -47.80 9.98 43.84
N THR D 351 -47.08 9.91 42.72
CA THR D 351 -46.39 8.70 42.29
C THR D 351 -45.35 8.25 43.30
N GLN D 352 -44.75 9.19 44.02
CA GLN D 352 -43.80 8.93 45.10
C GLN D 352 -44.42 8.10 46.23
N GLU D 353 -45.74 8.18 46.41
CA GLU D 353 -46.50 7.37 47.36
C GLU D 353 -46.80 5.96 46.84
N VAL D 354 -46.62 5.70 45.53
CA VAL D 354 -47.00 4.44 44.87
C VAL D 354 -45.78 3.63 44.43
N ASP D 355 -44.85 4.25 43.70
CA ASP D 355 -43.56 3.70 43.35
C ASP D 355 -42.56 4.83 43.10
N LYS D 356 -41.56 4.95 43.98
CA LYS D 356 -40.48 5.93 43.85
C LYS D 356 -39.65 5.68 42.59
N ASN D 357 -39.44 4.45 42.17
CA ASN D 357 -38.65 4.16 40.96
C ASN D 357 -39.25 4.85 39.73
N LYS D 358 -40.57 4.77 39.52
CA LYS D 358 -41.27 5.52 38.47
C LYS D 358 -41.07 7.03 38.60
N PHE D 359 -41.19 7.57 39.81
CA PHE D 359 -41.01 9.01 40.04
C PHE D 359 -39.59 9.50 39.71
N HIS D 360 -38.58 8.71 40.02
CA HIS D 360 -37.20 9.05 39.69
C HIS D 360 -36.89 8.81 38.21
N ASP D 361 -37.23 7.66 37.62
CA ASP D 361 -36.93 7.40 36.21
C ASP D 361 -37.55 8.44 35.29
N SER D 362 -38.80 8.83 35.56
CA SER D 362 -39.47 9.82 34.73
C SER D 362 -38.85 11.21 34.86
N TRP D 363 -38.57 11.70 36.07
CA TRP D 363 -37.87 12.97 36.27
C TRP D 363 -36.41 12.93 35.81
N ASN D 364 -35.75 11.78 35.90
CA ASN D 364 -34.43 11.55 35.34
C ASN D 364 -34.47 11.74 33.82
N LYS D 365 -35.36 11.04 33.10
CA LYS D 365 -35.51 11.19 31.65
C LYS D 365 -35.82 12.62 31.26
N LEU D 366 -36.75 13.27 31.95
CA LEU D 366 -37.07 14.69 31.71
C LEU D 366 -35.88 15.63 31.95
N SER D 367 -35.13 15.44 33.03
CA SER D 367 -33.93 16.23 33.34
C SER D 367 -32.79 16.01 32.37
N SER D 368 -32.66 14.81 31.83
CA SER D 368 -31.64 14.45 30.85
C SER D 368 -31.90 15.03 29.45
N ALA D 369 -33.14 15.40 29.14
CA ALA D 369 -33.51 15.83 27.80
C ALA D 369 -32.93 17.17 27.38
N ASP D 370 -32.38 17.25 26.17
CA ASP D 370 -31.92 18.47 25.54
C ASP D 370 -33.06 19.35 25.04
N GLY D 371 -34.25 18.83 24.90
CA GLY D 371 -35.48 19.53 24.50
C GLY D 371 -36.73 18.76 24.92
N ILE D 372 -37.88 19.41 25.01
CA ILE D 372 -39.11 18.86 25.61
C ILE D 372 -40.30 19.08 24.70
N LEU D 373 -41.17 18.08 24.60
CA LEU D 373 -42.34 18.08 23.74
C LEU D 373 -43.57 17.60 24.50
N VAL D 374 -44.63 18.40 24.53
CA VAL D 374 -45.97 17.97 24.99
C VAL D 374 -46.83 17.66 23.77
N PRO D 375 -47.09 16.37 23.46
CA PRO D 375 -47.34 15.91 22.10
C PRO D 375 -48.81 15.83 21.69
N GLY D 376 -49.66 16.77 22.12
CA GLY D 376 -51.09 16.73 21.76
C GLY D 376 -51.79 15.46 22.24
N GLY D 377 -51.77 15.21 23.54
CA GLY D 377 -52.46 14.08 24.15
C GLY D 377 -53.98 14.08 23.96
N PHE D 378 -54.59 13.03 24.52
CA PHE D 378 -56.00 12.69 24.40
C PHE D 378 -56.50 12.22 25.77
N GLY D 379 -57.77 12.47 26.07
CA GLY D 379 -58.27 12.40 27.45
C GLY D 379 -57.66 13.48 28.34
N THR D 380 -57.66 13.29 29.65
CA THR D 380 -57.13 14.27 30.63
C THR D 380 -56.32 13.67 31.77
N ARG D 381 -56.22 12.34 31.93
CA ARG D 381 -55.81 11.74 33.21
C ARG D 381 -54.32 11.88 33.57
N GLY D 382 -53.46 12.19 32.61
CA GLY D 382 -52.03 12.53 32.83
C GLY D 382 -51.69 14.02 32.94
N ILE D 383 -52.67 14.94 33.03
CA ILE D 383 -52.42 16.37 32.78
C ILE D 383 -51.47 17.01 33.78
N GLU D 384 -51.50 16.65 35.06
CA GLU D 384 -50.59 17.26 36.04
C GLU D 384 -49.11 16.98 35.74
N GLY D 385 -48.76 15.81 35.23
CA GLY D 385 -47.40 15.57 34.78
C GLY D 385 -46.99 16.46 33.61
N MET D 386 -47.89 16.68 32.67
CA MET D 386 -47.64 17.57 31.54
C MET D 386 -47.53 19.04 31.97
N ILE D 387 -48.19 19.45 33.05
CA ILE D 387 -48.02 20.78 33.64
C ILE D 387 -46.65 20.91 34.31
N LEU D 388 -46.21 19.94 35.10
CA LEU D 388 -44.89 19.95 35.73
C LEU D 388 -43.77 19.98 34.71
N ALA D 389 -43.85 19.20 33.63
CA ALA D 389 -42.87 19.33 32.56
C ALA D 389 -42.88 20.71 31.89
N ALA D 390 -44.03 21.37 31.77
CA ALA D 390 -44.07 22.75 31.28
C ALA D 390 -43.50 23.77 32.28
N LYS D 391 -43.62 23.53 33.59
CA LYS D 391 -43.00 24.38 34.62
C LYS D 391 -41.49 24.25 34.53
N TRP D 392 -41.02 23.02 34.49
CA TRP D 392 -39.62 22.70 34.29
C TRP D 392 -39.08 23.36 33.02
N ALA D 393 -39.75 23.22 31.90
CA ALA D 393 -39.25 23.76 30.64
C ALA D 393 -39.18 25.29 30.61
N ARG D 394 -40.09 25.99 31.29
CA ARG D 394 -40.08 27.45 31.43
C ARG D 394 -38.98 27.94 32.36
N GLU D 395 -38.87 27.37 33.56
CA GLU D 395 -37.92 27.84 34.58
C GLU D 395 -36.50 27.38 34.32
N SER D 396 -36.29 26.13 33.91
CA SER D 396 -34.96 25.60 33.59
C SER D 396 -34.49 25.96 32.18
N GLY D 397 -35.18 26.83 31.45
CA GLY D 397 -34.74 27.29 30.13
C GLY D 397 -34.65 26.26 28.99
N VAL D 398 -35.02 24.99 29.21
CA VAL D 398 -34.91 23.91 28.21
C VAL D 398 -35.84 24.17 27.02
N PRO D 399 -35.46 23.90 25.75
CA PRO D 399 -36.33 24.11 24.60
C PRO D 399 -37.64 23.32 24.69
N PHE D 400 -38.75 23.94 24.30
CA PHE D 400 -40.10 23.39 24.51
C PHE D 400 -41.02 23.57 23.30
N LEU D 401 -41.75 22.53 22.92
CA LEU D 401 -42.89 22.66 22.01
C LEU D 401 -44.13 22.00 22.60
N GLY D 402 -45.21 22.76 22.73
CA GLY D 402 -46.52 22.23 23.05
C GLY D 402 -47.38 22.12 21.82
N VAL D 403 -47.81 20.92 21.46
CA VAL D 403 -48.73 20.68 20.34
C VAL D 403 -50.14 20.48 20.87
N CYS D 404 -51.14 21.17 20.33
CA CYS D 404 -52.56 21.06 20.69
C CYS D 404 -52.79 21.15 22.21
N LEU D 405 -53.10 20.06 22.92
CA LEU D 405 -53.14 20.00 24.40
C LEU D 405 -51.87 20.60 25.04
N GLY D 406 -50.72 20.47 24.39
CA GLY D 406 -49.46 21.07 24.81
C GLY D 406 -49.51 22.59 24.91
N LEU D 407 -50.11 23.30 23.95
CA LEU D 407 -50.31 24.73 24.12
C LEU D 407 -51.22 24.98 25.33
N GLN D 408 -52.21 24.12 25.56
CA GLN D 408 -53.22 24.35 26.58
C GLN D 408 -52.68 24.12 27.99
N VAL D 409 -51.92 23.04 28.24
CA VAL D 409 -51.20 22.89 29.51
C VAL D 409 -50.16 23.99 29.69
N ALA D 410 -49.54 24.52 28.63
CA ALA D 410 -48.65 25.65 28.81
C ALA D 410 -49.39 26.89 29.32
N ALA D 411 -50.60 27.18 28.85
CA ALA D 411 -51.39 28.28 29.39
C ALA D 411 -51.82 28.02 30.84
N ILE D 412 -52.17 26.79 31.16
CA ILE D 412 -52.56 26.38 32.52
C ILE D 412 -51.36 26.50 33.47
N GLU D 413 -50.19 26.02 33.07
CA GLU D 413 -48.93 26.16 33.80
C GLU D 413 -48.63 27.64 34.04
N PHE D 414 -48.62 28.45 33.00
CA PHE D 414 -48.31 29.87 33.11
C PHE D 414 -49.33 30.58 34.02
N ALA D 415 -50.61 30.23 33.97
CA ALA D 415 -51.61 30.80 34.86
C ALA D 415 -51.33 30.44 36.32
N ARG D 416 -51.10 29.16 36.63
CA ARG D 416 -50.84 28.69 37.99
C ARG D 416 -49.52 29.18 38.56
N ASN D 417 -48.47 29.32 37.73
CA ASN D 417 -47.10 29.48 38.20
C ASN D 417 -46.43 30.82 37.83
N VAL D 418 -47.04 31.67 37.01
CA VAL D 418 -46.52 33.02 36.72
C VAL D 418 -47.57 34.09 36.99
N ILE D 419 -48.82 33.88 36.57
CA ILE D 419 -49.93 34.80 36.85
C ILE D 419 -50.43 34.64 38.28
N GLY D 420 -50.28 33.46 38.89
CA GLY D 420 -50.53 33.23 40.32
C GLY D 420 -51.98 32.89 40.67
N ARG D 421 -52.67 32.11 39.83
CA ARG D 421 -54.02 31.58 40.11
C ARG D 421 -53.96 30.04 40.29
N PRO D 422 -53.67 29.49 41.47
CA PRO D 422 -53.37 28.06 41.63
C PRO D 422 -54.58 27.14 41.42
N ASN D 423 -55.79 27.69 41.52
CA ASN D 423 -57.05 27.03 41.20
C ASN D 423 -57.41 27.07 39.70
N SER D 424 -56.67 27.78 38.84
CA SER D 424 -56.97 27.80 37.41
C SER D 424 -56.85 26.42 36.76
N SER D 425 -57.72 26.14 35.79
CA SER D 425 -58.07 24.76 35.47
C SER D 425 -58.31 24.55 33.99
N SER D 426 -58.07 23.31 33.54
CA SER D 426 -58.55 22.81 32.27
C SER D 426 -60.07 22.62 32.34
N THR D 427 -60.81 23.48 31.68
CA THR D 427 -62.27 23.35 31.47
C THR D 427 -62.63 22.10 30.66
N GLU D 428 -61.66 21.57 29.92
CA GLU D 428 -61.63 20.24 29.31
C GLU D 428 -61.76 19.09 30.33
N PHE D 429 -61.46 19.32 31.61
CA PHE D 429 -61.49 18.32 32.67
C PHE D 429 -62.46 18.74 33.81
N LEU D 430 -62.18 19.83 34.50
CA LEU D 430 -62.82 20.23 35.75
C LEU D 430 -64.06 21.12 35.52
N ASP D 431 -65.01 20.61 34.75
CA ASP D 431 -66.09 21.39 34.13
C ASP D 431 -67.21 21.78 35.10
N GLU D 432 -67.93 20.80 35.68
CA GLU D 432 -69.11 21.06 36.51
C GLU D 432 -68.82 21.66 37.91
N THR D 433 -67.56 22.01 38.17
CA THR D 433 -67.20 22.90 39.28
C THR D 433 -67.66 24.35 39.02
N LEU D 434 -67.76 24.76 37.75
CA LEU D 434 -68.20 26.11 37.31
C LEU D 434 -67.33 27.28 37.83
N LEU D 435 -66.03 27.04 38.11
CA LEU D 435 -65.11 28.06 38.62
C LEU D 435 -64.85 29.21 37.61
N ALA D 436 -64.51 30.40 38.10
CA ALA D 436 -64.19 31.57 37.28
C ALA D 436 -62.82 31.53 36.54
N PRO D 437 -61.71 30.96 37.06
CA PRO D 437 -60.42 30.93 36.37
C PRO D 437 -60.32 29.76 35.37
N GLU D 438 -61.11 29.82 34.31
CA GLU D 438 -61.15 28.83 33.23
C GLU D 438 -60.11 29.14 32.16
N ASP D 439 -59.06 28.33 32.03
CA ASP D 439 -58.04 28.56 31.01
C ASP D 439 -58.47 28.16 29.60
N GLN D 440 -59.59 27.47 29.46
CA GLN D 440 -60.10 26.97 28.19
C GLN D 440 -61.62 27.18 28.08
N VAL D 441 -62.18 27.07 26.88
CA VAL D 441 -63.63 26.89 26.69
C VAL D 441 -63.92 25.93 25.54
N VAL D 442 -65.02 25.18 25.57
CA VAL D 442 -65.55 24.49 24.38
C VAL D 442 -65.99 25.53 23.35
N ILE D 443 -65.59 25.37 22.09
CA ILE D 443 -66.04 26.24 20.99
C ILE D 443 -66.57 25.39 19.83
N THR D 444 -68.64 22.37 18.51
CA THR D 444 -68.56 20.98 18.96
C THR D 444 -67.37 20.22 18.35
N MET D 445 -66.77 20.73 17.26
CA MET D 445 -65.50 20.31 16.66
C MET D 445 -64.95 21.36 15.68
N ARG D 446 -63.67 21.22 15.30
CA ARG D 446 -62.94 22.02 14.32
C ARG D 446 -61.77 21.20 13.79
N LEU D 447 -61.81 20.87 12.50
CA LEU D 447 -60.93 19.89 11.86
C LEU D 447 -60.40 20.36 10.51
N GLY D 448 -59.30 19.77 10.05
CA GLY D 448 -58.76 19.95 8.70
C GLY D 448 -57.75 21.08 8.57
N LEU D 449 -57.31 21.37 7.35
CA LEU D 449 -56.35 22.46 7.09
C LEU D 449 -57.04 23.82 7.24
N ARG D 450 -56.53 24.68 8.11
CA ARG D 450 -57.11 26.01 8.40
C ARG D 450 -56.04 27.13 8.31
N PRO D 451 -56.44 28.39 8.09
CA PRO D 451 -55.52 29.52 7.96
C PRO D 451 -55.19 30.15 9.32
N THR D 452 -53.92 30.21 9.69
CA THR D 452 -53.42 30.92 10.87
C THR D 452 -52.71 32.20 10.42
N ILE D 453 -53.14 33.36 10.94
CA ILE D 453 -52.58 34.68 10.59
C ILE D 453 -51.69 35.15 11.75
N PHE D 454 -50.48 35.63 11.49
CA PHE D 454 -49.64 36.20 12.56
C PHE D 454 -50.14 37.59 13.04
N GLN D 455 -50.22 37.80 14.36
CA GLN D 455 -50.56 39.06 15.03
C GLN D 455 -49.48 40.14 14.75
N PRO D 456 -49.77 41.46 14.75
CA PRO D 456 -48.95 42.43 14.03
C PRO D 456 -47.51 42.60 14.50
N ASN D 457 -47.26 42.63 15.81
CA ASN D 457 -45.94 42.95 16.37
C ASN D 457 -44.92 41.80 16.28
N SER D 458 -45.31 40.66 15.68
CA SER D 458 -44.69 39.34 15.84
C SER D 458 -43.28 39.18 15.30
N GLU D 459 -42.68 40.20 14.72
CA GLU D 459 -41.42 40.15 13.97
C GLU D 459 -40.28 39.43 14.71
N TRP D 460 -40.16 39.62 16.02
CA TRP D 460 -39.09 39.06 16.86
C TRP D 460 -39.23 37.56 17.15
N SER D 461 -40.39 36.96 16.89
CA SER D 461 -40.74 35.60 17.33
C SER D 461 -39.97 34.56 16.53
N ASN D 462 -39.20 33.70 17.19
CA ASN D 462 -38.45 32.64 16.53
C ASN D 462 -39.37 31.74 15.69
N ILE D 463 -40.60 31.47 16.15
CA ILE D 463 -41.56 30.70 15.38
C ILE D 463 -41.90 31.37 14.07
N ARG D 464 -42.00 32.72 14.04
CA ARG D 464 -42.25 33.46 12.80
C ARG D 464 -41.04 33.48 11.89
N LYS D 465 -39.80 33.49 12.42
CA LYS D 465 -38.58 33.26 11.64
C LYS D 465 -38.55 31.87 11.00
N LEU D 466 -39.02 30.84 11.72
CA LEU D 466 -39.05 29.46 11.21
C LEU D 466 -40.08 29.27 10.09
N TYR D 467 -41.23 29.94 10.17
CA TYR D 467 -42.20 30.02 9.06
C TYR D 467 -41.79 30.98 7.92
N GLY D 468 -40.52 31.39 7.83
CA GLY D 468 -40.03 32.25 6.75
C GLY D 468 -40.53 33.70 6.80
N GLU D 469 -41.07 34.13 7.94
CA GLU D 469 -41.75 35.42 8.18
C GLU D 469 -43.01 35.71 7.35
N VAL D 470 -43.48 34.74 6.56
CA VAL D 470 -44.74 34.77 5.79
C VAL D 470 -45.93 35.08 6.69
N ASN D 471 -46.88 35.94 6.29
CA ASN D 471 -47.93 36.45 7.18
C ASN D 471 -49.01 35.44 7.57
N GLU D 472 -49.21 34.39 6.78
CA GLU D 472 -50.19 33.35 7.03
C GLU D 472 -49.59 31.94 6.86
N VAL D 473 -50.05 31.03 7.72
CA VAL D 473 -49.59 29.65 7.84
C VAL D 473 -50.77 28.72 7.64
N HIS D 474 -50.66 27.72 6.77
CA HIS D 474 -51.72 26.73 6.53
C HIS D 474 -51.30 25.36 7.09
N GLU D 475 -52.02 24.89 8.11
CA GLU D 475 -51.66 23.70 8.91
C GLU D 475 -52.93 22.99 9.38
N ARG D 476 -52.83 21.72 9.80
CA ARG D 476 -54.01 20.89 10.09
C ARG D 476 -54.41 20.91 11.56
N HIS D 477 -55.70 21.03 11.86
CA HIS D 477 -56.24 21.24 13.21
C HIS D 477 -57.06 20.06 13.71
N ARG D 478 -57.08 19.89 15.03
CA ARG D 478 -58.10 19.18 15.81
C ARG D 478 -58.18 19.83 17.19
N HIS D 479 -59.31 20.38 17.58
CA HIS D 479 -59.58 20.76 18.97
C HIS D 479 -61.05 21.06 19.26
N ARG D 480 -61.66 20.43 20.27
CA ARG D 480 -62.95 20.92 20.79
C ARG D 480 -62.79 22.16 21.66
N TYR D 481 -61.80 22.12 22.56
CA TYR D 481 -61.52 23.11 23.59
C TYR D 481 -60.40 24.03 23.12
N GLU D 482 -60.52 25.32 23.32
CA GLU D 482 -59.48 26.30 22.95
C GLU D 482 -59.20 27.26 24.11
N ILE D 483 -58.08 27.97 24.11
CA ILE D 483 -57.78 28.92 25.21
C ILE D 483 -58.92 29.91 25.38
N ASN D 484 -59.35 30.13 26.62
CA ASN D 484 -60.33 31.15 26.95
C ASN D 484 -59.79 32.52 26.53
N PRO D 485 -60.35 33.20 25.53
CA PRO D 485 -59.75 34.41 24.99
C PRO D 485 -59.80 35.59 25.97
N LYS D 486 -60.54 35.50 27.08
CA LYS D 486 -60.58 36.55 28.11
C LYS D 486 -59.39 36.58 29.08
N ILE D 487 -58.46 35.62 29.00
CA ILE D 487 -57.16 35.64 29.71
C ILE D 487 -56.03 36.26 28.86
N VAL D 488 -56.15 36.27 27.53
CA VAL D 488 -55.11 36.66 26.58
C VAL D 488 -54.53 38.04 26.86
N ASN D 489 -55.33 39.04 27.21
CA ASN D 489 -54.80 40.38 27.50
C ASN D 489 -53.88 40.43 28.74
N ASP D 490 -54.01 39.47 29.66
CA ASP D 490 -53.12 39.31 30.79
C ASP D 490 -51.82 38.64 30.33
N MET D 491 -51.90 37.51 29.66
CA MET D 491 -50.72 36.82 29.11
C MET D 491 -49.90 37.69 28.15
N GLU D 492 -50.56 38.41 27.26
CA GLU D 492 -49.93 39.42 26.39
C GLU D 492 -49.19 40.49 27.19
N SER D 493 -49.62 40.82 28.41
CA SER D 493 -48.90 41.78 29.25
C SER D 493 -47.70 41.16 29.97
N ARG D 494 -47.78 39.87 30.32
CA ARG D 494 -46.76 39.13 31.10
C ARG D 494 -45.66 38.48 30.25
N GLY D 495 -45.61 38.74 28.95
CA GLY D 495 -44.57 38.22 28.04
C GLY D 495 -44.92 36.91 27.34
N PHE D 496 -46.10 36.32 27.59
CA PHE D 496 -46.65 35.17 26.85
C PHE D 496 -47.50 35.71 25.68
N ILE D 497 -46.86 35.91 24.52
CA ILE D 497 -47.42 36.71 23.43
C ILE D 497 -47.98 35.77 22.36
N PHE D 498 -49.23 35.97 21.98
CA PHE D 498 -49.91 35.11 21.02
C PHE D 498 -49.54 35.50 19.59
N VAL D 499 -48.42 34.95 19.12
CA VAL D 499 -47.84 35.20 17.80
C VAL D 499 -48.85 35.02 16.67
N GLY D 500 -49.80 34.08 16.77
CA GLY D 500 -50.72 33.74 15.68
C GLY D 500 -52.13 33.41 16.14
N LYS D 501 -53.12 33.79 15.32
CA LYS D 501 -54.54 33.70 15.61
C LYS D 501 -55.34 33.29 14.37
N ASP D 502 -56.57 32.83 14.59
CA ASP D 502 -57.55 32.61 13.52
C ASP D 502 -57.92 33.92 12.82
N GLU D 503 -58.33 33.86 11.55
CA GLU D 503 -58.73 35.03 10.74
C GLU D 503 -59.81 35.94 11.36
N THR D 504 -60.66 35.47 12.28
CA THR D 504 -61.62 36.33 13.02
C THR D 504 -60.97 37.12 14.17
N GLY D 505 -59.73 36.77 14.55
CA GLY D 505 -58.98 37.31 15.70
C GLY D 505 -59.36 36.69 17.05
N GLN D 506 -60.50 36.02 17.14
CA GLN D 506 -61.10 35.62 18.43
C GLN D 506 -60.51 34.33 19.02
N ARG D 507 -59.76 33.57 18.23
CA ARG D 507 -59.20 32.25 18.59
C ARG D 507 -57.67 32.28 18.51
N CYS D 508 -57.01 31.73 19.52
CA CYS D 508 -55.56 31.79 19.66
C CYS D 508 -54.88 30.47 19.29
N GLU D 509 -53.87 30.54 18.44
CA GLU D 509 -53.38 29.38 17.68
C GLU D 509 -51.89 29.14 17.82
N ILE D 510 -51.08 30.17 18.05
CA ILE D 510 -49.66 30.06 18.37
C ILE D 510 -49.32 31.03 19.50
N PHE D 511 -48.47 30.63 20.43
CA PHE D 511 -47.76 31.58 21.30
C PHE D 511 -46.27 31.29 21.32
N GLU D 512 -45.47 32.30 21.62
CA GLU D 512 -44.05 32.18 21.97
C GLU D 512 -43.80 33.02 23.21
N LEU D 513 -43.09 32.46 24.19
CA LEU D 513 -42.75 33.17 25.42
C LEU D 513 -41.52 34.06 25.19
N LYS D 514 -41.62 35.36 25.50
CA LYS D 514 -40.51 36.31 25.42
C LYS D 514 -39.36 35.90 26.36
N GLY D 515 -38.13 36.07 25.92
CA GLY D 515 -36.95 35.89 26.77
C GLY D 515 -36.63 34.45 27.19
N HIS D 516 -36.93 33.47 26.33
CA HIS D 516 -36.51 32.07 26.47
C HIS D 516 -35.91 31.57 25.15
N PRO D 517 -34.87 30.71 25.14
CA PRO D 517 -34.22 30.25 23.90
C PRO D 517 -35.15 29.68 22.82
N TYR D 518 -36.17 28.91 23.20
CA TYR D 518 -37.24 28.42 22.30
C TYR D 518 -38.37 27.79 23.13
N TYR D 519 -39.50 28.47 23.29
CA TYR D 519 -40.63 27.96 24.06
C TYR D 519 -41.92 28.35 23.35
N VAL D 520 -42.55 27.37 22.71
CA VAL D 520 -43.63 27.58 21.73
C VAL D 520 -44.84 26.73 22.08
N GLY D 521 -46.06 27.28 21.99
CA GLY D 521 -47.26 26.46 21.84
C GLY D 521 -47.87 26.60 20.45
N THR D 522 -48.28 25.51 19.81
CA THR D 522 -49.09 25.51 18.58
C THR D 522 -50.35 24.72 18.82
N GLN D 523 -51.54 25.30 18.64
CA GLN D 523 -52.81 24.60 18.90
C GLN D 523 -53.32 23.77 17.72
N TYR D 524 -52.87 24.08 16.51
CA TYR D 524 -52.89 23.10 15.44
C TYR D 524 -51.87 22.00 15.69
N HIS D 525 -51.93 20.93 14.91
CA HIS D 525 -51.03 19.81 14.93
C HIS D 525 -49.94 20.00 13.87
N PRO D 526 -48.69 20.37 14.21
CA PRO D 526 -47.68 20.50 13.20
C PRO D 526 -47.14 19.18 12.69
N GLU D 527 -47.47 18.04 13.30
CA GLU D 527 -46.88 16.76 12.91
C GLU D 527 -47.22 16.40 11.48
N TYR D 528 -48.50 16.50 11.10
CA TYR D 528 -49.06 15.82 9.93
C TYR D 528 -48.56 16.36 8.59
N THR D 529 -48.17 17.63 8.56
CA THR D 529 -47.71 18.35 7.36
C THR D 529 -46.22 18.19 7.07
N SER D 530 -45.44 17.62 7.98
CA SER D 530 -44.02 17.35 7.75
C SER D 530 -43.83 16.37 6.60
N LYS D 531 -42.88 16.65 5.70
CA LYS D 531 -42.44 15.71 4.64
C LYS D 531 -40.98 15.34 4.89
N VAL D 532 -40.51 14.20 4.38
CA VAL D 532 -39.14 13.70 4.60
C VAL D 532 -38.04 14.65 4.11
N LEU D 533 -38.36 15.63 3.27
CA LEU D 533 -37.43 16.65 2.78
C LEU D 533 -37.87 18.08 3.16
N GLU D 534 -38.87 18.22 4.04
CA GLU D 534 -39.46 19.49 4.46
C GLU D 534 -40.05 19.29 5.87
N PRO D 535 -39.22 19.28 6.92
CA PRO D 535 -39.67 19.04 8.27
C PRO D 535 -40.55 20.18 8.77
N SER D 536 -41.52 19.86 9.61
CA SER D 536 -42.53 20.83 10.04
C SER D 536 -41.88 21.94 10.84
N ARG D 537 -42.10 23.21 10.52
CA ARG D 537 -41.28 24.30 11.06
C ARG D 537 -41.19 24.37 12.59
N PRO D 538 -42.24 24.12 13.39
CA PRO D 538 -42.11 24.12 14.84
C PRO D 538 -41.23 22.97 15.34
N PHE D 539 -41.29 21.81 14.70
CA PHE D 539 -40.48 20.63 15.04
C PHE D 539 -39.03 20.79 14.59
N TRP D 540 -38.79 21.46 13.45
CA TRP D 540 -37.44 21.84 13.05
C TRP D 540 -36.88 22.85 14.03
N GLY D 541 -37.69 23.79 14.52
CA GLY D 541 -37.32 24.69 15.61
C GLY D 541 -36.90 23.95 16.89
N LEU D 542 -37.70 23.01 17.38
CA LEU D 542 -37.37 22.25 18.59
C LEU D 542 -36.06 21.47 18.46
N VAL D 543 -35.90 20.65 17.42
CA VAL D 543 -34.70 19.84 17.26
C VAL D 543 -33.49 20.69 16.94
N ALA D 544 -33.66 21.85 16.33
CA ALA D 544 -32.55 22.80 16.18
C ALA D 544 -32.16 23.41 17.53
N ALA D 545 -33.09 23.99 18.31
CA ALA D 545 -32.79 24.56 19.62
C ALA D 545 -32.09 23.57 20.55
N ALA D 546 -32.59 22.34 20.60
CA ALA D 546 -31.98 21.27 21.38
C ALA D 546 -30.60 20.84 20.88
N SER D 547 -30.32 20.93 19.57
CA SER D 547 -28.99 20.65 19.00
C SER D 547 -28.00 21.80 19.20
N GLY D 548 -28.46 22.97 19.61
CA GLY D 548 -27.79 24.23 19.32
C GLY D 548 -27.86 24.60 17.84
N THR D 549 -27.38 25.78 17.48
CA THR D 549 -27.40 26.29 16.11
C THR D 549 -28.81 26.56 15.55
N LEU D 550 -29.75 27.00 16.42
CA LEU D 550 -31.06 27.50 16.01
C LEU D 550 -30.95 28.69 15.05
N GLY D 551 -29.98 29.58 15.28
CA GLY D 551 -29.67 30.67 14.37
C GLY D 551 -29.24 30.21 12.98
N GLU D 552 -28.38 29.20 12.87
CA GLU D 552 -27.91 28.66 11.58
C GLU D 552 -29.03 27.98 10.77
N VAL D 553 -29.99 27.34 11.44
CA VAL D 553 -31.21 26.85 10.80
C VAL D 553 -32.06 28.02 10.28
N ILE D 554 -32.21 29.10 11.05
CA ILE D 554 -32.94 30.28 10.59
C ILE D 554 -32.30 30.90 9.33
N LYS D 555 -30.98 30.82 9.11
CA LYS D 555 -30.39 31.18 7.80
C LYS D 555 -30.73 30.16 6.71
N ASP D 556 -30.63 28.87 6.98
CA ASP D 556 -30.92 27.84 5.98
C ASP D 556 -32.36 27.96 5.43
N ILE D 557 -33.30 28.36 6.28
CA ILE D 557 -34.69 28.66 5.88
C ILE D 557 -34.77 29.94 5.03
N ASN D 558 -34.25 31.06 5.54
CA ASN D 558 -34.56 32.37 4.96
C ASN D 558 -33.68 32.74 3.75
N LEU D 559 -32.54 32.08 3.53
CA LEU D 559 -31.75 32.22 2.30
C LEU D 559 -32.45 31.57 1.10
N MET E 1 75.19 43.89 -22.29
CA MET E 1 74.84 44.16 -20.89
C MET E 1 75.04 42.90 -20.03
N LYS E 2 75.43 43.08 -18.77
CA LYS E 2 75.56 42.00 -17.77
C LYS E 2 74.96 42.49 -16.45
N TYR E 3 74.44 41.59 -15.60
CA TYR E 3 73.93 41.94 -14.27
C TYR E 3 74.55 41.02 -13.23
N VAL E 4 74.88 41.58 -12.06
CA VAL E 4 75.16 40.81 -10.85
C VAL E 4 74.20 41.27 -9.77
N VAL E 5 73.36 40.41 -9.26
CA VAL E 5 72.40 40.80 -8.23
C VAL E 5 72.95 40.36 -6.89
N VAL E 6 73.05 41.24 -5.90
CA VAL E 6 73.52 40.97 -4.55
C VAL E 6 72.31 40.99 -3.63
N SER E 7 72.13 39.94 -2.84
CA SER E 7 70.80 39.50 -2.40
C SER E 7 70.88 38.64 -1.16
N GLY E 8 69.73 38.28 -0.59
CA GLY E 8 69.64 37.12 0.28
C GLY E 8 69.36 37.43 1.73
N GLY E 9 70.14 36.84 2.61
CA GLY E 9 70.09 37.08 4.05
C GLY E 9 69.03 36.26 4.76
N VAL E 10 69.43 35.60 5.85
CA VAL E 10 68.53 35.16 6.93
C VAL E 10 67.97 36.34 7.71
N ILE E 11 68.77 37.39 7.88
CA ILE E 11 68.45 38.63 8.60
C ILE E 11 68.78 39.87 7.75
N SER E 12 68.01 40.94 7.88
CA SER E 12 68.16 42.14 7.05
C SER E 12 69.31 43.07 7.47
N GLY E 13 69.79 42.99 8.71
CA GLY E 13 70.94 43.78 9.20
C GLY E 13 72.33 43.25 8.80
N ILE E 14 72.39 42.25 7.91
CA ILE E 14 73.59 41.44 7.64
C ILE E 14 74.73 42.14 6.91
N GLY E 15 74.50 43.31 6.31
CA GLY E 15 75.54 44.07 5.61
C GLY E 15 75.82 43.56 4.20
N LYS E 16 74.83 43.64 3.31
CA LYS E 16 74.96 43.40 1.87
C LYS E 16 75.62 44.57 1.15
N GLY E 17 75.47 45.79 1.65
CA GLY E 17 75.88 47.02 0.96
C GLY E 17 77.38 47.13 0.69
N VAL E 18 78.22 46.57 1.57
CA VAL E 18 79.66 46.47 1.29
C VAL E 18 79.90 45.44 0.19
N LEU E 19 79.31 44.25 0.23
CA LEU E 19 79.54 43.27 -0.83
C LEU E 19 79.06 43.77 -2.20
N ALA E 20 77.97 44.53 -2.29
CA ALA E 20 77.60 45.23 -3.52
C ALA E 20 78.65 46.28 -3.93
N SER E 21 78.93 47.27 -3.07
CA SER E 21 79.85 48.37 -3.34
C SER E 21 81.30 47.93 -3.59
N SER E 22 81.64 46.69 -3.26
CA SER E 22 82.94 46.03 -3.30
C SER E 22 83.00 44.97 -4.38
N THR E 23 81.88 44.47 -4.88
CA THR E 23 81.88 43.58 -6.04
C THR E 23 82.01 44.43 -7.27
N GLY E 24 81.32 45.57 -7.27
CA GLY E 24 81.36 46.48 -8.38
C GLY E 24 82.66 47.16 -8.54
N MET E 25 83.38 47.33 -7.43
CA MET E 25 84.73 47.88 -7.43
C MET E 25 85.69 46.87 -8.05
N LEU E 26 85.62 45.60 -7.65
CA LEU E 26 86.44 44.59 -8.27
C LEU E 26 86.19 44.49 -9.77
N LEU E 27 84.94 44.51 -10.23
CA LEU E 27 84.69 44.53 -11.67
C LEU E 27 85.23 45.79 -12.35
N LYS E 28 85.26 46.95 -11.71
CA LYS E 28 85.84 48.15 -12.29
C LYS E 28 87.37 48.05 -12.48
N THR E 29 88.04 47.19 -11.72
CA THR E 29 89.46 46.90 -11.96
C THR E 29 89.72 46.11 -13.24
N LEU E 30 88.75 45.39 -13.82
CA LEU E 30 88.85 44.86 -15.19
C LEU E 30 88.71 45.96 -16.25
N GLY E 31 88.37 47.19 -15.86
CA GLY E 31 88.20 48.33 -16.76
C GLY E 31 86.77 48.50 -17.26
N LEU E 32 85.86 47.61 -16.90
CA LEU E 32 84.44 47.65 -17.27
C LEU E 32 83.75 48.93 -16.79
N LYS E 33 82.88 49.54 -17.60
CA LYS E 33 82.09 50.71 -17.19
C LYS E 33 80.95 50.28 -16.26
N VAL E 34 81.25 50.03 -14.99
CA VAL E 34 80.25 49.44 -14.05
C VAL E 34 79.22 50.47 -13.59
N THR E 35 77.97 50.05 -13.38
CA THR E 35 76.91 50.86 -12.74
C THR E 35 76.25 50.03 -11.63
N SER E 36 75.34 50.63 -10.87
CA SER E 36 74.67 49.96 -9.78
C SER E 36 73.24 50.48 -9.56
N ILE E 37 72.38 49.61 -9.06
CA ILE E 37 70.97 49.89 -8.77
C ILE E 37 70.72 49.44 -7.33
N LYS E 38 70.03 50.25 -6.54
CA LYS E 38 69.57 49.86 -5.20
C LYS E 38 68.11 49.53 -5.33
N ILE E 39 67.65 48.42 -4.75
CA ILE E 39 66.24 48.15 -4.54
C ILE E 39 66.02 48.35 -3.03
N ASP E 40 65.05 49.18 -2.65
CA ASP E 40 64.61 49.36 -1.27
C ASP E 40 63.13 48.99 -1.14
N PRO E 41 62.81 47.93 -0.39
CA PRO E 41 61.44 47.49 -0.17
C PRO E 41 60.51 48.45 0.57
N TYR E 42 61.01 49.53 1.16
CA TYR E 42 60.14 50.51 1.82
C TYR E 42 59.20 51.24 0.88
N MET E 43 58.11 51.76 1.41
CA MET E 43 57.11 52.48 0.60
C MET E 43 57.47 53.93 0.30
N ASN E 44 58.55 54.49 0.85
CA ASN E 44 58.85 55.88 0.51
C ASN E 44 59.19 56.06 -0.96
N ILE E 45 58.58 57.07 -1.58
CA ILE E 45 58.94 57.48 -2.94
C ILE E 45 60.42 57.82 -3.01
N ASP E 46 60.84 58.72 -2.15
CA ASP E 46 62.23 59.11 -2.00
C ASP E 46 62.45 59.67 -0.59
N ALA E 47 63.71 59.61 -0.14
CA ALA E 47 64.08 59.75 1.27
C ALA E 47 63.79 61.14 1.87
N GLY E 48 63.48 62.15 1.08
CA GLY E 48 63.27 63.53 1.56
C GLY E 48 62.22 63.69 2.67
N THR E 49 61.26 62.79 2.77
CA THR E 49 60.23 62.82 3.82
C THR E 49 60.70 62.26 5.17
N MET E 50 61.75 61.44 5.23
CA MET E 50 62.12 60.72 6.44
C MET E 50 63.37 61.34 7.09
N SER E 51 63.21 61.77 8.34
CA SER E 51 64.21 62.53 9.11
C SER E 51 65.49 61.73 9.36
N PRO E 52 66.65 62.39 9.46
CA PRO E 52 67.94 61.74 9.72
C PRO E 52 68.04 60.89 10.99
N LEU E 53 67.14 61.06 11.97
CA LEU E 53 67.00 60.13 13.09
C LEU E 53 66.59 58.71 12.64
N GLU E 54 65.73 58.63 11.63
CA GLU E 54 65.08 57.40 11.18
C GLU E 54 65.91 56.70 10.10
N HIS E 55 66.85 55.85 10.51
CA HIS E 55 67.77 55.11 9.62
C HIS E 55 68.70 55.99 8.76
N GLY E 56 69.29 57.02 9.36
CA GLY E 56 70.45 57.76 8.85
C GLY E 56 70.18 58.92 7.88
N GLU E 57 71.24 59.59 7.45
CA GLU E 57 71.25 60.88 6.75
C GLU E 57 70.40 60.96 5.47
N CYS E 58 70.02 62.17 5.09
CA CYS E 58 69.26 62.46 3.88
C CYS E 58 70.21 62.78 2.71
N PHE E 59 70.57 61.79 1.87
CA PHE E 59 71.54 61.95 0.78
C PHE E 59 71.09 62.97 -0.29
N VAL E 60 71.96 63.42 -1.18
CA VAL E 60 71.61 64.27 -2.34
C VAL E 60 72.34 63.83 -3.60
N LEU E 61 71.61 63.73 -4.72
CA LEU E 61 72.13 63.41 -6.07
C LEU E 61 72.24 64.64 -6.97
N ASP E 62 72.85 64.52 -8.14
CA ASP E 62 72.94 65.64 -9.10
C ASP E 62 71.57 66.21 -9.49
N ASP E 63 70.56 65.34 -9.56
CA ASP E 63 69.15 65.71 -9.85
C ASP E 63 68.47 66.55 -8.76
N GLY E 64 69.06 66.59 -7.56
CA GLY E 64 68.37 67.02 -6.35
C GLY E 64 67.59 65.92 -5.64
N GLY E 65 67.64 64.68 -6.13
CA GLY E 65 66.91 63.54 -5.57
C GLY E 65 67.41 63.12 -4.20
N GLU E 66 66.66 63.45 -3.16
CA GLU E 66 66.94 63.08 -1.79
C GLU E 66 66.72 61.59 -1.58
N THR E 67 67.77 60.79 -1.31
CA THR E 67 67.78 59.35 -1.61
C THR E 67 68.39 58.45 -0.53
N ASP E 68 68.20 57.15 -0.69
CA ASP E 68 68.76 56.16 0.23
C ASP E 68 70.28 56.25 0.34
N LEU E 69 70.79 56.11 1.56
CA LEU E 69 72.21 56.08 1.87
C LEU E 69 73.02 55.22 0.91
N ASP E 70 72.48 54.05 0.55
CA ASP E 70 73.25 53.06 -0.16
C ASP E 70 73.63 53.49 -1.57
N LEU E 71 72.96 54.47 -2.17
CA LEU E 71 73.47 55.08 -3.40
C LEU E 71 74.86 55.67 -3.18
N GLY E 72 75.03 56.36 -2.06
CA GLY E 72 76.28 57.04 -1.73
C GLY E 72 77.44 56.07 -1.68
N ASN E 73 77.27 54.90 -1.05
CA ASN E 73 78.35 53.91 -0.97
C ASN E 73 78.82 53.47 -2.35
N TYR E 74 77.93 53.26 -3.32
CA TYR E 74 78.39 52.94 -4.67
C TYR E 74 79.05 54.13 -5.32
N GLU E 75 78.51 55.35 -5.20
CA GLU E 75 79.11 56.53 -5.82
C GLU E 75 80.56 56.69 -5.39
N ARG E 76 80.84 56.63 -4.08
CA ARG E 76 82.20 56.82 -3.58
C ARG E 76 83.13 55.64 -3.82
N TYR E 77 82.66 54.39 -3.83
CA TYR E 77 83.53 53.26 -4.18
C TYR E 77 83.80 53.18 -5.67
N LEU E 78 82.81 53.48 -6.52
CA LEU E 78 82.88 53.21 -7.96
C LEU E 78 83.22 54.45 -8.79
N GLY E 79 83.27 55.63 -8.19
CA GLY E 79 83.55 56.91 -8.87
C GLY E 79 82.38 57.45 -9.71
N ILE E 80 81.27 56.71 -9.74
CA ILE E 80 80.13 56.97 -10.60
C ILE E 80 79.25 58.10 -10.08
N THR E 81 78.49 58.74 -10.96
CA THR E 81 77.38 59.63 -10.62
C THR E 81 76.08 58.90 -10.86
N LEU E 82 75.19 58.85 -9.87
CA LEU E 82 73.87 58.23 -9.99
C LEU E 82 72.74 59.25 -10.17
N SER E 83 71.55 58.76 -10.49
CA SER E 83 70.34 59.56 -10.68
C SER E 83 69.21 58.96 -9.85
N ARG E 84 68.17 59.74 -9.52
CA ARG E 84 67.13 59.28 -8.60
C ARG E 84 66.36 58.06 -9.09
N ASP E 85 66.42 57.72 -10.35
CA ASP E 85 65.91 56.46 -10.90
C ASP E 85 66.68 55.23 -10.44
N HIS E 86 67.96 55.34 -10.04
CA HIS E 86 68.76 54.19 -9.61
C HIS E 86 68.32 53.59 -8.27
N ASN E 87 67.44 54.28 -7.55
CA ASN E 87 66.83 53.82 -6.31
C ASN E 87 65.42 53.26 -6.63
N ILE E 88 65.32 51.99 -6.98
CA ILE E 88 64.02 51.34 -7.11
C ILE E 88 63.42 51.24 -5.70
N THR E 89 62.13 51.57 -5.53
CA THR E 89 61.45 51.31 -4.26
C THR E 89 60.05 50.74 -4.44
N THR E 90 59.52 50.09 -3.42
CA THR E 90 58.13 49.65 -3.45
C THR E 90 57.20 50.85 -3.60
N GLY E 91 57.52 51.96 -2.93
CA GLY E 91 56.84 53.24 -3.16
C GLY E 91 56.82 53.69 -4.61
N LYS E 92 57.99 53.75 -5.22
CA LYS E 92 58.11 54.23 -6.60
C LYS E 92 57.38 53.35 -7.57
N ILE E 93 57.66 52.04 -7.61
CA ILE E 93 57.13 51.21 -8.70
C ILE E 93 55.62 51.03 -8.58
N TYR E 94 55.09 50.95 -7.35
CA TYR E 94 53.64 50.89 -7.16
C TYR E 94 53.00 52.24 -7.46
N SER E 95 53.59 53.37 -7.08
CA SER E 95 53.10 54.71 -7.47
C SER E 95 53.13 54.90 -8.99
N HIS E 96 54.16 54.36 -9.65
CA HIS E 96 54.32 54.39 -11.11
C HIS E 96 53.21 53.59 -11.78
N VAL E 97 53.11 52.28 -11.56
CA VAL E 97 52.10 51.51 -12.28
C VAL E 97 50.67 51.91 -11.89
N ILE E 98 50.37 52.25 -10.64
CA ILE E 98 49.04 52.75 -10.26
C ILE E 98 48.78 54.13 -10.88
N SER E 99 49.75 55.02 -11.04
CA SER E 99 49.50 56.27 -11.78
C SER E 99 49.30 55.98 -13.27
N ARG E 100 50.02 54.99 -13.81
CA ARG E 100 49.86 54.54 -15.19
C ARG E 100 48.47 53.96 -15.45
N GLU E 101 47.82 53.32 -14.48
CA GLU E 101 46.42 52.89 -14.61
C GLU E 101 45.45 54.03 -14.87
N ARG E 102 45.50 55.11 -14.09
CA ARG E 102 44.61 56.26 -14.32
C ARG E 102 44.92 56.95 -15.65
N ARG E 103 46.15 56.83 -16.18
CA ARG E 103 46.53 57.24 -17.54
C ARG E 103 46.01 56.28 -18.62
N GLY E 104 45.75 55.02 -18.30
CA GLY E 104 45.06 54.04 -19.13
C GLY E 104 45.94 53.08 -19.94
N ASP E 105 47.25 53.10 -19.78
CA ASP E 105 48.17 52.46 -20.73
C ASP E 105 48.10 50.93 -20.82
N TYR E 106 47.46 50.24 -19.88
CA TYR E 106 47.19 48.79 -19.99
C TYR E 106 45.91 48.48 -20.79
N LEU E 107 45.38 49.46 -21.53
CA LEU E 107 44.23 49.33 -22.45
C LEU E 107 42.95 48.82 -21.77
N GLY E 108 42.80 49.16 -20.49
CA GLY E 108 41.68 48.67 -19.71
C GLY E 108 41.70 47.18 -19.44
N LYS E 109 42.87 46.54 -19.39
CA LYS E 109 42.99 45.18 -18.83
C LYS E 109 42.98 45.18 -17.28
N THR E 110 43.08 44.00 -16.66
CA THR E 110 43.36 43.94 -15.19
C THR E 110 44.83 44.29 -15.11
N VAL E 111 45.31 44.94 -14.05
CA VAL E 111 46.77 45.18 -13.88
C VAL E 111 47.24 44.28 -12.74
N GLN E 112 47.12 42.96 -12.91
CA GLN E 112 47.58 41.99 -11.88
C GLN E 112 49.02 42.37 -11.52
N ILE E 113 49.50 42.11 -10.30
CA ILE E 113 50.93 42.40 -9.92
C ILE E 113 51.83 41.36 -10.57
N VAL E 114 51.40 40.13 -10.82
CA VAL E 114 52.22 39.17 -11.62
C VAL E 114 52.17 39.73 -13.02
N PRO E 115 52.66 39.09 -14.10
CA PRO E 115 52.74 39.75 -15.39
C PRO E 115 52.96 41.27 -15.38
N HIS E 116 51.98 42.11 -15.12
CA HIS E 116 52.21 43.51 -15.50
C HIS E 116 53.17 44.31 -14.59
N LEU E 117 53.01 44.33 -13.27
CA LEU E 117 53.95 45.08 -12.42
C LEU E 117 55.34 44.46 -12.43
N THR E 118 55.50 43.13 -12.33
CA THR E 118 56.83 42.54 -12.48
C THR E 118 57.45 42.81 -13.85
N ASN E 119 56.64 43.04 -14.88
CA ASN E 119 57.14 43.52 -16.17
C ASN E 119 57.63 44.97 -16.06
N ALA E 120 56.96 45.85 -15.31
CA ALA E 120 57.46 47.22 -15.10
C ALA E 120 58.81 47.22 -14.37
N ILE E 121 59.02 46.37 -13.36
CA ILE E 121 60.34 46.21 -12.72
C ILE E 121 61.38 45.81 -13.77
N GLN E 122 61.11 44.79 -14.56
CA GLN E 122 62.07 44.29 -15.52
C GLN E 122 62.36 45.32 -16.62
N ASP E 123 61.40 46.19 -16.93
CA ASP E 123 61.59 47.33 -17.80
C ASP E 123 62.42 48.40 -17.13
N TRP E 124 62.10 48.80 -15.89
CA TRP E 124 62.85 49.81 -15.15
C TRP E 124 64.33 49.44 -14.99
N ILE E 125 64.68 48.22 -14.57
CA ILE E 125 66.07 47.80 -14.49
C ILE E 125 66.77 47.87 -15.85
N GLN E 126 66.09 47.56 -16.95
CA GLN E 126 66.66 47.65 -18.31
C GLN E 126 66.75 49.08 -18.81
N ARG E 127 65.89 50.00 -18.37
CA ARG E 127 66.07 51.43 -18.68
C ARG E 127 67.29 51.95 -17.95
N VAL E 128 67.28 51.83 -16.64
CA VAL E 128 68.21 52.41 -15.70
C VAL E 128 69.62 51.95 -15.93
N SER E 129 69.87 50.67 -16.13
CA SER E 129 71.24 50.19 -16.41
C SER E 129 71.82 50.71 -17.74
N LYS E 130 71.05 51.32 -18.65
CA LYS E 130 71.56 51.97 -19.87
C LYS E 130 71.76 53.49 -19.76
N ILE E 131 71.43 54.12 -18.63
CA ILE E 131 71.73 55.53 -18.35
C ILE E 131 73.25 55.66 -18.12
N PRO E 132 73.97 56.62 -18.72
CA PRO E 132 75.41 56.78 -18.49
C PRO E 132 75.72 57.33 -17.10
N VAL E 133 76.87 56.96 -16.53
CA VAL E 133 77.24 57.32 -15.15
C VAL E 133 78.67 57.83 -14.95
N ASP E 134 79.61 57.52 -15.84
CA ASP E 134 81.00 58.00 -15.81
C ASP E 134 81.15 59.41 -16.43
N ASP E 135 82.38 59.91 -16.55
CA ASP E 135 82.72 61.25 -17.08
C ASP E 135 82.39 61.45 -18.58
N THR E 136 82.03 60.37 -19.28
CA THR E 136 81.59 60.36 -20.69
C THR E 136 80.31 59.56 -20.82
N GLY E 137 79.48 59.90 -21.81
CA GLY E 137 78.14 59.35 -22.02
C GLY E 137 78.10 57.94 -22.59
N LEU E 138 79.04 57.06 -22.23
CA LEU E 138 79.08 55.67 -22.64
C LEU E 138 78.24 54.81 -21.69
N GLU E 139 77.39 53.94 -22.24
CA GLU E 139 76.47 53.11 -21.46
C GLU E 139 77.21 51.97 -20.73
N PRO E 140 76.79 51.60 -19.52
CA PRO E 140 77.46 50.62 -18.67
C PRO E 140 77.68 49.21 -19.25
N ASP E 141 78.79 48.56 -18.92
CA ASP E 141 79.05 47.17 -19.31
C ASP E 141 78.38 46.17 -18.36
N VAL E 142 78.39 46.44 -17.04
CA VAL E 142 77.86 45.57 -15.99
C VAL E 142 77.08 46.39 -14.99
N CYS E 143 75.94 45.89 -14.52
CA CYS E 143 75.14 46.52 -13.48
C CYS E 143 75.04 45.64 -12.21
N ILE E 144 75.42 46.19 -11.06
CA ILE E 144 75.25 45.55 -9.75
C ILE E 144 73.88 45.92 -9.18
N ILE E 145 72.99 44.98 -8.96
CA ILE E 145 71.68 45.26 -8.33
C ILE E 145 71.74 44.83 -6.87
N GLU E 146 71.58 45.73 -5.91
CA GLU E 146 71.47 45.38 -4.50
C GLU E 146 70.00 45.21 -4.10
N LEU E 147 69.55 43.99 -3.84
CA LEU E 147 68.17 43.68 -3.48
C LEU E 147 68.02 43.89 -1.97
N GLY E 148 67.45 45.05 -1.60
CA GLY E 148 67.13 45.39 -0.21
C GLY E 148 66.06 44.49 0.38
N GLY E 149 65.89 44.55 1.71
CA GLY E 149 65.13 43.53 2.41
C GLY E 149 65.81 42.15 2.42
N THR E 150 65.04 41.06 2.48
CA THR E 150 65.60 39.71 2.27
C THR E 150 64.79 38.92 1.24
N VAL E 151 65.41 37.89 0.64
CA VAL E 151 64.71 36.95 -0.28
C VAL E 151 63.97 35.99 0.65
N GLY E 152 62.65 36.08 0.75
CA GLY E 152 61.85 35.29 1.71
C GLY E 152 61.10 36.26 2.60
N ASP E 153 60.41 37.23 2.02
CA ASP E 153 59.69 38.28 2.77
C ASP E 153 58.38 38.58 2.04
N ILE E 154 57.65 39.61 2.45
CA ILE E 154 56.39 40.05 1.79
C ILE E 154 56.59 41.44 1.17
N GLU E 155 57.61 42.19 1.58
CA GLU E 155 57.96 43.49 0.96
C GLU E 155 58.93 43.18 -0.17
N SER E 156 59.52 41.99 -0.17
CA SER E 156 60.46 41.61 -1.24
C SER E 156 59.76 41.01 -2.44
N ALA E 157 58.53 40.56 -2.27
CA ALA E 157 57.89 39.56 -3.09
C ALA E 157 57.80 39.88 -4.60
N PRO E 158 57.35 41.06 -5.05
CA PRO E 158 57.37 41.39 -6.46
C PRO E 158 58.78 41.46 -7.04
N PHE E 159 59.78 41.88 -6.27
CA PHE E 159 61.15 41.95 -6.77
C PHE E 159 61.69 40.56 -6.99
N VAL E 160 61.53 39.62 -6.07
CA VAL E 160 62.09 38.27 -6.32
C VAL E 160 61.40 37.57 -7.49
N GLU E 161 60.11 37.81 -7.73
CA GLU E 161 59.45 37.30 -8.94
C GLU E 161 59.95 37.99 -10.18
N ALA E 162 59.97 39.31 -10.18
CA ALA E 162 60.50 40.08 -11.30
C ALA E 162 61.90 39.61 -11.70
N LEU E 163 62.76 39.33 -10.73
CA LEU E 163 64.11 38.82 -10.94
C LEU E 163 64.15 37.33 -11.34
N ARG E 164 63.20 36.48 -10.95
CA ARG E 164 63.07 35.18 -11.60
C ARG E 164 62.79 35.38 -13.08
N GLN E 165 61.83 36.19 -13.51
CA GLN E 165 61.63 36.38 -14.95
C GLN E 165 62.88 37.01 -15.58
N PHE E 166 63.50 37.95 -14.89
CA PHE E 166 64.68 38.66 -15.40
C PHE E 166 65.95 37.82 -15.57
N GLN E 167 65.98 36.64 -14.94
CA GLN E 167 66.99 35.63 -15.17
C GLN E 167 66.90 35.03 -16.58
N PHE E 168 65.75 35.20 -17.24
CA PHE E 168 65.52 34.73 -18.62
C PHE E 168 65.25 35.83 -19.63
N GLU E 169 64.49 36.86 -19.26
CA GLU E 169 64.22 38.00 -20.13
C GLU E 169 65.52 38.75 -20.47
N VAL E 170 66.55 38.64 -19.61
CA VAL E 170 67.97 38.76 -19.93
C VAL E 170 68.57 37.35 -19.78
N GLY E 171 69.30 36.86 -20.77
CA GLY E 171 69.77 35.47 -20.77
C GLY E 171 70.68 35.13 -19.57
N ARG E 172 70.63 33.91 -19.01
CA ARG E 172 71.70 33.38 -18.16
C ARG E 172 73.02 33.51 -18.91
N GLU E 173 74.09 33.61 -18.16
CA GLU E 173 75.40 34.14 -18.64
C GLU E 173 75.42 35.65 -18.97
N ASN E 174 74.30 36.37 -18.93
CA ASN E 174 74.26 37.81 -18.70
C ASN E 174 73.72 38.17 -17.30
N PHE E 175 73.53 37.20 -16.40
CA PHE E 175 73.00 37.41 -15.06
C PHE E 175 73.67 36.46 -14.07
N ALA E 176 73.97 36.91 -12.86
CA ALA E 176 74.54 36.13 -11.78
C ALA E 176 73.97 36.58 -10.42
N LEU E 177 73.73 35.65 -9.50
CA LEU E 177 73.20 35.98 -8.16
C LEU E 177 74.22 35.69 -7.05
N ILE E 178 74.49 36.68 -6.23
CA ILE E 178 75.32 36.57 -5.04
C ILE E 178 74.39 36.62 -3.82
N HIS E 179 74.33 35.53 -3.07
CA HIS E 179 73.50 35.40 -1.88
C HIS E 179 74.34 35.57 -0.62
N VAL E 180 74.20 36.70 0.05
CA VAL E 180 74.76 36.98 1.37
C VAL E 180 74.02 36.14 2.39
N SER E 181 74.68 35.60 3.40
CA SER E 181 73.99 34.70 4.33
C SER E 181 74.62 34.64 5.71
N LEU E 182 73.86 34.18 6.71
CA LEU E 182 74.29 34.15 8.11
C LEU E 182 74.73 32.75 8.51
N VAL E 183 75.90 32.62 9.13
CA VAL E 183 76.42 31.37 9.68
C VAL E 183 76.77 31.62 11.14
N PRO E 184 75.80 31.54 12.07
CA PRO E 184 76.04 31.83 13.48
C PRO E 184 77.10 30.94 14.11
N VAL E 185 77.75 31.42 15.16
CA VAL E 185 78.62 30.61 16.01
C VAL E 185 78.10 30.60 17.45
N ILE E 186 77.93 29.40 17.98
CA ILE E 186 77.32 29.07 19.27
C ILE E 186 78.16 27.96 19.90
N HIS E 187 78.53 28.11 21.18
CA HIS E 187 79.35 27.15 21.94
C HIS E 187 80.63 26.70 21.21
N GLY E 188 81.19 27.56 20.35
CA GLY E 188 82.36 27.28 19.51
C GLY E 188 82.13 26.55 18.18
N GLU E 189 80.89 26.32 17.74
CA GLU E 189 80.60 25.53 16.51
C GLU E 189 79.97 26.45 15.45
N GLN E 190 80.40 26.37 14.19
CA GLN E 190 79.82 27.20 13.09
C GLN E 190 78.51 26.55 12.65
N LYS E 191 77.39 27.29 12.69
CA LYS E 191 76.02 26.76 12.41
C LYS E 191 75.55 27.21 11.02
N THR E 192 75.72 26.40 9.98
CA THR E 192 75.20 26.65 8.59
C THR E 192 73.75 26.18 8.36
N LYS E 193 72.82 26.23 9.31
CA LYS E 193 71.37 25.90 9.06
C LYS E 193 70.52 27.14 8.77
N PRO E 194 70.82 28.36 9.26
CA PRO E 194 70.13 29.58 8.86
C PRO E 194 70.41 29.76 7.36
N THR E 195 71.66 29.58 6.93
CA THR E 195 72.05 29.68 5.50
C THR E 195 71.25 28.63 4.70
N GLN E 196 71.23 27.36 5.11
CA GLN E 196 70.56 26.26 4.35
C GLN E 196 69.04 26.47 4.35
N ALA E 197 68.49 27.34 5.21
CA ALA E 197 67.03 27.63 5.29
C ALA E 197 66.74 28.92 4.52
N ALA E 198 67.73 29.51 3.85
CA ALA E 198 67.54 30.68 2.94
C ALA E 198 67.94 30.25 1.52
N ILE E 199 68.60 29.10 1.32
CA ILE E 199 68.91 28.49 0.03
C ILE E 199 67.68 27.71 -0.41
N LYS E 200 66.95 27.11 0.50
CA LYS E 200 65.68 26.46 0.26
C LYS E 200 64.73 27.52 -0.24
N ASP E 201 64.54 28.63 0.48
CA ASP E 201 63.63 29.70 0.05
C ASP E 201 64.06 30.37 -1.26
N LEU E 202 65.35 30.48 -1.52
CA LEU E 202 65.85 31.10 -2.74
C LEU E 202 65.43 30.28 -3.95
N ARG E 203 65.67 28.97 -3.95
CA ARG E 203 65.31 28.03 -4.99
C ARG E 203 63.79 28.07 -5.14
N SER E 204 63.04 28.14 -4.04
CA SER E 204 61.58 28.18 -4.06
C SER E 204 61.09 29.44 -4.78
N LEU E 205 61.53 30.64 -4.40
CA LEU E 205 61.16 31.91 -5.05
C LEU E 205 61.73 32.04 -6.47
N GLY E 206 62.72 31.22 -6.83
CA GLY E 206 63.01 30.78 -8.19
C GLY E 206 64.36 31.20 -8.79
N LEU E 207 65.00 32.22 -8.21
CA LEU E 207 66.41 32.50 -8.54
C LEU E 207 67.30 31.34 -8.13
N ILE E 208 68.45 31.15 -8.77
CA ILE E 208 69.44 30.12 -8.39
C ILE E 208 70.72 30.82 -7.97
N PRO E 209 71.27 30.61 -6.76
CA PRO E 209 72.49 31.32 -6.36
C PRO E 209 73.80 30.92 -7.00
N ASP E 210 74.81 31.77 -7.11
CA ASP E 210 76.15 31.58 -7.64
C ASP E 210 77.23 31.60 -6.59
N MET E 211 77.20 32.54 -5.69
CA MET E 211 78.08 32.74 -4.55
C MET E 211 77.29 32.54 -3.28
N ILE E 212 77.93 32.22 -2.17
CA ILE E 212 77.30 32.11 -0.87
C ILE E 212 78.20 32.90 0.08
N ALA E 213 77.92 34.18 0.23
CA ALA E 213 78.79 35.14 0.89
C ALA E 213 78.46 35.24 2.38
N CYS E 214 79.09 34.39 3.18
CA CYS E 214 78.78 34.29 4.60
C CYS E 214 79.34 35.44 5.42
N ARG E 215 78.53 35.97 6.35
CA ARG E 215 78.93 36.92 7.40
C ARG E 215 79.09 36.25 8.76
N CYS E 216 79.99 35.27 8.80
CA CYS E 216 80.39 34.60 10.04
C CYS E 216 81.27 35.52 10.90
N SER E 217 81.37 35.23 12.20
CA SER E 217 82.26 35.93 13.13
C SER E 217 83.74 35.53 12.98
N GLU E 218 84.06 34.61 12.08
CA GLU E 218 85.32 33.86 12.03
C GLU E 218 85.77 33.61 10.58
N GLU E 219 86.95 33.03 10.38
CA GLU E 219 87.19 32.27 9.15
C GLU E 219 86.30 31.03 9.12
N LEU E 220 85.65 30.76 7.99
CA LEU E 220 84.88 29.54 7.81
C LEU E 220 85.79 28.31 7.84
N ASN E 221 85.43 27.28 8.59
CA ASN E 221 86.17 26.02 8.59
C ASN E 221 86.13 25.37 7.19
N ARG E 222 87.18 24.64 6.79
CA ARG E 222 87.15 23.87 5.53
C ARG E 222 86.01 22.86 5.48
N SER E 223 85.65 22.26 6.61
CA SER E 223 84.46 21.40 6.74
C SER E 223 83.13 22.16 6.70
N THR E 224 83.08 23.42 7.16
CA THR E 224 81.90 24.29 7.06
C THR E 224 81.62 24.64 5.61
N ILE E 225 82.64 25.05 4.86
CA ILE E 225 82.51 25.32 3.43
C ILE E 225 82.10 24.04 2.68
N ASP E 226 82.71 22.90 2.97
CA ASP E 226 82.38 21.64 2.31
C ASP E 226 80.90 21.26 2.50
N LYS E 227 80.33 21.45 3.69
CA LYS E 227 78.89 21.23 3.92
C LYS E 227 78.01 22.29 3.26
N ILE E 228 78.36 23.58 3.28
CA ILE E 228 77.57 24.57 2.53
C ILE E 228 77.58 24.25 1.04
N ALA E 229 78.69 23.80 0.47
CA ALA E 229 78.77 23.34 -0.92
C ALA E 229 78.10 21.97 -1.19
N MET E 230 77.67 21.24 -0.14
CA MET E 230 76.87 20.02 -0.27
C MET E 230 75.37 20.33 -0.27
N PHE E 231 74.94 21.32 0.52
CA PHE E 231 73.53 21.71 0.63
C PHE E 231 73.13 22.83 -0.33
N CYS E 232 73.93 23.88 -0.53
CA CYS E 232 73.83 24.67 -1.74
C CYS E 232 74.61 23.95 -2.86
N HIS E 233 74.26 24.19 -4.12
CA HIS E 233 74.91 23.51 -5.25
C HIS E 233 76.18 24.20 -5.76
N VAL E 234 76.65 25.30 -5.14
CA VAL E 234 77.92 25.93 -5.51
C VAL E 234 79.12 25.04 -5.18
N GLY E 235 80.19 25.12 -5.96
CA GLY E 235 81.47 24.49 -5.62
C GLY E 235 82.18 25.22 -4.47
N PRO E 236 82.98 24.52 -3.64
CA PRO E 236 83.52 25.08 -2.40
C PRO E 236 84.40 26.32 -2.58
N GLU E 237 85.05 26.50 -3.74
CA GLU E 237 85.80 27.72 -4.05
C GLU E 237 84.93 28.99 -4.06
N GLN E 238 83.61 28.85 -4.19
CA GLN E 238 82.67 29.97 -4.39
C GLN E 238 81.98 30.45 -3.11
N VAL E 239 82.25 29.80 -1.98
CA VAL E 239 81.62 30.07 -0.69
C VAL E 239 82.42 31.17 0.01
N VAL E 240 82.38 32.38 -0.52
CA VAL E 240 83.25 33.47 -0.05
C VAL E 240 82.96 33.81 1.41
N ASN E 241 84.00 34.15 2.19
CA ASN E 241 83.86 34.64 3.56
C ASN E 241 84.14 36.14 3.62
N VAL E 242 83.28 36.93 4.26
CA VAL E 242 83.39 38.40 4.22
C VAL E 242 83.62 38.99 5.62
N HIS E 243 84.48 38.33 6.41
CA HIS E 243 84.76 38.67 7.80
C HIS E 243 85.41 40.06 7.96
N ASP E 244 85.35 40.62 9.17
CA ASP E 244 85.91 41.95 9.47
C ASP E 244 87.44 42.02 9.28
N VAL E 245 87.91 43.14 8.75
CA VAL E 245 89.31 43.52 8.53
C VAL E 245 89.51 45.02 8.84
N ASN E 246 90.76 45.46 9.02
CA ASN E 246 91.17 46.72 9.66
C ASN E 246 90.46 48.01 9.21
N SER E 247 89.92 48.07 7.99
CA SER E 247 88.93 49.07 7.58
C SER E 247 88.13 48.55 6.37
N THR E 248 86.91 49.05 6.13
CA THR E 248 86.07 48.55 5.01
C THR E 248 86.68 48.77 3.62
N TYR E 249 87.68 49.63 3.47
CA TYR E 249 88.40 49.75 2.20
C TYR E 249 89.27 48.54 1.88
N HIS E 250 89.55 47.65 2.83
CA HIS E 250 90.21 46.39 2.53
C HIS E 250 89.28 45.35 1.91
N VAL E 251 87.96 45.44 2.08
CA VAL E 251 87.04 44.34 1.72
C VAL E 251 87.17 43.91 0.25
N PRO E 252 87.26 44.80 -0.74
CA PRO E 252 87.52 44.37 -2.11
C PRO E 252 88.73 43.47 -2.25
N LEU E 253 89.84 43.74 -1.56
CA LEU E 253 91.06 42.94 -1.69
C LEU E 253 90.97 41.56 -0.99
N LEU E 254 90.07 41.38 -0.04
CA LEU E 254 89.75 40.06 0.52
C LEU E 254 88.98 39.23 -0.50
N LEU E 255 88.03 39.85 -1.19
CA LEU E 255 87.26 39.20 -2.23
C LEU E 255 88.15 38.86 -3.43
N LEU E 256 89.16 39.68 -3.71
CA LEU E 256 90.15 39.40 -4.74
C LEU E 256 91.11 38.26 -4.36
N LYS E 257 91.49 38.11 -3.09
CA LYS E 257 92.20 36.92 -2.60
C LYS E 257 91.34 35.66 -2.67
N GLN E 258 90.02 35.82 -2.55
CA GLN E 258 89.03 34.74 -2.61
C GLN E 258 88.50 34.49 -4.04
N HIS E 259 89.32 34.78 -5.05
CA HIS E 259 89.11 34.50 -6.48
C HIS E 259 87.90 35.17 -7.13
N MET E 260 87.23 36.14 -6.50
CA MET E 260 85.92 36.57 -6.99
C MET E 260 85.94 37.25 -8.36
N ILE E 261 86.99 37.97 -8.75
CA ILE E 261 87.13 38.41 -10.16
C ILE E 261 87.33 37.22 -11.08
N ASP E 262 88.15 36.24 -10.72
CA ASP E 262 88.38 35.10 -11.61
C ASP E 262 87.11 34.27 -11.82
N TYR E 263 86.31 34.11 -10.78
CA TYR E 263 85.00 33.51 -10.92
C TYR E 263 84.05 34.37 -11.75
N LEU E 264 83.82 35.66 -11.43
CA LEU E 264 82.91 36.50 -12.23
C LEU E 264 83.38 36.68 -13.68
N HIS E 265 84.69 36.71 -13.97
CA HIS E 265 85.19 36.73 -15.34
C HIS E 265 84.73 35.50 -16.12
N SER E 266 84.77 34.33 -15.51
CA SER E 266 84.23 33.11 -16.11
C SER E 266 82.71 33.12 -16.19
N ARG E 267 82.02 33.24 -15.05
CA ARG E 267 80.57 33.03 -14.92
C ARG E 267 79.70 34.04 -15.68
N LEU E 268 80.24 35.20 -16.08
CA LEU E 268 79.57 36.15 -16.96
C LEU E 268 80.28 36.34 -18.32
N LYS E 269 81.27 35.52 -18.63
CA LYS E 269 82.08 35.58 -19.86
C LYS E 269 82.61 37.00 -20.15
N LEU E 270 83.18 37.68 -19.16
CA LEU E 270 83.55 39.10 -19.24
C LEU E 270 84.68 39.36 -20.25
N GLY E 271 85.40 38.33 -20.68
CA GLY E 271 86.32 38.40 -21.82
C GLY E 271 85.64 38.71 -23.16
N GLU E 272 84.34 38.47 -23.30
CA GLU E 272 83.58 38.79 -24.53
C GLU E 272 83.07 40.25 -24.58
N VAL E 273 83.14 41.01 -23.49
CA VAL E 273 82.79 42.44 -23.48
C VAL E 273 83.90 43.22 -24.20
N PRO E 274 83.59 44.14 -25.13
CA PRO E 274 84.61 44.94 -25.82
C PRO E 274 85.23 46.02 -24.90
N LEU E 275 86.54 46.00 -24.73
CA LEU E 275 87.30 46.98 -23.94
C LEU E 275 88.47 47.58 -24.74
N THR E 276 88.73 48.88 -24.60
CA THR E 276 89.93 49.52 -25.16
C THR E 276 91.11 49.42 -24.18
N LEU E 277 92.35 49.67 -24.60
CA LEU E 277 93.44 49.86 -23.62
C LEU E 277 93.20 51.03 -22.68
N GLU E 278 92.51 52.09 -23.12
CA GLU E 278 92.14 53.19 -22.24
C GLU E 278 91.16 52.74 -21.14
N ASP E 279 90.29 51.78 -21.42
CA ASP E 279 89.54 51.09 -20.36
C ASP E 279 90.45 50.20 -19.51
N LYS E 280 91.16 49.24 -20.11
CA LYS E 280 91.88 48.22 -19.36
C LYS E 280 93.00 48.79 -18.51
N GLU E 281 93.82 49.67 -19.05
CA GLU E 281 94.92 50.26 -18.29
C GLU E 281 94.40 51.20 -17.19
N ARG E 282 93.26 51.88 -17.37
CA ARG E 282 92.63 52.62 -16.27
C ARG E 282 92.17 51.67 -15.17
N GLY E 283 91.67 50.51 -15.57
CA GLY E 283 91.29 49.42 -14.67
C GLY E 283 92.46 48.95 -13.82
N SER E 284 93.55 48.51 -14.43
CA SER E 284 94.70 48.00 -13.68
C SER E 284 95.46 49.11 -12.94
N GLN E 285 95.43 50.36 -13.39
CA GLN E 285 95.94 51.48 -12.61
C GLN E 285 95.08 51.74 -11.37
N LEU E 286 93.75 51.77 -11.49
CA LEU E 286 92.87 51.95 -10.34
C LEU E 286 93.07 50.86 -9.30
N LEU E 287 93.30 49.60 -9.72
CA LEU E 287 93.69 48.54 -8.79
C LEU E 287 94.94 48.93 -8.00
N THR E 288 95.99 49.43 -8.65
CA THR E 288 97.18 49.86 -7.91
C THR E 288 96.96 51.07 -7.03
N ASN E 289 96.03 51.99 -7.35
CA ASN E 289 95.67 53.03 -6.42
C ASN E 289 94.98 52.45 -5.18
N TRP E 290 94.16 51.39 -5.33
CA TRP E 290 93.52 50.74 -4.19
C TRP E 290 94.50 49.91 -3.36
N GLU E 291 95.42 49.20 -3.99
CA GLU E 291 96.52 48.53 -3.29
C GLU E 291 97.44 49.54 -2.57
N ASN E 292 97.72 50.70 -3.17
CA ASN E 292 98.49 51.73 -2.52
C ASN E 292 97.75 52.34 -1.33
N MET E 293 96.50 52.79 -1.47
CA MET E 293 95.82 53.44 -0.35
C MET E 293 95.53 52.48 0.80
N THR E 294 95.27 51.20 0.54
CA THR E 294 95.17 50.18 1.61
C THR E 294 96.51 49.86 2.26
N LYS E 295 97.62 49.79 1.51
CA LYS E 295 98.96 49.73 2.10
C LYS E 295 99.27 50.98 2.94
N ASN E 296 98.87 52.18 2.51
CA ASN E 296 99.07 53.39 3.31
C ASN E 296 98.27 53.32 4.62
N LEU E 297 97.04 52.80 4.61
CA LEU E 297 96.25 52.60 5.83
C LEU E 297 96.92 51.57 6.77
N ASP E 298 97.54 50.52 6.23
CA ASP E 298 98.17 49.47 7.03
C ASP E 298 99.37 49.93 7.87
N ASP E 299 100.02 51.06 7.57
CA ASP E 299 101.15 51.55 8.36
C ASP E 299 101.19 53.06 8.63
N SER E 300 100.14 53.81 8.27
CA SER E 300 99.86 55.13 8.83
C SER E 300 99.58 55.03 10.34
N ASP E 301 100.34 55.76 11.16
CA ASP E 301 100.22 55.77 12.63
C ASP E 301 99.93 57.16 13.21
N ASP E 302 100.40 58.22 12.57
CA ASP E 302 100.33 59.58 13.11
C ASP E 302 98.89 60.10 13.08
N VAL E 303 98.29 60.22 14.26
CA VAL E 303 96.88 60.52 14.42
C VAL E 303 96.59 61.96 14.05
N VAL E 304 95.37 62.24 13.61
CA VAL E 304 94.77 63.56 13.54
C VAL E 304 93.39 63.50 14.15
N LYS E 305 93.08 64.39 15.10
CA LYS E 305 91.80 64.41 15.83
C LYS E 305 90.93 65.52 15.26
N ILE E 306 89.79 65.19 14.66
CA ILE E 306 88.85 66.19 14.11
C ILE E 306 87.60 66.24 14.97
N ALA E 307 87.25 67.38 15.53
CA ALA E 307 85.99 67.51 16.27
C ALA E 307 84.83 67.71 15.31
N LEU E 308 83.86 66.81 15.35
CA LEU E 308 82.62 66.94 14.62
C LEU E 308 81.60 67.45 15.64
N VAL E 309 81.16 68.68 15.44
CA VAL E 309 80.37 69.43 16.44
C VAL E 309 78.94 69.57 15.96
N GLY E 310 77.98 68.90 16.59
CA GLY E 310 76.57 68.99 16.17
C GLY E 310 75.59 68.24 17.08
N LYS E 311 74.29 68.31 16.79
CA LYS E 311 73.24 67.54 17.50
C LYS E 311 73.22 66.08 17.06
N TYR E 312 72.58 65.22 17.85
CA TYR E 312 72.32 63.80 17.52
C TYR E 312 73.57 62.95 17.22
N THR E 313 74.73 63.27 17.78
CA THR E 313 75.97 62.51 17.52
C THR E 313 75.92 61.05 17.96
N ASN E 314 74.98 60.65 18.80
CA ASN E 314 74.72 59.24 19.11
C ASN E 314 74.14 58.44 17.92
N LEU E 315 73.57 59.14 16.93
CA LEU E 315 73.07 58.60 15.67
C LEU E 315 74.09 58.88 14.55
N LYS E 316 75.24 58.21 14.59
CA LYS E 316 76.39 58.46 13.70
C LYS E 316 76.06 58.31 12.21
N ASP E 317 75.08 57.47 11.89
CA ASP E 317 74.55 57.29 10.53
C ASP E 317 73.83 58.56 10.02
N SER E 318 73.42 59.46 10.91
CA SER E 318 72.92 60.79 10.56
C SER E 318 73.97 61.68 9.90
N TYR E 319 75.23 61.25 9.93
CA TYR E 319 76.41 61.88 9.36
C TYR E 319 77.24 60.89 8.56
N LEU E 320 76.71 59.81 8.00
CA LEU E 320 77.57 58.81 7.36
C LEU E 320 78.48 59.37 6.27
N SER E 321 78.06 60.35 5.47
CA SER E 321 78.78 60.91 4.33
C SER E 321 79.88 61.83 4.81
N VAL E 322 79.65 62.53 5.92
CA VAL E 322 80.62 63.40 6.61
C VAL E 322 81.78 62.58 7.13
N THR E 323 81.49 61.50 7.85
CA THR E 323 82.49 60.55 8.35
C THR E 323 83.32 60.00 7.20
N LYS E 324 82.66 59.50 6.15
CA LYS E 324 83.36 58.83 5.05
C LYS E 324 84.26 59.78 4.28
N SER E 325 83.85 61.03 4.10
CA SER E 325 84.70 62.04 3.46
C SER E 325 85.95 62.36 4.28
N LEU E 326 85.85 62.44 5.61
CA LEU E 326 87.04 62.56 6.46
C LEU E 326 87.95 61.33 6.34
N GLU E 327 87.43 60.12 6.22
CA GLU E 327 88.26 58.94 6.00
C GLU E 327 89.06 59.00 4.69
N HIS E 328 88.44 59.40 3.58
CA HIS E 328 89.17 59.65 2.33
C HIS E 328 90.25 60.72 2.50
N ALA E 329 89.93 61.85 3.14
CA ALA E 329 90.88 62.93 3.34
C ALA E 329 92.06 62.50 4.22
N SER E 330 91.80 61.70 5.25
CA SER E 330 92.75 61.07 6.15
C SER E 330 93.75 60.20 5.41
N MET E 331 93.26 59.22 4.66
CA MET E 331 94.12 58.29 3.94
C MET E 331 94.97 58.99 2.88
N LYS E 332 94.48 60.10 2.31
CA LYS E 332 95.23 60.92 1.34
C LYS E 332 96.36 61.74 1.99
N CYS E 333 96.13 62.25 3.20
CA CYS E 333 97.16 62.87 4.05
C CYS E 333 98.14 61.87 4.70
N ARG E 334 97.83 60.56 4.69
CA ARG E 334 98.55 59.52 5.42
C ARG E 334 98.62 59.73 6.93
N ARG E 335 97.65 60.44 7.51
CA ARG E 335 97.39 60.44 8.95
C ARG E 335 96.16 59.61 9.31
N GLN E 336 96.28 58.75 10.31
CA GLN E 336 95.21 57.94 10.88
C GLN E 336 94.19 58.84 11.57
N LEU E 337 92.90 58.58 11.43
CA LEU E 337 91.86 59.48 11.90
C LEU E 337 91.29 59.05 13.25
N GLU E 338 91.12 60.01 14.15
CA GLU E 338 90.13 59.93 15.23
C GLU E 338 89.14 61.07 15.05
N ILE E 339 87.83 60.81 15.08
CA ILE E 339 86.82 61.86 15.06
C ILE E 339 86.29 62.03 16.48
N LEU E 340 86.25 63.27 16.97
CA LEU E 340 85.76 63.57 18.31
C LEU E 340 84.31 64.04 18.24
N TRP E 341 83.40 63.22 18.72
CA TRP E 341 81.97 63.50 18.75
C TRP E 341 81.65 64.52 19.84
N VAL E 342 81.39 65.75 19.45
CA VAL E 342 80.98 66.83 20.33
C VAL E 342 79.50 67.06 20.16
N GLU E 343 78.69 66.55 21.07
CA GLU E 343 77.25 66.81 21.13
C GLU E 343 77.00 68.28 21.46
N ALA E 344 76.78 69.13 20.45
CA ALA E 344 76.99 70.58 20.54
C ALA E 344 76.29 71.25 21.71
N SER E 345 75.09 70.81 22.09
CA SER E 345 74.36 71.48 23.16
C SER E 345 75.12 71.44 24.49
N ASN E 346 76.03 70.50 24.69
CA ASN E 346 76.84 70.42 25.91
C ASN E 346 77.87 71.57 26.03
N LEU E 347 78.32 72.18 24.94
CA LEU E 347 79.20 73.35 24.99
C LEU E 347 78.51 74.62 25.53
N GLU E 348 77.18 74.67 25.52
CA GLU E 348 76.44 75.84 25.94
C GLU E 348 76.54 76.00 27.46
N PRO E 349 76.89 77.18 28.00
CA PRO E 349 77.08 77.37 29.44
C PRO E 349 75.92 76.91 30.33
N GLU E 350 74.67 76.94 29.87
CA GLU E 350 73.54 76.43 30.67
C GLU E 350 73.70 74.95 31.03
N THR E 351 74.48 74.17 30.28
CA THR E 351 74.75 72.76 30.60
C THR E 351 75.44 72.62 31.95
N GLN E 352 76.24 73.60 32.33
CA GLN E 352 76.91 73.66 33.64
C GLN E 352 75.90 73.68 34.80
N GLU E 353 74.69 74.17 34.57
CA GLU E 353 73.58 74.13 35.53
C GLU E 353 72.87 72.78 35.59
N VAL E 354 73.11 71.88 34.62
CA VAL E 354 72.40 70.60 34.47
C VAL E 354 73.31 69.40 34.75
N ASP E 355 74.46 69.34 34.10
CA ASP E 355 75.52 68.37 34.39
C ASP E 355 76.87 68.95 33.97
N LYS E 356 77.74 69.22 34.95
CA LYS E 356 79.10 69.71 34.70
C LYS E 356 79.94 68.69 33.94
N ASN E 357 79.75 67.40 34.15
CA ASN E 357 80.52 66.37 33.44
C ASN E 357 80.36 66.51 31.92
N LYS E 358 79.13 66.67 31.42
CA LYS E 358 78.86 66.96 30.00
C LYS E 358 79.55 68.25 29.53
N PHE E 359 79.49 69.32 30.33
CA PHE E 359 80.13 70.59 29.97
C PHE E 359 81.65 70.47 29.85
N HIS E 360 82.29 69.71 30.73
CA HIS E 360 83.73 69.49 30.67
C HIS E 360 84.11 68.50 29.57
N ASP E 361 83.47 67.34 29.45
CA ASP E 361 83.82 66.35 28.42
C ASP E 361 83.70 66.94 27.02
N SER E 362 82.66 67.71 26.74
CA SER E 362 82.47 68.31 25.42
C SER E 362 83.52 69.38 25.13
N TRP E 363 83.81 70.31 26.05
CA TRP E 363 84.88 71.29 25.87
C TRP E 363 86.27 70.67 25.88
N ASN E 364 86.47 69.58 26.62
CA ASN E 364 87.69 68.80 26.59
C ASN E 364 87.90 68.22 25.18
N LYS E 365 86.92 67.50 24.62
CA LYS E 365 87.00 66.97 23.24
C LYS E 365 87.26 68.06 22.22
N LEU E 366 86.53 69.17 22.29
CA LEU E 366 86.75 70.32 21.41
C LEU E 366 88.16 70.93 21.54
N SER E 367 88.67 71.10 22.76
CA SER E 367 90.01 71.62 23.01
C SER E 367 91.12 70.68 22.57
N SER E 368 90.89 69.38 22.65
CA SER E 368 91.83 68.34 22.21
C SER E 368 91.95 68.22 20.70
N ALA E 369 90.96 68.69 19.93
CA ALA E 369 90.92 68.48 18.50
C ALA E 369 91.99 69.27 17.72
N ASP E 370 92.66 68.61 16.79
CA ASP E 370 93.60 69.22 15.86
C ASP E 370 92.90 70.00 14.75
N GLY E 371 91.62 69.78 14.52
CA GLY E 371 90.78 70.48 13.55
C GLY E 371 89.29 70.36 13.90
N ILE E 372 88.44 71.24 13.40
CA ILE E 372 87.04 71.38 13.83
C ILE E 372 86.11 71.42 12.62
N LEU E 373 84.97 70.76 12.72
CA LEU E 373 83.98 70.63 11.66
C LEU E 373 82.57 70.90 12.20
N VAL E 374 81.87 71.86 11.61
CA VAL E 374 80.42 72.05 11.82
C VAL E 374 79.65 71.42 10.66
N PRO E 375 79.00 70.27 10.87
CA PRO E 375 78.77 69.27 9.82
C PRO E 375 77.42 69.38 9.09
N GLY E 376 76.90 70.58 8.85
CA GLY E 376 75.61 70.74 8.18
C GLY E 376 74.46 70.08 8.93
N GLY E 377 74.24 70.50 10.17
CA GLY E 377 73.13 70.01 10.99
C GLY E 377 71.74 70.30 10.43
N PHE E 378 70.74 69.85 11.18
CA PHE E 378 69.32 69.87 10.84
C PHE E 378 68.53 70.25 12.09
N GLY E 379 67.39 70.93 11.91
CA GLY E 379 66.75 71.66 13.00
C GLY E 379 67.58 72.85 13.48
N THR E 380 67.37 73.33 14.70
CA THR E 380 68.07 74.49 15.28
C THR E 380 68.49 74.33 16.74
N ARG E 381 68.10 73.28 17.46
CA ARG E 381 68.12 73.29 18.93
C ARG E 381 69.51 73.20 19.58
N GLY E 382 70.54 72.78 18.85
CA GLY E 382 71.95 72.81 19.28
C GLY E 382 72.77 74.03 18.84
N ILE E 383 72.18 75.08 18.28
CA ILE E 383 72.93 76.10 17.52
C ILE E 383 73.92 76.89 18.37
N GLU E 384 73.61 77.21 19.62
CA GLU E 384 74.56 77.97 20.47
C GLU E 384 75.87 77.23 20.72
N GLY E 385 75.85 75.91 20.85
CA GLY E 385 77.10 75.14 20.93
C GLY E 385 77.91 75.23 19.65
N MET E 386 77.26 75.17 18.50
CA MET E 386 77.95 75.31 17.21
C MET E 386 78.51 76.72 17.00
N ILE E 387 77.90 77.75 17.59
CA ILE E 387 78.46 79.11 17.59
C ILE E 387 79.70 79.20 18.49
N LEU E 388 79.67 78.66 19.70
CA LEU E 388 80.83 78.65 20.59
C LEU E 388 82.01 77.90 19.98
N ALA E 389 81.80 76.74 19.36
CA ALA E 389 82.88 76.08 18.65
C ALA E 389 83.42 76.91 17.49
N ALA E 390 82.60 77.70 16.79
CA ALA E 390 83.09 78.62 15.77
C ALA E 390 83.86 79.81 16.37
N LYS E 391 83.51 80.30 17.57
CA LYS E 391 84.26 81.34 18.27
C LYS E 391 85.63 80.82 18.65
N TRP E 392 85.65 79.65 19.26
CA TRP E 392 86.86 78.93 19.60
C TRP E 392 87.74 78.73 18.37
N ALA E 393 87.22 78.23 17.26
CA ALA E 393 88.01 77.96 16.08
C ALA E 393 88.62 79.21 15.43
N ARG E 394 87.92 80.34 15.48
CA ARG E 394 88.42 81.64 15.00
C ARG E 394 89.51 82.22 15.89
N GLU E 395 89.27 82.30 17.19
CA GLU E 395 90.19 82.95 18.14
C GLU E 395 91.38 82.07 18.48
N SER E 396 91.19 80.77 18.72
CA SER E 396 92.28 79.85 19.02
C SER E 396 93.01 79.35 17.77
N GLY E 397 92.76 79.90 16.59
CA GLY E 397 93.49 79.54 15.37
C GLY E 397 93.35 78.09 14.84
N VAL E 398 92.54 77.23 15.46
CA VAL E 398 92.39 75.82 15.08
C VAL E 398 91.75 75.69 13.68
N PRO E 399 92.16 74.76 12.80
CA PRO E 399 91.55 74.59 11.49
C PRO E 399 90.06 74.30 11.55
N PHE E 400 89.28 74.90 10.65
CA PHE E 400 87.82 74.89 10.70
C PHE E 400 87.17 74.69 9.33
N LEU E 401 86.18 73.81 9.24
CA LEU E 401 85.27 73.76 8.10
C LEU E 401 83.81 73.82 8.56
N GLY E 402 83.06 74.79 8.05
CA GLY E 402 81.62 74.83 8.20
C GLY E 402 80.92 74.36 6.95
N VAL E 403 80.15 73.27 7.02
CA VAL E 403 79.34 72.76 5.91
C VAL E 403 77.90 73.21 6.08
N CYS E 404 77.28 73.78 5.05
CA CYS E 404 75.87 74.22 5.03
C CYS E 404 75.51 75.09 6.26
N LEU E 405 74.75 74.59 7.25
CA LEU E 405 74.52 75.27 8.54
C LEU E 405 75.83 75.77 9.18
N GLY E 406 76.93 75.06 8.99
CA GLY E 406 78.26 75.45 9.43
C GLY E 406 78.74 76.78 8.87
N LEU E 407 78.55 77.05 7.58
CA LEU E 407 78.82 78.39 7.07
C LEU E 407 77.92 79.42 7.76
N GLN E 408 76.68 79.05 8.05
CA GLN E 408 75.70 80.00 8.58
C GLN E 408 75.95 80.34 10.04
N VAL E 409 76.26 79.37 10.91
CA VAL E 409 76.71 79.69 12.27
C VAL E 409 78.05 80.42 12.24
N ALA E 410 78.93 80.20 11.27
CA ALA E 410 80.13 81.01 11.18
C ALA E 410 79.82 82.48 10.91
N ALA E 411 78.85 82.81 10.05
CA ALA E 411 78.43 84.19 9.85
C ALA E 411 77.77 84.78 11.09
N ILE E 412 76.97 83.99 11.80
CA ILE E 412 76.32 84.41 13.05
C ILE E 412 77.37 84.66 14.14
N GLU E 413 78.33 83.77 14.31
CA GLU E 413 79.45 83.94 15.21
C GLU E 413 80.22 85.21 14.89
N PHE E 414 80.65 85.38 13.64
CA PHE E 414 81.40 86.55 13.23
C PHE E 414 80.60 87.84 13.45
N ALA E 415 79.29 87.84 13.21
CA ALA E 415 78.45 89.00 13.46
C ALA E 415 78.41 89.34 14.97
N ARG E 416 78.15 88.36 15.83
CA ARG E 416 78.06 88.55 17.28
C ARG E 416 79.40 88.90 17.93
N ASN E 417 80.51 88.36 17.43
CA ASN E 417 81.80 88.37 18.12
C ASN E 417 82.93 89.15 17.43
N VAL E 418 82.75 89.63 16.19
CA VAL E 418 83.74 90.49 15.51
C VAL E 418 83.10 91.78 15.01
N ILE E 419 81.92 91.71 14.41
CA ILE E 419 81.17 92.90 13.97
C ILE E 419 80.47 93.58 15.14
N GLY E 420 80.14 92.85 16.20
CA GLY E 420 79.65 93.41 17.47
C GLY E 420 78.15 93.66 17.54
N ARG E 421 77.32 92.77 16.95
CA ARG E 421 75.85 92.80 17.05
C ARG E 421 75.35 91.59 17.87
N PRO E 422 75.30 91.62 19.21
CA PRO E 422 75.06 90.42 20.02
C PRO E 422 73.64 89.86 19.90
N ASN E 423 72.71 90.67 19.43
CA ASN E 423 71.34 90.28 19.10
C ASN E 423 71.19 89.68 17.69
N SER E 424 72.23 89.67 16.84
CA SER E 424 72.12 89.07 15.50
C SER E 424 71.83 87.58 15.57
N SER E 425 71.05 87.08 14.61
CA SER E 425 70.28 85.86 14.81
C SER E 425 70.16 85.02 13.55
N SER E 426 70.00 83.72 13.75
CA SER E 426 69.53 82.81 12.73
C SER E 426 68.04 83.05 12.46
N THR E 427 67.72 83.64 11.33
CA THR E 427 66.36 83.80 10.82
C THR E 427 65.67 82.45 10.54
N GLU E 428 66.49 81.40 10.38
CA GLU E 428 66.12 79.98 10.42
C GLU E 428 65.48 79.54 11.75
N PHE E 429 65.69 80.29 12.84
CA PHE E 429 65.18 79.97 14.18
C PHE E 429 64.30 81.10 14.73
N LEU E 430 64.86 82.29 14.94
CA LEU E 430 64.25 83.40 15.69
C LEU E 430 63.42 84.33 14.79
N ASP E 431 62.47 83.77 14.06
CA ASP E 431 61.80 84.40 12.92
C ASP E 431 60.78 85.48 13.30
N GLU E 432 59.71 85.12 14.01
CA GLU E 432 58.59 86.04 14.32
C GLU E 432 58.91 87.14 15.35
N THR E 433 60.17 87.25 15.77
CA THR E 433 60.69 88.44 16.45
C THR E 433 60.79 89.64 15.50
N LEU E 434 60.99 89.40 14.19
CA LEU E 434 61.11 90.42 13.13
C LEU E 434 62.27 91.43 13.32
N LEU E 435 63.34 91.05 14.01
CA LEU E 435 64.50 91.92 14.26
C LEU E 435 65.26 92.33 12.98
N ALA E 436 65.93 93.47 13.00
CA ALA E 436 66.74 93.98 11.88
C ALA E 436 68.09 93.25 11.61
N PRO E 437 68.86 92.75 12.62
CA PRO E 437 70.13 92.05 12.37
C PRO E 437 69.93 90.56 12.02
N GLU E 438 69.34 90.30 10.85
CA GLU E 438 69.09 88.96 10.33
C GLU E 438 70.30 88.44 9.55
N ASP E 439 71.00 87.44 10.06
CA ASP E 439 72.17 86.88 9.35
C ASP E 439 71.79 85.98 8.18
N GLN E 440 70.52 85.60 8.05
CA GLN E 440 70.01 84.69 7.02
C GLN E 440 68.70 85.20 6.43
N VAL E 441 68.27 84.66 5.30
CA VAL E 441 66.89 84.80 4.81
C VAL E 441 66.42 83.49 4.14
N VAL E 442 65.13 83.17 4.19
CA VAL E 442 64.54 82.14 3.30
C VAL E 442 64.61 82.62 1.87
N ILE E 443 65.09 81.79 0.94
CA ILE E 443 65.09 82.09 -0.50
C ILE E 443 64.45 80.95 -1.28
N THR E 444 61.63 78.30 -1.72
CA THR E 444 61.17 77.33 -0.72
C THR E 444 62.08 76.10 -0.62
N MET E 445 62.94 75.85 -1.61
CA MET E 445 64.05 74.89 -1.61
C MET E 445 65.04 75.15 -2.75
N ARG E 446 66.22 74.53 -2.68
CA ARG E 446 67.31 74.55 -3.67
C ARG E 446 68.17 73.31 -3.48
N LEU E 447 68.17 72.42 -4.47
CA LEU E 447 68.73 71.06 -4.37
C LEU E 447 69.55 70.68 -5.60
N GLY E 448 70.42 69.67 -5.45
CA GLY E 448 71.13 69.04 -6.56
C GLY E 448 72.49 69.67 -6.87
N LEU E 449 73.15 69.21 -7.94
CA LEU E 449 74.44 69.76 -8.36
C LEU E 449 74.26 71.14 -9.00
N ARG E 450 74.92 72.16 -8.47
CA ARG E 450 74.82 73.56 -8.93
C ARG E 450 76.20 74.18 -9.19
N PRO E 451 76.30 75.23 -10.02
CA PRO E 451 77.57 75.88 -10.36
C PRO E 451 77.93 76.99 -9.36
N THR E 452 79.10 76.89 -8.72
CA THR E 452 79.66 77.94 -7.86
C THR E 452 80.81 78.62 -8.61
N ILE E 453 80.77 79.95 -8.75
CA ILE E 453 81.78 80.75 -9.45
C ILE E 453 82.64 81.48 -8.42
N PHE E 454 83.96 81.46 -8.52
CA PHE E 454 84.81 82.24 -7.61
C PHE E 454 84.77 83.76 -7.91
N GLN E 455 84.62 84.59 -6.88
CA GLN E 455 84.65 86.06 -6.91
C GLN E 455 86.07 86.55 -7.31
N PRO E 456 86.25 87.74 -7.95
CA PRO E 456 87.44 88.00 -8.76
C PRO E 456 88.79 88.00 -8.04
N ASN E 457 88.87 88.61 -6.86
CA ASN E 457 90.15 88.81 -6.15
C ASN E 457 90.70 87.54 -5.48
N SER E 458 90.02 86.41 -5.61
CA SER E 458 90.11 85.20 -4.76
C SER E 458 91.44 84.46 -4.78
N GLU E 459 92.42 84.89 -5.55
CA GLU E 459 93.66 84.16 -5.85
C GLU E 459 94.39 83.63 -4.60
N TRP E 460 94.41 84.40 -3.50
CA TRP E 460 95.11 84.06 -2.25
C TRP E 460 94.42 82.98 -1.41
N SER E 461 93.16 82.64 -1.70
CA SER E 461 92.32 81.80 -0.83
C SER E 461 92.78 80.35 -0.88
N ASN E 462 93.11 79.76 0.25
CA ASN E 462 93.51 78.36 0.33
C ASN E 462 92.44 77.43 -0.26
N ILE E 463 91.16 77.74 -0.08
CA ILE E 463 90.09 76.97 -0.68
C ILE E 463 90.16 76.98 -2.19
N ARG E 464 90.52 78.11 -2.81
CA ARG E 464 90.69 78.20 -4.27
C ARG E 464 91.95 77.46 -4.74
N LYS E 465 93.03 77.42 -3.94
CA LYS E 465 94.19 76.55 -4.20
C LYS E 465 93.80 75.06 -4.16
N LEU E 466 92.94 74.66 -3.23
CA LEU E 466 92.48 73.26 -3.11
C LEU E 466 91.59 72.83 -4.27
N TYR E 467 90.74 73.71 -4.80
CA TYR E 467 90.01 73.49 -6.04
C TYR E 467 90.85 73.65 -7.32
N GLY E 468 92.19 73.62 -7.24
CA GLY E 468 93.08 73.70 -8.41
C GLY E 468 93.09 75.07 -9.10
N GLU E 469 92.61 76.11 -8.44
CA GLU E 469 92.41 77.47 -8.96
C GLU E 469 91.43 77.63 -10.14
N VAL E 470 90.74 76.55 -10.54
CA VAL E 470 89.67 76.53 -11.56
C VAL E 470 88.57 77.53 -11.23
N ASN E 471 88.04 78.29 -12.19
CA ASN E 471 87.13 79.42 -11.92
C ASN E 471 85.73 79.03 -11.43
N GLU E 472 85.27 77.81 -11.74
CA GLU E 472 83.96 77.30 -11.34
C GLU E 472 84.06 75.89 -10.74
N VAL E 473 83.22 75.66 -9.74
CA VAL E 473 83.15 74.45 -8.92
C VAL E 473 81.74 73.87 -9.03
N HIS E 474 81.61 72.58 -9.32
CA HIS E 474 80.30 71.89 -9.41
C HIS E 474 80.14 70.92 -8.24
N GLU E 475 79.20 71.19 -7.34
CA GLU E 475 79.03 70.50 -6.05
C GLU E 475 77.54 70.45 -5.68
N ARG E 476 77.14 69.57 -4.76
CA ARG E 476 75.72 69.31 -4.48
C ARG E 476 75.18 70.14 -3.31
N HIS E 477 73.99 70.70 -3.45
CA HIS E 477 73.40 71.67 -2.51
C HIS E 477 72.17 71.13 -1.80
N ARG E 478 71.94 71.63 -0.59
CA ARG E 478 70.65 71.68 0.10
C ARG E 478 70.64 72.90 1.01
N HIS E 479 69.71 73.82 0.81
CA HIS E 479 69.44 74.89 1.79
C HIS E 479 68.15 75.65 1.52
N ARG E 480 67.25 75.77 2.49
CA ARG E 480 66.15 76.75 2.39
C ARG E 480 66.62 78.17 2.67
N TYR E 481 67.41 78.34 3.73
CA TYR E 481 67.91 79.59 4.28
C TYR E 481 69.32 79.85 3.80
N GLU E 482 69.64 81.06 3.38
CA GLU E 482 70.99 81.45 2.92
C GLU E 482 71.43 82.74 3.60
N ILE E 483 72.73 83.06 3.61
CA ILE E 483 73.20 84.30 4.25
C ILE E 483 72.47 85.50 3.67
N ASN E 484 72.00 86.40 4.53
CA ASN E 484 71.40 87.65 4.13
C ASN E 484 72.43 88.48 3.34
N PRO E 485 72.26 88.69 2.02
CA PRO E 485 73.31 89.29 1.22
C PRO E 485 73.56 90.76 1.55
N LYS E 486 72.71 91.41 2.37
CA LYS E 486 72.91 92.80 2.80
C LYS E 486 73.92 93.00 3.95
N ILE E 487 74.45 91.92 4.53
CA ILE E 487 75.58 91.97 5.49
C ILE E 487 76.95 91.78 4.80
N VAL E 488 77.00 91.19 3.60
CA VAL E 488 78.23 90.79 2.90
C VAL E 488 79.20 91.93 2.71
N ASN E 489 78.78 93.15 2.38
CA ASN E 489 79.69 94.27 2.20
C ASN E 489 80.41 94.68 3.51
N ASP E 490 79.86 94.35 4.66
CA ASP E 490 80.49 94.54 5.96
C ASP E 490 81.53 93.44 6.19
N MET E 491 81.13 92.18 6.06
CA MET E 491 82.05 91.04 6.20
C MET E 491 83.24 91.10 5.22
N GLU E 492 82.99 91.44 3.96
CA GLU E 492 84.01 91.70 2.96
C GLU E 492 84.99 92.80 3.40
N SER E 493 84.55 93.78 4.20
CA SER E 493 85.46 94.80 4.71
C SER E 493 86.27 94.34 5.92
N ARG E 494 85.71 93.44 6.74
CA ARG E 494 86.30 92.95 8.00
C ARG E 494 87.20 91.71 7.85
N GLY E 495 87.49 91.29 6.62
CA GLY E 495 88.39 90.15 6.32
C GLY E 495 87.69 88.80 6.17
N PHE E 496 86.37 88.72 6.31
CA PHE E 496 85.54 87.54 6.02
C PHE E 496 85.07 87.64 4.55
N ILE E 497 85.87 87.09 3.63
CA ILE E 497 85.76 87.36 2.20
C ILE E 497 85.04 86.20 1.52
N PHE E 498 83.99 86.50 0.77
CA PHE E 498 83.18 85.49 0.11
C PHE E 498 83.83 85.03 -1.19
N VAL E 499 84.73 84.06 -1.06
CA VAL E 499 85.52 83.48 -2.17
C VAL E 499 84.65 83.03 -3.34
N GLY E 500 83.43 82.53 -3.11
CA GLY E 500 82.58 81.95 -4.16
C GLY E 500 81.10 82.25 -3.99
N LYS E 501 80.41 82.42 -5.13
CA LYS E 501 79.01 82.84 -5.23
C LYS E 501 78.28 82.10 -6.34
N ASP E 502 76.96 82.13 -6.28
CA ASP E 502 76.09 81.68 -7.37
C ASP E 502 76.29 82.53 -8.65
N GLU E 503 76.03 81.97 -9.82
CA GLU E 503 76.16 82.65 -11.12
C GLU E 503 75.41 83.99 -11.26
N THR E 504 74.34 84.26 -10.49
CA THR E 504 73.66 85.58 -10.46
C THR E 504 74.40 86.62 -9.63
N GLY E 505 75.39 86.22 -8.83
CA GLY E 505 76.14 87.03 -7.85
C GLY E 505 75.42 87.26 -6.52
N GLN E 506 74.10 87.03 -6.46
CA GLN E 506 73.25 87.47 -5.34
C GLN E 506 73.29 86.53 -4.13
N ARG E 507 73.81 85.32 -4.28
CA ARG E 507 73.83 84.25 -3.28
C ARG E 507 75.26 83.85 -2.94
N CYS E 508 75.58 83.71 -1.67
CA CYS E 508 76.93 83.46 -1.17
C CYS E 508 77.14 82.01 -0.77
N GLU E 509 78.21 81.40 -1.27
CA GLU E 509 78.35 79.94 -1.29
C GLU E 509 79.64 79.43 -0.68
N ILE E 510 80.73 80.21 -0.70
CA ILE E 510 81.97 79.91 0.01
C ILE E 510 82.49 81.18 0.68
N PHE E 511 83.03 81.09 1.88
CA PHE E 511 83.91 82.12 2.42
C PHE E 511 85.20 81.51 2.95
N GLU E 512 86.27 82.31 3.01
CA GLU E 512 87.49 82.02 3.73
C GLU E 512 87.87 83.26 4.54
N LEU E 513 88.22 83.09 5.81
CA LEU E 513 88.64 84.20 6.66
C LEU E 513 90.11 84.52 6.42
N LYS E 514 90.44 85.78 6.11
CA LYS E 514 91.82 86.25 5.94
C LYS E 514 92.63 86.08 7.22
N GLY E 515 93.89 85.69 7.11
CA GLY E 515 94.82 85.68 8.25
C GLY E 515 94.57 84.58 9.30
N HIS E 516 94.05 83.42 8.89
CA HIS E 516 93.93 82.21 9.71
C HIS E 516 94.48 81.01 8.94
N PRO E 517 95.15 80.01 9.57
CA PRO E 517 95.73 78.86 8.86
C PRO E 517 94.80 78.10 7.92
N TYR E 518 93.54 77.89 8.29
CA TYR E 518 92.49 77.32 7.44
C TYR E 518 91.12 77.47 8.12
N TYR E 519 90.29 78.40 7.67
CA TYR E 519 88.97 78.64 8.25
C TYR E 519 87.99 78.95 7.13
N VAL E 520 87.13 77.98 6.81
CA VAL E 520 86.32 77.93 5.57
C VAL E 520 84.85 77.71 5.91
N GLY E 521 83.92 78.43 5.28
CA GLY E 521 82.54 77.96 5.18
C GLY E 521 82.19 77.57 3.75
N THR E 522 81.51 76.44 3.54
CA THR E 522 80.90 76.05 2.26
C THR E 522 79.42 75.82 2.46
N GLN E 523 78.53 76.51 1.74
CA GLN E 523 77.09 76.38 1.93
C GLN E 523 76.46 75.25 1.11
N TYR E 524 77.12 74.80 0.05
CA TYR E 524 76.89 73.46 -0.48
C TYR E 524 77.43 72.41 0.49
N HIS E 525 77.09 71.15 0.23
CA HIS E 525 77.55 70.00 0.97
C HIS E 525 78.74 69.37 0.26
N PRO E 526 79.99 69.53 0.74
CA PRO E 526 81.10 68.90 0.07
C PRO E 526 81.20 67.41 0.34
N GLU E 527 80.43 66.83 1.26
CA GLU E 527 80.58 65.42 1.61
C GLU E 527 80.31 64.50 0.44
N TYR E 528 79.19 64.73 -0.28
CA TYR E 528 78.58 63.73 -1.15
C TYR E 528 79.39 63.42 -2.40
N THR E 529 80.20 64.37 -2.87
CA THR E 529 81.02 64.27 -4.09
C THR E 529 82.38 63.62 -3.88
N SER E 530 82.81 63.40 -2.63
CA SER E 530 84.06 62.70 -2.34
C SER E 530 84.03 61.27 -2.87
N LYS E 531 85.11 60.82 -3.51
CA LYS E 531 85.33 59.42 -3.92
C LYS E 531 86.54 58.85 -3.16
N VAL E 532 86.62 57.54 -3.00
CA VAL E 532 87.71 56.88 -2.23
C VAL E 532 89.12 57.17 -2.75
N LEU E 533 89.26 57.66 -3.98
CA LEU E 533 90.53 58.04 -4.59
C LEU E 533 90.58 59.54 -4.98
N GLU E 534 89.61 60.33 -4.54
CA GLU E 534 89.44 61.75 -4.87
C GLU E 534 88.65 62.41 -3.72
N PRO E 535 89.29 62.70 -2.58
CA PRO E 535 88.63 63.27 -1.43
C PRO E 535 88.15 64.69 -1.71
N SER E 536 87.03 65.07 -1.11
CA SER E 536 86.39 66.34 -1.42
C SER E 536 87.28 67.50 -1.00
N ARG E 537 87.56 68.46 -1.89
CA ARG E 537 88.63 69.44 -1.67
C ARG E 537 88.56 70.21 -0.33
N PRO E 538 87.40 70.66 0.19
CA PRO E 538 87.35 71.32 1.47
C PRO E 538 87.71 70.38 2.63
N PHE E 539 87.33 69.11 2.54
CA PHE E 539 87.62 68.09 3.55
C PHE E 539 89.09 67.63 3.48
N TRP E 540 89.68 67.58 2.28
CA TRP E 540 91.11 67.37 2.12
C TRP E 540 91.87 68.56 2.70
N GLY E 541 91.38 69.77 2.52
CA GLY E 541 91.91 70.97 3.19
C GLY E 541 91.89 70.86 4.71
N LEU E 542 90.76 70.51 5.32
CA LEU E 542 90.66 70.38 6.78
C LEU E 542 91.62 69.33 7.34
N VAL E 543 91.60 68.11 6.83
CA VAL E 543 92.46 67.05 7.36
C VAL E 543 93.92 67.29 7.04
N ALA E 544 94.25 68.02 5.98
CA ALA E 544 95.62 68.47 5.75
C ALA E 544 96.03 69.54 6.77
N ALA E 545 95.28 70.62 6.95
CA ALA E 545 95.61 71.67 7.92
C ALA E 545 95.80 71.10 9.33
N ALA E 546 94.90 70.22 9.76
CA ALA E 546 95.00 69.56 11.04
C ALA E 546 96.20 68.61 11.17
N SER E 547 96.64 67.98 10.08
CA SER E 547 97.86 67.14 10.05
C SER E 547 99.15 67.93 10.00
N GLY E 548 99.08 69.23 9.75
CA GLY E 548 100.18 69.99 9.15
C GLY E 548 100.41 69.58 7.68
N THR E 549 101.31 70.29 7.00
CA THR E 549 101.64 70.06 5.59
C THR E 549 100.48 70.38 4.62
N LEU E 550 99.66 71.39 4.94
CA LEU E 550 98.67 71.95 4.02
C LEU E 550 99.30 72.46 2.72
N GLY E 551 100.47 73.07 2.81
CA GLY E 551 101.26 73.46 1.64
C GLY E 551 101.65 72.29 0.74
N GLU E 552 102.12 71.17 1.30
CA GLU E 552 102.52 69.98 0.54
C GLU E 552 101.34 69.31 -0.18
N VAL E 553 100.15 69.32 0.42
CA VAL E 553 98.91 68.92 -0.26
C VAL E 553 98.59 69.86 -1.43
N ILE E 554 98.74 71.17 -1.26
CA ILE E 554 98.52 72.12 -2.35
C ILE E 554 99.48 71.87 -3.53
N LYS E 555 100.71 71.36 -3.33
CA LYS E 555 101.54 70.89 -4.46
C LYS E 555 101.00 69.58 -5.07
N ASP E 556 100.60 68.61 -4.25
CA ASP E 556 100.10 67.35 -4.78
C ASP E 556 98.87 67.54 -5.69
N ILE E 557 98.02 68.51 -5.37
CA ILE E 557 96.89 68.92 -6.22
C ILE E 557 97.37 69.60 -7.51
N ASN E 558 98.17 70.66 -7.41
CA ASN E 558 98.41 71.55 -8.54
C ASN E 558 99.50 71.06 -9.51
N LEU E 559 100.36 70.11 -9.12
CA LEU E 559 101.28 69.44 -10.04
C LEU E 559 100.55 68.49 -10.99
N MET F 1 77.10 6.23 -17.95
CA MET F 1 75.78 6.10 -17.33
C MET F 1 74.98 7.40 -17.47
N LYS F 2 73.66 7.31 -17.60
CA LYS F 2 72.73 8.44 -17.63
C LYS F 2 71.52 8.12 -16.77
N TYR F 3 70.84 9.10 -16.17
CA TYR F 3 69.61 8.88 -15.41
C TYR F 3 68.53 9.84 -15.89
N VAL F 4 67.29 9.36 -15.96
CA VAL F 4 66.10 10.20 -16.08
C VAL F 4 65.19 9.89 -14.90
N VAL F 5 64.90 10.85 -14.04
CA VAL F 5 64.04 10.59 -12.88
C VAL F 5 62.66 11.11 -13.22
N VAL F 6 61.62 10.29 -13.07
CA VAL F 6 60.22 10.65 -13.30
C VAL F 6 59.54 10.78 -11.95
N SER F 7 58.88 11.90 -11.70
CA SER F 7 58.72 12.45 -10.35
C SER F 7 57.55 13.41 -10.28
N GLY F 8 57.23 13.88 -9.08
CA GLY F 8 56.47 15.11 -8.92
C GLY F 8 55.09 14.93 -8.35
N GLY F 9 54.11 15.54 -9.00
CA GLY F 9 52.70 15.41 -8.67
C GLY F 9 52.25 16.35 -7.56
N VAL F 10 51.15 17.07 -7.81
CA VAL F 10 50.30 17.66 -6.77
C VAL F 10 49.55 16.58 -5.99
N ILE F 11 49.17 15.49 -6.65
CA ILE F 11 48.44 14.34 -6.10
C ILE F 11 49.13 13.03 -6.49
N SER F 12 49.07 12.02 -5.63
CA SER F 12 49.78 10.75 -5.83
C SER F 12 49.10 9.78 -6.81
N GLY F 13 47.79 9.91 -7.07
CA GLY F 13 47.05 9.09 -8.05
C GLY F 13 47.21 9.52 -9.51
N ILE F 14 48.14 10.43 -9.81
CA ILE F 14 48.24 11.14 -11.10
C ILE F 14 48.69 10.31 -12.30
N GLY F 15 49.24 9.12 -12.10
CA GLY F 15 49.68 8.24 -13.19
C GLY F 15 51.04 8.62 -13.76
N LYS F 16 52.09 8.52 -12.94
CA LYS F 16 53.50 8.64 -13.35
C LYS F 16 54.01 7.38 -14.03
N GLY F 17 53.47 6.21 -13.71
CA GLY F 17 53.98 4.91 -14.14
C GLY F 17 53.95 4.69 -15.64
N VAL F 18 52.97 5.25 -16.36
CA VAL F 18 52.98 5.25 -17.82
C VAL F 18 54.08 6.16 -18.35
N LEU F 19 54.24 7.39 -17.84
CA LEU F 19 55.30 8.26 -18.34
C LEU F 19 56.69 7.69 -18.09
N ALA F 20 56.93 6.99 -16.98
CA ALA F 20 58.16 6.22 -16.77
C ALA F 20 58.29 5.08 -17.80
N SER F 21 57.34 4.16 -17.84
CA SER F 21 57.36 2.97 -18.72
C SER F 21 57.36 3.30 -20.21
N SER F 22 57.06 4.53 -20.58
CA SER F 22 56.89 5.11 -21.91
C SER F 22 58.01 6.07 -22.25
N THR F 23 58.75 6.61 -21.28
CA THR F 23 59.95 7.40 -21.55
C THR F 23 61.06 6.45 -21.85
N GLY F 24 61.13 5.36 -21.09
CA GLY F 24 62.14 4.36 -21.26
C GLY F 24 62.02 3.59 -22.50
N MET F 25 60.78 3.46 -23.00
CA MET F 25 60.49 2.83 -24.28
C MET F 25 60.98 3.72 -25.41
N LEU F 26 60.68 5.02 -25.37
CA LEU F 26 61.20 5.93 -26.37
C LEU F 26 62.72 5.92 -26.40
N LEU F 27 63.41 5.94 -25.26
CA LEU F 27 64.87 5.83 -25.28
C LEU F 27 65.36 4.49 -25.83
N LYS F 28 64.64 3.38 -25.65
CA LYS F 28 65.02 2.10 -26.23
C LYS F 28 64.93 2.09 -27.77
N THR F 29 64.11 2.96 -28.35
CA THR F 29 64.10 3.14 -29.81
C THR F 29 65.35 3.81 -30.37
N LEU F 30 66.15 4.54 -29.57
CA LEU F 30 67.51 4.96 -29.96
C LEU F 30 68.51 3.78 -29.93
N GLY F 31 68.11 2.61 -29.44
CA GLY F 31 68.95 1.41 -29.35
C GLY F 31 69.69 1.30 -28.03
N LEU F 32 69.58 2.28 -27.13
CA LEU F 32 70.21 2.30 -25.81
C LEU F 32 69.78 1.10 -24.94
N LYS F 33 70.69 0.49 -24.19
CA LYS F 33 70.35 -0.60 -23.24
C LYS F 33 69.69 -0.02 -22.00
N VAL F 34 68.42 0.31 -22.07
CA VAL F 34 67.72 1.03 -20.98
C VAL F 34 67.39 0.11 -19.80
N THR F 35 67.44 0.63 -18.57
CA THR F 35 66.96 -0.05 -17.35
C THR F 35 66.06 0.90 -16.56
N SER F 36 65.45 0.42 -15.49
CA SER F 36 64.55 1.22 -14.68
C SER F 36 64.56 0.81 -13.22
N ILE F 37 64.29 1.78 -12.34
CA ILE F 37 64.25 1.61 -10.87
C ILE F 37 62.91 2.18 -10.40
N LYS F 38 62.21 1.49 -9.52
CA LYS F 38 61.02 2.00 -8.87
C LYS F 38 61.44 2.42 -7.47
N ILE F 39 61.04 3.60 -7.01
CA ILE F 39 61.10 3.97 -5.60
C ILE F 39 59.65 3.91 -5.09
N ASP F 40 59.41 3.17 -4.02
CA ASP F 40 58.14 3.13 -3.31
C ASP F 40 58.30 3.60 -1.87
N PRO F 41 57.70 4.75 -1.50
CA PRO F 41 57.77 5.29 -0.15
C PRO F 41 57.15 4.45 0.97
N TYR F 42 56.41 3.39 0.67
CA TYR F 42 55.86 2.52 1.73
C TYR F 42 56.92 1.78 2.52
N MET F 43 56.57 1.37 3.73
CA MET F 43 57.50 0.65 4.62
C MET F 43 57.63 -0.83 4.32
N ASN F 44 56.86 -1.41 3.41
CA ASN F 44 57.04 -2.84 3.16
C ASN F 44 58.41 -3.16 2.57
N ILE F 45 59.06 -4.17 3.15
CA ILE F 45 60.30 -4.71 2.56
C ILE F 45 60.07 -5.15 1.13
N ASP F 46 59.08 -6.00 0.95
CA ASP F 46 58.65 -6.47 -0.36
C ASP F 46 57.20 -6.93 -0.28
N ALA F 47 56.52 -6.93 -1.43
CA ALA F 47 55.07 -6.98 -1.52
C ALA F 47 54.43 -8.28 -1.02
N GLY F 48 55.21 -9.34 -0.78
CA GLY F 48 54.69 -10.66 -0.38
C GLY F 48 53.78 -10.66 0.86
N THR F 49 53.92 -9.69 1.75
CA THR F 49 53.08 -9.57 2.95
C THR F 49 51.72 -8.93 2.71
N MET F 50 51.52 -8.18 1.61
CA MET F 50 50.29 -7.40 1.41
C MET F 50 49.39 -8.04 0.36
N SER F 51 48.17 -8.37 0.78
CA SER F 51 47.18 -9.12 0.00
C SER F 51 46.74 -8.39 -1.28
N PRO F 52 46.37 -9.11 -2.34
CA PRO F 52 45.93 -8.52 -3.61
C PRO F 52 44.71 -7.58 -3.53
N LEU F 53 43.92 -7.62 -2.47
CA LEU F 53 42.90 -6.60 -2.20
C LEU F 53 43.52 -5.21 -2.00
N GLU F 54 44.66 -5.14 -1.34
CA GLU F 54 45.31 -3.92 -0.87
C GLU F 54 46.27 -3.36 -1.95
N HIS F 55 45.75 -2.54 -2.86
CA HIS F 55 46.50 -1.94 -3.97
C HIS F 55 47.11 -2.94 -4.98
N GLY F 56 46.32 -3.95 -5.36
CA GLY F 56 46.57 -4.80 -6.55
C GLY F 56 47.49 -6.02 -6.35
N GLU F 57 47.68 -6.78 -7.43
CA GLU F 57 48.27 -8.13 -7.47
C GLU F 57 49.68 -8.26 -6.85
N CYS F 58 50.04 -9.46 -6.46
CA CYS F 58 51.35 -9.79 -5.91
C CYS F 58 52.30 -10.26 -7.04
N PHE F 59 53.11 -9.37 -7.61
CA PHE F 59 54.00 -9.68 -8.75
C PHE F 59 55.05 -10.75 -8.42
N VAL F 60 55.74 -11.32 -9.41
CA VAL F 60 56.88 -12.24 -9.21
C VAL F 60 58.02 -11.95 -10.19
N LEU F 61 59.26 -11.89 -9.70
CA LEU F 61 60.50 -11.71 -10.47
C LEU F 61 61.27 -13.01 -10.65
N ASP F 62 62.33 -13.02 -11.47
CA ASP F 62 63.18 -14.21 -11.64
C ASP F 62 63.77 -14.71 -10.33
N ASP F 63 64.10 -13.80 -9.41
CA ASP F 63 64.62 -14.10 -8.06
C ASP F 63 63.61 -14.81 -7.13
N GLY F 64 62.33 -14.79 -7.48
CA GLY F 64 61.24 -15.08 -6.55
C GLY F 64 60.76 -13.88 -5.74
N GLY F 65 61.32 -12.69 -5.98
CA GLY F 65 60.98 -11.46 -5.25
C GLY F 65 59.58 -10.96 -5.52
N GLU F 66 58.68 -11.16 -4.57
CA GLU F 66 57.30 -10.71 -4.63
C GLU F 66 57.24 -9.19 -4.49
N THR F 67 56.83 -8.45 -5.53
CA THR F 67 57.21 -7.04 -5.70
C THR F 67 56.10 -6.10 -6.16
N ASP F 68 56.38 -4.80 -6.13
CA ASP F 68 55.44 -3.79 -6.58
C ASP F 68 55.03 -3.97 -8.04
N LEU F 69 53.76 -3.76 -8.33
CA LEU F 69 53.18 -3.79 -9.67
C LEU F 69 54.03 -3.06 -10.70
N ASP F 70 54.56 -1.90 -10.33
CA ASP F 70 55.18 -1.02 -11.29
C ASP F 70 56.46 -1.57 -11.89
N LEU F 71 57.11 -2.56 -11.27
CA LEU F 71 58.18 -3.29 -11.94
C LEU F 71 57.66 -3.96 -13.22
N GLY F 72 56.48 -4.57 -13.14
CA GLY F 72 55.89 -5.29 -14.23
C GLY F 72 55.68 -4.39 -15.44
N ASN F 73 55.17 -3.17 -15.25
CA ASN F 73 54.95 -2.26 -16.36
C ASN F 73 56.25 -1.96 -17.13
N TYR F 74 57.38 -1.77 -16.44
CA TYR F 74 58.64 -1.58 -17.16
C TYR F 74 59.08 -2.87 -17.84
N GLU F 75 58.98 -4.03 -17.19
CA GLU F 75 59.39 -5.30 -17.80
C GLU F 75 58.68 -5.51 -19.13
N ARG F 76 57.36 -5.37 -19.17
CA ARG F 76 56.60 -5.59 -20.39
C ARG F 76 56.74 -4.51 -21.45
N TYR F 77 56.91 -3.24 -21.08
CA TYR F 77 57.17 -2.19 -22.08
C TYR F 77 58.60 -2.25 -22.63
N LEU F 78 59.59 -2.56 -21.80
CA LEU F 78 61.00 -2.40 -22.13
C LEU F 78 61.68 -3.72 -22.53
N GLY F 79 61.00 -4.86 -22.38
CA GLY F 79 61.52 -6.20 -22.67
C GLY F 79 62.53 -6.71 -21.64
N ILE F 80 62.82 -5.92 -20.62
CA ILE F 80 63.87 -6.17 -19.64
C ILE F 80 63.44 -7.20 -18.59
N THR F 81 64.41 -7.85 -17.96
CA THR F 81 64.22 -8.63 -16.74
C THR F 81 64.75 -7.85 -15.56
N LEU F 82 63.94 -7.67 -14.52
CA LEU F 82 64.35 -6.96 -13.30
C LEU F 82 64.68 -7.93 -12.15
N SER F 83 65.25 -7.40 -11.07
CA SER F 83 65.61 -8.12 -9.85
C SER F 83 65.04 -7.39 -8.64
N ARG F 84 64.86 -8.07 -7.51
CA ARG F 84 64.18 -7.48 -6.35
C ARG F 84 64.89 -6.25 -5.78
N ASP F 85 66.14 -6.02 -6.10
CA ASP F 85 66.86 -4.78 -5.78
C ASP F 85 66.34 -3.57 -6.57
N HIS F 86 65.70 -3.72 -7.73
CA HIS F 86 65.22 -2.59 -8.53
C HIS F 86 64.01 -1.87 -7.90
N ASN F 87 63.43 -2.44 -6.85
CA ASN F 87 62.36 -1.84 -6.07
C ASN F 87 62.98 -1.22 -4.79
N ILE F 88 63.42 0.02 -4.84
CA ILE F 88 63.83 0.74 -3.65
C ILE F 88 62.57 0.99 -2.81
N THR F 89 62.63 0.75 -1.49
CA THR F 89 61.53 1.16 -0.61
C THR F 89 62.01 1.80 0.68
N THR F 90 61.15 2.57 1.33
CA THR F 90 61.47 3.08 2.65
C THR F 90 61.71 1.94 3.64
N GLY F 91 60.93 0.87 3.53
CA GLY F 91 61.19 -0.37 4.26
C GLY F 91 62.59 -0.94 4.05
N LYS F 92 62.96 -1.11 2.80
CA LYS F 92 64.26 -1.72 2.45
C LYS F 92 65.40 -0.87 2.94
N ILE F 93 65.47 0.41 2.55
CA ILE F 93 66.69 1.19 2.80
C ILE F 93 66.87 1.48 4.29
N TYR F 94 65.78 1.69 5.02
CA TYR F 94 65.87 1.85 6.47
C TYR F 94 66.20 0.52 7.16
N SER F 95 65.63 -0.61 6.73
CA SER F 95 66.01 -1.93 7.24
C SER F 95 67.49 -2.25 6.95
N HIS F 96 67.99 -1.83 5.79
CA HIS F 96 69.38 -1.98 5.36
C HIS F 96 70.29 -1.18 6.27
N VAL F 97 70.19 0.16 6.30
CA VAL F 97 71.13 0.92 7.11
C VAL F 97 70.99 0.66 8.61
N ILE F 98 69.80 0.44 9.16
CA ILE F 98 69.64 0.06 10.57
C ILE F 98 70.21 -1.34 10.82
N SER F 99 70.12 -2.31 9.90
CA SER F 99 70.81 -3.60 10.11
C SER F 99 72.33 -3.42 10.02
N ARG F 100 72.80 -2.52 9.14
CA ARG F 100 74.20 -2.17 9.00
C ARG F 100 74.75 -1.52 10.27
N GLU F 101 73.96 -0.78 11.05
CA GLU F 101 74.39 -0.26 12.35
C GLU F 101 74.75 -1.36 13.34
N ARG F 102 73.91 -2.37 13.52
CA ARG F 102 74.23 -3.48 14.44
C ARG F 102 75.44 -4.29 13.95
N ARG F 103 75.72 -4.29 12.65
CA ARG F 103 76.96 -4.83 12.04
C ARG F 103 78.18 -3.93 12.29
N GLY F 104 77.98 -2.63 12.49
CA GLY F 104 79.01 -1.68 12.95
C GLY F 104 79.70 -0.85 11.87
N ASP F 105 79.28 -0.93 10.61
CA ASP F 105 80.09 -0.43 9.49
C ASP F 105 80.29 1.09 9.42
N TYR F 106 79.53 1.89 10.17
CA TYR F 106 79.79 3.33 10.30
C TYR F 106 80.84 3.66 11.38
N LEU F 107 81.60 2.67 11.84
CA LEU F 107 82.72 2.79 12.79
C LEU F 107 82.32 3.45 14.12
N GLY F 108 81.08 3.22 14.53
CA GLY F 108 80.56 3.84 15.74
C GLY F 108 80.38 5.34 15.65
N LYS F 109 80.16 5.91 14.46
CA LYS F 109 79.68 7.29 14.33
C LYS F 109 78.16 7.42 14.63
N THR F 110 77.61 8.63 14.56
CA THR F 110 76.13 8.79 14.55
C THR F 110 75.73 8.35 13.15
N VAL F 111 74.57 7.76 12.92
CA VAL F 111 74.12 7.44 11.53
C VAL F 111 72.97 8.41 11.22
N GLN F 112 73.25 9.70 11.20
CA GLN F 112 72.22 10.72 10.87
C GLN F 112 71.57 10.28 9.55
N ILE F 113 70.29 10.61 9.27
CA ILE F 113 69.63 10.25 7.98
C ILE F 113 70.16 11.18 6.88
N VAL F 114 70.58 12.41 7.17
CA VAL F 114 71.26 13.26 6.13
C VAL F 114 72.62 12.59 5.99
N PRO F 115 73.63 13.10 5.26
CA PRO F 115 74.82 12.33 5.00
C PRO F 115 74.69 10.82 4.90
N HIS F 116 74.55 10.06 5.97
CA HIS F 116 74.79 8.63 5.77
C HIS F 116 73.67 7.85 5.07
N LEU F 117 72.40 7.93 5.48
CA LEU F 117 71.34 7.19 4.77
C LEU F 117 71.12 7.73 3.34
N THR F 118 71.09 9.03 3.12
CA THR F 118 71.03 9.54 1.73
C THR F 118 72.23 9.12 0.90
N ASN F 119 73.39 8.86 1.52
CA ASN F 119 74.51 8.25 0.82
C ASN F 119 74.23 6.78 0.48
N ALA F 120 73.56 6.00 1.34
CA ALA F 120 73.17 4.63 1.01
C ALA F 120 72.19 4.60 -0.18
N ILE F 121 71.23 5.51 -0.28
CA ILE F 121 70.36 5.63 -1.47
C ILE F 121 71.22 5.89 -2.71
N GLN F 122 72.12 6.86 -2.67
CA GLN F 122 72.91 7.21 -3.82
C GLN F 122 73.86 6.09 -4.23
N ASP F 123 74.28 5.27 -3.28
CA ASP F 123 75.04 4.04 -3.54
C ASP F 123 74.14 2.97 -4.14
N TRP F 124 72.97 2.70 -3.56
CA TRP F 124 72.03 1.71 -4.08
C TRP F 124 71.62 1.98 -5.54
N ILE F 125 71.23 3.21 -5.90
CA ILE F 125 70.92 3.55 -7.28
C ILE F 125 72.11 3.33 -8.21
N GLN F 126 73.34 3.60 -7.77
CA GLN F 126 74.56 3.35 -8.57
C GLN F 126 74.95 1.89 -8.63
N ARG F 127 74.61 1.06 -7.64
CA ARG F 127 74.78 -0.39 -7.76
C ARG F 127 73.81 -0.94 -8.79
N VAL F 128 72.53 -0.71 -8.54
CA VAL F 128 71.39 -1.27 -9.24
C VAL F 128 71.39 -0.92 -10.71
N SER F 129 71.62 0.32 -11.08
CA SER F 129 71.67 0.69 -12.51
C SER F 129 72.83 0.04 -13.29
N LYS F 130 73.83 -0.60 -12.65
CA LYS F 130 74.89 -1.38 -13.32
C LYS F 130 74.63 -2.90 -13.38
N ILE F 131 73.55 -3.40 -12.80
CA ILE F 131 73.13 -4.81 -12.94
C ILE F 131 72.61 -5.02 -14.37
N PRO F 132 73.01 -6.07 -15.11
CA PRO F 132 72.50 -6.30 -16.47
C PRO F 132 71.03 -6.76 -16.48
N VAL F 133 70.29 -6.41 -17.53
CA VAL F 133 68.84 -6.70 -17.60
C VAL F 133 68.34 -7.28 -18.93
N ASP F 134 69.06 -7.10 -20.05
CA ASP F 134 68.74 -7.67 -21.36
C ASP F 134 69.23 -9.13 -21.51
N ASP F 135 69.07 -9.71 -22.70
CA ASP F 135 69.45 -11.10 -23.03
C ASP F 135 70.96 -11.40 -22.96
N THR F 136 71.79 -10.36 -22.83
CA THR F 136 73.25 -10.44 -22.66
C THR F 136 73.68 -9.56 -21.49
N GLY F 137 74.77 -9.93 -20.82
CA GLY F 137 75.27 -9.31 -19.59
C GLY F 137 75.93 -7.94 -19.77
N LEU F 138 75.45 -7.11 -20.69
CA LEU F 138 75.94 -5.76 -20.91
C LEU F 138 75.23 -4.78 -19.97
N GLU F 139 75.98 -3.90 -19.31
CA GLU F 139 75.45 -2.95 -18.34
C GLU F 139 74.67 -1.81 -19.02
N PRO F 140 73.58 -1.32 -18.40
CA PRO F 140 72.69 -0.31 -18.99
C PRO F 140 73.31 1.02 -19.42
N ASP F 141 72.82 1.62 -20.49
CA ASP F 141 73.23 2.96 -20.93
C ASP F 141 72.50 4.07 -20.18
N VAL F 142 71.20 3.90 -19.94
CA VAL F 142 70.32 4.88 -19.29
C VAL F 142 69.42 4.20 -18.27
N CYS F 143 69.21 4.81 -17.12
CA CYS F 143 68.31 4.32 -16.08
C CYS F 143 67.14 5.29 -15.83
N ILE F 144 65.90 4.82 -15.95
CA ILE F 144 64.70 5.58 -15.59
C ILE F 144 64.37 5.34 -14.12
N ILE F 145 64.38 6.35 -13.27
CA ILE F 145 63.99 6.20 -11.86
C ILE F 145 62.58 6.74 -11.68
N GLU F 146 61.61 5.93 -11.28
CA GLU F 146 60.27 6.40 -10.94
C GLU F 146 60.17 6.69 -9.44
N LEU F 147 60.08 7.95 -9.05
CA LEU F 147 60.00 8.38 -7.66
C LEU F 147 58.53 8.30 -7.21
N GLY F 148 58.20 7.22 -6.50
CA GLY F 148 56.88 7.00 -5.90
C GLY F 148 56.56 8.02 -4.81
N GLY F 149 55.29 8.07 -4.41
CA GLY F 149 54.80 9.19 -3.60
C GLY F 149 54.75 10.51 -4.38
N THR F 150 54.92 11.65 -3.71
CA THR F 150 55.11 12.94 -4.40
C THR F 150 56.32 13.71 -3.85
N VAL F 151 56.85 14.65 -4.65
CA VAL F 151 57.96 15.55 -4.19
C VAL F 151 57.25 16.63 -3.38
N GLY F 152 57.40 16.63 -2.06
CA GLY F 152 56.65 17.54 -1.17
C GLY F 152 55.85 16.70 -0.19
N ASP F 153 56.50 15.73 0.45
CA ASP F 153 55.82 14.80 1.39
C ASP F 153 56.76 14.52 2.55
N ILE F 154 56.43 13.57 3.43
CA ILE F 154 57.28 13.17 4.58
C ILE F 154 57.76 11.73 4.38
N GLU F 155 57.12 10.94 3.51
CA GLU F 155 57.58 9.57 3.15
C GLU F 155 58.52 9.73 1.97
N SER F 156 58.49 10.88 1.29
CA SER F 156 59.38 11.11 0.15
C SER F 156 60.74 11.66 0.57
N ALA F 157 60.83 12.20 1.78
CA ALA F 157 61.83 13.17 2.18
C ALA F 157 63.29 12.74 2.01
N PRO F 158 63.73 11.55 2.47
CA PRO F 158 65.10 11.12 2.21
C PRO F 158 65.40 10.91 0.73
N PHE F 159 64.43 10.49 -0.08
CA PHE F 159 64.65 10.30 -1.50
C PHE F 159 64.86 11.62 -2.18
N VAL F 160 64.06 12.65 -1.93
CA VAL F 160 64.28 13.92 -2.63
C VAL F 160 65.61 14.59 -2.22
N GLU F 161 66.07 14.41 -0.98
CA GLU F 161 67.41 14.86 -0.59
C GLU F 161 68.49 14.04 -1.26
N ALA F 162 68.39 12.72 -1.17
CA ALA F 162 69.33 11.84 -1.84
C ALA F 162 69.50 12.19 -3.32
N LEU F 163 68.40 12.49 -4.01
CA LEU F 163 68.39 12.89 -5.42
C LEU F 163 68.87 14.33 -5.65
N ARG F 164 68.72 15.27 -4.69
CA ARG F 164 69.46 16.53 -4.79
C ARG F 164 70.97 16.23 -4.78
N GLN F 165 71.52 15.45 -3.85
CA GLN F 165 72.95 15.16 -3.91
C GLN F 165 73.29 14.41 -5.19
N PHE F 166 72.43 13.48 -5.61
CA PHE F 166 72.67 12.66 -6.80
C PHE F 166 72.65 13.40 -8.14
N GLN F 167 72.11 14.62 -8.15
CA GLN F 167 72.20 15.54 -9.26
C GLN F 167 73.65 16.03 -9.48
N PHE F 168 74.50 15.89 -8.45
CA PHE F 168 75.92 16.25 -8.52
C PHE F 168 76.89 15.09 -8.35
N GLU F 169 76.61 14.16 -7.46
CA GLU F 169 77.44 12.96 -7.26
C GLU F 169 77.47 12.12 -8.55
N VAL F 170 76.44 12.22 -9.40
CA VAL F 170 76.48 12.00 -10.85
C VAL F 170 76.32 13.36 -11.51
N GLY F 171 77.18 13.73 -12.45
CA GLY F 171 77.18 15.08 -13.01
C GLY F 171 75.85 15.45 -13.71
N ARG F 172 75.40 16.72 -13.66
CA ARG F 172 74.39 17.24 -14.60
C ARG F 172 74.88 16.97 -16.02
N GLU F 173 73.94 16.85 -16.93
CA GLU F 173 74.12 16.21 -18.24
C GLU F 173 74.35 14.68 -18.21
N ASN F 174 74.47 14.05 -17.06
CA ASN F 174 74.16 12.62 -16.85
C ASN F 174 72.86 12.41 -16.04
N PHE F 175 72.08 13.46 -15.77
CA PHE F 175 70.85 13.39 -14.99
C PHE F 175 69.82 14.37 -15.54
N ALA F 176 68.56 14.00 -15.58
CA ALA F 176 67.42 14.83 -16.00
C ALA F 176 66.19 14.52 -15.16
N LEU F 177 65.38 15.54 -14.82
CA LEU F 177 64.14 15.34 -14.04
C LEU F 177 62.89 15.65 -14.87
N ILE F 178 61.96 14.72 -14.90
CA ILE F 178 60.65 14.86 -15.49
C ILE F 178 59.63 14.97 -14.36
N HIS F 179 58.97 16.13 -14.25
CA HIS F 179 57.98 16.40 -13.22
C HIS F 179 56.57 16.28 -13.81
N VAL F 180 55.87 15.21 -13.45
CA VAL F 180 54.45 15.01 -13.74
C VAL F 180 53.65 15.97 -12.89
N SER F 181 52.56 16.54 -13.40
CA SER F 181 51.85 17.55 -12.63
C SER F 181 50.37 17.69 -13.00
N LEU F 182 49.57 18.26 -12.11
CA LEU F 182 48.12 18.37 -12.27
C LEU F 182 47.73 19.78 -12.74
N VAL F 183 46.92 19.87 -13.78
CA VAL F 183 46.37 21.13 -14.29
C VAL F 183 44.85 20.97 -14.34
N PRO F 184 44.12 21.20 -13.24
CA PRO F 184 42.68 20.99 -13.20
C PRO F 184 41.93 21.88 -14.18
N VAL F 185 40.74 21.43 -14.59
CA VAL F 185 39.79 22.25 -15.35
C VAL F 185 38.49 22.41 -14.58
N ILE F 186 38.07 23.65 -14.42
CA ILE F 186 36.95 24.12 -13.59
C ILE F 186 36.24 25.22 -14.39
N HIS F 187 34.91 25.16 -14.51
CA HIS F 187 34.08 26.12 -15.24
C HIS F 187 34.57 26.43 -16.67
N GLY F 188 35.26 25.46 -17.31
CA GLY F 188 35.87 25.59 -18.64
C GLY F 188 37.27 26.23 -18.71
N GLU F 189 37.95 26.51 -17.59
CA GLU F 189 39.27 27.21 -17.59
C GLU F 189 40.37 26.25 -17.10
N GLN F 190 41.53 26.20 -17.75
CA GLN F 190 42.65 25.33 -17.33
C GLN F 190 43.37 26.04 -16.16
N LYS F 191 43.50 25.38 -15.01
CA LYS F 191 44.05 25.95 -13.76
C LYS F 191 45.48 25.44 -13.51
N THR F 192 46.53 26.14 -13.94
CA THR F 192 47.96 25.84 -13.67
C THR F 192 48.50 26.37 -12.32
N LYS F 193 47.73 26.45 -11.23
CA LYS F 193 48.28 26.86 -9.88
C LYS F 193 48.64 25.64 -9.01
N PRO F 194 48.02 24.45 -9.12
CA PRO F 194 48.47 23.25 -8.41
C PRO F 194 49.87 22.94 -8.94
N THR F 195 50.07 23.00 -10.27
CA THR F 195 51.39 22.76 -10.90
C THR F 195 52.39 23.79 -10.35
N GLN F 196 52.08 25.10 -10.35
CA GLN F 196 53.02 26.17 -9.91
C GLN F 196 53.29 26.06 -8.41
N ALA F 197 52.50 25.30 -7.64
CA ALA F 197 52.68 25.11 -6.18
C ALA F 197 53.40 23.79 -5.94
N ALA F 198 53.83 23.08 -6.98
CA ALA F 198 54.68 21.87 -6.87
C ALA F 198 56.02 22.15 -7.56
N ILE F 199 56.17 23.23 -8.33
CA ILE F 199 57.42 23.72 -8.92
C ILE F 199 58.12 24.54 -7.86
N LYS F 200 57.42 25.25 -7.02
CA LYS F 200 57.93 25.97 -5.87
C LYS F 200 58.53 24.93 -4.93
N ASP F 201 57.78 23.90 -4.54
CA ASP F 201 58.31 22.85 -3.64
C ASP F 201 59.47 22.06 -4.25
N LEU F 202 59.48 21.84 -5.56
CA LEU F 202 60.54 21.10 -6.21
C LEU F 202 61.86 21.85 -6.09
N ARG F 203 61.89 23.14 -6.43
CA ARG F 203 63.04 24.02 -6.34
C ARG F 203 63.48 24.06 -4.88
N SER F 204 62.53 24.13 -3.95
CA SER F 204 62.82 24.18 -2.51
C SER F 204 63.54 22.91 -2.05
N LEU F 205 63.00 21.71 -2.32
CA LEU F 205 63.63 20.41 -1.98
C LEU F 205 64.90 20.14 -2.79
N GLY F 206 65.13 20.86 -3.89
CA GLY F 206 66.44 21.17 -4.46
C GLY F 206 66.73 20.62 -5.86
N LEU F 207 65.98 19.60 -6.30
CA LEU F 207 66.02 19.21 -7.72
C LEU F 207 65.53 20.35 -8.60
N ILE F 208 65.96 20.41 -9.86
CA ILE F 208 65.46 21.40 -10.84
C ILE F 208 64.77 20.66 -11.97
N PRO F 209 63.50 20.92 -12.31
CA PRO F 209 62.82 20.18 -13.37
C PRO F 209 63.23 20.44 -14.81
N ASP F 210 63.10 19.52 -15.75
CA ASP F 210 63.38 19.58 -17.18
C ASP F 210 62.15 19.58 -18.04
N MET F 211 61.20 18.71 -17.78
CA MET F 211 59.90 18.54 -18.42
C MET F 211 58.83 18.90 -17.41
N ILE F 212 57.63 19.25 -17.87
CA ILE F 212 56.48 19.50 -17.03
C ILE F 212 55.34 18.75 -17.68
N ALA F 213 55.15 17.50 -17.26
CA ALA F 213 54.28 16.54 -17.92
C ALA F 213 52.88 16.58 -17.32
N CYS F 214 52.03 17.44 -17.86
CA CYS F 214 50.70 17.69 -17.30
C CYS F 214 49.72 16.56 -17.62
N ARG F 215 48.93 16.16 -16.61
CA ARG F 215 47.76 15.26 -16.72
C ARG F 215 46.44 16.04 -16.71
N CYS F 216 46.29 16.96 -17.64
CA CYS F 216 45.05 17.69 -17.86
C CYS F 216 43.98 16.79 -18.50
N SER F 217 42.72 17.18 -18.38
CA SER F 217 41.58 16.49 -19.03
C SER F 217 41.47 16.79 -20.54
N GLU F 218 42.36 17.62 -21.09
CA GLU F 218 42.22 18.27 -22.39
C GLU F 218 43.58 18.38 -23.12
N GLU F 219 43.59 18.86 -24.36
CA GLU F 219 44.79 19.51 -24.88
C GLU F 219 45.08 20.79 -24.10
N LEU F 220 46.33 21.02 -23.69
CA LEU F 220 46.72 22.27 -23.06
C LEU F 220 46.61 23.43 -24.05
N ASN F 221 46.01 24.55 -23.64
CA ASN F 221 45.95 25.75 -24.47
C ASN F 221 47.37 26.28 -24.73
N ARG F 222 47.62 26.91 -25.89
CA ARG F 222 48.90 27.57 -26.16
C ARG F 222 49.23 28.65 -25.11
N SER F 223 48.23 29.36 -24.61
CA SER F 223 48.38 30.31 -23.49
C SER F 223 48.62 29.62 -22.13
N THR F 224 48.10 28.41 -21.90
CA THR F 224 48.36 27.62 -20.70
C THR F 224 49.82 27.17 -20.65
N ILE F 225 50.34 26.64 -21.76
CA ILE F 225 51.74 26.28 -21.88
C ILE F 225 52.63 27.51 -21.71
N ASP F 226 52.30 28.62 -22.34
CA ASP F 226 53.10 29.85 -22.24
C ASP F 226 53.22 30.34 -20.78
N LYS F 227 52.14 30.28 -19.99
CA LYS F 227 52.21 30.61 -18.56
C LYS F 227 52.95 29.56 -17.73
N ILE F 228 52.78 28.25 -17.96
CA ILE F 228 53.60 27.26 -17.25
C ILE F 228 55.08 27.46 -17.55
N ALA F 229 55.45 27.80 -18.79
CA ALA F 229 56.84 28.13 -19.15
C ALA F 229 57.31 29.52 -18.65
N MET F 230 56.43 30.35 -18.10
CA MET F 230 56.77 31.61 -17.44
C MET F 230 57.02 31.39 -15.94
N PHE F 231 56.28 30.50 -15.29
CA PHE F 231 56.41 30.22 -13.86
C PHE F 231 57.35 29.05 -13.56
N CYS F 232 57.32 27.94 -14.30
CA CYS F 232 58.48 27.05 -14.36
C CYS F 232 59.48 27.64 -15.37
N HIS F 233 60.76 27.34 -15.25
CA HIS F 233 61.80 27.88 -16.15
C HIS F 233 62.01 27.06 -17.44
N VAL F 234 61.24 25.99 -17.69
CA VAL F 234 61.33 25.25 -18.97
C VAL F 234 60.84 26.09 -20.13
N GLY F 235 61.39 25.87 -21.33
CA GLY F 235 60.85 26.45 -22.57
C GLY F 235 59.55 25.78 -23.00
N PRO F 236 58.63 26.46 -23.68
CA PRO F 236 57.28 25.98 -23.95
C PRO F 236 57.21 24.68 -24.75
N GLU F 237 58.21 24.36 -25.57
CA GLU F 237 58.30 23.08 -26.27
C GLU F 237 58.38 21.87 -25.33
N GLN F 238 58.77 22.08 -24.07
CA GLN F 238 59.08 21.02 -23.10
C GLN F 238 57.92 20.68 -22.15
N VAL F 239 56.79 21.41 -22.26
CA VAL F 239 55.63 21.27 -21.38
C VAL F 239 54.72 20.19 -21.95
N VAL F 240 55.17 18.93 -21.92
CA VAL F 240 54.47 17.84 -22.60
C VAL F 240 53.07 17.63 -22.03
N ASN F 241 52.09 17.28 -22.87
CA ASN F 241 50.75 16.92 -22.44
C ASN F 241 50.53 15.42 -22.59
N VAL F 242 50.02 14.74 -21.57
CA VAL F 242 49.95 13.26 -21.57
C VAL F 242 48.49 12.77 -21.50
N HIS F 243 47.60 13.44 -22.25
CA HIS F 243 46.16 13.18 -22.24
C HIS F 243 45.79 11.78 -22.74
N ASP F 244 44.58 11.31 -22.42
CA ASP F 244 44.09 9.98 -22.81
C ASP F 244 43.98 9.80 -24.33
N VAL F 245 44.35 8.61 -24.80
CA VAL F 245 44.27 8.12 -26.19
C VAL F 245 43.83 6.65 -26.21
N ASN F 246 43.38 6.15 -27.37
CA ASN F 246 42.59 4.92 -27.55
C ASN F 246 43.09 3.63 -26.84
N SER F 247 44.39 3.52 -26.53
CA SER F 247 44.92 2.55 -25.56
C SER F 247 46.27 3.03 -25.03
N THR F 248 46.72 2.60 -23.86
CA THR F 248 48.00 3.06 -23.26
C THR F 248 49.23 2.69 -24.09
N TYR F 249 49.14 1.75 -25.04
CA TYR F 249 50.24 1.48 -25.96
C TYR F 249 50.46 2.61 -26.97
N HIS F 250 49.55 3.55 -27.14
CA HIS F 250 49.79 4.74 -27.95
C HIS F 250 50.65 5.79 -27.23
N VAL F 251 50.72 5.79 -25.89
CA VAL F 251 51.32 6.92 -25.15
C VAL F 251 52.76 7.22 -25.56
N PRO F 252 53.66 6.26 -25.77
CA PRO F 252 54.98 6.55 -26.30
C PRO F 252 54.94 7.37 -27.59
N LEU F 253 54.05 7.08 -28.52
CA LEU F 253 53.99 7.79 -29.81
C LEU F 253 53.42 9.21 -29.70
N LEU F 254 52.66 9.53 -28.67
CA LEU F 254 52.26 10.91 -28.34
C LEU F 254 53.46 11.70 -27.85
N LEU F 255 54.28 11.09 -27.00
CA LEU F 255 55.49 11.71 -26.48
C LEU F 255 56.52 11.89 -27.59
N LEU F 256 56.55 10.98 -28.57
CA LEU F 256 57.39 11.12 -29.76
C LEU F 256 56.91 12.23 -30.71
N LYS F 257 55.60 12.45 -30.86
CA LYS F 257 55.07 13.63 -31.57
C LYS F 257 55.38 14.93 -30.83
N GLN F 258 55.50 14.87 -29.50
CA GLN F 258 55.82 16.00 -28.63
C GLN F 258 57.33 16.18 -28.39
N HIS F 259 58.15 15.75 -29.36
CA HIS F 259 59.60 15.93 -29.43
C HIS F 259 60.43 15.29 -28.31
N MET F 260 59.88 14.42 -27.47
CA MET F 260 60.58 14.04 -26.24
C MET F 260 61.87 13.24 -26.46
N ILE F 261 62.00 12.42 -27.50
CA ILE F 261 63.33 11.87 -27.85
C ILE F 261 64.28 12.97 -28.32
N ASP F 262 63.84 13.93 -29.13
CA ASP F 262 64.74 14.98 -29.62
C ASP F 262 65.24 15.87 -28.46
N TYR F 263 64.38 16.16 -27.50
CA TYR F 263 64.79 16.83 -26.29
C TYR F 263 65.74 15.97 -25.45
N LEU F 264 65.39 14.74 -25.06
CA LEU F 264 66.28 13.89 -24.25
C LEU F 264 67.59 13.56 -24.96
N HIS F 265 67.64 13.43 -26.29
CA HIS F 265 68.88 13.26 -27.04
C HIS F 265 69.82 14.45 -26.83
N SER F 266 69.29 15.67 -26.84
CA SER F 266 70.06 16.88 -26.53
C SER F 266 70.42 16.94 -25.03
N ARG F 267 69.42 16.96 -24.15
CA ARG F 267 69.59 17.27 -22.72
C ARG F 267 70.41 16.26 -21.93
N LEU F 268 70.64 15.05 -22.44
CA LEU F 268 71.57 14.07 -21.86
C LEU F 268 72.74 13.73 -22.80
N LYS F 269 72.91 14.46 -23.89
CA LYS F 269 73.97 14.24 -24.90
C LYS F 269 74.07 12.78 -25.36
N LEU F 270 72.94 12.15 -25.70
CA LEU F 270 72.86 10.71 -25.96
C LEU F 270 73.63 10.30 -27.23
N GLY F 271 73.98 11.24 -28.10
CA GLY F 271 74.92 11.01 -29.20
C GLY F 271 76.33 10.64 -28.75
N GLU F 272 76.74 10.95 -27.52
CA GLU F 272 78.05 10.61 -26.98
C GLU F 272 78.11 9.18 -26.37
N VAL F 273 76.97 8.50 -26.18
CA VAL F 273 76.94 7.09 -25.73
C VAL F 273 77.38 6.18 -26.88
N PRO F 274 78.30 5.22 -26.69
CA PRO F 274 78.72 4.31 -27.74
C PRO F 274 77.63 3.26 -28.09
N LEU F 275 77.22 3.21 -29.36
CA LEU F 275 76.25 2.25 -29.89
C LEU F 275 76.77 1.52 -31.13
N THR F 276 76.50 0.22 -31.25
CA THR F 276 76.78 -0.54 -32.49
C THR F 276 75.60 -0.44 -33.47
N LEU F 277 75.75 -0.80 -34.74
CA LEU F 277 74.59 -0.98 -35.61
C LEU F 277 73.64 -2.06 -35.11
N GLU F 278 74.13 -3.10 -34.45
CA GLU F 278 73.26 -4.11 -33.84
C GLU F 278 72.41 -3.51 -32.71
N ASP F 279 72.89 -2.51 -31.97
CA ASP F 279 72.05 -1.69 -31.10
C ASP F 279 71.10 -0.80 -31.91
N LYS F 280 71.62 0.05 -32.78
CA LYS F 280 70.81 1.09 -33.43
C LYS F 280 69.73 0.51 -34.33
N GLU F 281 70.05 -0.45 -35.17
CA GLU F 281 69.05 -1.06 -36.07
C GLU F 281 68.01 -1.87 -35.28
N ARG F 282 68.36 -2.48 -34.14
CA ARG F 282 67.36 -3.10 -33.26
C ARG F 282 66.43 -2.03 -32.69
N GLY F 283 66.99 -0.87 -32.35
CA GLY F 283 66.25 0.30 -31.91
C GLY F 283 65.22 0.76 -32.93
N SER F 284 65.65 1.09 -34.15
CA SER F 284 64.73 1.57 -35.18
C SER F 284 63.79 0.48 -35.70
N GLN F 285 64.15 -0.80 -35.66
CA GLN F 285 63.22 -1.88 -35.93
C GLN F 285 62.16 -1.99 -34.84
N LEU F 286 62.52 -1.95 -33.56
CA LEU F 286 61.55 -1.98 -32.46
C LEU F 286 60.56 -0.82 -32.56
N LEU F 287 61.01 0.38 -32.96
CA LEU F 287 60.09 1.48 -33.26
C LEU F 287 59.06 1.08 -34.30
N THR F 288 59.46 0.46 -35.40
CA THR F 288 58.48 0.02 -36.41
C THR F 288 57.59 -1.11 -35.93
N ASN F 289 58.02 -1.98 -35.02
CA ASN F 289 57.10 -2.92 -34.40
C ASN F 289 56.07 -2.20 -33.56
N TRP F 290 56.42 -1.11 -32.86
CA TRP F 290 55.48 -0.33 -32.07
C TRP F 290 54.53 0.50 -32.95
N GLU F 291 55.02 1.10 -34.03
CA GLU F 291 54.17 1.75 -35.03
C GLU F 291 53.23 0.74 -35.71
N ASN F 292 53.70 -0.47 -36.01
CA ASN F 292 52.84 -1.51 -36.56
C ASN F 292 51.77 -1.96 -35.58
N MET F 293 52.11 -2.34 -34.34
CA MET F 293 51.10 -2.87 -33.42
C MET F 293 50.09 -1.80 -33.01
N THR F 294 50.48 -0.53 -32.89
CA THR F 294 49.52 0.58 -32.68
C THR F 294 48.65 0.86 -33.90
N LYS F 295 49.18 0.80 -35.12
CA LYS F 295 48.35 0.82 -36.33
C LYS F 295 47.39 -0.37 -36.39
N ASN F 296 47.80 -1.57 -35.98
CA ASN F 296 46.90 -2.72 -35.94
C ASN F 296 45.78 -2.51 -34.91
N LEU F 297 46.05 -1.91 -33.76
CA LEU F 297 45.02 -1.56 -32.77
C LEU F 297 44.04 -0.51 -33.34
N ASP F 298 44.52 0.45 -34.13
CA ASP F 298 43.69 1.52 -34.68
C ASP F 298 42.61 1.06 -35.67
N ASP F 299 42.70 -0.13 -36.26
CA ASP F 299 41.68 -0.63 -37.20
C ASP F 299 41.31 -2.12 -37.08
N SER F 300 41.82 -2.83 -36.06
CA SER F 300 41.23 -4.08 -35.57
C SER F 300 39.81 -3.85 -35.03
N ASP F 301 38.82 -4.55 -35.56
CA ASP F 301 37.40 -4.44 -35.18
C ASP F 301 36.79 -5.76 -34.68
N ASP F 302 37.27 -6.89 -35.18
CA ASP F 302 36.66 -8.19 -34.90
C ASP F 302 36.93 -8.61 -33.45
N VAL F 303 35.87 -8.62 -32.64
CA VAL F 303 35.96 -8.80 -31.21
C VAL F 303 36.28 -10.26 -30.87
N VAL F 304 36.92 -10.47 -29.74
CA VAL F 304 37.02 -11.76 -29.07
C VAL F 304 36.68 -11.57 -27.60
N LYS F 305 35.76 -12.36 -27.06
CA LYS F 305 35.28 -12.24 -25.68
C LYS F 305 35.94 -13.32 -24.83
N ILE F 306 36.76 -12.98 -23.85
CA ILE F 306 37.41 -13.96 -22.96
C ILE F 306 36.80 -13.86 -21.57
N ALA F 307 36.23 -14.92 -21.02
CA ALA F 307 35.73 -14.92 -19.66
C ALA F 307 36.88 -15.11 -18.69
N LEU F 308 37.08 -14.15 -17.79
CA LEU F 308 38.01 -14.26 -16.70
C LEU F 308 37.19 -14.62 -15.47
N VAL F 309 37.38 -15.83 -14.97
CA VAL F 309 36.50 -16.46 -13.98
C VAL F 309 37.23 -16.54 -12.65
N GLY F 310 36.84 -15.77 -11.64
CA GLY F 310 37.50 -15.79 -10.32
C GLY F 310 36.85 -14.90 -9.26
N LYS F 311 37.37 -14.91 -8.03
CA LYS F 311 36.92 -14.02 -6.93
C LYS F 311 37.46 -12.60 -7.11
N TYR F 312 36.86 -11.65 -6.40
CA TYR F 312 37.32 -10.24 -6.31
C TYR F 312 37.44 -9.51 -7.66
N THR F 313 36.64 -9.85 -8.67
CA THR F 313 36.72 -9.19 -10.00
C THR F 313 36.40 -7.71 -9.98
N ASN F 314 35.77 -7.18 -8.93
CA ASN F 314 35.61 -5.73 -8.74
C ASN F 314 36.94 -5.01 -8.45
N LEU F 315 37.97 -5.73 -8.02
CA LEU F 315 39.33 -5.26 -7.79
C LEU F 315 40.22 -5.69 -8.97
N LYS F 316 40.01 -5.10 -10.15
CA LYS F 316 40.65 -5.50 -11.43
C LYS F 316 42.18 -5.45 -11.38
N ASP F 317 42.74 -4.57 -10.54
CA ASP F 317 44.17 -4.47 -10.29
C ASP F 317 44.72 -5.72 -9.58
N SER F 318 43.87 -6.53 -8.94
CA SER F 318 44.23 -7.84 -8.41
C SER F 318 44.62 -8.84 -9.49
N TYR F 319 44.38 -8.50 -10.75
CA TYR F 319 44.68 -9.23 -11.96
C TYR F 319 45.37 -8.37 -13.00
N LEU F 320 46.09 -7.31 -12.67
CA LEU F 320 46.61 -6.41 -13.70
C LEU F 320 47.48 -7.12 -14.76
N SER F 321 48.29 -8.12 -14.41
CA SER F 321 49.23 -8.83 -15.29
C SER F 321 48.48 -9.78 -16.19
N VAL F 322 47.39 -10.37 -15.72
CA VAL F 322 46.48 -11.24 -16.47
C VAL F 322 45.80 -10.46 -17.59
N THR F 323 45.22 -9.31 -17.24
CA THR F 323 44.61 -8.40 -18.21
C THR F 323 45.61 -7.98 -19.28
N LYS F 324 46.80 -7.53 -18.86
CA LYS F 324 47.79 -7.00 -19.80
C LYS F 324 48.32 -8.06 -20.75
N SER F 325 48.49 -9.29 -20.29
CA SER F 325 48.89 -10.40 -21.16
C SER F 325 47.83 -10.73 -22.21
N LEU F 326 46.54 -10.70 -21.85
CA LEU F 326 45.47 -10.83 -22.86
C LEU F 326 45.50 -9.68 -23.87
N GLU F 327 45.80 -8.44 -23.47
CA GLU F 327 45.93 -7.34 -24.43
C GLU F 327 47.07 -7.56 -25.44
N HIS F 328 48.25 -8.01 -25.01
CA HIS F 328 49.32 -8.40 -25.92
C HIS F 328 48.88 -9.52 -26.87
N ALA F 329 48.24 -10.57 -26.36
CA ALA F 329 47.78 -11.70 -27.16
C ALA F 329 46.74 -11.26 -28.19
N SER F 330 45.81 -10.38 -27.80
CA SER F 330 44.80 -9.73 -28.63
C SER F 330 45.41 -9.00 -29.80
N MET F 331 46.29 -8.05 -29.55
CA MET F 331 46.90 -7.23 -30.59
C MET F 331 47.72 -8.07 -31.56
N LYS F 332 48.31 -9.19 -31.10
CA LYS F 332 49.06 -10.13 -31.95
C LYS F 332 48.16 -10.97 -32.87
N CYS F 333 46.98 -11.37 -32.39
CA CYS F 333 45.92 -11.97 -33.20
C CYS F 333 45.16 -11.00 -34.11
N ARG F 334 45.32 -9.68 -33.91
CA ARG F 334 44.53 -8.63 -34.57
C ARG F 334 43.02 -8.73 -34.35
N ARG F 335 42.60 -9.32 -33.24
CA ARG F 335 41.22 -9.19 -32.72
C ARG F 335 41.16 -8.26 -31.51
N GLN F 336 40.22 -7.33 -31.51
CA GLN F 336 39.91 -6.42 -30.42
C GLN F 336 39.36 -7.18 -29.22
N LEU F 337 39.77 -6.85 -28.01
CA LEU F 337 39.44 -7.64 -26.83
C LEU F 337 38.26 -7.08 -26.06
N GLU F 338 37.34 -7.95 -25.65
CA GLU F 338 36.47 -7.72 -24.50
C GLU F 338 36.76 -8.81 -23.46
N ILE F 339 36.99 -8.46 -22.19
CA ILE F 339 37.14 -9.45 -21.12
C ILE F 339 35.83 -9.47 -20.34
N LEU F 340 35.28 -10.65 -20.11
CA LEU F 340 34.04 -10.82 -19.37
C LEU F 340 34.36 -11.20 -17.92
N TRP F 341 34.10 -10.29 -17.00
CA TRP F 341 34.33 -10.47 -15.58
C TRP F 341 33.25 -11.37 -14.98
N VAL F 342 33.60 -12.62 -14.70
CA VAL F 342 32.73 -13.59 -14.05
C VAL F 342 33.18 -13.75 -12.61
N GLU F 343 32.47 -13.10 -11.69
CA GLU F 343 32.67 -13.27 -10.25
C GLU F 343 32.29 -14.69 -9.83
N ALA F 344 33.27 -15.61 -9.74
CA ALA F 344 33.04 -17.05 -9.81
C ALA F 344 31.98 -17.58 -8.86
N SER F 345 31.86 -17.04 -7.66
CA SER F 345 30.90 -17.57 -6.69
C SER F 345 29.47 -17.48 -7.19
N ASN F 346 29.15 -16.58 -8.12
CA ASN F 346 27.82 -16.46 -8.71
C ASN F 346 27.43 -17.66 -9.59
N LEU F 347 28.37 -18.39 -10.19
CA LEU F 347 28.07 -19.60 -10.95
C LEU F 347 27.60 -20.77 -10.07
N GLU F 348 27.86 -20.74 -8.77
CA GLU F 348 27.51 -21.83 -7.88
C GLU F 348 25.98 -21.87 -7.70
N PRO F 349 25.31 -23.03 -7.83
CA PRO F 349 23.85 -23.11 -7.74
C PRO F 349 23.23 -22.51 -6.49
N GLU F 350 23.91 -22.49 -5.34
CA GLU F 350 23.38 -21.85 -4.13
C GLU F 350 23.09 -20.36 -4.33
N THR F 351 23.74 -19.69 -5.30
CA THR F 351 23.45 -18.28 -5.61
C THR F 351 22.02 -18.08 -6.05
N GLN F 352 21.42 -19.09 -6.69
CA GLN F 352 20.03 -19.08 -7.10
C GLN F 352 19.07 -18.94 -5.91
N GLU F 353 19.49 -19.36 -4.72
CA GLU F 353 18.76 -19.18 -3.46
C GLU F 353 18.92 -17.78 -2.86
N VAL F 354 19.89 -16.99 -3.33
CA VAL F 354 20.25 -15.67 -2.76
C VAL F 354 19.88 -14.52 -3.70
N ASP F 355 20.30 -14.58 -4.96
CA ASP F 355 19.89 -13.67 -6.01
C ASP F 355 20.01 -14.37 -7.37
N LYS F 356 18.87 -14.62 -8.02
CA LYS F 356 18.82 -15.20 -9.36
C LYS F 356 19.47 -14.30 -10.40
N ASN F 357 19.39 -12.99 -10.28
CA ASN F 357 20.01 -12.07 -11.25
C ASN F 357 21.53 -12.32 -11.36
N LYS F 358 22.24 -12.44 -10.23
CA LYS F 358 23.65 -12.83 -10.21
C LYS F 358 23.90 -14.18 -10.86
N PHE F 359 23.06 -15.18 -10.58
CA PHE F 359 23.21 -16.52 -11.17
C PHE F 359 23.05 -16.51 -12.69
N HIS F 360 22.12 -15.73 -13.22
CA HIS F 360 21.92 -15.60 -14.66
C HIS F 360 22.99 -14.72 -15.30
N ASP F 361 23.30 -13.54 -14.79
CA ASP F 361 24.31 -12.67 -15.40
C ASP F 361 25.67 -13.35 -15.50
N SER F 362 26.08 -14.07 -14.46
CA SER F 362 27.37 -14.76 -14.47
C SER F 362 27.40 -15.92 -15.47
N TRP F 363 26.38 -16.78 -15.51
CA TRP F 363 26.29 -17.85 -16.51
C TRP F 363 26.05 -17.32 -17.92
N ASN F 364 25.36 -16.19 -18.07
CA ASN F 364 25.22 -15.49 -19.34
C ASN F 364 26.60 -15.04 -19.84
N LYS F 365 27.39 -14.31 -19.04
CA LYS F 365 28.74 -13.89 -19.41
C LYS F 365 29.63 -15.08 -19.77
N LEU F 366 29.62 -16.13 -18.96
CA LEU F 366 30.37 -17.35 -19.24
C LEU F 366 29.93 -18.03 -20.55
N SER F 367 28.63 -18.14 -20.81
CA SER F 367 28.10 -18.73 -22.04
C SER F 367 28.39 -17.89 -23.28
N SER F 368 28.45 -16.58 -23.14
CA SER F 368 28.76 -15.64 -24.23
C SER F 368 30.24 -15.65 -24.63
N ALA F 369 31.13 -16.11 -23.77
CA ALA F 369 32.56 -16.03 -24.01
C ALA F 369 33.07 -16.93 -25.12
N ASP F 370 33.90 -16.40 -26.00
CA ASP F 370 34.60 -17.13 -27.05
C ASP F 370 35.77 -17.96 -26.52
N GLY F 371 36.24 -17.67 -25.32
CA GLY F 371 37.31 -18.40 -24.60
C GLY F 371 37.25 -18.15 -23.10
N ILE F 372 37.84 -19.01 -22.28
CA ILE F 372 37.68 -19.02 -20.83
C ILE F 372 39.03 -19.09 -20.14
N LEU F 373 39.19 -18.36 -19.04
CA LEU F 373 40.42 -18.26 -18.29
C LEU F 373 40.14 -18.39 -16.79
N VAL F 374 40.79 -19.35 -16.12
CA VAL F 374 40.84 -19.42 -14.65
C VAL F 374 42.16 -18.84 -14.16
N PRO F 375 42.17 -17.63 -13.58
CA PRO F 375 43.30 -16.71 -13.62
C PRO F 375 44.26 -16.79 -12.42
N GLY F 376 44.51 -17.97 -11.87
CA GLY F 376 45.41 -18.10 -10.71
C GLY F 376 44.93 -17.30 -9.49
N GLY F 377 43.72 -17.60 -9.01
CA GLY F 377 43.16 -16.99 -7.81
C GLY F 377 43.96 -17.23 -6.53
N PHE F 378 43.44 -16.67 -5.45
CA PHE F 378 44.03 -16.62 -4.12
C PHE F 378 42.93 -16.85 -3.09
N GLY F 379 43.28 -17.46 -1.96
CA GLY F 379 42.28 -18.06 -1.07
C GLY F 379 41.58 -19.27 -1.71
N THR F 380 40.40 -19.63 -1.23
CA THR F 380 39.62 -20.78 -1.73
C THR F 380 38.11 -20.53 -1.89
N ARG F 381 37.55 -19.41 -1.46
CA ARG F 381 36.11 -19.31 -1.20
C ARG F 381 35.21 -19.26 -2.45
N GLY F 382 35.76 -18.96 -3.63
CA GLY F 382 35.07 -19.05 -4.93
C GLY F 382 35.27 -20.35 -5.72
N ILE F 383 35.87 -21.40 -5.17
CA ILE F 383 36.40 -22.52 -5.96
C ILE F 383 35.33 -23.30 -6.70
N GLU F 384 34.13 -23.50 -6.16
CA GLU F 384 33.09 -24.25 -6.87
C GLU F 384 32.64 -23.57 -8.16
N GLY F 385 32.60 -22.26 -8.23
CA GLY F 385 32.34 -21.57 -9.49
C GLY F 385 33.43 -21.81 -10.52
N MET F 386 34.68 -21.80 -10.10
CA MET F 386 35.81 -22.08 -10.99
C MET F 386 35.81 -23.54 -11.46
N ILE F 387 35.28 -24.48 -10.69
CA ILE F 387 35.09 -25.86 -11.13
C ILE F 387 33.98 -25.96 -12.17
N LEU F 388 32.83 -25.33 -11.97
CA LEU F 388 31.73 -25.32 -12.94
C LEU F 388 32.16 -24.70 -14.27
N ALA F 389 32.89 -23.58 -14.26
CA ALA F 389 33.43 -23.05 -15.50
C ALA F 389 34.40 -24.00 -16.18
N ALA F 390 35.19 -24.79 -15.44
CA ALA F 390 36.03 -25.82 -16.03
C ALA F 390 35.23 -27.02 -16.59
N LYS F 391 34.09 -27.36 -15.99
CA LYS F 391 33.19 -28.40 -16.52
C LYS F 391 32.59 -27.94 -17.83
N TRP F 392 32.07 -26.72 -17.83
CA TRP F 392 31.56 -26.07 -19.01
C TRP F 392 32.61 -26.02 -20.12
N ALA F 393 33.83 -25.59 -19.83
CA ALA F 393 34.85 -25.46 -20.85
C ALA F 393 35.30 -26.78 -21.47
N ARG F 394 35.31 -27.87 -20.69
CA ARG F 394 35.60 -29.22 -21.17
C ARG F 394 34.48 -29.81 -22.02
N GLU F 395 33.24 -29.77 -21.54
CA GLU F 395 32.11 -30.40 -22.22
C GLU F 395 31.60 -29.57 -23.40
N SER F 396 31.49 -28.24 -23.27
CA SER F 396 31.06 -27.38 -24.36
C SER F 396 32.17 -27.02 -25.34
N GLY F 397 33.34 -27.65 -25.27
CA GLY F 397 34.43 -27.43 -26.24
C GLY F 397 35.06 -26.03 -26.31
N VAL F 398 34.66 -25.07 -25.47
CA VAL F 398 35.16 -23.68 -25.48
C VAL F 398 36.65 -23.63 -25.14
N PRO F 399 37.50 -22.80 -25.77
CA PRO F 399 38.91 -22.69 -25.43
C PRO F 399 39.16 -22.30 -23.97
N PHE F 400 40.14 -22.93 -23.33
CA PHE F 400 40.37 -22.81 -21.89
C PHE F 400 41.85 -22.68 -21.52
N LEU F 401 42.17 -21.75 -20.63
CA LEU F 401 43.46 -21.73 -19.95
C LEU F 401 43.29 -21.66 -18.44
N GLY F 402 43.86 -22.61 -17.72
CA GLY F 402 43.98 -22.55 -16.27
C GLY F 402 45.38 -22.13 -15.85
N VAL F 403 45.52 -21.00 -15.16
CA VAL F 403 46.79 -20.53 -14.61
C VAL F 403 46.87 -20.86 -13.14
N CYS F 404 47.95 -21.47 -12.67
CA CYS F 404 48.21 -21.82 -11.27
C CYS F 404 47.03 -22.57 -10.62
N LEU F 405 46.23 -21.94 -9.73
CA LEU F 405 44.96 -22.50 -9.22
C LEU F 405 44.06 -23.03 -10.35
N GLY F 406 44.08 -22.41 -11.52
CA GLY F 406 43.37 -22.85 -12.72
C GLY F 406 43.75 -24.26 -13.18
N LEU F 407 45.03 -24.61 -13.20
CA LEU F 407 45.39 -26.00 -13.46
C LEU F 407 44.81 -26.91 -12.38
N GLN F 408 44.78 -26.44 -11.13
CA GLN F 408 44.39 -27.28 -10.00
C GLN F 408 42.88 -27.52 -9.96
N VAL F 409 42.03 -26.51 -10.17
CA VAL F 409 40.61 -26.75 -10.35
C VAL F 409 40.33 -27.56 -11.60
N ALA F 410 41.13 -27.48 -12.67
CA ALA F 410 40.94 -28.38 -13.80
C ALA F 410 41.17 -29.84 -13.42
N ALA F 411 42.17 -30.16 -12.60
CA ALA F 411 42.35 -31.53 -12.13
C ALA F 411 41.22 -31.97 -11.20
N ILE F 412 40.73 -31.08 -10.35
CA ILE F 412 39.60 -31.36 -9.45
C ILE F 412 38.32 -31.59 -10.25
N GLU F 413 38.03 -30.75 -11.24
CA GLU F 413 36.92 -30.92 -12.17
C GLU F 413 37.01 -32.26 -12.87
N PHE F 414 38.14 -32.56 -13.50
CA PHE F 414 38.33 -33.79 -14.23
C PHE F 414 38.18 -35.02 -13.30
N ALA F 415 38.66 -34.95 -12.07
CA ALA F 415 38.48 -36.03 -11.11
C ALA F 415 37.00 -36.24 -10.77
N ARG F 416 36.27 -35.19 -10.43
CA ARG F 416 34.85 -35.27 -10.06
C ARG F 416 33.95 -35.64 -11.23
N ASN F 417 34.27 -35.22 -12.45
CA ASN F 417 33.34 -35.25 -13.58
C ASN F 417 33.76 -36.15 -14.75
N VAL F 418 34.96 -36.71 -14.77
CA VAL F 418 35.40 -37.69 -15.80
C VAL F 418 35.91 -38.97 -15.16
N ILE F 419 36.74 -38.87 -14.12
CA ILE F 419 37.23 -40.04 -13.38
C ILE F 419 36.17 -40.59 -12.43
N GLY F 420 35.24 -39.75 -11.96
CA GLY F 420 34.05 -40.18 -11.21
C GLY F 420 34.25 -40.32 -9.69
N ARG F 421 35.04 -39.44 -9.07
CA ARG F 421 35.22 -39.36 -7.61
C ARG F 421 34.59 -38.06 -7.06
N PRO F 422 33.28 -37.98 -6.77
CA PRO F 422 32.62 -36.71 -6.47
C PRO F 422 33.03 -36.06 -5.16
N ASN F 423 33.62 -36.85 -4.25
CA ASN F 423 34.22 -36.41 -3.00
C ASN F 423 35.67 -35.90 -3.17
N SER F 424 36.31 -36.02 -4.34
CA SER F 424 37.68 -35.53 -4.53
C SER F 424 37.77 -34.01 -4.35
N SER F 425 38.89 -33.55 -3.79
CA SER F 425 38.91 -32.27 -3.09
C SER F 425 40.23 -31.53 -3.28
N SER F 426 40.14 -30.20 -3.18
CA SER F 426 41.29 -29.34 -2.97
C SER F 426 41.81 -29.51 -1.56
N THR F 427 42.96 -30.17 -1.40
CA THR F 427 43.70 -30.29 -0.14
C THR F 427 44.18 -28.92 0.37
N GLU F 428 44.26 -27.93 -0.54
CA GLU F 428 44.38 -26.50 -0.28
C GLU F 428 43.23 -25.93 0.56
N PHE F 429 42.07 -26.59 0.62
CA PHE F 429 40.88 -26.14 1.33
C PHE F 429 40.43 -27.16 2.39
N LEU F 430 40.04 -28.36 1.96
CA LEU F 430 39.34 -29.37 2.79
C LEU F 430 40.32 -30.31 3.50
N ASP F 431 41.24 -29.75 4.27
CA ASP F 431 42.45 -30.43 4.76
C ASP F 431 42.21 -31.41 5.91
N GLU F 432 41.72 -30.92 7.06
CA GLU F 432 41.58 -31.74 8.29
C GLU F 432 40.44 -32.78 8.24
N THR F 433 39.78 -32.92 7.10
CA THR F 433 38.94 -34.09 6.81
C THR F 433 39.78 -35.37 6.62
N LEU F 434 41.04 -35.25 6.18
CA LEU F 434 41.98 -36.35 5.94
C LEU F 434 41.51 -37.42 4.92
N LEU F 435 40.67 -37.05 3.97
CA LEU F 435 40.13 -37.97 2.94
C LEU F 435 41.22 -38.53 1.99
N ALA F 436 41.01 -39.71 1.43
CA ALA F 436 41.93 -40.34 0.47
C ALA F 436 41.98 -39.73 -0.95
N PRO F 437 40.89 -39.20 -1.57
CA PRO F 437 40.93 -38.61 -2.91
C PRO F 437 41.41 -37.15 -2.89
N GLU F 438 42.67 -36.94 -2.55
CA GLU F 438 43.33 -35.63 -2.50
C GLU F 438 43.89 -35.26 -3.88
N ASP F 439 43.34 -34.27 -4.55
CA ASP F 439 43.84 -33.83 -5.86
C ASP F 439 45.12 -33.00 -5.77
N GLN F 440 45.52 -32.57 -4.58
CA GLN F 440 46.67 -31.71 -4.35
C GLN F 440 47.46 -32.18 -3.12
N VAL F 441 48.69 -31.70 -2.96
CA VAL F 441 49.42 -31.79 -1.68
C VAL F 441 50.25 -30.51 -1.45
N VAL F 442 50.47 -30.10 -0.19
CA VAL F 442 51.51 -29.11 0.14
C VAL F 442 52.88 -29.71 -0.16
N ILE F 443 53.74 -28.98 -0.86
CA ILE F 443 55.13 -29.40 -1.10
C ILE F 443 56.11 -28.28 -0.70
N THR F 444 57.24 -25.49 1.78
CA THR F 444 56.40 -24.43 2.34
C THR F 444 56.20 -23.25 1.37
N MET F 445 57.04 -23.15 0.32
CA MET F 445 56.89 -22.26 -0.84
C MET F 445 57.82 -22.67 -2.01
N ARG F 446 57.55 -22.12 -3.20
CA ARG F 446 58.33 -22.28 -4.45
C ARG F 446 58.06 -21.09 -5.35
N LEU F 447 59.09 -20.28 -5.59
CA LEU F 447 58.97 -18.97 -6.23
C LEU F 447 60.05 -18.73 -7.28
N GLY F 448 59.81 -17.78 -8.19
CA GLY F 448 60.80 -17.29 -9.15
C GLY F 448 60.81 -18.02 -10.48
N LEU F 449 61.76 -17.69 -11.36
CA LEU F 449 61.90 -18.35 -12.66
C LEU F 449 62.46 -19.76 -12.48
N ARG F 450 61.75 -20.78 -12.97
CA ARG F 450 62.13 -22.20 -12.84
C ARG F 450 62.08 -22.93 -14.19
N PRO F 451 62.82 -24.05 -14.36
CA PRO F 451 62.86 -24.80 -15.61
C PRO F 451 61.74 -25.85 -15.70
N THR F 452 60.91 -25.78 -16.73
CA THR F 452 59.89 -26.79 -17.05
C THR F 452 60.35 -27.60 -18.26
N ILE F 453 60.42 -28.92 -18.13
CA ILE F 453 60.86 -29.84 -19.20
C ILE F 453 59.63 -30.54 -19.79
N PHE F 454 59.49 -30.62 -21.11
CA PHE F 454 58.39 -31.38 -21.72
C PHE F 454 58.60 -32.91 -21.61
N GLN F 455 57.56 -33.64 -21.21
CA GLN F 455 57.49 -35.12 -21.13
C GLN F 455 57.59 -35.73 -22.55
N PRO F 456 58.09 -36.96 -22.76
CA PRO F 456 58.65 -37.37 -24.05
C PRO F 456 57.69 -37.40 -25.24
N ASN F 457 56.47 -37.91 -25.06
CA ASN F 457 55.52 -38.14 -26.16
C ASN F 457 54.85 -36.85 -26.69
N SER F 458 55.18 -35.70 -26.13
CA SER F 458 54.41 -34.44 -26.16
C SER F 458 54.23 -33.78 -27.52
N GLU F 459 54.77 -34.34 -28.60
CA GLU F 459 54.88 -33.72 -29.92
C GLU F 459 53.55 -33.14 -30.44
N TRP F 460 52.43 -33.82 -30.20
CA TRP F 460 51.09 -33.42 -30.69
C TRP F 460 50.46 -32.23 -29.94
N SER F 461 51.01 -31.85 -28.79
CA SER F 461 50.37 -30.89 -27.87
C SER F 461 50.43 -29.48 -28.43
N ASN F 462 49.29 -28.82 -28.60
CA ASN F 462 49.23 -27.44 -29.09
C ASN F 462 50.07 -26.50 -28.22
N ILE F 463 50.11 -26.72 -26.91
CA ILE F 463 50.95 -25.91 -26.02
C ILE F 463 52.42 -26.06 -26.37
N ARG F 464 52.89 -27.26 -26.76
CA ARG F 464 54.27 -27.47 -27.18
C ARG F 464 54.55 -26.86 -28.56
N LYS F 465 53.58 -26.83 -29.47
CA LYS F 465 53.67 -26.04 -30.73
C LYS F 465 53.79 -24.54 -30.45
N LEU F 466 53.08 -24.01 -29.46
CA LEU F 466 53.13 -22.59 -29.12
C LEU F 466 54.46 -22.19 -28.48
N TYR F 467 55.08 -23.05 -27.67
CA TYR F 467 56.46 -22.88 -27.20
C TYR F 467 57.54 -23.19 -28.24
N GLY F 468 57.21 -23.24 -29.54
CA GLY F 468 58.18 -23.47 -30.63
C GLY F 468 58.77 -24.89 -30.67
N GLU F 469 58.15 -25.85 -29.98
CA GLU F 469 58.60 -27.22 -29.77
C GLU F 469 59.94 -27.42 -29.03
N VAL F 470 60.52 -26.34 -28.51
CA VAL F 470 61.73 -26.32 -27.65
C VAL F 470 61.54 -27.21 -26.42
N ASN F 471 62.54 -28.01 -26.02
CA ASN F 471 62.37 -29.06 -25.00
C ASN F 471 62.18 -28.53 -23.56
N GLU F 472 62.64 -27.33 -23.26
CA GLU F 472 62.54 -26.70 -21.94
C GLU F 472 62.02 -25.26 -22.03
N VAL F 473 61.21 -24.89 -21.05
CA VAL F 473 60.51 -23.62 -20.92
C VAL F 473 60.91 -22.97 -19.61
N HIS F 474 61.31 -21.70 -19.63
CA HIS F 474 61.68 -20.93 -18.43
C HIS F 474 60.63 -19.87 -18.14
N GLU F 475 59.90 -20.01 -17.03
CA GLU F 475 58.72 -19.21 -16.67
C GLU F 475 58.64 -19.03 -15.15
N ARG F 476 57.87 -18.06 -14.66
CA ARG F 476 57.88 -17.68 -13.23
C ARG F 476 56.79 -18.38 -12.44
N HIS F 477 57.12 -18.88 -11.24
CA HIS F 477 56.23 -19.73 -10.42
C HIS F 477 55.81 -19.05 -9.12
N ARG F 478 54.63 -19.44 -8.64
CA ARG F 478 54.19 -19.34 -7.24
C ARG F 478 53.22 -20.49 -6.98
N HIS F 479 53.52 -21.38 -6.04
CA HIS F 479 52.55 -22.33 -5.50
C HIS F 479 53.01 -23.03 -4.23
N ARG F 480 52.22 -23.02 -3.16
CA ARG F 480 52.45 -23.93 -2.02
C ARG F 480 52.00 -25.35 -2.32
N TYR F 481 50.80 -25.47 -2.89
CA TYR F 481 50.09 -26.72 -3.18
C TYR F 481 50.29 -27.10 -4.64
N GLU F 482 50.55 -28.37 -4.93
CA GLU F 482 50.71 -28.86 -6.31
C GLU F 482 49.88 -30.13 -6.52
N ILE F 483 49.61 -30.52 -7.76
CA ILE F 483 48.83 -31.74 -8.01
C ILE F 483 49.44 -32.94 -7.31
N ASN F 484 48.62 -33.73 -6.61
CA ASN F 484 49.04 -34.97 -6.00
C ASN F 484 49.58 -35.92 -7.10
N PRO F 485 50.89 -36.23 -7.15
CA PRO F 485 51.44 -36.96 -8.28
C PRO F 485 50.97 -38.41 -8.35
N LYS F 486 50.29 -38.93 -7.32
CA LYS F 486 49.73 -40.30 -7.33
C LYS F 486 48.40 -40.46 -8.09
N ILE F 487 47.80 -39.38 -8.59
CA ILE F 487 46.66 -39.42 -9.52
C ILE F 487 47.09 -39.39 -11.01
N VAL F 488 48.28 -38.89 -11.32
CA VAL F 488 48.78 -38.63 -12.67
C VAL F 488 48.70 -39.84 -13.58
N ASN F 489 49.03 -41.05 -13.12
CA ASN F 489 48.95 -42.25 -13.97
C ASN F 489 47.50 -42.59 -14.40
N ASP F 490 46.50 -42.13 -13.67
CA ASP F 490 45.09 -42.26 -14.04
C ASP F 490 44.75 -41.21 -15.11
N MET F 491 45.04 -39.94 -14.84
CA MET F 491 44.80 -38.87 -15.80
C MET F 491 45.54 -39.08 -17.14
N GLU F 492 46.80 -39.50 -17.10
CA GLU F 492 47.57 -39.90 -18.26
C GLU F 492 46.88 -41.03 -19.05
N SER F 493 46.10 -41.90 -18.40
CA SER F 493 45.38 -42.95 -19.12
C SER F 493 44.06 -42.43 -19.73
N ARG F 494 43.42 -41.45 -19.10
CA ARG F 494 42.11 -40.90 -19.49
C ARG F 494 42.18 -39.73 -20.50
N GLY F 495 43.35 -39.43 -21.04
CA GLY F 495 43.55 -38.38 -22.06
C GLY F 495 43.92 -36.99 -21.51
N PHE F 496 44.03 -36.82 -20.20
CA PHE F 496 44.56 -35.63 -19.52
C PHE F 496 46.08 -35.80 -19.32
N ILE F 497 46.86 -35.38 -20.32
CA ILE F 497 48.27 -35.75 -20.45
C ILE F 497 49.14 -34.62 -19.96
N PHE F 498 50.06 -34.90 -19.04
CA PHE F 498 50.92 -33.89 -18.44
C PHE F 498 52.10 -33.57 -19.36
N VAL F 499 51.87 -32.66 -20.30
CA VAL F 499 52.84 -32.22 -21.31
C VAL F 499 54.19 -31.82 -20.72
N GLY F 500 54.22 -31.22 -19.52
CA GLY F 500 55.45 -30.67 -18.92
C GLY F 500 55.55 -30.86 -17.41
N LYS F 501 56.77 -31.07 -16.93
CA LYS F 501 57.11 -31.42 -15.55
C LYS F 501 58.39 -30.72 -15.09
N ASP F 502 58.57 -30.66 -13.78
CA ASP F 502 59.84 -30.24 -13.17
C ASP F 502 60.99 -31.20 -13.53
N GLU F 503 62.23 -30.72 -13.53
CA GLU F 503 63.43 -31.50 -13.84
C GLU F 503 63.63 -32.80 -13.03
N THR F 504 63.06 -32.94 -11.83
CA THR F 504 63.07 -34.20 -11.05
C THR F 504 62.05 -35.23 -11.54
N GLY F 505 61.09 -34.82 -12.40
CA GLY F 505 59.95 -35.60 -12.88
C GLY F 505 58.76 -35.69 -11.92
N GLN F 506 58.97 -35.36 -10.63
CA GLN F 506 57.99 -35.66 -9.57
C GLN F 506 56.87 -34.63 -9.45
N ARG F 507 57.00 -33.46 -10.09
CA ARG F 507 56.08 -32.33 -10.00
C ARG F 507 55.51 -31.99 -11.38
N CYS F 508 54.20 -31.78 -11.47
CA CYS F 508 53.49 -31.58 -12.72
C CYS F 508 53.14 -30.12 -12.97
N GLU F 509 53.47 -29.62 -14.15
CA GLU F 509 53.56 -28.18 -14.40
C GLU F 509 52.75 -27.70 -15.60
N ILE F 510 52.52 -28.54 -16.60
CA ILE F 510 51.61 -28.28 -17.72
C ILE F 510 50.78 -29.52 -18.01
N PHE F 511 49.51 -29.37 -18.33
CA PHE F 511 48.74 -30.41 -19.01
C PHE F 511 48.01 -29.84 -20.23
N GLU F 512 47.71 -30.70 -21.20
CA GLU F 512 46.78 -30.43 -22.29
C GLU F 512 45.84 -31.63 -22.41
N LEU F 513 44.55 -31.38 -22.53
CA LEU F 513 43.56 -32.45 -22.70
C LEU F 513 43.50 -32.88 -24.17
N LYS F 514 43.66 -34.18 -24.44
CA LYS F 514 43.53 -34.75 -25.80
C LYS F 514 42.13 -34.53 -26.36
N GLY F 515 42.04 -34.23 -27.65
CA GLY F 515 40.74 -34.18 -28.36
C GLY F 515 39.84 -32.99 -28.01
N HIS F 516 40.42 -31.84 -27.67
CA HIS F 516 39.71 -30.57 -27.50
C HIS F 516 40.45 -29.46 -28.27
N PRO F 517 39.77 -28.47 -28.88
CA PRO F 517 40.42 -27.42 -29.67
C PRO F 517 41.57 -26.67 -29.00
N TYR F 518 41.46 -26.36 -27.70
CA TYR F 518 42.52 -25.79 -26.87
C TYR F 518 42.10 -25.80 -25.39
N TYR F 519 42.64 -26.70 -24.58
CA TYR F 519 42.31 -26.81 -23.17
C TYR F 519 43.57 -27.14 -22.39
N VAL F 520 44.11 -26.14 -21.68
CA VAL F 520 45.46 -26.14 -21.12
C VAL F 520 45.43 -25.80 -19.64
N GLY F 521 46.18 -26.51 -18.78
CA GLY F 521 46.57 -25.96 -17.49
C GLY F 521 48.06 -25.66 -17.44
N THR F 522 48.48 -24.52 -16.89
CA THR F 522 49.86 -24.19 -16.56
C THR F 522 49.95 -23.84 -15.08
N GLN F 523 50.79 -24.54 -14.31
CA GLN F 523 50.88 -24.30 -12.86
C GLN F 523 51.87 -23.19 -12.48
N TYR F 524 52.82 -22.88 -13.36
CA TYR F 524 53.46 -21.58 -13.33
C TYR F 524 52.49 -20.48 -13.76
N HIS F 525 52.88 -19.23 -13.58
CA HIS F 525 52.15 -18.05 -13.98
C HIS F 525 52.66 -17.56 -15.34
N PRO F 526 51.95 -17.76 -16.46
CA PRO F 526 52.43 -17.26 -17.72
C PRO F 526 52.25 -15.76 -17.88
N GLU F 527 51.55 -15.06 -17.01
CA GLU F 527 51.25 -13.64 -17.19
C GLU F 527 52.52 -12.81 -17.21
N TYR F 528 53.41 -13.02 -16.24
CA TYR F 528 54.45 -12.05 -15.87
C TYR F 528 55.55 -11.89 -16.92
N THR F 529 55.78 -12.93 -17.73
CA THR F 529 56.83 -12.97 -18.75
C THR F 529 56.40 -12.41 -20.10
N SER F 530 55.12 -12.11 -20.31
CA SER F 530 54.65 -11.48 -21.54
C SER F 530 55.27 -10.09 -21.72
N LYS F 531 55.72 -9.77 -22.93
CA LYS F 531 56.17 -8.42 -23.33
C LYS F 531 55.24 -7.87 -24.41
N VAL F 532 55.16 -6.56 -24.57
CA VAL F 532 54.24 -5.91 -25.54
C VAL F 532 54.47 -6.34 -27.00
N LEU F 533 55.61 -6.92 -27.33
CA LEU F 533 55.95 -7.44 -28.65
C LEU F 533 56.22 -8.95 -28.65
N GLU F 534 55.92 -9.64 -27.56
CA GLU F 534 56.17 -11.07 -27.34
C GLU F 534 55.16 -11.58 -26.30
N PRO F 535 53.90 -11.83 -26.71
CA PRO F 535 52.86 -12.26 -25.80
C PRO F 535 53.14 -13.66 -25.28
N SER F 536 52.74 -13.92 -24.05
CA SER F 536 53.08 -15.18 -23.37
C SER F 536 52.42 -16.36 -24.08
N ARG F 537 53.18 -17.39 -24.43
CA ARG F 537 52.68 -18.42 -25.37
C ARG F 537 51.35 -19.07 -24.99
N PRO F 538 51.03 -19.40 -23.73
CA PRO F 538 49.73 -19.96 -23.38
C PRO F 538 48.59 -18.96 -23.60
N PHE F 539 48.83 -17.68 -23.34
CA PHE F 539 47.85 -16.59 -23.53
C PHE F 539 47.68 -16.24 -25.02
N TRP F 540 48.75 -16.32 -25.82
CA TRP F 540 48.64 -16.23 -27.26
C TRP F 540 47.85 -17.39 -27.81
N GLY F 541 48.05 -18.60 -27.28
CA GLY F 541 47.22 -19.77 -27.57
C GLY F 541 45.74 -19.54 -27.29
N LEU F 542 45.37 -19.07 -26.10
CA LEU F 542 43.97 -18.82 -25.74
C LEU F 542 43.31 -17.79 -26.67
N VAL F 543 43.89 -16.62 -26.83
CA VAL F 543 43.28 -15.58 -27.66
C VAL F 543 43.30 -15.94 -29.13
N ALA F 544 44.24 -16.77 -29.59
CA ALA F 544 44.17 -17.32 -30.93
C ALA F 544 43.03 -18.32 -31.08
N ALA F 545 42.93 -19.34 -30.22
CA ALA F 545 41.84 -20.33 -30.29
C ALA F 545 40.45 -19.67 -30.26
N ALA F 546 40.26 -18.71 -29.36
CA ALA F 546 39.03 -17.95 -29.28
C ALA F 546 38.74 -17.07 -30.51
N SER F 547 39.77 -16.55 -31.19
CA SER F 547 39.62 -15.79 -32.44
C SER F 547 39.38 -16.68 -33.67
N GLY F 548 39.56 -17.99 -33.54
CA GLY F 548 39.89 -18.85 -34.67
C GLY F 548 41.30 -18.59 -35.18
N THR F 549 41.75 -19.39 -36.14
CA THR F 549 43.09 -19.29 -36.74
C THR F 549 44.25 -19.62 -35.76
N LEU F 550 44.01 -20.54 -34.82
CA LEU F 550 45.07 -21.11 -33.97
C LEU F 550 46.19 -21.76 -34.79
N GLY F 551 45.84 -22.44 -35.87
CA GLY F 551 46.82 -22.97 -36.83
C GLY F 551 47.69 -21.90 -37.47
N GLU F 552 47.13 -20.78 -37.92
CA GLU F 552 47.88 -19.68 -38.54
C GLU F 552 48.86 -19.00 -37.57
N VAL F 553 48.49 -18.88 -36.29
CA VAL F 553 49.42 -18.45 -35.23
C VAL F 553 50.55 -19.46 -35.06
N ILE F 554 50.28 -20.76 -35.06
CA ILE F 554 51.33 -21.78 -34.98
C ILE F 554 52.33 -21.68 -36.15
N LYS F 555 51.93 -21.25 -37.36
CA LYS F 555 52.91 -20.91 -38.41
C LYS F 555 53.68 -19.63 -38.10
N ASP F 556 53.03 -18.58 -37.64
CA ASP F 556 53.73 -17.32 -37.34
C ASP F 556 54.84 -17.50 -36.28
N ILE F 557 54.62 -18.40 -35.32
CA ILE F 557 55.64 -18.80 -34.34
C ILE F 557 56.77 -19.61 -34.99
N ASN F 558 56.44 -20.70 -35.67
CA ASN F 558 57.45 -21.69 -36.05
C ASN F 558 58.23 -21.35 -37.34
N LEU F 559 57.75 -20.42 -38.17
CA LEU F 559 58.52 -19.89 -39.30
C LEU F 559 59.65 -18.97 -38.82
N MET G 1 46.76 12.34 32.51
CA MET G 1 48.06 12.54 31.87
C MET G 1 48.17 13.93 31.25
N LYS G 2 49.36 14.52 31.25
CA LYS G 2 49.67 15.81 30.61
C LYS G 2 51.00 15.67 29.87
N TYR G 3 51.23 16.43 28.79
CA TYR G 3 52.51 16.45 28.08
C TYR G 3 52.98 17.88 27.89
N VAL G 4 54.28 18.12 28.02
CA VAL G 4 54.94 19.33 27.56
C VAL G 4 56.03 18.94 26.58
N VAL G 5 55.96 19.36 25.35
CA VAL G 5 56.96 19.01 24.35
C VAL G 5 57.92 20.17 24.23
N VAL G 6 59.23 19.96 24.35
CA VAL G 6 60.28 20.96 24.20
C VAL G 6 60.98 20.70 22.88
N SER G 7 61.09 21.72 22.04
CA SER G 7 61.16 21.55 20.59
C SER G 7 61.78 22.76 19.91
N GLY G 8 61.99 22.67 18.60
CA GLY G 8 62.12 23.86 17.77
C GLY G 8 63.50 24.06 17.20
N GLY G 9 64.02 25.27 17.34
CA GLY G 9 65.36 25.65 16.93
C GLY G 9 65.46 26.02 15.46
N VAL G 10 66.08 27.17 15.19
CA VAL G 10 66.71 27.49 13.90
C VAL G 10 67.94 26.63 13.64
N ILE G 11 68.69 26.31 14.70
CA ILE G 11 69.92 25.50 14.69
C ILE G 11 69.85 24.41 15.75
N SER G 12 70.46 23.25 15.49
CA SER G 12 70.38 22.08 16.37
C SER G 12 71.30 22.14 17.60
N GLY G 13 72.36 22.95 17.59
CA GLY G 13 73.27 23.14 18.74
C GLY G 13 72.76 24.10 19.83
N ILE G 14 71.48 24.51 19.76
CA ILE G 14 70.94 25.63 20.54
C ILE G 14 70.76 25.39 22.05
N GLY G 15 70.83 24.14 22.52
CA GLY G 15 70.71 23.82 23.94
C GLY G 15 69.25 23.77 24.42
N LYS G 16 68.46 22.83 23.89
CA LYS G 16 67.13 22.48 24.38
C LYS G 16 67.15 21.65 25.64
N GLY G 17 68.20 20.85 25.85
CA GLY G 17 68.27 19.86 26.92
C GLY G 17 68.21 20.44 28.32
N VAL G 18 68.75 21.64 28.55
CA VAL G 18 68.55 22.35 29.82
C VAL G 18 67.11 22.79 29.96
N LEU G 19 66.49 23.40 28.95
CA LEU G 19 65.09 23.83 29.10
C LEU G 19 64.14 22.64 29.34
N ALA G 20 64.38 21.48 28.75
CA ALA G 20 63.66 20.26 29.10
C ALA G 20 63.94 19.83 30.56
N SER G 21 65.20 19.59 30.92
CA SER G 21 65.59 19.12 32.26
C SER G 21 65.27 20.08 33.39
N SER G 22 64.93 21.32 33.07
CA SER G 22 64.66 22.47 33.92
C SER G 22 63.19 22.86 33.89
N THR G 23 62.42 22.47 32.88
CA THR G 23 60.97 22.66 32.89
C THR G 23 60.38 21.59 33.74
N GLY G 24 60.90 20.37 33.63
CA GLY G 24 60.44 19.25 34.37
C GLY G 24 60.74 19.33 35.82
N MET G 25 61.83 20.03 36.15
CA MET G 25 62.22 20.30 37.52
C MET G 25 61.25 21.31 38.14
N LEU G 26 60.94 22.39 37.43
CA LEU G 26 59.93 23.33 37.92
C LEU G 26 58.58 22.66 38.15
N LEU G 27 58.11 21.81 37.24
CA LEU G 27 56.86 21.08 37.50
C LEU G 27 56.96 20.12 38.68
N LYS G 28 58.13 19.53 38.97
CA LYS G 28 58.30 18.68 40.15
C LYS G 28 58.20 19.46 41.47
N THR G 29 58.46 20.76 41.46
CA THR G 29 58.19 21.61 42.62
C THR G 29 56.73 21.83 42.94
N LEU G 30 55.79 21.62 42.00
CA LEU G 30 54.35 21.51 42.31
C LEU G 30 54.00 20.18 42.98
N GLY G 31 54.94 19.24 43.07
CA GLY G 31 54.74 17.92 43.67
C GLY G 31 54.30 16.86 42.68
N LEU G 32 54.08 17.21 41.42
CA LEU G 32 53.67 16.30 40.35
C LEU G 32 54.69 15.17 40.12
N LYS G 33 54.25 13.94 39.88
CA LYS G 33 55.15 12.81 39.54
C LYS G 33 55.63 12.94 38.11
N VAL G 34 56.61 13.80 37.84
CA VAL G 34 57.03 14.12 36.46
C VAL G 34 57.88 13.00 35.85
N THR G 35 57.76 12.76 34.54
CA THR G 35 58.62 11.88 33.75
C THR G 35 59.09 12.61 32.51
N SER G 36 59.99 12.02 31.73
CA SER G 36 60.52 12.62 30.52
C SER G 36 60.87 11.59 29.44
N ILE G 37 60.78 12.01 28.19
CA ILE G 37 61.07 11.19 27.00
C ILE G 37 62.05 12.00 26.14
N LYS G 38 63.09 11.36 25.63
CA LYS G 38 64.00 11.96 24.66
C LYS G 38 63.61 11.41 23.31
N ILE G 39 63.50 12.25 22.28
CA ILE G 39 63.43 11.82 20.89
C ILE G 39 64.81 12.17 20.29
N ASP G 40 65.49 11.20 19.69
CA ASP G 40 66.73 11.40 18.94
C ASP G 40 66.53 10.98 17.49
N PRO G 41 66.60 11.92 16.54
CA PRO G 41 66.46 11.65 15.12
C PRO G 41 67.52 10.75 14.48
N TYR G 42 68.62 10.42 15.15
CA TYR G 42 69.62 9.51 14.60
C TYR G 42 69.11 8.09 14.39
N MET G 43 69.76 7.35 13.50
CA MET G 43 69.36 5.97 13.20
C MET G 43 69.89 4.94 14.20
N ASN G 44 70.72 5.29 15.17
CA ASN G 44 71.17 4.26 16.10
C ASN G 44 70.02 3.69 16.93
N ILE G 45 69.98 2.36 17.02
CA ILE G 45 69.05 1.68 17.94
C ILE G 45 69.28 2.16 19.36
N ASP G 46 70.51 2.05 19.80
CA ASP G 46 70.95 2.53 21.10
C ASP G 46 72.44 2.80 21.07
N ALA G 47 72.90 3.66 21.98
CA ALA G 47 74.20 4.32 21.90
C ALA G 47 75.41 3.39 22.03
N GLY G 48 75.24 2.12 22.43
CA GLY G 48 76.33 1.17 22.66
C GLY G 48 77.29 0.97 21.47
N THR G 49 76.83 1.21 20.24
CA THR G 49 77.67 1.10 19.04
C THR G 49 78.57 2.30 18.77
N MET G 50 78.27 3.48 19.33
CA MET G 50 78.97 4.72 18.96
C MET G 50 79.94 5.16 20.07
N SER G 51 81.22 5.25 19.72
CA SER G 51 82.33 5.51 20.63
C SER G 51 82.24 6.87 21.32
N PRO G 52 82.74 7.01 22.55
CA PRO G 52 82.73 8.27 23.31
C PRO G 52 83.39 9.49 22.63
N LEU G 53 84.24 9.30 21.62
CA LEU G 53 84.72 10.39 20.77
C LEU G 53 83.56 11.06 19.99
N GLU G 54 82.60 10.27 19.54
CA GLU G 54 81.54 10.68 18.62
C GLU G 54 80.31 11.19 19.39
N HIS G 55 80.29 12.48 19.72
CA HIS G 55 79.22 13.14 20.49
C HIS G 55 79.01 12.60 21.93
N GLY G 56 80.11 12.37 22.66
CA GLY G 56 80.12 12.21 24.11
C GLY G 56 79.89 10.78 24.66
N GLU G 57 79.93 10.65 25.98
CA GLU G 57 80.00 9.40 26.75
C GLU G 57 78.90 8.37 26.46
N CYS G 58 79.16 7.11 26.75
CA CYS G 58 78.22 6.01 26.60
C CYS G 58 77.46 5.78 27.92
N PHE G 59 76.26 6.36 28.09
CA PHE G 59 75.48 6.29 29.34
C PHE G 59 75.06 4.86 29.70
N VAL G 60 74.59 4.60 30.93
CA VAL G 60 74.01 3.30 31.34
C VAL G 60 72.76 3.48 32.19
N LEU G 61 71.71 2.73 31.89
CA LEU G 61 70.42 2.68 32.63
C LEU G 61 70.30 1.45 33.51
N ASP G 62 69.28 1.36 34.37
CA ASP G 62 69.04 0.18 35.21
C ASP G 62 68.91 -1.11 34.39
N ASP G 63 68.32 -1.02 33.18
CA ASP G 63 68.15 -2.12 32.23
C ASP G 63 69.47 -2.65 31.64
N GLY G 64 70.56 -1.89 31.76
CA GLY G 64 71.77 -2.07 30.97
C GLY G 64 71.74 -1.36 29.63
N GLY G 65 70.70 -0.60 29.33
CA GLY G 65 70.53 0.12 28.06
C GLY G 65 71.52 1.25 27.87
N GLU G 66 72.52 1.04 27.03
CA GLU G 66 73.53 2.03 26.69
C GLU G 66 72.91 3.13 25.82
N THR G 67 72.82 4.38 26.31
CA THR G 67 71.82 5.34 25.83
C THR G 67 72.33 6.77 25.63
N ASP G 68 71.50 7.61 25.00
CA ASP G 68 71.81 9.01 24.77
C ASP G 68 72.08 9.77 26.08
N LEU G 69 73.08 10.63 26.07
CA LEU G 69 73.44 11.51 27.17
C LEU G 69 72.23 12.19 27.82
N ASP G 70 71.29 12.63 27.01
CA ASP G 70 70.24 13.49 27.48
C ASP G 70 69.27 12.79 28.44
N LEU G 71 69.21 11.46 28.46
CA LEU G 71 68.51 10.76 29.53
C LEU G 71 69.12 11.11 30.90
N GLY G 72 70.45 11.13 30.96
CA GLY G 72 71.17 11.40 32.20
C GLY G 72 70.80 12.75 32.78
N ASN G 73 70.72 13.80 31.96
CA ASN G 73 70.37 15.13 32.45
C ASN G 73 68.99 15.14 33.12
N TYR G 74 67.99 14.45 32.58
CA TYR G 74 66.70 14.37 33.28
C TYR G 74 66.82 13.53 34.54
N GLU G 75 67.50 12.39 34.53
CA GLU G 75 67.63 11.56 35.72
C GLU G 75 68.18 12.36 36.89
N ARG G 76 69.29 13.07 36.68
CA ARG G 76 69.92 13.85 37.76
C ARG G 76 69.18 15.12 38.16
N TYR G 77 68.50 15.81 37.25
CA TYR G 77 67.67 16.97 37.64
C TYR G 77 66.37 16.55 38.33
N LEU G 78 65.74 15.47 37.87
CA LEU G 78 64.38 15.11 38.29
C LEU G 78 64.32 14.01 39.35
N GLY G 79 65.45 13.39 39.68
CA GLY G 79 65.55 12.29 40.65
C GLY G 79 65.02 10.96 40.13
N ILE G 80 64.54 10.92 38.91
CA ILE G 80 63.84 9.78 38.30
C ILE G 80 64.80 8.70 37.85
N THR G 81 64.32 7.47 37.75
CA THR G 81 64.99 6.38 37.05
C THR G 81 64.31 6.15 35.71
N LEU G 82 65.07 6.14 34.61
CA LEU G 82 64.54 5.89 33.27
C LEU G 82 64.82 4.47 32.78
N SER G 83 64.21 4.08 31.67
CA SER G 83 64.37 2.78 31.01
C SER G 83 64.69 3.01 29.54
N ARG G 84 65.30 2.02 28.85
CA ARG G 84 65.77 2.21 27.48
C ARG G 84 64.67 2.54 26.48
N ASP G 85 63.41 2.30 26.81
CA ASP G 85 62.26 2.75 26.02
C ASP G 85 62.07 4.28 26.05
N HIS G 86 62.57 5.01 27.06
CA HIS G 86 62.40 6.47 27.13
C HIS G 86 63.21 7.25 26.08
N ASN G 87 64.11 6.57 25.38
CA ASN G 87 64.88 7.11 24.27
C ASN G 87 64.22 6.68 22.95
N ILE G 88 63.26 7.45 22.45
CA ILE G 88 62.71 7.22 21.11
C ILE G 88 63.82 7.56 20.11
N THR G 89 64.04 6.72 19.09
CA THR G 89 64.93 7.08 17.99
C THR G 89 64.39 6.72 16.63
N THR G 90 64.88 7.37 15.58
CA THR G 90 64.53 6.97 14.22
C THR G 90 64.95 5.53 13.97
N GLY G 91 66.11 5.12 14.47
CA GLY G 91 66.52 3.72 14.48
C GLY G 91 65.52 2.77 15.11
N LYS G 92 65.11 3.08 16.33
CA LYS G 92 64.19 2.21 17.08
C LYS G 92 62.86 2.10 16.40
N ILE G 93 62.17 3.22 16.12
CA ILE G 93 60.77 3.14 15.68
C ILE G 93 60.67 2.55 14.27
N TYR G 94 61.63 2.83 13.39
CA TYR G 94 61.65 2.21 12.07
C TYR G 94 62.04 0.74 12.17
N SER G 95 62.99 0.35 13.01
CA SER G 95 63.31 -1.07 13.26
C SER G 95 62.11 -1.82 13.86
N HIS G 96 61.35 -1.17 14.72
CA HIS G 96 60.13 -1.69 15.35
C HIS G 96 59.07 -1.94 14.29
N VAL G 97 58.57 -0.92 13.60
CA VAL G 97 57.48 -1.15 12.64
C VAL G 97 57.91 -2.01 11.46
N ILE G 98 59.14 -1.91 10.94
CA ILE G 98 59.62 -2.82 9.89
C ILE G 98 59.78 -4.24 10.42
N SER G 99 60.18 -4.49 11.67
CA SER G 99 60.16 -5.86 12.21
C SER G 99 58.74 -6.36 12.39
N ARG G 100 57.82 -5.47 12.77
CA ARG G 100 56.39 -5.76 12.90
C ARG G 100 55.76 -6.15 11.55
N GLU G 101 56.22 -5.61 10.43
CA GLU G 101 55.78 -6.05 9.10
C GLU G 101 56.07 -7.51 8.82
N ARG G 102 57.29 -7.98 9.05
CA ARG G 102 57.63 -9.40 8.83
C ARG G 102 56.86 -10.31 9.80
N ARG G 103 56.45 -9.80 10.97
CA ARG G 103 55.53 -10.48 11.91
C ARG G 103 54.07 -10.46 11.42
N GLY G 104 53.68 -9.50 10.58
CA GLY G 104 52.40 -9.48 9.86
C GLY G 104 51.29 -8.63 10.47
N ASP G 105 51.54 -7.90 11.54
CA ASP G 105 50.46 -7.33 12.38
C ASP G 105 49.59 -6.25 11.72
N TYR G 106 49.99 -5.67 10.60
CA TYR G 106 49.14 -4.77 9.82
C TYR G 106 48.20 -5.52 8.85
N LEU G 107 48.02 -6.83 9.03
CA LEU G 107 47.09 -7.70 8.30
C LEU G 107 47.31 -7.68 6.77
N GLY G 108 48.56 -7.49 6.36
CA GLY G 108 48.89 -7.38 4.96
C GLY G 108 48.36 -6.13 4.28
N LYS G 109 48.16 -5.03 5.01
CA LYS G 109 47.94 -3.72 4.38
C LYS G 109 49.26 -3.08 3.88
N THR G 110 49.20 -1.90 3.28
CA THR G 110 50.44 -1.11 3.03
C THR G 110 50.81 -0.58 4.40
N VAL G 111 52.08 -0.39 4.74
CA VAL G 111 52.46 0.24 6.03
C VAL G 111 53.01 1.64 5.70
N GLN G 112 52.17 2.49 5.12
CA GLN G 112 52.58 3.89 4.79
C GLN G 112 53.20 4.49 6.05
N ILE G 113 54.15 5.43 5.96
CA ILE G 113 54.72 6.10 7.18
C ILE G 113 53.71 7.09 7.74
N VAL G 114 52.82 7.69 6.95
CA VAL G 114 51.70 8.51 7.53
C VAL G 114 50.79 7.49 8.15
N PRO G 115 49.58 7.76 8.67
CA PRO G 115 48.83 6.78 9.41
C PRO G 115 49.62 5.75 10.21
N HIS G 116 50.21 4.72 9.64
CA HIS G 116 50.63 3.64 10.53
C HIS G 116 51.89 3.90 11.37
N LEU G 117 53.01 4.34 10.82
CA LEU G 117 54.20 4.59 11.66
C LEU G 117 53.98 5.79 12.60
N THR G 118 53.39 6.90 12.17
CA THR G 118 53.05 7.98 13.11
C THR G 118 52.07 7.52 14.18
N ASN G 119 51.24 6.52 13.92
CA ASN G 119 50.44 5.88 14.96
C ASN G 119 51.31 5.08 15.94
N ALA G 120 52.35 4.38 15.49
CA ALA G 120 53.28 3.70 16.40
C ALA G 120 54.01 4.67 17.31
N ILE G 121 54.44 5.85 16.83
CA ILE G 121 55.01 6.90 17.69
C ILE G 121 53.98 7.30 18.74
N GLN G 122 52.75 7.62 18.36
CA GLN G 122 51.75 8.09 19.28
C GLN G 122 51.37 7.01 20.30
N ASP G 123 51.47 5.74 19.93
CA ASP G 123 51.33 4.61 20.84
C ASP G 123 52.53 4.51 21.76
N TRP G 124 53.77 4.56 21.25
CA TRP G 124 54.97 4.48 22.06
C TRP G 124 55.03 5.58 23.14
N ILE G 125 54.78 6.84 22.81
CA ILE G 125 54.73 7.91 23.80
C ILE G 125 53.67 7.66 24.86
N GLN G 126 52.51 7.09 24.51
CA GLN G 126 51.45 6.75 25.46
C GLN G 126 51.76 5.52 26.28
N ARG G 127 52.55 4.57 25.78
CA ARG G 127 53.04 3.46 26.61
C ARG G 127 54.01 3.98 27.65
N VAL G 128 55.07 4.61 27.16
CA VAL G 128 56.25 5.03 27.90
C VAL G 128 55.92 6.01 28.99
N SER G 129 55.10 7.02 28.75
CA SER G 129 54.73 7.97 29.80
C SER G 129 53.90 7.34 30.95
N LYS G 130 53.37 6.10 30.83
CA LYS G 130 52.71 5.37 31.92
C LYS G 130 53.61 4.38 32.67
N ILE G 131 54.87 4.19 32.28
CA ILE G 131 55.85 3.40 33.03
C ILE G 131 56.23 4.18 34.30
N PRO G 132 56.27 3.57 35.50
CA PRO G 132 56.65 4.28 36.73
C PRO G 132 58.15 4.60 36.77
N VAL G 133 58.53 5.70 37.42
CA VAL G 133 59.93 6.18 37.43
C VAL G 133 60.46 6.61 38.81
N ASP G 134 59.61 6.97 39.76
CA ASP G 134 60.00 7.31 41.14
C ASP G 134 60.20 6.08 42.04
N ASP G 135 60.45 6.29 43.34
CA ASP G 135 60.71 5.23 44.34
C ASP G 135 59.51 4.30 44.62
N THR G 136 58.32 4.64 44.11
CA THR G 136 57.08 3.85 44.18
C THR G 136 56.46 3.75 42.79
N GLY G 137 55.74 2.66 42.54
CA GLY G 137 55.17 2.30 41.24
C GLY G 137 53.94 3.11 40.81
N LEU G 138 53.88 4.40 41.14
CA LEU G 138 52.82 5.31 40.74
C LEU G 138 53.11 5.91 39.37
N GLU G 139 52.14 5.90 38.47
CA GLU G 139 52.31 6.38 37.10
C GLU G 139 52.40 7.91 37.03
N PRO G 140 53.21 8.48 36.12
CA PRO G 140 53.48 9.92 36.03
C PRO G 140 52.27 10.85 35.83
N ASP G 141 52.31 12.04 36.41
CA ASP G 141 51.27 13.07 36.19
C ASP G 141 51.52 13.86 34.90
N VAL G 142 52.79 14.20 34.61
CA VAL G 142 53.20 15.02 33.46
C VAL G 142 54.43 14.41 32.81
N CYS G 143 54.48 14.40 31.48
CA CYS G 143 55.62 13.94 30.71
C CYS G 143 56.26 15.07 29.87
N ILE G 144 57.55 15.32 30.05
CA ILE G 144 58.31 16.26 29.21
C ILE G 144 58.89 15.51 28.01
N ILE G 145 58.53 15.86 26.79
CA ILE G 145 59.11 15.23 25.59
C ILE G 145 60.15 16.18 25.00
N GLU G 146 61.42 15.81 24.92
CA GLU G 146 62.43 16.60 24.23
C GLU G 146 62.57 16.14 22.78
N LEU G 147 62.14 16.94 21.82
CA LEU G 147 62.19 16.61 20.39
C LEU G 147 63.58 16.99 19.86
N GLY G 148 64.45 15.98 19.73
CA GLY G 148 65.78 16.13 19.16
C GLY G 148 65.74 16.50 17.67
N GLY G 149 66.88 16.92 17.14
CA GLY G 149 66.90 17.58 15.84
C GLY G 149 66.26 18.97 15.86
N THR G 150 65.68 19.42 14.75
CA THR G 150 64.85 20.64 14.73
C THR G 150 63.51 20.41 14.05
N VAL G 151 62.51 21.26 14.35
CA VAL G 151 61.19 21.22 13.66
C VAL G 151 61.43 21.95 12.35
N GLY G 152 61.47 21.24 11.21
CA GLY G 152 61.82 21.82 9.90
C GLY G 152 63.02 21.08 9.37
N ASP G 153 62.97 19.76 9.36
CA ASP G 153 64.10 18.90 8.92
C ASP G 153 63.54 17.71 8.17
N ILE G 154 64.36 16.71 7.84
CA ILE G 154 63.93 15.46 7.14
C ILE G 154 64.12 14.27 8.07
N GLU G 155 64.94 14.39 9.12
CA GLU G 155 65.10 13.33 10.15
C GLU G 155 64.05 13.60 11.23
N SER G 156 63.50 14.81 11.25
CA SER G 156 62.46 15.13 12.24
C SER G 156 61.05 14.74 11.78
N ALA G 157 60.88 14.51 10.49
CA ALA G 157 59.61 14.61 9.79
C ALA G 157 58.49 13.70 10.33
N PRO G 158 58.69 12.40 10.57
CA PRO G 158 57.64 11.58 11.17
C PRO G 158 57.29 12.01 12.59
N PHE G 159 58.24 12.52 13.37
CA PHE G 159 57.96 12.97 14.74
C PHE G 159 57.09 14.21 14.71
N VAL G 160 57.37 15.22 13.90
CA VAL G 160 56.51 16.41 13.91
C VAL G 160 55.10 16.11 13.40
N GLU G 161 54.91 15.17 12.47
CA GLU G 161 53.58 14.71 12.08
C GLU G 161 52.91 13.95 13.19
N ALA G 162 53.60 12.95 13.75
CA ALA G 162 53.07 12.20 14.87
C ALA G 162 52.59 13.10 15.99
N LEU G 163 53.35 14.15 16.32
CA LEU G 163 53.00 15.15 17.33
C LEU G 163 51.90 16.12 16.89
N ARG G 164 51.72 16.43 15.60
CA ARG G 164 50.50 17.09 15.17
C ARG G 164 49.29 16.19 15.48
N GLN G 165 49.28 14.90 15.13
CA GLN G 165 48.13 14.07 15.50
C GLN G 165 48.02 13.98 17.03
N PHE G 166 49.14 13.86 17.72
CA PHE G 166 49.15 13.72 19.19
C PHE G 166 48.67 14.94 19.98
N GLN G 167 48.60 16.11 19.32
CA GLN G 167 47.97 17.30 19.85
C GLN G 167 46.45 17.12 19.99
N PHE G 168 45.88 16.13 19.29
CA PHE G 168 44.44 15.80 19.34
C PHE G 168 44.13 14.41 19.88
N GLU G 169 44.91 13.40 19.53
CA GLU G 169 44.75 12.04 20.04
C GLU G 169 44.93 12.02 21.57
N VAL G 170 45.69 12.97 22.12
CA VAL G 170 45.59 13.48 23.49
C VAL G 170 45.03 14.91 23.38
N GLY G 171 43.99 15.25 24.13
CA GLY G 171 43.31 16.55 23.95
C GLY G 171 44.23 17.75 24.22
N ARG G 172 44.07 18.88 23.49
CA ARG G 172 44.61 20.18 23.92
C ARG G 172 44.13 20.45 25.35
N GLU G 173 44.91 21.23 26.07
CA GLU G 173 44.87 21.29 27.55
C GLU G 173 45.36 20.04 28.29
N ASN G 174 45.68 18.94 27.61
CA ASN G 174 46.62 17.93 28.09
C ASN G 174 47.96 17.95 27.33
N PHE G 175 48.22 18.95 26.48
CA PHE G 175 49.44 19.07 25.69
C PHE G 175 49.84 20.54 25.56
N ALA G 176 51.11 20.85 25.61
CA ALA G 176 51.70 22.17 25.43
C ALA G 176 53.03 22.09 24.69
N LEU G 177 53.33 23.04 23.81
CA LEU G 177 54.60 23.08 23.06
C LEU G 177 55.48 24.27 23.47
N ILE G 178 56.71 24.01 23.83
CA ILE G 178 57.73 24.99 24.12
C ILE G 178 58.72 24.99 22.95
N HIS G 179 58.81 26.09 22.21
CA HIS G 179 59.68 26.25 21.06
C HIS G 179 60.91 27.06 21.46
N VAL G 180 62.05 26.41 21.58
CA VAL G 180 63.38 27.03 21.74
C VAL G 180 63.75 27.70 20.44
N SER G 181 64.40 28.86 20.47
CA SER G 181 64.67 29.57 19.22
C SER G 181 65.86 30.50 19.27
N LEU G 182 66.42 30.87 18.13
CA LEU G 182 67.63 31.68 18.04
C LEU G 182 67.29 33.14 17.70
N VAL G 183 67.84 34.07 18.46
CA VAL G 183 67.70 35.51 18.22
C VAL G 183 69.11 36.10 18.16
N PRO G 184 69.78 36.06 16.99
CA PRO G 184 71.16 36.53 16.86
C PRO G 184 71.31 38.01 17.20
N VAL G 185 72.51 38.41 17.62
CA VAL G 185 72.88 39.82 17.77
C VAL G 185 74.06 40.14 16.85
N ILE G 186 73.89 41.18 16.04
CA ILE G 186 74.77 41.64 14.97
C ILE G 186 74.80 43.17 15.04
N HIS G 187 76.00 43.77 14.99
CA HIS G 187 76.21 45.23 15.08
C HIS G 187 75.46 45.93 16.22
N GLY G 188 75.21 45.21 17.32
CA GLY G 188 74.45 45.68 18.49
C GLY G 188 72.91 45.57 18.41
N GLU G 189 72.33 44.93 17.40
CA GLU G 189 70.84 44.86 17.23
C GLU G 189 70.37 43.42 17.41
N GLN G 190 69.28 43.18 18.14
CA GLN G 190 68.73 41.80 18.33
C GLN G 190 67.91 41.44 17.08
N LYS G 191 68.25 40.33 16.42
CA LYS G 191 67.64 39.91 15.13
C LYS G 191 66.64 38.77 15.35
N THR G 192 65.35 39.03 15.49
CA THR G 192 64.25 38.02 15.61
C THR G 192 63.70 37.53 14.25
N LYS G 193 64.48 37.40 13.17
CA LYS G 193 63.97 36.81 11.88
C LYS G 193 64.31 35.32 11.74
N PRO G 194 65.37 34.75 12.34
CA PRO G 194 65.61 33.30 12.37
C PRO G 194 64.44 32.70 13.16
N THR G 195 64.07 33.30 14.30
CA THR G 195 62.93 32.83 15.13
C THR G 195 61.66 32.90 14.28
N GLN G 196 61.35 34.01 13.61
CA GLN G 196 60.09 34.19 12.84
C GLN G 196 60.08 33.25 11.63
N ALA G 197 61.22 32.67 11.22
CA ALA G 197 61.32 31.73 10.07
C ALA G 197 61.30 30.30 10.59
N ALA G 198 61.11 30.08 11.90
CA ALA G 198 60.92 28.73 12.50
C ALA G 198 59.53 28.67 13.13
N ILE G 199 58.81 29.80 13.28
CA ILE G 199 57.41 29.89 13.72
C ILE G 199 56.55 29.68 12.49
N LYS G 200 56.96 30.12 11.33
CA LYS G 200 56.32 29.86 10.05
C LYS G 200 56.37 28.37 9.83
N ASP G 201 57.54 27.72 9.89
CA ASP G 201 57.66 26.27 9.69
C ASP G 201 56.92 25.46 10.74
N LEU G 202 56.85 25.93 11.98
CA LEU G 202 56.16 25.21 13.05
C LEU G 202 54.67 25.12 12.74
N ARG G 203 54.02 26.24 12.41
CA ARG G 203 52.62 26.34 12.05
C ARG G 203 52.39 25.46 10.83
N SER G 204 53.31 25.48 9.86
CA SER G 204 53.21 24.69 8.64
C SER G 204 53.21 23.19 8.95
N LEU G 205 54.18 22.67 9.69
CA LEU G 205 54.26 21.25 10.11
C LEU G 205 53.15 20.87 11.10
N GLY G 206 52.50 21.85 11.73
CA GLY G 206 51.13 21.76 12.24
C GLY G 206 50.94 21.90 13.76
N LEU G 207 52.01 21.69 14.54
CA LEU G 207 51.97 22.07 15.96
C LEU G 207 51.80 23.57 16.11
N ILE G 208 51.22 24.03 17.22
CA ILE G 208 51.11 25.48 17.53
C ILE G 208 51.91 25.78 18.77
N PRO G 209 52.88 26.71 18.79
CA PRO G 209 53.68 26.97 19.97
C PRO G 209 53.03 27.68 21.15
N ASP G 210 53.45 27.52 22.39
CA ASP G 210 52.99 28.13 23.63
C ASP G 210 53.98 29.10 24.23
N MET G 211 55.24 28.74 24.30
CA MET G 211 56.39 29.51 24.76
C MET G 211 57.30 29.77 23.58
N ILE G 212 58.13 30.79 23.66
CA ILE G 212 59.14 31.08 22.66
C ILE G 212 60.42 31.35 23.44
N ALA G 213 61.20 30.29 23.67
CA ALA G 213 62.32 30.29 24.60
C ALA G 213 63.61 30.65 23.88
N CYS G 214 63.92 31.95 23.81
CA CYS G 214 65.04 32.45 23.05
C CYS G 214 66.39 32.20 23.74
N ARG G 215 67.39 31.76 22.96
CA ARG G 215 68.81 31.67 23.35
C ARG G 215 69.63 32.84 22.79
N CYS G 216 69.22 34.05 23.14
CA CYS G 216 69.97 35.26 22.81
C CYS G 216 71.25 35.38 23.66
N SER G 217 72.21 36.17 23.22
CA SER G 217 73.44 36.48 23.96
C SER G 217 73.23 37.48 25.11
N GLU G 218 71.99 37.98 25.30
CA GLU G 218 71.66 39.17 26.09
C GLU G 218 70.33 38.99 26.84
N GLU G 219 69.95 39.95 27.69
CA GLU G 219 68.53 40.14 27.97
C GLU G 219 67.79 40.61 26.71
N LEU G 220 66.64 40.02 26.41
CA LEU G 220 65.80 40.47 25.30
C LEU G 220 65.26 41.88 25.58
N ASN G 221 65.35 42.78 24.61
CA ASN G 221 64.75 44.11 24.74
C ASN G 221 63.23 44.01 24.88
N ARG G 222 62.58 44.93 25.61
CA ARG G 222 61.10 44.98 25.69
C ARG G 222 60.47 45.13 24.30
N SER G 223 61.09 45.87 23.39
CA SER G 223 60.67 45.96 21.98
C SER G 223 60.94 44.69 21.17
N THR G 224 61.97 43.90 21.49
CA THR G 224 62.23 42.60 20.86
C THR G 224 61.16 41.59 21.24
N ILE G 225 60.80 41.50 22.52
CA ILE G 225 59.70 40.65 22.98
C ILE G 225 58.39 41.09 22.34
N ASP G 226 58.09 42.38 22.31
CA ASP G 226 56.85 42.90 21.72
C ASP G 226 56.71 42.50 20.24
N LYS G 227 57.78 42.56 19.45
CA LYS G 227 57.75 42.07 18.06
C LYS G 227 57.67 40.56 17.95
N ILE G 228 58.39 39.77 18.75
CA ILE G 228 58.19 38.31 18.73
C ILE G 228 56.75 37.94 19.08
N ALA G 229 56.11 38.62 20.03
CA ALA G 229 54.69 38.44 20.36
C ALA G 229 53.71 39.02 19.31
N MET G 230 54.20 39.77 18.32
CA MET G 230 53.39 40.24 17.18
C MET G 230 53.45 39.24 16.03
N PHE G 231 54.59 38.59 15.80
CA PHE G 231 54.78 37.62 14.72
C PHE G 231 54.51 36.17 15.14
N CYS G 232 54.94 35.72 16.31
CA CYS G 232 54.32 34.56 16.94
C CYS G 232 53.04 35.05 17.67
N HIS G 233 52.05 34.18 17.87
CA HIS G 233 50.79 34.55 18.51
C HIS G 233 50.81 34.48 20.05
N VAL G 234 51.94 34.15 20.69
CA VAL G 234 52.04 34.17 22.16
C VAL G 234 51.96 35.59 22.71
N GLY G 235 51.42 35.76 23.92
CA GLY G 235 51.48 37.03 24.64
C GLY G 235 52.89 37.32 25.17
N PRO G 236 53.30 38.59 25.33
CA PRO G 236 54.69 38.95 25.61
C PRO G 236 55.23 38.40 26.93
N GLU G 237 54.39 38.12 27.92
CA GLU G 237 54.80 37.45 29.16
C GLU G 237 55.38 36.04 28.94
N GLN G 238 55.10 35.41 27.79
CA GLN G 238 55.43 34.02 27.50
C GLN G 238 56.73 33.82 26.70
N VAL G 239 57.38 34.91 26.30
CA VAL G 239 58.58 34.92 25.46
C VAL G 239 59.80 34.79 26.37
N VAL G 240 59.97 33.63 27.00
CA VAL G 240 61.00 33.45 28.03
C VAL G 240 62.40 33.64 27.46
N ASN G 241 63.32 34.23 28.24
CA ASN G 241 64.73 34.35 27.87
C ASN G 241 65.57 33.39 28.70
N VAL G 242 66.45 32.62 28.09
CA VAL G 242 67.18 31.54 28.79
C VAL G 242 68.69 31.79 28.78
N HIS G 243 69.10 33.05 28.99
CA HIS G 243 70.49 33.50 28.92
C HIS G 243 71.39 32.86 29.99
N ASP G 244 72.71 32.91 29.78
CA ASP G 244 73.69 32.32 30.70
C ASP G 244 73.68 32.97 32.10
N VAL G 245 73.84 32.13 33.14
CA VAL G 245 73.95 32.48 34.57
C VAL G 245 75.00 31.58 35.24
N ASN G 246 75.48 31.97 36.42
CA ASN G 246 76.71 31.48 37.07
C ASN G 246 76.93 29.97 37.14
N SER G 247 75.87 29.14 37.10
CA SER G 247 75.96 27.70 36.79
C SER G 247 74.61 27.20 36.28
N THR G 248 74.56 26.10 35.53
CA THR G 248 73.28 25.58 34.96
C THR G 248 72.26 25.16 36.01
N TYR G 249 72.65 24.96 37.27
CA TYR G 249 71.69 24.71 38.34
C TYR G 249 70.86 25.94 38.70
N HIS G 250 71.22 27.15 38.27
CA HIS G 250 70.37 28.31 38.42
C HIS G 250 69.24 28.38 37.40
N VAL G 251 69.33 27.70 36.25
CA VAL G 251 68.38 27.91 35.13
C VAL G 251 66.93 27.70 35.53
N PRO G 252 66.53 26.66 36.29
CA PRO G 252 65.17 26.56 36.79
C PRO G 252 64.67 27.81 37.49
N LEU G 253 65.49 28.46 38.32
CA LEU G 253 65.06 29.63 39.09
C LEU G 253 64.94 30.91 38.24
N LEU G 254 65.59 30.97 37.08
CA LEU G 254 65.36 32.03 36.09
C LEU G 254 64.01 31.86 35.42
N LEU G 255 63.66 30.61 35.09
CA LEU G 255 62.38 30.28 34.49
C LEU G 255 61.25 30.50 35.50
N LEU G 256 61.51 30.28 36.79
CA LEU G 256 60.57 30.59 37.86
C LEU G 256 60.37 32.10 38.09
N LYS G 257 61.41 32.92 37.94
CA LYS G 257 61.27 34.39 37.91
C LYS G 257 60.49 34.86 36.68
N GLN G 258 60.58 34.12 35.58
CA GLN G 258 59.90 34.40 34.32
C GLN G 258 58.51 33.74 34.21
N HIS G 259 57.85 33.52 35.36
CA HIS G 259 56.48 33.04 35.53
C HIS G 259 56.17 31.65 34.97
N MET G 260 57.15 30.83 34.59
CA MET G 260 56.86 29.64 33.80
C MET G 260 56.04 28.57 34.54
N ILE G 261 56.16 28.39 35.85
CA ILE G 261 55.20 27.56 36.61
C ILE G 261 53.81 28.19 36.58
N ASP G 262 53.66 29.49 36.78
CA ASP G 262 52.34 30.11 36.80
C ASP G 262 51.64 30.00 35.44
N TYR G 263 52.38 30.12 34.35
CA TYR G 263 51.87 29.86 33.03
C TYR G 263 51.52 28.38 32.84
N LEU G 264 52.43 27.42 33.05
CA LEU G 264 52.12 26.00 32.89
C LEU G 264 51.02 25.50 33.83
N HIS G 265 50.88 26.03 35.04
CA HIS G 265 49.76 25.71 35.92
C HIS G 265 48.42 26.09 35.29
N SER G 266 48.34 27.24 34.64
CA SER G 266 47.16 27.65 33.88
C SER G 266 46.99 26.82 32.60
N ARG G 267 47.97 26.84 31.70
CA ARG G 267 47.86 26.31 30.33
C ARG G 267 47.68 24.79 30.24
N LEU G 268 47.96 24.03 31.30
CA LEU G 268 47.66 22.61 31.40
C LEU G 268 46.65 22.27 32.51
N LYS G 269 46.03 23.27 33.13
CA LYS G 269 45.08 23.14 34.25
C LYS G 269 45.60 22.21 35.37
N LEU G 270 46.84 22.40 35.81
CA LEU G 270 47.52 21.49 36.74
C LEU G 270 46.87 21.45 38.13
N GLY G 271 46.03 22.42 38.47
CA GLY G 271 45.17 22.37 39.65
C GLY G 271 44.13 21.25 39.62
N GLU G 272 43.78 20.70 38.46
CA GLU G 272 42.85 19.58 38.33
C GLU G 272 43.52 18.19 38.50
N VAL G 273 44.85 18.10 38.53
CA VAL G 273 45.55 16.85 38.81
C VAL G 273 45.44 16.53 40.31
N PRO G 274 45.09 15.29 40.71
CA PRO G 274 45.00 14.93 42.13
C PRO G 274 46.38 14.81 42.79
N LEU G 275 46.62 15.56 43.86
CA LEU G 275 47.85 15.55 44.67
C LEU G 275 47.56 15.35 46.15
N THR G 276 48.37 14.57 46.85
CA THR G 276 48.32 14.47 48.34
C THR G 276 49.19 15.55 48.99
N LEU G 277 49.06 15.83 50.29
CA LEU G 277 50.07 16.65 50.97
C LEU G 277 51.46 16.01 50.95
N GLU G 278 51.57 14.69 50.93
CA GLU G 278 52.86 14.03 50.78
C GLU G 278 53.49 14.31 49.40
N ASP G 279 52.69 14.48 48.36
CA ASP G 279 53.18 15.05 47.10
C ASP G 279 53.53 16.54 47.24
N LYS G 280 52.57 17.37 47.65
CA LYS G 280 52.74 18.83 47.60
C LYS G 280 53.85 19.32 48.52
N GLU G 281 53.90 18.85 49.76
CA GLU G 281 54.93 19.29 50.70
C GLU G 281 56.32 18.76 50.29
N ARG G 282 56.43 17.59 49.64
CA ARG G 282 57.71 17.15 49.05
C ARG G 282 58.12 18.08 47.91
N GLY G 283 57.14 18.55 47.14
CA GLY G 283 57.32 19.53 46.09
C GLY G 283 57.90 20.85 46.63
N SER G 284 57.23 21.49 47.58
CA SER G 284 57.69 22.77 48.12
C SER G 284 58.96 22.62 48.98
N GLN G 285 59.21 21.47 49.60
CA GLN G 285 60.49 21.22 50.25
C GLN G 285 61.62 21.08 49.21
N LEU G 286 61.43 20.32 48.13
CA LEU G 286 62.43 20.21 47.08
C LEU G 286 62.78 21.57 46.48
N LEU G 287 61.80 22.46 46.30
CA LEU G 287 62.08 23.84 45.90
C LEU G 287 63.04 24.51 46.87
N THR G 288 62.82 24.41 48.18
CA THR G 288 63.76 25.00 49.14
C THR G 288 65.12 24.32 49.16
N ASN G 289 65.25 23.03 48.84
CA ASN G 289 66.56 22.44 48.66
C ASN G 289 67.26 23.03 47.44
N TRP G 290 66.54 23.35 46.35
CA TRP G 290 67.11 23.98 45.17
C TRP G 290 67.47 25.45 45.40
N GLU G 291 66.65 26.19 46.11
CA GLU G 291 66.98 27.55 46.56
C GLU G 291 68.18 27.56 47.51
N ASN G 292 68.28 26.58 48.42
CA ASN G 292 69.43 26.46 49.29
C ASN G 292 70.71 26.11 48.52
N MET G 293 70.72 25.08 47.68
CA MET G 293 71.97 24.69 47.01
C MET G 293 72.44 25.75 46.00
N THR G 294 71.53 26.46 45.33
CA THR G 294 71.91 27.62 44.50
C THR G 294 72.40 28.82 45.30
N LYS G 295 71.80 29.13 46.46
CA LYS G 295 72.38 30.11 47.40
C LYS G 295 73.76 29.67 47.90
N ASN G 296 73.99 28.38 48.19
CA ASN G 296 75.31 27.91 48.59
C ASN G 296 76.33 28.08 47.46
N LEU G 297 75.96 27.83 46.20
CA LEU G 297 76.83 28.08 45.05
C LEU G 297 77.16 29.58 44.91
N ASP G 298 76.22 30.47 45.18
CA ASP G 298 76.39 31.91 45.03
C ASP G 298 77.45 32.53 45.98
N ASP G 299 77.82 31.89 47.09
CA ASP G 299 78.83 32.43 48.01
C ASP G 299 79.84 31.42 48.57
N SER G 300 79.85 30.16 48.10
CA SER G 300 80.98 29.25 48.21
C SER G 300 82.19 29.79 47.44
N ASP G 301 83.33 29.97 48.12
CA ASP G 301 84.57 30.50 47.56
C ASP G 301 85.77 29.55 47.68
N ASP G 302 85.80 28.73 48.72
CA ASP G 302 86.96 27.90 49.05
C ASP G 302 87.09 26.75 48.03
N VAL G 303 88.12 26.83 47.19
CA VAL G 303 88.30 25.95 46.05
C VAL G 303 88.71 24.55 46.52
N VAL G 304 88.37 23.55 45.72
CA VAL G 304 88.96 22.21 45.77
C VAL G 304 89.35 21.80 44.37
N LYS G 305 90.58 21.36 44.16
CA LYS G 305 91.12 20.98 42.84
C LYS G 305 91.14 19.47 42.73
N ILE G 306 90.37 18.88 41.81
CA ILE G 306 90.34 17.43 41.60
C ILE G 306 91.01 17.09 40.27
N ALA G 307 92.05 16.29 40.25
CA ALA G 307 92.67 15.85 38.99
C ALA G 307 91.85 14.72 38.39
N LEU G 308 91.35 14.91 37.18
CA LEU G 308 90.71 13.88 36.40
C LEU G 308 91.76 13.39 35.41
N VAL G 309 92.19 12.15 35.60
CA VAL G 309 93.36 11.59 34.91
C VAL G 309 92.93 10.55 33.91
N GLY G 310 93.04 10.82 32.60
CA GLY G 310 92.63 9.86 31.56
C GLY G 310 92.93 10.30 30.13
N LYS G 311 92.63 9.46 29.14
CA LYS G 311 92.76 9.80 27.70
C LYS G 311 91.63 10.72 27.23
N TYR G 312 91.81 11.35 26.08
CA TYR G 312 90.79 12.15 25.39
C TYR G 312 90.19 13.31 26.20
N THR G 313 90.92 13.91 27.15
CA THR G 313 90.40 15.00 27.98
C THR G 313 90.02 16.25 27.22
N ASN G 314 90.46 16.42 25.96
CA ASN G 314 89.97 17.49 25.07
C ASN G 314 88.51 17.29 24.64
N LEU G 315 87.98 16.07 24.76
CA LEU G 315 86.59 15.70 24.51
C LEU G 315 85.85 15.56 25.85
N LYS G 316 85.62 16.67 26.55
CA LYS G 316 85.08 16.70 27.92
C LYS G 316 83.71 16.04 28.06
N ASP G 317 82.93 16.04 26.97
CA ASP G 317 81.64 15.34 26.90
C ASP G 317 81.80 13.82 26.95
N SER G 318 82.99 13.28 26.68
CA SER G 318 83.34 11.88 26.90
C SER G 318 83.31 11.48 28.39
N TYR G 319 83.21 12.45 29.28
CA TYR G 319 83.14 12.36 30.72
C TYR G 319 82.01 13.20 31.28
N LEU G 320 80.92 13.52 30.57
CA LEU G 320 79.94 14.45 31.10
C LEU G 320 79.36 14.04 32.47
N SER G 321 79.14 12.77 32.76
CA SER G 321 78.51 12.25 33.97
C SER G 321 79.50 12.31 35.13
N VAL G 322 80.78 12.12 34.86
CA VAL G 322 81.88 12.25 35.81
C VAL G 322 82.00 13.68 36.32
N THR G 323 82.04 14.63 35.40
CA THR G 323 82.05 16.06 35.71
C THR G 323 80.85 16.44 36.55
N LYS G 324 79.64 16.04 36.13
CA LYS G 324 78.40 16.45 36.81
C LYS G 324 78.31 15.88 38.22
N SER G 325 78.76 14.66 38.44
CA SER G 325 78.81 14.07 39.78
C SER G 325 79.77 14.80 40.71
N LEU G 326 80.94 15.23 40.23
CA LEU G 326 81.82 16.10 41.01
C LEU G 326 81.15 17.44 41.34
N GLU G 327 80.38 18.04 40.43
CA GLU G 327 79.65 19.27 40.74
C GLU G 327 78.62 19.10 41.86
N HIS G 328 77.83 18.02 41.87
CA HIS G 328 76.94 17.69 42.98
C HIS G 328 77.72 17.52 44.29
N ALA G 329 78.82 16.76 44.27
CA ALA G 329 79.63 16.51 45.46
C ALA G 329 80.24 17.81 46.01
N SER G 330 80.71 18.69 45.12
CA SER G 330 81.21 20.04 45.39
C SER G 330 80.21 20.88 46.14
N MET G 331 79.02 21.07 45.56
CA MET G 331 78.00 21.92 46.15
C MET G 331 77.53 21.39 47.50
N LYS G 332 77.56 20.07 47.72
CA LYS G 332 77.21 19.44 49.00
C LYS G 332 78.28 19.66 50.09
N CYS G 333 79.56 19.66 49.72
CA CYS G 333 80.67 20.07 50.58
C CYS G 333 80.79 21.59 50.79
N ARG G 334 80.09 22.40 50.01
CA ARG G 334 80.22 23.87 49.97
C ARG G 334 81.64 24.36 49.64
N ARG G 335 82.42 23.57 48.90
CA ARG G 335 83.63 24.04 48.22
C ARG G 335 83.42 24.17 46.72
N GLN G 336 83.84 25.29 46.15
CA GLN G 336 83.82 25.59 44.72
C GLN G 336 84.80 24.67 43.98
N LEU G 337 84.45 24.15 42.81
CA LEU G 337 85.24 23.13 42.15
C LEU G 337 86.13 23.71 41.05
N GLU G 338 87.37 23.27 41.01
CA GLU G 338 88.18 23.27 39.78
C GLU G 338 88.55 21.82 39.45
N ILE G 339 88.34 21.36 38.22
CA ILE G 339 88.78 20.03 37.78
C ILE G 339 90.04 20.23 36.96
N LEU G 340 91.10 19.47 37.26
CA LEU G 340 92.35 19.54 36.53
C LEU G 340 92.43 18.41 35.52
N TRP G 341 92.35 18.76 34.25
CA TRP G 341 92.41 17.83 33.13
C TRP G 341 93.84 17.35 32.91
N VAL G 342 94.12 16.12 33.33
CA VAL G 342 95.41 15.46 33.12
C VAL G 342 95.26 14.44 32.01
N GLU G 343 95.70 14.80 30.81
CA GLU G 343 95.78 13.89 29.68
C GLU G 343 96.81 12.78 29.95
N ALA G 344 96.36 11.61 30.43
CA ALA G 344 97.21 10.66 31.17
C ALA G 344 98.50 10.28 30.47
N SER G 345 98.51 10.16 29.15
CA SER G 345 99.71 9.73 28.44
C SER G 345 100.88 10.67 28.65
N ASN G 346 100.64 11.94 28.98
CA ASN G 346 101.69 12.91 29.26
C ASN G 346 102.48 12.62 30.56
N LEU G 347 101.90 11.94 31.55
CA LEU G 347 102.60 11.54 32.76
C LEU G 347 103.66 10.45 32.51
N GLU G 348 103.58 9.72 31.40
CA GLU G 348 104.49 8.63 31.11
C GLU G 348 105.87 9.19 30.77
N PRO G 349 106.97 8.69 31.37
CA PRO G 349 108.32 9.24 31.15
C PRO G 349 108.74 9.35 29.69
N GLU G 350 108.27 8.50 28.77
CA GLU G 350 108.61 8.64 27.35
C GLU G 350 108.17 9.99 26.77
N THR G 351 107.19 10.67 27.36
CA THR G 351 106.75 11.99 26.91
C THR G 351 107.88 13.02 27.02
N GLN G 352 108.78 12.83 27.97
CA GLN G 352 109.97 13.66 28.15
C GLN G 352 110.90 13.61 26.93
N GLU G 353 110.86 12.52 26.16
CA GLU G 353 111.58 12.38 24.90
C GLU G 353 110.88 13.07 23.72
N VAL G 354 109.61 13.46 23.87
CA VAL G 354 108.76 14.00 22.78
C VAL G 354 108.47 15.49 22.98
N ASP G 355 107.96 15.87 24.16
CA ASP G 355 107.79 17.25 24.58
C ASP G 355 107.83 17.34 26.10
N LYS G 356 108.87 17.97 26.64
CA LYS G 356 109.01 18.21 28.08
C LYS G 356 107.90 19.09 28.62
N ASN G 357 107.40 20.07 27.88
CA ASN G 357 106.32 20.94 28.34
C ASN G 357 105.08 20.12 28.75
N LYS G 358 104.64 19.17 27.92
CA LYS G 358 103.57 18.23 28.27
C LYS G 358 103.88 17.42 29.52
N PHE G 359 105.11 16.91 29.66
CA PHE G 359 105.50 16.14 30.84
C PHE G 359 105.45 16.95 32.14
N HIS G 360 105.86 18.21 32.09
CA HIS G 360 105.80 19.10 33.25
C HIS G 360 104.38 19.59 33.51
N ASP G 361 103.64 20.09 32.54
CA ASP G 361 102.27 20.58 32.76
C ASP G 361 101.37 19.51 33.36
N SER G 362 101.45 18.28 32.86
CA SER G 362 100.62 17.20 33.37
C SER G 362 100.99 16.80 34.80
N TRP G 363 102.28 16.62 35.12
CA TRP G 363 102.72 16.35 36.49
C TRP G 363 102.52 17.54 37.43
N ASN G 364 102.60 18.77 36.93
CA ASN G 364 102.26 19.97 37.66
C ASN G 364 100.77 19.94 38.05
N LYS G 365 99.85 19.74 37.10
CA LYS G 365 98.41 19.63 37.40
C LYS G 365 98.12 18.51 38.39
N LEU G 366 98.71 17.34 38.20
CA LEU G 366 98.55 16.23 39.14
C LEU G 366 99.08 16.55 40.55
N SER G 367 100.25 17.17 40.66
CA SER G 367 100.84 17.57 41.94
C SER G 367 100.05 18.66 42.64
N SER G 368 99.43 19.57 41.89
CA SER G 368 98.60 20.66 42.42
C SER G 368 97.26 20.18 42.96
N ALA G 369 96.77 19.01 42.55
CA ALA G 369 95.43 18.55 42.89
C ALA G 369 95.26 18.19 44.36
N ASP G 370 94.18 18.65 44.97
CA ASP G 370 93.76 18.29 46.32
C ASP G 370 93.16 16.89 46.41
N GLY G 371 92.76 16.30 45.29
CA GLY G 371 92.23 14.94 45.16
C GLY G 371 92.35 14.43 43.73
N ILE G 372 92.32 13.11 43.52
CA ILE G 372 92.64 12.46 42.24
C ILE G 372 91.56 11.46 41.85
N LEU G 373 91.22 11.43 40.57
CA LEU G 373 90.18 10.58 40.02
C LEU G 373 90.66 9.87 38.76
N VAL G 374 90.61 8.54 38.72
CA VAL G 374 90.78 7.74 37.49
C VAL G 374 89.40 7.35 36.96
N PRO G 375 88.93 7.97 35.87
CA PRO G 375 87.51 8.18 35.60
C PRO G 375 86.85 7.11 34.72
N GLY G 376 87.22 5.83 34.85
CA GLY G 376 86.62 4.78 34.02
C GLY G 376 86.84 4.99 32.53
N GLY G 377 88.10 5.08 32.11
CA GLY G 377 88.47 5.20 30.70
C GLY G 377 88.03 4.04 29.81
N PHE G 378 88.37 4.18 28.54
CA PHE G 378 87.98 3.29 27.43
C PHE G 378 89.18 3.11 26.51
N GLY G 379 89.29 1.95 25.87
CA GLY G 379 90.56 1.51 25.26
C GLY G 379 91.64 1.24 26.32
N THR G 380 92.91 1.27 25.93
CA THR G 380 94.06 1.00 26.82
C THR G 380 95.25 1.93 26.65
N ARG G 381 95.29 2.82 25.65
CA ARG G 381 96.56 3.42 25.21
C ARG G 381 97.17 4.47 26.15
N GLY G 382 96.41 5.01 27.09
CA GLY G 382 96.91 5.88 28.17
C GLY G 382 97.21 5.21 29.51
N ILE G 383 97.23 3.87 29.62
CA ILE G 383 97.16 3.18 30.91
C ILE G 383 98.37 3.44 31.80
N GLU G 384 99.59 3.56 31.28
CA GLU G 384 100.75 3.82 32.12
C GLU G 384 100.69 5.16 32.86
N GLY G 385 100.13 6.19 32.26
CA GLY G 385 99.90 7.44 32.99
C GLY G 385 98.91 7.27 34.13
N MET G 386 97.85 6.51 33.93
CA MET G 386 96.88 6.23 34.98
C MET G 386 97.47 5.36 36.10
N ILE G 387 98.46 4.52 35.82
CA ILE G 387 99.19 3.77 36.84
C ILE G 387 100.10 4.71 37.66
N LEU G 388 100.84 5.60 37.02
CA LEU G 388 101.70 6.57 37.72
C LEU G 388 100.88 7.49 38.62
N ALA G 389 99.73 8.00 38.16
CA ALA G 389 98.86 8.77 39.05
C ALA G 389 98.34 7.93 40.23
N ALA G 390 98.10 6.63 40.07
CA ALA G 390 97.74 5.77 41.19
C ALA G 390 98.92 5.51 42.14
N LYS G 391 100.16 5.46 41.66
CA LYS G 391 101.36 5.35 42.50
C LYS G 391 101.52 6.60 43.33
N TRP G 392 101.43 7.74 42.67
CA TRP G 392 101.44 9.04 43.31
C TRP G 392 100.36 9.15 44.38
N ALA G 393 99.12 8.78 44.07
CA ALA G 393 98.03 8.92 45.03
C ALA G 393 98.16 8.02 46.26
N ARG G 394 98.74 6.83 46.11
CA ARG G 394 99.02 5.91 47.22
C ARG G 394 100.17 6.40 48.11
N GLU G 395 101.31 6.74 47.51
CA GLU G 395 102.52 7.11 48.26
C GLU G 395 102.46 8.53 48.82
N SER G 396 101.97 9.51 48.05
CA SER G 396 101.82 10.89 48.52
C SER G 396 100.56 11.13 49.34
N GLY G 397 99.82 10.10 49.72
CA GLY G 397 98.64 10.25 50.59
C GLY G 397 97.44 11.05 50.05
N VAL G 398 97.47 11.53 48.81
CA VAL G 398 96.40 12.37 48.22
C VAL G 398 95.09 11.57 48.08
N PRO G 399 93.89 12.12 48.33
CA PRO G 399 92.64 11.40 48.17
C PRO G 399 92.43 10.87 46.75
N PHE G 400 91.91 9.65 46.62
CA PHE G 400 91.84 8.94 45.34
C PHE G 400 90.51 8.19 45.15
N LEU G 401 89.91 8.31 43.96
CA LEU G 401 88.84 7.41 43.53
C LEU G 401 89.15 6.81 42.17
N GLY G 402 89.17 5.49 42.08
CA GLY G 402 89.21 4.78 40.81
C GLY G 402 87.84 4.26 40.42
N VAL G 403 87.29 4.72 39.30
CA VAL G 403 86.02 4.23 38.76
C VAL G 403 86.28 3.23 37.65
N CYS G 404 85.65 2.05 37.68
CA CYS G 404 85.75 1.00 36.67
C CYS G 404 87.22 0.65 36.32
N LEU G 405 87.75 1.05 35.15
CA LEU G 405 89.19 0.95 34.81
C LEU G 405 90.08 1.50 35.93
N GLY G 406 89.64 2.53 36.64
CA GLY G 406 90.32 3.09 37.80
C GLY G 406 90.56 2.11 38.93
N LEU G 407 89.59 1.27 39.29
CA LEU G 407 89.86 0.19 40.24
C LEU G 407 90.92 -0.76 39.67
N GLN G 408 90.88 -1.00 38.36
CA GLN G 408 91.73 -2.00 37.73
C GLN G 408 93.19 -1.53 37.62
N VAL G 409 93.46 -0.29 37.20
CA VAL G 409 94.81 0.27 37.29
C VAL G 409 95.27 0.39 38.74
N ALA G 410 94.39 0.61 39.72
CA ALA G 410 94.83 0.57 41.11
C ALA G 410 95.32 -0.81 41.52
N ALA G 411 94.68 -1.90 41.10
CA ALA G 411 95.20 -3.24 41.37
C ALA G 411 96.51 -3.52 40.65
N ILE G 412 96.65 -3.04 39.41
CA ILE G 412 97.88 -3.18 38.63
C ILE G 412 99.02 -2.39 39.27
N GLU G 413 98.78 -1.14 39.68
CA GLU G 413 99.73 -0.32 40.42
C GLU G 413 100.16 -1.03 41.69
N PHE G 414 99.20 -1.45 42.53
CA PHE G 414 99.52 -2.11 43.79
C PHE G 414 100.31 -3.41 43.55
N ALA G 415 100.00 -4.18 42.52
CA ALA G 415 100.77 -5.38 42.19
C ALA G 415 102.21 -5.05 41.81
N ARG G 416 102.43 -4.08 40.91
CA ARG G 416 103.76 -3.68 40.44
C ARG G 416 104.59 -3.00 41.53
N ASN G 417 103.97 -2.23 42.42
CA ASN G 417 104.67 -1.29 43.30
C ASN G 417 104.56 -1.58 44.80
N VAL G 418 103.74 -2.53 45.24
CA VAL G 418 103.68 -2.96 46.66
C VAL G 418 103.86 -4.46 46.80
N ILE G 419 103.21 -5.26 45.95
CA ILE G 419 103.40 -6.72 45.94
C ILE G 419 104.70 -7.12 45.24
N GLY G 420 105.21 -6.30 44.31
CA GLY G 420 106.54 -6.46 43.72
C GLY G 420 106.61 -7.39 42.51
N ARG G 421 105.59 -7.38 41.64
CA ARG G 421 105.58 -8.11 40.36
C ARG G 421 105.62 -7.13 39.17
N PRO G 422 106.78 -6.62 38.71
CA PRO G 422 106.83 -5.51 37.77
C PRO G 422 106.33 -5.85 36.36
N ASN G 423 106.28 -7.15 36.03
CA ASN G 423 105.69 -7.69 34.81
C ASN G 423 104.16 -7.89 34.89
N SER G 424 103.51 -7.69 36.05
CA SER G 424 102.06 -7.84 36.15
C SER G 424 101.32 -6.83 35.27
N SER G 425 100.19 -7.27 34.70
CA SER G 425 99.68 -6.65 33.49
C SER G 425 98.15 -6.60 33.44
N SER G 426 97.64 -5.61 32.71
CA SER G 426 96.26 -5.58 32.27
C SER G 426 96.06 -6.63 31.17
N THR G 427 95.36 -7.70 31.51
CA THR G 427 94.90 -8.74 30.57
C THR G 427 93.92 -8.18 29.52
N GLU G 428 93.31 -7.04 29.85
CA GLU G 428 92.59 -6.14 28.94
C GLU G 428 93.45 -5.59 27.80
N PHE G 429 94.78 -5.60 27.92
CA PHE G 429 95.72 -5.08 26.93
C PHE G 429 96.71 -6.15 26.46
N LEU G 430 97.54 -6.68 27.35
CA LEU G 430 98.71 -7.52 27.04
C LEU G 430 98.35 -9.02 27.01
N ASP G 431 97.37 -9.38 26.19
CA ASP G 431 96.67 -10.67 26.25
C ASP G 431 97.47 -11.85 25.69
N GLU G 432 97.82 -11.84 24.40
CA GLU G 432 98.47 -12.98 23.71
C GLU G 432 99.94 -13.22 24.11
N THR G 433 100.45 -12.48 25.10
CA THR G 433 101.69 -12.84 25.80
C THR G 433 101.49 -14.09 26.68
N LEU G 434 100.26 -14.34 27.18
CA LEU G 434 99.89 -15.48 28.03
C LEU G 434 100.67 -15.58 29.37
N LEU G 435 101.14 -14.45 29.92
CA LEU G 435 101.88 -14.41 31.18
C LEU G 435 101.07 -14.85 32.41
N ALA G 436 101.72 -15.37 33.45
CA ALA G 436 101.08 -15.79 34.69
C ALA G 436 100.58 -14.66 35.64
N PRO G 437 101.23 -13.48 35.77
CA PRO G 437 100.77 -12.39 36.66
C PRO G 437 99.68 -11.53 35.99
N GLU G 438 98.51 -12.10 35.76
CA GLU G 438 97.35 -11.43 35.16
C GLU G 438 96.52 -10.75 36.24
N ASP G 439 96.48 -9.42 36.27
CA ASP G 439 95.68 -8.69 37.26
C ASP G 439 94.18 -8.68 36.94
N GLN G 440 93.79 -9.11 35.75
CA GLN G 440 92.40 -9.10 35.29
C GLN G 440 92.07 -10.39 34.55
N VAL G 441 90.78 -10.67 34.34
CA VAL G 441 90.33 -11.67 33.36
C VAL G 441 89.06 -11.21 32.65
N VAL G 442 88.83 -11.61 31.39
CA VAL G 442 87.50 -11.50 30.75
C VAL G 442 86.52 -12.41 31.47
N ILE G 443 85.35 -11.92 31.83
CA ILE G 443 84.27 -12.74 32.41
C ILE G 443 82.96 -12.53 31.67
N THR G 444 81.01 -12.15 28.31
CA THR G 444 81.33 -11.25 27.20
C THR G 444 80.86 -9.80 27.44
N MET G 445 79.95 -9.59 28.41
CA MET G 445 79.54 -8.28 28.96
C MET G 445 78.76 -8.45 30.28
N ARG G 446 78.60 -7.34 31.01
CA ARG G 446 77.84 -7.21 32.27
C ARG G 446 77.43 -5.75 32.44
N LEU G 447 76.13 -5.48 32.39
CA LEU G 447 75.56 -4.14 32.28
C LEU G 447 74.37 -3.93 33.22
N GLY G 448 74.05 -2.67 33.51
CA GLY G 448 72.84 -2.27 34.23
C GLY G 448 72.99 -2.18 35.74
N LEU G 449 71.89 -1.94 36.46
CA LEU G 449 71.91 -1.86 37.92
C LEU G 449 72.06 -3.26 38.53
N ARG G 450 73.10 -3.47 39.36
CA ARG G 450 73.42 -4.76 39.98
C ARG G 450 73.61 -4.63 41.50
N PRO G 451 73.45 -5.72 42.28
CA PRO G 451 73.60 -5.69 43.73
C PRO G 451 75.04 -5.94 44.17
N THR G 452 75.63 -5.00 44.92
CA THR G 452 76.94 -5.16 45.56
C THR G 452 76.75 -5.38 47.06
N ILE G 453 77.31 -6.47 47.60
CA ILE G 453 77.19 -6.83 49.02
C ILE G 453 78.51 -6.52 49.72
N PHE G 454 78.51 -5.87 50.88
CA PHE G 454 79.76 -5.65 51.63
C PHE G 454 80.28 -6.95 52.30
N GLN G 455 81.58 -7.23 52.18
CA GLN G 455 82.31 -8.34 52.83
C GLN G 455 82.32 -8.15 54.37
N PRO G 456 82.41 -9.21 55.21
CA PRO G 456 81.93 -9.13 56.60
C PRO G 456 82.66 -8.14 57.53
N ASN G 457 83.99 -8.07 57.46
CA ASN G 457 84.80 -7.28 58.40
C ASN G 457 84.76 -5.76 58.14
N SER G 458 84.00 -5.31 57.14
CA SER G 458 84.12 -4.01 56.46
C SER G 458 83.82 -2.77 57.29
N GLU G 459 83.46 -2.91 58.56
CA GLU G 459 82.93 -1.84 59.42
C GLU G 459 83.77 -0.57 59.43
N TRP G 460 85.10 -0.68 59.41
CA TRP G 460 86.05 0.45 59.46
C TRP G 460 86.16 1.25 58.16
N SER G 461 85.64 0.74 57.05
CA SER G 461 85.88 1.29 55.71
C SER G 461 85.14 2.60 55.52
N ASN G 462 85.83 3.69 55.20
CA ASN G 462 85.20 4.98 54.95
C ASN G 462 84.14 4.89 53.84
N ILE G 463 84.35 4.08 52.82
CA ILE G 463 83.36 3.88 51.77
C ILE G 463 82.07 3.27 52.33
N ARG G 464 82.17 2.35 53.30
CA ARG G 464 80.98 1.79 53.95
C ARG G 464 80.29 2.79 54.88
N LYS G 465 81.03 3.69 55.53
CA LYS G 465 80.44 4.84 56.24
C LYS G 465 79.69 5.78 55.30
N LEU G 466 80.21 6.03 54.09
CA LEU G 466 79.56 6.90 53.10
C LEU G 466 78.28 6.29 52.52
N TYR G 467 78.23 4.97 52.34
CA TYR G 467 76.99 4.25 52.01
C TYR G 467 76.03 4.04 53.21
N GLY G 468 76.20 4.78 54.32
CA GLY G 468 75.31 4.70 55.48
C GLY G 468 75.41 3.39 56.28
N GLU G 469 76.48 2.62 56.07
CA GLU G 469 76.73 1.29 56.62
C GLU G 469 75.73 0.18 56.23
N VAL G 470 74.78 0.47 55.34
CA VAL G 470 73.80 -0.47 54.74
C VAL G 470 74.53 -1.65 54.08
N ASN G 471 74.06 -2.90 54.26
CA ASN G 471 74.80 -4.10 53.85
C ASN G 471 74.91 -4.33 52.34
N GLU G 472 73.99 -3.78 51.55
CA GLU G 472 73.96 -3.89 50.09
C GLU G 472 73.76 -2.54 49.40
N VAL G 473 74.44 -2.38 48.27
CA VAL G 473 74.50 -1.17 47.46
C VAL G 473 74.01 -1.50 46.06
N HIS G 474 73.08 -0.72 45.51
CA HIS G 474 72.57 -0.89 44.15
C HIS G 474 73.05 0.25 43.24
N GLU G 475 73.89 -0.09 42.26
CA GLU G 475 74.61 0.88 41.40
C GLU G 475 74.79 0.31 40.00
N ARG G 476 75.09 1.14 39.00
CA ARG G 476 75.10 0.73 37.59
C ARG G 476 76.47 0.30 37.09
N HIS G 477 76.55 -0.80 36.35
CA HIS G 477 77.81 -1.44 35.94
C HIS G 477 78.05 -1.37 34.43
N ARG G 478 79.32 -1.37 34.05
CA ARG G 478 79.84 -1.78 32.75
C ARG G 478 81.24 -2.34 32.94
N HIS G 479 81.49 -3.59 32.59
CA HIS G 479 82.85 -4.14 32.47
C HIS G 479 82.91 -5.48 31.77
N ARG G 480 83.73 -5.64 30.74
CA ARG G 480 84.08 -6.98 30.22
C ARG G 480 85.07 -7.70 31.12
N TYR G 481 86.13 -6.98 31.52
CA TYR G 481 87.28 -7.45 32.29
C TYR G 481 87.10 -7.12 33.76
N GLU G 482 87.40 -8.04 34.65
CA GLU G 482 87.31 -7.83 36.10
C GLU G 482 88.59 -8.29 36.80
N ILE G 483 88.86 -7.86 38.03
CA ILE G 483 90.07 -8.30 38.74
C ILE G 483 90.14 -9.82 38.79
N ASN G 484 91.31 -10.38 38.47
CA ASN G 484 91.57 -11.80 38.59
C ASN G 484 91.38 -12.22 40.06
N PRO G 485 90.36 -13.01 40.44
CA PRO G 485 90.06 -13.26 41.83
C PRO G 485 91.13 -14.10 42.53
N LYS G 486 92.10 -14.69 41.81
CA LYS G 486 93.19 -15.46 42.41
C LYS G 486 94.35 -14.62 42.98
N ILE G 487 94.33 -13.30 42.81
CA ILE G 487 95.26 -12.35 43.50
C ILE G 487 94.68 -11.80 44.81
N VAL G 488 93.36 -11.81 44.99
CA VAL G 488 92.63 -11.18 46.10
C VAL G 488 93.14 -11.62 47.47
N ASN G 489 93.44 -12.89 47.70
CA ASN G 489 93.95 -13.34 49.00
C ASN G 489 95.32 -12.74 49.36
N ASP G 490 96.10 -12.31 48.38
CA ASP G 490 97.35 -11.59 48.58
C ASP G 490 97.07 -10.13 48.95
N MET G 491 96.28 -9.44 48.14
CA MET G 491 95.88 -8.06 48.43
C MET G 491 95.15 -7.89 49.77
N GLU G 492 94.24 -8.80 50.10
CA GLU G 492 93.59 -8.88 51.41
C GLU G 492 94.61 -9.03 52.55
N SER G 493 95.77 -9.66 52.32
CA SER G 493 96.80 -9.76 53.34
C SER G 493 97.66 -8.50 53.47
N ARG G 494 97.86 -7.77 52.35
CA ARG G 494 98.72 -6.58 52.25
C ARG G 494 98.01 -5.24 52.57
N GLY G 495 96.77 -5.27 53.04
CA GLY G 495 96.00 -4.09 53.44
C GLY G 495 95.12 -3.48 52.34
N PHE G 496 95.10 -4.05 51.13
CA PHE G 496 94.18 -3.70 50.04
C PHE G 496 92.94 -4.62 50.15
N ILE G 497 91.94 -4.16 50.91
CA ILE G 497 90.85 -5.01 51.38
C ILE G 497 89.62 -4.79 50.51
N PHE G 498 89.04 -5.86 49.97
CA PHE G 498 87.90 -5.78 49.07
C PHE G 498 86.60 -5.63 49.86
N VAL G 499 86.28 -4.39 50.21
CA VAL G 499 85.11 -4.01 50.99
C VAL G 499 83.80 -4.59 50.44
N GLY G 500 83.65 -4.74 49.13
CA GLY G 500 82.39 -5.17 48.50
C GLY G 500 82.58 -6.09 47.31
N LYS G 501 81.64 -7.03 47.14
CA LYS G 501 81.68 -8.11 46.16
C LYS G 501 80.27 -8.38 45.58
N ASP G 502 80.24 -9.06 44.44
CA ASP G 502 79.01 -9.60 43.87
C ASP G 502 78.39 -10.66 44.79
N GLU G 503 77.07 -10.86 44.72
CA GLU G 503 76.32 -11.83 45.53
C GLU G 503 76.84 -13.30 45.47
N THR G 504 77.55 -13.72 44.42
CA THR G 504 78.19 -15.05 44.36
C THR G 504 79.51 -15.13 45.16
N GLY G 505 80.06 -13.98 45.58
CA GLY G 505 81.36 -13.81 46.24
C GLY G 505 82.57 -13.81 45.29
N GLN G 506 82.40 -14.29 44.05
CA GLN G 506 83.52 -14.59 43.14
C GLN G 506 84.08 -13.38 42.41
N ARG G 507 83.35 -12.25 42.41
CA ARG G 507 83.66 -11.03 41.67
C ARG G 507 83.86 -9.85 42.62
N CYS G 508 84.89 -9.06 42.43
CA CYS G 508 85.29 -7.98 43.32
C CYS G 508 84.91 -6.61 42.78
N GLU G 509 84.25 -5.80 43.61
CA GLU G 509 83.48 -4.64 43.14
C GLU G 509 83.84 -3.34 43.85
N ILE G 510 84.31 -3.38 45.10
CA ILE G 510 84.86 -2.23 45.81
C ILE G 510 86.12 -2.66 46.55
N PHE G 511 87.14 -1.80 46.60
CA PHE G 511 88.20 -1.91 47.60
C PHE G 511 88.44 -0.57 48.28
N GLU G 512 88.97 -0.62 49.50
CA GLU G 512 89.53 0.54 50.20
C GLU G 512 90.89 0.12 50.77
N LEU G 513 91.91 0.95 50.59
CA LEU G 513 93.25 0.68 51.12
C LEU G 513 93.31 1.09 52.60
N LYS G 514 93.73 0.17 53.48
CA LYS G 514 93.92 0.46 54.91
C LYS G 514 95.00 1.53 55.12
N GLY G 515 94.79 2.42 56.08
CA GLY G 515 95.82 3.37 56.50
C GLY G 515 96.14 4.51 55.52
N HIS G 516 95.15 4.94 54.73
CA HIS G 516 95.23 6.14 53.87
C HIS G 516 93.98 7.00 54.09
N PRO G 517 94.06 8.36 54.06
CA PRO G 517 92.92 9.24 54.32
C PRO G 517 91.65 8.95 53.52
N TYR G 518 91.76 8.61 52.23
CA TYR G 518 90.66 8.16 51.37
C TYR G 518 91.21 7.62 50.05
N TYR G 519 91.24 6.30 49.85
CA TYR G 519 91.75 5.68 48.64
C TYR G 519 90.89 4.49 48.28
N VAL G 520 90.05 4.66 47.26
CA VAL G 520 88.92 3.77 46.94
C VAL G 520 88.97 3.33 45.49
N GLY G 521 88.74 2.04 45.18
CA GLY G 521 88.31 1.64 43.85
C GLY G 521 86.85 1.18 43.84
N THR G 522 86.05 1.59 42.87
CA THR G 522 84.71 1.05 42.61
C THR G 522 84.65 0.55 41.18
N GLN G 523 84.32 -0.72 40.94
CA GLN G 523 84.31 -1.28 39.58
C GLN G 523 82.98 -1.07 38.84
N TYR G 524 81.89 -0.84 39.58
CA TYR G 524 80.74 -0.17 39.00
C TYR G 524 81.06 1.30 38.72
N HIS G 525 80.17 1.97 38.01
CA HIS G 525 80.24 3.37 37.69
C HIS G 525 79.40 4.17 38.69
N PRO G 526 79.98 4.88 39.66
CA PRO G 526 79.18 5.66 40.57
C PRO G 526 78.64 6.95 39.96
N GLU G 527 79.06 7.36 38.77
CA GLU G 527 78.66 8.65 38.21
C GLU G 527 77.15 8.72 37.99
N TYR G 528 76.58 7.69 37.36
CA TYR G 528 75.28 7.77 36.70
C TYR G 528 74.10 7.91 37.68
N THR G 529 74.26 7.41 38.90
CA THR G 529 73.23 7.41 39.95
C THR G 529 73.19 8.68 40.78
N SER G 530 74.16 9.58 40.66
CA SER G 530 74.15 10.87 41.35
C SER G 530 72.95 11.71 40.92
N LYS G 531 72.26 12.34 41.87
CA LYS G 531 71.21 13.34 41.61
C LYS G 531 71.65 14.70 42.17
N VAL G 532 71.12 15.80 41.66
CA VAL G 532 71.52 17.16 42.07
C VAL G 532 71.33 17.46 43.57
N LEU G 533 70.54 16.67 44.28
CA LEU G 533 70.32 16.77 45.72
C LEU G 533 70.75 15.51 46.49
N GLU G 534 71.46 14.59 45.83
CA GLU G 534 71.91 13.30 46.37
C GLU G 534 73.16 12.87 45.59
N PRO G 535 74.33 13.44 45.91
CA PRO G 535 75.56 13.14 45.20
C PRO G 535 76.01 11.72 45.46
N SER G 536 76.63 11.10 44.47
CA SER G 536 76.98 9.68 44.53
C SER G 536 77.99 9.44 45.63
N ARG G 537 77.76 8.49 46.54
CA ARG G 537 78.54 8.40 47.79
C ARG G 537 80.06 8.33 47.61
N PRO G 538 80.65 7.61 46.64
CA PRO G 538 82.09 7.61 46.45
C PRO G 538 82.61 8.97 46.00
N PHE G 539 81.86 9.69 45.19
CA PHE G 539 82.22 11.04 44.70
C PHE G 539 82.03 12.11 45.80
N TRP G 540 81.03 11.95 46.66
CA TRP G 540 80.89 12.78 47.85
C TRP G 540 82.06 12.52 48.79
N GLY G 541 82.49 11.27 48.94
CA GLY G 541 83.71 10.91 49.65
C GLY G 541 84.96 11.61 49.11
N LEU G 542 85.22 11.55 47.80
CA LEU G 542 86.38 12.19 47.20
C LEU G 542 86.40 13.70 47.42
N VAL G 543 85.33 14.40 47.06
CA VAL G 543 85.30 15.86 47.19
C VAL G 543 85.26 16.30 48.65
N ALA G 544 84.75 15.48 49.56
CA ALA G 544 84.89 15.75 50.99
C ALA G 544 86.35 15.57 51.45
N ALA G 545 87.00 14.44 51.19
CA ALA G 545 88.39 14.22 51.59
C ALA G 545 89.32 15.32 51.08
N ALA G 546 89.17 15.70 49.80
CA ALA G 546 89.94 16.77 49.21
C ALA G 546 89.64 18.16 49.81
N SER G 547 88.41 18.42 50.28
CA SER G 547 88.05 19.66 50.98
C SER G 547 88.51 19.71 52.44
N GLY G 548 88.96 18.58 52.98
CA GLY G 548 88.92 18.33 54.42
C GLY G 548 87.49 18.14 54.93
N THR G 549 87.33 17.81 56.20
CA THR G 549 86.03 17.58 56.83
C THR G 549 85.28 16.33 56.29
N LEU G 550 86.01 15.28 55.89
CA LEU G 550 85.44 13.98 55.56
C LEU G 550 84.63 13.38 56.74
N GLY G 551 85.11 13.56 57.96
CA GLY G 551 84.38 13.18 59.17
C GLY G 551 83.04 13.90 59.31
N GLU G 552 82.98 15.22 59.08
CA GLU G 552 81.75 16.01 59.18
C GLU G 552 80.70 15.61 58.13
N VAL G 553 81.12 15.24 56.92
CA VAL G 553 80.24 14.63 55.92
C VAL G 553 79.70 13.28 56.40
N ILE G 554 80.53 12.44 57.00
CA ILE G 554 80.08 11.17 57.56
C ILE G 554 79.01 11.35 58.65
N LYS G 555 79.01 12.45 59.44
CA LYS G 555 77.87 12.78 60.31
C LYS G 555 76.65 13.23 59.51
N ASP G 556 76.80 14.10 58.53
CA ASP G 556 75.67 14.58 57.74
C ASP G 556 74.89 13.43 57.07
N ILE G 557 75.60 12.39 56.63
CA ILE G 557 75.00 11.16 56.10
C ILE G 557 74.28 10.36 57.21
N ASN G 558 74.98 10.02 58.29
CA ASN G 558 74.49 9.00 59.23
C ASN G 558 73.48 9.54 60.26
N LEU G 559 73.40 10.84 60.49
CA LEU G 559 72.33 11.45 61.30
C LEU G 559 70.97 11.40 60.58
N MET H 1 30.64 43.76 17.39
CA MET H 1 31.00 43.44 16.01
C MET H 1 31.50 42.00 15.90
N LYS H 2 31.25 41.33 14.78
CA LYS H 2 31.74 39.98 14.46
C LYS H 2 32.23 39.96 13.02
N TYR H 3 33.20 39.12 12.65
CA TYR H 3 33.67 38.95 11.27
C TYR H 3 33.68 37.48 10.89
N VAL H 4 33.28 37.18 9.66
CA VAL H 4 33.54 35.89 9.02
C VAL H 4 34.32 36.14 7.75
N VAL H 5 35.53 35.62 7.63
CA VAL H 5 36.34 35.85 6.43
C VAL H 5 36.21 34.61 5.57
N VAL H 6 35.86 34.75 4.29
CA VAL H 6 35.75 33.68 3.30
C VAL H 6 36.93 33.78 2.36
N SER H 7 37.67 32.69 2.18
CA SER H 7 39.09 32.74 1.85
C SER H 7 39.57 31.46 1.21
N GLY H 8 40.82 31.43 0.76
CA GLY H 8 41.53 30.18 0.58
C GLY H 8 41.83 29.84 -0.87
N GLY H 9 41.52 28.61 -1.25
CA GLY H 9 41.65 28.12 -2.61
C GLY H 9 43.05 27.63 -2.94
N VAL H 10 43.13 26.43 -3.51
CA VAL H 10 44.26 25.98 -4.33
C VAL H 10 44.34 26.73 -5.66
N ILE H 11 43.18 27.07 -6.23
CA ILE H 11 43.01 27.79 -7.50
C ILE H 11 42.05 28.97 -7.32
N SER H 12 42.27 30.06 -8.05
CA SER H 12 41.49 31.31 -7.92
C SER H 12 40.12 31.28 -8.59
N GLY H 13 39.87 30.40 -9.57
CA GLY H 13 38.57 30.23 -10.24
C GLY H 13 37.55 29.40 -9.47
N ILE H 14 37.82 29.06 -8.21
CA ILE H 14 37.08 28.05 -7.43
C ILE H 14 35.65 28.42 -7.00
N GLY H 15 35.26 29.69 -7.10
CA GLY H 15 33.90 30.13 -6.74
C GLY H 15 33.70 30.31 -5.23
N LYS H 16 34.43 31.25 -4.63
CA LYS H 16 34.23 31.72 -3.26
C LYS H 16 33.03 32.65 -3.13
N GLY H 17 32.68 33.39 -4.17
CA GLY H 17 31.67 34.45 -4.13
C GLY H 17 30.27 33.99 -3.78
N VAL H 18 29.89 32.76 -4.16
CA VAL H 18 28.63 32.17 -3.68
C VAL H 18 28.72 31.84 -2.22
N LEU H 19 29.79 31.19 -1.73
CA LEU H 19 29.88 30.88 -0.31
C LEU H 19 29.90 32.13 0.57
N ALA H 20 30.51 33.23 0.14
CA ALA H 20 30.37 34.53 0.82
C ALA H 20 28.92 35.03 0.77
N SER H 21 28.34 35.23 -0.42
CA SER H 21 26.99 35.77 -0.61
C SER H 21 25.87 34.92 0.00
N SER H 22 26.17 33.68 0.37
CA SER H 22 25.31 32.62 0.87
C SER H 22 25.59 32.33 2.33
N THR H 23 26.74 32.68 2.88
CA THR H 23 26.99 32.59 4.32
C THR H 23 26.33 33.76 4.97
N GLY H 24 26.43 34.93 4.34
CA GLY H 24 25.85 36.14 4.84
C GLY H 24 24.37 36.15 4.82
N MET H 25 23.80 35.40 3.86
CA MET H 25 22.36 35.20 3.75
C MET H 25 21.88 34.32 4.89
N LEU H 26 22.56 33.21 5.15
CA LEU H 26 22.21 32.38 6.29
C LEU H 26 22.27 33.15 7.60
N LEU H 27 23.30 33.96 7.84
CA LEU H 27 23.33 34.78 9.05
C LEU H 27 22.21 35.82 9.08
N LYS H 28 21.75 36.36 7.95
CA LYS H 28 20.61 37.28 7.93
C LYS H 28 19.28 36.61 8.33
N THR H 29 19.17 35.30 8.18
CA THR H 29 18.02 34.56 8.71
C THR H 29 17.96 34.46 10.23
N LEU H 30 19.08 34.65 10.95
CA LEU H 30 19.04 34.88 12.42
C LEU H 30 18.53 36.28 12.77
N GLY H 31 18.33 37.17 11.80
CA GLY H 31 17.86 38.53 11.99
C GLY H 31 18.98 39.55 12.17
N LEU H 32 20.25 39.11 12.19
CA LEU H 32 21.42 39.97 12.32
C LEU H 32 21.53 41.01 11.19
N LYS H 33 21.92 42.24 11.49
CA LYS H 33 22.16 43.27 10.46
C LYS H 33 23.47 43.01 9.74
N VAL H 34 23.49 42.07 8.80
CA VAL H 34 24.75 41.62 8.16
C VAL H 34 25.27 42.63 7.13
N THR H 35 26.58 42.77 7.00
CA THR H 35 27.26 43.54 5.94
C THR H 35 28.35 42.68 5.30
N SER H 36 28.98 43.17 4.25
CA SER H 36 30.03 42.44 3.55
C SER H 36 31.09 43.35 2.94
N ILE H 37 32.31 42.85 2.83
CA ILE H 37 33.47 43.55 2.27
C ILE H 37 34.08 42.63 1.22
N LYS H 38 34.43 43.15 0.06
CA LYS H 38 35.18 42.42 -0.96
C LYS H 38 36.60 42.89 -0.86
N ILE H 39 37.59 41.98 -0.86
CA ILE H 39 38.99 42.31 -1.09
C ILE H 39 39.29 41.82 -2.52
N ASP H 40 39.83 42.70 -3.37
CA ASP H 40 40.32 42.37 -4.70
C ASP H 40 41.81 42.68 -4.81
N PRO H 41 42.66 41.66 -4.97
CA PRO H 41 44.11 41.85 -5.11
C PRO H 41 44.59 42.63 -6.33
N TYR H 42 43.75 42.92 -7.31
CA TYR H 42 44.17 43.72 -8.47
C TYR H 42 44.55 45.16 -8.11
N MET H 43 45.34 45.78 -8.96
CA MET H 43 45.81 47.15 -8.74
C MET H 43 44.80 48.23 -9.15
N ASN H 44 43.67 47.89 -9.77
CA ASN H 44 42.74 48.96 -10.12
C ASN H 44 42.17 49.66 -8.90
N ILE H 45 42.17 50.99 -8.93
CA ILE H 45 41.49 51.80 -7.92
C ILE H 45 40.02 51.43 -7.84
N ASP H 46 39.36 51.48 -8.98
CA ASP H 46 37.98 51.08 -9.14
C ASP H 46 37.71 50.71 -10.60
N ALA H 47 36.68 49.89 -10.82
CA ALA H 47 36.48 49.14 -12.06
C ALA H 47 36.20 50.01 -13.29
N GLY H 48 35.91 51.30 -13.14
CA GLY H 48 35.55 52.20 -14.25
C GLY H 48 36.55 52.24 -15.42
N THR H 49 37.82 51.94 -15.18
CA THR H 49 38.86 51.91 -16.22
C THR H 49 38.87 50.64 -17.05
N MET H 50 38.31 49.52 -16.57
CA MET H 50 38.46 48.22 -17.22
C MET H 50 37.17 47.80 -17.94
N SER H 51 37.28 47.59 -19.25
CA SER H 51 36.16 47.34 -20.17
C SER H 51 35.41 46.03 -19.84
N PRO H 52 34.10 45.95 -20.11
CA PRO H 52 33.29 44.76 -19.86
C PRO H 52 33.75 43.46 -20.53
N LEU H 53 34.59 43.52 -21.56
CA LEU H 53 35.28 42.33 -22.09
C LEU H 53 36.20 41.69 -21.06
N GLU H 54 36.89 42.50 -20.25
CA GLU H 54 37.95 42.09 -19.35
C GLU H 54 37.39 41.72 -17.96
N HIS H 55 36.99 40.46 -17.78
CA HIS H 55 36.38 39.94 -16.55
C HIS H 55 35.05 40.59 -16.12
N GLY H 56 34.15 40.80 -17.08
CA GLY H 56 32.72 41.08 -16.85
C GLY H 56 32.33 42.55 -16.63
N GLU H 57 31.03 42.77 -16.45
CA GLU H 57 30.34 44.08 -16.48
C GLU H 57 30.90 45.15 -15.53
N CYS H 58 30.64 46.41 -15.83
CA CYS H 58 31.04 47.55 -15.01
C CYS H 58 29.89 47.95 -14.05
N PHE H 59 29.90 47.45 -12.80
CA PHE H 59 28.82 47.67 -11.82
C PHE H 59 28.64 49.15 -11.45
N VAL H 60 27.54 49.53 -10.80
CA VAL H 60 27.32 50.89 -10.26
C VAL H 60 26.72 50.85 -8.86
N LEU H 61 27.24 51.65 -7.94
CA LEU H 61 26.75 51.83 -6.56
C LEU H 61 25.99 53.13 -6.37
N ASP H 62 25.35 53.34 -5.22
CA ASP H 62 24.64 54.61 -4.93
C ASP H 62 25.55 55.84 -5.04
N ASP H 63 26.83 55.69 -4.68
CA ASP H 63 27.87 56.73 -4.77
C ASP H 63 28.24 57.14 -6.21
N GLY H 64 27.86 56.32 -7.19
CA GLY H 64 28.44 56.36 -8.54
C GLY H 64 29.71 55.54 -8.70
N GLY H 65 30.15 54.83 -7.66
CA GLY H 65 31.38 54.04 -7.67
C GLY H 65 31.32 52.83 -8.59
N GLU H 66 31.96 52.90 -9.74
CA GLU H 66 32.05 51.83 -10.71
C GLU H 66 32.95 50.71 -10.18
N THR H 67 32.41 49.51 -9.89
CA THR H 67 33.01 48.58 -8.93
C THR H 67 33.02 47.11 -9.36
N ASP H 68 33.73 46.29 -8.59
CA ASP H 68 33.81 44.85 -8.83
C ASP H 68 32.43 44.18 -8.80
N LEU H 69 32.21 43.25 -9.72
CA LEU H 69 31.00 42.44 -9.80
C LEU H 69 30.55 41.89 -8.45
N ASP H 70 31.49 41.45 -7.64
CA ASP H 70 31.16 40.69 -6.45
C ASP H 70 30.45 41.53 -5.39
N LEU H 71 30.53 42.87 -5.43
CA LEU H 71 29.64 43.69 -4.61
C LEU H 71 28.17 43.40 -4.93
N GLY H 72 27.86 43.29 -6.21
CA GLY H 72 26.50 43.08 -6.68
C GLY H 72 25.91 41.80 -6.11
N ASN H 73 26.67 40.70 -6.10
CA ASN H 73 26.17 39.43 -5.56
C ASN H 73 25.76 39.57 -4.09
N TYR H 74 26.51 40.28 -3.25
CA TYR H 74 26.07 40.50 -1.88
C TYR H 74 24.86 41.42 -1.82
N GLU H 75 24.83 42.51 -2.59
CA GLU H 75 23.68 43.42 -2.56
C GLU H 75 22.39 42.67 -2.84
N ARG H 76 22.34 41.87 -3.91
CA ARG H 76 21.12 41.15 -4.28
C ARG H 76 20.78 39.97 -3.38
N TYR H 77 21.75 39.25 -2.81
CA TYR H 77 21.45 38.18 -1.85
C TYR H 77 21.04 38.73 -0.48
N LEU H 78 21.68 39.82 -0.02
CA LEU H 78 21.55 40.28 1.36
C LEU H 78 20.58 41.47 1.52
N GLY H 79 20.09 42.04 0.42
CA GLY H 79 19.19 43.20 0.41
C GLY H 79 19.87 44.53 0.74
N ILE H 80 21.17 44.50 0.99
CA ILE H 80 21.96 45.62 1.48
C ILE H 80 22.30 46.61 0.36
N THR H 81 22.57 47.85 0.73
CA THR H 81 23.20 48.85 -0.15
C THR H 81 24.65 49.02 0.26
N LEU H 82 25.59 48.89 -0.67
CA LEU H 82 27.01 49.07 -0.42
C LEU H 82 27.53 50.44 -0.90
N SER H 83 28.76 50.77 -0.53
CA SER H 83 29.46 52.01 -0.90
C SER H 83 30.83 51.66 -1.47
N ARG H 84 31.45 52.54 -2.25
CA ARG H 84 32.69 52.22 -2.95
C ARG H 84 33.86 51.89 -2.02
N ASP H 85 33.79 52.23 -0.75
CA ASP H 85 34.74 51.79 0.27
C ASP H 85 34.65 50.29 0.58
N HIS H 86 33.53 49.60 0.33
CA HIS H 86 33.39 48.17 0.63
C HIS H 86 34.22 47.27 -0.30
N ASN H 87 34.79 47.83 -1.36
CA ASN H 87 35.69 47.15 -2.27
C ASN H 87 37.15 47.53 -1.88
N ILE H 88 37.77 46.79 -0.98
CA ILE H 88 39.20 46.95 -0.70
C ILE H 88 39.96 46.46 -1.94
N THR H 89 40.97 47.21 -2.41
CA THR H 89 41.85 46.70 -3.45
C THR H 89 43.31 47.00 -3.19
N THR H 90 44.21 46.24 -3.80
CA THR H 90 45.63 46.55 -3.73
C THR H 90 45.90 47.95 -4.31
N GLY H 91 45.21 48.31 -5.38
CA GLY H 91 45.22 49.68 -5.89
C GLY H 91 44.85 50.74 -4.88
N LYS H 92 43.70 50.55 -4.23
CA LYS H 92 43.19 51.53 -3.27
C LYS H 92 44.11 51.67 -2.09
N ILE H 93 44.44 50.59 -1.38
CA ILE H 93 45.13 50.72 -0.09
C ILE H 93 46.57 51.22 -0.28
N TYR H 94 47.23 50.79 -1.36
CA TYR H 94 48.57 51.31 -1.68
C TYR H 94 48.49 52.77 -2.15
N SER H 95 47.51 53.15 -2.97
CA SER H 95 47.30 54.56 -3.35
C SER H 95 46.99 55.44 -2.12
N HIS H 96 46.24 54.89 -1.16
CA HIS H 96 45.88 55.54 0.09
C HIS H 96 47.13 55.79 0.94
N VAL H 97 47.84 54.75 1.38
CA VAL H 97 48.99 54.97 2.25
C VAL H 97 50.13 55.71 1.55
N ILE H 98 50.40 55.50 0.27
CA ILE H 98 51.41 56.28 -0.47
C ILE H 98 50.94 57.74 -0.63
N SER H 99 49.66 58.04 -0.82
CA SER H 99 49.23 59.45 -0.82
C SER H 99 49.34 60.06 0.58
N ARG H 100 49.08 59.26 1.61
CA ARG H 100 49.24 59.66 3.01
C ARG H 100 50.70 59.98 3.36
N GLU H 101 51.68 59.32 2.75
CA GLU H 101 53.09 59.69 2.91
C GLU H 101 53.40 61.11 2.46
N ARG H 102 52.97 61.51 1.26
CA ARG H 102 53.22 62.88 0.79
C ARG H 102 52.46 63.92 1.64
N ARG H 103 51.37 63.52 2.29
CA ARG H 103 50.66 64.32 3.32
C ARG H 103 51.41 64.37 4.66
N GLY H 104 52.24 63.38 4.97
CA GLY H 104 53.19 63.37 6.08
C GLY H 104 52.73 62.65 7.36
N ASP H 105 51.58 61.99 7.37
CA ASP H 105 50.93 61.57 8.61
C ASP H 105 51.67 60.49 9.43
N TYR H 106 52.66 59.80 8.88
CA TYR H 106 53.53 58.91 9.65
C TYR H 106 54.69 59.63 10.34
N LEU H 107 54.63 60.97 10.44
CA LEU H 107 55.58 61.84 11.16
C LEU H 107 57.03 61.69 10.67
N GLY H 108 57.19 61.39 9.38
CA GLY H 108 58.50 61.15 8.82
C GLY H 108 59.18 59.89 9.32
N LYS H 109 58.43 58.86 9.73
CA LYS H 109 59.01 57.52 9.93
C LYS H 109 59.22 56.77 8.59
N THR H 110 59.74 55.55 8.64
CA THR H 110 59.71 54.66 7.44
C THR H 110 58.27 54.22 7.36
N VAL H 111 57.69 53.97 6.20
CA VAL H 111 56.31 53.41 6.11
C VAL H 111 56.45 51.96 5.62
N GLN H 112 57.12 51.12 6.40
CA GLN H 112 57.29 49.69 6.04
C GLN H 112 55.89 49.14 5.72
N ILE H 113 55.74 48.14 4.84
CA ILE H 113 54.40 47.53 4.54
C ILE H 113 53.97 46.65 5.73
N VAL H 114 54.88 46.05 6.49
CA VAL H 114 54.47 45.35 7.76
C VAL H 114 54.09 46.48 8.69
N PRO H 115 53.79 46.32 9.99
CA PRO H 115 53.26 47.40 10.78
C PRO H 115 52.39 48.43 10.07
N HIS H 116 52.91 49.37 9.30
CA HIS H 116 52.03 50.50 8.97
C HIS H 116 50.95 50.22 7.91
N LEU H 117 51.26 49.67 6.74
CA LEU H 117 50.21 49.40 5.75
C LEU H 117 49.24 48.31 6.23
N THR H 118 49.71 47.19 6.82
CA THR H 118 48.78 46.22 7.40
C THR H 118 47.93 46.82 8.52
N ASN H 119 48.41 47.85 9.21
CA ASN H 119 47.58 48.61 10.13
C ASN H 119 46.51 49.43 9.39
N ALA H 120 46.80 50.03 8.23
CA ALA H 120 45.79 50.71 7.43
C ALA H 120 44.68 49.76 6.96
N ILE H 121 45.01 48.53 6.54
CA ILE H 121 44.00 47.51 6.21
C ILE H 121 43.12 47.25 7.45
N GLN H 122 43.71 46.99 8.60
CA GLN H 122 42.96 46.67 9.79
C GLN H 122 42.10 47.84 10.26
N ASP H 123 42.51 49.06 9.99
CA ASP H 123 41.73 50.27 10.22
C ASP H 123 40.59 50.36 9.19
N TRP H 124 40.87 50.20 7.88
CA TRP H 124 39.86 50.25 6.84
C TRP H 124 38.73 49.24 7.07
N ILE H 125 39.02 47.97 7.35
CA ILE H 125 37.98 46.98 7.66
C ILE H 125 37.16 47.39 8.87
N GLN H 126 37.75 48.00 9.90
CA GLN H 126 37.03 48.47 11.09
C GLN H 126 36.24 49.74 10.84
N ARG H 127 36.65 50.61 9.90
CA ARG H 127 35.82 51.74 9.48
C ARG H 127 34.59 51.24 8.75
N VAL H 128 34.84 50.51 7.67
CA VAL H 128 33.86 50.06 6.68
C VAL H 128 32.80 49.19 7.28
N SER H 129 33.12 48.22 8.11
CA SER H 129 32.09 47.39 8.75
C SER H 129 31.17 48.15 9.71
N LYS H 130 31.45 49.42 10.11
CA LYS H 130 30.56 50.27 10.90
C LYS H 130 29.71 51.25 10.08
N ILE H 131 29.87 51.32 8.75
CA ILE H 131 29.01 52.10 7.86
C ILE H 131 27.64 51.40 7.79
N PRO H 132 26.49 52.10 7.92
CA PRO H 132 25.19 51.46 7.81
C PRO H 132 24.84 51.04 6.38
N VAL H 133 24.07 49.97 6.21
CA VAL H 133 23.76 49.40 4.88
C VAL H 133 22.29 49.05 4.63
N ASP H 134 21.48 48.82 5.66
CA ASP H 134 20.04 48.54 5.56
C ASP H 134 19.20 49.83 5.43
N ASP H 135 17.87 49.71 5.43
CA ASP H 135 16.90 50.82 5.27
C ASP H 135 16.91 51.85 6.43
N THR H 136 17.61 51.55 7.53
CA THR H 136 17.81 52.42 8.69
C THR H 136 19.30 52.45 9.05
N GLY H 137 19.75 53.57 9.63
CA GLY H 137 21.15 53.86 9.92
C GLY H 137 21.75 53.10 11.10
N LEU H 138 21.35 51.85 11.34
CA LEU H 138 21.87 50.98 12.37
C LEU H 138 23.14 50.26 11.88
N GLU H 139 24.20 50.26 12.68
CA GLU H 139 25.48 49.68 12.31
C GLU H 139 25.43 48.14 12.32
N PRO H 140 26.15 47.45 11.40
CA PRO H 140 26.10 46.00 11.24
C PRO H 140 26.45 45.14 12.46
N ASP H 141 25.81 43.99 12.62
CA ASP H 141 26.15 43.02 13.67
C ASP H 141 27.31 42.11 13.26
N VAL H 142 27.34 41.68 12.00
CA VAL H 142 28.35 40.74 11.45
C VAL H 142 28.81 41.22 10.08
N CYS H 143 30.09 41.12 9.79
CA CYS H 143 30.67 41.45 8.49
C CYS H 143 31.30 40.23 7.81
N ILE H 144 30.87 39.90 6.60
CA ILE H 144 31.50 38.86 5.77
C ILE H 144 32.61 39.47 4.92
N ILE H 145 33.85 39.06 5.09
CA ILE H 145 34.96 39.55 4.26
C ILE H 145 35.29 38.49 3.21
N GLU H 146 35.16 38.78 1.92
CA GLU H 146 35.60 37.88 0.86
C GLU H 146 37.02 38.22 0.42
N LEU H 147 38.00 37.37 0.74
CA LEU H 147 39.41 37.59 0.42
C LEU H 147 39.65 37.08 -1.01
N GLY H 148 39.68 38.02 -1.96
CA GLY H 148 39.99 37.73 -3.36
C GLY H 148 41.43 37.26 -3.56
N GLY H 149 41.71 36.73 -4.75
CA GLY H 149 42.95 35.98 -4.96
C GLY H 149 42.96 34.62 -4.21
N THR H 150 44.13 34.13 -3.81
CA THR H 150 44.21 32.97 -2.90
C THR H 150 45.15 33.24 -1.72
N VAL H 151 44.98 32.48 -0.63
CA VAL H 151 45.90 32.55 0.56
C VAL H 151 47.10 31.71 0.13
N GLY H 152 48.24 32.33 -0.16
CA GLY H 152 49.43 31.63 -0.69
C GLY H 152 49.78 32.25 -2.03
N ASP H 153 49.88 33.57 -2.09
CA ASP H 153 50.16 34.31 -3.34
C ASP H 153 51.08 35.48 -3.01
N ILE H 154 51.32 36.38 -3.96
CA ILE H 154 52.16 37.60 -3.76
C ILE H 154 51.27 38.85 -3.88
N GLU H 155 50.09 38.76 -4.48
CA GLU H 155 49.12 39.87 -4.54
C GLU H 155 48.25 39.76 -3.29
N SER H 156 48.25 38.60 -2.65
CA SER H 156 47.45 38.41 -1.43
C SER H 156 48.19 38.87 -0.17
N ALA H 157 49.50 39.01 -0.24
CA ALA H 157 50.41 38.94 0.88
C ALA H 157 50.14 39.95 2.02
N PRO H 158 49.96 41.26 1.76
CA PRO H 158 49.60 42.19 2.82
C PRO H 158 48.25 41.89 3.46
N PHE H 159 47.27 41.37 2.71
CA PHE H 159 45.96 41.05 3.27
C PHE H 159 46.08 39.87 4.21
N VAL H 160 46.76 38.80 3.86
CA VAL H 160 46.83 37.66 4.80
C VAL H 160 47.61 38.02 6.07
N GLU H 161 48.61 38.88 6.01
CA GLU H 161 49.27 39.41 7.21
C GLU H 161 48.35 40.29 8.02
N ALA H 162 47.74 41.28 7.36
CA ALA H 162 46.79 42.15 8.02
C ALA H 162 45.71 41.37 8.77
N LEU H 163 45.19 40.30 8.16
CA LEU H 163 44.19 39.41 8.76
C LEU H 163 44.77 38.47 9.84
N ARG H 164 46.04 38.08 9.81
CA ARG H 164 46.65 37.48 10.98
C ARG H 164 46.62 38.47 12.14
N GLN H 165 47.05 39.73 12.00
CA GLN H 165 46.95 40.66 13.13
C GLN H 165 45.48 40.87 13.51
N PHE H 166 44.61 40.96 12.52
CA PHE H 166 43.17 41.22 12.76
C PHE H 166 42.41 40.10 13.47
N GLN H 167 42.99 38.89 13.51
CA GLN H 167 42.51 37.79 14.32
C GLN H 167 42.68 38.08 15.82
N PHE H 168 43.53 39.04 16.17
CA PHE H 168 43.76 39.46 17.56
C PHE H 168 43.37 40.91 17.86
N GLU H 169 43.64 41.84 16.95
CA GLU H 169 43.25 43.24 17.11
C GLU H 169 41.72 43.37 17.19
N VAL H 170 40.97 42.42 16.62
CA VAL H 170 39.62 42.01 17.01
C VAL H 170 39.74 40.62 17.65
N GLY H 171 39.18 40.40 18.82
CA GLY H 171 39.40 39.16 19.56
C GLY H 171 38.90 37.91 18.80
N ARG H 172 39.56 36.74 18.91
CA ARG H 172 38.95 35.45 18.56
C ARG H 172 37.64 35.31 19.31
N GLU H 173 36.73 34.55 18.75
CA GLU H 173 35.28 34.59 19.06
C GLU H 173 34.54 35.87 18.60
N ASN H 174 35.22 36.89 18.08
CA ASN H 174 34.64 37.88 17.16
C ASN H 174 35.15 37.70 15.72
N PHE H 175 35.86 36.63 15.39
CA PHE H 175 36.41 36.37 14.06
C PHE H 175 36.37 34.88 13.76
N ALA H 176 36.06 34.49 12.54
CA ALA H 176 36.05 33.11 12.05
C ALA H 176 36.54 33.06 10.59
N LEU H 177 37.29 32.01 10.21
CA LEU H 177 37.78 31.84 8.83
C LEU H 177 37.14 30.63 8.15
N ILE H 178 36.59 30.84 6.98
CA ILE H 178 36.05 29.82 6.10
C ILE H 178 37.02 29.67 4.92
N HIS H 179 37.65 28.52 4.80
CA HIS H 179 38.61 28.22 3.74
C HIS H 179 37.94 27.34 2.67
N VAL H 180 37.66 27.93 1.52
CA VAL H 180 37.21 27.24 0.31
C VAL H 180 38.38 26.46 -0.24
N SER H 181 38.17 25.26 -0.78
CA SER H 181 39.30 24.44 -1.21
C SER H 181 38.95 23.44 -2.31
N LEU H 182 39.95 22.96 -3.03
CA LEU H 182 39.76 22.05 -4.17
C LEU H 182 40.06 20.61 -3.78
N VAL H 183 39.17 19.69 -4.11
CA VAL H 183 39.34 18.25 -3.91
C VAL H 183 39.10 17.57 -5.25
N PRO H 184 40.12 17.48 -6.13
CA PRO H 184 39.96 16.92 -7.47
C PRO H 184 39.51 15.45 -7.44
N VAL H 185 38.85 15.02 -8.51
CA VAL H 185 38.55 13.60 -8.74
C VAL H 185 39.21 13.13 -10.03
N ILE H 186 39.96 12.04 -9.92
CA ILE H 186 40.83 11.45 -10.95
C ILE H 186 40.66 9.93 -10.85
N HIS H 187 40.44 9.26 -11.99
CA HIS H 187 40.24 7.79 -12.06
C HIS H 187 39.21 7.23 -11.06
N GLY H 188 38.22 8.05 -10.68
CA GLY H 188 37.19 7.72 -9.68
C GLY H 188 37.55 7.93 -8.20
N GLU H 189 38.69 8.53 -7.86
CA GLU H 189 39.15 8.68 -6.44
C GLU H 189 39.15 10.15 -6.05
N GLN H 190 38.64 10.52 -4.87
CA GLN H 190 38.64 11.94 -4.41
C GLN H 190 40.04 12.25 -3.86
N LYS H 191 40.70 13.29 -4.39
CA LYS H 191 42.10 13.64 -4.06
C LYS H 191 42.15 14.87 -3.13
N THR H 192 42.21 14.70 -1.81
CA THR H 192 42.38 15.78 -0.80
C THR H 192 43.84 16.21 -0.54
N LYS H 193 44.77 16.20 -1.50
CA LYS H 193 46.16 16.73 -1.29
C LYS H 193 46.32 18.18 -1.76
N PRO H 194 45.59 18.72 -2.74
CA PRO H 194 45.60 20.15 -3.07
C PRO H 194 45.08 20.88 -1.83
N THR H 195 43.99 20.39 -1.23
CA THR H 195 43.41 20.99 0.01
C THR H 195 44.48 20.95 1.11
N GLN H 196 45.12 19.81 1.38
CA GLN H 196 46.10 19.66 2.49
C GLN H 196 47.35 20.50 2.21
N ALA H 197 47.57 20.98 0.98
CA ALA H 197 48.74 21.82 0.59
C ALA H 197 48.32 23.29 0.60
N ALA H 198 47.10 23.61 0.99
CA ALA H 198 46.62 25.01 1.18
C ALA H 198 46.26 25.20 2.66
N ILE H 199 46.18 24.14 3.48
CA ILE H 199 46.00 24.17 4.94
C ILE H 199 47.38 24.36 5.54
N LYS H 200 48.41 23.79 4.96
CA LYS H 200 49.80 24.00 5.34
C LYS H 200 50.11 25.47 5.14
N ASP H 201 49.87 26.03 3.95
CA ASP H 201 50.13 27.45 3.69
C ASP H 201 49.29 28.40 4.54
N LEU H 202 48.06 28.02 4.87
CA LEU H 202 47.19 28.86 5.68
C LEU H 202 47.77 29.02 7.08
N ARG H 203 48.13 27.93 7.74
CA ARG H 203 48.74 27.90 9.06
C ARG H 203 50.03 28.68 9.00
N SER H 204 50.81 28.53 7.92
CA SER H 204 52.08 29.24 7.74
C SER H 204 51.87 30.75 7.68
N LEU H 205 51.00 31.26 6.82
CA LEU H 205 50.67 32.70 6.71
C LEU H 205 49.92 33.24 7.95
N GLY H 206 49.37 32.35 8.78
CA GLY H 206 49.11 32.56 10.20
C GLY H 206 47.66 32.55 10.66
N LEU H 207 46.70 32.75 9.74
CA LEU H 207 45.30 32.49 10.06
C LEU H 207 45.09 31.01 10.38
N ILE H 208 44.07 30.67 11.17
CA ILE H 208 43.70 29.26 11.47
C ILE H 208 42.32 29.00 10.91
N PRO H 209 42.07 28.02 10.04
CA PRO H 209 40.74 27.79 9.49
C PRO H 209 39.66 27.23 10.39
N ASP H 210 38.38 27.46 10.19
CA ASP H 210 37.20 26.97 10.91
C ASP H 210 36.38 25.99 10.12
N MET H 211 36.10 26.26 8.87
CA MET H 211 35.38 25.46 7.89
C MET H 211 36.35 25.05 6.81
N ILE H 212 36.06 23.99 6.08
CA ILE H 212 36.83 23.55 4.93
C ILE H 212 35.81 23.27 3.85
N ALA H 213 35.52 24.29 3.04
CA ALA H 213 34.41 24.29 2.10
C ALA H 213 34.84 23.79 0.74
N CYS H 214 34.77 22.47 0.53
CA CYS H 214 35.28 21.84 -0.67
C CYS H 214 34.37 22.05 -1.89
N ARG H 215 34.97 22.36 -3.04
CA ARG H 215 34.33 22.39 -4.37
C ARG H 215 34.67 21.14 -5.19
N CYS H 216 34.32 19.98 -4.64
CA CYS H 216 34.43 18.71 -5.33
C CYS H 216 33.35 18.57 -6.42
N SER H 217 33.56 17.68 -7.39
CA SER H 217 32.59 17.34 -8.42
C SER H 217 31.43 16.45 -7.93
N GLU H 218 31.45 16.06 -6.66
CA GLU H 218 30.65 14.96 -6.10
C GLU H 218 30.18 15.28 -4.67
N GLU H 219 29.37 14.42 -4.07
CA GLU H 219 29.34 14.33 -2.62
C GLU H 219 30.68 13.82 -2.07
N LEU H 220 31.22 14.47 -1.05
CA LEU H 220 32.43 13.98 -0.39
C LEU H 220 32.17 12.65 0.30
N ASN H 221 33.05 11.67 0.11
CA ASN H 221 32.94 10.39 0.82
C ASN H 221 33.10 10.60 2.34
N ARG H 222 32.45 9.78 3.17
CA ARG H 222 32.64 9.84 4.64
C ARG H 222 34.10 9.62 5.03
N SER H 223 34.83 8.77 4.31
CA SER H 223 36.29 8.60 4.47
C SER H 223 37.11 9.79 3.98
N THR H 224 36.66 10.53 2.96
CA THR H 224 37.31 11.77 2.48
C THR H 224 37.20 12.86 3.52
N ILE H 225 36.02 13.07 4.10
CA ILE H 225 35.82 14.03 5.19
C ILE H 225 36.67 13.62 6.40
N ASP H 226 36.67 12.35 6.78
CA ASP H 226 37.44 11.88 7.94
C ASP H 226 38.94 12.17 7.78
N LYS H 227 39.52 11.98 6.59
CA LYS H 227 40.91 12.36 6.33
C LYS H 227 41.13 13.87 6.28
N ILE H 228 40.26 14.67 5.66
CA ILE H 228 40.42 16.12 5.73
C ILE H 228 40.36 16.62 7.18
N ALA H 229 39.50 16.05 8.03
CA ALA H 229 39.45 16.35 9.46
C ALA H 229 40.62 15.76 10.28
N MET H 230 41.46 14.90 9.69
CA MET H 230 42.70 14.40 10.30
C MET H 230 43.88 15.31 9.96
N PHE H 231 43.93 15.86 8.75
CA PHE H 231 45.02 16.74 8.30
C PHE H 231 44.75 18.22 8.53
N CYS H 232 43.54 18.74 8.27
CA CYS H 232 43.12 19.98 8.92
C CYS H 232 42.60 19.63 10.34
N HIS H 233 42.64 20.57 11.27
CA HIS H 233 42.22 20.33 12.65
C HIS H 233 40.71 20.52 12.90
N VAL H 234 39.89 20.83 11.89
CA VAL H 234 38.43 20.92 12.06
C VAL H 234 37.82 19.55 12.35
N GLY H 235 36.73 19.50 13.10
CA GLY H 235 35.93 18.29 13.27
C GLY H 235 35.13 17.94 12.01
N PRO H 236 34.83 16.67 11.72
CA PRO H 236 34.26 16.24 10.45
C PRO H 236 32.92 16.85 10.11
N GLU H 237 32.12 17.27 11.09
CA GLU H 237 30.86 18.00 10.86
C GLU H 237 31.06 19.34 10.13
N GLN H 238 32.27 19.89 10.16
CA GLN H 238 32.58 21.25 9.67
C GLN H 238 33.15 21.30 8.24
N VAL H 239 33.35 20.13 7.63
CA VAL H 239 33.95 19.99 6.29
C VAL H 239 32.84 20.11 5.25
N VAL H 240 32.27 21.30 5.10
CA VAL H 240 31.07 21.48 4.27
C VAL H 240 31.37 21.16 2.81
N ASN H 241 30.40 20.57 2.09
CA ASN H 241 30.50 20.33 0.65
C ASN H 241 29.58 21.30 -0.11
N VAL H 242 30.07 21.97 -1.13
CA VAL H 242 29.31 23.04 -1.81
C VAL H 242 29.03 22.69 -3.28
N HIS H 243 28.67 21.42 -3.53
CA HIS H 243 28.44 20.88 -4.88
C HIS H 243 27.27 21.54 -5.62
N ASP H 244 27.23 21.40 -6.95
CA ASP H 244 26.19 21.99 -7.79
C ASP H 244 24.78 21.45 -7.47
N VAL H 245 23.79 22.34 -7.51
CA VAL H 245 22.35 22.10 -7.33
C VAL H 245 21.54 22.98 -8.32
N ASN H 246 20.27 22.65 -8.55
CA ASN H 246 19.43 23.10 -9.67
C ASN H 246 19.42 24.61 -10.00
N SER H 247 19.71 25.50 -9.04
CA SER H 247 20.09 26.90 -9.29
C SER H 247 20.86 27.45 -8.09
N THR H 248 21.68 28.49 -8.25
CA THR H 248 22.51 29.04 -7.16
C THR H 248 21.69 29.60 -6.00
N TYR H 249 20.41 29.87 -6.17
CA TYR H 249 19.55 30.26 -5.05
C TYR H 249 19.27 29.13 -4.07
N HIS H 250 19.55 27.87 -4.42
CA HIS H 250 19.49 26.77 -3.46
C HIS H 250 20.69 26.71 -2.53
N VAL H 251 21.84 27.29 -2.88
CA VAL H 251 23.09 27.06 -2.14
C VAL H 251 22.99 27.39 -0.65
N PRO H 252 22.38 28.51 -0.21
CA PRO H 252 22.16 28.74 1.20
C PRO H 252 21.47 27.58 1.92
N LEU H 253 20.47 26.95 1.31
CA LEU H 253 19.72 25.86 1.96
C LEU H 253 20.50 24.54 2.04
N LEU H 254 21.51 24.33 1.18
CA LEU H 254 22.46 23.22 1.31
C LEU H 254 23.37 23.44 2.51
N LEU H 255 23.84 24.68 2.70
CA LEU H 255 24.69 25.04 3.82
C LEU H 255 23.88 24.97 5.12
N LEU H 256 22.59 25.27 5.09
CA LEU H 256 21.69 25.11 6.23
C LEU H 256 21.42 23.64 6.58
N LYS H 257 21.31 22.74 5.60
CA LYS H 257 21.28 21.29 5.85
C LYS H 257 22.59 20.77 6.42
N GLN H 258 23.71 21.43 6.08
CA GLN H 258 25.06 21.09 6.55
C GLN H 258 25.45 21.83 7.84
N HIS H 259 24.46 22.18 8.67
CA HIS H 259 24.59 22.76 10.01
C HIS H 259 25.28 24.12 10.10
N MET H 260 25.51 24.85 9.01
CA MET H 260 26.42 26.00 9.06
C MET H 260 25.92 27.17 9.91
N ILE H 261 24.61 27.42 10.01
CA ILE H 261 24.11 28.38 11.03
C ILE H 261 24.34 27.84 12.43
N ASP H 262 24.10 26.56 12.72
CA ASP H 262 24.29 26.04 14.07
C ASP H 262 25.76 26.09 14.50
N TYR H 263 26.68 25.83 13.58
CA TYR H 263 28.08 26.03 13.84
C TYR H 263 28.43 27.52 14.03
N LEU H 264 28.10 28.42 13.09
CA LEU H 264 28.43 29.84 13.26
C LEU H 264 27.74 30.48 14.48
N HIS H 265 26.53 30.05 14.87
CA HIS H 265 25.90 30.52 16.10
C HIS H 265 26.74 30.18 17.33
N SER H 266 27.31 28.98 17.38
CA SER H 266 28.26 28.60 18.43
C SER H 266 29.59 29.34 18.30
N ARG H 267 30.30 29.19 17.18
CA ARG H 267 31.70 29.62 17.00
C ARG H 267 31.90 31.14 17.04
N LEU H 268 30.86 31.95 16.89
CA LEU H 268 30.91 33.41 17.11
C LEU H 268 30.02 33.89 18.26
N LYS H 269 29.47 32.97 19.05
CA LYS H 269 28.56 33.26 20.19
C LYS H 269 27.42 34.23 19.81
N LEU H 270 26.75 33.99 18.69
CA LEU H 270 25.77 34.93 18.11
C LEU H 270 24.53 35.11 18.99
N GLY H 271 24.29 34.22 19.95
CA GLY H 271 23.29 34.42 21.01
C GLY H 271 23.58 35.61 21.93
N GLU H 272 24.81 36.09 22.02
CA GLU H 272 25.19 37.25 22.83
C GLU H 272 24.98 38.60 22.10
N VAL H 273 24.73 38.61 20.79
CA VAL H 273 24.40 39.83 20.05
C VAL H 273 22.97 40.28 20.41
N PRO H 274 22.71 41.56 20.73
CA PRO H 274 21.36 42.03 21.04
C PRO H 274 20.47 42.11 19.80
N LEU H 275 19.32 41.42 19.81
CA LEU H 275 18.31 41.42 18.74
C LEU H 275 16.91 41.75 19.29
N THR H 276 16.12 42.53 18.55
CA THR H 276 14.69 42.73 18.86
C THR H 276 13.82 41.65 18.21
N LEU H 277 12.55 41.49 18.58
CA LEU H 277 11.64 40.66 17.79
C LEU H 277 11.46 41.20 16.37
N GLU H 278 11.54 42.51 16.15
CA GLU H 278 11.48 43.07 14.80
C GLU H 278 12.69 42.63 13.96
N ASP H 279 13.86 42.45 14.57
CA ASP H 279 14.97 41.75 13.91
C ASP H 279 14.67 40.26 13.72
N LYS H 280 14.40 39.53 14.80
CA LYS H 280 14.32 38.06 14.73
C LYS H 280 13.18 37.57 13.85
N GLU H 281 11.99 38.11 13.99
CA GLU H 281 10.85 37.70 13.17
C GLU H 281 11.03 38.10 11.69
N ARG H 282 11.72 39.21 11.38
CA ARG H 282 12.09 39.52 9.99
C ARG H 282 13.07 38.47 9.46
N GLY H 283 13.98 38.02 10.30
CA GLY H 283 14.91 36.94 10.02
C GLY H 283 14.20 35.65 9.65
N SER H 284 13.35 35.11 10.54
CA SER H 284 12.66 33.86 10.27
C SER H 284 11.59 33.98 9.18
N GLN H 285 11.01 35.16 8.95
CA GLN H 285 10.15 35.38 7.79
C GLN H 285 10.96 35.36 6.49
N LEU H 286 12.10 36.05 6.42
CA LEU H 286 12.96 36.01 5.24
C LEU H 286 13.40 34.59 4.90
N LEU H 287 13.71 33.75 5.90
CA LEU H 287 13.96 32.33 5.66
C LEU H 287 12.78 31.68 4.93
N THR H 288 11.54 31.90 5.38
CA THR H 288 10.39 31.32 4.68
C THR H 288 10.17 31.90 3.30
N ASN H 289 10.54 33.16 3.01
CA ASN H 289 10.51 33.64 1.65
C ASN H 289 11.54 32.92 0.79
N TRP H 290 12.71 32.57 1.33
CA TRP H 290 13.74 31.82 0.60
C TRP H 290 13.34 30.34 0.40
N GLU H 291 12.76 29.70 1.40
CA GLU H 291 12.18 28.37 1.26
C GLU H 291 11.01 28.37 0.25
N ASN H 292 10.17 29.39 0.25
CA ASN H 292 9.10 29.50 -0.74
C ASN H 292 9.64 29.71 -2.15
N MET H 293 10.54 30.67 -2.40
CA MET H 293 10.99 30.94 -3.77
C MET H 293 11.82 29.77 -4.33
N THR H 294 12.60 29.07 -3.51
CA THR H 294 13.28 27.83 -3.94
C THR H 294 12.32 26.67 -4.18
N LYS H 295 11.28 26.49 -3.37
CA LYS H 295 10.19 25.54 -3.69
C LYS H 295 9.47 25.93 -4.99
N ASN H 296 9.23 27.21 -5.26
CA ASN H 296 8.63 27.63 -6.51
C ASN H 296 9.54 27.32 -7.71
N LEU H 297 10.86 27.48 -7.59
CA LEU H 297 11.80 27.08 -8.63
C LEU H 297 11.79 25.56 -8.86
N ASP H 298 11.64 24.76 -7.82
CA ASP H 298 11.66 23.30 -7.91
C ASP H 298 10.50 22.69 -8.72
N ASP H 299 9.38 23.39 -8.94
CA ASP H 299 8.26 22.86 -9.72
C ASP H 299 7.58 23.85 -10.70
N SER H 300 8.13 25.05 -10.87
CA SER H 300 7.87 25.90 -12.04
C SER H 300 8.36 25.21 -13.33
N ASP H 301 7.48 25.02 -14.31
CA ASP H 301 7.76 24.36 -15.59
C ASP H 301 7.48 25.25 -16.81
N ASP H 302 6.50 26.14 -16.72
CA ASP H 302 6.04 26.92 -17.86
C ASP H 302 7.07 27.98 -18.26
N VAL H 303 7.70 27.77 -19.42
CA VAL H 303 8.83 28.54 -19.87
C VAL H 303 8.39 29.93 -20.29
N VAL H 304 9.30 30.90 -20.18
CA VAL H 304 9.22 32.19 -20.85
C VAL H 304 10.56 32.48 -21.52
N LYS H 305 10.57 32.81 -22.81
CA LYS H 305 11.78 33.05 -23.59
C LYS H 305 11.98 34.55 -23.74
N ILE H 306 13.06 35.11 -23.21
CA ILE H 306 13.37 36.55 -23.34
C ILE H 306 14.57 36.73 -24.25
N ALA H 307 14.45 37.46 -25.35
CA ALA H 307 15.59 37.77 -26.20
C ALA H 307 16.40 38.90 -25.60
N LEU H 308 17.67 38.65 -25.31
CA LEU H 308 18.61 39.66 -24.90
C LEU H 308 19.42 40.00 -26.14
N VAL H 309 19.25 41.23 -26.63
CA VAL H 309 19.73 41.65 -27.95
C VAL H 309 20.87 42.63 -27.78
N GLY H 310 22.11 42.26 -28.11
CA GLY H 310 23.27 43.16 -27.96
C GLY H 310 24.58 42.59 -28.49
N LYS H 311 25.66 43.38 -28.43
CA LYS H 311 27.02 42.92 -28.79
C LYS H 311 27.64 42.05 -27.69
N TYR H 312 28.70 41.32 -28.03
CA TYR H 312 29.52 40.53 -27.09
C TYR H 312 28.75 39.48 -26.26
N THR H 313 27.66 38.92 -26.76
CA THR H 313 26.86 37.92 -26.01
C THR H 313 27.61 36.64 -25.68
N ASN H 314 28.74 36.36 -26.33
CA ASN H 314 29.64 35.27 -25.93
C ASN H 314 30.34 35.51 -24.59
N LEU H 315 30.41 36.77 -24.14
CA LEU H 315 30.93 37.21 -22.85
C LEU H 315 29.76 37.50 -21.90
N LYS H 316 29.05 36.47 -21.46
CA LYS H 316 27.79 36.56 -20.68
C LYS H 316 27.95 37.34 -19.36
N ASP H 317 29.16 37.30 -18.78
CA ASP H 317 29.52 38.07 -17.60
C ASP H 317 29.53 39.57 -17.86
N SER H 318 29.61 40.01 -19.12
CA SER H 318 29.41 41.41 -19.53
C SER H 318 28.00 41.92 -19.27
N TYR H 319 27.07 41.03 -18.93
CA TYR H 319 25.68 41.23 -18.61
C TYR H 319 25.29 40.51 -17.34
N LEU H 320 26.16 40.21 -16.38
CA LEU H 320 25.77 39.39 -15.24
C LEU H 320 24.56 39.93 -14.46
N SER H 321 24.40 41.25 -14.29
CA SER H 321 23.36 41.90 -13.51
C SER H 321 22.03 41.86 -14.26
N VAL H 322 22.07 41.94 -15.58
CA VAL H 322 20.92 41.82 -16.47
C VAL H 322 20.32 40.42 -16.39
N THR H 323 21.16 39.40 -16.52
CA THR H 323 20.76 38.00 -16.36
C THR H 323 20.12 37.77 -14.99
N LYS H 324 20.79 38.21 -13.92
CA LYS H 324 20.33 37.93 -12.56
C LYS H 324 18.99 38.61 -12.25
N SER H 325 18.77 39.81 -12.75
CA SER H 325 17.49 40.49 -12.61
C SER H 325 16.35 39.79 -13.32
N LEU H 326 16.59 39.24 -14.53
CA LEU H 326 15.59 38.38 -15.18
C LEU H 326 15.31 37.11 -14.36
N GLU H 327 16.30 36.49 -13.72
CA GLU H 327 16.06 35.34 -12.85
C GLU H 327 15.16 35.67 -11.66
N HIS H 328 15.38 36.79 -10.97
CA HIS H 328 14.46 37.27 -9.92
C HIS H 328 13.05 37.48 -10.47
N ALA H 329 12.91 38.16 -11.61
CA ALA H 329 11.61 38.45 -12.21
C ALA H 329 10.88 37.16 -12.60
N SER H 330 11.61 36.19 -13.14
CA SER H 330 11.16 34.83 -13.49
C SER H 330 10.57 34.12 -12.30
N MET H 331 11.34 33.95 -11.24
CA MET H 331 10.90 33.22 -10.05
C MET H 331 9.70 33.88 -9.39
N LYS H 332 9.55 35.21 -9.49
CA LYS H 332 8.40 35.96 -8.97
C LYS H 332 7.11 35.75 -9.81
N CYS H 333 7.25 35.65 -11.12
CA CYS H 333 6.17 35.23 -12.03
C CYS H 333 5.85 33.73 -11.99
N ARG H 334 6.70 32.90 -11.38
CA ARG H 334 6.61 31.43 -11.40
C ARG H 334 6.65 30.82 -12.81
N ARG H 335 7.28 31.50 -13.77
CA ARG H 335 7.70 30.91 -15.04
C ARG H 335 9.20 30.68 -15.10
N GLN H 336 9.61 29.49 -15.52
CA GLN H 336 10.99 29.10 -15.74
C GLN H 336 11.59 29.88 -16.91
N LEU H 337 12.84 30.33 -16.80
CA LEU H 337 13.41 31.25 -17.78
C LEU H 337 14.28 30.53 -18.80
N GLU H 338 14.13 30.88 -20.07
CA GLU H 338 15.18 30.75 -21.08
C GLU H 338 15.52 32.13 -21.61
N ILE H 339 16.80 32.51 -21.66
CA ILE H 339 17.23 33.77 -22.28
C ILE H 339 17.80 33.43 -23.65
N LEU H 340 17.36 34.13 -24.69
CA LEU H 340 17.82 33.92 -26.05
C LEU H 340 18.88 34.97 -26.39
N TRP H 341 20.13 34.53 -26.51
CA TRP H 341 21.27 35.37 -26.84
C TRP H 341 21.24 35.74 -28.33
N VAL H 342 20.87 36.97 -28.62
CA VAL H 342 20.87 37.54 -29.97
C VAL H 342 22.05 38.46 -30.10
N GLU H 343 23.12 37.99 -30.73
CA GLU H 343 24.29 38.81 -31.08
C GLU H 343 23.89 39.87 -32.12
N ALA H 344 23.57 41.08 -31.69
CA ALA H 344 22.76 42.03 -32.46
C ALA H 344 23.23 42.28 -33.88
N SER H 345 24.52 42.30 -34.14
CA SER H 345 25.03 42.60 -35.48
C SER H 345 24.55 41.60 -36.51
N ASN H 346 24.18 40.38 -36.12
CA ASN H 346 23.65 39.37 -37.03
C ASN H 346 22.25 39.70 -37.58
N LEU H 347 21.44 40.49 -36.88
CA LEU H 347 20.14 40.94 -37.41
C LEU H 347 20.26 41.94 -38.56
N GLU H 348 21.42 42.58 -38.73
CA GLU H 348 21.60 43.58 -39.77
C GLU H 348 21.64 42.91 -41.15
N PRO H 349 20.88 43.38 -42.16
CA PRO H 349 20.82 42.74 -43.46
C PRO H 349 22.16 42.47 -44.15
N GLU H 350 23.20 43.28 -43.91
CA GLU H 350 24.53 43.01 -44.49
C GLU H 350 25.09 41.67 -44.05
N THR H 351 24.65 41.10 -42.93
CA THR H 351 25.09 39.77 -42.48
C THR H 351 24.72 38.69 -43.49
N GLN H 352 23.61 38.88 -44.21
CA GLN H 352 23.17 37.99 -45.28
C GLN H 352 24.20 37.88 -46.42
N GLU H 353 25.03 38.91 -46.60
CA GLU H 353 26.15 38.91 -47.55
C GLU H 353 27.39 38.18 -47.01
N VAL H 354 27.47 37.89 -45.72
CA VAL H 354 28.64 37.32 -45.04
C VAL H 354 28.41 35.87 -44.59
N ASP H 355 27.32 35.62 -43.86
CA ASP H 355 26.85 34.29 -43.50
C ASP H 355 25.35 34.32 -43.26
N LYS H 356 24.59 33.65 -44.14
CA LYS H 356 23.14 33.53 -44.01
C LYS H 356 22.75 32.76 -42.75
N ASN H 357 23.52 31.77 -42.31
CA ASN H 357 23.20 31.01 -41.10
C ASN H 357 23.08 31.93 -39.87
N LYS H 358 24.03 32.84 -39.67
CA LYS H 358 23.95 33.87 -38.62
C LYS H 358 22.71 34.74 -38.77
N PHE H 359 22.39 35.19 -39.98
CA PHE H 359 21.21 36.02 -40.23
C PHE H 359 19.89 35.31 -39.88
N HIS H 360 19.78 34.03 -40.19
CA HIS H 360 18.60 33.25 -39.86
C HIS H 360 18.57 32.87 -38.38
N ASP H 361 19.64 32.34 -37.79
CA ASP H 361 19.63 31.96 -36.37
C ASP H 361 19.29 33.13 -35.46
N SER H 362 19.83 34.31 -35.73
CA SER H 362 19.55 35.48 -34.90
C SER H 362 18.11 35.96 -35.05
N TRP H 363 17.56 36.08 -36.27
CA TRP H 363 16.16 36.42 -36.47
C TRP H 363 15.21 35.32 -36.00
N ASN H 364 15.60 34.06 -36.09
CA ASN H 364 14.88 32.94 -35.52
C ASN H 364 14.76 33.10 -34.00
N LYS H 365 15.87 33.28 -33.28
CA LYS H 365 15.86 33.50 -31.82
C LYS H 365 15.02 34.72 -31.45
N LEU H 366 15.16 35.83 -32.15
CA LEU H 366 14.34 37.02 -31.91
C LEU H 366 12.84 36.77 -32.15
N SER H 367 12.48 36.09 -33.23
CA SER H 367 11.09 35.75 -33.55
C SER H 367 10.47 34.76 -32.57
N SER H 368 11.27 33.85 -32.02
CA SER H 368 10.84 32.86 -31.03
C SER H 368 10.58 33.46 -29.65
N ALA H 369 11.15 34.63 -29.34
CA ALA H 369 11.09 35.19 -28.01
C ALA H 369 9.70 35.69 -27.59
N ASP H 370 9.27 35.34 -26.39
CA ASP H 370 8.05 35.83 -25.76
C ASP H 370 8.17 37.27 -25.27
N GLY H 371 9.38 37.79 -25.13
CA GLY H 371 9.68 39.17 -24.74
C GLY H 371 11.09 39.57 -25.16
N ILE H 372 11.39 40.86 -25.26
CA ILE H 372 12.62 41.38 -25.86
C ILE H 372 13.26 42.42 -24.94
N LEU H 373 14.60 42.38 -24.84
CA LEU H 373 15.38 43.26 -24.00
C LEU H 373 16.57 43.83 -24.74
N VAL H 374 16.70 45.15 -24.79
CA VAL H 374 17.92 45.84 -25.25
C VAL H 374 18.73 46.28 -24.03
N PRO H 375 19.84 45.61 -23.71
CA PRO H 375 20.35 45.48 -22.35
C PRO H 375 21.40 46.52 -21.94
N GLY H 376 21.29 47.77 -22.38
CA GLY H 376 22.27 48.81 -22.03
C GLY H 376 23.69 48.47 -22.50
N GLY H 377 23.87 48.27 -23.80
CA GLY H 377 25.17 48.00 -24.40
C GLY H 377 26.20 49.12 -24.22
N PHE H 378 27.38 48.87 -24.77
CA PHE H 378 28.58 49.69 -24.66
C PHE H 378 29.28 49.71 -26.01
N GLY H 379 29.96 50.82 -26.33
CA GLY H 379 30.35 51.13 -27.71
C GLY H 379 29.12 51.40 -28.60
N THR H 380 29.27 51.27 -29.92
CA THR H 380 28.20 51.53 -30.90
C THR H 380 28.10 50.51 -32.04
N ARG H 381 29.01 49.55 -32.18
CA ARG H 381 29.18 48.84 -33.47
C ARG H 381 28.08 47.82 -33.82
N GLY H 382 27.25 47.41 -32.85
CA GLY H 382 26.04 46.58 -33.07
C GLY H 382 24.72 47.34 -33.19
N ILE H 383 24.70 48.68 -33.29
CA ILE H 383 23.48 49.46 -33.05
C ILE H 383 22.37 49.19 -34.06
N GLU H 384 22.66 48.95 -35.33
CA GLU H 384 21.59 48.69 -36.31
C GLU H 384 20.80 47.41 -36.01
N GLY H 385 21.42 46.38 -35.47
CA GLY H 385 20.68 45.21 -35.03
C GLY H 385 19.74 45.52 -33.87
N MET H 386 20.19 46.33 -32.92
CA MET H 386 19.36 46.77 -31.79
C MET H 386 18.21 47.67 -32.24
N ILE H 387 18.35 48.43 -33.33
CA ILE H 387 17.26 49.19 -33.92
C ILE H 387 16.23 48.27 -34.59
N LEU H 388 16.67 47.28 -35.38
CA LEU H 388 15.76 46.31 -36.01
C LEU H 388 14.97 45.52 -34.97
N ALA H 389 15.59 45.06 -33.89
CA ALA H 389 14.85 44.42 -32.82
C ALA H 389 13.83 45.37 -32.16
N ALA H 390 14.12 46.67 -32.05
CA ALA H 390 13.14 47.63 -31.56
C ALA H 390 12.00 47.88 -32.57
N LYS H 391 12.25 47.82 -33.88
CA LYS H 391 11.21 47.92 -34.92
C LYS H 391 10.29 46.72 -34.82
N TRP H 392 10.88 45.54 -34.78
CA TRP H 392 10.16 44.30 -34.57
C TRP H 392 9.31 44.35 -33.31
N ALA H 393 9.86 44.76 -32.17
CA ALA H 393 9.12 44.77 -30.92
C ALA H 393 7.93 45.75 -30.89
N ARG H 394 8.05 46.89 -31.59
CA ARG H 394 6.96 47.87 -31.74
C ARG H 394 5.86 47.38 -32.67
N GLU H 395 6.21 46.91 -33.86
CA GLU H 395 5.23 46.52 -34.88
C GLU H 395 4.61 45.15 -34.60
N SER H 396 5.40 44.16 -34.19
CA SER H 396 4.87 42.82 -33.86
C SER H 396 4.29 42.73 -32.45
N GLY H 397 4.11 43.84 -31.73
CA GLY H 397 3.46 43.83 -30.41
C GLY H 397 4.16 43.07 -29.27
N VAL H 398 5.35 42.50 -29.48
CA VAL H 398 6.08 41.68 -28.48
C VAL H 398 6.50 42.56 -27.28
N PRO H 399 6.45 42.11 -26.02
CA PRO H 399 6.88 42.89 -24.87
C PRO H 399 8.34 43.32 -24.96
N PHE H 400 8.64 44.56 -24.57
CA PHE H 400 9.95 45.19 -24.78
C PHE H 400 10.43 45.99 -23.58
N LEU H 401 11.69 45.83 -23.20
CA LEU H 401 12.37 46.76 -22.29
C LEU H 401 13.69 47.23 -22.89
N GLY H 402 13.86 48.54 -23.02
CA GLY H 402 15.14 49.15 -23.34
C GLY H 402 15.81 49.72 -22.10
N VAL H 403 16.98 49.22 -21.74
CA VAL H 403 17.77 49.74 -20.63
C VAL H 403 18.88 50.64 -21.15
N CYS H 404 19.03 51.85 -20.62
CA CYS H 404 20.08 52.81 -20.99
C CYS H 404 20.18 53.04 -22.52
N LEU H 405 21.19 52.52 -23.22
CA LEU H 405 21.27 52.50 -24.70
C LEU H 405 19.97 51.98 -25.33
N GLY H 406 19.28 51.04 -24.69
CA GLY H 406 17.99 50.52 -25.11
C GLY H 406 16.90 51.58 -25.22
N LEU H 407 16.79 52.50 -24.26
CA LEU H 407 15.88 53.62 -24.45
C LEU H 407 16.30 54.46 -25.65
N GLN H 408 17.60 54.60 -25.88
CA GLN H 408 18.12 55.49 -26.91
C GLN H 408 17.93 54.93 -28.31
N VAL H 409 18.21 53.64 -28.55
CA VAL H 409 17.84 53.01 -29.82
C VAL H 409 16.33 52.97 -30.00
N ALA H 410 15.52 52.88 -28.94
CA ALA H 410 14.08 52.99 -29.13
C ALA H 410 13.67 54.36 -29.65
N ALA H 411 14.26 55.46 -29.18
CA ALA H 411 13.99 56.78 -29.74
C ALA H 411 14.48 56.91 -31.18
N ILE H 412 15.63 56.33 -31.50
CA ILE H 412 16.18 56.34 -32.85
C ILE H 412 15.30 55.52 -33.81
N GLU H 413 14.86 54.33 -33.39
CA GLU H 413 13.91 53.52 -34.12
C GLU H 413 12.62 54.28 -34.38
N PHE H 414 12.00 54.82 -33.32
CA PHE H 414 10.77 55.56 -33.46
C PHE H 414 10.92 56.78 -34.38
N ALA H 415 12.04 57.49 -34.32
CA ALA H 415 12.31 58.60 -35.22
C ALA H 415 12.38 58.15 -36.69
N ARG H 416 13.17 57.11 -36.98
CA ARG H 416 13.35 56.58 -38.34
C ARG H 416 12.10 55.93 -38.91
N ASN H 417 11.28 55.27 -38.08
CA ASN H 417 10.23 54.36 -38.53
C ASN H 417 8.79 54.78 -38.18
N VAL H 418 8.58 55.81 -37.37
CA VAL H 418 7.23 56.34 -37.08
C VAL H 418 7.15 57.83 -37.36
N ILE H 419 8.15 58.62 -36.94
CA ILE H 419 8.22 60.05 -37.24
C ILE H 419 8.68 60.31 -38.68
N GLY H 420 9.45 59.40 -39.27
CA GLY H 420 9.80 59.42 -40.69
C GLY H 420 11.02 60.25 -41.05
N ARG H 421 12.07 60.23 -40.21
CA ARG H 421 13.38 60.87 -40.48
C ARG H 421 14.47 59.79 -40.66
N PRO H 422 14.68 59.18 -41.84
CA PRO H 422 15.53 58.00 -41.98
C PRO H 422 17.03 58.27 -41.77
N ASN H 423 17.42 59.54 -41.87
CA ASN H 423 18.77 60.02 -41.55
C ASN H 423 18.99 60.32 -40.06
N SER H 424 17.96 60.26 -39.20
CA SER H 424 18.14 60.51 -37.77
C SER H 424 19.08 59.49 -37.11
N SER H 425 19.86 59.95 -36.15
CA SER H 425 21.12 59.28 -35.82
C SER H 425 21.44 59.32 -34.33
N SER H 426 22.18 58.31 -33.88
CA SER H 426 22.87 58.34 -32.61
C SER H 426 24.05 59.32 -32.68
N THR H 427 23.91 60.46 -32.02
CA THR H 427 24.99 61.45 -31.81
C THR H 427 26.15 60.88 -31.00
N GLU H 428 25.89 59.80 -30.26
CA GLU H 428 26.84 58.89 -29.64
C GLU H 428 27.78 58.20 -30.65
N PHE H 429 27.41 58.13 -31.93
CA PHE H 429 28.18 57.47 -32.98
C PHE H 429 28.52 58.45 -34.12
N LEU H 430 27.52 58.98 -34.82
CA LEU H 430 27.67 59.72 -36.09
C LEU H 430 27.86 61.23 -35.86
N ASP H 431 28.87 61.60 -35.07
CA ASP H 431 29.02 62.92 -34.48
C ASP H 431 29.49 64.01 -35.46
N GLU H 432 30.69 63.87 -36.03
CA GLU H 432 31.32 64.91 -36.87
C GLU H 432 30.67 65.09 -38.26
N THR H 433 29.57 64.40 -38.53
CA THR H 433 28.68 64.72 -39.65
C THR H 433 27.92 66.04 -39.40
N LEU H 434 27.68 66.41 -38.13
CA LEU H 434 26.98 67.63 -37.70
C LEU H 434 25.52 67.79 -38.22
N LEU H 435 24.84 66.68 -38.49
CA LEU H 435 23.45 66.67 -39.00
C LEU H 435 22.43 67.27 -38.01
N ALA H 436 21.33 67.82 -38.51
CA ALA H 436 20.24 68.37 -37.69
C ALA H 436 19.34 67.35 -36.94
N PRO H 437 19.01 66.14 -37.46
CA PRO H 437 18.17 65.16 -36.77
C PRO H 437 18.96 64.32 -35.75
N GLU H 438 19.45 64.96 -34.69
CA GLU H 438 20.20 64.31 -33.61
C GLU H 438 19.25 63.76 -32.54
N ASP H 439 19.15 62.46 -32.40
CA ASP H 439 18.28 61.85 -31.38
C ASP H 439 18.86 61.92 -29.97
N GLN H 440 20.13 62.28 -29.82
CA GLN H 440 20.85 62.32 -28.55
C GLN H 440 21.71 63.58 -28.45
N VAL H 441 22.18 63.93 -27.25
CA VAL H 441 23.28 64.88 -27.07
C VAL H 441 24.18 64.44 -25.90
N VAL H 442 25.48 64.76 -25.94
CA VAL H 442 26.35 64.68 -24.75
C VAL H 442 25.88 65.72 -23.73
N ILE H 443 25.70 65.32 -22.47
CA ILE H 443 25.38 66.26 -21.37
C ILE H 443 26.36 66.08 -20.21
N THR H 444 29.98 65.58 -18.87
CA THR H 444 30.95 64.57 -19.31
C THR H 444 30.70 63.19 -18.69
N MET H 445 29.92 63.09 -17.61
CA MET H 445 29.37 61.87 -17.00
C MET H 445 28.22 62.19 -16.02
N ARG H 446 27.47 61.16 -15.64
CA ARG H 446 26.36 61.17 -14.66
C ARG H 446 26.19 59.76 -14.12
N LEU H 447 26.46 59.57 -12.83
CA LEU H 447 26.58 58.26 -12.19
C LEU H 447 25.87 58.20 -10.83
N GLY H 448 25.56 56.99 -10.37
CA GLY H 448 25.06 56.73 -9.02
C GLY H 448 23.54 56.74 -8.88
N LEU H 449 23.02 56.62 -7.67
CA LEU H 449 21.57 56.66 -7.42
C LEU H 449 21.04 58.09 -7.57
N ARG H 450 20.05 58.28 -8.45
CA ARG H 450 19.47 59.61 -8.76
C ARG H 450 17.93 59.58 -8.66
N PRO H 451 17.26 60.73 -8.45
CA PRO H 451 15.81 60.81 -8.33
C PRO H 451 15.13 60.99 -9.69
N THR H 452 14.23 60.09 -10.05
CA THR H 452 13.37 60.18 -11.24
C THR H 452 11.95 60.55 -10.80
N ILE H 453 11.38 61.63 -11.33
CA ILE H 453 10.03 62.10 -11.00
C ILE H 453 9.09 61.76 -12.15
N PHE H 454 7.91 61.21 -11.88
CA PHE H 454 6.92 60.96 -12.95
C PHE H 454 6.24 62.27 -13.44
N GLN H 455 6.15 62.45 -14.76
CA GLN H 455 5.46 63.55 -15.44
C GLN H 455 3.92 63.49 -15.17
N PRO H 456 3.15 64.59 -15.19
CA PRO H 456 1.87 64.66 -14.47
C PRO H 456 0.77 63.70 -14.93
N ASN H 457 0.59 63.53 -16.24
CA ASN H 457 -0.54 62.77 -16.81
C ASN H 457 -0.37 61.24 -16.69
N SER H 458 0.71 60.77 -16.10
CA SER H 458 1.28 59.41 -16.23
C SER H 458 0.44 58.26 -15.69
N GLU H 459 -0.73 58.52 -15.12
CA GLU H 459 -1.54 57.56 -14.36
C GLU H 459 -1.78 56.23 -15.09
N TRP H 460 -2.00 56.26 -16.41
CA TRP H 460 -2.30 55.08 -17.24
C TRP H 460 -1.10 54.18 -17.52
N SER H 461 0.13 54.63 -17.26
CA SER H 461 1.36 53.96 -17.69
C SER H 461 1.60 52.69 -16.89
N ASN H 462 1.72 51.54 -17.54
CA ASN H 462 2.00 50.27 -16.86
C ASN H 462 3.28 50.35 -16.02
N ILE H 463 4.30 51.07 -16.49
CA ILE H 463 5.52 51.26 -15.72
C ILE H 463 5.25 51.98 -14.40
N ARG H 464 4.35 52.96 -14.39
CA ARG H 464 3.96 53.66 -13.16
C ARG H 464 3.11 52.77 -12.24
N LYS H 465 2.28 51.88 -12.77
CA LYS H 465 1.61 50.82 -11.97
C LYS H 465 2.62 49.87 -11.34
N LEU H 466 3.70 49.50 -12.04
CA LEU H 466 4.73 48.60 -11.52
C LEU H 466 5.57 49.25 -10.41
N TYR H 467 5.85 50.54 -10.49
CA TYR H 467 6.44 51.32 -9.39
C TYR H 467 5.46 51.67 -8.26
N GLY H 468 4.29 51.02 -8.17
CA GLY H 468 3.32 51.24 -7.08
C GLY H 468 2.60 52.60 -7.15
N GLU H 469 2.65 53.28 -8.30
CA GLU H 469 2.16 54.64 -8.55
C GLU H 469 2.78 55.78 -7.72
N VAL H 470 3.82 55.47 -6.92
CA VAL H 470 4.64 56.43 -6.16
C VAL H 470 5.23 57.51 -7.07
N ASN H 471 5.23 58.79 -6.67
CA ASN H 471 5.57 59.91 -7.57
C ASN H 471 7.05 60.01 -7.96
N GLU H 472 7.94 59.46 -7.16
CA GLU H 472 9.40 59.47 -7.40
C GLU H 472 10.02 58.09 -7.23
N VAL H 473 10.99 57.79 -8.08
CA VAL H 473 11.70 56.52 -8.19
C VAL H 473 13.20 56.77 -7.99
N HIS H 474 13.85 56.01 -7.11
CA HIS H 474 15.29 56.13 -6.87
C HIS H 474 16.03 54.90 -7.42
N GLU H 475 16.86 55.09 -8.43
CA GLU H 475 17.48 54.03 -9.23
C GLU H 475 18.88 54.47 -9.70
N ARG H 476 19.75 53.54 -10.11
CA ARG H 476 21.16 53.85 -10.40
C ARG H 476 21.41 54.15 -11.87
N HIS H 477 22.20 55.18 -12.18
CA HIS H 477 22.42 55.71 -13.52
C HIS H 477 23.84 55.51 -14.02
N ARG H 478 23.98 55.40 -15.34
CA ARG H 478 25.19 55.67 -16.11
C ARG H 478 24.77 56.15 -17.50
N HIS H 479 25.14 57.35 -17.90
CA HIS H 479 25.05 57.80 -19.30
C HIS H 479 25.81 59.08 -19.59
N ARG H 480 26.68 59.11 -20.59
CA ARG H 480 27.21 60.37 -21.12
C ARG H 480 26.19 61.09 -22.00
N TYR H 481 25.56 60.34 -22.90
CA TYR H 481 24.63 60.80 -23.93
C TYR H 481 23.20 60.58 -23.47
N GLU H 482 22.32 61.55 -23.67
CA GLU H 482 20.91 61.45 -23.31
C GLU H 482 20.01 61.89 -24.48
N ILE H 483 18.72 61.54 -24.47
CA ILE H 483 17.83 61.94 -25.57
C ILE H 483 17.87 63.45 -25.77
N ASN H 484 18.00 63.91 -27.01
CA ASN H 484 17.91 65.33 -27.34
C ASN H 484 16.54 65.86 -26.94
N PRO H 485 16.41 66.73 -25.94
CA PRO H 485 15.11 67.11 -25.40
C PRO H 485 14.28 67.94 -26.39
N LYS H 486 14.84 68.40 -27.51
CA LYS H 486 14.11 69.14 -28.54
C LYS H 486 13.28 68.27 -29.51
N ILE H 487 13.37 66.95 -29.42
CA ILE H 487 12.47 66.01 -30.13
C ILE H 487 11.25 65.59 -29.28
N VAL H 488 11.31 65.70 -27.95
CA VAL H 488 10.32 65.20 -26.99
C VAL H 488 8.91 65.70 -27.28
N ASN H 489 8.71 66.97 -27.64
CA ASN H 489 7.37 67.48 -27.94
C ASN H 489 6.72 66.82 -29.17
N ASP H 490 7.52 66.27 -30.08
CA ASP H 490 7.04 65.49 -31.21
C ASP H 490 6.65 64.09 -30.75
N MET H 491 7.54 63.39 -30.07
CA MET H 491 7.25 62.06 -29.52
C MET H 491 6.05 62.05 -28.55
N GLU H 492 5.95 63.03 -27.67
CA GLU H 492 4.80 63.25 -26.81
C GLU H 492 3.49 63.43 -27.61
N SER H 493 3.56 63.95 -28.84
CA SER H 493 2.36 64.07 -29.68
C SER H 493 2.00 62.76 -30.40
N ARG H 494 3.01 61.94 -30.74
CA ARG H 494 2.87 60.70 -31.51
C ARG H 494 2.60 59.43 -30.65
N GLY H 495 2.38 59.59 -29.34
CA GLY H 495 2.06 58.49 -28.43
C GLY H 495 3.26 57.85 -27.72
N PHE H 496 4.48 58.32 -27.96
CA PHE H 496 5.70 57.96 -27.23
C PHE H 496 5.88 58.96 -26.06
N ILE H 497 5.30 58.63 -24.91
CA ILE H 497 5.09 59.58 -23.82
C ILE H 497 6.15 59.37 -22.75
N PHE H 498 6.85 60.44 -22.37
CA PHE H 498 7.94 60.36 -21.41
C PHE H 498 7.40 60.36 -19.98
N VAL H 499 7.04 59.16 -19.50
CA VAL H 499 6.46 58.92 -18.18
C VAL H 499 7.27 59.55 -17.05
N GLY H 500 8.60 59.61 -17.14
CA GLY H 500 9.48 60.07 -16.06
C GLY H 500 10.68 60.88 -16.52
N LYS H 501 11.06 61.87 -15.71
CA LYS H 501 12.09 62.87 -16.00
C LYS H 501 12.93 63.19 -14.76
N ASP H 502 14.10 63.77 -14.98
CA ASP H 502 14.92 64.36 -13.92
C ASP H 502 14.20 65.52 -13.22
N GLU H 503 14.52 65.79 -11.96
CA GLU H 503 13.93 66.87 -11.16
C GLU H 503 13.98 68.29 -11.78
N THR H 504 14.91 68.60 -12.70
CA THR H 504 14.93 69.87 -13.45
C THR H 504 13.91 69.91 -14.61
N GLY H 505 13.33 68.77 -14.97
CA GLY H 505 12.43 68.57 -16.13
C GLY H 505 13.14 68.42 -17.48
N GLN H 506 14.41 68.81 -17.58
CA GLN H 506 15.12 68.97 -18.86
C GLN H 506 15.66 67.66 -19.44
N ARG H 507 15.72 66.59 -18.64
CA ARG H 507 16.31 65.30 -18.98
C ARG H 507 15.27 64.19 -18.91
N CYS H 508 15.22 63.33 -19.90
CA CYS H 508 14.20 62.29 -20.05
C CYS H 508 14.71 60.91 -19.66
N GLU H 509 13.98 60.22 -18.80
CA GLU H 509 14.50 59.07 -18.05
C GLU H 509 13.66 57.81 -18.18
N ILE H 510 12.35 57.91 -18.41
CA ILE H 510 11.48 56.78 -18.72
C ILE H 510 10.54 57.18 -19.86
N PHE H 511 10.26 56.28 -20.78
CA PHE H 511 9.09 56.40 -21.65
C PHE H 511 8.29 55.08 -21.67
N GLU H 512 7.00 55.18 -21.97
CA GLU H 512 6.14 54.06 -22.31
C GLU H 512 5.35 54.43 -23.57
N LEU H 513 5.30 53.52 -24.55
CA LEU H 513 4.54 53.75 -25.77
C LEU H 513 3.06 53.44 -25.55
N LYS H 514 2.17 54.39 -25.86
CA LYS H 514 0.71 54.21 -25.78
C LYS H 514 0.25 53.08 -26.71
N GLY H 515 -0.72 52.29 -26.27
CA GLY H 515 -1.38 51.30 -27.13
C GLY H 515 -0.55 50.08 -27.52
N HIS H 516 0.39 49.65 -26.67
CA HIS H 516 1.14 48.40 -26.79
C HIS H 516 1.09 47.62 -25.47
N PRO H 517 1.02 46.27 -25.45
CA PRO H 517 0.93 45.49 -24.21
C PRO H 517 1.97 45.80 -23.13
N TYR H 518 3.23 46.03 -23.51
CA TYR H 518 4.31 46.49 -22.61
C TYR H 518 5.54 46.89 -23.43
N TYR H 519 5.80 48.18 -23.60
CA TYR H 519 6.94 48.67 -24.37
C TYR H 519 7.52 49.89 -23.67
N VAL H 520 8.67 49.70 -23.02
CA VAL H 520 9.25 50.63 -22.05
C VAL H 520 10.68 50.97 -22.39
N GLY H 521 11.10 52.22 -22.31
CA GLY H 521 12.53 52.55 -22.16
C GLY H 521 12.83 53.11 -20.77
N THR H 522 13.90 52.68 -20.13
CA THR H 522 14.45 53.28 -18.90
C THR H 522 15.89 53.68 -19.14
N GLN H 523 16.26 54.94 -18.96
CA GLN H 523 17.63 55.40 -19.23
C GLN H 523 18.59 55.23 -18.05
N TYR H 524 18.05 55.12 -16.83
CA TYR H 524 18.79 54.49 -15.75
C TYR H 524 18.91 52.98 -16.00
N HIS H 525 19.74 52.32 -15.20
CA HIS H 525 19.95 50.89 -15.22
C HIS H 525 19.07 50.23 -14.15
N PRO H 526 17.97 49.55 -14.50
CA PRO H 526 17.17 48.91 -13.48
C PRO H 526 17.79 47.62 -12.97
N GLU H 527 18.84 47.08 -13.56
CA GLU H 527 19.39 45.79 -13.17
C GLU H 527 19.89 45.80 -11.72
N TYR H 528 20.68 46.82 -11.35
CA TYR H 528 21.55 46.77 -10.19
C TYR H 528 20.80 46.78 -8.85
N THR H 529 19.60 47.35 -8.83
CA THR H 529 18.76 47.50 -7.63
C THR H 529 17.88 46.30 -7.33
N SER H 530 17.76 45.34 -8.24
CA SER H 530 17.00 44.11 -8.01
C SER H 530 17.60 43.31 -6.84
N LYS H 531 16.75 42.81 -5.94
CA LYS H 531 17.13 41.86 -4.88
C LYS H 531 16.43 40.53 -5.11
N VAL H 532 16.95 39.43 -4.60
CA VAL H 532 16.39 38.06 -4.81
C VAL H 532 14.94 37.91 -4.33
N LEU H 533 14.44 38.80 -3.48
CA LEU H 533 13.06 38.82 -3.00
C LEU H 533 12.30 40.10 -3.39
N GLU H 534 12.87 40.93 -4.28
CA GLU H 534 12.34 42.22 -4.71
C GLU H 534 12.90 42.51 -6.12
N PRO H 535 12.34 41.88 -7.16
CA PRO H 535 12.83 42.05 -8.53
C PRO H 535 12.58 43.46 -9.03
N SER H 536 13.48 43.95 -9.87
CA SER H 536 13.44 45.35 -10.30
C SER H 536 12.18 45.60 -11.12
N ARG H 537 11.40 46.62 -10.80
CA ARG H 537 10.04 46.77 -11.35
C ARG H 537 9.94 46.73 -12.88
N PRO H 538 10.83 47.33 -13.68
CA PRO H 538 10.75 47.22 -15.14
C PRO H 538 11.00 45.79 -15.63
N PHE H 539 11.90 45.06 -14.97
CA PHE H 539 12.23 43.67 -15.30
C PHE H 539 11.12 42.70 -14.85
N TRP H 540 10.46 42.98 -13.71
CA TRP H 540 9.27 42.26 -13.31
C TRP H 540 8.15 42.52 -14.30
N GLY H 541 8.00 43.74 -14.79
CA GLY H 541 7.10 44.08 -15.89
C GLY H 541 7.36 43.26 -17.16
N LEU H 542 8.59 43.21 -17.64
CA LEU H 542 8.94 42.44 -18.85
C LEU H 542 8.62 40.96 -18.71
N VAL H 543 9.12 40.30 -17.67
CA VAL H 543 8.90 38.86 -17.50
C VAL H 543 7.46 38.54 -17.17
N ALA H 544 6.70 39.45 -16.57
CA ALA H 544 5.27 39.28 -16.44
C ALA H 544 4.55 39.40 -17.78
N ALA H 545 4.76 40.46 -18.56
CA ALA H 545 4.13 40.63 -19.87
C ALA H 545 4.39 39.43 -20.80
N ALA H 546 5.64 38.97 -20.85
CA ALA H 546 6.02 37.80 -21.62
C ALA H 546 5.39 36.48 -21.11
N SER H 547 5.15 36.34 -19.81
CA SER H 547 4.44 35.18 -19.23
C SER H 547 2.93 35.22 -19.42
N GLY H 548 2.38 36.35 -19.85
CA GLY H 548 0.99 36.71 -19.56
C GLY H 548 0.78 37.03 -18.08
N THR H 549 -0.43 37.47 -17.73
CA THR H 549 -0.79 37.84 -16.36
C THR H 549 -0.04 39.08 -15.82
N LEU H 550 0.28 40.04 -16.69
CA LEU H 550 0.79 41.36 -16.28
C LEU H 550 -0.18 42.09 -15.33
N GLY H 551 -1.47 41.97 -15.57
CA GLY H 551 -2.50 42.49 -14.66
C GLY H 551 -2.44 41.87 -13.27
N GLU H 552 -2.29 40.55 -13.15
CA GLU H 552 -2.21 39.86 -11.85
C GLU H 552 -0.96 40.24 -11.04
N VAL H 553 0.16 40.49 -11.72
CA VAL H 553 1.36 41.08 -11.08
C VAL H 553 1.07 42.48 -10.57
N ILE H 554 0.37 43.32 -11.34
CA ILE H 554 0.00 44.66 -10.88
C ILE H 554 -0.90 44.62 -9.64
N LYS H 555 -1.73 43.59 -9.41
CA LYS H 555 -2.40 43.41 -8.10
C LYS H 555 -1.42 42.97 -7.01
N ASP H 556 -0.53 42.03 -7.27
CA ASP H 556 0.42 41.56 -6.26
C ASP H 556 1.30 42.70 -5.71
N ILE H 557 1.65 43.66 -6.57
CA ILE H 557 2.35 44.89 -6.17
C ILE H 557 1.46 45.80 -5.33
N ASN H 558 0.29 46.19 -5.86
CA ASN H 558 -0.47 47.30 -5.28
C ASN H 558 -1.34 46.91 -4.07
N LEU H 559 -1.62 45.63 -3.83
CA LEU H 559 -2.26 45.16 -2.61
C LEU H 559 -1.30 45.24 -1.41
N MET I 1 39.23 9.15 29.65
CA MET I 1 38.25 8.25 30.27
C MET I 1 37.12 9.04 30.94
N LYS I 2 35.90 8.51 30.95
CA LYS I 2 34.73 9.08 31.64
C LYS I 2 33.99 7.94 32.34
N TYR I 3 33.29 8.20 33.45
CA TYR I 3 32.46 7.22 34.15
C TYR I 3 31.07 7.76 34.37
N VAL I 4 30.06 6.92 34.23
CA VAL I 4 28.70 7.19 34.73
C VAL I 4 28.32 6.06 35.66
N VAL I 5 28.07 6.33 36.92
CA VAL I 5 27.72 5.28 37.89
C VAL I 5 26.21 5.31 38.03
N VAL I 6 25.53 4.17 37.88
CA VAL I 6 24.09 4.00 38.05
C VAL I 6 23.86 3.24 39.34
N SER I 7 23.02 3.78 40.22
CA SER I 7 23.15 3.56 41.66
C SER I 7 21.83 3.83 42.38
N GLY I 8 21.79 3.55 43.68
CA GLY I 8 20.82 4.18 44.55
C GLY I 8 19.78 3.24 45.11
N GLY I 9 18.52 3.63 45.01
CA GLY I 9 17.37 2.82 45.40
C GLY I 9 17.06 2.92 46.89
N VAL I 10 15.78 3.17 47.20
CA VAL I 10 15.16 2.85 48.49
C VAL I 10 15.02 1.34 48.68
N ILE I 11 14.76 0.60 47.60
CA ILE I 11 14.59 -0.86 47.54
C ILE I 11 15.45 -1.46 46.44
N SER I 12 15.95 -2.68 46.64
CA SER I 12 16.87 -3.34 45.72
C SER I 12 16.21 -3.95 44.48
N GLY I 13 14.91 -4.24 44.49
CA GLY I 13 14.16 -4.76 43.33
C GLY I 13 13.73 -3.70 42.30
N ILE I 14 14.23 -2.47 42.41
CA ILE I 14 13.73 -1.29 41.68
C ILE I 14 13.99 -1.25 40.18
N GLY I 15 14.88 -2.09 39.66
CA GLY I 15 15.19 -2.14 38.23
C GLY I 15 16.15 -1.04 37.77
N LYS I 16 17.38 -1.07 38.28
CA LYS I 16 18.50 -0.24 37.81
C LYS I 16 19.10 -0.74 36.50
N GLY I 17 19.03 -2.04 36.24
CA GLY I 17 19.72 -2.70 35.12
C GLY I 17 19.29 -2.23 33.74
N VAL I 18 18.02 -1.84 33.57
CA VAL I 18 17.58 -1.18 32.33
C VAL I 18 18.17 0.21 32.24
N LEU I 19 18.13 1.04 33.28
CA LEU I 19 18.70 2.38 33.19
C LEU I 19 20.21 2.36 32.92
N ALA I 20 20.96 1.40 33.46
CA ALA I 20 22.34 1.18 33.06
C ALA I 20 22.47 0.76 31.59
N SER I 21 21.84 -0.35 31.18
CA SER I 21 21.91 -0.90 29.82
C SER I 21 21.35 0.02 28.74
N SER I 22 20.64 1.06 29.11
CA SER I 22 19.91 2.05 28.32
C SER I 22 20.56 3.42 28.39
N THR I 23 21.38 3.72 29.40
CA THR I 23 22.16 4.95 29.43
C THR I 23 23.36 4.75 28.55
N GLY I 24 23.95 3.56 28.60
CA GLY I 24 25.09 3.22 27.81
C GLY I 24 24.80 3.11 26.36
N MET I 25 23.56 2.74 26.04
CA MET I 25 23.07 2.68 24.67
C MET I 25 22.92 4.09 24.12
N LEU I 26 22.30 5.00 24.88
CA LEU I 26 22.22 6.38 24.45
C LEU I 26 23.60 6.99 24.23
N LEU I 27 24.57 6.77 25.10
CA LEU I 27 25.93 7.26 24.84
C LEU I 27 26.57 6.62 23.61
N LYS I 28 26.27 5.36 23.28
CA LYS I 28 26.79 4.75 22.06
C LYS I 28 26.23 5.37 20.78
N THR I 29 25.06 6.02 20.84
CA THR I 29 24.56 6.81 19.72
C THR I 29 25.34 8.09 19.44
N LEU I 30 26.11 8.63 20.39
CA LEU I 30 27.12 9.68 20.11
C LEU I 30 28.35 9.11 19.38
N GLY I 31 28.46 7.79 19.23
CA GLY I 31 29.59 7.12 18.58
C GLY I 31 30.71 6.73 19.53
N LEU I 32 30.60 7.08 20.82
CA LEU I 32 31.59 6.75 21.86
C LEU I 32 31.80 5.24 22.01
N LYS I 33 33.03 4.77 22.20
CA LYS I 33 33.31 3.34 22.47
C LYS I 33 32.94 3.00 23.91
N VAL I 34 31.65 2.80 24.18
CA VAL I 34 31.16 2.62 25.57
C VAL I 34 31.49 1.22 26.12
N THR I 35 31.78 1.11 27.42
CA THR I 35 31.90 -0.17 28.15
C THR I 35 31.07 -0.10 29.42
N SER I 36 30.96 -1.21 30.15
CA SER I 36 30.17 -1.28 31.38
C SER I 36 30.76 -2.24 32.40
N ILE I 37 30.52 -1.97 33.67
CA ILE I 37 30.99 -2.77 34.82
C ILE I 37 29.76 -3.04 35.68
N LYS I 38 29.58 -4.26 36.15
CA LYS I 38 28.56 -4.62 37.13
C LYS I 38 29.26 -4.73 38.47
N ILE I 39 28.72 -4.14 39.53
CA ILE I 39 29.11 -4.45 40.90
C ILE I 39 27.96 -5.29 41.48
N ASP I 40 28.28 -6.46 42.02
CA ASP I 40 27.35 -7.30 42.75
C ASP I 40 27.82 -7.49 44.20
N PRO I 41 27.07 -6.97 45.19
CA PRO I 41 27.41 -7.10 46.59
C PRO I 41 27.42 -8.53 47.17
N TYR I 42 26.95 -9.54 46.46
CA TYR I 42 27.01 -10.93 46.96
C TYR I 42 28.42 -11.45 47.10
N MET I 43 28.59 -12.46 47.96
CA MET I 43 29.91 -13.06 48.21
C MET I 43 30.35 -14.08 47.15
N ASN I 44 29.52 -14.45 46.18
CA ASN I 44 30.00 -15.42 45.20
C ASN I 44 31.15 -14.87 44.36
N ILE I 45 32.20 -15.68 44.22
CA ILE I 45 33.28 -15.37 43.29
C ILE I 45 32.76 -15.17 41.89
N ASP I 46 32.03 -16.17 41.41
CA ASP I 46 31.37 -16.14 40.13
C ASP I 46 30.18 -17.12 40.14
N ALA I 47 29.22 -16.87 39.26
CA ALA I 47 27.88 -17.45 39.35
C ALA I 47 27.81 -18.96 39.16
N GLY I 48 28.88 -19.62 38.71
CA GLY I 48 28.90 -21.07 38.41
C GLY I 48 28.46 -21.98 39.57
N THR I 49 28.59 -21.53 40.82
CA THR I 49 28.17 -22.29 42.00
C THR I 49 26.68 -22.22 42.30
N MET I 50 25.95 -21.21 41.80
CA MET I 50 24.56 -20.95 42.20
C MET I 50 23.58 -21.37 41.09
N SER I 51 22.69 -22.30 41.43
CA SER I 51 21.76 -22.95 40.51
C SER I 51 20.76 -21.97 39.87
N PRO I 52 20.30 -22.22 38.63
CA PRO I 52 19.34 -21.36 37.94
C PRO I 52 17.99 -21.11 38.65
N LEU I 53 17.61 -21.93 39.64
CA LEU I 53 16.49 -21.63 40.54
C LEU I 53 16.74 -20.36 41.36
N GLU I 54 17.97 -20.14 41.79
CA GLU I 54 18.35 -19.11 42.75
C GLU I 54 18.75 -17.80 42.02
N HIS I 55 17.76 -16.94 41.75
CA HIS I 55 17.93 -15.67 41.03
C HIS I 55 18.44 -15.80 39.58
N GLY I 56 17.90 -16.74 38.82
CA GLY I 56 17.99 -16.80 37.36
C GLY I 56 19.22 -17.52 36.76
N GLU I 57 19.26 -17.57 35.42
CA GLU I 57 20.17 -18.40 34.61
C GLU I 57 21.66 -18.23 34.88
N CYS I 58 22.45 -19.23 34.53
CA CYS I 58 23.91 -19.22 34.64
C CYS I 58 24.55 -18.73 33.33
N PHE I 59 24.87 -17.44 33.22
CA PHE I 59 25.40 -16.83 31.97
C PHE I 59 26.76 -17.42 31.56
N VAL I 60 27.24 -17.17 30.33
CA VAL I 60 28.59 -17.55 29.87
C VAL I 60 29.24 -16.44 29.07
N LEU I 61 30.50 -16.13 29.35
CA LEU I 61 31.35 -15.15 28.64
C LEU I 61 32.36 -15.81 27.70
N ASP I 62 33.05 -15.05 26.86
CA ASP I 62 34.10 -15.59 25.99
C ASP I 62 35.19 -16.34 26.75
N ASP I 63 35.52 -15.89 27.96
CA ASP I 63 36.50 -16.52 28.88
C ASP I 63 36.07 -17.90 29.41
N GLY I 64 34.78 -18.23 29.29
CA GLY I 64 34.15 -19.31 30.06
C GLY I 64 33.66 -18.89 31.44
N GLY I 65 33.75 -17.61 31.79
CA GLY I 65 33.34 -17.08 33.09
C GLY I 65 31.83 -17.11 33.31
N GLU I 66 31.37 -18.04 34.11
CA GLU I 66 29.96 -18.19 34.48
C GLU I 66 29.55 -17.05 35.41
N THR I 67 28.64 -16.16 34.97
CA THR I 67 28.55 -14.79 35.52
C THR I 67 27.15 -14.27 35.76
N ASP I 68 27.05 -13.13 36.45
CA ASP I 68 25.78 -12.48 36.73
C ASP I 68 25.01 -12.14 35.45
N LEU I 69 23.69 -12.35 35.48
CA LEU I 69 22.76 -12.01 34.41
C LEU I 69 23.02 -10.63 33.82
N ASP I 70 23.30 -9.65 34.67
CA ASP I 70 23.31 -8.27 34.25
C ASP I 70 24.45 -7.95 33.28
N LEU I 71 25.51 -8.76 33.21
CA LEU I 71 26.47 -8.62 32.12
C LEU I 71 25.78 -8.81 30.76
N GLY I 72 24.90 -9.80 30.66
CA GLY I 72 24.22 -10.12 29.43
C GLY I 72 23.42 -8.95 28.92
N ASN I 73 22.67 -8.26 29.78
CA ASN I 73 21.87 -7.10 29.35
C ASN I 73 22.74 -6.01 28.71
N TYR I 74 23.93 -5.71 29.24
CA TYR I 74 24.80 -4.75 28.57
C TYR I 74 25.34 -5.32 27.27
N GLU I 75 25.77 -6.58 27.22
CA GLU I 75 26.31 -7.17 25.98
C GLU I 75 25.32 -7.03 24.84
N ARG I 76 24.05 -7.42 25.06
CA ARG I 76 23.04 -7.37 24.01
C ARG I 76 22.54 -5.96 23.67
N TYR I 77 22.46 -5.03 24.62
CA TYR I 77 22.11 -3.63 24.30
C TYR I 77 23.25 -2.88 23.63
N LEU I 78 24.49 -3.11 24.05
CA LEU I 78 25.63 -2.28 23.65
C LEU I 78 26.49 -2.90 22.54
N GLY I 79 26.23 -4.15 22.16
CA GLY I 79 26.99 -4.89 21.14
C GLY I 79 28.36 -5.37 21.61
N ILE I 80 28.73 -5.07 22.85
CA ILE I 80 30.05 -5.30 23.41
C ILE I 80 30.27 -6.75 23.80
N THR I 81 31.52 -7.17 23.86
CA THR I 81 31.94 -8.43 24.50
C THR I 81 32.58 -8.11 25.84
N LEU I 82 32.12 -8.74 26.92
CA LEU I 82 32.68 -8.55 28.25
C LEU I 82 33.60 -9.71 28.67
N SER I 83 34.31 -9.54 29.78
CA SER I 83 35.21 -10.53 30.39
C SER I 83 34.86 -10.70 31.86
N ARG I 84 35.23 -11.81 32.48
CA ARG I 84 34.82 -12.12 33.85
C ARG I 84 35.30 -11.10 34.89
N ASP I 85 36.29 -10.28 34.58
CA ASP I 85 36.69 -9.14 35.40
C ASP I 85 35.64 -8.02 35.44
N HIS I 86 34.74 -7.88 34.47
CA HIS I 86 33.74 -6.81 34.46
C HIS I 86 32.64 -6.98 35.52
N ASN I 87 32.60 -8.13 36.17
CA ASN I 87 31.71 -8.42 37.28
C ASN I 87 32.49 -8.25 38.61
N ILE I 88 32.53 -7.04 39.15
CA ILE I 88 33.09 -6.84 40.49
C ILE I 88 32.13 -7.51 41.48
N THR I 89 32.66 -8.26 42.47
CA THR I 89 31.82 -8.75 43.56
C THR I 89 32.48 -8.62 44.92
N THR I 90 31.69 -8.63 45.98
CA THR I 90 32.25 -8.68 47.33
C THR I 90 33.09 -9.93 47.52
N GLY I 91 32.63 -11.06 46.97
CA GLY I 91 33.44 -12.28 46.89
C GLY I 91 34.80 -12.10 46.23
N LYS I 92 34.80 -11.52 45.04
CA LYS I 92 36.04 -11.36 44.27
C LYS I 92 37.00 -10.44 44.98
N ILE I 93 36.59 -9.20 45.31
CA ILE I 93 37.56 -8.21 45.78
C ILE I 93 38.11 -8.57 47.16
N TYR I 94 37.29 -9.15 48.04
CA TYR I 94 37.77 -9.63 49.33
C TYR I 94 38.65 -10.88 49.16
N SER I 95 38.32 -11.81 48.28
CA SER I 95 39.19 -12.96 47.96
C SER I 95 40.53 -12.50 47.36
N HIS I 96 40.50 -11.46 46.54
CA HIS I 96 41.68 -10.85 45.92
C HIS I 96 42.58 -10.24 46.98
N VAL I 97 42.13 -9.22 47.73
CA VAL I 97 43.02 -8.58 48.69
C VAL I 97 43.43 -9.52 49.83
N ILE I 98 42.57 -10.42 50.33
CA ILE I 98 42.97 -11.41 51.33
C ILE I 98 43.95 -12.42 50.74
N SER I 99 43.85 -12.83 49.48
CA SER I 99 44.89 -13.68 48.88
C SER I 99 46.21 -12.90 48.70
N ARG I 100 46.10 -11.61 48.37
CA ARG I 100 47.25 -10.70 48.27
C ARG I 100 47.97 -10.54 49.61
N GLU I 101 47.29 -10.58 50.74
CA GLU I 101 47.94 -10.59 52.06
C GLU I 101 48.87 -11.77 52.27
N ARG I 102 48.43 -12.99 51.99
CA ARG I 102 49.31 -14.17 52.15
C ARG I 102 50.48 -14.13 51.15
N ARG I 103 50.34 -13.44 50.02
CA ARG I 103 51.42 -13.11 49.07
C ARG I 103 52.37 -12.02 49.59
N GLY I 104 51.90 -11.13 50.48
CA GLY I 104 52.71 -10.18 51.23
C GLY I 104 52.78 -8.76 50.67
N ASP I 105 52.03 -8.43 49.62
CA ASP I 105 52.28 -7.21 48.83
C ASP I 105 52.03 -5.88 49.55
N TYR I 106 51.35 -5.86 50.70
CA TYR I 106 51.23 -4.66 51.53
C TYR I 106 52.42 -4.46 52.48
N LEU I 107 53.53 -5.17 52.24
CA LEU I 107 54.81 -5.03 52.96
C LEU I 107 54.69 -5.26 54.48
N GLY I 108 53.74 -6.11 54.87
CA GLY I 108 53.48 -6.35 56.27
C GLY I 108 52.88 -5.18 57.01
N LYS I 109 52.15 -4.29 56.34
CA LYS I 109 51.29 -3.30 57.03
C LYS I 109 49.97 -3.93 57.53
N THR I 110 49.11 -3.14 58.18
CA THR I 110 47.72 -3.59 58.44
C THR I 110 47.05 -3.47 57.09
N VAL I 111 46.08 -4.31 56.73
CA VAL I 111 45.32 -4.14 55.46
C VAL I 111 43.91 -3.66 55.85
N GLN I 112 43.81 -2.50 56.48
CA GLN I 112 42.49 -1.94 56.86
C GLN I 112 41.61 -1.97 55.61
N ILE I 113 40.27 -2.09 55.72
CA ILE I 113 39.37 -2.05 54.52
C ILE I 113 39.26 -0.60 54.02
N VAL I 114 39.38 0.42 54.86
CA VAL I 114 39.46 1.82 54.34
C VAL I 114 40.83 1.89 53.69
N PRO I 115 41.38 3.03 53.22
CA PRO I 115 42.60 2.99 52.45
C PRO I 115 42.85 1.76 51.58
N HIS I 116 43.27 0.62 52.10
CA HIS I 116 43.82 -0.36 51.15
C HIS I 116 42.79 -1.11 50.30
N LEU I 117 41.74 -1.72 50.84
CA LEU I 117 40.76 -2.42 49.99
C LEU I 117 39.98 -1.45 49.11
N THR I 118 39.52 -0.29 49.60
CA THR I 118 38.89 0.70 48.72
C THR I 118 39.85 1.19 47.64
N ASN I 119 41.16 1.18 47.88
CA ASN I 119 42.14 1.44 46.83
C ASN I 119 42.18 0.29 45.80
N ALA I 120 42.05 -0.98 46.20
CA ALA I 120 41.96 -2.09 45.25
C ALA I 120 40.71 -1.97 44.36
N ILE I 121 39.55 -1.58 44.89
CA ILE I 121 38.37 -1.29 44.05
C ILE I 121 38.69 -0.20 43.04
N GLN I 122 39.25 0.92 43.47
CA GLN I 122 39.52 2.02 42.58
C GLN I 122 40.57 1.67 41.53
N ASP I 123 41.47 0.76 41.83
CA ASP I 123 42.43 0.18 40.88
C ASP I 123 41.71 -0.76 39.92
N TRP I 124 40.88 -1.70 40.42
CA TRP I 124 40.14 -2.63 39.57
C TRP I 124 39.25 -1.93 38.56
N ILE I 125 38.45 -0.94 38.95
CA ILE I 125 37.64 -0.16 38.00
C ILE I 125 38.50 0.53 36.94
N GLN I 126 39.68 1.03 37.30
CA GLN I 126 40.61 1.66 36.35
C GLN I 126 41.34 0.67 35.48
N ARG I 127 41.57 -0.57 35.91
CA ARG I 127 42.09 -1.61 35.04
C ARG I 127 41.04 -1.99 34.00
N VAL I 128 39.88 -2.41 34.49
CA VAL I 128 38.78 -3.00 33.75
C VAL I 128 38.23 -2.07 32.72
N SER I 129 37.98 -0.81 33.01
CA SER I 129 37.48 0.13 32.01
C SER I 129 38.47 0.41 30.86
N LYS I 130 39.76 0.00 30.93
CA LYS I 130 40.73 0.09 29.82
C LYS I 130 40.89 -1.20 29.01
N ILE I 131 40.23 -2.29 29.37
CA ILE I 131 40.19 -3.52 28.56
C ILE I 131 39.33 -3.27 27.32
N PRO I 132 39.74 -3.63 26.08
CA PRO I 132 38.92 -3.41 24.90
C PRO I 132 37.71 -4.35 24.84
N VAL I 133 36.61 -3.90 24.22
CA VAL I 133 35.35 -4.67 24.20
C VAL I 133 34.65 -4.74 22.84
N ASP I 134 34.90 -3.82 21.91
CA ASP I 134 34.35 -3.82 20.55
C ASP I 134 35.16 -4.73 19.58
N ASP I 135 34.80 -4.74 18.30
CA ASP I 135 35.43 -5.58 17.25
C ASP I 135 36.91 -5.24 16.95
N THR I 136 37.42 -4.14 17.50
CA THR I 136 38.82 -3.70 17.42
C THR I 136 39.34 -3.35 18.81
N GLY I 137 40.64 -3.51 19.04
CA GLY I 137 41.30 -3.36 20.33
C GLY I 137 41.48 -1.92 20.82
N LEU I 138 40.54 -1.03 20.54
CA LEU I 138 40.53 0.36 21.00
C LEU I 138 39.91 0.45 22.39
N GLU I 139 40.55 1.16 23.32
CA GLU I 139 40.11 1.27 24.70
C GLU I 139 38.88 2.19 24.83
N PRO I 140 37.94 1.89 25.74
CA PRO I 140 36.68 2.61 25.90
C PRO I 140 36.74 4.12 26.16
N ASP I 141 35.80 4.89 25.63
CA ASP I 141 35.68 6.32 25.91
C ASP I 141 34.94 6.59 27.23
N VAL I 142 33.87 5.83 27.51
CA VAL I 142 33.00 6.00 28.68
C VAL I 142 32.69 4.63 29.29
N CYS I 143 32.69 4.54 30.61
CA CYS I 143 32.32 3.33 31.34
C CYS I 143 31.07 3.53 32.22
N ILE I 144 30.04 2.72 32.02
CA ILE I 144 28.84 2.69 32.88
C ILE I 144 29.07 1.71 34.04
N ILE I 145 29.06 2.16 35.28
CA ILE I 145 29.19 1.27 36.43
C ILE I 145 27.81 1.07 37.06
N GLU I 146 27.27 -0.15 37.08
CA GLU I 146 26.03 -0.44 37.79
C GLU I 146 26.33 -0.92 39.22
N LEU I 147 26.02 -0.10 40.22
CA LEU I 147 26.26 -0.42 41.64
C LEU I 147 25.08 -1.26 42.15
N GLY I 148 25.30 -2.58 42.21
CA GLY I 148 24.34 -3.52 42.77
C GLY I 148 24.11 -3.33 44.27
N GLY I 149 23.07 -3.95 44.80
CA GLY I 149 22.57 -3.60 46.12
C GLY I 149 21.92 -2.21 46.17
N THR I 150 21.97 -1.53 47.32
CA THR I 150 21.57 -0.11 47.40
C THR I 150 22.63 0.74 48.10
N VAL I 151 22.61 2.06 47.86
CA VAL I 151 23.51 3.02 48.57
C VAL I 151 22.82 3.24 49.92
N GLY I 152 23.37 2.72 51.01
CA GLY I 152 22.72 2.77 52.34
C GLY I 152 22.52 1.34 52.81
N ASP I 153 23.57 0.53 52.77
CA ASP I 153 23.51 -0.90 53.14
C ASP I 153 24.80 -1.27 53.86
N ILE I 154 25.03 -2.55 54.13
CA ILE I 154 26.28 -3.06 54.78
C ILE I 154 27.04 -3.94 53.79
N GLU I 155 26.40 -4.44 52.73
CA GLU I 155 27.09 -5.20 51.66
C GLU I 155 27.54 -4.18 50.62
N SER I 156 26.97 -2.97 50.65
CA SER I 156 27.38 -1.93 49.71
C SER I 156 28.59 -1.13 50.18
N ALA I 157 28.90 -1.20 51.46
CA ALA I 157 29.66 -0.20 52.18
C ALA I 157 31.06 0.10 51.62
N PRO I 158 31.93 -0.87 51.33
CA PRO I 158 33.21 -0.59 50.72
C PRO I 158 33.09 0.02 49.32
N PHE I 159 32.06 -0.33 48.54
CA PHE I 159 31.88 0.23 47.22
C PHE I 159 31.49 1.69 47.31
N VAL I 160 30.55 2.08 48.16
CA VAL I 160 30.19 3.51 48.21
C VAL I 160 31.35 4.37 48.73
N GLU I 161 32.20 3.86 49.63
CA GLU I 161 33.42 4.58 50.02
C GLU I 161 34.42 4.65 48.90
N ALA I 162 34.73 3.51 48.28
CA ALA I 162 35.62 3.47 47.14
C ALA I 162 35.21 4.47 46.06
N LEU I 163 33.92 4.58 45.77
CA LEU I 163 33.35 5.53 44.81
C LEU I 163 33.33 6.98 45.31
N ARG I 164 33.24 7.25 46.62
CA ARG I 164 33.53 8.59 47.10
C ARG I 164 34.99 8.95 46.77
N GLN I 165 35.99 8.12 47.06
CA GLN I 165 37.35 8.47 46.69
C GLN I 165 37.48 8.58 45.16
N PHE I 166 36.82 7.68 44.44
CA PHE I 166 36.88 7.63 42.97
C PHE I 166 36.25 8.82 42.24
N GLN I 167 35.41 9.60 42.95
CA GLN I 167 34.91 10.87 42.49
C GLN I 167 36.02 11.92 42.37
N PHE I 168 37.16 11.69 43.04
CA PHE I 168 38.33 12.57 43.00
C PHE I 168 39.58 11.95 42.41
N GLU I 169 39.86 10.68 42.71
CA GLU I 169 41.00 9.97 42.13
C GLU I 169 40.87 9.86 40.60
N VAL I 170 39.64 9.92 40.07
CA VAL I 170 39.29 10.40 38.73
C VAL I 170 38.55 11.74 38.92
N GLY I 171 38.95 12.78 38.21
CA GLY I 171 38.40 14.12 38.45
C GLY I 171 36.88 14.20 38.22
N ARG I 172 36.13 15.02 38.99
CA ARG I 172 34.79 15.46 38.60
C ARG I 172 34.86 16.07 37.21
N GLU I 173 33.75 16.01 36.50
CA GLU I 173 33.70 16.14 35.03
C GLU I 173 34.32 14.99 34.22
N ASN I 174 34.97 14.02 34.85
CA ASN I 174 35.13 12.65 34.31
C ASN I 174 34.27 11.62 35.05
N PHE I 175 33.35 12.03 35.93
CA PHE I 175 32.49 11.14 36.70
C PHE I 175 31.12 11.77 36.89
N ALA I 176 30.05 10.99 36.82
CA ALA I 176 28.66 11.40 37.05
C ALA I 176 27.89 10.29 37.75
N LEU I 177 26.97 10.63 38.68
CA LEU I 177 26.15 9.65 39.40
C LEU I 177 24.66 9.77 39.02
N ILE I 178 24.06 8.68 38.62
CA ILE I 178 22.64 8.54 38.36
C ILE I 178 22.04 7.72 39.50
N HIS I 179 21.16 8.34 40.29
CA HIS I 179 20.50 7.72 41.42
C HIS I 179 19.06 7.33 41.04
N VAL I 180 18.83 6.03 40.87
CA VAL I 180 17.51 5.44 40.70
C VAL I 180 16.78 5.52 42.03
N SER I 181 15.47 5.78 42.04
CA SER I 181 14.78 5.97 43.31
C SER I 181 13.29 5.66 43.27
N LEU I 182 12.67 5.42 44.42
CA LEU I 182 11.28 5.01 44.52
C LEU I 182 10.40 6.20 44.92
N VAL I 183 9.30 6.41 44.19
CA VAL I 183 8.30 7.43 44.50
C VAL I 183 6.95 6.73 44.57
N PRO I 184 6.57 6.14 45.71
CA PRO I 184 5.32 5.39 45.83
C PRO I 184 4.09 6.23 45.56
N VAL I 185 3.00 5.59 45.13
CA VAL I 185 1.67 6.22 45.04
C VAL I 185 0.69 5.49 45.94
N ILE I 186 0.02 6.26 46.80
CA ILE I 186 -0.87 5.83 47.87
C ILE I 186 -2.07 6.78 47.86
N HIS I 187 -3.29 6.26 47.91
CA HIS I 187 -4.55 7.05 47.89
C HIS I 187 -4.63 8.11 46.79
N GLY I 188 -3.93 7.89 45.66
CA GLY I 188 -3.82 8.83 44.54
C GLY I 188 -2.75 9.93 44.64
N GLU I 189 -1.86 9.92 45.63
CA GLU I 189 -0.85 10.99 45.84
C GLU I 189 0.56 10.44 45.60
N GLN I 190 1.43 11.15 44.88
CA GLN I 190 2.82 10.70 44.64
C GLN I 190 3.65 11.03 45.89
N LYS I 191 4.31 10.03 46.50
CA LYS I 191 5.04 10.17 47.78
C LYS I 191 6.55 10.22 47.54
N THR I 192 7.19 11.38 47.42
CA THR I 192 8.66 11.57 47.30
C THR I 192 9.41 11.61 48.64
N LYS I 193 9.04 10.89 49.69
CA LYS I 193 9.84 10.84 50.97
C LYS I 193 10.77 9.62 51.03
N PRO I 194 10.50 8.46 50.39
CA PRO I 194 11.46 7.35 50.30
C PRO I 194 12.65 7.90 49.50
N THR I 195 12.41 8.61 48.40
CA THR I 195 13.48 9.22 47.57
C THR I 195 14.27 10.20 48.45
N GLN I 196 13.63 11.13 49.17
CA GLN I 196 14.33 12.17 49.97
C GLN I 196 15.07 11.51 51.15
N ALA I 197 14.80 10.26 51.50
CA ALA I 197 15.46 9.53 52.61
C ALA I 197 16.57 8.63 52.02
N ALA I 198 16.83 8.70 50.71
CA ALA I 198 17.96 8.00 50.06
C ALA I 198 18.89 9.06 49.46
N ILE I 199 18.50 10.34 49.36
CA ILE I 199 19.32 11.49 48.96
C ILE I 199 20.07 11.95 50.20
N LYS I 200 19.48 11.87 51.37
CA LYS I 200 20.12 12.14 52.65
C LYS I 200 21.24 11.13 52.81
N ASP I 201 20.97 9.83 52.69
CA ASP I 201 22.01 8.80 52.84
C ASP I 201 23.09 8.88 51.76
N LEU I 202 22.74 9.29 50.54
CA LEU I 202 23.71 9.40 49.46
C LEU I 202 24.75 10.47 49.80
N ARG I 203 24.32 11.67 50.18
CA ARG I 203 25.15 12.79 50.57
C ARG I 203 26.00 12.36 51.76
N SER I 204 25.40 11.62 52.71
CA SER I 204 26.11 11.13 53.90
C SER I 204 27.24 10.19 53.52
N LEU I 205 27.00 9.13 52.74
CA LEU I 205 28.02 8.18 52.26
C LEU I 205 29.02 8.82 51.27
N GLY I 206 28.68 9.99 50.70
CA GLY I 206 29.61 10.99 50.21
C GLY I 206 29.59 11.29 48.71
N LEU I 207 29.05 10.38 47.89
CA LEU I 207 28.76 10.71 46.50
C LEU I 207 27.72 11.81 46.41
N ILE I 208 27.70 12.60 45.33
CA ILE I 208 26.68 13.64 45.09
C ILE I 208 25.90 13.27 43.85
N PRO I 209 24.56 13.13 43.86
CA PRO I 209 23.82 12.73 42.67
C PRO I 209 23.69 13.73 41.54
N ASP I 210 23.52 13.36 40.28
CA ASP I 210 23.32 14.15 39.08
C ASP I 210 21.93 14.05 38.51
N MET I 211 21.38 12.86 38.39
CA MET I 211 20.05 12.50 37.93
C MET I 211 19.28 11.92 39.10
N ILE I 212 17.96 11.94 39.05
CA ILE I 212 17.10 11.31 40.04
C ILE I 212 16.07 10.54 39.25
N ALA I 213 16.37 9.28 38.97
CA ALA I 213 15.63 8.46 38.02
C ALA I 213 14.53 7.67 38.73
N CYS I 214 13.35 8.27 38.84
CA CYS I 214 12.26 7.70 39.60
C CYS I 214 11.57 6.54 38.88
N ARG I 215 11.27 5.47 39.61
CA ARG I 215 10.42 4.34 39.18
C ARG I 215 9.02 4.43 39.78
N CYS I 216 8.34 5.54 39.50
CA CYS I 216 6.93 5.73 39.86
C CYS I 216 6.01 4.88 39.00
N SER I 217 4.79 4.62 39.45
CA SER I 217 3.74 3.92 38.69
C SER I 217 3.10 4.78 37.59
N GLU I 218 3.50 6.04 37.45
CA GLU I 218 2.80 7.09 36.72
C GLU I 218 3.78 8.04 36.00
N GLU I 219 3.27 8.97 35.20
CA GLU I 219 4.03 10.20 34.95
C GLU I 219 4.17 11.01 36.24
N LEU I 220 5.38 11.49 36.55
CA LEU I 220 5.59 12.38 37.68
C LEU I 220 4.86 13.71 37.48
N ASN I 221 4.14 14.18 38.48
CA ASN I 221 3.50 15.50 38.42
C ASN I 221 4.56 16.60 38.30
N ARG I 222 4.26 17.73 37.64
CA ARG I 222 5.17 18.89 37.59
C ARG I 222 5.48 19.41 38.99
N SER I 223 4.54 19.37 39.92
CA SER I 223 4.77 19.70 41.34
C SER I 223 5.59 18.63 42.08
N THR I 224 5.52 17.35 41.71
CA THR I 224 6.36 16.28 42.27
C THR I 224 7.81 16.48 41.88
N ILE I 225 8.08 16.75 40.61
CA ILE I 225 9.43 17.06 40.13
C ILE I 225 9.96 18.32 40.82
N ASP I 226 9.16 19.38 40.91
CA ASP I 226 9.58 20.62 41.54
C ASP I 226 10.00 20.42 43.00
N LYS I 227 9.28 19.60 43.79
CA LYS I 227 9.69 19.25 45.15
C LYS I 227 10.91 18.33 45.20
N ILE I 228 11.04 17.32 44.34
CA ILE I 228 12.29 16.52 44.31
C ILE I 228 13.48 17.41 43.97
N ALA I 229 13.36 18.37 43.06
CA ALA I 229 14.40 19.35 42.74
C ALA I 229 14.61 20.43 43.84
N MET I 230 13.75 20.50 44.86
CA MET I 230 13.92 21.35 46.04
C MET I 230 14.68 20.62 47.14
N PHE I 231 14.44 19.32 47.31
CA PHE I 231 15.08 18.52 48.35
C PHE I 231 16.35 17.81 47.88
N CYS I 232 16.40 17.24 46.67
CA CYS I 232 17.68 17.00 46.01
C CYS I 232 18.11 18.31 45.33
N HIS I 233 19.41 18.52 45.11
CA HIS I 233 19.92 19.75 44.51
C HIS I 233 19.93 19.75 42.97
N VAL I 234 19.46 18.71 42.29
CA VAL I 234 19.34 18.71 40.82
C VAL I 234 18.30 19.72 40.34
N GLY I 235 18.49 20.28 39.15
CA GLY I 235 17.47 21.08 38.48
C GLY I 235 16.33 20.22 37.93
N PRO I 236 15.09 20.72 37.83
CA PRO I 236 13.91 19.91 37.53
C PRO I 236 13.96 19.19 36.18
N GLU I 237 14.70 19.70 35.19
CA GLU I 237 14.91 19.01 33.92
C GLU I 237 15.62 17.66 34.07
N GLN I 238 16.30 17.41 35.19
CA GLN I 238 17.16 16.25 35.41
C GLN I 238 16.50 15.10 36.18
N VAL I 239 15.25 15.29 36.60
CA VAL I 239 14.50 14.33 37.43
C VAL I 239 13.78 13.36 36.49
N VAL I 240 14.55 12.51 35.81
CA VAL I 240 14.00 11.66 34.75
C VAL I 240 12.96 10.68 35.30
N ASN I 241 11.91 10.40 34.53
CA ASN I 241 10.92 9.39 34.87
C ASN I 241 11.08 8.16 33.98
N VAL I 242 11.12 6.95 34.54
CA VAL I 242 11.45 5.73 33.78
C VAL I 242 10.29 4.73 33.77
N HIS I 243 9.06 5.25 33.61
CA HIS I 243 7.81 4.48 33.67
C HIS I 243 7.71 3.42 32.55
N ASP I 244 6.84 2.43 32.74
CA ASP I 244 6.63 1.34 31.78
C ASP I 244 6.12 1.83 30.41
N VAL I 245 6.63 1.21 29.34
CA VAL I 245 6.27 1.41 27.92
C VAL I 245 6.25 0.06 27.19
N ASN I 246 5.64 -0.01 26.02
CA ASN I 246 5.20 -1.22 25.31
C ASN I 246 6.22 -2.38 25.17
N SER I 247 7.52 -2.10 25.21
CA SER I 247 8.57 -3.11 25.45
C SER I 247 9.84 -2.42 25.96
N THR I 248 10.72 -3.11 26.67
CA THR I 248 11.96 -2.50 27.24
C THR I 248 12.91 -1.95 26.19
N TYR I 249 12.80 -2.31 24.92
CA TYR I 249 13.58 -1.70 23.86
C TYR I 249 13.17 -0.25 23.57
N HIS I 250 12.02 0.22 24.05
CA HIS I 250 11.67 1.64 23.97
C HIS I 250 12.38 2.50 25.01
N VAL I 251 12.86 1.94 26.12
CA VAL I 251 13.34 2.75 27.27
C VAL I 251 14.42 3.75 26.89
N PRO I 252 15.46 3.42 26.10
CA PRO I 252 16.41 4.41 25.62
C PRO I 252 15.76 5.62 24.98
N LEU I 253 14.72 5.46 24.17
CA LEU I 253 14.08 6.57 23.46
C LEU I 253 13.21 7.45 24.37
N LEU I 254 12.75 6.94 25.51
CA LEU I 254 12.11 7.75 26.56
C LEU I 254 13.14 8.64 27.24
N LEU I 255 14.31 8.10 27.53
CA LEU I 255 15.40 8.84 28.13
C LEU I 255 15.94 9.88 27.15
N LEU I 256 15.91 9.61 25.85
CA LEU I 256 16.27 10.57 24.81
C LEU I 256 15.24 11.70 24.66
N LYS I 257 13.94 11.43 24.82
CA LYS I 257 12.92 12.48 24.92
C LYS I 257 13.08 13.32 26.18
N GLN I 258 13.61 12.74 27.25
CA GLN I 258 13.86 13.39 28.54
C GLN I 258 15.26 14.01 28.63
N HIS I 259 15.83 14.41 27.49
CA HIS I 259 17.07 15.17 27.34
C HIS I 259 18.35 14.49 27.83
N MET I 260 18.35 13.19 28.16
CA MET I 260 19.47 12.61 28.90
C MET I 260 20.81 12.58 28.14
N ILE I 261 20.82 12.43 26.81
CA ILE I 261 22.06 12.66 26.05
C ILE I 261 22.48 14.13 26.12
N ASP I 262 21.57 15.09 25.99
CA ASP I 262 21.96 16.51 26.02
C ASP I 262 22.53 16.90 27.39
N TYR I 263 21.96 16.37 28.47
CA TYR I 263 22.53 16.54 29.79
C TYR I 263 23.88 15.84 29.92
N LEU I 264 24.02 14.54 29.65
CA LEU I 264 25.32 13.85 29.76
C LEU I 264 26.39 14.42 28.82
N HIS I 265 26.05 14.92 27.63
CA HIS I 265 27.00 15.60 26.76
C HIS I 265 27.59 16.84 27.44
N SER I 266 26.77 17.62 28.13
CA SER I 266 27.24 18.75 28.94
C SER I 266 28.01 18.29 30.18
N ARG I 267 27.37 17.52 31.07
CA ARG I 267 27.88 17.20 32.41
C ARG I 267 29.16 16.36 32.43
N LEU I 268 29.54 15.70 31.34
CA LEU I 268 30.82 15.02 31.19
C LEU I 268 31.70 15.63 30.07
N LYS I 269 31.31 16.76 29.51
CA LYS I 269 32.02 17.46 28.41
C LYS I 269 32.37 16.52 27.25
N LEU I 270 31.42 15.71 26.78
CA LEU I 270 31.65 14.63 25.80
C LEU I 270 32.07 15.17 24.43
N GLY I 271 31.86 16.46 24.15
CA GLY I 271 32.43 17.13 22.99
C GLY I 271 33.96 17.19 22.98
N GLU I 272 34.63 17.06 24.13
CA GLU I 272 36.09 17.05 24.23
C GLU I 272 36.72 15.66 23.99
N VAL I 273 35.93 14.58 23.93
CA VAL I 273 36.43 13.24 23.58
C VAL I 273 36.72 13.19 22.08
N PRO I 274 37.88 12.69 21.62
CA PRO I 274 38.18 12.58 20.19
C PRO I 274 37.38 11.47 19.50
N LEU I 275 36.62 11.82 18.46
CA LEU I 275 35.83 10.90 17.63
C LEU I 275 36.13 11.07 16.13
N THR I 276 36.20 9.98 15.38
CA THR I 276 36.28 10.02 13.91
C THR I 276 34.87 10.07 13.28
N LEU I 277 34.71 10.41 12.00
CA LEU I 277 33.42 10.19 11.33
C LEU I 277 33.01 8.72 11.30
N GLU I 278 33.96 7.78 11.26
CA GLU I 278 33.63 6.36 11.35
C GLU I 278 33.03 6.01 12.72
N ASP I 279 33.44 6.67 13.80
CA ASP I 279 32.72 6.62 15.07
C ASP I 279 31.36 7.31 14.99
N LYS I 280 31.33 8.60 14.63
CA LYS I 280 30.11 9.40 14.73
C LYS I 280 29.00 8.91 13.81
N GLU I 281 29.29 8.63 12.56
CA GLU I 281 28.27 8.15 11.62
C GLU I 281 27.80 6.74 11.98
N ARG I 282 28.63 5.88 12.57
CA ARG I 282 28.16 4.60 13.12
C ARG I 282 27.20 4.83 14.28
N GLY I 283 27.49 5.84 15.10
CA GLY I 283 26.64 6.30 16.18
C GLY I 283 25.26 6.71 15.69
N SER I 284 25.18 7.68 14.79
CA SER I 284 23.90 8.18 14.29
C SER I 284 23.18 7.16 13.40
N GLN I 285 23.88 6.25 12.72
CA GLN I 285 23.23 5.14 12.04
C GLN I 285 22.63 4.14 13.05
N LEU I 286 23.35 3.75 14.09
CA LEU I 286 22.81 2.86 15.12
C LEU I 286 21.56 3.45 15.77
N LEU I 287 21.52 4.76 16.02
CA LEU I 287 20.29 5.43 16.47
C LEU I 287 19.14 5.15 15.50
N THR I 288 19.33 5.30 14.19
CA THR I 288 18.26 5.01 13.24
C THR I 288 17.90 3.54 13.17
N ASN I 289 18.81 2.60 13.43
CA ASN I 289 18.43 1.21 13.56
C ASN I 289 17.54 1.01 14.79
N TRP I 290 17.79 1.72 15.90
CA TRP I 290 16.96 1.63 17.10
C TRP I 290 15.59 2.31 16.92
N GLU I 291 15.54 3.45 16.26
CA GLU I 291 14.28 4.09 15.88
C GLU I 291 13.48 3.21 14.89
N ASN I 292 14.14 2.55 13.94
CA ASN I 292 13.47 1.63 13.04
C ASN I 292 12.95 0.39 13.76
N MET I 293 13.74 -0.32 14.57
CA MET I 293 13.25 -1.54 15.19
C MET I 293 12.16 -1.27 16.23
N THR I 294 12.20 -0.14 16.95
CA THR I 294 11.10 0.28 17.83
C THR I 294 9.85 0.71 17.06
N LYS I 295 9.98 1.41 15.93
CA LYS I 295 8.83 1.65 15.03
C LYS I 295 8.27 0.32 14.48
N ASN I 296 9.10 -0.67 14.14
CA ASN I 296 8.61 -1.96 13.69
C ASN I 296 7.84 -2.68 14.81
N LEU I 297 8.29 -2.60 16.06
CA LEU I 297 7.56 -3.17 17.20
C LEU I 297 6.20 -2.47 17.40
N ASP I 298 6.13 -1.15 17.19
CA ASP I 298 4.91 -0.37 17.38
C ASP I 298 3.75 -0.73 16.45
N ASP I 299 3.97 -1.39 15.31
CA ASP I 299 2.89 -1.77 14.39
C ASP I 299 3.00 -3.18 13.76
N SER I 300 3.97 -3.99 14.18
CA SER I 300 3.93 -5.45 14.01
C SER I 300 2.74 -6.06 14.78
N ASP I 301 1.86 -6.79 14.08
CA ASP I 301 0.67 -7.42 14.64
C ASP I 301 0.63 -8.94 14.44
N ASP I 302 1.20 -9.45 13.37
CA ASP I 302 1.10 -10.85 13.00
C ASP I 302 1.91 -11.74 13.96
N VAL I 303 1.20 -12.51 14.78
CA VAL I 303 1.77 -13.27 15.87
C VAL I 303 2.57 -14.45 15.35
N VAL I 304 3.57 -14.88 16.10
CA VAL I 304 4.22 -16.18 15.97
C VAL I 304 4.31 -16.80 17.36
N LYS I 305 3.85 -18.05 17.52
CA LYS I 305 3.82 -18.75 18.81
C LYS I 305 4.97 -19.74 18.85
N ILE I 306 5.93 -19.58 19.76
CA ILE I 306 7.06 -20.50 19.92
C ILE I 306 6.92 -21.29 21.20
N ALA I 307 6.86 -22.60 21.18
CA ALA I 307 6.83 -23.40 22.40
C ALA I 307 8.23 -23.53 22.98
N LEU I 308 8.42 -23.08 24.19
CA LEU I 308 9.65 -23.29 24.94
C LEU I 308 9.36 -24.44 25.89
N VAL I 309 10.03 -25.56 25.65
CA VAL I 309 9.72 -26.85 26.27
C VAL I 309 10.81 -27.23 27.25
N GLY I 310 10.56 -27.20 28.55
CA GLY I 310 11.57 -27.54 29.57
C GLY I 310 11.07 -27.56 31.01
N LYS I 311 11.93 -27.90 31.97
CA LYS I 311 11.61 -27.85 33.41
C LYS I 311 11.65 -26.43 33.95
N TYR I 312 11.07 -26.20 35.12
CA TYR I 312 11.13 -24.94 35.87
C TYR I 312 10.63 -23.69 35.12
N THR I 313 9.68 -23.83 34.18
CA THR I 313 9.15 -22.69 33.40
C THR I 313 8.46 -21.63 34.24
N ASN I 314 8.07 -21.91 35.48
CA ASN I 314 7.59 -20.90 36.43
C ASN I 314 8.69 -19.92 36.88
N LEU I 315 9.96 -20.29 36.73
CA LEU I 315 11.15 -19.47 36.99
C LEU I 315 11.70 -18.95 35.65
N LYS I 316 10.98 -18.03 35.00
CA LYS I 316 11.28 -17.53 33.65
C LYS I 316 12.68 -16.91 33.51
N ASP I 317 13.20 -16.35 34.60
CA ASP I 317 14.56 -15.82 34.68
C ASP I 317 15.62 -16.92 34.56
N SER I 318 15.26 -18.19 34.78
CA SER I 318 16.11 -19.35 34.49
C SER I 318 16.41 -19.52 33.00
N TYR I 319 15.71 -18.78 32.15
CA TYR I 319 15.80 -18.72 30.70
C TYR I 319 15.87 -17.29 30.21
N LEU I 320 16.34 -16.29 30.95
CA LEU I 320 16.26 -14.91 30.48
C LEU I 320 16.91 -14.67 29.11
N SER I 321 18.02 -15.32 28.77
CA SER I 321 18.80 -15.12 27.55
C SER I 321 18.10 -15.78 26.37
N VAL I 322 17.41 -16.89 26.61
CA VAL I 322 16.59 -17.62 25.63
C VAL I 322 15.41 -16.76 25.20
N THR I 323 14.68 -16.22 26.15
CA THR I 323 13.57 -15.30 25.91
C THR I 323 14.04 -14.10 25.10
N LYS I 324 15.13 -13.44 25.53
CA LYS I 324 15.59 -12.21 24.90
C LYS I 324 16.07 -12.43 23.47
N SER I 325 16.71 -13.56 23.18
CA SER I 325 17.10 -13.92 21.83
C SER I 325 15.91 -14.14 20.90
N LEU I 326 14.83 -14.78 21.38
CA LEU I 326 13.58 -14.86 20.60
C LEU I 326 12.98 -13.47 20.35
N GLU I 327 13.04 -12.54 21.30
CA GLU I 327 12.56 -11.16 21.07
C GLU I 327 13.34 -10.45 19.95
N HIS I 328 14.67 -10.55 19.93
CA HIS I 328 15.47 -10.03 18.81
C HIS I 328 15.08 -10.68 17.48
N ALA I 329 14.94 -12.00 17.45
CA ALA I 329 14.59 -12.73 16.23
C ALA I 329 13.20 -12.34 15.73
N SER I 330 12.24 -12.17 16.64
CA SER I 330 10.88 -11.67 16.42
C SER I 330 10.86 -10.33 15.73
N MET I 331 11.49 -9.33 16.34
CA MET I 331 11.49 -7.97 15.81
C MET I 331 12.17 -7.90 14.45
N LYS I 332 13.16 -8.76 14.17
CA LYS I 332 13.83 -8.84 12.87
C LYS I 332 12.96 -9.47 11.76
N CYS I 333 12.15 -10.47 12.11
CA CYS I 333 11.10 -11.01 11.25
C CYS I 333 9.86 -10.13 11.10
N ARG I 334 9.69 -9.09 11.94
CA ARG I 334 8.49 -8.26 12.03
C ARG I 334 7.21 -9.03 12.36
N ARG I 335 7.33 -10.17 13.04
CA ARG I 335 6.21 -10.83 13.72
C ARG I 335 6.27 -10.65 15.23
N GLN I 336 5.16 -10.27 15.84
CA GLN I 336 4.97 -10.13 17.29
C GLN I 336 5.05 -11.51 17.96
N LEU I 337 5.70 -11.61 19.10
CA LEU I 337 5.99 -12.90 19.72
C LEU I 337 4.99 -13.26 20.81
N GLU I 338 4.52 -14.50 20.82
CA GLU I 338 4.03 -15.17 22.02
C GLU I 338 4.91 -16.39 22.28
N ILE I 339 5.42 -16.57 23.50
CA ILE I 339 6.15 -17.79 23.87
C ILE I 339 5.21 -18.68 24.68
N LEU I 340 5.10 -19.95 24.32
CA LEU I 340 4.26 -20.90 25.02
C LEU I 340 5.09 -21.72 25.99
N TRP I 341 4.90 -21.49 27.27
CA TRP I 341 5.59 -22.18 28.35
C TRP I 341 5.05 -23.60 28.52
N VAL I 342 5.80 -24.58 28.04
CA VAL I 342 5.48 -26.00 28.20
C VAL I 342 6.36 -26.59 29.27
N GLU I 343 5.83 -26.76 30.46
CA GLU I 343 6.51 -27.45 31.56
C GLU I 343 6.68 -28.94 31.21
N ALA I 344 7.84 -29.32 30.69
CA ALA I 344 8.02 -30.55 29.90
C ALA I 344 7.50 -31.81 30.55
N SER I 345 7.61 -31.96 31.87
CA SER I 345 7.18 -33.18 32.53
C SER I 345 5.69 -33.46 32.34
N ASN I 346 4.88 -32.44 32.06
CA ASN I 346 3.45 -32.62 31.81
C ASN I 346 3.14 -33.34 30.49
N LEU I 347 4.01 -33.29 29.48
CA LEU I 347 3.84 -34.05 28.24
C LEU I 347 4.00 -35.56 28.42
N GLU I 348 4.63 -36.00 29.50
CA GLU I 348 4.88 -37.42 29.72
C GLU I 348 3.57 -38.14 30.06
N PRO I 349 3.23 -39.28 29.42
CA PRO I 349 1.95 -39.96 29.63
C PRO I 349 1.62 -40.27 31.08
N GLU I 350 2.59 -40.50 31.97
CA GLU I 350 2.29 -40.73 33.39
C GLU I 350 1.56 -39.55 34.04
N THR I 351 1.67 -38.34 33.50
CA THR I 351 0.94 -37.17 34.02
C THR I 351 -0.57 -37.38 33.93
N GLN I 352 -1.04 -38.14 32.95
CA GLN I 352 -2.43 -38.51 32.79
C GLN I 352 -2.97 -39.30 33.98
N GLU I 353 -2.10 -40.01 34.70
CA GLU I 353 -2.43 -40.70 35.95
C GLU I 353 -2.48 -39.77 37.17
N VAL I 354 -1.96 -38.54 37.06
CA VAL I 354 -1.82 -37.60 38.19
C VAL I 354 -2.76 -36.40 38.06
N ASP I 355 -2.75 -35.72 36.91
CA ASP I 355 -3.70 -34.68 36.56
C ASP I 355 -3.83 -34.59 35.04
N LYS I 356 -4.99 -34.95 34.50
CA LYS I 356 -5.29 -34.85 33.08
C LYS I 356 -5.27 -33.41 32.59
N ASN I 357 -5.67 -32.43 33.39
CA ASN I 357 -5.65 -31.03 32.98
C ASN I 357 -4.24 -30.58 32.56
N LYS I 358 -3.20 -30.90 33.36
CA LYS I 358 -1.80 -30.67 33.00
C LYS I 358 -1.42 -31.37 31.70
N PHE I 359 -1.82 -32.62 31.51
CA PHE I 359 -1.50 -33.38 30.30
C PHE I 359 -2.12 -32.76 29.04
N HIS I 360 -3.35 -32.26 29.14
CA HIS I 360 -4.01 -31.60 28.02
C HIS I 360 -3.48 -30.19 27.80
N ASP I 361 -3.36 -29.34 28.81
CA ASP I 361 -2.86 -27.97 28.63
C ASP I 361 -1.47 -27.94 28.01
N SER I 362 -0.58 -28.82 28.45
CA SER I 362 0.78 -28.86 27.91
C SER I 362 0.81 -29.33 26.46
N TRP I 363 0.11 -30.43 26.11
CA TRP I 363 0.02 -30.87 24.71
C TRP I 363 -0.79 -29.90 23.84
N ASN I 364 -1.77 -29.21 24.38
CA ASN I 364 -2.48 -28.14 23.72
C ASN I 364 -1.51 -27.01 23.35
N LYS I 365 -0.74 -26.47 24.31
CA LYS I 365 0.26 -25.42 24.04
C LYS I 365 1.28 -25.88 23.01
N LEU I 366 1.81 -27.09 23.14
CA LEU I 366 2.74 -27.64 22.15
C LEU I 366 2.13 -27.79 20.75
N SER I 367 0.89 -28.28 20.64
CA SER I 367 0.18 -28.42 19.36
C SER I 367 -0.17 -27.09 18.72
N SER I 368 -0.43 -26.05 19.53
CA SER I 368 -0.74 -24.70 19.06
C SER I 368 0.48 -23.95 18.53
N ALA I 369 1.69 -24.35 18.90
CA ALA I 369 2.89 -23.61 18.57
C ALA I 369 3.27 -23.64 17.08
N ASP I 370 3.59 -22.50 16.51
CA ASP I 370 4.11 -22.35 15.16
C ASP I 370 5.56 -22.79 15.03
N GLY I 371 6.29 -22.91 16.13
CA GLY I 371 7.68 -23.39 16.21
C GLY I 371 8.02 -23.88 17.61
N ILE I 372 9.06 -24.70 17.77
CA ILE I 372 9.36 -25.42 19.00
C ILE I 372 10.83 -25.26 19.37
N LEU I 373 11.10 -25.08 20.66
CA LEU I 373 12.44 -24.85 21.20
C LEU I 373 12.69 -25.73 22.42
N VAL I 374 13.75 -26.55 22.40
CA VAL I 374 14.26 -27.25 23.58
C VAL I 374 15.46 -26.46 24.13
N PRO I 375 15.32 -25.75 25.26
CA PRO I 375 16.08 -24.55 25.56
C PRO I 375 17.34 -24.76 26.41
N GLY I 376 18.08 -25.86 26.22
CA GLY I 376 19.28 -26.12 27.01
C GLY I 376 19.01 -26.22 28.51
N GLY I 377 18.14 -27.14 28.90
CA GLY I 377 17.83 -27.40 30.31
C GLY I 377 19.02 -27.85 31.16
N PHE I 378 18.73 -28.08 32.43
CA PHE I 378 19.67 -28.39 33.50
C PHE I 378 19.05 -29.47 34.38
N GLY I 379 19.89 -30.34 34.97
CA GLY I 379 19.42 -31.61 35.53
C GLY I 379 18.91 -32.56 34.45
N THR I 380 18.07 -33.53 34.82
CA THR I 380 17.53 -34.55 33.89
C THR I 380 16.04 -34.87 34.07
N ARG I 381 15.36 -34.37 35.10
CA ARG I 381 14.09 -34.97 35.57
C ARG I 381 12.88 -34.73 34.65
N GLY I 382 12.94 -33.75 33.74
CA GLY I 382 11.93 -33.52 32.69
C GLY I 382 12.22 -34.14 31.31
N ILE I 383 13.22 -34.99 31.15
CA ILE I 383 13.77 -35.34 29.83
C ILE I 383 12.77 -36.05 28.93
N GLU I 384 11.91 -36.93 29.44
CA GLU I 384 10.95 -37.63 28.58
C GLU I 384 9.95 -36.68 27.90
N GLY I 385 9.53 -35.61 28.55
CA GLY I 385 8.72 -34.60 27.88
C GLY I 385 9.45 -33.90 26.75
N MET I 386 10.73 -33.59 26.95
CA MET I 386 11.54 -32.98 25.91
C MET I 386 11.80 -33.94 24.74
N ILE I 387 11.82 -35.26 24.96
CA ILE I 387 11.90 -36.25 23.90
C ILE I 387 10.59 -36.31 23.10
N LEU I 388 9.43 -36.33 23.76
CA LEU I 388 8.13 -36.33 23.10
C LEU I 388 7.92 -35.07 22.25
N ALA I 389 8.28 -33.89 22.74
CA ALA I 389 8.25 -32.69 21.91
C ALA I 389 9.19 -32.78 20.71
N ALA I 390 10.35 -33.43 20.82
CA ALA I 390 11.22 -33.67 19.67
C ALA I 390 10.64 -34.70 18.68
N LYS I 391 9.89 -35.69 19.14
CA LYS I 391 9.18 -36.65 18.27
C LYS I 391 8.11 -35.94 17.49
N TRP I 392 7.30 -35.16 18.20
CA TRP I 392 6.29 -34.31 17.62
C TRP I 392 6.88 -33.36 16.57
N ALA I 393 7.96 -32.66 16.88
CA ALA I 393 8.55 -31.70 15.96
C ALA I 393 9.13 -32.32 14.69
N ARG I 394 9.66 -33.54 14.77
CA ARG I 394 10.16 -34.31 13.62
C ARG I 394 9.03 -34.83 12.74
N GLU I 395 8.04 -35.49 13.32
CA GLU I 395 6.97 -36.15 12.56
C GLU I 395 5.91 -35.17 12.07
N SER I 396 5.49 -34.20 12.89
CA SER I 396 4.52 -33.19 12.49
C SER I 396 5.14 -32.02 11.70
N GLY I 397 6.40 -32.10 11.29
CA GLY I 397 7.03 -31.07 10.45
C GLY I 397 7.20 -29.65 11.05
N VAL I 398 6.83 -29.42 12.31
CA VAL I 398 6.90 -28.10 12.96
C VAL I 398 8.35 -27.62 13.09
N PRO I 399 8.70 -26.33 12.89
CA PRO I 399 10.06 -25.84 13.05
C PRO I 399 10.63 -26.09 14.44
N PHE I 400 11.90 -26.48 14.53
CA PHE I 400 12.52 -26.94 15.77
C PHE I 400 13.94 -26.41 15.97
N LEU I 401 14.27 -25.94 17.16
CA LEU I 401 15.65 -25.71 17.58
C LEU I 401 15.94 -26.40 18.90
N GLY I 402 16.94 -27.26 18.94
CA GLY I 402 17.48 -27.81 20.18
C GLY I 402 18.77 -27.10 20.57
N VAL I 403 18.80 -26.44 21.72
CA VAL I 403 20.00 -25.81 22.27
C VAL I 403 20.61 -26.70 23.33
N CYS I 404 21.92 -26.97 23.26
CA CYS I 404 22.68 -27.77 24.22
C CYS I 404 22.01 -29.12 24.53
N LEU I 405 21.38 -29.33 25.69
CA LEU I 405 20.54 -30.51 26.00
C LEU I 405 19.52 -30.79 24.89
N GLY I 406 19.01 -29.76 24.23
CA GLY I 406 18.11 -29.86 23.09
C GLY I 406 18.69 -30.63 21.90
N LEU I 407 19.95 -30.42 21.54
CA LEU I 407 20.58 -31.28 20.54
C LEU I 407 20.63 -32.72 21.04
N GLN I 408 20.87 -32.91 22.35
CA GLN I 408 21.09 -34.23 22.91
C GLN I 408 19.80 -35.05 23.01
N VAL I 409 18.69 -34.46 23.47
CA VAL I 409 17.39 -35.14 23.38
C VAL I 409 16.97 -35.34 21.94
N ALA I 410 17.35 -34.49 20.98
CA ALA I 410 17.07 -34.78 19.58
C ALA I 410 17.80 -36.05 19.10
N ALA I 411 19.06 -36.27 19.49
CA ALA I 411 19.74 -37.51 19.14
C ALA I 411 19.12 -38.73 19.83
N ILE I 412 18.69 -38.58 21.08
CA ILE I 412 18.02 -39.64 21.84
C ILE I 412 16.67 -39.98 21.21
N GLU I 413 15.86 -38.98 20.86
CA GLU I 413 14.61 -39.14 20.13
C GLU I 413 14.85 -39.87 18.81
N PHE I 414 15.77 -39.38 17.99
CA PHE I 414 16.04 -39.98 16.70
C PHE I 414 16.53 -41.44 16.85
N ALA I 415 17.34 -41.75 17.87
CA ALA I 415 17.77 -43.11 18.13
C ALA I 415 16.59 -44.02 18.49
N ARG I 416 15.74 -43.61 19.43
CA ARG I 416 14.58 -44.38 19.88
C ARG I 416 13.50 -44.53 18.82
N ASN I 417 13.28 -43.52 17.97
CA ASN I 417 12.10 -43.41 17.11
C ASN I 417 12.36 -43.45 15.61
N VAL I 418 13.62 -43.42 15.14
CA VAL I 418 13.96 -43.58 13.71
C VAL I 418 14.98 -44.69 13.50
N ILE I 419 16.03 -44.75 14.33
CA ILE I 419 17.02 -45.82 14.27
C ILE I 419 16.50 -47.11 14.93
N GLY I 420 15.57 -47.01 15.88
CA GLY I 420 14.84 -48.15 16.43
C GLY I 420 15.53 -48.86 17.60
N ARG I 421 16.19 -48.12 18.49
CA ARG I 421 16.79 -48.63 19.74
C ARG I 421 16.03 -48.07 20.97
N PRO I 422 14.91 -48.65 21.42
CA PRO I 422 14.05 -48.01 22.42
C PRO I 422 14.66 -47.93 23.82
N ASN I 423 15.69 -48.73 24.09
CA ASN I 423 16.51 -48.68 25.29
C ASN I 423 17.64 -47.64 25.24
N SER I 424 17.89 -46.97 24.11
CA SER I 424 18.94 -45.94 24.03
C SER I 424 18.66 -44.76 24.97
N SER I 425 19.73 -44.21 25.53
CA SER I 425 19.62 -43.47 26.79
C SER I 425 20.56 -42.28 26.86
N SER I 426 20.14 -41.28 27.64
CA SER I 426 21.02 -40.23 28.13
C SER I 426 21.98 -40.79 29.16
N THR I 427 23.24 -40.94 28.80
CA THR I 427 24.35 -41.29 29.70
C THR I 427 24.57 -40.23 30.79
N GLU I 428 24.09 -39.01 30.54
CA GLU I 428 23.89 -37.92 31.49
C GLU I 428 22.93 -38.28 32.65
N PHE I 429 22.09 -39.30 32.49
CA PHE I 429 21.10 -39.72 33.48
C PHE I 429 21.30 -41.19 33.89
N LEU I 430 21.14 -42.13 32.96
CA LEU I 430 21.03 -43.57 33.21
C LEU I 430 22.41 -44.27 33.18
N ASP I 431 23.34 -43.79 34.00
CA ASP I 431 24.77 -44.08 33.91
C ASP I 431 25.17 -45.47 34.39
N GLU I 432 24.96 -45.78 35.68
CA GLU I 432 25.43 -47.04 36.30
C GLU I 432 24.66 -48.31 35.86
N THR I 433 23.75 -48.17 34.90
CA THR I 433 23.21 -49.32 34.16
C THR I 433 24.27 -49.94 33.22
N LEU I 434 25.24 -49.14 32.75
CA LEU I 434 26.33 -49.56 31.85
C LEU I 434 25.89 -50.15 30.49
N LEU I 435 24.71 -49.76 29.98
CA LEU I 435 24.16 -50.25 28.71
C LEU I 435 25.01 -49.85 27.49
N ALA I 436 24.96 -50.64 26.41
CA ALA I 436 25.68 -50.37 25.16
C ALA I 436 25.11 -49.23 24.28
N PRO I 437 23.78 -48.96 24.18
CA PRO I 437 23.24 -47.87 23.36
C PRO I 437 23.28 -46.50 24.08
N GLU I 438 24.49 -45.99 24.31
CA GLU I 438 24.73 -44.69 24.95
C GLU I 438 24.73 -43.57 23.93
N ASP I 439 23.74 -42.68 23.95
CA ASP I 439 23.68 -41.57 23.01
C ASP I 439 24.64 -40.42 23.36
N GLN I 440 25.25 -40.45 24.54
CA GLN I 440 26.13 -39.41 25.04
C GLN I 440 27.37 -40.02 25.72
N VAL I 441 28.41 -39.23 25.95
CA VAL I 441 29.48 -39.57 26.89
C VAL I 441 29.96 -38.32 27.65
N VAL I 442 30.44 -38.46 28.89
CA VAL I 442 31.22 -37.40 29.55
C VAL I 442 32.54 -37.22 28.82
N ILE I 443 32.91 -35.97 28.50
CA ILE I 443 34.21 -35.65 27.89
C ILE I 443 34.92 -34.55 28.69
N THR I 444 35.95 -32.96 32.10
CA THR I 444 35.07 -32.68 33.23
C THR I 444 34.27 -31.39 33.07
N MET I 445 34.67 -30.50 32.13
CA MET I 445 33.94 -29.32 31.65
C MET I 445 34.52 -28.78 30.34
N ARG I 446 33.77 -27.91 29.64
CA ARG I 446 34.14 -27.19 28.42
C ARG I 446 33.28 -25.93 28.32
N LEU I 447 33.92 -24.77 28.41
CA LEU I 447 33.26 -23.47 28.59
C LEU I 447 33.85 -22.38 27.68
N GLY I 448 33.08 -21.32 27.45
CA GLY I 448 33.56 -20.10 26.78
C GLY I 448 33.36 -20.10 25.27
N LEU I 449 33.86 -19.07 24.59
CA LEU I 449 33.75 -18.97 23.12
C LEU I 449 34.72 -19.96 22.45
N ARG I 450 34.19 -20.85 21.60
CA ARG I 450 34.97 -21.91 20.92
C ARG I 450 34.71 -21.91 19.40
N PRO I 451 35.62 -22.45 18.57
CA PRO I 451 35.49 -22.48 17.13
C PRO I 451 34.73 -23.72 16.64
N THR I 452 33.63 -23.54 15.92
CA THR I 452 32.88 -24.61 15.25
C THR I 452 33.15 -24.54 13.74
N ILE I 453 33.61 -25.64 13.15
CA ILE I 453 33.94 -25.74 11.72
C ILE I 453 32.83 -26.51 11.01
N PHE I 454 32.31 -26.05 9.87
CA PHE I 454 31.33 -26.83 9.11
C PHE I 454 31.96 -28.02 8.36
N GLN I 455 31.34 -29.20 8.45
CA GLN I 455 31.71 -30.44 7.75
C GLN I 455 31.53 -30.27 6.21
N PRO I 456 32.26 -30.97 5.33
CA PRO I 456 32.48 -30.51 3.95
C PRO I 456 31.24 -30.39 3.06
N ASN I 457 30.33 -31.35 3.11
CA ASN I 457 29.19 -31.42 2.18
C ASN I 457 28.06 -30.43 2.50
N SER I 458 28.22 -29.61 3.53
CA SER I 458 27.17 -28.89 4.26
C SER I 458 26.39 -27.82 3.49
N GLU I 459 26.72 -27.58 2.24
CA GLU I 459 26.22 -26.46 1.43
C GLU I 459 24.69 -26.28 1.46
N TRP I 460 23.93 -27.37 1.45
CA TRP I 460 22.46 -27.37 1.42
C TRP I 460 21.79 -26.99 2.76
N SER I 461 22.54 -26.97 3.86
CA SER I 461 21.99 -26.86 5.21
C SER I 461 21.48 -25.46 5.47
N ASN I 462 20.21 -25.30 5.83
CA ASN I 462 19.62 -24.00 6.15
C ASN I 462 20.39 -23.29 7.26
N ILE I 463 20.90 -24.02 8.25
CA ILE I 463 21.72 -23.44 9.31
C ILE I 463 22.99 -22.83 8.75
N ARG I 464 23.63 -23.44 7.74
CA ARG I 464 24.81 -22.87 7.09
C ARG I 464 24.46 -21.66 6.22
N LYS I 465 23.28 -21.61 5.59
CA LYS I 465 22.77 -20.39 4.93
C LYS I 465 22.55 -19.26 5.94
N LEU I 466 22.06 -19.55 7.15
CA LEU I 466 21.84 -18.54 8.19
C LEU I 466 23.13 -17.97 8.76
N TYR I 467 24.18 -18.79 8.89
CA TYR I 467 25.54 -18.31 9.21
C TYR I 467 26.28 -17.67 8.03
N GLY I 468 25.60 -17.27 6.95
CA GLY I 468 26.21 -16.59 5.80
C GLY I 468 27.12 -17.48 4.94
N GLU I 469 27.02 -18.80 5.10
CA GLU I 469 27.87 -19.83 4.49
C GLU I 469 29.38 -19.79 4.85
N VAL I 470 29.78 -18.92 5.77
CA VAL I 470 31.13 -18.80 6.35
C VAL I 470 31.59 -20.15 6.94
N ASN I 471 32.84 -20.57 6.72
CA ASN I 471 33.29 -21.94 7.05
C ASN I 471 33.42 -22.24 8.56
N GLU I 472 33.60 -21.20 9.39
CA GLU I 472 33.75 -21.32 10.84
C GLU I 472 32.86 -20.34 11.58
N VAL I 473 32.32 -20.79 12.71
CA VAL I 473 31.37 -20.10 13.57
C VAL I 473 31.97 -19.99 14.98
N HIS I 474 31.98 -18.80 15.57
CA HIS I 474 32.48 -18.58 16.93
C HIS I 474 31.31 -18.26 17.88
N GLU I 475 31.04 -19.15 18.84
CA GLU I 475 29.86 -19.13 19.70
C GLU I 475 30.21 -19.69 21.08
N ARG I 476 29.39 -19.43 22.12
CA ARG I 476 29.74 -19.76 23.51
C ARG I 476 29.19 -21.11 23.95
N HIS I 477 29.98 -21.91 24.65
CA HIS I 477 29.67 -23.30 25.00
C HIS I 477 29.50 -23.50 26.51
N ARG I 478 28.68 -24.50 26.86
CA ARG I 478 28.69 -25.21 28.14
C ARG I 478 28.22 -26.63 27.89
N HIS I 479 29.02 -27.64 28.17
CA HIS I 479 28.56 -29.04 28.25
C HIS I 479 29.56 -29.98 28.89
N ARG I 480 29.17 -30.75 29.90
CA ARG I 480 29.99 -31.90 30.34
C ARG I 480 29.88 -33.09 29.40
N TYR I 481 28.64 -33.42 29.01
CA TYR I 481 28.25 -34.56 28.20
C TYR I 481 28.07 -34.15 26.76
N GLU I 482 28.56 -34.93 25.81
CA GLU I 482 28.43 -34.66 24.37
C GLU I 482 27.95 -35.90 23.63
N ILE I 483 27.43 -35.78 22.42
CA ILE I 483 26.96 -36.96 21.67
C ILE I 483 28.08 -37.99 21.54
N ASN I 484 27.76 -39.26 21.82
CA ASN I 484 28.68 -40.36 21.62
C ASN I 484 29.08 -40.43 20.14
N PRO I 485 30.33 -40.15 19.76
CA PRO I 485 30.69 -40.01 18.36
C PRO I 485 30.64 -41.34 17.61
N LYS I 486 30.48 -42.49 18.28
CA LYS I 486 30.35 -43.80 17.63
C LYS I 486 28.95 -44.12 17.06
N ILE I 487 27.95 -43.26 17.29
CA ILE I 487 26.63 -43.33 16.64
C ILE I 487 26.55 -42.47 15.35
N VAL I 488 27.40 -41.47 15.20
CA VAL I 488 27.37 -40.46 14.13
C VAL I 488 27.34 -41.06 12.74
N ASN I 489 28.11 -42.11 12.45
CA ASN I 489 28.12 -42.72 11.12
C ASN I 489 26.76 -43.38 10.75
N ASP I 490 25.94 -43.74 11.74
CA ASP I 490 24.59 -44.22 11.53
C ASP I 490 23.65 -43.05 11.24
N MET I 491 23.65 -42.03 12.10
CA MET I 491 22.85 -40.82 11.88
C MET I 491 23.16 -40.11 10.56
N GLU I 492 24.43 -39.98 10.21
CA GLU I 492 24.88 -39.48 8.91
C GLU I 492 24.32 -40.31 7.75
N SER I 493 24.05 -41.60 7.93
CA SER I 493 23.45 -42.42 6.88
C SER I 493 21.92 -42.25 6.79
N ARG I 494 21.27 -41.99 7.94
CA ARG I 494 19.80 -41.88 8.06
C ARG I 494 19.23 -40.47 7.81
N GLY I 495 20.05 -39.52 7.37
CA GLY I 495 19.63 -38.15 7.04
C GLY I 495 19.75 -37.14 8.18
N PHE I 496 20.22 -37.54 9.36
CA PHE I 496 20.58 -36.66 10.48
C PHE I 496 22.07 -36.30 10.37
N ILE I 497 22.35 -35.20 9.65
CA ILE I 497 23.69 -34.90 9.17
C ILE I 497 24.33 -33.85 10.07
N PHE I 498 25.54 -34.13 10.57
CA PHE I 498 26.23 -33.24 11.50
C PHE I 498 26.94 -32.11 10.73
N VAL I 499 26.18 -31.06 10.46
CA VAL I 499 26.64 -29.87 9.71
C VAL I 499 27.93 -29.28 10.26
N GLY I 500 28.17 -29.32 11.57
CA GLY I 500 29.32 -28.66 12.20
C GLY I 500 29.93 -29.44 13.36
N LYS I 501 31.25 -29.34 13.50
CA LYS I 501 32.08 -30.10 14.43
C LYS I 501 33.20 -29.24 15.02
N ASP I 502 33.76 -29.69 16.13
CA ASP I 502 34.98 -29.13 16.71
C ASP I 502 36.18 -29.30 15.75
N GLU I 503 37.17 -28.41 15.84
CA GLU I 503 38.39 -28.44 15.01
C GLU I 503 39.18 -29.77 14.99
N THR I 504 39.07 -30.64 16.00
CA THR I 504 39.66 -31.99 15.99
C THR I 504 38.86 -33.01 15.17
N GLY I 505 37.61 -32.67 14.79
CA GLY I 505 36.64 -33.54 14.12
C GLY I 505 35.88 -34.50 15.03
N GLN I 506 36.38 -34.73 16.26
CA GLN I 506 35.91 -35.82 17.12
C GLN I 506 34.64 -35.48 17.90
N ARG I 507 34.23 -34.21 17.96
CA ARG I 507 33.11 -33.69 18.75
C ARG I 507 32.08 -33.04 17.84
N CYS I 508 30.81 -33.34 18.05
CA CYS I 508 29.70 -32.91 17.19
C CYS I 508 28.92 -31.76 17.80
N GLU I 509 28.71 -30.69 17.02
CA GLU I 509 28.33 -29.38 17.56
C GLU I 509 27.08 -28.79 16.91
N ILE I 510 26.79 -29.12 15.64
CA ILE I 510 25.55 -28.77 14.97
C ILE I 510 25.04 -29.97 14.18
N PHE I 511 23.74 -30.20 14.14
CA PHE I 511 23.12 -31.04 13.13
C PHE I 511 21.92 -30.33 12.50
N GLU I 512 21.59 -30.72 11.27
CA GLU I 512 20.33 -30.38 10.61
C GLU I 512 19.76 -31.65 9.99
N LEU I 513 18.47 -31.91 10.19
CA LEU I 513 17.81 -33.08 9.62
C LEU I 513 17.41 -32.80 8.16
N LYS I 514 17.83 -33.67 7.23
CA LYS I 514 17.47 -33.58 5.81
C LYS I 514 15.94 -33.69 5.63
N GLY I 515 15.38 -32.93 4.71
CA GLY I 515 13.97 -33.08 4.30
C GLY I 515 12.92 -32.63 5.34
N HIS I 516 13.24 -31.64 6.16
CA HIS I 516 12.31 -30.96 7.07
C HIS I 516 12.43 -29.44 6.91
N PRO I 517 11.35 -28.63 7.00
CA PRO I 517 11.40 -27.18 6.80
C PRO I 517 12.46 -26.43 7.62
N TYR I 518 12.68 -26.80 8.89
CA TYR I 518 13.74 -26.28 9.75
C TYR I 518 13.82 -27.11 11.04
N TYR I 519 14.82 -27.98 11.17
CA TYR I 519 14.99 -28.83 12.34
C TYR I 519 16.47 -28.95 12.67
N VAL I 520 16.90 -28.24 13.71
CA VAL I 520 18.31 -27.97 14.02
C VAL I 520 18.65 -28.36 15.45
N GLY I 521 19.78 -29.01 15.70
CA GLY I 521 20.39 -29.00 17.03
C GLY I 521 21.68 -28.19 17.04
N THR I 522 21.91 -27.34 18.05
CA THR I 522 23.20 -26.68 18.32
C THR I 522 23.64 -27.02 19.72
N GLN I 523 24.83 -27.60 19.91
CA GLN I 523 25.30 -28.01 21.25
C GLN I 523 26.02 -26.89 22.01
N TYR I 524 26.52 -25.88 21.31
CA TYR I 524 26.76 -24.59 21.94
C TYR I 524 25.44 -23.91 22.28
N HIS I 525 25.51 -22.82 23.04
CA HIS I 525 24.39 -21.98 23.42
C HIS I 525 24.30 -20.79 22.47
N PRO I 526 23.36 -20.73 21.52
CA PRO I 526 23.28 -19.57 20.66
C PRO I 526 22.65 -18.37 21.34
N GLU I 527 22.09 -18.47 22.53
CA GLU I 527 21.36 -17.36 23.15
C GLU I 527 22.29 -16.18 23.41
N TYR I 528 23.47 -16.43 24.01
CA TYR I 528 24.25 -15.41 24.69
C TYR I 528 24.89 -14.38 23.74
N THR I 529 25.14 -14.77 22.50
CA THR I 529 25.78 -13.93 21.47
C THR I 529 24.82 -13.05 20.69
N SER I 530 23.51 -13.22 20.83
CA SER I 530 22.52 -12.34 20.20
C SER I 530 22.65 -10.91 20.70
N LYS I 531 22.60 -9.93 19.79
CA LYS I 531 22.52 -8.50 20.10
C LYS I 531 21.19 -7.94 19.61
N VAL I 532 20.69 -6.85 20.17
CA VAL I 532 19.38 -6.26 19.81
C VAL I 532 19.25 -5.87 18.33
N LEU I 533 20.36 -5.73 17.61
CA LEU I 533 20.39 -5.43 16.17
C LEU I 533 21.05 -6.55 15.34
N GLU I 534 21.32 -7.71 15.94
CA GLU I 534 22.01 -8.85 15.34
C GLU I 534 21.55 -10.12 16.07
N PRO I 535 20.35 -10.63 15.76
CA PRO I 535 19.79 -11.80 16.43
C PRO I 535 20.59 -13.05 16.10
N SER I 536 20.67 -13.96 17.05
CA SER I 536 21.54 -15.14 16.92
C SER I 536 21.04 -16.02 15.79
N ARG I 537 21.89 -16.41 14.85
CA ARG I 537 21.45 -17.02 13.58
C ARG I 537 20.52 -18.24 13.73
N PRO I 538 20.72 -19.19 14.65
CA PRO I 538 19.80 -20.30 14.82
C PRO I 538 18.42 -19.84 15.30
N PHE I 539 18.37 -18.84 16.17
CA PHE I 539 17.12 -18.26 16.69
C PHE I 539 16.40 -17.39 15.67
N TRP I 540 17.15 -16.68 14.81
CA TRP I 540 16.58 -15.99 13.66
C TRP I 540 16.01 -17.01 12.68
N GLY I 541 16.69 -18.14 12.48
CA GLY I 541 16.15 -19.28 11.72
C GLY I 541 14.83 -19.80 12.27
N LEU I 542 14.74 -20.09 13.56
CA LEU I 542 13.51 -20.59 14.17
C LEU I 542 12.34 -19.63 14.02
N VAL I 543 12.50 -18.38 14.42
CA VAL I 543 11.40 -17.41 14.36
C VAL I 543 11.06 -17.03 12.92
N ALA I 544 11.99 -17.14 11.99
CA ALA I 544 11.67 -17.00 10.57
C ALA I 544 10.86 -18.21 10.07
N ALA I 545 11.32 -19.45 10.27
CA ALA I 545 10.57 -20.64 9.83
C ALA I 545 9.14 -20.66 10.38
N ALA I 546 8.99 -20.36 11.67
CA ALA I 546 7.67 -20.28 12.29
C ALA I 546 6.79 -19.13 11.75
N SER I 547 7.38 -18.01 11.33
CA SER I 547 6.65 -16.91 10.68
C SER I 547 6.28 -17.17 9.22
N GLY I 548 6.85 -18.21 8.62
CA GLY I 548 7.04 -18.27 7.17
C GLY I 548 8.09 -17.27 6.69
N THR I 549 8.42 -17.32 5.41
CA THR I 549 9.43 -16.45 4.78
C THR I 549 10.87 -16.69 5.29
N LEU I 550 11.21 -17.95 5.63
CA LEU I 550 12.59 -18.36 5.91
C LEU I 550 13.54 -18.08 4.74
N GLY I 551 13.07 -18.28 3.51
CA GLY I 551 13.80 -17.91 2.30
C GLY I 551 14.11 -16.42 2.22
N GLU I 552 13.15 -15.54 2.50
CA GLU I 552 13.34 -14.08 2.47
C GLU I 552 14.34 -13.57 3.51
N VAL I 553 14.37 -14.20 4.70
CA VAL I 553 15.43 -13.95 5.69
C VAL I 553 16.79 -14.39 5.16
N ILE I 554 16.89 -15.55 4.50
CA ILE I 554 18.15 -15.99 3.91
C ILE I 554 18.67 -15.01 2.84
N LYS I 555 17.82 -14.27 2.11
CA LYS I 555 18.28 -13.14 1.27
C LYS I 555 18.74 -11.94 2.11
N ASP I 556 18.00 -11.55 3.14
CA ASP I 556 18.38 -10.41 3.96
C ASP I 556 19.77 -10.59 4.61
N ILE I 557 20.12 -11.82 4.98
CA ILE I 557 21.45 -12.18 5.46
C ILE I 557 22.50 -12.10 4.35
N ASN I 558 22.29 -12.80 3.23
CA ASN I 558 23.37 -13.04 2.26
C ASN I 558 23.59 -11.89 1.27
N LEU I 559 22.65 -10.96 1.11
CA LEU I 559 22.84 -9.73 0.34
C LEU I 559 23.77 -8.75 1.08
N MET J 1 25.70 40.44 46.37
CA MET J 1 25.75 39.89 47.73
C MET J 1 26.54 38.58 47.76
N LYS J 2 27.24 38.30 48.87
CA LYS J 2 27.96 37.05 49.12
C LYS J 2 27.69 36.61 50.55
N TYR J 3 27.72 35.32 50.88
CA TYR J 3 27.58 34.80 52.24
C TYR J 3 28.72 33.85 52.56
N VAL J 4 29.23 33.90 53.78
CA VAL J 4 30.07 32.85 54.36
C VAL J 4 29.40 32.37 55.63
N VAL J 5 29.03 31.12 55.72
CA VAL J 5 28.37 30.59 56.92
C VAL J 5 29.42 29.86 57.73
N VAL J 6 29.57 30.18 59.01
CA VAL J 6 30.49 29.54 59.95
C VAL J 6 29.67 28.67 60.89
N SER J 7 30.03 27.40 61.01
CA SER J 7 29.09 26.33 61.34
C SER J 7 29.78 25.11 61.91
N GLY J 8 29.00 24.13 62.35
CA GLY J 8 29.51 22.77 62.47
C GLY J 8 29.61 22.27 63.90
N GLY J 9 30.76 21.71 64.23
CA GLY J 9 31.09 21.24 65.56
C GLY J 9 30.57 19.85 65.87
N VAL J 10 31.45 18.99 66.39
CA VAL J 10 31.09 17.81 67.18
C VAL J 10 30.50 18.18 68.52
N ILE J 11 30.99 19.27 69.13
CA ILE J 11 30.59 19.82 70.42
C ILE J 11 30.29 21.32 70.31
N SER J 12 29.34 21.82 71.09
CA SER J 12 28.89 23.21 71.01
C SER J 12 29.81 24.23 71.70
N GLY J 13 30.67 23.82 72.64
CA GLY J 13 31.64 24.68 73.31
C GLY J 13 32.93 24.96 72.52
N ILE J 14 32.97 24.59 71.24
CA ILE J 14 34.21 24.53 70.44
C ILE J 14 34.83 25.86 70.04
N GLY J 15 34.12 26.98 70.19
CA GLY J 15 34.64 28.31 69.86
C GLY J 15 34.60 28.64 68.37
N LYS J 16 33.39 28.71 67.80
CA LYS J 16 33.13 29.21 66.44
C LYS J 16 33.18 30.73 66.36
N GLY J 17 32.88 31.44 67.44
CA GLY J 17 32.70 32.89 67.45
C GLY J 17 33.96 33.67 67.10
N VAL J 18 35.15 33.18 67.44
CA VAL J 18 36.40 33.78 66.95
C VAL J 18 36.56 33.54 65.46
N LEU J 19 36.35 32.33 64.95
CA LEU J 19 36.49 32.10 63.51
C LEU J 19 35.50 32.92 62.68
N ALA J 20 34.28 33.15 63.16
CA ALA J 20 33.36 34.11 62.53
C ALA J 20 33.90 35.55 62.62
N SER J 21 34.16 36.07 63.82
CA SER J 21 34.63 37.45 64.04
C SER J 21 35.98 37.77 63.42
N SER J 22 36.73 36.76 63.00
CA SER J 22 38.07 36.75 62.45
C SER J 22 38.08 36.41 60.97
N THR J 23 37.05 35.77 60.43
CA THR J 23 36.93 35.57 58.99
C THR J 23 36.43 36.86 58.39
N GLY J 24 35.50 37.51 59.07
CA GLY J 24 34.94 38.75 58.62
C GLY J 24 35.89 39.89 58.67
N MET J 25 36.84 39.81 59.60
CA MET J 25 37.92 40.79 59.72
C MET J 25 38.87 40.62 58.55
N LEU J 26 39.29 39.40 58.23
CA LEU J 26 40.12 39.17 57.06
C LEU J 26 39.45 39.67 55.79
N LEU J 27 38.17 39.40 55.57
CA LEU J 27 37.49 39.96 54.40
C LEU J 27 37.41 41.48 54.42
N LYS J 28 37.32 42.14 55.57
CA LYS J 28 37.35 43.60 55.64
C LYS J 28 38.71 44.19 55.23
N THR J 29 39.79 43.44 55.33
CA THR J 29 41.09 43.86 54.79
C THR J 29 41.15 43.90 53.26
N LEU J 30 40.27 43.19 52.53
CA LEU J 30 40.09 43.41 51.08
C LEU J 30 39.33 44.72 50.79
N GLY J 31 38.81 45.40 51.80
CA GLY J 31 38.06 46.65 51.67
C GLY J 31 36.56 46.45 51.52
N LEU J 32 36.08 45.21 51.47
CA LEU J 32 34.67 44.86 51.36
C LEU J 32 33.83 45.41 52.53
N LYS J 33 32.62 45.91 52.30
CA LYS J 33 31.71 46.36 53.36
C LYS J 33 31.09 45.16 54.06
N VAL J 34 31.82 44.50 54.95
CA VAL J 34 31.36 43.23 55.56
C VAL J 34 30.28 43.45 56.62
N THR J 35 29.33 42.53 56.74
CA THR J 35 28.34 42.47 57.83
C THR J 35 28.31 41.07 58.41
N SER J 36 27.56 40.85 59.48
CA SER J 36 27.46 39.55 60.15
C SER J 36 26.10 39.31 60.77
N ILE J 37 25.70 38.05 60.85
CA ILE J 37 24.43 37.60 61.43
C ILE J 37 24.77 36.50 62.44
N LYS J 38 24.17 36.53 63.61
CA LYS J 38 24.27 35.45 64.60
C LYS J 38 22.99 34.66 64.51
N ILE J 39 23.05 33.33 64.46
CA ILE J 39 21.91 32.45 64.68
C ILE J 39 22.12 31.86 66.08
N ASP J 40 21.13 31.98 66.96
CA ASP J 40 21.11 31.34 68.26
C ASP J 40 19.90 30.41 68.38
N PRO J 41 20.13 29.09 68.49
CA PRO J 41 19.08 28.10 68.61
C PRO J 41 18.19 28.19 69.88
N TYR J 42 18.54 28.98 70.87
CA TYR J 42 17.68 29.14 72.06
C TYR J 42 16.33 29.78 71.76
N MET J 43 15.36 29.53 72.62
CA MET J 43 14.00 30.08 72.46
C MET J 43 13.85 31.53 72.92
N ASN J 44 14.85 32.16 73.54
CA ASN J 44 14.64 33.55 73.94
C ASN J 44 14.44 34.47 72.75
N ILE J 45 13.41 35.32 72.84
CA ILE J 45 13.22 36.40 71.88
C ILE J 45 14.44 37.28 71.79
N ASP J 46 14.85 37.79 72.95
CA ASP J 46 16.06 38.58 73.10
C ASP J 46 16.55 38.49 74.55
N ALA J 47 17.84 38.75 74.74
CA ALA J 47 18.58 38.38 75.94
C ALA J 47 18.13 39.11 77.22
N GLY J 48 17.32 40.16 77.13
CA GLY J 48 16.90 40.98 78.28
C GLY J 48 16.25 40.20 79.43
N THR J 49 15.65 39.04 79.17
CA THR J 49 15.04 38.19 80.20
C THR J 49 16.02 37.33 80.98
N MET J 50 17.23 37.06 80.45
CA MET J 50 18.14 36.08 81.06
C MET J 50 19.31 36.78 81.77
N SER J 51 19.43 36.52 83.07
CA SER J 51 20.37 37.18 83.98
C SER J 51 21.84 36.91 83.61
N PRO J 52 22.75 37.87 83.88
CA PRO J 52 24.17 37.73 83.59
C PRO J 52 24.90 36.51 84.20
N LEU J 53 24.34 35.88 85.23
CA LEU J 53 24.82 34.57 85.70
C LEU J 53 24.68 33.48 84.62
N GLU J 54 23.61 33.51 83.85
CA GLU J 54 23.21 32.47 82.90
C GLU J 54 23.82 32.71 81.53
N HIS J 55 25.04 32.21 81.29
CA HIS J 55 25.79 32.37 80.04
C HIS J 55 26.14 33.83 79.67
N GLY J 56 26.59 34.63 80.64
CA GLY J 56 27.28 35.90 80.44
C GLY J 56 26.41 37.16 80.29
N GLU J 57 27.06 38.31 80.12
CA GLU J 57 26.51 39.66 80.22
C GLU J 57 25.32 39.96 79.30
N CYS J 58 24.52 40.96 79.67
CA CYS J 58 23.38 41.42 78.90
C CYS J 58 23.79 42.58 77.96
N PHE J 59 24.12 42.29 76.69
CA PHE J 59 24.62 43.30 75.73
C PHE J 59 23.60 44.40 75.43
N VAL J 60 24.00 45.51 74.80
CA VAL J 60 23.09 46.57 74.33
C VAL J 60 23.48 47.06 72.94
N LEU J 61 22.50 47.21 72.03
CA LEU J 61 22.64 47.73 70.68
C LEU J 61 22.13 49.17 70.56
N ASP J 62 22.35 49.84 69.42
CA ASP J 62 21.83 51.20 69.18
C ASP J 62 20.30 51.29 69.34
N ASP J 63 19.59 50.23 68.95
CA ASP J 63 18.12 50.10 69.08
C ASP J 63 17.62 50.03 70.53
N GLY J 64 18.51 49.75 71.49
CA GLY J 64 18.15 49.29 72.83
C GLY J 64 17.95 47.78 72.94
N GLY J 65 18.18 47.03 71.87
CA GLY J 65 18.00 45.58 71.83
C GLY J 65 19.00 44.82 72.69
N GLU J 66 18.55 44.34 73.84
CA GLU J 66 19.34 43.54 74.76
C GLU J 66 19.60 42.15 74.17
N THR J 67 20.86 41.81 73.86
CA THR J 67 21.16 40.79 72.84
C THR J 67 22.29 39.82 73.19
N ASP J 68 22.44 38.77 72.40
CA ASP J 68 23.50 37.78 72.57
C ASP J 68 24.89 38.41 72.52
N LEU J 69 25.78 37.94 73.42
CA LEU J 69 27.17 38.34 73.47
C LEU J 69 27.85 38.39 72.10
N ASP J 70 27.56 37.40 71.26
CA ASP J 70 28.31 37.22 70.04
C ASP J 70 28.11 38.34 69.03
N LEU J 71 27.04 39.14 69.13
CA LEU J 71 26.96 40.36 68.35
C LEU J 71 28.13 41.30 68.67
N GLY J 72 28.45 41.42 69.95
CA GLY J 72 29.50 42.31 70.42
C GLY J 72 30.84 41.95 69.81
N ASN J 73 31.20 40.67 69.75
CA ASN J 73 32.47 40.26 69.16
C ASN J 73 32.59 40.71 67.70
N TYR J 74 31.54 40.62 66.89
CA TYR J 74 31.62 41.14 65.53
C TYR J 74 31.70 42.66 65.52
N GLU J 75 30.91 43.36 66.34
CA GLU J 75 30.95 44.84 66.36
C GLU J 75 32.36 45.34 66.61
N ARG J 76 33.03 44.82 67.65
CA ARG J 76 34.38 45.27 68.01
C ARG J 76 35.47 44.80 67.05
N TYR J 77 35.39 43.61 66.45
CA TYR J 77 36.37 43.19 65.44
C TYR J 77 36.18 43.91 64.11
N LEU J 78 34.93 44.14 63.68
CA LEU J 78 34.61 44.58 62.32
C LEU J 78 34.33 46.09 62.23
N GLY J 79 34.25 46.80 63.36
CA GLY J 79 33.93 48.23 63.43
C GLY J 79 32.47 48.57 63.15
N ILE J 80 31.65 47.56 62.88
CA ILE J 80 30.26 47.70 62.43
C ILE J 80 29.32 48.04 63.58
N THR J 81 28.19 48.65 63.27
CA THR J 81 27.04 48.77 64.17
C THR J 81 25.97 47.79 63.75
N LEU J 82 25.49 46.95 64.68
CA LEU J 82 24.42 45.99 64.42
C LEU J 82 23.06 46.45 64.95
N SER J 83 22.01 45.75 64.58
CA SER J 83 20.62 45.98 64.99
C SER J 83 20.02 44.69 65.53
N ARG J 84 18.97 44.75 66.35
CA ARG J 84 18.43 43.58 67.02
C ARG J 84 17.91 42.50 66.06
N ASP J 85 17.66 42.82 64.81
CA ASP J 85 17.36 41.84 63.75
C ASP J 85 18.55 40.96 63.40
N HIS J 86 19.81 41.37 63.62
CA HIS J 86 20.99 40.56 63.27
C HIS J 86 21.16 39.31 64.14
N ASN J 87 20.39 39.20 65.22
CA ASN J 87 20.35 38.05 66.09
C ASN J 87 19.12 37.18 65.72
N ILE J 88 19.27 36.27 64.78
CA ILE J 88 18.22 35.30 64.48
C ILE J 88 18.13 34.35 65.69
N THR J 89 16.93 34.04 66.17
CA THR J 89 16.77 33.00 67.19
C THR J 89 15.59 32.08 66.92
N THR J 90 15.61 30.89 67.50
CA THR J 90 14.45 30.01 67.43
C THR J 90 13.24 30.68 68.05
N GLY J 91 13.42 31.39 69.15
CA GLY J 91 12.39 32.25 69.73
C GLY J 91 11.78 33.26 68.75
N LYS J 92 12.66 34.04 68.11
CA LYS J 92 12.21 35.09 67.19
C LYS J 92 11.47 34.52 66.02
N ILE J 93 12.08 33.59 65.26
CA ILE J 93 11.49 33.20 63.97
C ILE J 93 10.20 32.40 64.16
N TYR J 94 10.11 31.59 65.22
CA TYR J 94 8.87 30.89 65.54
C TYR J 94 7.82 31.86 66.08
N SER J 95 8.17 32.84 66.92
CA SER J 95 7.25 33.88 67.36
C SER J 95 6.75 34.73 66.17
N HIS J 96 7.62 34.99 65.21
CA HIS J 96 7.32 35.73 63.97
C HIS J 96 6.31 34.96 63.15
N VAL J 97 6.64 33.76 62.64
CA VAL J 97 5.70 33.06 61.77
C VAL J 97 4.42 32.64 62.49
N ILE J 98 4.44 32.25 63.76
CA ILE J 98 3.21 31.96 64.51
C ILE J 98 2.41 33.24 64.75
N SER J 99 3.01 34.41 64.96
CA SER J 99 2.21 35.65 65.03
C SER J 99 1.63 35.99 63.65
N ARG J 100 2.39 35.73 62.59
CA ARG J 100 1.94 35.90 61.20
C ARG J 100 0.75 35.01 60.86
N GLU J 101 0.63 33.82 61.43
CA GLU J 101 -0.56 32.98 61.28
C GLU J 101 -1.84 33.64 61.77
N ARG J 102 -1.84 34.18 62.99
CA ARG J 102 -3.04 34.85 63.52
C ARG J 102 -3.36 36.13 62.72
N ARG J 103 -2.37 36.74 62.06
CA ARG J 103 -2.55 37.83 61.08
C ARG J 103 -3.10 37.33 59.74
N GLY J 104 -2.89 36.07 59.38
CA GLY J 104 -3.53 35.38 58.25
C GLY J 104 -2.71 35.31 56.95
N ASP J 105 -1.47 35.77 56.92
CA ASP J 105 -0.76 36.04 55.68
C ASP J 105 -0.43 34.81 54.79
N TYR J 106 -0.53 33.59 55.31
CA TYR J 106 -0.42 32.38 54.49
C TYR J 106 -1.75 31.98 53.81
N LEU J 107 -2.72 32.88 53.78
CA LEU J 107 -4.02 32.74 53.08
C LEU J 107 -4.83 31.52 53.56
N GLY J 108 -4.67 31.16 54.83
CA GLY J 108 -5.31 29.99 55.36
C GLY J 108 -4.80 28.67 54.81
N LYS J 109 -3.54 28.59 54.36
CA LYS J 109 -2.89 27.30 54.09
C LYS J 109 -2.42 26.61 55.41
N THR J 110 -1.82 25.42 55.30
CA THR J 110 -1.10 24.83 56.46
C THR J 110 0.18 25.64 56.53
N VAL J 111 0.76 25.89 57.69
CA VAL J 111 2.09 26.59 57.78
C VAL J 111 3.10 25.53 58.20
N GLN J 112 3.31 24.50 57.38
CA GLN J 112 4.30 23.44 57.67
C GLN J 112 5.63 24.16 57.98
N ILE J 113 6.52 23.59 58.82
CA ILE J 113 7.85 24.21 59.10
C ILE J 113 8.77 24.02 57.89
N VAL J 114 8.63 22.96 57.09
CA VAL J 114 9.40 22.87 55.80
C VAL J 114 8.75 23.93 54.92
N PRO J 115 9.04 24.10 53.62
CA PRO J 115 8.53 25.22 52.88
C PRO J 115 8.32 26.53 53.65
N HIS J 116 7.28 26.71 54.44
CA HIS J 116 7.00 28.10 54.83
C HIS J 116 7.93 28.71 55.89
N LEU J 117 8.19 28.07 57.04
CA LEU J 117 9.09 28.66 58.03
C LEU J 117 10.54 28.72 57.51
N THR J 118 11.08 27.67 56.87
CA THR J 118 12.40 27.78 56.25
C THR J 118 12.46 28.85 55.18
N ASN J 119 11.34 29.18 54.52
CA ASN J 119 11.27 30.32 53.64
C ASN J 119 11.36 31.64 54.43
N ALA J 120 10.74 31.76 55.61
CA ALA J 120 10.89 32.96 56.45
C ALA J 120 12.34 33.17 56.89
N ILE J 121 13.08 32.11 57.25
CA ILE J 121 14.52 32.22 57.55
C ILE J 121 15.25 32.77 56.32
N GLN J 122 15.04 32.19 55.14
CA GLN J 122 15.75 32.60 53.96
C GLN J 122 15.39 34.02 53.54
N ASP J 123 14.19 34.48 53.86
CA ASP J 123 13.78 35.87 53.70
C ASP J 123 14.45 36.76 54.73
N TRP J 124 14.44 36.40 56.02
CA TRP J 124 15.07 37.17 57.07
C TRP J 124 16.57 37.39 56.82
N ILE J 125 17.34 36.37 56.49
CA ILE J 125 18.76 36.53 56.15
C ILE J 125 18.95 37.48 54.96
N GLN J 126 18.08 37.45 53.96
CA GLN J 126 18.15 38.35 52.80
C GLN J 126 17.68 39.75 53.10
N ARG J 127 16.79 39.96 54.08
CA ARG J 127 16.47 41.31 54.55
C ARG J 127 17.66 41.91 55.27
N VAL J 128 18.09 41.21 56.31
CA VAL J 128 19.07 41.63 57.29
C VAL J 128 20.42 41.91 56.67
N SER J 129 20.93 41.07 55.80
CA SER J 129 22.21 41.34 55.13
C SER J 129 22.20 42.57 54.22
N LYS J 130 21.03 43.17 53.86
CA LYS J 130 20.95 44.45 53.12
C LYS J 130 20.76 45.69 53.99
N ILE J 131 20.64 45.56 55.32
CA ILE J 131 20.62 46.70 56.24
C ILE J 131 22.03 47.30 56.32
N PRO J 132 22.23 48.62 56.22
CA PRO J 132 23.57 49.21 56.32
C PRO J 132 24.14 49.15 57.74
N VAL J 133 25.46 49.06 57.87
CA VAL J 133 26.13 48.88 59.18
C VAL J 133 27.36 49.76 59.42
N ASP J 134 28.03 50.27 58.40
CA ASP J 134 29.17 51.20 58.50
C ASP J 134 28.72 52.67 58.69
N ASP J 135 29.68 53.60 58.70
CA ASP J 135 29.45 55.04 58.92
C ASP J 135 28.63 55.75 57.81
N THR J 136 28.38 55.06 56.68
CA THR J 136 27.56 55.50 55.56
C THR J 136 26.56 54.40 55.18
N GLY J 137 25.41 54.79 54.65
CA GLY J 137 24.27 53.92 54.35
C GLY J 137 24.44 53.02 53.12
N LEU J 138 25.65 52.52 52.85
CA LEU J 138 25.94 51.59 51.78
C LEU J 138 25.69 50.15 52.23
N GLU J 139 24.99 49.37 51.42
CA GLU J 139 24.62 47.99 51.75
C GLU J 139 25.83 47.04 51.67
N PRO J 140 25.92 46.03 52.55
CA PRO J 140 27.07 45.13 52.65
C PRO J 140 27.47 44.34 51.40
N ASP J 141 28.75 44.11 51.19
CA ASP J 141 29.25 43.25 50.10
C ASP J 141 29.21 41.77 50.46
N VAL J 142 29.56 41.41 51.70
CA VAL J 142 29.64 40.03 52.20
C VAL J 142 29.02 39.95 53.58
N CYS J 143 28.26 38.88 53.85
CA CYS J 143 27.68 38.61 55.15
C CYS J 143 28.22 37.32 55.78
N ILE J 144 28.78 37.38 56.99
CA ILE J 144 29.20 36.21 57.76
C ILE J 144 28.03 35.72 58.62
N ILE J 145 27.54 34.51 58.43
CA ILE J 145 26.48 33.95 59.26
C ILE J 145 27.09 32.98 60.26
N GLU J 146 27.00 33.22 61.57
CA GLU J 146 27.45 32.26 62.58
C GLU J 146 26.26 31.38 63.01
N LEU J 147 26.28 30.11 62.65
CA LEU J 147 25.21 29.15 62.97
C LEU J 147 25.49 28.59 64.37
N GLY J 148 24.77 29.14 65.36
CA GLY J 148 24.82 28.67 66.75
C GLY J 148 24.27 27.26 66.91
N GLY J 149 24.52 26.65 68.07
CA GLY J 149 24.31 25.21 68.23
C GLY J 149 25.31 24.37 67.43
N THR J 150 24.93 23.17 66.99
CA THR J 150 25.74 22.39 66.03
C THR J 150 24.90 21.89 64.85
N VAL J 151 25.56 21.57 63.73
CA VAL J 151 24.89 20.95 62.55
C VAL J 151 24.77 19.47 62.93
N GLY J 152 23.56 18.98 63.22
CA GLY J 152 23.35 17.61 63.72
C GLY J 152 22.68 17.70 65.08
N ASP J 153 21.60 18.47 65.18
CA ASP J 153 20.90 18.68 66.47
C ASP J 153 19.40 18.74 66.18
N ILE J 154 18.58 19.11 67.17
CA ILE J 154 17.10 19.25 67.00
C ILE J 154 16.71 20.73 67.18
N GLU J 155 17.57 21.55 67.80
CA GLU J 155 17.34 23.02 67.90
C GLU J 155 17.95 23.66 66.67
N SER J 156 18.83 22.93 65.97
CA SER J 156 19.45 23.46 64.76
C SER J 156 18.60 23.24 63.51
N ALA J 157 17.66 22.32 63.57
CA ALA J 157 17.09 21.63 62.45
C ALA J 157 16.45 22.51 61.36
N PRO J 158 15.58 23.49 61.67
CA PRO J 158 15.08 24.39 60.65
C PRO J 158 16.16 25.26 60.02
N PHE J 159 17.19 25.65 60.76
CA PHE J 159 18.27 26.46 60.19
C PHE J 159 19.07 25.65 59.21
N VAL J 160 19.47 24.42 59.50
CA VAL J 160 20.26 23.67 58.51
C VAL J 160 19.47 23.35 57.25
N GLU J 161 18.15 23.14 57.33
CA GLU J 161 17.31 23.01 56.14
C GLU J 161 17.19 24.31 55.39
N ALA J 162 16.85 25.39 56.09
CA ALA J 162 16.78 26.71 55.48
C ALA J 162 18.05 27.06 54.72
N LEU J 163 19.22 26.74 55.28
CA LEU J 163 20.53 26.96 54.66
C LEU J 163 20.84 25.95 53.53
N ARG J 164 20.32 24.72 53.54
CA ARG J 164 20.37 23.91 52.34
C ARG J 164 19.59 24.62 51.21
N GLN J 165 18.36 25.09 51.41
CA GLN J 165 17.68 25.80 50.32
C GLN J 165 18.45 27.07 49.96
N PHE J 166 18.98 27.78 50.96
CA PHE J 166 19.70 29.03 50.76
C PHE J 166 21.02 28.92 50.01
N GLN J 167 21.58 27.71 49.90
CA GLN J 167 22.70 27.39 49.06
C GLN J 167 22.35 27.51 47.57
N PHE J 168 21.05 27.49 47.24
CA PHE J 168 20.53 27.64 45.88
C PHE J 168 19.68 28.87 45.64
N GLU J 169 18.82 29.22 46.58
CA GLU J 169 17.99 30.43 46.50
C GLU J 169 18.88 31.69 46.43
N VAL J 170 20.10 31.62 46.97
CA VAL J 170 21.26 32.42 46.58
C VAL J 170 22.24 31.45 45.88
N GLY J 171 22.73 31.78 44.70
CA GLY J 171 23.54 30.85 43.91
C GLY J 171 24.83 30.40 44.62
N ARG J 172 25.29 29.15 44.45
CA ARG J 172 26.68 28.76 44.75
C ARG J 172 27.61 29.71 44.02
N GLU J 173 28.79 29.89 44.56
CA GLU J 173 29.68 31.04 44.27
C GLU J 173 29.20 32.41 44.78
N ASN J 174 28.00 32.53 45.34
CA ASN J 174 27.64 33.57 46.30
C ASN J 174 27.48 33.03 47.73
N PHE J 175 27.85 31.78 48.01
CA PHE J 175 27.73 31.15 49.31
C PHE J 175 28.91 30.21 49.55
N ALA J 176 29.43 30.14 50.76
CA ALA J 176 30.50 29.25 51.20
C ALA J 176 30.27 28.80 52.64
N LEU J 177 30.59 27.54 52.97
CA LEU J 177 30.43 27.00 54.34
C LEU J 177 31.79 26.68 54.98
N ILE J 178 32.03 27.21 56.16
CA ILE J 178 33.18 26.93 56.99
C ILE J 178 32.69 26.06 58.16
N HIS J 179 33.17 24.82 58.23
CA HIS J 179 32.82 23.86 59.26
C HIS J 179 33.93 23.77 60.29
N VAL J 180 33.70 24.33 61.47
CA VAL J 180 34.54 24.18 62.66
C VAL J 180 34.41 22.76 63.17
N SER J 181 35.47 22.14 63.66
CA SER J 181 35.38 20.73 64.05
C SER J 181 36.40 20.31 65.09
N LEU J 182 36.14 19.21 65.80
CA LEU J 182 36.98 18.73 66.89
C LEU J 182 37.89 17.58 66.44
N VAL J 183 39.17 17.68 66.74
CA VAL J 183 40.16 16.63 66.48
C VAL J 183 40.87 16.32 67.79
N PRO J 184 40.30 15.45 68.66
CA PRO J 184 40.87 15.17 69.96
C PRO J 184 42.28 14.57 69.89
N VAL J 185 43.06 14.75 70.94
CA VAL J 185 44.34 14.06 71.12
C VAL J 185 44.31 13.21 72.38
N ILE J 186 44.65 11.93 72.22
CA ILE J 186 44.58 10.85 73.20
C ILE J 186 45.84 10.02 73.05
N HIS J 187 46.54 9.71 74.15
CA HIS J 187 47.79 8.92 74.17
C HIS J 187 48.86 9.38 73.17
N GLY J 188 48.85 10.68 72.81
CA GLY J 188 49.74 11.29 71.82
C GLY J 188 49.32 11.20 70.34
N GLU J 189 48.11 10.73 70.02
CA GLU J 189 47.68 10.52 68.60
C GLU J 189 46.53 11.49 68.28
N GLN J 190 46.54 12.15 67.12
CA GLN J 190 45.45 13.08 66.71
C GLN J 190 44.30 12.23 66.17
N LYS J 191 43.09 12.38 66.73
CA LYS J 191 41.91 11.54 66.41
C LYS J 191 40.92 12.33 65.53
N THR J 192 40.97 12.21 64.19
CA THR J 192 40.01 12.82 63.24
C THR J 192 38.74 11.98 62.98
N LYS J 193 38.17 11.23 63.93
CA LYS J 193 36.87 10.52 63.72
C LYS J 193 35.66 11.31 64.24
N PRO J 194 35.75 12.18 65.26
CA PRO J 194 34.66 13.08 65.65
C PRO J 194 34.41 13.99 64.45
N THR J 195 35.45 14.54 63.84
CA THR J 195 35.34 15.41 62.63
C THR J 195 34.66 14.60 61.52
N GLN J 196 35.11 13.39 61.19
CA GLN J 196 34.56 12.57 60.07
C GLN J 196 33.13 12.15 60.37
N ALA J 197 32.65 12.25 61.62
CA ALA J 197 31.27 11.88 62.03
C ALA J 197 30.41 13.15 62.10
N ALA J 198 30.94 14.31 61.72
CA ALA J 198 30.17 15.57 61.60
C ALA J 198 30.22 16.02 60.14
N ILE J 199 31.06 15.44 59.26
CA ILE J 199 31.11 15.64 57.81
C ILE J 199 30.07 14.73 57.20
N LYS J 200 29.85 13.56 57.75
CA LYS J 200 28.80 12.64 57.36
C LYS J 200 27.48 13.34 57.62
N ASP J 201 27.24 13.85 58.83
CA ASP J 201 25.97 14.54 59.16
C ASP J 201 25.77 15.83 58.35
N LEU J 202 26.85 16.54 58.02
CA LEU J 202 26.75 17.77 57.27
C LEU J 202 26.21 17.49 55.86
N ARG J 203 26.80 16.52 55.15
CA ARG J 203 26.40 16.09 53.83
C ARG J 203 24.96 15.60 53.90
N SER J 204 24.60 14.87 54.97
CA SER J 204 23.25 14.35 55.16
C SER J 204 22.24 15.48 55.29
N LEU J 205 22.43 16.45 56.18
CA LEU J 205 21.54 17.62 56.35
C LEU J 205 21.59 18.58 55.15
N GLY J 206 22.60 18.46 54.29
CA GLY J 206 22.56 18.84 52.87
C GLY J 206 23.50 19.96 52.43
N LEU J 207 23.98 20.78 53.37
CA LEU J 207 25.08 21.70 53.06
C LEU J 207 26.34 20.93 52.68
N ILE J 208 27.23 21.51 51.88
CA ILE J 208 28.54 20.90 51.53
C ILE J 208 29.64 21.78 52.10
N PRO J 209 30.58 21.30 52.92
CA PRO J 209 31.62 22.16 53.48
C PRO J 209 32.72 22.65 52.56
N ASP J 210 33.37 23.78 52.78
CA ASP J 210 34.49 24.39 52.06
C ASP J 210 35.79 24.36 52.82
N MET J 211 35.79 24.70 54.08
CA MET J 211 36.88 24.71 55.03
C MET J 211 36.60 23.66 56.09
N ILE J 212 37.62 23.17 56.77
CA ILE J 212 37.49 22.26 57.89
C ILE J 212 38.39 22.82 58.98
N ALA J 213 37.82 23.67 59.83
CA ALA J 213 38.56 24.49 60.77
C ALA J 213 38.70 23.79 62.11
N CYS J 214 39.76 22.98 62.27
CA CYS J 214 39.94 22.15 63.44
C CYS J 214 40.39 22.94 64.66
N ARG J 215 39.80 22.63 65.83
CA ARG J 215 40.22 23.09 67.17
C ARG J 215 40.98 22.01 67.92
N CYS J 216 42.08 21.55 67.33
CA CYS J 216 43.01 20.61 67.97
C CYS J 216 43.83 21.32 69.06
N SER J 217 44.39 20.55 69.99
CA SER J 217 45.31 21.05 71.02
C SER J 217 46.73 21.37 70.50
N GLU J 218 46.99 21.16 69.21
CA GLU J 218 48.32 21.08 68.62
C GLU J 218 48.34 21.70 67.20
N GLU J 219 49.52 21.79 66.58
CA GLU J 219 49.56 21.81 65.13
C GLU J 219 49.08 20.47 64.56
N LEU J 220 48.20 20.50 63.54
CA LEU J 220 47.78 19.28 62.85
C LEU J 220 48.96 18.65 62.11
N ASN J 221 49.14 17.35 62.25
CA ASN J 221 50.17 16.63 61.48
C ASN J 221 49.86 16.71 59.98
N ARG J 222 50.90 16.70 59.11
CA ARG J 222 50.69 16.64 57.66
C ARG J 222 49.90 15.40 57.24
N SER J 223 50.10 14.27 57.92
CA SER J 223 49.29 13.05 57.72
C SER J 223 47.86 13.17 58.26
N THR J 224 47.61 13.96 59.32
CA THR J 224 46.27 14.23 59.83
C THR J 224 45.46 15.05 58.85
N ILE J 225 46.05 16.11 58.29
CA ILE J 225 45.43 16.91 57.24
C ILE J 225 45.15 16.06 56.01
N ASP J 226 46.12 15.26 55.57
CA ASP J 226 45.95 14.40 54.39
C ASP J 226 44.77 13.43 54.54
N LYS J 227 44.57 12.83 55.72
CA LYS J 227 43.39 11.98 55.98
C LYS J 227 42.10 12.79 56.09
N ILE J 228 42.06 13.96 56.75
CA ILE J 228 40.84 14.77 56.75
C ILE J 228 40.48 15.18 55.31
N ALA J 229 41.43 15.51 54.46
CA ALA J 229 41.21 15.79 53.04
C ALA J 229 40.88 14.54 52.18
N MET J 230 41.00 13.33 52.72
CA MET J 230 40.58 12.08 52.08
C MET J 230 39.13 11.75 52.44
N PHE J 231 38.71 12.02 53.67
CA PHE J 231 37.35 11.73 54.16
C PHE J 231 36.39 12.90 53.99
N CYS J 232 36.77 14.15 54.28
CA CYS J 232 36.08 15.29 53.69
C CYS J 232 36.64 15.51 52.26
N HIS J 233 35.87 16.12 51.38
CA HIS J 233 36.29 16.34 49.99
C HIS J 233 37.11 17.61 49.76
N VAL J 234 37.42 18.41 50.80
CA VAL J 234 38.29 19.58 50.65
C VAL J 234 39.73 19.19 50.30
N GLY J 235 40.44 20.02 49.56
CA GLY J 235 41.89 19.86 49.35
C GLY J 235 42.69 20.20 50.61
N PRO J 236 43.87 19.61 50.84
CA PRO J 236 44.59 19.71 52.10
C PRO J 236 45.01 21.14 52.48
N GLU J 237 45.18 22.05 51.52
CA GLU J 237 45.44 23.47 51.80
C GLU J 237 44.29 24.15 52.57
N GLN J 238 43.09 23.59 52.57
CA GLN J 238 41.87 24.20 53.11
C GLN J 238 41.50 23.75 54.53
N VAL J 239 42.28 22.82 55.10
CA VAL J 239 42.04 22.22 56.41
C VAL J 239 42.69 23.11 57.47
N VAL J 240 42.15 24.31 57.68
CA VAL J 240 42.80 25.32 58.53
C VAL J 240 42.90 24.83 59.98
N ASN J 241 43.99 25.17 60.67
CA ASN J 241 44.14 24.89 62.10
C ASN J 241 44.01 26.18 62.90
N VAL J 242 43.22 26.20 63.96
CA VAL J 242 42.89 27.45 64.69
C VAL J 242 43.39 27.39 66.14
N HIS J 243 44.59 26.84 66.35
CA HIS J 243 45.19 26.61 67.67
C HIS J 243 45.45 27.91 68.44
N ASP J 244 45.63 27.80 69.77
CA ASP J 244 45.86 28.96 70.65
C ASP J 244 47.18 29.70 70.33
N VAL J 245 47.12 31.02 70.41
CA VAL J 245 48.24 31.98 70.24
C VAL J 245 48.10 33.13 71.27
N ASN J 246 49.18 33.88 71.49
CA ASN J 246 49.41 34.77 72.65
C ASN J 246 48.27 35.74 73.04
N SER J 247 47.38 36.12 72.11
CA SER J 247 46.08 36.73 72.42
C SER J 247 45.12 36.52 71.23
N THR J 248 43.80 36.55 71.44
CA THR J 248 42.82 36.32 70.35
C THR J 248 42.89 37.35 69.23
N TYR J 249 43.51 38.51 69.42
CA TYR J 249 43.74 39.46 68.34
C TYR J 249 44.76 38.96 67.31
N HIS J 250 45.56 37.93 67.61
CA HIS J 250 46.41 37.31 66.60
C HIS J 250 45.66 36.37 65.65
N VAL J 251 44.48 35.86 66.01
CA VAL J 251 43.83 34.77 65.25
C VAL J 251 43.61 35.13 63.78
N PRO J 252 43.14 36.32 63.39
CA PRO J 252 43.07 36.70 61.99
C PRO J 252 44.37 36.50 61.24
N LEU J 253 45.52 36.84 61.82
CA LEU J 253 46.81 36.73 61.14
C LEU J 253 47.32 35.28 61.00
N LEU J 254 46.85 34.35 61.83
CA LEU J 254 47.08 32.91 61.65
C LEU J 254 46.30 32.40 60.44
N LEU J 255 45.05 32.84 60.31
CA LEU J 255 44.20 32.47 59.19
C LEU J 255 44.73 33.08 57.90
N LEU J 256 45.34 34.27 57.96
CA LEU J 256 46.01 34.89 56.82
C LEU J 256 47.30 34.17 56.41
N LYS J 257 48.09 33.63 57.35
CA LYS J 257 49.21 32.74 57.04
C LYS J 257 48.74 31.42 56.45
N GLN J 258 47.54 30.97 56.79
CA GLN J 258 46.91 29.75 56.30
C GLN J 258 46.05 29.97 55.04
N HIS J 259 46.40 30.98 54.23
CA HIS J 259 45.85 31.30 52.92
C HIS J 259 44.36 31.65 52.88
N MET J 260 43.69 31.89 53.99
CA MET J 260 42.22 31.95 53.98
C MET J 260 41.62 33.12 53.18
N ILE J 261 42.26 34.28 53.10
CA ILE J 261 41.84 35.31 52.14
C ILE J 261 42.06 34.84 50.71
N ASP J 262 43.19 34.21 50.37
CA ASP J 262 43.43 33.78 49.01
C ASP J 262 42.43 32.71 48.56
N TYR J 263 42.06 31.80 49.45
CA TYR J 263 41.00 30.86 49.20
C TYR J 263 39.64 31.55 49.06
N LEU J 264 39.17 32.36 50.03
CA LEU J 264 37.87 33.03 49.93
C LEU J 264 37.80 34.01 48.75
N HIS J 265 38.89 34.68 48.34
CA HIS J 265 38.92 35.50 47.15
C HIS J 265 38.60 34.68 45.90
N SER J 266 39.14 33.48 45.78
CA SER J 266 38.80 32.54 44.71
C SER J 266 37.38 32.00 44.85
N ARG J 267 37.07 31.31 45.96
CA ARG J 267 35.85 30.52 46.14
C ARG J 267 34.56 31.34 46.16
N LEU J 268 34.61 32.65 46.36
CA LEU J 268 33.45 33.55 46.21
C LEU J 268 33.63 34.58 45.08
N LYS J 269 34.66 34.45 44.25
CA LYS J 269 35.00 35.37 43.14
C LYS J 269 35.00 36.84 43.58
N LEU J 270 35.65 37.17 44.69
CA LEU J 270 35.58 38.51 45.33
C LEU J 270 36.21 39.61 44.47
N GLY J 271 37.02 39.25 43.47
CA GLY J 271 37.48 40.17 42.43
C GLY J 271 36.37 40.75 41.55
N GLU J 272 35.19 40.11 41.48
CA GLU J 272 34.05 40.60 40.71
C GLU J 272 33.17 41.60 41.50
N VAL J 273 33.36 41.77 42.81
CA VAL J 273 32.66 42.77 43.62
C VAL J 273 33.23 44.17 43.29
N PRO J 274 32.41 45.20 43.02
CA PRO J 274 32.91 46.54 42.74
C PRO J 274 33.45 47.24 44.00
N LEU J 275 34.71 47.66 43.97
CA LEU J 275 35.39 48.41 45.04
C LEU J 275 36.03 49.71 44.53
N THR J 276 35.96 50.78 45.31
CA THR J 276 36.71 52.03 45.02
C THR J 276 38.11 51.97 45.64
N LEU J 277 39.04 52.85 45.26
CA LEU J 277 40.29 52.99 46.04
C LEU J 277 40.04 53.42 47.47
N GLU J 278 38.99 54.20 47.74
CA GLU J 278 38.62 54.55 49.12
C GLU J 278 38.20 53.32 49.93
N ASP J 279 37.58 52.32 49.30
CA ASP J 279 37.41 51.00 49.92
C ASP J 279 38.75 50.26 50.06
N LYS J 280 39.46 50.04 48.95
CA LYS J 280 40.64 49.16 48.95
C LYS J 280 41.76 49.68 49.83
N GLU J 281 42.11 50.95 49.73
CA GLU J 281 43.19 51.52 50.53
C GLU J 281 42.81 51.59 52.02
N ARG J 282 41.52 51.77 52.38
CA ARG J 282 41.08 51.63 53.78
C ARG J 282 41.26 50.20 54.25
N GLY J 283 41.00 49.24 53.37
CA GLY J 283 41.22 47.82 53.60
C GLY J 283 42.69 47.51 53.93
N SER J 284 43.61 47.85 53.03
CA SER J 284 45.04 47.57 53.24
C SER J 284 45.65 48.44 54.36
N GLN J 285 45.14 49.62 54.64
CA GLN J 285 45.55 50.38 55.81
C GLN J 285 45.07 49.71 57.11
N LEU J 286 43.82 49.27 57.20
CA LEU J 286 43.32 48.55 58.37
C LEU J 286 44.13 47.28 58.64
N LEU J 287 44.55 46.55 57.60
CA LEU J 287 45.48 45.43 57.77
C LEU J 287 46.76 45.89 58.49
N THR J 288 47.37 46.99 58.07
CA THR J 288 48.57 47.47 58.76
C THR J 288 48.31 47.97 60.16
N ASN J 289 47.12 48.49 60.49
CA ASN J 289 46.79 48.77 61.88
C ASN J 289 46.71 47.48 62.69
N TRP J 290 46.20 46.38 62.13
CA TRP J 290 46.15 45.09 62.81
C TRP J 290 47.53 44.44 62.95
N GLU J 291 48.37 44.52 61.92
CA GLU J 291 49.76 44.09 62.02
C GLU J 291 50.55 44.94 63.05
N ASN J 292 50.30 46.26 63.11
CA ASN J 292 50.93 47.10 64.11
C ASN J 292 50.46 46.78 65.52
N MET J 293 49.16 46.70 65.79
CA MET J 293 48.70 46.47 67.17
C MET J 293 49.07 45.07 67.67
N THR J 294 49.08 44.05 66.81
CA THR J 294 49.60 42.71 67.18
C THR J 294 51.12 42.69 67.38
N LYS J 295 51.91 43.41 66.58
CA LYS J 295 53.34 43.62 66.87
C LYS J 295 53.54 44.37 68.19
N ASN J 296 52.71 45.37 68.52
CA ASN J 296 52.82 46.06 69.80
C ASN J 296 52.50 45.11 70.97
N LEU J 297 51.53 44.21 70.84
CA LEU J 297 51.24 43.20 71.86
C LEU J 297 52.42 42.23 72.03
N ASP J 298 53.11 41.86 70.94
CA ASP J 298 54.21 40.91 70.98
C ASP J 298 55.45 41.37 71.77
N ASP J 299 55.63 42.67 72.03
CA ASP J 299 56.79 43.16 72.80
C ASP J 299 56.49 44.28 73.83
N SER J 300 55.22 44.63 74.05
CA SER J 300 54.77 45.33 75.26
C SER J 300 55.01 44.47 76.51
N ASP J 301 55.76 44.99 77.48
CA ASP J 301 56.10 44.30 78.74
C ASP J 301 55.65 45.05 79.99
N ASP J 302 55.58 46.37 79.95
CA ASP J 302 55.32 47.20 81.14
C ASP J 302 53.85 47.05 81.57
N VAL J 303 53.65 46.41 82.70
CA VAL J 303 52.33 46.01 83.17
C VAL J 303 51.56 47.23 83.66
N VAL J 304 50.24 47.16 83.59
CA VAL J 304 49.31 48.03 84.31
C VAL J 304 48.25 47.16 84.97
N LYS J 305 48.02 47.34 86.27
CA LYS J 305 47.08 46.53 87.06
C LYS J 305 45.81 47.33 87.27
N ILE J 306 44.66 46.89 86.75
CA ILE J 306 43.37 47.58 86.93
C ILE J 306 42.49 46.74 87.84
N ALA J 307 42.02 47.26 88.97
CA ALA J 307 41.08 46.55 89.81
C ALA J 307 39.67 46.68 89.26
N LEU J 308 39.04 45.56 88.94
CA LEU J 308 37.66 45.50 88.56
C LEU J 308 36.91 45.06 89.81
N VAL J 309 36.10 45.97 90.36
CA VAL J 309 35.50 45.82 91.68
C VAL J 309 34.00 45.58 91.54
N GLY J 310 33.50 44.39 91.85
CA GLY J 310 32.06 44.09 91.72
C GLY J 310 31.67 42.70 92.21
N LYS J 311 30.37 42.37 92.18
CA LYS J 311 29.84 41.02 92.50
C LYS J 311 30.09 40.03 91.37
N TYR J 312 29.98 38.73 91.66
CA TYR J 312 30.03 37.65 90.68
C TYR J 312 31.30 37.58 89.81
N THR J 313 32.45 38.04 90.31
CA THR J 313 33.71 38.04 89.52
C THR J 313 34.19 36.65 89.12
N ASN J 314 33.71 35.58 89.75
CA ASN J 314 33.95 34.20 89.29
C ASN J 314 33.26 33.88 87.95
N LEU J 315 32.26 34.65 87.56
CA LEU J 315 31.55 34.57 86.29
C LEU J 315 32.05 35.69 85.36
N LYS J 316 33.30 35.59 84.89
CA LYS J 316 34.01 36.64 84.12
C LYS J 316 33.28 37.05 82.84
N ASP J 317 32.52 36.13 82.25
CA ASP J 317 31.66 36.39 81.09
C ASP J 317 30.51 37.35 81.42
N SER J 318 30.16 37.51 82.70
CA SER J 318 29.23 38.55 83.16
C SER J 318 29.74 39.98 82.94
N TYR J 319 31.01 40.12 82.57
CA TYR J 319 31.74 41.33 82.27
C TYR J 319 32.52 41.20 80.98
N LEU J 320 32.15 40.38 80.00
CA LEU J 320 33.02 40.19 78.83
C LEU J 320 33.36 41.50 78.09
N SER J 321 32.46 42.47 77.98
CA SER J 321 32.60 43.71 77.23
C SER J 321 33.50 44.68 77.99
N VAL J 322 33.45 44.65 79.31
CA VAL J 322 34.30 45.42 80.22
C VAL J 322 35.76 44.99 80.09
N THR J 323 36.01 43.69 80.16
CA THR J 323 37.32 43.10 79.95
C THR J 323 37.88 43.48 78.58
N LYS J 324 37.09 43.29 77.52
CA LYS J 324 37.57 43.51 76.15
C LYS J 324 37.88 44.98 75.88
N SER J 325 37.12 45.91 76.45
CA SER J 325 37.42 47.34 76.33
C SER J 325 38.72 47.73 77.04
N LEU J 326 39.02 47.15 78.21
CA LEU J 326 40.34 47.34 78.83
C LEU J 326 41.46 46.76 77.97
N GLU J 327 41.28 45.63 77.29
CA GLU J 327 42.30 45.10 76.38
C GLU J 327 42.59 46.05 75.20
N HIS J 328 41.58 46.63 74.56
CA HIS J 328 41.78 47.66 73.54
C HIS J 328 42.54 48.87 74.12
N ALA J 329 42.14 49.38 75.29
CA ALA J 329 42.77 50.53 75.90
C ALA J 329 44.23 50.25 76.26
N SER J 330 44.53 49.04 76.75
CA SER J 330 45.85 48.50 77.04
C SER J 330 46.76 48.54 75.84
N MET J 331 46.36 47.89 74.75
CA MET J 331 47.17 47.80 73.54
C MET J 331 47.42 49.16 72.93
N LYS J 332 46.50 50.12 73.08
CA LYS J 332 46.66 51.50 72.60
C LYS J 332 47.67 52.32 73.44
N CYS J 333 47.69 52.11 74.76
CA CYS J 333 48.72 52.63 75.66
C CYS J 333 50.08 51.91 75.55
N ARG J 334 50.15 50.75 74.90
CA ARG J 334 51.33 49.87 74.86
C ARG J 334 51.81 49.40 76.24
N ARG J 335 50.90 49.32 77.22
CA ARG J 335 51.12 48.59 78.46
C ARG J 335 50.34 47.28 78.50
N GLN J 336 51.00 46.18 78.87
CA GLN J 336 50.41 44.87 79.05
C GLN J 336 49.45 44.87 80.24
N LEU J 337 48.31 44.22 80.15
CA LEU J 337 47.26 44.33 81.15
C LEU J 337 47.28 43.17 82.14
N GLU J 338 47.13 43.47 83.42
CA GLU J 338 46.60 42.53 84.41
C GLU J 338 45.32 43.14 85.00
N ILE J 339 44.22 42.41 85.05
CA ILE J 339 42.99 42.86 85.72
C ILE J 339 42.92 42.17 87.07
N LEU J 340 42.69 42.92 88.14
CA LEU J 340 42.58 42.38 89.48
C LEU J 340 41.11 42.23 89.85
N TRP J 341 40.65 40.99 89.95
CA TRP J 341 39.29 40.64 90.30
C TRP J 341 39.05 40.85 91.79
N VAL J 342 38.36 41.92 92.14
CA VAL J 342 37.96 42.23 93.52
C VAL J 342 36.49 41.92 93.69
N GLU J 343 36.18 40.78 94.28
CA GLU J 343 34.82 40.40 94.65
C GLU J 343 34.29 41.34 95.74
N ALA J 344 33.55 42.39 95.36
CA ALA J 344 33.37 43.59 96.17
C ALA J 344 32.92 43.34 97.60
N SER J 345 32.07 42.34 97.85
CA SER J 345 31.55 42.11 99.20
C SER J 345 32.66 41.80 100.19
N ASN J 346 33.81 41.30 99.75
CA ASN J 346 34.95 41.03 100.62
C ASN J 346 35.60 42.29 101.20
N LEU J 347 35.51 43.45 100.55
CA LEU J 347 36.01 44.71 101.10
C LEU J 347 35.20 45.22 102.29
N GLU J 348 33.97 44.75 102.48
CA GLU J 348 33.11 45.22 103.56
C GLU J 348 33.64 44.70 104.90
N PRO J 349 33.80 45.55 105.94
CA PRO J 349 34.37 45.14 107.22
C PRO J 349 33.71 43.92 107.87
N GLU J 350 32.41 43.66 107.66
CA GLU J 350 31.78 42.44 108.21
C GLU J 350 32.44 41.16 107.72
N THR J 351 33.13 41.17 106.58
CA THR J 351 33.86 39.99 106.07
C THR J 351 34.95 39.56 107.04
N GLN J 352 35.52 40.49 107.77
CA GLN J 352 36.52 40.22 108.82
C GLN J 352 35.96 39.32 109.93
N GLU J 353 34.64 39.35 110.15
CA GLU J 353 33.96 38.46 111.08
C GLU J 353 33.70 37.06 110.51
N VAL J 354 33.84 36.86 109.19
CA VAL J 354 33.50 35.62 108.48
C VAL J 354 34.75 34.88 107.98
N ASP J 355 35.61 35.57 107.25
CA ASP J 355 36.93 35.09 106.84
C ASP J 355 37.88 36.27 106.62
N LYS J 356 38.90 36.39 107.48
CA LYS J 356 39.92 37.42 107.35
C LYS J 356 40.73 37.27 106.06
N ASN J 357 40.98 36.06 105.58
CA ASN J 357 41.74 35.85 104.34
C ASN J 357 41.07 36.59 103.16
N LYS J 358 39.76 36.45 102.98
CA LYS J 358 39.00 37.21 101.98
C LYS J 358 39.13 38.72 102.18
N PHE J 359 39.04 39.21 103.41
CA PHE J 359 39.16 40.64 103.70
C PHE J 359 40.54 41.20 103.34
N HIS J 360 41.60 40.44 103.60
CA HIS J 360 42.95 40.86 103.24
C HIS J 360 43.22 40.70 101.75
N ASP J 361 42.92 39.57 101.12
CA ASP J 361 43.19 39.37 99.69
C ASP J 361 42.49 40.42 98.83
N SER J 362 41.24 40.75 99.14
CA SER J 362 40.50 41.74 98.38
C SER J 362 41.07 43.15 98.56
N TRP J 363 41.36 43.60 99.78
CA TRP J 363 42.02 44.89 100.02
C TRP J 363 43.46 44.93 99.52
N ASN J 364 44.17 43.81 99.53
CA ASN J 364 45.48 43.67 98.94
C ASN J 364 45.39 43.91 97.43
N LYS J 365 44.52 43.20 96.70
CA LYS J 365 44.32 43.41 95.26
C LYS J 365 43.93 44.85 94.94
N LEU J 366 43.00 45.42 95.68
CA LEU J 366 42.61 46.82 95.50
C LEU J 366 43.77 47.81 95.76
N SER J 367 44.55 47.61 96.81
CA SER J 367 45.71 48.45 97.13
C SER J 367 46.84 48.32 96.11
N SER J 368 47.01 47.13 95.52
CA SER J 368 48.02 46.87 94.49
C SER J 368 47.69 47.49 93.13
N ALA J 369 46.42 47.82 92.87
CA ALA J 369 46.00 48.28 91.56
C ALA J 369 46.51 49.67 91.19
N ASP J 370 47.01 49.82 89.97
CA ASP J 370 47.42 51.09 89.38
C ASP J 370 46.22 51.95 88.95
N GLY J 371 45.04 51.37 88.82
CA GLY J 371 43.78 52.03 88.48
C GLY J 371 42.57 51.20 88.90
N ILE J 372 41.40 51.79 89.05
CA ILE J 372 40.22 51.16 89.66
C ILE J 372 38.99 51.37 88.79
N LEU J 373 38.16 50.34 88.68
CA LEU J 373 36.97 50.32 87.85
C LEU J 373 35.78 49.75 88.61
N VAL J 374 34.69 50.50 88.72
CA VAL J 374 33.39 50.00 89.19
C VAL J 374 32.50 49.70 87.97
N PRO J 375 32.29 48.43 87.62
CA PRO J 375 32.02 48.01 86.25
C PRO J 375 30.54 47.88 85.88
N GLY J 376 29.67 48.76 86.37
CA GLY J 376 28.23 48.67 86.04
C GLY J 376 27.59 47.36 86.49
N GLY J 377 27.67 47.05 87.78
CA GLY J 377 27.04 45.87 88.35
C GLY J 377 25.52 45.80 88.21
N PHE J 378 24.97 44.72 88.73
CA PHE J 378 23.57 44.33 88.64
C PHE J 378 23.13 43.77 89.99
N GLY J 379 21.86 43.95 90.35
CA GLY J 379 21.41 43.80 91.74
C GLY J 379 22.00 44.87 92.66
N THR J 380 22.04 44.62 93.95
CA THR J 380 22.56 45.58 94.96
C THR J 380 23.44 44.98 96.05
N ARG J 381 23.59 43.64 96.15
CA ARG J 381 24.06 43.01 97.40
C ARG J 381 25.55 43.19 97.72
N GLY J 382 26.37 43.58 96.74
CA GLY J 382 27.78 43.97 96.94
C GLY J 382 28.06 45.47 97.11
N ILE J 383 27.06 46.34 97.26
CA ILE J 383 27.23 47.79 97.08
C ILE J 383 28.18 48.43 98.07
N GLU J 384 28.21 48.02 99.34
CA GLU J 384 29.12 48.63 100.32
C GLU J 384 30.60 48.42 99.97
N GLY J 385 30.98 47.30 99.39
CA GLY J 385 32.34 47.13 98.89
C GLY J 385 32.68 48.10 97.76
N MET J 386 31.74 48.31 96.85
CA MET J 386 31.92 49.26 95.74
C MET J 386 31.98 50.70 96.25
N ILE J 387 31.34 51.05 97.36
CA ILE J 387 31.46 52.35 98.00
C ILE J 387 32.85 52.51 98.64
N LEU J 388 33.35 51.52 99.38
CA LEU J 388 34.69 51.57 99.97
C LEU J 388 35.78 51.70 98.92
N ALA J 389 35.70 50.97 97.81
CA ALA J 389 36.65 51.17 96.71
C ALA J 389 36.56 52.58 96.12
N ALA J 390 35.37 53.19 96.06
CA ALA J 390 35.26 54.58 95.62
C ALA J 390 35.82 55.59 96.65
N LYS J 391 35.75 55.30 97.95
CA LYS J 391 36.36 56.11 99.00
C LYS J 391 37.87 56.06 98.87
N TRP J 392 38.39 54.85 98.76
CA TRP J 392 39.79 54.61 98.51
C TRP J 392 40.27 55.34 97.26
N ALA J 393 39.58 55.23 96.14
CA ALA J 393 40.01 55.84 94.90
C ALA J 393 40.02 57.38 94.93
N ARG J 394 39.09 57.99 95.66
CA ARG J 394 39.05 59.45 95.87
C ARG J 394 40.16 59.95 96.79
N GLU J 395 40.33 59.33 97.96
CA GLU J 395 41.27 59.81 98.97
C GLU J 395 42.72 59.41 98.65
N SER J 396 42.97 58.19 98.18
CA SER J 396 44.30 57.74 97.80
C SER J 396 44.72 58.17 96.39
N GLY J 397 43.97 59.04 95.73
CA GLY J 397 44.35 59.59 94.42
C GLY J 397 44.46 58.59 93.23
N VAL J 398 44.15 57.31 93.40
CA VAL J 398 44.27 56.28 92.37
C VAL J 398 43.30 56.55 91.20
N PRO J 399 43.64 56.35 89.92
CA PRO J 399 42.73 56.56 88.80
C PRO J 399 41.47 55.71 88.89
N PHE J 400 40.32 56.30 88.56
CA PHE J 400 39.01 55.69 88.78
C PHE J 400 38.04 55.88 87.61
N LEU J 401 37.34 54.82 87.21
CA LEU J 401 36.18 54.93 86.33
C LEU J 401 34.98 54.21 86.94
N GLY J 402 33.87 54.91 87.11
CA GLY J 402 32.60 54.31 87.45
C GLY J 402 31.70 54.22 86.23
N VAL J 403 31.32 53.01 85.83
CA VAL J 403 30.38 52.78 84.73
C VAL J 403 28.99 52.49 85.29
N CYS J 404 27.95 53.17 84.81
CA CYS J 404 26.55 52.97 85.20
C CYS J 404 26.36 52.99 86.74
N LEU J 405 26.11 51.86 87.40
CA LEU J 405 26.12 51.73 88.88
C LEU J 405 27.37 52.36 89.50
N GLY J 406 28.51 52.31 88.83
CA GLY J 406 29.76 52.95 89.23
C GLY J 406 29.66 54.46 89.40
N LEU J 407 28.99 55.17 88.49
CA LEU J 407 28.73 56.60 88.73
C LEU J 407 27.85 56.76 89.97
N GLN J 408 26.91 55.84 90.19
CA GLN J 408 25.92 55.99 91.24
C GLN J 408 26.50 55.71 92.63
N VAL J 409 27.31 54.66 92.81
CA VAL J 409 28.07 54.50 94.05
C VAL J 409 29.08 55.62 94.24
N ALA J 410 29.64 56.22 93.20
CA ALA J 410 30.49 57.39 93.40
C ALA J 410 29.71 58.57 93.98
N ALA J 411 28.48 58.83 93.56
CA ALA J 411 27.66 59.88 94.18
C ALA J 411 27.28 59.54 95.62
N ILE J 412 26.99 58.27 95.90
CA ILE J 412 26.67 57.80 97.24
C ILE J 412 27.89 57.92 98.17
N GLU J 413 29.07 57.50 97.72
CA GLU J 413 30.33 57.68 98.42
C GLU J 413 30.57 59.16 98.72
N PHE J 414 30.52 60.01 97.70
CA PHE J 414 30.77 61.43 97.87
C PHE J 414 29.76 62.07 98.85
N ALA J 415 28.49 61.65 98.81
CA ALA J 415 27.49 62.14 99.75
C ALA J 415 27.83 61.74 101.19
N ARG J 416 28.12 60.46 101.43
CA ARG J 416 28.44 59.93 102.76
C ARG J 416 29.77 60.46 103.32
N ASN J 417 30.77 60.68 102.47
CA ASN J 417 32.15 60.88 102.90
C ASN J 417 32.76 62.26 102.58
N VAL J 418 32.08 63.13 101.82
CA VAL J 418 32.53 64.51 101.56
C VAL J 418 31.45 65.52 101.91
N ILE J 419 30.20 65.26 101.50
CA ILE J 419 29.06 66.13 101.86
C ILE J 419 28.60 65.89 103.30
N GLY J 420 28.82 64.69 103.86
CA GLY J 420 28.62 64.39 105.28
C GLY J 420 27.20 63.97 105.65
N ARG J 421 26.52 63.19 104.81
CA ARG J 421 25.20 62.59 105.10
C ARG J 421 25.33 61.06 105.21
N PRO J 422 25.69 60.47 106.35
CA PRO J 422 26.05 59.05 106.44
C PRO J 422 24.88 58.09 106.22
N ASN J 423 23.65 58.59 106.37
CA ASN J 423 22.40 57.89 106.07
C ASN J 423 22.00 57.96 104.59
N SER J 424 22.69 58.74 103.73
CA SER J 424 22.34 58.81 102.31
C SER J 424 22.50 57.46 101.61
N SER J 425 21.63 57.19 100.65
CA SER J 425 21.32 55.81 100.28
C SER J 425 21.04 55.65 98.79
N SER J 426 21.32 54.44 98.29
CA SER J 426 20.83 53.98 97.01
C SER J 426 19.32 53.71 97.12
N THR J 427 18.51 54.57 96.50
CA THR J 427 17.06 54.39 96.33
C THR J 427 16.73 53.16 95.49
N GLU J 428 17.71 52.70 94.69
CA GLU J 428 17.78 51.40 94.03
C GLU J 428 17.72 50.21 95.00
N PHE J 429 18.05 50.40 96.28
CA PHE J 429 18.08 49.35 97.30
C PHE J 429 17.14 49.67 98.47
N LEU J 430 17.39 50.75 99.21
CA LEU J 430 16.77 51.07 100.49
C LEU J 430 15.49 51.90 100.33
N ASP J 431 14.54 51.39 99.55
CA ASP J 431 13.41 52.15 99.01
C ASP J 431 12.30 52.45 100.03
N GLU J 432 11.65 51.43 100.58
CA GLU J 432 10.47 51.58 101.46
C GLU J 432 10.78 52.15 102.86
N THR J 433 12.03 52.54 103.12
CA THR J 433 12.39 53.40 104.25
C THR J 433 11.87 54.83 104.07
N LEU J 434 11.70 55.30 102.81
CA LEU J 434 11.21 56.63 102.44
C LEU J 434 12.04 57.82 102.99
N LEU J 435 13.34 57.63 103.23
CA LEU J 435 14.24 58.67 103.75
C LEU J 435 14.41 59.87 102.79
N ALA J 436 14.72 61.04 103.32
CA ALA J 436 14.97 62.27 102.54
C ALA J 436 16.32 62.32 101.76
N PRO J 437 17.46 61.78 102.24
CA PRO J 437 18.74 61.83 101.50
C PRO J 437 18.85 60.70 100.45
N GLU J 438 18.03 60.78 99.41
CA GLU J 438 18.00 59.83 98.29
C GLU J 438 19.00 60.24 97.22
N ASP J 439 20.07 59.48 97.01
CA ASP J 439 21.07 59.80 95.98
C ASP J 439 20.60 59.44 94.57
N GLN J 440 19.50 58.70 94.42
CA GLN J 440 18.98 58.23 93.15
C GLN J 440 17.45 58.39 93.10
N VAL J 441 16.86 58.29 91.91
CA VAL J 441 15.42 58.07 91.75
C VAL J 441 15.14 57.13 90.55
N VAL J 442 14.06 56.34 90.59
CA VAL J 442 13.53 55.68 89.39
C VAL J 442 13.02 56.73 88.42
N ILE J 443 13.40 56.65 87.15
CA ILE J 443 12.87 57.54 86.09
C ILE J 443 12.34 56.73 84.91
N THR J 444 10.37 53.67 83.51
CA THR J 444 10.52 52.27 83.90
C THR J 444 11.73 51.59 83.23
N MET J 445 12.27 52.18 82.16
CA MET J 445 13.54 51.83 81.51
C MET J 445 14.02 52.94 80.55
N ARG J 446 15.28 52.87 80.13
CA ARG J 446 15.96 53.75 79.16
C ARG J 446 17.14 53.00 78.56
N LEU J 447 17.07 52.73 77.26
CA LEU J 447 17.98 51.81 76.56
C LEU J 447 18.44 52.37 75.22
N GLY J 448 19.56 51.83 74.71
CA GLY J 448 20.05 52.11 73.35
C GLY J 448 21.02 53.27 73.24
N LEU J 449 21.40 53.64 72.02
CA LEU J 449 22.30 54.78 71.79
C LEU J 449 21.56 56.10 72.00
N ARG J 450 22.06 56.95 72.90
CA ARG J 450 21.44 58.23 73.27
C ARG J 450 22.45 59.40 73.20
N PRO J 451 21.99 60.66 73.03
CA PRO J 451 22.87 61.82 72.93
C PRO J 451 23.20 62.41 74.31
N THR J 452 24.48 62.51 74.64
CA THR J 452 24.98 63.20 75.84
C THR J 452 25.62 64.53 75.43
N ILE J 453 25.17 65.64 76.01
CA ILE J 453 25.65 66.99 75.72
C ILE J 453 26.56 67.45 76.86
N PHE J 454 27.74 68.01 76.59
CA PHE J 454 28.58 68.57 77.65
C PHE J 454 28.04 69.91 78.21
N GLN J 455 27.99 70.05 79.54
CA GLN J 455 27.61 71.27 80.27
C GLN J 455 28.64 72.40 80.00
N PRO J 456 28.29 73.71 80.08
CA PRO J 456 29.05 74.75 79.38
C PRO J 456 30.50 74.96 79.82
N ASN J 457 30.78 74.94 81.12
CA ASN J 457 32.11 75.30 81.65
C ASN J 457 33.17 74.19 81.48
N SER J 458 32.81 73.07 80.86
CA SER J 458 33.49 71.76 80.92
C SER J 458 34.89 71.69 80.35
N GLU J 459 35.43 72.77 79.80
CA GLU J 459 36.67 72.80 79.01
C GLU J 459 37.86 72.10 79.69
N TRP J 460 38.01 72.24 81.00
CA TRP J 460 39.13 71.69 81.79
C TRP J 460 39.06 70.17 82.01
N SER J 461 37.92 69.54 81.75
CA SER J 461 37.64 68.15 82.16
C SER J 461 38.43 67.18 81.29
N ASN J 462 39.25 66.33 81.88
CA ASN J 462 40.02 65.32 81.16
C ASN J 462 39.12 64.42 80.32
N ILE J 463 37.92 64.09 80.80
CA ILE J 463 36.97 63.30 80.02
C ILE J 463 36.56 64.02 78.75
N ARG J 464 36.40 65.35 78.78
CA ARG J 464 36.08 66.13 77.58
C ARG J 464 37.28 66.24 76.63
N LYS J 465 38.52 66.29 77.14
CA LYS J 465 39.73 66.14 76.30
C LYS J 465 39.79 64.78 75.62
N LEU J 466 39.40 63.70 76.30
CA LEU J 466 39.42 62.35 75.72
C LEU J 466 38.35 62.16 74.63
N TYR J 467 37.18 62.77 74.77
CA TYR J 467 36.18 62.86 73.69
C TYR J 467 36.51 63.88 72.59
N GLY J 468 37.76 64.35 72.48
CA GLY J 468 38.19 65.28 71.42
C GLY J 468 37.62 66.70 71.56
N GLU J 469 37.09 67.06 72.73
CA GLU J 469 36.38 68.31 73.04
C GLU J 469 35.08 68.58 72.25
N VAL J 470 34.63 67.62 71.44
CA VAL J 470 33.34 67.63 70.70
C VAL J 470 32.16 67.85 71.65
N ASN J 471 31.17 68.68 71.31
CA ASN J 471 30.13 69.12 72.25
C ASN J 471 29.10 68.03 72.63
N GLU J 472 28.92 67.02 71.80
CA GLU J 472 27.99 65.91 72.02
C GLU J 472 28.65 64.55 71.78
N VAL J 473 28.26 63.58 72.61
CA VAL J 473 28.78 62.22 72.66
C VAL J 473 27.62 61.25 72.45
N HIS J 474 27.76 60.29 71.54
CA HIS J 474 26.74 59.26 71.28
C HIS J 474 27.23 57.89 71.77
N GLU J 475 26.57 57.35 72.79
CA GLU J 475 27.00 56.15 73.53
C GLU J 475 25.77 55.36 74.00
N ARG J 476 25.92 54.08 74.37
CA ARG J 476 24.79 53.18 74.65
C ARG J 476 24.44 53.13 76.13
N HIS J 477 23.15 53.18 76.47
CA HIS J 477 22.64 53.31 77.84
C HIS J 477 21.89 52.08 78.32
N ARG J 478 21.92 51.85 79.63
CA ARG J 478 20.95 51.07 80.40
C ARG J 478 20.89 51.65 81.80
N HIS J 479 19.74 52.12 82.25
CA HIS J 479 19.50 52.44 83.66
C HIS J 479 18.03 52.66 84.01
N ARG J 480 17.48 51.98 85.00
CA ARG J 480 16.18 52.38 85.58
C ARG J 480 16.31 53.59 86.49
N TYR J 481 17.32 53.55 87.37
CA TYR J 481 17.59 54.51 88.43
C TYR J 481 18.66 55.50 87.98
N GLU J 482 18.50 56.78 88.23
CA GLU J 482 19.48 57.81 87.87
C GLU J 482 19.74 58.73 89.06
N ILE J 483 20.84 59.50 89.07
CA ILE J 483 21.13 60.40 90.20
C ILE J 483 19.96 61.34 90.45
N ASN J 484 19.56 61.48 91.70
CA ASN J 484 18.54 62.45 92.10
C ASN J 484 19.01 63.86 91.73
N PRO J 485 18.38 64.56 90.77
CA PRO J 485 18.93 65.81 90.27
C PRO J 485 18.85 66.94 91.30
N LYS J 486 18.16 66.77 92.44
CA LYS J 486 18.10 67.77 93.51
C LYS J 486 19.31 67.82 94.44
N ILE J 487 20.27 66.90 94.29
CA ILE J 487 21.59 66.95 94.97
C ILE J 487 22.68 67.65 94.11
N VAL J 488 22.51 67.71 92.79
CA VAL J 488 23.50 68.19 91.83
C VAL J 488 24.04 69.59 92.15
N ASN J 489 23.21 70.53 92.57
CA ASN J 489 23.68 71.88 92.90
C ASN J 489 24.64 71.91 94.11
N ASP J 490 24.58 70.91 94.99
CA ASP J 490 25.51 70.74 96.10
C ASP J 490 26.83 70.16 95.57
N MET J 491 26.76 69.04 94.85
CA MET J 491 27.96 68.43 94.25
C MET J 491 28.72 69.39 93.30
N GLU J 492 28.00 70.12 92.45
CA GLU J 492 28.56 71.18 91.62
C GLU J 492 29.28 72.25 92.44
N SER J 493 28.86 72.50 93.69
CA SER J 493 29.57 73.46 94.54
C SER J 493 30.82 72.86 95.21
N ARG J 494 30.80 71.56 95.50
CA ARG J 494 31.87 70.84 96.22
C ARG J 494 32.97 70.26 95.32
N GLY J 495 32.97 70.58 94.02
CA GLY J 495 34.00 70.15 93.06
C GLY J 495 33.70 68.85 92.31
N PHE J 496 32.55 68.21 92.57
CA PHE J 496 32.03 67.07 91.80
C PHE J 496 31.12 67.61 90.67
N ILE J 497 31.71 67.89 89.51
CA ILE J 497 31.10 68.70 88.48
C ILE J 497 30.54 67.78 87.39
N PHE J 498 29.27 67.94 87.04
CA PHE J 498 28.61 67.10 86.06
C PHE J 498 28.92 67.57 84.65
N VAL J 499 30.05 67.09 84.13
CA VAL J 499 30.57 67.42 82.79
C VAL J 499 29.54 67.24 81.68
N GLY J 500 28.64 66.26 81.77
CA GLY J 500 27.70 65.93 80.69
C GLY J 500 26.32 65.51 81.18
N LYS J 501 25.30 65.87 80.41
CA LYS J 501 23.88 65.72 80.73
C LYS J 501 23.06 65.33 79.49
N ASP J 502 21.86 64.81 79.73
CA ASP J 502 20.87 64.59 78.68
C ASP J 502 20.41 65.91 78.04
N GLU J 503 19.97 65.89 76.78
CA GLU J 503 19.51 67.06 76.04
C GLU J 503 18.40 67.91 76.72
N THR J 504 17.60 67.36 77.64
CA THR J 504 16.63 68.14 78.45
C THR J 504 17.28 68.91 79.61
N GLY J 505 18.54 68.61 79.94
CA GLY J 505 19.30 69.12 81.09
C GLY J 505 18.99 68.45 82.42
N GLN J 506 17.87 67.71 82.52
CA GLN J 506 17.34 67.23 83.81
C GLN J 506 18.00 65.95 84.33
N ARG J 507 18.76 65.25 83.49
CA ARG J 507 19.38 63.94 83.77
C ARG J 507 20.89 64.04 83.66
N CYS J 508 21.62 63.49 84.61
CA CYS J 508 23.06 63.60 84.72
C CYS J 508 23.78 62.33 84.27
N GLU J 509 24.77 62.48 83.40
CA GLU J 509 25.28 61.37 82.59
C GLU J 509 26.79 61.19 82.66
N ILE J 510 27.56 62.25 82.91
CA ILE J 510 29.00 62.19 83.19
C ILE J 510 29.32 63.12 84.35
N PHE J 511 30.22 62.72 85.25
CA PHE J 511 30.91 63.66 86.14
C PHE J 511 32.43 63.43 86.10
N GLU J 512 33.18 64.47 86.42
CA GLU J 512 34.60 64.39 86.72
C GLU J 512 34.87 65.19 88.00
N LEU J 513 35.62 64.62 88.94
CA LEU J 513 35.96 65.30 90.19
C LEU J 513 37.15 66.25 89.96
N LYS J 514 37.00 67.53 90.33
CA LYS J 514 38.07 68.53 90.26
C LYS J 514 39.25 68.13 91.14
N GLY J 515 40.48 68.36 90.67
CA GLY J 515 41.68 68.20 91.50
C GLY J 515 42.09 66.77 91.84
N HIS J 516 41.80 65.81 90.95
CA HIS J 516 42.27 64.42 91.02
C HIS J 516 42.86 64.01 89.66
N PRO J 517 43.93 63.19 89.58
CA PRO J 517 44.56 62.81 88.31
C PRO J 517 43.63 62.24 87.24
N TYR J 518 42.64 61.42 87.60
CA TYR J 518 41.59 60.92 86.72
C TYR J 518 40.51 60.21 87.55
N TYR J 519 39.36 60.82 87.77
CA TYR J 519 38.26 60.25 88.55
C TYR J 519 36.94 60.61 87.89
N VAL J 520 36.33 59.63 87.23
CA VAL J 520 35.23 59.82 86.28
C VAL J 520 34.05 58.92 86.62
N GLY J 521 32.81 59.41 86.60
CA GLY J 521 31.64 58.54 86.44
C GLY J 521 30.99 58.72 85.08
N THR J 522 30.61 57.64 84.39
CA THR J 522 29.76 57.66 83.19
C THR J 522 28.55 56.80 83.43
N GLN J 523 27.33 57.33 83.30
CA GLN J 523 26.10 56.58 83.58
C GLN J 523 25.59 55.78 82.38
N TYR J 524 25.98 56.16 81.17
CA TYR J 524 25.97 55.22 80.05
C TYR J 524 27.05 54.14 80.23
N HIS J 525 27.00 53.12 79.40
CA HIS J 525 27.96 52.04 79.35
C HIS J 525 29.00 52.32 78.27
N PRO J 526 30.24 52.73 78.60
CA PRO J 526 31.23 52.95 77.57
C PRO J 526 31.80 51.67 76.99
N GLU J 527 31.54 50.50 77.55
CA GLU J 527 32.18 49.26 77.09
C GLU J 527 31.81 48.94 75.65
N TYR J 528 30.51 49.00 75.31
CA TYR J 528 29.95 48.34 74.14
C TYR J 528 30.39 48.97 72.81
N THR J 529 30.72 50.26 72.83
CA THR J 529 31.12 51.03 71.64
C THR J 529 32.60 50.96 71.31
N SER J 530 33.43 50.39 72.17
CA SER J 530 34.86 50.20 71.89
C SER J 530 35.06 49.27 70.69
N LYS J 531 35.97 49.62 69.78
CA LYS J 531 36.42 48.76 68.67
C LYS J 531 37.90 48.44 68.86
N VAL J 532 38.39 47.33 68.29
CA VAL J 532 39.80 46.89 68.45
C VAL J 532 40.84 47.92 67.99
N LEU J 533 40.45 48.90 67.18
CA LEU J 533 41.32 49.98 66.71
C LEU J 533 40.83 51.37 67.17
N GLU J 534 39.86 51.44 68.08
CA GLU J 534 39.23 52.66 68.57
C GLU J 534 38.68 52.37 69.99
N PRO J 535 39.54 52.36 71.01
CA PRO J 535 39.14 52.04 72.37
C PRO J 535 38.24 53.12 72.94
N SER J 536 37.30 52.72 73.79
CA SER J 536 36.27 53.63 74.28
C SER J 536 36.89 54.73 75.12
N ARG J 537 36.61 56.00 74.86
CA ARG J 537 37.39 57.11 75.42
C ARG J 537 37.52 57.11 76.95
N PRO J 538 36.51 56.78 77.77
CA PRO J 538 36.68 56.73 79.21
C PRO J 538 37.62 55.60 79.64
N PHE J 539 37.59 54.46 78.95
CA PHE J 539 38.46 53.31 79.22
C PHE J 539 39.90 53.55 78.72
N TRP J 540 40.07 54.28 77.62
CA TRP J 540 41.39 54.74 77.20
C TRP J 540 41.94 55.72 78.21
N GLY J 541 41.11 56.60 78.75
CA GLY J 541 41.46 57.47 79.88
C GLY J 541 41.96 56.70 81.10
N LEU J 542 41.21 55.70 81.58
CA LEU J 542 41.61 54.91 82.75
C LEU J 542 42.94 54.21 82.55
N VAL J 543 43.10 53.43 81.47
CA VAL J 543 44.33 52.67 81.25
C VAL J 543 45.50 53.59 80.91
N ALA J 544 45.27 54.78 80.37
CA ALA J 544 46.32 55.78 80.24
C ALA J 544 46.72 56.35 81.60
N ALA J 545 45.80 56.84 82.42
CA ALA J 545 46.12 57.39 83.75
C ALA J 545 46.88 56.38 84.61
N ALA J 546 46.43 55.13 84.62
CA ALA J 546 47.10 54.06 85.35
C ALA J 546 48.50 53.71 84.79
N SER J 547 48.73 53.86 83.49
CA SER J 547 50.06 53.67 82.86
C SER J 547 51.00 54.84 83.07
N GLY J 548 50.51 55.98 83.55
CA GLY J 548 51.11 57.28 83.30
C GLY J 548 50.98 57.70 81.83
N THR J 549 51.40 58.91 81.52
CA THR J 549 51.32 59.48 80.17
C THR J 549 49.88 59.72 79.66
N LEU J 550 48.96 60.07 80.58
CA LEU J 550 47.61 60.54 80.22
C LEU J 550 47.65 61.78 79.32
N GLY J 551 48.57 62.70 79.55
CA GLY J 551 48.82 63.84 78.68
C GLY J 551 49.23 63.45 77.26
N GLU J 552 50.12 62.49 77.08
CA GLU J 552 50.57 62.02 75.77
C GLU J 552 49.46 61.34 74.96
N VAL J 553 48.56 60.62 75.62
CA VAL J 553 47.33 60.11 75.00
C VAL J 553 46.43 61.25 74.56
N ILE J 554 46.25 62.29 75.37
CA ILE J 554 45.46 63.46 74.98
C ILE J 554 46.03 64.15 73.73
N LYS J 555 47.35 64.14 73.47
CA LYS J 555 47.88 64.58 72.17
C LYS J 555 47.56 63.60 71.04
N ASP J 556 47.71 62.30 71.26
CA ASP J 556 47.44 61.31 70.21
C ASP J 556 45.98 61.39 69.71
N ILE J 557 45.04 61.70 70.60
CA ILE J 557 43.64 61.97 70.26
C ILE J 557 43.49 63.27 69.47
N ASN J 558 43.97 64.38 70.00
CA ASN J 558 43.59 65.71 69.49
C ASN J 558 44.41 66.16 68.27
N LEU J 559 45.57 65.57 67.99
CA LEU J 559 46.32 65.79 66.75
C LEU J 559 45.61 65.16 65.54
N MET K 1 -2.21 5.46 85.11
CA MET K 1 -2.22 5.95 83.74
C MET K 1 -1.41 5.03 82.83
N LYS K 2 -1.81 4.89 81.56
CA LYS K 2 -1.10 4.14 80.51
C LYS K 2 -1.10 4.96 79.23
N TYR K 3 -0.10 4.81 78.35
CA TYR K 3 -0.07 5.47 77.05
C TYR K 3 0.21 4.46 75.95
N VAL K 4 -0.44 4.61 74.81
CA VAL K 4 -0.05 3.95 73.56
C VAL K 4 0.19 5.02 72.52
N VAL K 5 1.38 5.14 71.99
CA VAL K 5 1.69 6.16 70.99
C VAL K 5 1.64 5.50 69.63
N VAL K 6 0.87 6.04 68.68
CA VAL K 6 0.77 5.56 67.30
C VAL K 6 1.51 6.53 66.41
N SER K 7 2.41 6.02 65.59
CA SER K 7 3.60 6.77 65.15
C SER K 7 4.19 6.21 63.87
N GLY K 8 5.18 6.87 63.31
CA GLY K 8 6.11 6.22 62.40
C GLY K 8 6.03 6.71 60.97
N GLY K 9 5.96 5.76 60.04
CA GLY K 9 5.79 6.01 58.63
C GLY K 9 7.09 6.32 57.90
N VAL K 10 7.30 5.63 56.78
CA VAL K 10 8.20 6.08 55.71
C VAL K 10 7.64 7.29 54.97
N ILE K 11 6.32 7.38 54.83
CA ILE K 11 5.58 8.45 54.16
C ILE K 11 4.44 8.95 55.05
N SER K 12 4.12 10.24 54.98
CA SER K 12 3.12 10.88 55.85
C SER K 12 1.66 10.61 55.46
N GLY K 13 1.37 10.25 54.21
CA GLY K 13 0.03 9.89 53.74
C GLY K 13 -0.45 8.47 54.08
N ILE K 14 0.28 7.75 54.93
CA ILE K 14 0.13 6.30 55.14
C ILE K 14 -1.13 5.85 55.88
N GLY K 15 -1.86 6.76 56.53
CA GLY K 15 -3.10 6.43 57.24
C GLY K 15 -2.87 5.82 58.63
N LYS K 16 -2.28 6.61 59.53
CA LYS K 16 -2.15 6.29 60.96
C LYS K 16 -3.45 6.51 61.72
N GLY K 17 -4.30 7.43 61.28
CA GLY K 17 -5.49 7.88 62.00
C GLY K 17 -6.53 6.80 62.24
N VAL K 18 -6.66 5.83 61.33
CA VAL K 18 -7.50 4.65 61.58
C VAL K 18 -6.86 3.77 62.63
N LEU K 19 -5.57 3.45 62.56
CA LEU K 19 -4.95 2.60 63.57
C LEU K 19 -5.00 3.23 64.97
N ALA K 20 -4.88 4.55 65.10
CA ALA K 20 -5.15 5.23 66.36
C ALA K 20 -6.62 5.10 66.80
N SER K 21 -7.56 5.55 65.97
CA SER K 21 -9.00 5.54 66.27
C SER K 21 -9.60 4.15 66.48
N SER K 22 -8.88 3.11 66.10
CA SER K 22 -9.21 1.69 66.08
C SER K 22 -8.43 0.92 67.13
N THR K 23 -7.30 1.42 67.62
CA THR K 23 -6.60 0.81 68.74
C THR K 23 -7.31 1.21 70.00
N GLY K 24 -7.73 2.46 70.07
CA GLY K 24 -8.43 2.98 71.20
C GLY K 24 -9.79 2.42 71.37
N MET K 25 -10.40 2.02 70.26
CA MET K 25 -11.70 1.35 70.26
C MET K 25 -11.54 -0.06 70.81
N LEU K 26 -10.54 -0.81 70.35
CA LEU K 26 -10.28 -2.12 70.92
C LEU K 26 -10.02 -2.04 72.42
N LEU K 27 -9.22 -1.10 72.91
CA LEU K 27 -9.04 -0.95 74.36
C LEU K 27 -10.33 -0.58 75.08
N LYS K 28 -11.25 0.17 74.47
CA LYS K 28 -12.54 0.48 75.10
C LYS K 28 -13.44 -0.76 75.25
N THR K 29 -13.23 -1.80 74.44
CA THR K 29 -13.92 -3.07 74.65
C THR K 29 -13.47 -3.85 75.89
N LEU K 30 -12.28 -3.58 76.46
CA LEU K 30 -11.91 -4.06 77.79
C LEU K 30 -12.65 -3.27 78.91
N GLY K 31 -13.37 -2.22 78.58
CA GLY K 31 -14.11 -1.38 79.53
C GLY K 31 -13.31 -0.21 80.06
N LEU K 32 -12.04 -0.07 79.68
CA LEU K 32 -11.15 1.03 80.09
C LEU K 32 -11.69 2.40 79.67
N LYS K 33 -11.58 3.43 80.51
CA LYS K 33 -11.97 4.81 80.16
C LYS K 33 -10.93 5.43 79.24
N VAL K 34 -10.95 5.08 77.96
CA VAL K 34 -9.88 5.51 77.01
C VAL K 34 -10.01 6.98 76.61
N THR K 35 -8.88 7.67 76.41
CA THR K 35 -8.82 9.02 75.82
C THR K 35 -7.78 9.04 74.70
N SER K 36 -7.67 10.14 73.98
CA SER K 36 -6.74 10.27 72.86
C SER K 36 -6.22 11.70 72.70
N ILE K 37 -5.01 11.82 72.18
CA ILE K 37 -4.32 13.09 71.92
C ILE K 37 -3.84 13.05 70.48
N LYS K 38 -4.02 14.12 69.73
CA LYS K 38 -3.47 14.28 68.39
C LYS K 38 -2.26 15.18 68.53
N ILE K 39 -1.12 14.83 67.92
CA ILE K 39 -0.02 15.75 67.71
C ILE K 39 -0.05 16.11 66.22
N ASP K 40 -0.07 17.39 65.90
CA ASP K 40 0.06 17.90 64.53
C ASP K 40 1.29 18.80 64.41
N PRO K 41 2.29 18.39 63.62
CA PRO K 41 3.51 19.15 63.42
C PRO K 41 3.36 20.52 62.72
N TYR K 42 2.21 20.86 62.17
CA TYR K 42 2.01 22.19 61.56
C TYR K 42 2.08 23.33 62.57
N MET K 43 2.37 24.52 62.08
CA MET K 43 2.49 25.71 62.93
C MET K 43 1.15 26.36 63.28
N ASN K 44 0.02 25.93 62.74
CA ASN K 44 -1.23 26.57 63.13
C ASN K 44 -1.56 26.37 64.60
N ILE K 45 -1.92 27.46 65.27
CA ILE K 45 -2.45 27.39 66.63
C ILE K 45 -3.65 26.48 66.69
N ASP K 46 -4.63 26.78 65.85
CA ASP K 46 -5.83 25.98 65.70
C ASP K 46 -6.43 26.22 64.31
N ALA K 47 -7.20 25.25 63.83
CA ALA K 47 -7.58 25.12 62.42
C ALA K 47 -8.46 26.26 61.88
N GLY K 48 -9.02 27.12 62.72
CA GLY K 48 -9.94 28.19 62.31
C GLY K 48 -9.42 29.13 61.22
N THR K 49 -8.10 29.29 61.10
CA THR K 49 -7.48 30.13 60.07
C THR K 49 -7.37 29.47 58.69
N MET K 50 -7.43 28.13 58.59
CA MET K 50 -7.15 27.44 57.33
C MET K 50 -8.43 26.92 56.68
N SER K 51 -8.69 27.37 55.46
CA SER K 51 -9.92 27.13 54.71
C SER K 51 -10.15 25.64 54.38
N PRO K 52 -11.41 25.18 54.30
CA PRO K 52 -11.75 23.79 53.99
C PRO K 52 -11.18 23.21 52.67
N LEU K 53 -10.76 24.05 51.73
CA LEU K 53 -9.97 23.60 50.57
C LEU K 53 -8.63 22.99 50.98
N GLU K 54 -7.98 23.55 51.99
CA GLU K 54 -6.62 23.23 52.40
C GLU K 54 -6.60 22.11 53.44
N HIS K 55 -6.57 20.85 52.99
CA HIS K 55 -6.57 19.65 53.83
C HIS K 55 -7.84 19.47 54.70
N GLY K 56 -9.01 19.70 54.13
CA GLY K 56 -10.31 19.26 54.65
C GLY K 56 -11.00 20.21 55.67
N GLU K 57 -12.20 19.78 56.11
CA GLU K 57 -13.17 20.59 56.86
C GLU K 57 -12.67 21.25 58.16
N CYS K 58 -13.34 22.30 58.59
CA CYS K 58 -13.03 23.01 59.83
C CYS K 58 -13.88 22.45 60.99
N PHE K 59 -13.34 21.51 61.78
CA PHE K 59 -14.07 20.82 62.87
C PHE K 59 -14.52 21.78 63.97
N VAL K 60 -15.43 21.36 64.87
CA VAL K 60 -15.82 22.14 66.07
C VAL K 60 -15.93 21.24 67.30
N LEU K 61 -15.37 21.69 68.43
CA LEU K 61 -15.43 21.03 69.74
C LEU K 61 -16.43 21.71 70.69
N ASP K 62 -16.71 21.12 71.85
CA ASP K 62 -17.60 21.73 72.85
C ASP K 62 -17.13 23.13 73.29
N ASP K 63 -15.82 23.35 73.35
CA ASP K 63 -15.18 24.64 73.68
C ASP K 63 -15.42 25.75 72.63
N GLY K 64 -15.84 25.37 71.43
CA GLY K 64 -15.76 26.22 70.24
C GLY K 64 -14.42 26.14 69.50
N GLY K 65 -13.50 25.28 69.95
CA GLY K 65 -12.17 25.12 69.36
C GLY K 65 -12.19 24.52 67.96
N GLU K 66 -11.98 25.35 66.95
CA GLU K 66 -11.92 24.95 65.56
C GLU K 66 -10.62 24.17 65.30
N THR K 67 -10.71 22.87 64.98
CA THR K 67 -9.61 21.92 65.22
C THR K 67 -9.34 20.93 64.09
N ASP K 68 -8.22 20.21 64.21
CA ASP K 68 -7.84 19.19 63.24
C ASP K 68 -8.90 18.09 63.09
N LEU K 69 -9.14 17.65 61.86
CA LEU K 69 -10.05 16.57 61.53
C LEU K 69 -9.89 15.35 62.43
N ASP K 70 -8.64 15.00 62.76
CA ASP K 70 -8.37 13.74 63.40
C ASP K 70 -8.91 13.66 64.82
N LEU K 71 -9.22 14.80 65.48
CA LEU K 71 -9.99 14.75 66.72
C LEU K 71 -11.35 14.07 66.50
N GLY K 72 -12.01 14.43 65.41
CA GLY K 72 -13.33 13.94 65.08
C GLY K 72 -13.34 12.42 64.97
N ASN K 73 -12.36 11.83 64.30
CA ASN K 73 -12.30 10.37 64.15
C ASN K 73 -12.25 9.66 65.50
N TYR K 74 -11.49 10.17 66.49
CA TYR K 74 -11.52 9.56 67.81
C TYR K 74 -12.85 9.80 68.51
N GLU K 75 -13.42 11.01 68.43
CA GLU K 75 -14.70 11.28 69.10
C GLU K 75 -15.77 10.29 68.64
N ARG K 76 -15.93 10.10 67.32
CA ARG K 76 -16.95 9.20 66.81
C ARG K 76 -16.66 7.72 66.98
N TYR K 77 -15.40 7.27 66.95
CA TYR K 77 -15.09 5.87 67.24
C TYR K 77 -15.18 5.55 68.73
N LEU K 78 -14.76 6.46 69.60
CA LEU K 78 -14.56 6.18 71.02
C LEU K 78 -15.72 6.69 71.91
N GLY K 79 -16.67 7.44 71.35
CA GLY K 79 -17.80 8.02 72.07
C GLY K 79 -17.43 9.22 72.95
N ILE K 80 -16.17 9.60 72.98
CA ILE K 80 -15.60 10.60 73.87
C ILE K 80 -15.91 12.02 73.41
N THR K 81 -15.88 12.97 74.34
CA THR K 81 -15.85 14.40 74.05
C THR K 81 -14.45 14.92 74.28
N LEU K 82 -13.86 15.60 73.31
CA LEU K 82 -12.53 16.20 73.42
C LEU K 82 -12.58 17.71 73.67
N SER K 83 -11.44 18.30 74.00
CA SER K 83 -11.25 19.74 74.24
C SER K 83 -10.08 20.24 73.40
N ARG K 84 -10.01 21.55 73.12
CA ARG K 84 -9.01 22.09 72.20
C ARG K 84 -7.56 21.86 72.66
N ASP K 85 -7.32 21.55 73.91
CA ASP K 85 -6.02 21.11 74.41
C ASP K 85 -5.59 19.74 73.89
N HIS K 86 -6.51 18.85 73.47
CA HIS K 86 -6.15 17.51 72.98
C HIS K 86 -5.43 17.52 71.62
N ASN K 87 -5.40 18.67 70.95
CA ASN K 87 -4.69 18.88 69.71
C ASN K 87 -3.34 19.58 70.03
N ILE K 88 -2.30 18.83 70.33
CA ILE K 88 -0.96 19.40 70.45
C ILE K 88 -0.53 19.85 69.06
N THR K 89 0.06 21.05 68.93
CA THR K 89 0.67 21.45 67.65
C THR K 89 2.00 22.15 67.84
N THR K 90 2.83 22.16 66.81
CA THR K 90 4.06 22.94 66.84
C THR K 90 3.75 24.42 67.06
N GLY K 91 2.68 24.92 66.43
CA GLY K 91 2.16 26.26 66.72
C GLY K 91 1.84 26.51 68.19
N LYS K 92 1.07 25.63 68.78
CA LYS K 92 0.64 25.79 70.18
C LYS K 92 1.81 25.74 71.12
N ILE K 93 2.62 24.69 71.10
CA ILE K 93 3.62 24.50 72.16
C ILE K 93 4.73 25.54 72.06
N TYR K 94 5.12 25.95 70.86
CA TYR K 94 6.09 27.02 70.69
C TYR K 94 5.48 28.37 71.05
N SER K 95 4.23 28.66 70.70
CA SER K 95 3.54 29.88 71.15
C SER K 95 3.40 29.92 72.68
N HIS K 96 3.15 28.76 73.31
CA HIS K 96 3.05 28.60 74.75
C HIS K 96 4.39 28.91 75.41
N VAL K 97 5.45 28.15 75.15
CA VAL K 97 6.71 28.40 75.85
C VAL K 97 7.33 29.75 75.51
N ILE K 98 7.22 30.25 74.27
CA ILE K 98 7.70 31.61 73.94
C ILE K 98 6.84 32.67 74.62
N SER K 99 5.52 32.49 74.79
CA SER K 99 4.75 33.46 75.59
C SER K 99 5.12 33.37 77.07
N ARG K 100 5.42 32.17 77.56
CA ARG K 100 5.90 31.93 78.92
C ARG K 100 7.25 32.61 79.18
N GLU K 101 8.13 32.74 78.19
CA GLU K 101 9.37 33.52 78.34
C GLU K 101 9.12 34.99 78.67
N ARG K 102 8.25 35.67 77.93
CA ARG K 102 7.96 37.08 78.22
C ARG K 102 7.26 37.25 79.58
N ARG K 103 6.57 36.20 80.07
CA ARG K 103 6.03 36.12 81.45
C ARG K 103 7.12 35.86 82.49
N GLY K 104 8.24 35.25 82.12
CA GLY K 104 9.46 35.12 82.93
C GLY K 104 9.63 33.80 83.68
N ASP K 105 8.77 32.81 83.49
CA ASP K 105 8.69 31.66 84.40
C ASP K 105 9.90 30.73 84.44
N TYR K 106 10.82 30.81 83.48
CA TYR K 106 12.10 30.08 83.53
C TYR K 106 13.17 30.82 84.34
N LEU K 107 12.78 31.83 85.14
CA LEU K 107 13.64 32.58 86.07
C LEU K 107 14.84 33.24 85.39
N GLY K 108 14.66 33.64 84.13
CA GLY K 108 15.75 34.20 83.35
C GLY K 108 16.87 33.24 83.02
N LYS K 109 16.60 31.94 82.92
CA LYS K 109 17.55 30.99 82.31
C LYS K 109 17.52 31.06 80.76
N THR K 110 18.34 30.25 80.10
CA THR K 110 18.19 30.06 78.62
C THR K 110 16.96 29.17 78.52
N VAL K 111 16.14 29.27 77.47
CA VAL K 111 15.00 28.31 77.30
C VAL K 111 15.38 27.41 76.11
N GLN K 112 16.45 26.65 76.23
CA GLN K 112 16.88 25.72 75.15
C GLN K 112 15.65 24.87 74.78
N ILE K 113 15.52 24.38 73.54
CA ILE K 113 14.37 23.50 73.15
C ILE K 113 14.59 22.11 73.73
N VAL K 114 15.82 21.63 73.95
CA VAL K 114 16.03 20.35 74.68
C VAL K 114 15.67 20.70 76.11
N PRO K 115 15.85 19.87 77.17
CA PRO K 115 15.32 20.20 78.47
C PRO K 115 14.02 21.01 78.52
N HIS K 116 14.01 22.30 78.31
CA HIS K 116 12.79 23.01 78.75
C HIS K 116 11.56 22.83 77.85
N LEU K 117 11.62 23.02 76.53
CA LEU K 117 10.42 22.83 75.69
C LEU K 117 9.99 21.36 75.65
N THR K 118 10.90 20.39 75.50
CA THR K 118 10.50 18.98 75.60
C THR K 118 9.91 18.64 76.97
N ASN K 119 10.29 19.35 78.03
CA ASN K 119 9.62 19.22 79.32
C ASN K 119 8.19 19.80 79.26
N ALA K 120 7.93 20.90 78.56
CA ALA K 120 6.57 21.42 78.39
C ALA K 120 5.68 20.42 77.64
N ILE K 121 6.18 19.75 76.60
CA ILE K 121 5.42 18.67 75.93
C ILE K 121 5.09 17.57 76.93
N GLN K 122 6.06 17.08 77.69
CA GLN K 122 5.83 15.99 78.62
C GLN K 122 4.88 16.40 79.74
N ASP K 123 4.84 17.67 80.10
CA ASP K 123 3.86 18.23 81.03
C ASP K 123 2.49 18.32 80.37
N TRP K 124 2.38 18.87 79.16
CA TRP K 124 1.12 18.98 78.44
C TRP K 124 0.43 17.61 78.25
N ILE K 125 1.12 16.58 77.77
CA ILE K 125 0.56 15.24 77.65
C ILE K 125 0.07 14.71 79.00
N GLN K 126 0.77 14.98 80.10
CA GLN K 126 0.35 14.56 81.45
C GLN K 126 -0.78 15.38 82.01
N ARG K 127 -0.95 16.65 81.62
CA ARG K 127 -2.13 17.42 81.98
C ARG K 127 -3.35 16.86 81.26
N VAL K 128 -3.26 16.84 79.94
CA VAL K 128 -4.34 16.54 79.00
C VAL K 128 -4.88 15.16 79.18
N SER K 129 -4.07 14.14 79.33
CA SER K 129 -4.58 12.77 79.56
C SER K 129 -5.33 12.60 80.90
N LYS K 130 -5.27 13.56 81.85
CA LYS K 130 -6.08 13.53 83.10
C LYS K 130 -7.38 14.36 83.02
N ILE K 131 -7.65 15.07 81.94
CA ILE K 131 -8.93 15.75 81.72
C ILE K 131 -10.02 14.69 81.46
N PRO K 132 -11.20 14.74 82.09
CA PRO K 132 -12.26 13.76 81.84
C PRO K 132 -12.91 13.93 80.46
N VAL K 133 -13.38 12.84 79.85
CA VAL K 133 -13.92 12.85 78.48
C VAL K 133 -15.24 12.09 78.28
N ASP K 134 -15.59 11.13 79.13
CA ASP K 134 -16.86 10.40 79.10
C ASP K 134 -18.01 11.16 79.77
N ASP K 135 -19.19 10.53 79.89
CA ASP K 135 -20.42 11.12 80.46
C ASP K 135 -20.33 11.44 81.98
N THR K 136 -19.27 11.00 82.65
CA THR K 136 -18.95 11.26 84.06
C THR K 136 -17.50 11.71 84.18
N GLY K 137 -17.22 12.53 85.19
CA GLY K 137 -15.92 13.19 85.40
C GLY K 137 -14.80 12.28 85.93
N LEU K 138 -14.75 11.01 85.51
CA LEU K 138 -13.71 10.06 85.86
C LEU K 138 -12.53 10.20 84.89
N GLU K 139 -11.31 10.27 85.42
CA GLU K 139 -10.09 10.46 84.63
C GLU K 139 -9.72 9.18 83.85
N PRO K 140 -9.17 9.32 82.63
CA PRO K 140 -8.88 8.20 81.72
C PRO K 140 -7.94 7.11 82.24
N ASP K 141 -8.17 5.85 81.87
CA ASP K 141 -7.27 4.74 82.19
C ASP K 141 -6.09 4.65 81.21
N VAL K 142 -6.33 4.87 79.92
CA VAL K 142 -5.34 4.75 78.84
C VAL K 142 -5.48 5.92 77.88
N CYS K 143 -4.37 6.48 77.42
CA CYS K 143 -4.34 7.54 76.42
C CYS K 143 -3.65 7.11 75.12
N ILE K 144 -4.33 7.22 73.98
CA ILE K 144 -3.75 6.98 72.65
C ILE K 144 -3.16 8.29 72.12
N ILE K 145 -1.87 8.37 71.88
CA ILE K 145 -1.25 9.57 71.29
C ILE K 145 -0.99 9.31 69.81
N GLU K 146 -1.59 10.06 68.89
CA GLU K 146 -1.28 9.96 67.47
C GLU K 146 -0.22 11.00 67.09
N LEU K 147 1.00 10.56 66.79
CA LEU K 147 2.13 11.43 66.44
C LEU K 147 2.04 11.74 64.94
N GLY K 148 1.51 12.93 64.63
CA GLY K 148 1.43 13.46 63.26
C GLY K 148 2.80 13.72 62.65
N GLY K 149 2.84 13.93 61.34
CA GLY K 149 4.10 13.90 60.61
C GLY K 149 4.71 12.48 60.53
N THR K 150 6.03 12.36 60.45
CA THR K 150 6.71 11.06 60.59
C THR K 150 7.87 11.12 61.60
N VAL K 151 8.25 9.96 62.14
CA VAL K 151 9.44 9.86 63.05
C VAL K 151 10.64 9.84 62.09
N GLY K 152 11.42 10.91 62.02
CA GLY K 152 12.52 11.05 61.04
C GLY K 152 12.24 12.28 60.19
N ASP K 153 11.96 13.41 60.84
CA ASP K 153 11.62 14.67 60.14
C ASP K 153 12.25 15.83 60.90
N ILE K 154 11.92 17.06 60.55
CA ILE K 154 12.42 18.29 61.25
C ILE K 154 11.24 19.01 61.92
N GLU K 155 10.00 18.73 61.52
CA GLU K 155 8.80 19.28 62.19
C GLU K 155 8.42 18.30 63.30
N SER K 156 8.94 17.07 63.22
CA SER K 156 8.64 16.07 64.26
C SER K 156 9.59 16.16 65.46
N ALA K 157 10.72 16.82 65.30
CA ALA K 157 11.91 16.64 66.09
C ALA K 157 11.75 16.84 67.60
N PRO K 158 11.14 17.93 68.10
CA PRO K 158 10.91 18.08 69.53
C PRO K 158 9.96 17.02 70.09
N PHE K 159 8.98 16.56 69.31
CA PHE K 159 8.05 15.54 69.79
C PHE K 159 8.76 14.21 69.94
N VAL K 160 9.57 13.77 68.99
CA VAL K 160 10.24 12.47 69.18
C VAL K 160 11.25 12.49 70.33
N GLU K 161 11.90 13.62 70.60
CA GLU K 161 12.73 13.75 71.80
C GLU K 161 11.91 13.76 73.07
N ALA K 162 10.89 14.60 73.11
CA ALA K 162 9.98 14.64 74.25
C ALA K 162 9.45 13.26 74.61
N LEU K 163 9.08 12.46 73.60
CA LEU K 163 8.60 11.08 73.77
C LEU K 163 9.71 10.08 74.11
N ARG K 164 10.98 10.28 73.71
CA ARG K 164 12.06 9.51 74.30
C ARG K 164 12.12 9.79 75.80
N GLN K 165 12.13 11.03 76.28
CA GLN K 165 12.14 11.25 77.73
C GLN K 165 10.87 10.67 78.36
N PHE K 166 9.73 10.83 77.70
CA PHE K 166 8.43 10.37 78.22
C PHE K 166 8.26 8.86 78.33
N GLN K 167 9.13 8.09 77.65
CA GLN K 167 9.25 6.67 77.82
C GLN K 167 9.79 6.30 79.20
N PHE K 168 10.42 7.25 79.90
CA PHE K 168 10.95 7.07 81.25
C PHE K 168 10.30 7.95 82.31
N GLU K 169 10.01 9.21 82.00
CA GLU K 169 9.32 10.12 82.93
C GLU K 169 7.92 9.58 83.27
N VAL K 170 7.32 8.77 82.38
CA VAL K 170 6.33 7.74 82.68
C VAL K 170 7.01 6.39 82.47
N GLY K 171 6.93 5.47 83.42
CA GLY K 171 7.68 4.22 83.35
C GLY K 171 7.33 3.35 82.12
N ARG K 172 8.28 2.62 81.52
CA ARG K 172 7.98 1.49 80.62
C ARG K 172 7.04 0.55 81.35
N GLU K 173 6.25 -0.17 80.60
CA GLU K 173 5.02 -0.85 81.07
C GLU K 173 3.87 0.09 81.47
N ASN K 174 4.04 1.41 81.47
CA ASN K 174 2.96 2.39 81.30
C ASN K 174 3.01 3.08 79.93
N PHE K 175 3.85 2.64 78.99
CA PHE K 175 4.00 3.23 77.67
C PHE K 175 4.28 2.15 76.64
N ALA K 176 3.72 2.26 75.45
CA ALA K 176 3.92 1.36 74.30
C ALA K 176 3.93 2.15 72.99
N LEU K 177 4.77 1.77 72.02
CA LEU K 177 4.85 2.44 70.71
C LEU K 177 4.38 1.51 69.58
N ILE K 178 3.44 1.98 68.78
CA ILE K 178 2.96 1.33 67.58
C ILE K 178 3.50 2.12 66.39
N HIS K 179 4.36 1.49 65.59
CA HIS K 179 4.97 2.09 64.41
C HIS K 179 4.28 1.60 63.15
N VAL K 180 3.48 2.48 62.53
CA VAL K 180 2.90 2.27 61.20
C VAL K 180 4.00 2.35 60.17
N SER K 181 3.96 1.53 59.12
CA SER K 181 5.07 1.50 58.18
C SER K 181 4.69 1.05 56.77
N LEU K 182 5.51 1.37 55.77
CA LEU K 182 5.22 1.08 54.37
C LEU K 182 6.01 -0.15 53.90
N VAL K 183 5.33 -1.09 53.26
CA VAL K 183 5.95 -2.28 52.66
C VAL K 183 5.50 -2.31 51.20
N PRO K 184 6.17 -1.60 50.28
CA PRO K 184 5.76 -1.54 48.88
C PRO K 184 5.76 -2.90 48.20
N VAL K 185 4.94 -3.04 47.15
CA VAL K 185 4.98 -4.19 46.25
C VAL K 185 5.30 -3.74 44.82
N ILE K 186 6.32 -4.37 44.25
CA ILE K 186 6.94 -4.06 42.96
C ILE K 186 7.23 -5.39 42.27
N HIS K 187 6.87 -5.53 40.99
CA HIS K 187 7.06 -6.75 40.18
C HIS K 187 6.57 -8.04 40.86
N GLY K 188 5.57 -7.94 41.75
CA GLY K 188 5.03 -9.05 42.54
C GLY K 188 5.77 -9.40 43.86
N GLU K 189 6.76 -8.62 44.30
CA GLU K 189 7.57 -8.95 45.52
C GLU K 189 7.29 -7.93 46.62
N GLN K 190 7.11 -8.36 47.87
CA GLN K 190 6.87 -7.42 49.01
C GLN K 190 8.23 -6.85 49.45
N LYS K 191 8.38 -5.53 49.46
CA LYS K 191 9.66 -4.84 49.73
C LYS K 191 9.65 -4.24 51.16
N THR K 192 10.18 -4.94 52.17
CA THR K 192 10.35 -4.44 53.56
C THR K 192 11.65 -3.64 53.81
N LYS K 193 12.19 -2.86 52.87
CA LYS K 193 13.39 -1.98 53.14
C LYS K 193 13.00 -0.54 53.49
N PRO K 194 11.87 0.04 53.05
CA PRO K 194 11.39 1.35 53.51
C PRO K 194 11.11 1.18 55.01
N THR K 195 10.44 0.09 55.41
CA THR K 195 10.14 -0.19 56.84
C THR K 195 11.46 -0.30 57.60
N GLN K 196 12.44 -1.09 57.15
CA GLN K 196 13.73 -1.31 57.88
C GLN K 196 14.55 -0.02 57.91
N ALA K 197 14.23 1.00 57.10
CA ALA K 197 14.95 2.30 57.06
C ALA K 197 14.17 3.32 57.89
N ALA K 198 13.09 2.92 58.56
CA ALA K 198 12.33 3.78 59.52
C ALA K 198 12.43 3.14 60.90
N ILE K 199 12.89 1.89 61.05
CA ILE K 199 13.17 1.20 62.31
C ILE K 199 14.57 1.62 62.74
N LYS K 200 15.48 1.83 61.82
CA LYS K 200 16.81 2.37 62.06
C LYS K 200 16.63 3.77 62.62
N ASP K 201 15.88 4.65 61.95
CA ASP K 201 15.67 6.02 62.44
C ASP K 201 14.90 6.07 63.77
N LEU K 202 13.98 5.14 64.01
CA LEU K 202 13.21 5.11 65.24
C LEU K 202 14.14 4.86 66.43
N ARG K 203 14.98 3.83 66.36
CA ARG K 203 15.96 3.45 67.37
C ARG K 203 16.91 4.62 67.56
N SER K 204 17.32 5.28 66.47
CA SER K 204 18.21 6.43 66.52
C SER K 204 17.60 7.60 67.30
N LEU K 205 16.40 8.05 66.97
CA LEU K 205 15.67 9.13 67.67
C LEU K 205 15.23 8.71 69.08
N GLY K 206 15.23 7.42 69.39
CA GLY K 206 15.39 6.86 70.73
C GLY K 206 14.22 6.07 71.31
N LEU K 207 13.00 6.27 70.77
CA LEU K 207 11.89 5.36 71.08
C LEU K 207 12.19 3.95 70.60
N ILE K 208 11.61 2.92 71.22
CA ILE K 208 11.75 1.52 70.78
C ILE K 208 10.39 1.01 70.37
N PRO K 209 10.16 0.50 69.15
CA PRO K 209 8.83 0.05 68.74
C PRO K 209 8.29 -1.24 69.35
N ASP K 210 6.99 -1.47 69.47
CA ASP K 210 6.28 -2.63 69.98
C ASP K 210 5.55 -3.41 68.90
N MET K 211 4.83 -2.74 68.03
CA MET K 211 4.09 -3.23 66.89
C MET K 211 4.74 -2.70 65.62
N ILE K 212 4.54 -3.36 64.49
CA ILE K 212 5.00 -2.90 63.19
C ILE K 212 3.81 -3.04 62.27
N ALA K 213 3.01 -1.98 62.17
CA ALA K 213 1.70 -2.00 61.53
C ALA K 213 1.81 -1.63 60.05
N CYS K 214 2.04 -2.62 59.21
CA CYS K 214 2.29 -2.40 57.80
C CYS K 214 1.03 -2.05 57.01
N ARG K 215 1.14 -1.05 56.12
CA ARG K 215 0.13 -0.69 55.10
C ARG K 215 0.51 -1.20 53.71
N CYS K 216 0.69 -2.52 53.62
CA CYS K 216 0.91 -3.21 52.35
C CYS K 216 -0.37 -3.26 51.50
N SER K 217 -0.24 -3.46 50.20
CA SER K 217 -1.37 -3.65 49.27
C SER K 217 -2.02 -5.05 49.38
N GLU K 218 -1.50 -5.92 50.23
CA GLU K 218 -1.75 -7.36 50.23
C GLU K 218 -1.81 -7.92 51.66
N GLU K 219 -2.15 -9.21 51.82
CA GLU K 219 -1.69 -9.93 53.01
C GLU K 219 -0.17 -10.06 53.01
N LEU K 220 0.49 -9.78 54.15
CA LEU K 220 1.92 -9.99 54.28
C LEU K 220 2.26 -11.48 54.20
N ASN K 221 3.27 -11.83 53.40
CA ASN K 221 3.74 -13.22 53.34
C ASN K 221 4.29 -13.65 54.71
N ARG K 222 4.19 -14.94 55.07
CA ARG K 222 4.81 -15.48 56.30
C ARG K 222 6.32 -15.25 56.31
N SER K 223 6.99 -15.32 55.17
CA SER K 223 8.41 -14.96 55.03
C SER K 223 8.69 -13.45 55.13
N THR K 224 7.75 -12.59 54.72
CA THR K 224 7.85 -11.13 54.88
C THR K 224 7.80 -10.74 56.35
N ILE K 225 6.84 -11.30 57.09
CA ILE K 225 6.75 -11.09 58.54
C ILE K 225 8.00 -11.62 59.23
N ASP K 226 8.47 -12.81 58.89
CA ASP K 226 9.66 -13.40 59.50
C ASP K 226 10.89 -12.51 59.33
N LYS K 227 11.10 -11.90 58.14
CA LYS K 227 12.19 -10.93 57.95
C LYS K 227 11.96 -9.61 58.67
N ILE K 228 10.76 -9.04 58.68
CA ILE K 228 10.53 -7.83 59.50
C ILE K 228 10.79 -8.10 60.97
N ALA K 229 10.43 -9.27 61.50
CA ALA K 229 10.75 -9.68 62.87
C ALA K 229 12.24 -10.06 63.09
N MET K 230 13.05 -10.15 62.04
CA MET K 230 14.50 -10.34 62.12
C MET K 230 15.23 -9.00 62.16
N PHE K 231 14.74 -8.00 61.42
CA PHE K 231 15.35 -6.67 61.36
C PHE K 231 14.78 -5.68 62.37
N CYS K 232 13.46 -5.62 62.59
CA CYS K 232 12.94 -5.07 63.84
C CYS K 232 13.01 -6.18 64.90
N HIS K 233 13.08 -5.82 66.18
CA HIS K 233 13.20 -6.80 67.28
C HIS K 233 11.86 -7.34 67.78
N VAL K 234 10.70 -6.97 67.21
CA VAL K 234 9.41 -7.55 67.58
C VAL K 234 9.31 -9.02 67.19
N GLY K 235 8.57 -9.82 67.96
CA GLY K 235 8.22 -11.18 67.55
C GLY K 235 7.18 -11.20 66.42
N PRO K 236 7.17 -12.23 65.55
CA PRO K 236 6.38 -12.24 64.33
C PRO K 236 4.87 -12.12 64.55
N GLU K 237 4.34 -12.54 65.70
CA GLU K 237 2.92 -12.34 66.05
C GLU K 237 2.52 -10.86 66.12
N GLN K 238 3.47 -9.94 66.27
CA GLN K 238 3.24 -8.52 66.54
C GLN K 238 3.29 -7.62 65.28
N VAL K 239 3.60 -8.21 64.13
CA VAL K 239 3.77 -7.49 62.85
C VAL K 239 2.40 -7.38 62.19
N VAL K 240 1.51 -6.58 62.76
CA VAL K 240 0.11 -6.53 62.32
C VAL K 240 0.00 -6.02 60.88
N ASN K 241 -0.93 -6.56 60.10
CA ASN K 241 -1.23 -6.08 58.75
C ASN K 241 -2.57 -5.33 58.74
N VAL K 242 -2.64 -4.14 58.16
CA VAL K 242 -3.82 -3.27 58.26
C VAL K 242 -4.44 -3.03 56.88
N HIS K 243 -4.51 -4.06 56.05
CA HIS K 243 -4.98 -4.00 54.66
C HIS K 243 -6.46 -3.59 54.55
N ASP K 244 -6.88 -3.15 53.36
CA ASP K 244 -8.25 -2.70 53.10
C ASP K 244 -9.29 -3.82 53.27
N VAL K 245 -10.44 -3.48 53.84
CA VAL K 245 -11.64 -4.32 54.05
C VAL K 245 -12.91 -3.49 53.79
N ASN K 246 -14.05 -4.15 53.61
CA ASN K 246 -15.29 -3.62 53.00
C ASN K 246 -15.81 -2.27 53.53
N SER K 247 -15.49 -1.86 54.76
CA SER K 247 -15.60 -0.48 55.23
C SER K 247 -14.68 -0.25 56.43
N THR K 248 -14.25 0.98 56.72
CA THR K 248 -13.31 1.26 57.82
C THR K 248 -13.84 0.88 59.21
N TYR K 249 -15.15 0.67 59.38
CA TYR K 249 -15.68 0.16 60.64
C TYR K 249 -15.32 -1.31 60.89
N HIS K 250 -14.84 -2.06 59.90
CA HIS K 250 -14.29 -3.40 60.14
C HIS K 250 -12.89 -3.38 60.73
N VAL K 251 -12.11 -2.31 60.59
CA VAL K 251 -10.67 -2.33 60.93
C VAL K 251 -10.39 -2.76 62.37
N PRO K 252 -11.11 -2.29 63.40
CA PRO K 252 -10.93 -2.83 64.74
C PRO K 252 -11.01 -4.35 64.82
N LEU K 253 -11.94 -4.98 64.12
CA LEU K 253 -12.13 -6.43 64.20
C LEU K 253 -11.04 -7.23 63.45
N LEU K 254 -10.34 -6.62 62.50
CA LEU K 254 -9.12 -7.19 61.89
C LEU K 254 -7.99 -7.19 62.89
N LEU K 255 -7.82 -6.10 63.64
CA LEU K 255 -6.81 -5.97 64.66
C LEU K 255 -7.10 -6.92 65.82
N LEU K 256 -8.39 -7.17 66.12
CA LEU K 256 -8.80 -8.15 67.11
C LEU K 256 -8.54 -9.60 66.68
N LYS K 257 -8.69 -9.94 65.40
CA LYS K 257 -8.25 -11.23 64.84
C LYS K 257 -6.74 -11.38 64.88
N GLN K 258 -6.00 -10.27 64.79
CA GLN K 258 -4.54 -10.22 64.82
C GLN K 258 -3.98 -10.03 66.25
N HIS K 259 -4.72 -10.51 67.26
CA HIS K 259 -4.34 -10.59 68.67
C HIS K 259 -4.05 -9.26 69.38
N MET K 260 -4.37 -8.09 68.81
CA MET K 260 -3.85 -6.83 69.34
C MET K 260 -4.36 -6.47 70.74
N ILE K 261 -5.58 -6.81 71.13
CA ILE K 261 -5.99 -6.69 72.55
C ILE K 261 -5.18 -7.66 73.42
N ASP K 262 -4.96 -8.91 73.01
CA ASP K 262 -4.23 -9.85 73.85
C ASP K 262 -2.77 -9.43 74.05
N TYR K 263 -2.15 -8.87 73.01
CA TYR K 263 -0.84 -8.26 73.15
C TYR K 263 -0.87 -7.02 74.03
N LEU K 264 -1.70 -6.01 73.77
CA LEU K 264 -1.75 -4.80 74.63
C LEU K 264 -2.17 -5.09 76.07
N HIS K 265 -3.02 -6.09 76.33
CA HIS K 265 -3.34 -6.51 77.69
C HIS K 265 -2.10 -6.99 78.44
N SER K 266 -1.23 -7.76 77.78
CA SER K 266 0.06 -8.16 78.34
C SER K 266 1.03 -6.98 78.44
N ARG K 267 1.36 -6.33 77.32
CA ARG K 267 2.46 -5.36 77.22
C ARG K 267 2.26 -4.07 78.02
N LEU K 268 1.04 -3.76 78.47
CA LEU K 268 0.76 -2.66 79.39
C LEU K 268 0.18 -3.13 80.74
N LYS K 269 0.17 -4.43 81.00
CA LYS K 269 -0.38 -5.07 82.23
C LYS K 269 -1.80 -4.57 82.56
N LEU K 270 -2.70 -4.52 81.59
CA LEU K 270 -4.03 -3.89 81.72
C LEU K 270 -4.93 -4.62 82.72
N GLY K 271 -4.60 -5.86 83.10
CA GLY K 271 -5.23 -6.55 84.22
C GLY K 271 -5.01 -5.89 85.58
N GLU K 272 -3.97 -5.07 85.74
CA GLU K 272 -3.70 -4.33 86.99
C GLU K 272 -4.49 -3.01 87.11
N VAL K 273 -5.14 -2.52 86.05
CA VAL K 273 -6.00 -1.34 86.10
C VAL K 273 -7.30 -1.70 86.84
N PRO K 274 -7.78 -0.91 87.81
CA PRO K 274 -9.05 -1.20 88.50
C PRO K 274 -10.27 -0.93 87.61
N LEU K 275 -11.12 -1.94 87.42
CA LEU K 275 -12.37 -1.87 86.66
C LEU K 275 -13.56 -2.39 87.47
N THR K 276 -14.72 -1.74 87.37
CA THR K 276 -15.99 -2.28 87.92
C THR K 276 -16.69 -3.20 86.92
N LEU K 277 -17.68 -4.00 87.33
CA LEU K 277 -18.53 -4.68 86.34
C LEU K 277 -19.29 -3.69 85.46
N GLU K 278 -19.65 -2.50 85.95
CA GLU K 278 -20.26 -1.48 85.12
C GLU K 278 -19.31 -0.97 84.03
N ASP K 279 -18.00 -0.94 84.28
CA ASP K 279 -17.02 -0.77 83.22
C ASP K 279 -16.94 -2.01 82.30
N LYS K 280 -16.65 -3.18 82.86
CA LYS K 280 -16.35 -4.37 82.05
C LYS K 280 -17.53 -4.82 81.20
N GLU K 281 -18.72 -4.90 81.76
CA GLU K 281 -19.90 -5.34 81.00
C GLU K 281 -20.30 -4.28 79.96
N ARG K 282 -20.08 -2.98 80.19
CA ARG K 282 -20.25 -1.97 79.12
C ARG K 282 -19.25 -2.20 78.00
N GLY K 283 -18.03 -2.57 78.36
CA GLY K 283 -16.98 -2.96 77.43
C GLY K 283 -17.39 -4.11 76.53
N SER K 284 -17.75 -5.26 77.10
CA SER K 284 -18.13 -6.44 76.32
C SER K 284 -19.47 -6.26 75.60
N GLN K 285 -20.39 -5.45 76.11
CA GLN K 285 -21.59 -5.10 75.36
C GLN K 285 -21.26 -4.21 74.15
N LEU K 286 -20.43 -3.18 74.30
CA LEU K 286 -20.01 -2.36 73.18
C LEU K 286 -19.32 -3.18 72.09
N LEU K 287 -18.50 -4.17 72.45
CA LEU K 287 -17.96 -5.12 71.46
C LEU K 287 -19.09 -5.78 70.67
N THR K 288 -20.14 -6.29 71.32
CA THR K 288 -21.25 -6.89 70.57
C THR K 288 -22.04 -5.90 69.76
N ASN K 289 -22.13 -4.62 70.13
CA ASN K 289 -22.72 -3.62 69.24
C ASN K 289 -21.85 -3.43 68.00
N TRP K 290 -20.52 -3.50 68.11
CA TRP K 290 -19.62 -3.38 66.97
C TRP K 290 -19.64 -4.63 66.08
N GLU K 291 -19.68 -5.82 66.67
CA GLU K 291 -19.89 -7.06 65.92
C GLU K 291 -21.27 -7.08 65.22
N ASN K 292 -22.32 -6.57 65.87
CA ASN K 292 -23.63 -6.47 65.24
C ASN K 292 -23.63 -5.46 64.10
N MET K 293 -23.16 -4.23 64.27
CA MET K 293 -23.24 -3.23 63.19
C MET K 293 -22.35 -3.60 62.01
N THR K 294 -21.19 -4.22 62.22
CA THR K 294 -20.37 -4.77 61.12
C THR K 294 -21.01 -5.97 60.43
N LYS K 295 -21.65 -6.89 61.16
CA LYS K 295 -22.49 -7.93 60.54
C LYS K 295 -23.65 -7.33 59.75
N ASN K 296 -24.31 -6.27 60.23
CA ASN K 296 -25.36 -5.61 59.47
C ASN K 296 -24.83 -4.98 58.18
N LEU K 297 -23.63 -4.39 58.19
CA LEU K 297 -22.99 -3.87 56.98
C LEU K 297 -22.67 -5.00 55.99
N ASP K 298 -22.26 -6.17 56.47
CA ASP K 298 -21.87 -7.30 55.62
C ASP K 298 -23.01 -7.88 54.77
N ASP K 299 -24.29 -7.66 55.11
CA ASP K 299 -25.41 -8.18 54.32
C ASP K 299 -26.60 -7.22 54.10
N SER K 300 -26.48 -5.96 54.52
CA SER K 300 -27.33 -4.86 54.01
C SER K 300 -27.08 -4.64 52.51
N ASP K 301 -28.15 -4.72 51.71
CA ASP K 301 -28.11 -4.56 50.25
C ASP K 301 -28.99 -3.43 49.73
N ASP K 302 -30.09 -3.13 50.40
CA ASP K 302 -31.09 -2.18 49.91
C ASP K 302 -30.55 -0.74 49.98
N VAL K 303 -30.28 -0.16 48.82
CA VAL K 303 -29.60 1.11 48.70
C VAL K 303 -30.51 2.25 49.13
N VAL K 304 -29.92 3.34 49.61
CA VAL K 304 -30.56 4.65 49.75
C VAL K 304 -29.61 5.70 49.16
N LYS K 305 -30.11 6.54 48.25
CA LYS K 305 -29.31 7.55 47.55
C LYS K 305 -29.58 8.91 48.18
N ILE K 306 -28.59 9.55 48.79
CA ILE K 306 -28.74 10.89 49.40
C ILE K 306 -27.99 11.91 48.57
N ALA K 307 -28.63 12.94 48.04
CA ALA K 307 -27.94 14.01 47.34
C ALA K 307 -27.32 14.98 48.33
N LEU K 308 -26.01 15.14 48.27
CA LEU K 308 -25.29 16.14 49.02
C LEU K 308 -25.04 17.29 48.06
N VAL K 309 -25.69 18.42 48.30
CA VAL K 309 -25.78 19.53 47.36
C VAL K 309 -24.95 20.70 47.87
N GLY K 310 -23.83 21.03 47.23
CA GLY K 310 -22.97 22.14 47.67
C GLY K 310 -21.78 22.44 46.76
N LYS K 311 -21.00 23.47 47.07
CA LYS K 311 -19.74 23.80 46.35
C LYS K 311 -18.60 22.85 46.73
N TYR K 312 -17.55 22.82 45.92
CA TYR K 312 -16.30 22.09 46.20
C TYR K 312 -16.45 20.59 46.44
N THR K 313 -17.44 19.92 45.87
CA THR K 313 -17.67 18.48 46.08
C THR K 313 -16.53 17.58 45.58
N ASN K 314 -15.63 18.09 44.74
CA ASN K 314 -14.40 17.38 44.38
C ASN K 314 -13.40 17.26 45.55
N LEU K 315 -13.54 18.11 46.57
CA LEU K 315 -12.78 18.09 47.82
C LEU K 315 -13.62 17.45 48.93
N LYS K 316 -13.86 16.14 48.84
CA LYS K 316 -14.78 15.38 49.73
C LYS K 316 -14.43 15.49 51.21
N ASP K 317 -13.14 15.67 51.51
CA ASP K 317 -12.65 15.92 52.87
C ASP K 317 -13.14 17.25 53.44
N SER K 318 -13.57 18.18 52.60
CA SER K 318 -14.25 19.41 53.01
C SER K 318 -15.60 19.16 53.69
N TYR K 319 -16.09 17.93 53.63
CA TYR K 319 -17.31 17.40 54.20
C TYR K 319 -17.07 16.10 54.94
N LEU K 320 -15.90 15.79 55.47
CA LEU K 320 -15.68 14.46 56.05
C LEU K 320 -16.69 14.08 57.15
N SER K 321 -17.14 15.00 58.00
CA SER K 321 -18.02 14.77 59.13
C SER K 321 -19.44 14.54 58.67
N VAL K 322 -19.84 15.22 57.60
CA VAL K 322 -21.14 15.06 56.93
C VAL K 322 -21.28 13.66 56.34
N THR K 323 -20.29 13.23 55.58
CA THR K 323 -20.23 11.87 55.04
C THR K 323 -20.30 10.83 56.15
N LYS K 324 -19.48 10.97 57.19
CA LYS K 324 -19.40 9.96 58.25
C LYS K 324 -20.70 9.85 59.04
N SER K 325 -21.38 10.96 59.28
CA SER K 325 -22.69 10.94 59.94
C SER K 325 -23.76 10.23 59.11
N LEU K 326 -23.78 10.42 57.79
CA LEU K 326 -24.65 9.62 56.93
C LEU K 326 -24.30 8.13 56.97
N GLU K 327 -23.04 7.74 57.06
CA GLU K 327 -22.67 6.33 57.21
C GLU K 327 -23.20 5.71 58.51
N HIS K 328 -23.10 6.39 59.65
CA HIS K 328 -23.73 5.95 60.89
C HIS K 328 -25.26 5.82 60.75
N ALA K 329 -25.91 6.82 60.16
CA ALA K 329 -27.36 6.80 59.98
C ALA K 329 -27.81 5.65 59.07
N SER K 330 -27.05 5.39 58.01
CA SER K 330 -27.20 4.28 57.06
C SER K 330 -27.17 2.94 57.75
N MET K 331 -26.09 2.65 58.47
CA MET K 331 -25.92 1.36 59.13
C MET K 331 -26.99 1.13 60.20
N LYS K 332 -27.51 2.18 60.83
CA LYS K 332 -28.60 2.10 61.82
C LYS K 332 -29.97 1.80 61.17
N CYS K 333 -30.23 2.36 60.00
CA CYS K 333 -31.38 1.99 59.16
C CYS K 333 -31.26 0.63 58.45
N ARG K 334 -30.07 0.03 58.41
CA ARG K 334 -29.76 -1.17 57.63
C ARG K 334 -30.00 -1.03 56.12
N ARG K 335 -29.91 0.20 55.59
CA ARG K 335 -29.77 0.45 54.16
C ARG K 335 -28.36 0.87 53.78
N GLN K 336 -27.80 0.26 52.75
CA GLN K 336 -26.49 0.59 52.17
C GLN K 336 -26.53 1.97 51.52
N LEU K 337 -25.49 2.77 51.68
CA LEU K 337 -25.52 4.17 51.28
C LEU K 337 -24.85 4.38 49.92
N GLU K 338 -25.48 5.16 49.06
CA GLU K 338 -24.81 5.92 48.00
C GLU K 338 -25.03 7.40 48.24
N ILE K 339 -23.99 8.23 48.23
CA ILE K 339 -24.14 9.69 48.31
C ILE K 339 -23.96 10.25 46.90
N LEU K 340 -24.87 11.10 46.46
CA LEU K 340 -24.82 11.72 45.15
C LEU K 340 -24.24 13.13 45.27
N TRP K 341 -23.03 13.31 44.77
CA TRP K 341 -22.32 14.59 44.78
C TRP K 341 -22.91 15.53 43.73
N VAL K 342 -23.68 16.51 44.19
CA VAL K 342 -24.25 17.56 43.35
C VAL K 342 -23.47 18.83 43.57
N GLU K 343 -22.57 19.15 42.65
CA GLU K 343 -21.84 20.42 42.63
C GLU K 343 -22.82 21.57 42.36
N ALA K 344 -23.30 22.25 43.41
CA ALA K 344 -24.53 23.03 43.37
C ALA K 344 -24.62 24.05 42.24
N SER K 345 -23.52 24.68 41.86
CA SER K 345 -23.57 25.72 40.83
C SER K 345 -24.06 25.17 39.49
N ASN K 346 -23.94 23.87 39.23
CA ASN K 346 -24.43 23.26 38.00
C ASN K 346 -25.97 23.22 37.90
N LEU K 347 -26.70 23.23 39.01
CA LEU K 347 -28.17 23.31 38.98
C LEU K 347 -28.69 24.67 38.52
N GLU K 348 -27.87 25.72 38.55
CA GLU K 348 -28.30 27.06 38.19
C GLU K 348 -28.52 27.14 36.68
N PRO K 349 -29.64 27.67 36.17
CA PRO K 349 -29.94 27.71 34.74
C PRO K 349 -28.86 28.32 33.86
N GLU K 350 -28.06 29.28 34.35
CA GLU K 350 -26.95 29.84 33.54
C GLU K 350 -25.94 28.78 33.12
N THR K 351 -25.84 27.65 33.82
CA THR K 351 -24.94 26.55 33.44
C THR K 351 -25.31 25.98 32.08
N GLN K 352 -26.59 26.03 31.72
CA GLN K 352 -27.08 25.61 30.41
C GLN K 352 -26.48 26.43 29.27
N GLU K 353 -26.05 27.67 29.54
CA GLU K 353 -25.33 28.52 28.59
C GLU K 353 -23.84 28.18 28.50
N VAL K 354 -23.29 27.40 29.43
CA VAL K 354 -21.84 27.11 29.54
C VAL K 354 -21.53 25.65 29.19
N ASP K 355 -22.21 24.70 29.81
CA ASP K 355 -22.17 23.28 29.47
C ASP K 355 -23.48 22.61 29.88
N LYS K 356 -24.26 22.16 28.90
CA LYS K 356 -25.50 21.43 29.15
C LYS K 356 -25.26 20.10 29.84
N ASN K 357 -24.14 19.41 29.59
CA ASN K 357 -23.86 18.14 30.24
C ASN K 357 -23.82 18.29 31.78
N LYS K 358 -23.14 19.31 32.31
CA LYS K 358 -23.17 19.65 33.73
C LYS K 358 -24.58 19.94 34.23
N PHE K 359 -25.37 20.69 33.49
CA PHE K 359 -26.75 21.01 33.89
C PHE K 359 -27.65 19.78 33.98
N HIS K 360 -27.50 18.83 33.05
CA HIS K 360 -28.25 17.59 33.08
C HIS K 360 -27.72 16.62 34.13
N ASP K 361 -26.43 16.35 34.21
CA ASP K 361 -25.87 15.42 35.20
C ASP K 361 -26.22 15.81 36.62
N SER K 362 -26.13 17.10 36.95
CA SER K 362 -26.44 17.58 38.30
C SER K 362 -27.93 17.46 38.61
N TRP K 363 -28.84 17.88 37.73
CA TRP K 363 -30.28 17.69 37.92
C TRP K 363 -30.70 16.23 37.86
N ASN K 364 -30.02 15.40 37.08
CA ASN K 364 -30.21 13.95 37.06
C ASN K 364 -29.87 13.37 38.43
N LYS K 365 -28.68 13.63 38.99
CA LYS K 365 -28.31 13.17 40.33
C LYS K 365 -29.28 13.64 41.40
N LEU K 366 -29.67 14.91 41.37
CA LEU K 366 -30.67 15.44 42.31
C LEU K 366 -32.04 14.76 42.17
N SER K 367 -32.52 14.55 40.95
CA SER K 367 -33.80 13.86 40.69
C SER K 367 -33.78 12.40 41.08
N SER K 368 -32.64 11.73 40.95
CA SER K 368 -32.46 10.33 41.33
C SER K 368 -32.41 10.10 42.84
N ALA K 369 -32.11 11.13 43.63
CA ALA K 369 -31.91 10.97 45.06
C ALA K 369 -33.18 10.63 45.85
N ASP K 370 -33.08 9.65 46.73
CA ASP K 370 -34.14 9.28 47.68
C ASP K 370 -34.27 10.28 48.83
N GLY K 371 -33.27 11.11 49.07
CA GLY K 371 -33.25 12.17 50.08
C GLY K 371 -32.20 13.23 49.76
N ILE K 372 -32.31 14.43 50.31
CA ILE K 372 -31.51 15.60 49.91
C ILE K 372 -30.92 16.29 51.15
N LEU K 373 -29.68 16.74 51.03
CA LEU K 373 -28.94 17.37 52.11
C LEU K 373 -28.24 18.64 51.62
N VAL K 374 -28.50 19.77 52.25
CA VAL K 374 -27.72 21.02 52.07
C VAL K 374 -26.71 21.13 53.22
N PRO K 375 -25.41 20.89 52.98
CA PRO K 375 -24.50 20.39 53.99
C PRO K 375 -23.69 21.46 54.74
N GLY K 376 -24.26 22.63 55.05
CA GLY K 376 -23.54 23.68 55.75
C GLY K 376 -22.30 24.17 55.00
N GLY K 377 -22.50 24.66 53.77
CA GLY K 377 -21.43 25.23 52.95
C GLY K 377 -20.74 26.45 53.56
N PHE K 378 -19.77 26.95 52.81
CA PHE K 378 -18.87 28.03 53.17
C PHE K 378 -18.67 28.93 51.96
N GLY K 379 -18.45 30.23 52.18
CA GLY K 379 -18.61 31.24 51.13
C GLY K 379 -20.07 31.38 50.69
N THR K 380 -20.31 31.91 49.49
CA THR K 380 -21.67 32.14 48.94
C THR K 380 -21.84 31.77 47.47
N ARG K 381 -20.80 31.42 46.72
CA ARG K 381 -20.85 31.48 45.25
C ARG K 381 -21.69 30.39 44.56
N GLY K 382 -22.02 29.31 45.26
CA GLY K 382 -22.97 28.26 44.81
C GLY K 382 -24.42 28.40 45.27
N ILE K 383 -24.82 29.52 45.90
CA ILE K 383 -26.08 29.57 46.68
C ILE K 383 -27.33 29.35 45.84
N GLU K 384 -27.40 29.84 44.61
CA GLU K 384 -28.60 29.65 43.79
C GLU K 384 -28.89 28.18 43.47
N GLY K 385 -27.87 27.34 43.29
CA GLY K 385 -28.09 25.91 43.16
C GLY K 385 -28.67 25.28 44.42
N MET K 386 -28.18 25.70 45.58
CA MET K 386 -28.70 25.21 46.86
C MET K 386 -30.14 25.69 47.11
N ILE K 387 -30.55 26.84 46.58
CA ILE K 387 -31.94 27.29 46.63
C ILE K 387 -32.83 26.44 45.72
N LEU K 388 -32.42 26.16 44.48
CA LEU K 388 -33.17 25.30 43.56
C LEU K 388 -33.35 23.89 44.12
N ALA K 389 -32.32 23.29 44.71
CA ALA K 389 -32.51 22.01 45.37
C ALA K 389 -33.47 22.08 46.56
N ALA K 390 -33.53 23.19 47.30
CA ALA K 390 -34.53 23.37 48.34
C ALA K 390 -35.95 23.58 47.78
N LYS K 391 -36.11 24.20 46.61
CA LYS K 391 -37.40 24.33 45.92
C LYS K 391 -37.90 22.96 45.50
N TRP K 392 -37.02 22.22 44.84
CA TRP K 392 -37.27 20.85 44.46
C TRP K 392 -37.67 20.00 45.66
N ALA K 393 -36.93 20.04 46.75
CA ALA K 393 -37.20 19.21 47.92
C ALA K 393 -38.53 19.52 48.61
N ARG K 394 -38.96 20.79 48.61
CA ARG K 394 -40.26 21.22 49.14
C ARG K 394 -41.43 20.81 48.24
N GLU K 395 -41.35 21.09 46.94
CA GLU K 395 -42.46 20.84 46.02
C GLU K 395 -42.57 19.38 45.61
N SER K 396 -41.46 18.69 45.34
CA SER K 396 -41.46 17.27 44.98
C SER K 396 -41.53 16.34 46.20
N GLY K 397 -41.77 16.84 47.39
CA GLY K 397 -41.94 16.00 48.59
C GLY K 397 -40.74 15.16 49.06
N VAL K 398 -39.57 15.25 48.42
CA VAL K 398 -38.38 14.45 48.74
C VAL K 398 -37.85 14.79 50.14
N PRO K 399 -37.38 13.84 50.98
CA PRO K 399 -36.84 14.14 52.30
C PRO K 399 -35.66 15.09 52.26
N PHE K 400 -35.59 16.04 53.19
CA PHE K 400 -34.64 17.15 53.18
C PHE K 400 -34.04 17.46 54.54
N LEU K 401 -32.73 17.66 54.61
CA LEU K 401 -32.08 18.27 55.77
C LEU K 401 -31.20 19.44 55.34
N GLY K 402 -31.44 20.61 55.90
CA GLY K 402 -30.54 21.75 55.77
C GLY K 402 -29.70 21.92 57.02
N VAL K 403 -28.38 21.81 56.92
CA VAL K 403 -27.45 22.05 58.02
C VAL K 403 -26.86 23.45 57.90
N CYS K 404 -26.88 24.25 58.96
CA CYS K 404 -26.30 25.60 59.03
C CYS K 404 -26.75 26.49 57.85
N LEU K 405 -25.91 26.78 56.85
CA LEU K 405 -26.29 27.45 55.59
C LEU K 405 -27.53 26.81 54.95
N GLY K 406 -27.70 25.49 55.09
CA GLY K 406 -28.86 24.74 54.64
C GLY K 406 -30.18 25.23 55.25
N LEU K 407 -30.24 25.50 56.55
CA LEU K 407 -31.43 26.13 57.11
C LEU K 407 -31.65 27.50 56.47
N GLN K 408 -30.57 28.23 56.18
CA GLN K 408 -30.66 29.60 55.72
C GLN K 408 -31.12 29.69 54.27
N VAL K 409 -30.60 28.87 53.36
CA VAL K 409 -31.16 28.77 52.00
C VAL K 409 -32.58 28.24 52.04
N ALA K 410 -32.97 27.38 52.98
CA ALA K 410 -34.36 26.98 53.09
C ALA K 410 -35.27 28.16 53.42
N ALA K 411 -34.88 29.07 54.30
CA ALA K 411 -35.66 30.27 54.57
C ALA K 411 -35.71 31.21 53.36
N ILE K 412 -34.60 31.34 52.64
CA ILE K 412 -34.52 32.16 51.42
C ILE K 412 -35.40 31.57 50.32
N GLU K 413 -35.35 30.26 50.09
CA GLU K 413 -36.22 29.55 49.17
C GLU K 413 -37.68 29.78 49.54
N PHE K 414 -38.06 29.51 50.78
CA PHE K 414 -39.43 29.67 51.23
C PHE K 414 -39.92 31.12 51.08
N ALA K 415 -39.06 32.11 51.34
CA ALA K 415 -39.41 33.51 51.14
C ALA K 415 -39.67 33.82 49.67
N ARG K 416 -38.77 33.43 48.77
CA ARG K 416 -38.89 33.68 47.32
C ARG K 416 -40.02 32.90 46.67
N ASN K 417 -40.33 31.69 47.13
CA ASN K 417 -41.18 30.74 46.41
C ASN K 417 -42.49 30.35 47.11
N VAL K 418 -42.72 30.75 48.37
CA VAL K 418 -44.00 30.52 49.07
C VAL K 418 -44.56 31.82 49.63
N ILE K 419 -43.73 32.65 50.26
CA ILE K 419 -44.15 33.97 50.76
C ILE K 419 -44.24 35.00 49.62
N GLY K 420 -43.49 34.82 48.53
CA GLY K 420 -43.62 35.60 47.30
C GLY K 420 -42.84 36.92 47.28
N ARG K 421 -41.62 36.94 47.85
CA ARG K 421 -40.69 38.09 47.77
C ARG K 421 -39.46 37.73 46.91
N PRO K 422 -39.48 37.84 45.57
CA PRO K 422 -38.42 37.27 44.73
C PRO K 422 -37.07 37.99 44.85
N ASN K 423 -37.08 39.21 45.36
CA ASN K 423 -35.89 40.00 45.71
C ASN K 423 -35.30 39.66 47.09
N SER K 424 -35.96 38.82 47.92
CA SER K 424 -35.40 38.47 49.23
C SER K 424 -34.07 37.72 49.12
N SER K 425 -33.18 37.97 50.07
CA SER K 425 -31.76 37.77 49.84
C SER K 425 -31.01 37.27 51.07
N SER K 426 -29.92 36.56 50.81
CA SER K 426 -28.89 36.29 51.80
C SER K 426 -28.12 37.57 52.10
N THR K 427 -28.34 38.15 53.27
CA THR K 427 -27.57 39.28 53.82
C THR K 427 -26.10 38.91 54.05
N GLU K 428 -25.82 37.61 54.15
CA GLU K 428 -24.50 36.98 54.05
C GLU K 428 -23.78 37.24 52.72
N PHE K 429 -24.50 37.61 51.66
CA PHE K 429 -23.96 37.84 50.32
C PHE K 429 -24.26 39.27 49.83
N LEU K 430 -25.53 39.62 49.66
CA LEU K 430 -25.99 40.82 48.96
C LEU K 430 -26.16 42.02 49.92
N ASP K 431 -25.09 42.36 50.64
CA ASP K 431 -25.13 43.23 51.82
C ASP K 431 -25.30 44.72 51.50
N GLU K 432 -24.35 45.33 50.80
CA GLU K 432 -24.33 46.79 50.55
C GLU K 432 -25.40 47.29 49.57
N THR K 433 -26.30 46.42 49.12
CA THR K 433 -27.56 46.83 48.47
C THR K 433 -28.52 47.48 49.48
N LEU K 434 -28.44 47.12 50.77
CA LEU K 434 -29.28 47.64 51.87
C LEU K 434 -30.80 47.43 51.69
N LEU K 435 -31.22 46.38 50.97
CA LEU K 435 -32.63 46.06 50.73
C LEU K 435 -33.41 45.70 52.02
N ALA K 436 -34.72 45.94 52.03
CA ALA K 436 -35.60 45.59 53.16
C ALA K 436 -35.91 44.09 53.36
N PRO K 437 -36.05 43.21 52.33
CA PRO K 437 -36.33 41.79 52.52
C PRO K 437 -35.06 40.97 52.82
N GLU K 438 -34.46 41.20 53.98
CA GLU K 438 -33.26 40.50 54.45
C GLU K 438 -33.64 39.22 55.19
N ASP K 439 -33.34 38.05 54.63
CA ASP K 439 -33.65 36.78 55.28
C ASP K 439 -32.68 36.43 56.43
N GLN K 440 -31.58 37.15 56.57
CA GLN K 440 -30.55 36.91 57.57
C GLN K 440 -30.06 38.22 58.20
N VAL K 441 -29.37 38.16 59.33
CA VAL K 441 -28.56 39.27 59.84
C VAL K 441 -27.26 38.76 60.47
N VAL K 442 -26.17 39.54 60.42
CA VAL K 442 -24.99 39.29 61.28
C VAL K 442 -25.38 39.49 62.73
N ILE K 443 -25.04 38.55 63.62
CA ILE K 443 -25.23 38.68 65.06
C ILE K 443 -23.94 38.41 65.83
N THR K 444 -20.09 38.83 66.20
CA THR K 444 -19.07 38.60 65.18
C THR K 444 -18.72 37.11 65.00
N MET K 445 -19.08 36.26 65.97
CA MET K 445 -19.05 34.78 65.91
C MET K 445 -19.87 34.15 67.04
N ARG K 446 -20.16 32.85 66.92
CA ARG K 446 -20.86 31.99 67.90
C ARG K 446 -20.47 30.54 67.64
N LEU K 447 -19.77 29.94 68.59
CA LEU K 447 -19.11 28.64 68.42
C LEU K 447 -19.31 27.72 69.63
N GLY K 448 -19.11 26.42 69.41
CA GLY K 448 -19.08 25.41 70.49
C GLY K 448 -20.42 24.76 70.80
N LEU K 449 -20.48 23.93 71.83
CA LEU K 449 -21.73 23.27 72.25
C LEU K 449 -22.64 24.28 72.95
N ARG K 450 -23.87 24.45 72.44
CA ARG K 450 -24.86 25.42 72.96
C ARG K 450 -26.22 24.75 73.23
N PRO K 451 -27.08 25.33 74.10
CA PRO K 451 -28.38 24.76 74.43
C PRO K 451 -29.48 25.24 73.48
N THR K 452 -30.17 24.32 72.82
CA THR K 452 -31.35 24.60 71.99
C THR K 452 -32.61 24.12 72.73
N ILE K 453 -33.58 25.01 72.93
CA ILE K 453 -34.83 24.73 73.65
C ILE K 453 -35.95 24.58 72.62
N PHE K 454 -36.81 23.55 72.71
CA PHE K 454 -37.96 23.45 71.81
C PHE K 454 -39.09 24.45 72.17
N GLN K 455 -39.65 25.14 71.17
CA GLN K 455 -40.79 26.07 71.28
C GLN K 455 -42.07 25.29 71.67
N PRO K 456 -43.08 25.88 72.34
CA PRO K 456 -44.03 25.12 73.15
C PRO K 456 -44.93 24.12 72.40
N ASN K 457 -45.45 24.49 71.24
CA ASN K 457 -46.45 23.67 70.52
C ASN K 457 -45.85 22.46 69.78
N SER K 458 -44.54 22.24 69.89
CA SER K 458 -43.70 21.43 68.99
C SER K 458 -43.99 19.93 68.94
N GLU K 459 -44.94 19.43 69.73
CA GLU K 459 -45.18 18.01 69.96
C GLU K 459 -45.27 17.17 68.69
N TRP K 460 -45.89 17.68 67.62
CA TRP K 460 -46.11 16.99 66.35
C TRP K 460 -44.85 16.85 65.47
N SER K 461 -43.78 17.57 65.77
CA SER K 461 -42.61 17.71 64.89
C SER K 461 -41.80 16.43 64.87
N ASN K 462 -41.58 15.84 63.70
CA ASN K 462 -40.78 14.63 63.56
C ASN K 462 -39.37 14.82 64.14
N ILE K 463 -38.78 16.01 63.99
CA ILE K 463 -37.48 16.30 64.57
C ILE K 463 -37.51 16.19 66.09
N ARG K 464 -38.60 16.62 66.74
CA ARG K 464 -38.75 16.48 68.20
C ARG K 464 -38.99 15.04 68.62
N LYS K 465 -39.67 14.22 67.81
CA LYS K 465 -39.75 12.75 68.00
C LYS K 465 -38.37 12.10 67.91
N LEU K 466 -37.52 12.54 66.98
CA LEU K 466 -36.17 11.99 66.81
C LEU K 466 -35.22 12.34 67.97
N TYR K 467 -35.35 13.53 68.55
CA TYR K 467 -34.67 13.90 69.80
C TYR K 467 -35.31 13.30 71.07
N GLY K 468 -36.16 12.27 70.95
CA GLY K 468 -36.77 11.60 72.10
C GLY K 468 -37.82 12.44 72.86
N GLU K 469 -38.31 13.51 72.25
CA GLU K 469 -39.21 14.52 72.82
C GLU K 469 -38.68 15.32 74.03
N VAL K 470 -37.41 15.14 74.40
CA VAL K 470 -36.67 15.89 75.44
C VAL K 470 -36.72 17.40 75.16
N ASN K 471 -36.95 18.25 76.17
CA ASN K 471 -37.23 19.68 75.96
C ASN K 471 -36.03 20.53 75.48
N GLU K 472 -34.81 20.08 75.75
CA GLU K 472 -33.57 20.77 75.36
C GLU K 472 -32.58 19.80 74.70
N VAL K 473 -31.87 20.33 73.70
CA VAL K 473 -30.91 19.64 72.84
C VAL K 473 -29.57 20.34 72.96
N HIS K 474 -28.49 19.59 73.19
CA HIS K 474 -27.13 20.14 73.27
C HIS K 474 -26.30 19.67 72.07
N GLU K 475 -25.92 20.62 71.20
CA GLU K 475 -25.30 20.35 69.89
C GLU K 475 -24.30 21.47 69.55
N ARG K 476 -23.39 21.24 68.60
CA ARG K 476 -22.28 22.17 68.33
C ARG K 476 -22.59 23.16 67.22
N HIS K 477 -22.25 24.43 67.40
CA HIS K 477 -22.62 25.54 66.51
C HIS K 477 -21.42 26.17 65.79
N ARG K 478 -21.69 26.71 64.61
CA ARG K 478 -20.89 27.75 63.94
C ARG K 478 -21.84 28.58 63.09
N HIS K 479 -21.95 29.88 63.34
CA HIS K 479 -22.60 30.82 62.42
C HIS K 479 -22.34 32.28 62.73
N ARG K 480 -21.87 33.08 61.79
CA ARG K 480 -21.91 34.55 61.94
C ARG K 480 -23.30 35.12 61.71
N TYR K 481 -23.96 34.67 60.65
CA TYR K 481 -25.25 35.12 60.14
C TYR K 481 -26.34 34.18 60.61
N GLU K 482 -27.47 34.71 61.06
CA GLU K 482 -28.62 33.91 61.51
C GLU K 482 -29.91 34.43 60.88
N ILE K 483 -30.99 33.65 60.86
CA ILE K 483 -32.26 34.11 60.27
C ILE K 483 -32.70 35.42 60.90
N ASN K 484 -33.09 36.39 60.09
CA ASN K 484 -33.65 37.65 60.55
C ASN K 484 -34.93 37.35 61.36
N PRO K 485 -34.96 37.57 62.68
CA PRO K 485 -36.08 37.13 63.49
C PRO K 485 -37.37 37.90 63.20
N LYS K 486 -37.33 39.00 62.44
CA LYS K 486 -38.53 39.77 62.06
C LYS K 486 -39.34 39.17 60.90
N ILE K 487 -38.88 38.09 60.27
CA ILE K 487 -39.66 37.30 59.30
C ILE K 487 -40.40 36.10 59.95
N VAL K 488 -39.95 35.63 61.11
CA VAL K 488 -40.42 34.41 61.79
C VAL K 488 -41.92 34.40 61.99
N ASN K 489 -42.57 35.50 62.39
CA ASN K 489 -44.02 35.52 62.59
C ASN K 489 -44.82 35.27 61.29
N ASP K 490 -44.23 35.54 60.12
CA ASP K 490 -44.81 35.23 58.84
C ASP K 490 -44.65 33.74 58.53
N MET K 491 -43.42 33.22 58.62
CA MET K 491 -43.15 31.79 58.43
C MET K 491 -43.94 30.88 59.39
N GLU K 492 -44.01 31.25 60.66
CA GLU K 492 -44.87 30.59 61.65
C GLU K 492 -46.34 30.57 61.24
N SER K 493 -46.82 31.57 60.48
CA SER K 493 -48.20 31.56 59.99
C SER K 493 -48.40 30.69 58.75
N ARG K 494 -47.36 30.58 57.90
CA ARG K 494 -47.39 29.85 56.61
C ARG K 494 -47.03 28.36 56.71
N GLY K 495 -46.87 27.81 57.91
CA GLY K 495 -46.57 26.39 58.15
C GLY K 495 -45.09 26.04 58.26
N PHE K 496 -44.18 27.01 58.13
CA PHE K 496 -42.74 26.86 58.40
C PHE K 496 -42.48 27.22 59.88
N ILE K 497 -42.56 26.21 60.75
CA ILE K 497 -42.66 26.42 62.20
C ILE K 497 -41.31 26.20 62.85
N PHE K 498 -40.84 27.17 63.63
CA PHE K 498 -39.52 27.10 64.26
C PHE K 498 -39.58 26.25 65.53
N VAL K 499 -39.42 24.94 65.35
CA VAL K 499 -39.47 23.94 66.41
C VAL K 499 -38.54 24.26 67.58
N GLY K 500 -37.38 24.87 67.36
CA GLY K 500 -36.37 25.10 68.39
C GLY K 500 -35.64 26.44 68.27
N LYS K 501 -35.31 27.02 69.41
CA LYS K 501 -34.73 28.36 69.57
C LYS K 501 -33.66 28.40 70.66
N ASP K 502 -32.84 29.43 70.63
CA ASP K 502 -31.91 29.75 71.72
C ASP K 502 -32.66 30.10 73.01
N GLU K 503 -32.04 29.88 74.18
CA GLU K 503 -32.63 30.17 75.50
C GLU K 503 -33.16 31.61 75.71
N THR K 504 -32.69 32.63 74.97
CA THR K 504 -33.26 33.99 75.01
C THR K 504 -34.55 34.13 74.20
N GLY K 505 -34.89 33.15 73.36
CA GLY K 505 -36.00 33.15 72.41
C GLY K 505 -35.75 33.90 71.11
N GLN K 506 -34.71 34.76 71.06
CA GLN K 506 -34.52 35.73 69.97
C GLN K 506 -33.85 35.15 68.72
N ARG K 507 -33.27 33.96 68.82
CA ARG K 507 -32.48 33.30 67.77
C ARG K 507 -33.11 31.96 67.39
N CYS K 508 -33.23 31.68 66.11
CA CYS K 508 -33.92 30.51 65.58
C CYS K 508 -32.96 29.43 65.10
N GLU K 509 -33.18 28.20 65.56
CA GLU K 509 -32.15 27.15 65.54
C GLU K 509 -32.60 25.85 64.87
N ILE K 510 -33.90 25.53 64.91
CA ILE K 510 -34.50 24.42 64.16
C ILE K 510 -35.81 24.88 63.54
N PHE K 511 -36.11 24.45 62.32
CA PHE K 511 -37.48 24.47 61.81
C PHE K 511 -37.86 23.10 61.22
N GLU K 512 -39.16 22.81 61.18
CA GLU K 512 -39.75 21.72 60.42
C GLU K 512 -40.94 22.26 59.66
N LEU K 513 -41.07 21.94 58.37
CA LEU K 513 -42.19 22.37 57.57
C LEU K 513 -43.40 21.44 57.79
N LYS K 514 -44.56 22.00 58.15
CA LYS K 514 -45.81 21.24 58.31
C LYS K 514 -46.22 20.56 56.99
N GLY K 515 -46.74 19.34 57.08
CA GLY K 515 -47.35 18.67 55.92
C GLY K 515 -46.38 18.18 54.83
N HIS K 516 -45.15 17.83 55.21
CA HIS K 516 -44.16 17.17 54.33
C HIS K 516 -43.58 15.94 55.06
N PRO K 517 -43.26 14.82 54.38
CA PRO K 517 -42.75 13.60 55.01
C PRO K 517 -41.55 13.78 55.95
N TYR K 518 -40.58 14.63 55.59
CA TYR K 518 -39.45 15.02 56.44
C TYR K 518 -38.69 16.19 55.79
N TYR K 519 -38.86 17.41 56.29
CA TYR K 519 -38.20 18.60 55.75
C TYR K 519 -37.78 19.49 56.90
N VAL K 520 -36.48 19.51 57.20
CA VAL K 520 -35.90 20.05 58.44
C VAL K 520 -34.79 21.04 58.12
N GLY K 521 -34.72 22.19 58.79
CA GLY K 521 -33.47 22.94 58.91
C GLY K 521 -32.92 22.89 60.33
N THR K 522 -31.61 22.68 60.50
CA THR K 522 -30.90 22.84 61.78
C THR K 522 -29.77 23.83 61.60
N GLN K 523 -29.71 24.91 62.36
CA GLN K 523 -28.68 25.95 62.19
C GLN K 523 -27.39 25.65 62.98
N TYR K 524 -27.46 24.83 64.00
CA TYR K 524 -26.29 24.12 64.47
C TYR K 524 -25.84 23.07 63.47
N HIS K 525 -24.67 22.51 63.67
CA HIS K 525 -24.08 21.44 62.88
C HIS K 525 -24.37 20.09 63.55
N PRO K 526 -25.31 19.26 63.05
CA PRO K 526 -25.53 17.98 63.67
C PRO K 526 -24.46 16.96 63.34
N GLU K 527 -23.54 17.20 62.42
CA GLU K 527 -22.57 16.19 62.00
C GLU K 527 -21.67 15.77 63.15
N TYR K 528 -21.12 16.73 63.89
CA TYR K 528 -19.93 16.53 64.73
C TYR K 528 -20.21 15.65 65.96
N THR K 529 -21.44 15.63 66.44
CA THR K 529 -21.86 14.89 67.63
C THR K 529 -22.26 13.45 67.37
N SER K 530 -22.39 13.03 66.12
CA SER K 530 -22.67 11.62 65.77
C SER K 530 -21.56 10.70 66.25
N LYS K 531 -21.90 9.56 66.86
CA LYS K 531 -20.96 8.48 67.20
C LYS K 531 -21.32 7.23 66.39
N VAL K 532 -20.38 6.32 66.17
CA VAL K 532 -20.59 5.10 65.36
C VAL K 532 -21.72 4.19 65.87
N LEU K 533 -22.15 4.34 67.11
CA LEU K 533 -23.26 3.60 67.72
C LEU K 533 -24.41 4.50 68.16
N GLU K 534 -24.40 5.78 67.77
CA GLU K 534 -25.37 6.81 68.16
C GLU K 534 -25.39 7.88 67.06
N PRO K 535 -26.05 7.63 65.93
CA PRO K 535 -26.07 8.55 64.81
C PRO K 535 -26.85 9.82 65.15
N SER K 536 -26.43 10.94 64.59
CA SER K 536 -26.97 12.24 64.96
C SER K 536 -28.44 12.31 64.57
N ARG K 537 -29.33 12.70 65.49
CA ARG K 537 -30.78 12.51 65.28
C ARG K 537 -31.34 13.12 63.99
N PRO K 538 -30.94 14.31 63.52
CA PRO K 538 -31.45 14.83 62.25
C PRO K 538 -30.98 14.00 61.05
N PHE K 539 -29.76 13.47 61.10
CA PHE K 539 -29.19 12.62 60.04
C PHE K 539 -29.79 11.21 60.06
N TRP K 540 -30.11 10.68 61.25
CA TRP K 540 -30.87 9.45 61.37
C TRP K 540 -32.28 9.64 60.82
N GLY K 541 -32.89 10.80 61.07
CA GLY K 541 -34.15 11.20 60.44
C GLY K 541 -34.09 11.20 58.91
N LEU K 542 -33.11 11.86 58.30
CA LEU K 542 -32.97 11.91 56.85
C LEU K 542 -32.80 10.53 56.23
N VAL K 543 -31.84 9.74 56.70
CA VAL K 543 -31.59 8.41 56.10
C VAL K 543 -32.72 7.44 56.40
N ALA K 544 -33.47 7.62 57.49
CA ALA K 544 -34.69 6.86 57.72
C ALA K 544 -35.79 7.27 56.72
N ALA K 545 -36.13 8.56 56.61
CA ALA K 545 -37.17 9.02 55.67
C ALA K 545 -36.89 8.56 54.24
N ALA K 546 -35.64 8.70 53.79
CA ALA K 546 -35.23 8.25 52.47
C ALA K 546 -35.27 6.72 52.29
N SER K 547 -35.06 5.93 53.34
CA SER K 547 -35.20 4.46 53.31
C SER K 547 -36.65 3.99 53.37
N GLY K 548 -37.59 4.87 53.69
CA GLY K 548 -38.86 4.49 54.29
C GLY K 548 -38.68 4.01 55.74
N THR K 549 -39.78 3.74 56.42
CA THR K 549 -39.79 3.28 57.82
C THR K 549 -39.27 4.33 58.83
N LEU K 550 -39.51 5.62 58.56
CA LEU K 550 -39.28 6.71 59.52
C LEU K 550 -40.05 6.50 60.83
N GLY K 551 -41.28 6.00 60.75
CA GLY K 551 -42.06 5.61 61.91
C GLY K 551 -41.41 4.51 62.75
N GLU K 552 -40.87 3.46 62.14
CA GLU K 552 -40.21 2.36 62.85
C GLU K 552 -38.92 2.79 63.56
N VAL K 553 -38.18 3.74 62.99
CA VAL K 553 -37.05 4.39 63.67
C VAL K 553 -37.54 5.19 64.87
N ILE K 554 -38.64 5.93 64.76
CA ILE K 554 -39.21 6.67 65.90
C ILE K 554 -39.61 5.73 67.05
N LYS K 555 -40.02 4.48 66.81
CA LYS K 555 -40.17 3.49 67.90
C LYS K 555 -38.82 3.04 68.45
N ASP K 556 -37.84 2.74 67.62
CA ASP K 556 -36.53 2.29 68.11
C ASP K 556 -35.87 3.32 69.04
N ILE K 557 -36.08 4.60 68.78
CA ILE K 557 -35.64 5.69 69.66
C ILE K 557 -36.44 5.71 70.97
N ASN K 558 -37.77 5.80 70.89
CA ASN K 558 -38.58 6.13 72.06
C ASN K 558 -38.89 4.95 72.99
N LEU K 559 -38.73 3.70 72.55
CA LEU K 559 -38.80 2.52 73.42
C LEU K 559 -37.58 2.44 74.34
N MET L 1 25.57 -20.50 79.59
CA MET L 1 26.50 -19.55 78.98
C MET L 1 26.02 -18.11 79.18
N LYS L 2 26.94 -17.16 79.33
CA LYS L 2 26.67 -15.72 79.43
C LYS L 2 27.68 -14.97 78.56
N TYR L 3 27.35 -13.79 78.01
CA TYR L 3 28.27 -12.95 77.26
C TYR L 3 28.26 -11.54 77.79
N VAL L 4 29.42 -10.90 77.86
CA VAL L 4 29.54 -9.45 78.02
C VAL L 4 30.33 -8.91 76.85
N VAL L 5 29.77 -8.05 76.04
CA VAL L 5 30.47 -7.50 74.88
C VAL L 5 30.98 -6.13 75.26
N VAL L 6 32.27 -5.85 75.08
CA VAL L 6 32.91 -4.55 75.34
C VAL L 6 33.20 -3.90 74.00
N SER L 7 32.76 -2.66 73.82
CA SER L 7 32.41 -2.13 72.50
C SER L 7 32.42 -0.62 72.48
N GLY L 8 32.24 -0.03 71.30
CA GLY L 8 31.77 1.34 71.21
C GLY L 8 32.79 2.30 70.65
N GLY L 9 32.97 3.42 71.33
CA GLY L 9 33.97 4.44 71.02
C GLY L 9 33.49 5.43 69.96
N VAL L 10 33.66 6.72 70.25
CA VAL L 10 33.73 7.80 69.25
C VAL L 10 35.01 7.70 68.42
N ILE L 11 36.12 7.27 69.04
CA ILE L 11 37.46 7.12 68.46
C ILE L 11 38.02 5.73 68.78
N SER L 12 38.81 5.16 67.87
CA SER L 12 39.33 3.79 68.01
C SER L 12 40.54 3.66 68.95
N GLY L 13 41.27 4.73 69.24
CA GLY L 13 42.41 4.75 70.18
C GLY L 13 42.02 4.83 71.67
N ILE L 14 40.73 4.70 71.99
CA ILE L 14 40.17 5.03 73.31
C ILE L 14 40.54 4.11 74.47
N GLY L 15 41.10 2.92 74.20
CA GLY L 15 41.51 1.98 75.24
C GLY L 15 40.36 1.16 75.82
N LYS L 16 39.74 0.32 74.98
CA LYS L 16 38.77 -0.69 75.38
C LYS L 16 39.41 -1.91 76.00
N GLY L 17 40.65 -2.24 75.63
CA GLY L 17 41.33 -3.49 76.00
C GLY L 17 41.56 -3.65 77.49
N VAL L 18 41.77 -2.57 78.24
CA VAL L 18 41.80 -2.64 79.71
C VAL L 18 40.41 -2.92 80.25
N LEU L 19 39.36 -2.23 79.81
CA LEU L 19 38.02 -2.50 80.33
C LEU L 19 37.56 -3.93 80.03
N ALA L 20 37.91 -4.51 78.89
CA ALA L 20 37.70 -5.94 78.64
C ALA L 20 38.52 -6.82 79.61
N SER L 21 39.85 -6.67 79.62
CA SER L 21 40.77 -7.49 80.44
C SER L 21 40.56 -7.34 81.95
N SER L 22 39.82 -6.33 82.38
CA SER L 22 39.51 -5.88 83.73
C SER L 22 38.07 -6.14 84.10
N THR L 23 37.15 -6.31 83.16
CA THR L 23 35.78 -6.74 83.45
C THR L 23 35.81 -8.21 83.68
N GLY L 24 36.58 -8.94 82.87
CA GLY L 24 36.70 -10.36 82.98
C GLY L 24 37.41 -10.81 84.20
N MET L 25 38.30 -9.95 84.70
CA MET L 25 39.01 -10.19 85.95
C MET L 25 38.05 -10.04 87.12
N LEU L 26 37.24 -8.97 87.13
CA LEU L 26 36.23 -8.82 88.17
C LEU L 26 35.27 -10.00 88.18
N LEU L 27 34.78 -10.47 87.04
CA LEU L 27 33.93 -11.66 87.03
C LEU L 27 34.66 -12.91 87.52
N LYS L 28 35.96 -13.06 87.29
CA LYS L 28 36.71 -14.21 87.83
C LYS L 28 36.82 -14.20 89.36
N THR L 29 36.69 -13.04 89.99
CA THR L 29 36.60 -12.97 91.45
C THR L 29 35.30 -13.52 92.03
N LEU L 30 34.21 -13.63 91.26
CA LEU L 30 33.03 -14.42 91.65
C LEU L 30 33.28 -15.94 91.55
N GLY L 31 34.42 -16.37 91.01
CA GLY L 31 34.79 -17.77 90.85
C GLY L 31 34.37 -18.37 89.52
N LEU L 32 33.67 -17.61 88.67
CA LEU L 32 33.23 -18.04 87.34
C LEU L 32 34.39 -18.44 86.43
N LYS L 33 34.25 -19.50 85.64
CA LYS L 33 35.27 -19.90 84.65
C LYS L 33 35.22 -18.98 83.45
N VAL L 34 35.80 -17.79 83.55
CA VAL L 34 35.66 -16.76 82.49
C VAL L 34 36.55 -17.05 81.28
N THR L 35 36.09 -16.72 80.07
CA THR L 35 36.88 -16.73 78.83
C THR L 35 36.72 -15.41 78.10
N SER L 36 37.44 -15.20 77.02
CA SER L 36 37.38 -13.96 76.25
C SER L 36 37.65 -14.19 74.77
N ILE L 37 37.07 -13.33 73.93
CA ILE L 37 37.18 -13.35 72.46
C ILE L 37 37.59 -11.94 72.04
N LYS L 38 38.54 -11.82 71.14
CA LYS L 38 38.90 -10.54 70.52
C LYS L 38 38.27 -10.54 69.14
N ILE L 39 37.61 -9.46 68.73
CA ILE L 39 37.24 -9.22 67.34
C ILE L 39 38.21 -8.14 66.84
N ASP L 40 38.90 -8.38 65.75
CA ASP L 40 39.73 -7.39 65.06
C ASP L 40 39.23 -7.17 63.63
N PRO L 41 38.73 -5.96 63.32
CA PRO L 41 38.24 -5.62 62.00
C PRO L 41 39.24 -5.64 60.85
N TYR L 42 40.54 -5.77 61.10
CA TYR L 42 41.53 -5.86 60.02
C TYR L 42 41.39 -7.12 59.17
N MET L 43 41.89 -7.07 57.96
CA MET L 43 41.82 -8.21 57.03
C MET L 43 42.89 -9.27 57.25
N ASN L 44 43.86 -9.09 58.15
CA ASN L 44 44.84 -10.15 58.34
C ASN L 44 44.22 -11.42 58.89
N ILE L 45 44.56 -12.55 58.27
CA ILE L 45 44.20 -13.86 58.81
C ILE L 45 44.71 -14.03 60.22
N ASP L 46 46.01 -13.83 60.38
CA ASP L 46 46.68 -13.84 61.66
C ASP L 46 47.97 -13.01 61.58
N ALA L 47 48.43 -12.54 62.75
CA ALA L 47 49.41 -11.46 62.85
C ALA L 47 50.80 -11.79 62.30
N GLY L 48 51.11 -13.06 62.00
CA GLY L 48 52.43 -13.49 61.56
C GLY L 48 52.99 -12.76 60.33
N THR L 49 52.13 -12.20 59.47
CA THR L 49 52.54 -11.43 58.29
C THR L 49 52.94 -10.00 58.58
N MET L 50 52.52 -9.39 59.71
CA MET L 50 52.71 -7.96 59.96
C MET L 50 53.81 -7.72 60.99
N SER L 51 54.84 -6.97 60.58
CA SER L 51 56.07 -6.73 61.34
C SER L 51 55.83 -5.97 62.64
N PRO L 52 56.64 -6.21 63.68
CA PRO L 52 56.51 -5.54 64.97
C PRO L 52 56.57 -3.99 64.96
N LEU L 53 57.08 -3.37 63.90
CA LEU L 53 56.95 -1.92 63.70
C LEU L 53 55.47 -1.50 63.54
N GLU L 54 54.67 -2.31 62.86
CA GLU L 54 53.30 -2.00 62.46
C GLU L 54 52.29 -2.41 63.53
N HIS L 55 52.02 -1.52 64.49
CA HIS L 55 51.11 -1.75 65.63
C HIS L 55 51.51 -2.89 66.58
N GLY L 56 52.81 -2.97 66.93
CA GLY L 56 53.32 -3.74 68.07
C GLY L 56 53.66 -5.22 67.80
N GLU L 57 54.15 -5.89 68.86
CA GLU L 57 54.80 -7.21 68.82
C GLU L 57 53.98 -8.35 68.19
N CYS L 58 54.66 -9.39 67.74
CA CYS L 58 54.05 -10.58 67.16
C CYS L 58 53.84 -11.66 68.25
N PHE L 59 52.66 -11.74 68.85
CA PHE L 59 52.36 -12.65 69.97
C PHE L 59 52.47 -14.13 69.57
N VAL L 60 52.51 -15.07 70.53
CA VAL L 60 52.47 -16.52 70.28
C VAL L 60 51.54 -17.24 71.26
N LEU L 61 50.70 -18.13 70.75
CA LEU L 61 49.78 -18.99 71.51
C LEU L 61 50.28 -20.44 71.63
N ASP L 62 49.64 -21.27 72.43
CA ASP L 62 50.00 -22.70 72.55
C ASP L 62 49.97 -23.43 71.20
N ASP L 63 49.04 -23.06 70.32
CA ASP L 63 48.89 -23.60 68.95
C ASP L 63 50.06 -23.24 68.01
N GLY L 64 50.88 -22.26 68.37
CA GLY L 64 51.78 -21.58 67.44
C GLY L 64 51.14 -20.42 66.69
N GLY L 65 49.88 -20.09 66.97
CA GLY L 65 49.14 -19.02 66.31
C GLY L 65 49.67 -17.63 66.62
N GLU L 66 50.37 -17.03 65.67
CA GLU L 66 50.91 -15.68 65.76
C GLU L 66 49.78 -14.66 65.69
N THR L 67 49.50 -13.91 66.77
CA THR L 67 48.18 -13.31 67.00
C THR L 67 48.19 -11.87 67.52
N ASP L 68 47.01 -11.25 67.53
CA ASP L 68 46.85 -9.89 68.04
C ASP L 68 47.29 -9.75 69.50
N LEU L 69 47.96 -8.64 69.81
CA LEU L 69 48.38 -8.29 71.16
C LEU L 69 47.31 -8.51 72.21
N ASP L 70 46.07 -8.15 71.88
CA ASP L 70 45.03 -8.09 72.88
C ASP L 70 44.64 -9.45 73.44
N LEU L 71 44.96 -10.57 72.75
CA LEU L 71 44.86 -11.88 73.40
C LEU L 71 45.73 -11.96 74.65
N GLY L 72 46.95 -11.44 74.54
CA GLY L 72 47.92 -11.49 75.61
C GLY L 72 47.40 -10.80 76.86
N ASN L 73 46.78 -9.63 76.74
CA ASN L 73 46.26 -8.91 77.90
C ASN L 73 45.21 -9.74 78.64
N TYR L 74 44.32 -10.46 77.96
CA TYR L 74 43.39 -11.33 78.68
C TYR L 74 44.12 -12.52 79.28
N GLU L 75 45.05 -13.16 78.58
CA GLU L 75 45.76 -14.31 79.13
C GLU L 75 46.43 -13.96 80.47
N ARG L 76 47.16 -12.85 80.52
CA ARG L 76 47.87 -12.46 81.75
C ARG L 76 46.97 -11.91 82.84
N TYR L 77 45.88 -11.21 82.54
CA TYR L 77 44.93 -10.78 83.58
C TYR L 77 44.07 -11.93 84.11
N LEU L 78 43.65 -12.86 83.24
CA LEU L 78 42.63 -13.85 83.58
C LEU L 78 43.23 -15.24 83.91
N GLY L 79 44.53 -15.43 83.71
CA GLY L 79 45.22 -16.71 83.94
C GLY L 79 44.94 -17.78 82.87
N ILE L 80 44.12 -17.44 81.88
CA ILE L 80 43.62 -18.37 80.88
C ILE L 80 44.65 -18.67 79.79
N THR L 81 44.50 -19.80 79.13
CA THR L 81 45.20 -20.12 77.88
C THR L 81 44.23 -19.97 76.73
N LEU L 82 44.57 -19.20 75.70
CA LEU L 82 43.74 -19.01 74.50
C LEU L 82 44.24 -19.83 73.31
N SER L 83 43.44 -19.90 72.25
CA SER L 83 43.73 -20.59 70.99
C SER L 83 43.50 -19.64 69.82
N ARG L 84 44.11 -19.89 68.66
CA ARG L 84 44.06 -18.96 67.55
C ARG L 84 42.65 -18.68 67.02
N ASP L 85 41.68 -19.51 67.33
CA ASP L 85 40.26 -19.25 67.07
C ASP L 85 39.68 -18.11 67.90
N HIS L 86 40.25 -17.76 69.08
CA HIS L 86 39.71 -16.69 69.93
C HIS L 86 39.91 -15.28 69.34
N ASN L 87 40.70 -15.16 68.28
CA ASN L 87 40.90 -13.94 67.54
C ASN L 87 40.00 -13.96 66.28
N ILE L 88 38.76 -13.50 66.38
CA ILE L 88 37.92 -13.32 65.21
C ILE L 88 38.52 -12.16 64.40
N THR L 89 38.62 -12.30 63.07
CA THR L 89 38.99 -11.17 62.23
C THR L 89 38.16 -11.08 60.96
N THR L 90 38.10 -9.90 60.36
CA THR L 90 37.48 -9.76 59.05
C THR L 90 38.17 -10.65 58.02
N GLY L 91 39.49 -10.73 58.08
CA GLY L 91 40.25 -11.71 57.30
C GLY L 91 39.80 -13.15 57.46
N LYS L 92 39.73 -13.59 58.71
CA LYS L 92 39.37 -14.99 59.01
C LYS L 92 37.97 -15.30 58.54
N ILE L 93 36.95 -14.55 58.99
CA ILE L 93 35.56 -14.97 58.76
C ILE L 93 35.19 -14.87 57.29
N TYR L 94 35.71 -13.87 56.57
CA TYR L 94 35.48 -13.78 55.13
C TYR L 94 36.28 -14.85 54.38
N SER L 95 37.52 -15.17 54.76
CA SER L 95 38.27 -16.29 54.19
C SER L 95 37.57 -17.64 54.45
N HIS L 96 36.97 -17.79 55.63
CA HIS L 96 36.20 -18.97 56.03
C HIS L 96 34.97 -19.13 55.15
N VAL L 97 34.02 -18.19 55.17
CA VAL L 97 32.80 -18.38 54.39
C VAL L 97 33.06 -18.39 52.89
N ILE L 98 33.98 -17.60 52.34
CA ILE L 98 34.34 -17.67 50.92
C ILE L 98 35.04 -18.99 50.60
N SER L 99 35.86 -19.58 51.47
CA SER L 99 36.39 -20.93 51.19
C SER L 99 35.28 -21.97 51.27
N ARG L 100 34.32 -21.79 52.19
CA ARG L 100 33.14 -22.65 52.32
C ARG L 100 32.25 -22.60 51.08
N GLU L 101 32.18 -21.50 50.35
CA GLU L 101 31.48 -21.44 49.06
C GLU L 101 32.06 -22.39 48.02
N ARG L 102 33.37 -22.38 47.81
CA ARG L 102 33.99 -23.30 46.84
C ARG L 102 33.85 -24.77 47.28
N ARG L 103 33.70 -25.03 48.58
CA ARG L 103 33.34 -26.35 49.14
C ARG L 103 31.85 -26.70 48.93
N GLY L 104 30.97 -25.71 48.78
CA GLY L 104 29.59 -25.87 48.35
C GLY L 104 28.53 -25.90 49.45
N ASP L 105 28.89 -25.69 50.71
CA ASP L 105 28.03 -26.03 51.85
C ASP L 105 26.73 -25.21 51.98
N TYR L 106 26.58 -24.09 51.28
CA TYR L 106 25.31 -23.35 51.21
C TYR L 106 24.36 -23.90 50.13
N LEU L 107 24.62 -25.11 49.62
CA LEU L 107 23.77 -25.85 48.66
C LEU L 107 23.50 -25.07 47.37
N GLY L 108 24.46 -24.26 46.96
CA GLY L 108 24.28 -23.42 45.79
C GLY L 108 23.24 -22.32 45.94
N LYS L 109 22.99 -21.83 47.17
CA LYS L 109 22.24 -20.57 47.36
C LYS L 109 23.12 -19.33 47.09
N THR L 110 22.54 -18.13 47.21
CA THR L 110 23.37 -16.89 47.25
C THR L 110 24.00 -16.92 48.64
N VAL L 111 25.21 -16.41 48.85
CA VAL L 111 25.78 -16.32 50.22
C VAL L 111 25.78 -14.85 50.60
N GLN L 112 24.62 -14.22 50.67
CA GLN L 112 24.50 -12.80 51.06
C GLN L 112 25.29 -12.63 52.37
N ILE L 113 25.87 -11.45 52.66
CA ILE L 113 26.60 -11.22 53.96
C ILE L 113 25.58 -11.07 55.09
N VAL L 114 24.36 -10.59 54.85
CA VAL L 114 23.30 -10.62 55.92
C VAL L 114 22.94 -12.08 56.02
N PRO L 115 21.92 -12.56 56.76
CA PRO L 115 21.75 -13.97 56.97
C PRO L 115 23.00 -14.84 57.00
N HIS L 116 23.64 -15.19 55.90
CA HIS L 116 24.59 -16.30 56.02
C HIS L 116 25.93 -15.96 56.71
N LEU L 117 26.66 -14.92 56.32
CA LEU L 117 27.93 -14.61 57.00
C LEU L 117 27.70 -14.16 58.45
N THR L 118 26.72 -13.30 58.75
CA THR L 118 26.41 -12.98 60.15
C THR L 118 25.98 -14.21 60.95
N ASN L 119 25.42 -15.23 60.31
CA ASN L 119 25.18 -16.52 60.95
C ASN L 119 26.51 -17.25 61.23
N ALA L 120 27.51 -17.21 60.35
CA ALA L 120 28.82 -17.79 60.63
C ALA L 120 29.50 -17.12 61.83
N ILE L 121 29.42 -15.78 61.98
CA ILE L 121 29.91 -15.09 63.18
C ILE L 121 29.21 -15.64 64.42
N GLN L 122 27.88 -15.70 64.41
CA GLN L 122 27.14 -16.13 65.58
C GLN L 122 27.40 -17.59 65.91
N ASP L 123 27.73 -18.41 64.93
CA ASP L 123 28.19 -19.78 65.12
C ASP L 123 29.60 -19.81 65.69
N TRP L 124 30.55 -19.05 65.11
CA TRP L 124 31.92 -18.99 65.60
C TRP L 124 32.01 -18.56 67.06
N ILE L 125 31.34 -17.48 67.48
CA ILE L 125 31.31 -17.08 68.89
C ILE L 125 30.74 -18.18 69.79
N GLN L 126 29.73 -18.93 69.34
CA GLN L 126 29.17 -20.04 70.12
C GLN L 126 30.03 -21.29 70.11
N ARG L 127 30.86 -21.52 69.09
CA ARG L 127 31.86 -22.58 69.14
C ARG L 127 32.94 -22.24 70.15
N VAL L 128 33.57 -21.10 69.94
CA VAL L 128 34.76 -20.61 70.63
C VAL L 128 34.52 -20.43 72.10
N SER L 129 33.44 -19.84 72.53
CA SER L 129 33.17 -19.68 73.97
C SER L 129 32.94 -21.02 74.71
N LYS L 130 32.77 -22.18 74.02
CA LYS L 130 32.71 -23.51 74.65
C LYS L 130 34.03 -24.28 74.65
N ILE L 131 35.10 -23.77 74.05
CA ILE L 131 36.44 -24.34 74.14
C ILE L 131 36.98 -24.14 75.57
N PRO L 132 37.55 -25.14 76.26
CA PRO L 132 38.10 -24.95 77.60
C PRO L 132 39.38 -24.12 77.61
N VAL L 133 39.62 -23.37 78.69
CA VAL L 133 40.77 -22.44 78.76
C VAL L 133 41.57 -22.49 80.08
N ASP L 134 41.00 -22.96 81.19
CA ASP L 134 41.68 -23.13 82.48
C ASP L 134 42.49 -24.44 82.56
N ASP L 135 43.06 -24.74 83.73
CA ASP L 135 43.90 -25.94 83.98
C ASP L 135 43.15 -27.29 83.88
N THR L 136 41.82 -27.26 83.78
CA THR L 136 40.93 -28.41 83.59
C THR L 136 39.96 -28.13 82.46
N GLY L 137 39.53 -29.19 81.77
CA GLY L 137 38.70 -29.12 80.55
C GLY L 137 37.23 -28.76 80.78
N LEU L 138 36.92 -27.90 81.76
CA LEU L 138 35.58 -27.41 82.03
C LEU L 138 35.26 -26.19 81.14
N GLU L 139 34.09 -26.19 80.52
CA GLU L 139 33.68 -25.13 79.59
C GLU L 139 33.33 -23.83 80.33
N PRO L 140 33.62 -22.66 79.75
CA PRO L 140 33.44 -21.36 80.39
C PRO L 140 32.03 -20.99 80.87
N ASP L 141 31.92 -20.26 81.98
CA ASP L 141 30.64 -19.75 82.47
C ASP L 141 30.23 -18.45 81.77
N VAL L 142 31.20 -17.55 81.54
CA VAL L 142 30.99 -16.22 80.95
C VAL L 142 32.06 -15.93 79.91
N CYS L 143 31.70 -15.33 78.79
CA CYS L 143 32.63 -14.92 77.74
C CYS L 143 32.63 -13.39 77.55
N ILE L 144 33.79 -12.75 77.67
CA ILE L 144 33.97 -11.33 77.35
C ILE L 144 34.33 -11.17 75.87
N ILE L 145 33.52 -10.50 75.08
CA ILE L 145 33.84 -10.24 73.66
C ILE L 145 34.35 -8.80 73.52
N GLU L 146 35.58 -8.57 73.09
CA GLU L 146 36.06 -7.23 72.79
C GLU L 146 35.87 -6.90 71.31
N LEU L 147 34.95 -6.01 70.98
CA LEU L 147 34.63 -5.63 69.59
C LEU L 147 35.62 -4.54 69.17
N GLY L 148 36.65 -4.95 68.42
CA GLY L 148 37.65 -4.05 67.83
C GLY L 148 37.04 -3.12 66.79
N GLY L 149 37.80 -2.09 66.41
CA GLY L 149 37.24 -0.97 65.65
C GLY L 149 36.27 -0.12 66.49
N THR L 150 35.28 0.51 65.86
CA THR L 150 34.19 1.17 66.61
C THR L 150 32.81 0.75 66.09
N VAL L 151 31.77 0.92 66.92
CA VAL L 151 30.35 0.66 66.50
C VAL L 151 29.97 1.92 65.73
N GLY L 152 29.84 1.86 64.41
CA GLY L 152 29.59 3.05 63.56
C GLY L 152 30.72 3.17 62.56
N ASP L 153 31.04 2.08 61.87
CA ASP L 153 32.16 2.03 60.91
C ASP L 153 31.73 1.18 59.71
N ILE L 154 32.66 0.85 58.81
CA ILE L 154 32.38 -0.03 57.62
C ILE L 154 33.19 -1.32 57.76
N GLU L 155 34.22 -1.36 58.60
CA GLU L 155 34.98 -2.60 58.89
C GLU L 155 34.29 -3.28 60.06
N SER L 156 33.45 -2.53 60.80
CA SER L 156 32.74 -3.12 61.93
C SER L 156 31.42 -3.78 61.53
N ALA L 157 30.92 -3.47 60.35
CA ALA L 157 29.53 -3.59 59.97
C ALA L 157 28.92 -5.00 60.10
N PRO L 158 29.54 -6.07 59.59
CA PRO L 158 29.00 -7.41 59.81
C PRO L 158 29.01 -7.83 61.28
N PHE L 159 29.97 -7.38 62.08
CA PHE L 159 30.02 -7.74 63.49
C PHE L 159 28.88 -7.07 64.22
N VAL L 160 28.60 -5.78 64.04
CA VAL L 160 27.50 -5.16 64.78
C VAL L 160 26.14 -5.74 64.39
N GLU L 161 25.94 -6.16 63.14
CA GLU L 161 24.72 -6.88 62.75
C GLU L 161 24.67 -8.26 63.37
N ALA L 162 25.75 -9.03 63.23
CA ALA L 162 25.82 -10.35 63.84
C ALA L 162 25.50 -10.30 65.33
N LEU L 163 25.99 -9.30 66.05
CA LEU L 163 25.73 -9.08 67.47
C LEU L 163 24.32 -8.53 67.75
N ARG L 164 23.67 -7.79 66.85
CA ARG L 164 22.24 -7.55 67.00
C ARG L 164 21.50 -8.89 66.95
N GLN L 165 21.72 -9.78 65.99
CA GLN L 165 21.03 -11.07 66.01
C GLN L 165 21.42 -11.85 67.26
N PHE L 166 22.68 -11.81 67.64
CA PHE L 166 23.20 -12.56 68.80
C PHE L 166 22.68 -12.12 70.16
N GLN L 167 22.09 -10.92 70.24
CA GLN L 167 21.34 -10.45 71.38
C GLN L 167 20.06 -11.25 71.60
N PHE L 168 19.59 -11.96 70.57
CA PHE L 168 18.40 -12.81 70.63
C PHE L 168 18.66 -14.30 70.40
N GLU L 169 19.54 -14.64 69.47
CA GLU L 169 19.92 -16.04 69.21
C GLU L 169 20.58 -16.65 70.45
N VAL L 170 21.18 -15.84 71.32
CA VAL L 170 21.37 -16.06 72.75
C VAL L 170 20.44 -15.08 73.48
N GLY L 171 19.63 -15.54 74.43
CA GLY L 171 18.60 -14.70 75.05
C GLY L 171 19.20 -13.48 75.78
N ARG L 172 18.52 -12.31 75.79
CA ARG L 172 18.78 -11.24 76.76
C ARG L 172 18.72 -11.84 78.16
N GLU L 173 19.44 -11.22 79.08
CA GLU L 173 19.84 -11.84 80.36
C GLU L 173 20.87 -12.98 80.26
N ASN L 174 21.25 -13.44 79.07
CA ASN L 174 22.53 -14.10 78.82
C ASN L 174 23.50 -13.22 78.01
N PHE L 175 23.20 -11.93 77.79
CA PHE L 175 24.03 -11.01 77.03
C PHE L 175 23.95 -9.61 77.63
N ALA L 176 25.04 -8.88 77.67
CA ALA L 176 25.15 -7.50 78.14
C ALA L 176 26.16 -6.72 77.30
N LEU L 177 25.89 -5.42 77.01
CA LEU L 177 26.80 -4.58 76.24
C LEU L 177 27.40 -3.45 77.09
N ILE L 178 28.70 -3.34 77.09
CA ILE L 178 29.45 -2.26 77.71
C ILE L 178 30.00 -1.37 76.60
N HIS L 179 29.54 -0.12 76.54
CA HIS L 179 29.93 0.86 75.55
C HIS L 179 30.95 1.83 76.15
N VAL L 180 32.21 1.70 75.75
CA VAL L 180 33.28 2.65 76.05
C VAL L 180 33.03 3.91 75.25
N SER L 181 33.31 5.09 75.79
CA SER L 181 32.97 6.32 75.08
C SER L 181 33.83 7.51 75.47
N LEU L 182 33.87 8.54 74.62
CA LEU L 182 34.73 9.71 74.81
C LEU L 182 33.91 10.89 75.33
N VAL L 183 34.39 11.53 76.39
CA VAL L 183 33.80 12.75 76.97
C VAL L 183 34.89 13.80 77.03
N PRO L 184 35.16 14.55 75.94
CA PRO L 184 36.24 15.53 75.91
C PRO L 184 36.08 16.64 76.94
N VAL L 185 37.19 17.24 77.34
CA VAL L 185 37.19 18.46 78.15
C VAL L 185 37.89 19.59 77.40
N ILE L 186 37.19 20.72 77.29
CA ILE L 186 37.53 21.91 76.51
C ILE L 186 37.17 23.13 77.37
N HIS L 187 38.07 24.09 77.49
CA HIS L 187 37.89 25.32 78.28
C HIS L 187 37.37 25.09 79.72
N GLY L 188 37.69 23.92 80.30
CA GLY L 188 37.23 23.49 81.62
C GLY L 188 35.84 22.83 81.71
N GLU L 189 35.18 22.52 80.60
CA GLU L 189 33.78 21.96 80.61
C GLU L 189 33.80 20.53 80.07
N GLN L 190 33.11 19.58 80.71
CA GLN L 190 33.04 18.17 80.21
C GLN L 190 32.01 18.12 79.08
N LYS L 191 32.41 17.64 77.89
CA LYS L 191 31.57 17.63 76.68
C LYS L 191 31.04 16.22 76.39
N THR L 192 29.84 15.86 76.83
CA THR L 192 29.16 14.56 76.53
C THR L 192 28.37 14.55 75.20
N LYS L 193 28.77 15.23 74.12
CA LYS L 193 28.07 15.12 72.80
C LYS L 193 28.74 14.10 71.86
N PRO L 194 30.06 13.81 71.92
CA PRO L 194 30.66 12.72 71.16
C PRO L 194 30.02 11.42 71.67
N THR L 195 29.88 11.26 72.98
CA THR L 195 29.22 10.06 73.59
C THR L 195 27.78 9.99 73.07
N GLN L 196 26.99 11.06 73.13
CA GLN L 196 25.55 11.05 72.74
C GLN L 196 25.41 10.82 71.23
N ALA L 197 26.49 10.97 70.43
CA ALA L 197 26.48 10.78 68.96
C ALA L 197 27.02 9.37 68.66
N ALA L 198 27.31 8.55 69.66
CA ALA L 198 27.70 7.13 69.49
C ALA L 198 26.64 6.26 70.16
N ILE L 199 25.73 6.81 70.98
CA ILE L 199 24.57 6.14 71.58
C ILE L 199 23.46 6.16 70.55
N LYS L 200 23.36 7.20 69.75
CA LYS L 200 22.44 7.30 68.63
C LYS L 200 22.82 6.21 67.65
N ASP L 201 24.08 6.13 67.21
CA ASP L 201 24.52 5.10 66.26
C ASP L 201 24.41 3.69 66.81
N LEU L 202 24.60 3.49 68.11
CA LEU L 202 24.51 2.17 68.73
C LEU L 202 23.07 1.65 68.62
N ARG L 203 22.07 2.43 69.01
CA ARG L 203 20.66 2.12 68.95
C ARG L 203 20.31 1.86 67.49
N SER L 204 20.84 2.67 66.57
CA SER L 204 20.58 2.52 65.14
C SER L 204 21.09 1.18 64.61
N LEU L 205 22.34 0.82 64.83
CA LEU L 205 22.93 -0.48 64.43
C LEU L 205 22.34 -1.66 65.21
N GLY L 206 21.67 -1.41 66.33
CA GLY L 206 20.62 -2.24 66.91
C GLY L 206 20.89 -2.87 68.28
N LEU L 207 22.16 -2.96 68.68
CA LEU L 207 22.47 -3.30 70.08
C LEU L 207 21.94 -2.23 71.02
N ILE L 208 21.64 -2.57 72.28
CA ILE L 208 21.24 -1.58 73.31
C ILE L 208 22.28 -1.57 74.40
N PRO L 209 22.90 -0.44 74.77
CA PRO L 209 23.93 -0.43 75.80
C PRO L 209 23.51 -0.65 77.24
N ASP L 210 24.33 -1.16 78.15
CA ASP L 210 24.14 -1.40 79.58
C ASP L 210 24.95 -0.49 80.45
N MET L 211 26.22 -0.30 80.17
CA MET L 211 27.20 0.56 80.80
C MET L 211 27.59 1.64 79.83
N ILE L 212 28.09 2.77 80.33
CA ILE L 212 28.62 3.85 79.50
C ILE L 212 29.96 4.22 80.13
N ALA L 213 31.01 3.56 79.66
CA ALA L 213 32.33 3.60 80.29
C ALA L 213 33.19 4.73 79.71
N CYS L 214 33.07 5.91 80.29
CA CYS L 214 33.73 7.10 79.77
C CYS L 214 35.23 7.13 80.04
N ARG L 215 36.02 7.51 79.02
CA ARG L 215 37.46 7.82 79.12
C ARG L 215 37.71 9.33 79.14
N CYS L 216 37.12 10.00 80.13
CA CYS L 216 37.37 11.41 80.39
C CYS L 216 38.75 11.64 81.00
N SER L 217 39.28 12.86 80.92
CA SER L 217 40.55 13.26 81.55
C SER L 217 40.43 13.48 83.07
N GLU L 218 39.24 13.30 83.64
CA GLU L 218 38.87 13.79 84.97
C GLU L 218 37.93 12.79 85.68
N GLU L 219 37.59 13.04 86.94
CA GLU L 219 36.33 12.51 87.48
C GLU L 219 35.14 13.15 86.76
N LEU L 220 34.15 12.35 86.35
CA LEU L 220 32.92 12.87 85.77
C LEU L 220 32.14 13.67 86.81
N ASN L 221 31.67 14.86 86.45
CA ASN L 221 30.80 15.64 87.34
C ASN L 221 29.49 14.89 87.61
N ARG L 222 28.88 15.06 88.78
CA ARG L 222 27.54 14.48 89.07
C ARG L 222 26.48 14.96 88.08
N SER L 223 26.57 16.21 87.61
CA SER L 223 25.72 16.74 86.53
C SER L 223 26.05 16.16 85.15
N THR L 224 27.31 15.80 84.87
CA THR L 224 27.71 15.13 83.62
C THR L 224 27.13 13.74 83.54
N ILE L 225 27.23 12.97 84.62
CA ILE L 225 26.61 11.64 84.71
C ILE L 225 25.08 11.75 84.58
N ASP L 226 24.45 12.70 85.27
CA ASP L 226 23.00 12.88 85.21
C ASP L 226 22.52 13.15 83.78
N LYS L 227 23.23 13.98 82.99
CA LYS L 227 22.90 14.19 81.57
C LYS L 227 23.20 12.98 80.69
N ILE L 228 24.32 12.26 80.87
CA ILE L 228 24.53 11.03 80.10
C ILE L 228 23.44 10.01 80.40
N ALA L 229 22.97 9.88 81.64
CA ALA L 229 21.83 9.04 82.01
C ALA L 229 20.45 9.57 81.56
N MET L 230 20.38 10.81 81.06
CA MET L 230 19.17 11.38 80.44
C MET L 230 19.13 11.09 78.94
N PHE L 231 20.28 11.12 78.26
CA PHE L 231 20.37 10.89 76.82
C PHE L 231 20.66 9.43 76.45
N CYS L 232 21.54 8.72 77.14
CA CYS L 232 21.48 7.26 77.15
C CYS L 232 20.42 6.83 78.18
N HIS L 233 19.83 5.65 78.03
CA HIS L 233 18.77 5.18 78.93
C HIS L 233 19.29 4.45 80.18
N VAL L 234 20.61 4.33 80.40
CA VAL L 234 21.16 3.74 81.63
C VAL L 234 20.86 4.62 82.86
N GLY L 235 20.70 4.01 84.03
CA GLY L 235 20.64 4.74 85.30
C GLY L 235 22.00 5.29 85.71
N PRO L 236 22.08 6.41 86.44
CA PRO L 236 23.33 7.13 86.69
C PRO L 236 24.39 6.32 87.45
N GLU L 237 24.02 5.32 88.24
CA GLU L 237 24.96 4.40 88.87
C GLU L 237 25.80 3.59 87.88
N GLN L 238 25.36 3.48 86.62
CA GLN L 238 25.96 2.61 85.60
C GLN L 238 26.94 3.31 84.66
N VAL L 239 27.09 4.63 84.81
CA VAL L 239 27.93 5.47 83.93
C VAL L 239 29.35 5.46 84.48
N VAL L 240 30.03 4.31 84.38
CA VAL L 240 31.33 4.11 85.02
C VAL L 240 32.38 5.07 84.46
N ASN L 241 33.29 5.58 85.30
CA ASN L 241 34.43 6.38 84.87
C ASN L 241 35.72 5.57 84.95
N VAL L 242 36.55 5.57 83.91
CA VAL L 242 37.72 4.68 83.84
C VAL L 242 39.02 5.49 83.77
N HIS L 243 39.11 6.57 84.55
CA HIS L 243 40.23 7.51 84.55
C HIS L 243 41.55 6.87 84.99
N ASP L 244 42.68 7.52 84.67
CA ASP L 244 44.02 7.03 85.00
C ASP L 244 44.27 6.93 86.52
N VAL L 245 44.97 5.87 86.92
CA VAL L 245 45.42 5.57 88.30
C VAL L 245 46.84 4.95 88.25
N ASN L 246 47.53 4.94 89.39
CA ASN L 246 48.98 4.74 89.53
C ASN L 246 49.63 3.56 88.75
N SER L 247 48.88 2.51 88.43
CA SER L 247 49.26 1.53 87.40
C SER L 247 48.01 0.81 86.89
N THR L 248 48.02 0.24 85.68
CA THR L 248 46.83 -0.43 85.11
C THR L 248 46.35 -1.63 85.90
N TYR L 249 47.14 -2.20 86.80
CA TYR L 249 46.68 -3.26 87.69
C TYR L 249 45.70 -2.75 88.76
N HIS L 250 45.57 -1.45 88.97
CA HIS L 250 44.51 -0.90 89.83
C HIS L 250 43.15 -0.85 89.15
N VAL L 251 43.06 -0.86 87.82
CA VAL L 251 41.79 -0.57 87.12
C VAL L 251 40.64 -1.49 87.53
N PRO L 252 40.81 -2.81 87.68
CA PRO L 252 39.76 -3.66 88.22
C PRO L 252 39.18 -3.15 89.54
N LEU L 253 40.01 -2.68 90.46
CA LEU L 253 39.53 -2.24 91.78
C LEU L 253 38.80 -0.88 91.74
N LEU L 254 39.03 -0.06 90.73
CA LEU L 254 38.22 1.15 90.47
C LEU L 254 36.83 0.75 90.00
N LEU L 255 36.74 -0.23 89.11
CA LEU L 255 35.48 -0.74 88.61
C LEU L 255 34.71 -1.46 89.73
N LEU L 256 35.41 -2.10 90.66
CA LEU L 256 34.80 -2.69 91.84
C LEU L 256 34.28 -1.66 92.84
N LYS L 257 34.96 -0.51 93.02
CA LYS L 257 34.41 0.61 93.78
C LYS L 257 33.20 1.24 93.09
N GLN L 258 33.13 1.16 91.77
CA GLN L 258 32.03 1.68 90.94
C GLN L 258 30.93 0.64 90.70
N HIS L 259 30.76 -0.30 91.63
CA HIS L 259 29.69 -1.31 91.70
C HIS L 259 29.61 -2.30 90.54
N MET L 260 30.61 -2.41 89.67
CA MET L 260 30.42 -3.14 88.41
C MET L 260 30.20 -4.65 88.58
N ILE L 261 30.77 -5.31 89.58
CA ILE L 261 30.36 -6.70 89.91
C ILE L 261 28.93 -6.74 90.40
N ASP L 262 28.49 -5.82 91.26
CA ASP L 262 27.12 -5.85 91.78
C ASP L 262 26.09 -5.62 90.67
N TYR L 263 26.39 -4.74 89.73
CA TYR L 263 25.58 -4.58 88.54
C TYR L 263 25.61 -5.83 87.65
N LEU L 264 26.77 -6.34 87.21
CA LEU L 264 26.82 -7.53 86.36
C LEU L 264 26.25 -8.78 87.03
N HIS L 265 26.36 -8.94 88.36
CA HIS L 265 25.70 -10.04 89.08
C HIS L 265 24.19 -9.98 88.91
N SER L 266 23.59 -8.79 88.99
CA SER L 266 22.17 -8.60 88.71
C SER L 266 21.84 -8.77 87.23
N ARG L 267 22.45 -7.97 86.35
CA ARG L 267 22.06 -7.84 84.94
C ARG L 267 22.29 -9.09 84.10
N LEU L 268 23.09 -10.06 84.55
CA LEU L 268 23.22 -11.38 83.91
C LEU L 268 22.76 -12.53 84.81
N LYS L 269 22.12 -12.24 85.94
CA LYS L 269 21.63 -13.22 86.93
C LYS L 269 22.70 -14.26 87.33
N LEU L 270 23.92 -13.81 87.64
CA LEU L 270 25.08 -14.68 87.85
C LEU L 270 24.94 -15.58 89.08
N GLY L 271 24.01 -15.28 89.99
CA GLY L 271 23.61 -16.18 91.06
C GLY L 271 22.97 -17.49 90.59
N GLU L 272 22.43 -17.55 89.37
CA GLU L 272 21.85 -18.77 88.79
C GLU L 272 22.89 -19.70 88.13
N VAL L 273 24.13 -19.26 87.92
CA VAL L 273 25.22 -20.11 87.41
C VAL L 273 25.66 -21.08 88.51
N PRO L 274 25.81 -22.39 88.26
CA PRO L 274 26.27 -23.35 89.27
C PRO L 274 27.77 -23.19 89.59
N LEU L 275 28.11 -22.96 90.85
CA LEU L 275 29.49 -22.84 91.34
C LEU L 275 29.74 -23.77 92.54
N THR L 276 30.92 -24.40 92.61
CA THR L 276 31.36 -25.14 93.82
C THR L 276 32.06 -24.20 94.81
N LEU L 277 32.27 -24.61 96.07
CA LEU L 277 33.18 -23.86 96.95
C LEU L 277 34.60 -23.81 96.40
N GLU L 278 35.07 -24.82 95.69
CA GLU L 278 36.38 -24.78 95.04
C GLU L 278 36.44 -23.70 93.95
N ASP L 279 35.34 -23.41 93.26
CA ASP L 279 35.24 -22.21 92.43
C ASP L 279 35.18 -20.93 93.29
N LYS L 280 34.21 -20.82 94.20
CA LYS L 280 33.96 -19.56 94.91
C LYS L 280 35.12 -19.13 95.78
N GLU L 281 35.67 -20.03 96.58
CA GLU L 281 36.80 -19.69 97.46
C GLU L 281 38.07 -19.39 96.65
N ARG L 282 38.29 -20.01 95.48
CA ARG L 282 39.38 -19.59 94.58
C ARG L 282 39.14 -18.17 94.07
N GLY L 283 37.89 -17.85 93.78
CA GLY L 283 37.46 -16.51 93.40
C GLY L 283 37.79 -15.47 94.46
N SER L 284 37.30 -15.63 95.68
CA SER L 284 37.54 -14.66 96.75
C SER L 284 39.00 -14.65 97.22
N GLN L 285 39.74 -15.75 97.11
CA GLN L 285 41.18 -15.74 97.36
C GLN L 285 41.91 -14.96 96.27
N LEU L 286 41.62 -15.16 94.99
CA LEU L 286 42.24 -14.38 93.91
C LEU L 286 41.98 -12.89 94.06
N LEU L 287 40.78 -12.48 94.51
CA LEU L 287 40.53 -11.08 94.87
C LEU L 287 41.54 -10.59 95.91
N THR L 288 41.78 -11.34 96.98
CA THR L 288 42.77 -10.91 97.98
C THR L 288 44.20 -10.93 97.45
N ASN L 289 44.57 -11.78 96.50
CA ASN L 289 45.87 -11.67 95.85
C ASN L 289 45.95 -10.36 95.05
N TRP L 290 44.87 -9.92 94.41
CA TRP L 290 44.86 -8.66 93.66
C TRP L 290 44.85 -7.44 94.58
N GLU L 291 44.11 -7.48 95.68
CA GLU L 291 44.19 -6.45 96.72
C GLU L 291 45.58 -6.39 97.37
N ASN L 292 46.22 -7.54 97.61
CA ASN L 292 47.57 -7.57 98.13
C ASN L 292 48.59 -7.00 97.13
N MET L 293 48.62 -7.46 95.88
CA MET L 293 49.65 -6.99 94.94
C MET L 293 49.47 -5.51 94.59
N THR L 294 48.24 -4.99 94.52
CA THR L 294 48.01 -3.54 94.38
C THR L 294 48.38 -2.74 95.62
N LYS L 295 48.11 -3.23 96.84
CA LYS L 295 48.67 -2.63 98.06
C LYS L 295 50.19 -2.66 98.07
N ASN L 296 50.84 -3.73 97.60
CA ASN L 296 52.30 -3.77 97.52
C ASN L 296 52.83 -2.73 96.51
N LEU L 297 52.16 -2.52 95.38
CA LEU L 297 52.54 -1.47 94.44
C LEU L 297 52.38 -0.06 95.05
N ASP L 298 51.35 0.16 95.88
CA ASP L 298 51.08 1.46 96.49
C ASP L 298 52.15 1.95 97.47
N ASP L 299 53.02 1.09 98.01
CA ASP L 299 54.08 1.52 98.94
C ASP L 299 55.46 0.85 98.75
N SER L 300 55.65 0.05 97.69
CA SER L 300 56.98 -0.28 97.16
C SER L 300 57.69 0.98 96.64
N ASP L 301 58.89 1.27 97.16
CA ASP L 301 59.70 2.43 96.79
C ASP L 301 61.08 2.08 96.25
N ASP L 302 61.66 0.97 96.68
CA ASP L 302 63.04 0.61 96.36
C ASP L 302 63.16 0.19 94.89
N VAL L 303 63.81 1.02 94.09
CA VAL L 303 63.86 0.89 92.65
C VAL L 303 64.76 -0.27 92.25
N VAL L 304 64.48 -0.86 91.10
CA VAL L 304 65.40 -1.74 90.37
C VAL L 304 65.41 -1.30 88.91
N LYS L 305 66.60 -1.07 88.35
CA LYS L 305 66.79 -0.58 86.97
C LYS L 305 67.17 -1.75 86.08
N ILE L 306 66.35 -2.12 85.10
CA ILE L 306 66.66 -3.21 84.16
C ILE L 306 66.94 -2.63 82.79
N ALA L 307 68.11 -2.86 82.20
CA ALA L 307 68.38 -2.42 80.84
C ALA L 307 67.77 -3.39 79.84
N LEU L 308 66.88 -2.90 78.99
CA LEU L 308 66.33 -3.64 77.89
C LEU L 308 67.11 -3.18 76.66
N VAL L 309 67.91 -4.09 76.10
CA VAL L 309 68.91 -3.78 75.09
C VAL L 309 68.48 -4.35 73.74
N GLY L 310 68.11 -3.51 72.78
CA GLY L 310 67.66 -3.98 71.45
C GLY L 310 67.38 -2.87 70.45
N LYS L 311 67.01 -3.23 69.21
CA LYS L 311 66.59 -2.28 68.16
C LYS L 311 65.17 -1.78 68.38
N TYR L 312 64.80 -0.68 67.73
CA TYR L 312 63.44 -0.13 67.70
C TYR L 312 62.82 0.20 69.07
N THR L 313 63.62 0.55 70.09
CA THR L 313 63.11 0.85 71.43
C THR L 313 62.18 2.05 71.49
N ASN L 314 62.14 2.92 70.47
CA ASN L 314 61.14 3.98 70.34
C ASN L 314 59.72 3.42 70.07
N LEU L 315 59.61 2.19 69.60
CA LEU L 315 58.37 1.45 69.37
C LEU L 315 58.15 0.45 70.52
N LYS L 316 57.86 0.95 71.73
CA LYS L 316 57.80 0.16 72.98
C LYS L 316 56.77 -0.98 72.92
N ASP L 317 55.72 -0.81 72.11
CA ASP L 317 54.71 -1.84 71.85
C ASP L 317 55.30 -3.03 71.08
N SER L 318 56.44 -2.87 70.41
CA SER L 318 57.21 -3.97 69.82
C SER L 318 57.75 -4.96 70.86
N TYR L 319 57.67 -4.60 72.12
CA TYR L 319 58.08 -5.35 73.30
C TYR L 319 57.01 -5.35 74.36
N LEU L 320 55.72 -5.22 74.07
CA LEU L 320 54.73 -5.09 75.14
C LEU L 320 54.73 -6.25 76.15
N SER L 321 54.98 -7.49 75.76
CA SER L 321 54.93 -8.69 76.58
C SER L 321 56.17 -8.76 77.46
N VAL L 322 57.30 -8.29 76.97
CA VAL L 322 58.58 -8.18 77.69
C VAL L 322 58.45 -7.20 78.86
N THR L 323 57.93 -6.01 78.57
CA THR L 323 57.65 -4.99 79.58
C THR L 323 56.71 -5.53 80.65
N LYS L 324 55.59 -6.14 80.25
CA LYS L 324 54.57 -6.59 81.19
C LYS L 324 55.08 -7.71 82.10
N SER L 325 55.89 -8.62 81.57
CA SER L 325 56.52 -9.66 82.38
C SER L 325 57.48 -9.11 83.43
N LEU L 326 58.28 -8.08 83.10
CA LEU L 326 59.08 -7.39 84.10
C LEU L 326 58.21 -6.71 85.17
N GLU L 327 57.07 -6.13 84.82
CA GLU L 327 56.15 -5.56 85.82
C GLU L 327 55.62 -6.61 86.80
N HIS L 328 55.20 -7.78 86.35
CA HIS L 328 54.83 -8.89 87.23
C HIS L 328 55.99 -9.30 88.14
N ALA L 329 57.20 -9.46 87.58
CA ALA L 329 58.37 -9.87 88.33
C ALA L 329 58.75 -8.83 89.41
N SER L 330 58.64 -7.55 89.06
CA SER L 330 58.82 -6.38 89.93
C SER L 330 57.91 -6.42 91.13
N MET L 331 56.60 -6.48 90.90
CA MET L 331 55.62 -6.46 91.98
C MET L 331 55.76 -7.67 92.90
N LYS L 332 56.22 -8.81 92.39
CA LYS L 332 56.48 -10.03 93.18
C LYS L 332 57.73 -9.90 94.07
N CYS L 333 58.77 -9.25 93.58
CA CYS L 333 59.95 -8.85 94.38
C CYS L 333 59.71 -7.67 95.34
N ARG L 334 58.60 -6.94 95.20
CA ARG L 334 58.31 -5.70 95.92
C ARG L 334 59.35 -4.59 95.71
N ARG L 335 60.05 -4.60 94.58
CA ARG L 335 60.81 -3.45 94.08
C ARG L 335 60.11 -2.76 92.92
N GLN L 336 60.01 -1.44 92.97
CA GLN L 336 59.47 -0.58 91.92
C GLN L 336 60.38 -0.61 90.70
N LEU L 337 59.84 -0.65 89.50
CA LEU L 337 60.62 -0.87 88.29
C LEU L 337 60.93 0.43 87.55
N GLU L 338 62.17 0.59 87.11
CA GLU L 338 62.53 1.44 85.99
C GLU L 338 63.15 0.57 84.91
N ILE L 339 62.70 0.66 83.65
CA ILE L 339 63.33 -0.05 82.53
C ILE L 339 64.17 0.98 81.76
N LEU L 340 65.42 0.65 81.49
CA LEU L 340 66.32 1.52 80.75
C LEU L 340 66.37 1.09 79.29
N TRP L 341 65.81 1.90 78.41
CA TRP L 341 65.77 1.67 76.98
C TRP L 341 67.14 1.93 76.36
N VAL L 342 67.86 0.87 76.02
CA VAL L 342 69.15 0.93 75.34
C VAL L 342 68.94 0.55 73.89
N GLU L 343 68.88 1.54 73.01
CA GLU L 343 68.84 1.35 71.56
C GLU L 343 70.16 0.73 71.08
N ALA L 344 70.23 -0.59 70.93
CA ALA L 344 71.48 -1.36 70.94
C ALA L 344 72.54 -0.85 69.98
N SER L 345 72.18 -0.36 68.80
CA SER L 345 73.17 0.07 67.82
C SER L 345 74.04 1.21 68.35
N ASN L 346 73.57 1.99 69.32
CA ASN L 346 74.36 3.06 69.92
C ASN L 346 75.55 2.57 70.76
N LEU L 347 75.52 1.36 71.31
CA LEU L 347 76.66 0.77 72.03
C LEU L 347 77.83 0.42 71.11
N GLU L 348 77.60 0.29 69.80
CA GLU L 348 78.65 -0.10 68.86
C GLU L 348 79.65 1.05 68.69
N PRO L 349 80.96 0.82 68.79
CA PRO L 349 81.97 1.88 68.71
C PRO L 349 81.87 2.79 67.49
N GLU L 350 81.40 2.32 66.33
CA GLU L 350 81.22 3.20 65.17
C GLU L 350 80.26 4.36 65.43
N THR L 351 79.36 4.26 66.42
CA THR L 351 78.47 5.36 66.80
C THR L 351 79.25 6.58 67.28
N GLN L 352 80.42 6.37 67.86
CA GLN L 352 81.32 7.42 68.30
C GLN L 352 81.80 8.29 67.12
N GLU L 353 81.82 7.73 65.91
CA GLU L 353 82.13 8.47 64.67
C GLU L 353 80.93 9.26 64.14
N VAL L 354 79.71 9.01 64.62
CA VAL L 354 78.46 9.59 64.12
C VAL L 354 77.84 10.59 65.11
N ASP L 355 77.65 10.17 66.35
CA ASP L 355 77.25 11.03 67.45
C ASP L 355 77.74 10.46 68.78
N LYS L 356 78.67 11.13 69.43
CA LYS L 356 79.19 10.75 70.74
C LYS L 356 78.11 10.78 71.82
N ASN L 357 77.15 11.70 71.76
CA ASN L 357 76.08 11.77 72.75
C ASN L 357 75.30 10.44 72.83
N LYS L 358 74.90 9.87 71.69
CA LYS L 358 74.29 8.53 71.63
C LYS L 358 75.19 7.45 72.23
N PHE L 359 76.49 7.47 71.91
CA PHE L 359 77.42 6.47 72.44
C PHE L 359 77.56 6.55 73.96
N HIS L 360 77.58 7.74 74.53
CA HIS L 360 77.64 7.92 75.97
C HIS L 360 76.31 7.64 76.65
N ASP L 361 75.18 8.18 76.19
CA ASP L 361 73.88 7.94 76.82
C ASP L 361 73.54 6.45 76.88
N SER L 362 73.79 5.71 75.80
CA SER L 362 73.50 4.29 75.77
C SER L 362 74.39 3.49 76.71
N TRP L 363 75.72 3.71 76.72
CA TRP L 363 76.61 3.05 77.68
C TRP L 363 76.39 3.53 79.11
N ASN L 364 75.97 4.77 79.33
CA ASN L 364 75.56 5.29 80.62
C ASN L 364 74.35 4.49 81.13
N LYS L 365 73.25 4.39 80.35
CA LYS L 365 72.08 3.61 80.73
C LYS L 365 72.43 2.15 81.02
N LEU L 366 73.22 1.51 80.16
CA LEU L 366 73.68 0.15 80.38
C LEU L 366 74.52 -0.01 81.67
N SER L 367 75.44 0.91 81.94
CA SER L 367 76.27 0.90 83.14
C SER L 367 75.48 1.16 84.42
N SER L 368 74.43 1.97 84.33
CA SER L 368 73.54 2.29 85.45
C SER L 368 72.61 1.14 85.85
N ALA L 369 72.37 0.19 84.95
CA ALA L 369 71.39 -0.86 85.18
C ALA L 369 71.79 -1.88 86.24
N ASP L 370 70.86 -2.20 87.14
CA ASP L 370 71.01 -3.24 88.14
C ASP L 370 70.87 -4.65 87.56
N GLY L 371 70.32 -4.79 86.36
CA GLY L 371 70.17 -6.04 85.62
C GLY L 371 69.98 -5.78 84.12
N ILE L 372 70.24 -6.75 83.26
CA ILE L 372 70.31 -6.58 81.80
C ILE L 372 69.48 -7.65 81.10
N LEU L 373 68.78 -7.25 80.03
CA LEU L 373 67.90 -8.10 79.27
C LEU L 373 68.13 -7.92 77.76
N VAL L 374 68.43 -9.00 77.05
CA VAL L 374 68.43 -9.03 75.58
C VAL L 374 67.11 -9.66 75.11
N PRO L 375 66.17 -8.86 74.57
CA PRO L 375 64.74 -9.14 74.64
C PRO L 375 64.16 -9.88 73.43
N GLY L 376 64.88 -10.82 72.82
CA GLY L 376 64.37 -11.54 71.65
C GLY L 376 64.04 -10.61 70.47
N GLY L 377 65.03 -9.87 70.00
CA GLY L 377 64.89 -9.00 68.84
C GLY L 377 64.53 -9.72 67.53
N PHE L 378 64.40 -8.91 66.49
CA PHE L 378 63.94 -9.28 65.16
C PHE L 378 64.80 -8.56 64.12
N GLY L 379 65.02 -9.17 62.95
CA GLY L 379 66.11 -8.76 62.05
C GLY L 379 67.48 -9.02 62.66
N THR L 380 68.51 -8.32 62.17
CA THR L 380 69.91 -8.48 62.63
C THR L 380 70.69 -7.18 62.82
N ARG L 381 70.16 -6.01 62.44
CA ARG L 381 71.01 -4.82 62.20
C ARG L 381 71.59 -4.15 63.47
N GLY L 382 71.03 -4.44 64.65
CA GLY L 382 71.58 -4.00 65.96
C GLY L 382 72.46 -5.02 66.69
N ILE L 383 72.88 -6.13 66.07
CA ILE L 383 73.42 -7.29 66.81
C ILE L 383 74.73 -7.00 67.54
N GLU L 384 75.63 -6.19 66.99
CA GLU L 384 76.89 -5.89 67.68
C GLU L 384 76.70 -5.17 69.01
N GLY L 385 75.71 -4.29 69.13
CA GLY L 385 75.39 -3.69 70.43
C GLY L 385 74.90 -4.73 71.44
N MET L 386 74.08 -5.67 71.00
CA MET L 386 73.59 -6.74 71.86
C MET L 386 74.71 -7.70 72.28
N ILE L 387 75.75 -7.87 71.46
CA ILE L 387 76.95 -8.63 71.84
C ILE L 387 77.78 -7.88 72.90
N LEU L 388 78.02 -6.58 72.73
CA LEU L 388 78.74 -5.77 73.71
C LEU L 388 78.02 -5.75 75.06
N ALA L 389 76.70 -5.60 75.10
CA ALA L 389 75.98 -5.72 76.36
C ALA L 389 76.10 -7.10 76.98
N ALA L 390 76.19 -8.18 76.19
CA ALA L 390 76.45 -9.51 76.73
C ALA L 390 77.89 -9.68 77.24
N LYS L 391 78.88 -9.00 76.65
CA LYS L 391 80.27 -8.99 77.14
C LYS L 391 80.33 -8.30 78.47
N TRP L 392 79.73 -7.11 78.53
CA TRP L 392 79.58 -6.35 79.75
C TRP L 392 78.90 -7.16 80.85
N ALA L 393 77.78 -7.81 80.56
CA ALA L 393 77.05 -8.55 81.58
C ALA L 393 77.80 -9.76 82.13
N ARG L 394 78.61 -10.44 81.30
CA ARG L 394 79.47 -11.55 81.71
C ARG L 394 80.66 -11.09 82.56
N GLU L 395 81.41 -10.10 82.10
CA GLU L 395 82.64 -9.66 82.76
C GLU L 395 82.37 -8.79 83.97
N SER L 396 81.41 -7.85 83.91
CA SER L 396 81.06 -7.00 85.04
C SER L 396 80.09 -7.66 86.02
N GLY L 397 79.82 -8.96 85.91
CA GLY L 397 78.98 -9.69 86.88
C GLY L 397 77.50 -9.28 87.00
N VAL L 398 77.01 -8.33 86.21
CA VAL L 398 75.62 -7.82 86.29
C VAL L 398 74.61 -8.91 85.91
N PRO L 399 73.45 -9.06 86.57
CA PRO L 399 72.45 -10.05 86.23
C PRO L 399 71.96 -9.94 84.78
N PHE L 400 71.79 -11.07 84.10
CA PHE L 400 71.51 -11.12 82.66
C PHE L 400 70.45 -12.14 82.28
N LEU L 401 69.51 -11.77 81.43
CA LEU L 401 68.64 -12.72 80.74
C LEU L 401 68.66 -12.49 79.24
N GLY L 402 69.01 -13.51 78.46
CA GLY L 402 68.84 -13.51 77.02
C GLY L 402 67.62 -14.29 76.60
N VAL L 403 66.64 -13.65 75.96
CA VAL L 403 65.45 -14.31 75.43
C VAL L 403 65.61 -14.52 73.94
N CYS L 404 65.37 -15.73 73.42
CA CYS L 404 65.43 -16.09 72.01
C CYS L 404 66.75 -15.63 71.34
N LEU L 405 66.77 -14.59 70.50
CA LEU L 405 67.99 -13.95 69.97
C LEU L 405 69.01 -13.65 71.08
N GLY L 406 68.55 -13.31 72.28
CA GLY L 406 69.37 -13.10 73.47
C GLY L 406 70.22 -14.30 73.86
N LEU L 407 69.67 -15.51 73.85
CA LEU L 407 70.51 -16.69 74.05
C LEU L 407 71.55 -16.79 72.93
N GLN L 408 71.17 -16.43 71.71
CA GLN L 408 72.03 -16.62 70.54
C GLN L 408 73.19 -15.62 70.50
N VAL L 409 72.97 -14.33 70.77
CA VAL L 409 74.07 -13.39 70.97
C VAL L 409 74.90 -13.75 72.18
N ALA L 410 74.35 -14.35 73.23
CA ALA L 410 75.19 -14.82 74.33
C ALA L 410 76.16 -15.92 73.88
N ALA L 411 75.74 -16.86 73.03
CA ALA L 411 76.66 -17.86 72.50
C ALA L 411 77.70 -17.25 71.57
N ILE L 412 77.31 -16.27 70.76
CA ILE L 412 78.22 -15.54 69.87
C ILE L 412 79.25 -14.73 70.67
N GLU L 413 78.81 -14.01 71.70
CA GLU L 413 79.68 -13.30 72.63
C GLU L 413 80.66 -14.27 73.28
N PHE L 414 80.18 -15.34 73.88
CA PHE L 414 81.03 -16.31 74.55
C PHE L 414 82.04 -16.94 73.57
N ALA L 415 81.65 -17.23 72.33
CA ALA L 415 82.56 -17.75 71.33
C ALA L 415 83.67 -16.73 71.00
N ARG L 416 83.32 -15.48 70.71
CA ARG L 416 84.27 -14.43 70.37
C ARG L 416 85.18 -14.02 71.53
N ASN L 417 84.69 -14.04 72.75
CA ASN L 417 85.34 -13.39 73.90
C ASN L 417 85.79 -14.34 75.02
N VAL L 418 85.44 -15.63 75.00
CA VAL L 418 85.94 -16.62 75.97
C VAL L 418 86.57 -17.82 75.28
N ILE L 419 85.94 -18.34 74.23
CA ILE L 419 86.50 -19.44 73.43
C ILE L 419 87.58 -18.94 72.47
N GLY L 420 87.52 -17.68 72.05
CA GLY L 420 88.59 -17.02 71.30
C GLY L 420 88.53 -17.21 69.78
N ARG L 421 87.33 -17.21 69.18
CA ARG L 421 87.12 -17.24 67.73
C ARG L 421 86.51 -15.91 67.24
N PRO L 422 87.29 -14.84 66.97
CA PRO L 422 86.73 -13.51 66.75
C PRO L 422 85.93 -13.36 65.44
N ASN L 423 86.13 -14.28 64.50
CA ASN L 423 85.37 -14.42 63.27
C ASN L 423 84.05 -15.20 63.43
N SER L 424 83.78 -15.82 64.59
CA SER L 424 82.52 -16.55 64.78
C SER L 424 81.30 -15.65 64.67
N SER L 425 80.21 -16.19 64.13
CA SER L 425 79.20 -15.37 63.49
C SER L 425 77.79 -15.90 63.68
N SER L 426 76.82 -14.98 63.66
CA SER L 426 75.42 -15.31 63.47
C SER L 426 75.18 -15.76 62.04
N THR L 427 74.94 -17.04 61.84
CA THR L 427 74.52 -17.65 60.57
C THR L 427 73.15 -17.12 60.11
N GLU L 428 72.37 -16.58 61.06
CA GLU L 428 71.19 -15.75 60.86
C GLU L 428 71.46 -14.46 60.07
N PHE L 429 72.72 -14.00 60.00
CA PHE L 429 73.12 -12.76 59.32
C PHE L 429 74.16 -13.04 58.22
N LEU L 430 75.34 -13.52 58.59
CA LEU L 430 76.54 -13.61 57.74
C LEU L 430 76.62 -14.94 56.96
N ASP L 431 75.57 -15.26 56.21
CA ASP L 431 75.30 -16.60 55.68
C ASP L 431 76.17 -16.99 54.49
N GLU L 432 76.09 -16.28 53.37
CA GLU L 432 76.77 -16.64 52.11
C GLU L 432 78.30 -16.43 52.13
N THR L 433 78.87 -16.06 53.27
CA THR L 433 80.31 -16.18 53.51
C THR L 433 80.75 -17.64 53.63
N LEU L 434 79.86 -18.55 54.07
CA LEU L 434 80.11 -19.99 54.23
C LEU L 434 81.26 -20.35 55.22
N LEU L 435 81.55 -19.50 56.20
CA LEU L 435 82.61 -19.72 57.19
C LEU L 435 82.37 -20.95 58.10
N ALA L 436 83.44 -21.56 58.61
CA ALA L 436 83.35 -22.71 59.53
C ALA L 436 82.89 -22.41 60.98
N PRO L 437 83.20 -21.26 61.62
CA PRO L 437 82.76 -20.96 63.00
C PRO L 437 81.33 -20.39 63.03
N GLU L 438 80.34 -21.22 62.69
CA GLU L 438 78.92 -20.88 62.70
C GLU L 438 78.31 -21.12 64.07
N ASP L 439 77.92 -20.09 64.79
CA ASP L 439 77.30 -20.25 66.11
C ASP L 439 75.84 -20.69 66.06
N GLN L 440 75.22 -20.66 64.88
CA GLN L 440 73.81 -21.00 64.67
C GLN L 440 73.63 -21.86 63.41
N VAL L 441 72.48 -22.48 63.26
CA VAL L 441 72.04 -23.04 61.98
C VAL L 441 70.52 -22.86 61.78
N VAL L 442 70.04 -22.71 60.56
CA VAL L 442 68.60 -22.87 60.25
C VAL L 442 68.18 -24.31 60.50
N ILE L 443 67.09 -24.53 61.22
CA ILE L 443 66.52 -25.88 61.43
C ILE L 443 65.04 -25.90 61.07
N THR L 444 62.11 -24.87 58.70
CA THR L 444 61.81 -23.53 58.21
C THR L 444 61.06 -22.67 59.23
N MET L 445 60.47 -23.28 60.27
CA MET L 445 59.91 -22.64 61.47
C MET L 445 59.67 -23.64 62.61
N ARG L 446 59.45 -23.15 63.82
CA ARG L 446 59.12 -23.89 65.05
C ARG L 446 58.39 -22.95 66.01
N LEU L 447 57.12 -23.23 66.28
CA LEU L 447 56.20 -22.32 66.97
C LEU L 447 55.35 -23.04 68.03
N GLY L 448 54.81 -22.27 68.97
CA GLY L 448 53.81 -22.75 69.94
C GLY L 448 54.41 -23.28 71.24
N LEU L 449 53.57 -23.83 72.12
CA LEU L 449 54.03 -24.41 73.38
C LEU L 449 54.73 -25.74 73.15
N ARG L 450 55.99 -25.86 73.59
CA ARG L 450 56.83 -27.06 73.40
C ARG L 450 57.45 -27.55 74.72
N PRO L 451 57.85 -28.83 74.83
CA PRO L 451 58.42 -29.39 76.03
C PRO L 451 59.94 -29.22 76.09
N THR L 452 60.46 -28.57 77.13
CA THR L 452 61.90 -28.44 77.42
C THR L 452 62.25 -29.37 78.59
N ILE L 453 63.22 -30.26 78.41
CA ILE L 453 63.66 -31.23 79.42
C ILE L 453 65.00 -30.76 79.99
N PHE L 454 65.19 -30.75 81.31
CA PHE L 454 66.49 -30.42 81.90
C PHE L 454 67.53 -31.56 81.72
N GLN L 455 68.76 -31.20 81.30
CA GLN L 455 69.92 -32.10 81.16
C GLN L 455 70.36 -32.62 82.55
N PRO L 456 71.00 -33.81 82.70
CA PRO L 456 70.98 -34.54 83.97
C PRO L 456 71.66 -33.87 85.16
N ASN L 457 72.82 -33.26 84.97
CA ASN L 457 73.63 -32.73 86.07
C ASN L 457 73.10 -31.40 86.67
N SER L 458 71.98 -30.90 86.16
CA SER L 458 71.52 -29.50 86.25
C SER L 458 71.16 -28.98 87.64
N GLU L 459 71.27 -29.80 88.67
CA GLU L 459 70.77 -29.53 90.03
C GLU L 459 71.18 -28.17 90.59
N TRP L 460 72.42 -27.72 90.34
CA TRP L 460 72.99 -26.48 90.86
C TRP L 460 72.47 -25.20 90.17
N SER L 461 71.79 -25.33 89.03
CA SER L 461 71.44 -24.19 88.16
C SER L 461 70.34 -23.35 88.78
N ASN L 462 70.57 -22.06 89.00
CA ASN L 462 69.57 -21.15 89.54
C ASN L 462 68.28 -21.16 88.72
N ILE L 463 68.38 -21.28 87.39
CA ILE L 463 67.20 -21.38 86.53
C ILE L 463 66.38 -22.61 86.86
N ARG L 464 67.01 -23.74 87.18
CA ARG L 464 66.29 -24.95 87.59
C ARG L 464 65.68 -24.84 88.98
N LYS L 465 66.31 -24.10 89.91
CA LYS L 465 65.69 -23.71 91.19
C LYS L 465 64.44 -22.84 90.98
N LEU L 466 64.47 -21.91 90.02
CA LEU L 466 63.34 -21.02 89.74
C LEU L 466 62.15 -21.77 89.10
N TYR L 467 62.40 -22.76 88.26
CA TYR L 467 61.37 -23.69 87.77
C TYR L 467 60.94 -24.76 88.80
N GLY L 468 61.24 -24.59 90.09
CA GLY L 468 60.82 -25.52 91.15
C GLY L 468 61.52 -26.88 91.12
N GLU L 469 62.64 -26.99 90.40
CA GLU L 469 63.40 -28.22 90.13
C GLU L 469 62.67 -29.33 89.36
N VAL L 470 61.44 -29.07 88.88
CA VAL L 470 60.64 -29.95 88.02
C VAL L 470 61.41 -30.34 86.74
N ASN L 471 61.37 -31.60 86.30
CA ASN L 471 62.25 -32.09 85.23
C ASN L 471 61.94 -31.57 83.82
N GLU L 472 60.71 -31.14 83.58
CA GLU L 472 60.25 -30.61 82.28
C GLU L 472 59.49 -29.29 82.44
N VAL L 473 59.70 -28.39 81.49
CA VAL L 473 59.17 -27.03 81.43
C VAL L 473 58.38 -26.87 80.14
N HIS L 474 57.14 -26.36 80.21
CA HIS L 474 56.30 -26.12 79.04
C HIS L 474 56.14 -24.61 78.80
N GLU L 475 56.69 -24.11 77.71
CA GLU L 475 56.82 -22.68 77.40
C GLU L 475 56.70 -22.44 75.89
N ARG L 476 56.44 -21.21 75.44
CA ARG L 476 56.10 -20.92 74.04
C ARG L 476 57.32 -20.50 73.22
N HIS L 477 57.46 -21.03 72.00
CA HIS L 477 58.65 -20.87 71.16
C HIS L 477 58.38 -20.06 69.90
N ARG L 478 59.42 -19.39 69.40
CA ARG L 478 59.59 -18.93 68.03
C ARG L 478 61.09 -18.92 67.72
N HIS L 479 61.54 -19.69 66.74
CA HIS L 479 62.89 -19.53 66.17
C HIS L 479 63.10 -20.28 64.86
N ARG L 480 63.56 -19.62 63.81
CA ARG L 480 64.08 -20.35 62.62
C ARG L 480 65.47 -20.93 62.87
N TYR L 481 66.35 -20.11 63.45
CA TYR L 481 67.77 -20.37 63.68
C TYR L 481 67.97 -20.82 65.13
N GLU L 482 68.78 -21.84 65.36
CA GLU L 482 69.09 -22.34 66.71
C GLU L 482 70.60 -22.52 66.87
N ILE L 483 71.11 -22.62 68.10
CA ILE L 483 72.55 -22.80 68.31
C ILE L 483 73.06 -24.01 67.55
N ASN L 484 74.17 -23.87 66.82
CA ASN L 484 74.84 -24.97 66.16
C ASN L 484 75.25 -26.02 67.20
N PRO L 485 74.65 -27.22 67.22
CA PRO L 485 74.88 -28.16 68.31
C PRO L 485 76.29 -28.73 68.31
N LYS L 486 77.12 -28.51 67.27
CA LYS L 486 78.51 -28.96 67.23
C LYS L 486 79.51 -28.08 67.99
N ILE L 487 79.08 -26.94 68.55
CA ILE L 487 79.87 -26.12 69.49
C ILE L 487 79.60 -26.49 70.98
N VAL L 488 78.47 -27.10 71.29
CA VAL L 488 77.98 -27.35 72.65
C VAL L 488 78.99 -28.11 73.51
N ASN L 489 79.70 -29.12 72.99
CA ASN L 489 80.68 -29.85 73.78
C ASN L 489 81.87 -28.99 74.23
N ASP L 490 82.17 -27.90 73.52
CA ASP L 490 83.17 -26.92 73.90
C ASP L 490 82.62 -26.01 75.02
N MET L 491 81.45 -25.41 74.81
CA MET L 491 80.80 -24.58 75.82
C MET L 491 80.52 -25.34 77.13
N GLU L 492 80.04 -26.57 77.05
CA GLU L 492 79.88 -27.46 78.19
C GLU L 492 81.21 -27.68 78.94
N SER L 493 82.36 -27.63 78.26
CA SER L 493 83.65 -27.76 78.95
C SER L 493 84.12 -26.45 79.60
N ARG L 494 83.76 -25.29 79.01
CA ARG L 494 84.19 -23.96 79.45
C ARG L 494 83.28 -23.30 80.51
N GLY L 495 82.30 -24.03 81.04
CA GLY L 495 81.40 -23.55 82.11
C GLY L 495 80.09 -22.92 81.61
N PHE L 496 79.85 -22.85 80.30
CA PHE L 496 78.57 -22.45 79.68
C PHE L 496 77.73 -23.73 79.46
N ILE L 497 76.93 -24.09 80.46
CA ILE L 497 76.32 -25.41 80.56
C ILE L 497 74.87 -25.34 80.11
N PHE L 498 74.48 -26.18 79.17
CA PHE L 498 73.13 -26.18 78.61
C PHE L 498 72.15 -26.92 79.52
N VAL L 499 71.63 -26.19 80.50
CA VAL L 499 70.70 -26.70 81.52
C VAL L 499 69.51 -27.44 80.93
N GLY L 500 69.00 -27.04 79.75
CA GLY L 500 67.77 -27.60 79.17
C GLY L 500 67.82 -27.75 77.65
N LYS L 501 67.17 -28.80 77.15
CA LYS L 501 67.19 -29.23 75.76
C LYS L 501 65.82 -29.75 75.31
N ASP L 502 65.62 -29.79 74.00
CA ASP L 502 64.47 -30.48 73.39
C ASP L 502 64.48 -31.98 73.69
N GLU L 503 63.31 -32.63 73.71
CA GLU L 503 63.15 -34.06 73.97
C GLU L 503 63.99 -35.01 73.09
N THR L 504 64.43 -34.61 71.89
CA THR L 504 65.37 -35.41 71.06
C THR L 504 66.83 -35.30 71.52
N GLY L 505 67.16 -34.34 72.40
CA GLY L 505 68.50 -33.98 72.86
C GLY L 505 69.30 -33.09 71.91
N GLN L 506 68.89 -32.99 70.64
CA GLN L 506 69.70 -32.40 69.57
C GLN L 506 69.64 -30.87 69.52
N ARG L 507 68.68 -30.25 70.21
CA ARG L 507 68.40 -28.81 70.18
C ARG L 507 68.55 -28.21 71.58
N CYS L 508 69.21 -27.08 71.69
CA CYS L 508 69.56 -26.45 72.96
C CYS L 508 68.66 -25.25 73.28
N GLU L 509 68.10 -25.24 74.48
CA GLU L 509 66.94 -24.39 74.79
C GLU L 509 67.13 -23.51 76.02
N ILE L 510 67.96 -23.91 76.99
CA ILE L 510 68.36 -23.08 78.12
C ILE L 510 69.86 -23.25 78.36
N PHE L 511 70.57 -22.19 78.71
CA PHE L 511 71.88 -22.30 79.35
C PHE L 511 71.95 -21.42 80.60
N GLU L 512 72.82 -21.78 81.53
CA GLU L 512 73.24 -20.94 82.65
C GLU L 512 74.76 -21.00 82.73
N LEU L 513 75.41 -19.84 82.88
CA LEU L 513 76.86 -19.77 83.01
C LEU L 513 77.28 -20.06 84.47
N LYS L 514 78.17 -21.02 84.67
CA LYS L 514 78.73 -21.35 86.00
C LYS L 514 79.47 -20.15 86.60
N GLY L 515 79.35 -19.94 87.89
CA GLY L 515 80.16 -18.95 88.62
C GLY L 515 79.81 -17.47 88.33
N HIS L 516 78.56 -17.16 88.03
CA HIS L 516 78.03 -15.80 87.93
C HIS L 516 76.73 -15.68 88.74
N PRO L 517 76.42 -14.55 89.40
CA PRO L 517 75.21 -14.40 90.23
C PRO L 517 73.90 -14.78 89.57
N TYR L 518 73.68 -14.44 88.30
CA TYR L 518 72.54 -14.86 87.49
C TYR L 518 72.77 -14.49 86.01
N TYR L 519 73.11 -15.46 85.16
CA TYR L 519 73.36 -15.22 83.74
C TYR L 519 72.78 -16.37 82.94
N VAL L 520 71.66 -16.11 82.27
CA VAL L 520 70.77 -17.14 81.69
C VAL L 520 70.49 -16.84 80.22
N GLY L 521 70.53 -17.82 79.32
CA GLY L 521 69.83 -17.73 78.05
C GLY L 521 68.64 -18.68 78.00
N THR L 522 67.49 -18.23 77.49
CA THR L 522 66.32 -19.08 77.17
C THR L 522 65.96 -18.88 75.71
N GLN L 523 65.94 -19.93 74.89
CA GLN L 523 65.66 -19.79 73.45
C GLN L 523 64.16 -19.82 73.12
N TYR L 524 63.35 -20.38 73.99
CA TYR L 524 61.93 -20.05 74.01
C TYR L 524 61.73 -18.60 74.51
N HIS L 525 60.51 -18.10 74.38
CA HIS L 525 60.09 -16.80 74.84
C HIS L 525 59.43 -16.93 76.21
N PRO L 526 60.07 -16.55 77.32
CA PRO L 526 59.40 -16.65 78.60
C PRO L 526 58.37 -15.56 78.83
N GLU L 527 58.27 -14.53 78.00
CA GLU L 527 57.38 -13.41 78.25
C GLU L 527 55.92 -13.84 78.29
N TYR L 528 55.48 -14.61 77.30
CA TYR L 528 54.07 -14.78 76.97
C TYR L 528 53.27 -15.56 78.01
N THR L 529 53.93 -16.44 78.76
CA THR L 529 53.33 -17.31 79.78
C THR L 529 53.20 -16.67 81.15
N SER L 530 53.80 -15.51 81.39
CA SER L 530 53.65 -14.78 82.65
C SER L 530 52.20 -14.37 82.89
N LYS L 531 51.69 -14.56 84.11
CA LYS L 531 50.37 -14.06 84.55
C LYS L 531 50.58 -13.04 85.67
N VAL L 532 49.64 -12.13 85.89
CA VAL L 532 49.76 -11.05 86.90
C VAL L 532 49.97 -11.55 88.34
N LEU L 533 49.69 -12.82 88.63
CA LEU L 533 49.91 -13.45 89.92
C LEU L 533 50.89 -14.64 89.85
N GLU L 534 51.59 -14.81 88.72
CA GLU L 534 52.51 -15.92 88.45
C GLU L 534 53.53 -15.43 87.41
N PRO L 535 54.53 -14.65 87.81
CA PRO L 535 55.51 -14.08 86.90
C PRO L 535 56.39 -15.16 86.31
N SER L 536 56.82 -14.98 85.07
CA SER L 536 57.54 -16.02 84.33
C SER L 536 58.88 -16.30 84.99
N ARG L 537 59.20 -17.56 85.29
CA ARG L 537 60.33 -17.87 86.19
C ARG L 537 61.68 -17.25 85.80
N PRO L 538 62.10 -17.17 84.52
CA PRO L 538 63.36 -16.52 84.18
C PRO L 538 63.32 -15.01 84.45
N PHE L 539 62.18 -14.37 84.24
CA PHE L 539 61.99 -12.93 84.50
C PHE L 539 61.86 -12.63 86.00
N TRP L 540 61.26 -13.53 86.78
CA TRP L 540 61.29 -13.44 88.23
C TRP L 540 62.72 -13.61 88.73
N GLY L 541 63.50 -14.50 88.14
CA GLY L 541 64.93 -14.63 88.40
C GLY L 541 65.71 -13.33 88.14
N LEU L 542 65.55 -12.71 86.98
CA LEU L 542 66.24 -11.46 86.65
C LEU L 542 65.91 -10.34 87.63
N VAL L 543 64.64 -10.03 87.84
CA VAL L 543 64.25 -8.92 88.71
C VAL L 543 64.55 -9.23 90.17
N ALA L 544 64.60 -10.49 90.57
CA ALA L 544 65.10 -10.85 91.90
C ALA L 544 66.60 -10.62 92.01
N ALA L 545 67.44 -11.17 91.10
CA ALA L 545 68.89 -10.96 91.15
C ALA L 545 69.27 -9.49 91.17
N ALA L 546 68.64 -8.68 90.31
CA ALA L 546 68.84 -7.25 90.28
C ALA L 546 68.38 -6.51 91.55
N SER L 547 67.34 -7.00 92.24
CA SER L 547 66.90 -6.45 93.53
C SER L 547 67.77 -6.87 94.71
N GLY L 548 68.65 -7.84 94.52
CA GLY L 548 69.13 -8.70 95.62
C GLY L 548 68.03 -9.63 96.13
N THR L 549 68.38 -10.52 97.04
CA THR L 549 67.46 -11.51 97.63
C THR L 549 66.94 -12.56 96.62
N LEU L 550 67.78 -12.94 95.63
CA LEU L 550 67.51 -14.09 94.75
C LEU L 550 67.31 -15.40 95.53
N GLY L 551 68.08 -15.60 96.58
CA GLY L 551 67.89 -16.73 97.50
C GLY L 551 66.52 -16.73 98.18
N GLU L 552 66.04 -15.60 98.68
CA GLU L 552 64.73 -15.50 99.35
C GLU L 552 63.55 -15.76 98.40
N VAL L 553 63.67 -15.37 97.12
CA VAL L 553 62.71 -15.76 96.07
C VAL L 553 62.75 -17.27 95.85
N ILE L 554 63.93 -17.89 95.80
CA ILE L 554 64.03 -19.34 95.66
C ILE L 554 63.35 -20.09 96.82
N LYS L 555 63.30 -19.56 98.06
CA LYS L 555 62.44 -20.13 99.11
C LYS L 555 60.95 -19.89 98.84
N ASP L 556 60.55 -18.70 98.44
CA ASP L 556 59.13 -18.41 98.19
C ASP L 556 58.54 -19.35 97.11
N ILE L 557 59.34 -19.71 96.11
CA ILE L 557 58.96 -20.71 95.10
C ILE L 557 58.87 -22.11 95.70
N ASN L 558 59.94 -22.60 96.34
CA ASN L 558 60.06 -24.02 96.66
C ASN L 558 59.32 -24.45 97.94
N LEU L 559 58.96 -23.52 98.83
CA LEU L 559 58.08 -23.81 99.98
C LEU L 559 56.64 -24.07 99.53
N MET M 1 -47.25 8.02 -46.44
CA MET M 1 -46.88 7.61 -47.80
C MET M 1 -46.44 6.14 -47.83
N LYS M 2 -46.71 5.43 -48.92
CA LYS M 2 -46.27 4.05 -49.18
C LYS M 2 -45.76 3.95 -50.61
N TYR M 3 -44.83 3.05 -50.92
CA TYR M 3 -44.35 2.80 -52.28
C TYR M 3 -44.41 1.31 -52.60
N VAL M 4 -44.79 0.98 -53.81
CA VAL M 4 -44.58 -0.36 -54.39
C VAL M 4 -43.77 -0.19 -55.66
N VAL M 5 -42.59 -0.77 -55.74
CA VAL M 5 -41.75 -0.64 -56.93
C VAL M 5 -41.91 -1.91 -57.74
N VAL M 6 -42.26 -1.81 -59.03
CA VAL M 6 -42.40 -2.93 -59.96
C VAL M 6 -41.19 -2.92 -60.90
N SER M 7 -40.50 -4.03 -61.01
CA SER M 7 -39.07 -4.06 -61.32
C SER M 7 -38.64 -5.40 -61.89
N GLY M 8 -37.39 -5.50 -62.32
CA GLY M 8 -36.73 -6.79 -62.44
C GLY M 8 -36.43 -7.21 -63.86
N GLY M 9 -36.78 -8.44 -64.19
CA GLY M 9 -36.66 -9.01 -65.52
C GLY M 9 -35.28 -9.56 -65.81
N VAL M 10 -35.24 -10.79 -66.32
CA VAL M 10 -34.11 -11.33 -67.10
C VAL M 10 -34.00 -10.65 -68.46
N ILE M 11 -35.13 -10.28 -69.07
CA ILE M 11 -35.24 -9.62 -70.37
C ILE M 11 -36.15 -8.38 -70.26
N SER M 12 -35.88 -7.34 -71.04
CA SER M 12 -36.59 -6.06 -70.97
C SER M 12 -37.96 -6.07 -71.67
N GLY M 13 -38.23 -6.97 -72.61
CA GLY M 13 -39.53 -7.11 -73.29
C GLY M 13 -40.61 -7.87 -72.50
N ILE M 14 -40.37 -8.15 -71.22
CA ILE M 14 -41.16 -9.10 -70.41
C ILE M 14 -42.57 -8.65 -70.02
N GLY M 15 -42.90 -7.38 -70.17
CA GLY M 15 -44.25 -6.85 -69.85
C GLY M 15 -44.46 -6.60 -68.36
N LYS M 16 -43.71 -5.66 -67.80
CA LYS M 16 -43.91 -5.12 -66.45
C LYS M 16 -45.07 -4.14 -66.38
N GLY M 17 -45.37 -3.44 -67.46
CA GLY M 17 -46.33 -2.33 -67.49
C GLY M 17 -47.74 -2.71 -67.14
N VAL M 18 -48.19 -3.94 -67.46
CA VAL M 18 -49.48 -4.45 -66.99
C VAL M 18 -49.41 -4.71 -65.50
N LEU M 19 -48.39 -5.38 -64.97
CA LEU M 19 -48.32 -5.64 -63.54
C LEU M 19 -48.27 -4.34 -62.71
N ALA M 20 -47.60 -3.29 -63.19
CA ALA M 20 -47.69 -1.97 -62.58
C ALA M 20 -49.12 -1.40 -62.66
N SER M 21 -49.67 -1.24 -63.86
CA SER M 21 -50.99 -0.64 -64.10
C SER M 21 -52.16 -1.42 -63.48
N SER M 22 -51.92 -2.65 -63.06
CA SER M 22 -52.82 -3.65 -62.52
C SER M 22 -52.58 -3.89 -61.03
N THR M 23 -51.41 -3.55 -60.48
CA THR M 23 -51.20 -3.59 -59.03
C THR M 23 -51.81 -2.35 -58.45
N GLY M 24 -51.66 -1.22 -59.13
CA GLY M 24 -52.20 0.02 -58.70
C GLY M 24 -53.67 0.09 -58.75
N MET M 25 -54.25 -0.67 -59.67
CA MET M 25 -55.70 -0.80 -59.80
C MET M 25 -56.24 -1.61 -58.63
N LEU M 26 -55.61 -2.74 -58.30
CA LEU M 26 -56.01 -3.50 -57.13
C LEU M 26 -55.93 -2.67 -55.86
N LEU M 27 -54.87 -1.90 -55.65
CA LEU M 27 -54.82 -1.02 -54.47
C LEU M 27 -55.90 0.06 -54.51
N LYS M 28 -56.33 0.56 -55.66
CA LYS M 28 -57.42 1.53 -55.74
C LYS M 28 -58.77 0.95 -55.34
N THR M 29 -58.95 -0.37 -55.43
CA THR M 29 -60.13 -1.04 -54.89
C THR M 29 -60.22 -1.06 -53.36
N LEU M 30 -59.10 -0.88 -52.63
CA LEU M 30 -59.15 -0.58 -51.18
C LEU M 30 -59.61 0.86 -50.90
N GLY M 31 -59.75 1.70 -51.92
CA GLY M 31 -60.16 3.09 -51.80
C GLY M 31 -59.01 4.07 -51.64
N LEU M 32 -57.77 3.57 -51.58
CA LEU M 32 -56.55 4.40 -51.47
C LEU M 32 -56.39 5.36 -52.65
N LYS M 33 -55.94 6.59 -52.40
CA LYS M 33 -55.65 7.56 -53.48
C LYS M 33 -54.33 7.21 -54.17
N VAL M 34 -54.34 6.23 -55.05
CA VAL M 34 -53.10 5.70 -55.65
C VAL M 34 -52.53 6.65 -56.72
N THR M 35 -51.20 6.72 -56.83
CA THR M 35 -50.48 7.40 -57.92
C THR M 35 -49.42 6.48 -58.50
N SER M 36 -48.74 6.87 -59.56
CA SER M 36 -47.73 6.07 -60.21
C SER M 36 -46.62 6.91 -60.84
N ILE M 37 -45.42 6.35 -60.91
CA ILE M 37 -44.22 6.98 -61.48
C ILE M 37 -43.64 5.98 -62.48
N LYS M 38 -43.25 6.44 -63.66
CA LYS M 38 -42.51 5.62 -64.64
C LYS M 38 -41.07 6.04 -64.54
N ILE M 39 -40.13 5.09 -64.48
CA ILE M 39 -38.72 5.35 -64.71
C ILE M 39 -38.42 4.78 -66.10
N ASP M 40 -37.83 5.59 -66.98
CA ASP M 40 -37.34 5.17 -68.28
C ASP M 40 -35.83 5.42 -68.39
N PRO M 41 -35.02 4.37 -68.49
CA PRO M 41 -33.58 4.48 -68.61
C PRO M 41 -33.03 5.17 -69.87
N TYR M 42 -33.85 5.47 -70.87
CA TYR M 42 -33.38 6.19 -72.06
C TYR M 42 -32.95 7.62 -71.76
N MET M 43 -32.10 8.17 -72.63
CA MET M 43 -31.59 9.53 -72.46
C MET M 43 -32.55 10.62 -72.93
N ASN M 44 -33.68 10.31 -73.55
CA ASN M 44 -34.56 11.40 -73.97
C ASN M 44 -35.11 12.18 -72.79
N ILE M 45 -35.05 13.51 -72.89
CA ILE M 45 -35.71 14.39 -71.92
C ILE M 45 -37.19 14.08 -71.85
N ASP M 46 -37.84 14.12 -73.01
CA ASP M 46 -39.24 13.77 -73.16
C ASP M 46 -39.49 13.33 -74.61
N ALA M 47 -40.56 12.55 -74.80
CA ALA M 47 -40.77 11.76 -76.01
C ALA M 47 -41.01 12.57 -77.29
N GLY M 48 -41.23 13.88 -77.20
CA GLY M 48 -41.54 14.74 -78.36
C GLY M 48 -40.53 14.69 -79.51
N THR M 49 -39.27 14.35 -79.24
CA THR M 49 -38.22 14.23 -80.26
C THR M 49 -38.26 12.91 -81.03
N MET M 50 -38.87 11.85 -80.50
CA MET M 50 -38.77 10.50 -81.09
C MET M 50 -40.07 10.11 -81.81
N SER M 51 -39.95 9.83 -83.11
CA SER M 51 -41.07 9.59 -84.03
C SER M 51 -41.86 8.33 -83.66
N PRO M 52 -43.18 8.30 -83.94
CA PRO M 52 -44.05 7.16 -83.65
C PRO M 52 -43.63 5.81 -84.26
N LEU M 53 -42.77 5.78 -85.27
CA LEU M 53 -42.13 4.54 -85.74
C LEU M 53 -41.25 3.91 -84.66
N GLU M 54 -40.55 4.73 -83.87
CA GLU M 54 -39.51 4.31 -82.93
C GLU M 54 -40.11 4.04 -81.55
N HIS M 55 -40.57 2.80 -81.32
CA HIS M 55 -41.21 2.37 -80.07
C HIS M 55 -42.52 3.09 -79.70
N GLY M 56 -43.40 3.30 -80.68
CA GLY M 56 -44.81 3.65 -80.48
C GLY M 56 -45.14 5.14 -80.34
N GLU M 57 -46.44 5.43 -80.18
CA GLU M 57 -47.06 6.77 -80.29
C GLU M 57 -46.48 7.85 -79.38
N CYS M 58 -46.68 9.11 -79.74
CA CYS M 58 -46.25 10.27 -78.97
C CYS M 58 -47.38 10.75 -78.05
N PHE M 59 -47.41 10.31 -76.79
CA PHE M 59 -48.49 10.63 -75.82
C PHE M 59 -48.61 12.13 -75.54
N VAL M 60 -49.70 12.59 -74.90
CA VAL M 60 -49.87 13.98 -74.45
C VAL M 60 -50.51 14.03 -73.06
N LEU M 61 -49.95 14.85 -72.15
CA LEU M 61 -50.44 15.11 -70.79
C LEU M 61 -51.15 16.46 -70.69
N ASP M 62 -51.80 16.76 -69.55
CA ASP M 62 -52.46 18.05 -69.33
C ASP M 62 -51.49 19.24 -69.49
N ASP M 63 -50.23 19.06 -69.09
CA ASP M 63 -49.14 20.04 -69.22
C ASP M 63 -48.74 20.36 -70.67
N GLY M 64 -49.13 19.51 -71.62
CA GLY M 64 -48.54 19.47 -72.96
C GLY M 64 -47.30 18.60 -73.06
N GLY M 65 -46.90 17.91 -71.99
CA GLY M 65 -45.72 17.07 -71.93
C GLY M 65 -45.83 15.82 -72.80
N GLU M 66 -45.15 15.82 -73.93
CA GLU M 66 -45.10 14.69 -74.86
C GLU M 66 -44.26 13.56 -74.26
N THR M 67 -44.85 12.41 -73.93
CA THR M 67 -44.31 11.49 -72.92
C THR M 67 -44.36 10.00 -73.26
N ASP M 68 -43.69 9.19 -72.46
CA ASP M 68 -43.68 7.75 -72.63
C ASP M 68 -45.09 7.14 -72.59
N LEU M 69 -45.34 6.18 -73.47
CA LEU M 69 -46.57 5.41 -73.54
C LEU M 69 -47.06 4.95 -72.17
N ASP M 70 -46.15 4.50 -71.32
CA ASP M 70 -46.53 3.82 -70.10
C ASP M 70 -47.22 4.73 -69.09
N LEU M 71 -47.09 6.06 -69.20
CA LEU M 71 -47.95 6.96 -68.42
C LEU M 71 -49.42 6.72 -68.76
N GLY M 72 -49.73 6.57 -70.04
CA GLY M 72 -51.07 6.39 -70.51
C GLY M 72 -51.73 5.16 -69.89
N ASN M 73 -51.03 4.03 -69.82
CA ASN M 73 -51.59 2.82 -69.24
C ASN M 73 -52.01 3.03 -67.78
N TYR M 74 -51.24 3.76 -66.97
CA TYR M 74 -51.68 4.06 -65.60
C TYR M 74 -52.85 5.03 -65.61
N GLU M 75 -52.83 6.08 -66.43
CA GLU M 75 -53.94 7.04 -66.47
C GLU M 75 -55.27 6.34 -66.72
N ARG M 76 -55.34 5.49 -67.76
CA ARG M 76 -56.57 4.80 -68.11
C ARG M 76 -56.97 3.68 -67.15
N TYR M 77 -56.04 2.95 -66.55
CA TYR M 77 -56.40 1.95 -65.54
C TYR M 77 -56.80 2.57 -64.21
N LEU M 78 -56.14 3.65 -63.79
CA LEU M 78 -56.26 4.19 -62.43
C LEU M 78 -57.17 5.42 -62.35
N GLY M 79 -57.63 5.96 -63.48
CA GLY M 79 -58.48 7.15 -63.56
C GLY M 79 -57.74 8.46 -63.28
N ILE M 80 -56.44 8.39 -63.00
CA ILE M 80 -55.62 9.50 -62.56
C ILE M 80 -55.22 10.43 -63.71
N THR M 81 -54.91 11.67 -63.40
CA THR M 81 -54.22 12.59 -64.31
C THR M 81 -52.77 12.72 -63.89
N LEU M 82 -51.82 12.51 -64.80
CA LEU M 82 -50.39 12.64 -64.54
C LEU M 82 -49.82 13.96 -65.06
N SER M 83 -48.57 14.26 -64.69
CA SER M 83 -47.82 15.44 -65.11
C SER M 83 -46.46 15.01 -65.63
N ARG M 84 -45.78 15.83 -66.45
CA ARG M 84 -44.55 15.42 -67.11
C ARG M 84 -43.41 15.08 -66.15
N ASP M 85 -43.49 15.49 -64.91
CA ASP M 85 -42.57 15.05 -63.84
C ASP M 85 -42.72 13.58 -63.47
N HIS M 86 -43.87 12.92 -63.71
CA HIS M 86 -44.08 11.52 -63.34
C HIS M 86 -43.27 10.54 -64.21
N ASN M 87 -42.67 11.02 -65.29
CA ASN M 87 -41.79 10.27 -66.15
C ASN M 87 -40.32 10.60 -65.76
N ILE M 88 -39.75 9.88 -64.82
CA ILE M 88 -38.32 9.99 -64.52
C ILE M 88 -37.56 9.41 -65.73
N THR M 89 -36.51 10.09 -66.21
CA THR M 89 -35.63 9.49 -67.22
C THR M 89 -34.16 9.74 -66.94
N THR M 90 -33.29 8.92 -67.50
CA THR M 90 -31.86 9.17 -67.43
C THR M 90 -31.52 10.52 -68.06
N GLY M 91 -32.18 10.86 -69.17
CA GLY M 91 -32.10 12.20 -69.74
C GLY M 91 -32.45 13.33 -68.78
N LYS M 92 -33.60 13.22 -68.14
CA LYS M 92 -34.09 14.27 -67.24
C LYS M 92 -33.17 14.42 -66.04
N ILE M 93 -32.91 13.36 -65.29
CA ILE M 93 -32.23 13.53 -63.99
C ILE M 93 -30.76 13.94 -64.19
N TYR M 94 -30.11 13.46 -65.23
CA TYR M 94 -28.75 13.89 -65.55
C TYR M 94 -28.75 15.32 -66.10
N SER M 95 -29.70 15.72 -66.95
CA SER M 95 -29.85 17.10 -67.39
C SER M 95 -30.14 18.05 -66.21
N HIS M 96 -30.93 17.60 -65.24
CA HIS M 96 -31.27 18.32 -64.02
C HIS M 96 -30.03 18.54 -63.17
N VAL M 97 -29.37 17.49 -62.67
CA VAL M 97 -28.22 17.71 -61.79
C VAL M 97 -27.04 18.37 -62.51
N ILE M 98 -26.76 18.08 -63.78
CA ILE M 98 -25.72 18.79 -64.53
C ILE M 98 -26.11 20.24 -64.77
N SER M 99 -27.37 20.60 -64.99
CA SER M 99 -27.76 22.03 -65.06
C SER M 99 -27.62 22.69 -63.69
N ARG M 100 -27.94 21.95 -62.62
CA ARG M 100 -27.79 22.41 -61.24
C ARG M 100 -26.31 22.68 -60.89
N GLU M 101 -25.35 21.96 -61.46
CA GLU M 101 -23.94 22.28 -61.29
C GLU M 101 -23.55 23.66 -61.80
N ARG M 102 -23.94 24.02 -63.02
CA ARG M 102 -23.63 25.36 -63.55
C ARG M 102 -24.35 26.46 -62.76
N ARG M 103 -25.47 26.14 -62.11
CA ARG M 103 -26.16 27.02 -61.13
C ARG M 103 -25.43 27.10 -59.78
N GLY M 104 -24.65 26.09 -59.42
CA GLY M 104 -23.72 26.09 -58.28
C GLY M 104 -24.21 25.45 -56.99
N ASP M 105 -25.40 24.84 -56.97
CA ASP M 105 -26.08 24.50 -55.71
C ASP M 105 -25.41 23.45 -54.82
N TYR M 106 -24.43 22.69 -55.33
CA TYR M 106 -23.62 21.79 -54.51
C TYR M 106 -22.43 22.50 -53.84
N LEU M 107 -22.43 23.84 -53.80
CA LEU M 107 -21.46 24.70 -53.10
C LEU M 107 -20.01 24.46 -53.56
N GLY M 108 -19.85 24.10 -54.84
CA GLY M 108 -18.55 23.78 -55.36
C GLY M 108 -17.92 22.51 -54.79
N LYS M 109 -18.72 21.54 -54.35
CA LYS M 109 -18.21 20.18 -54.07
C LYS M 109 -18.00 19.36 -55.38
N THR M 110 -17.53 18.12 -55.27
CA THR M 110 -17.59 17.18 -56.42
C THR M 110 -19.06 16.80 -56.51
N VAL M 111 -19.63 16.52 -57.67
CA VAL M 111 -21.03 16.01 -57.76
C VAL M 111 -20.94 14.55 -58.17
N GLN M 112 -20.32 13.72 -57.35
CA GLN M 112 -20.21 12.26 -57.63
C GLN M 112 -21.63 11.76 -57.95
N ILE M 113 -21.81 10.72 -58.77
CA ILE M 113 -23.17 10.15 -59.08
C ILE M 113 -23.66 9.35 -57.86
N VAL M 114 -22.79 8.75 -57.04
CA VAL M 114 -23.24 8.13 -55.76
C VAL M 114 -23.59 9.31 -54.89
N PRO M 115 -23.91 9.23 -53.58
CA PRO M 115 -24.40 10.37 -52.86
C PRO M 115 -25.22 11.41 -53.63
N HIS M 116 -24.65 12.29 -54.43
CA HIS M 116 -25.48 13.43 -54.82
C HIS M 116 -26.55 13.14 -55.88
N LEU M 117 -26.25 12.53 -57.03
CA LEU M 117 -27.30 12.25 -58.02
C LEU M 117 -28.32 11.22 -57.50
N THR M 118 -27.90 10.13 -56.86
CA THR M 118 -28.89 9.23 -56.25
C THR M 118 -29.72 9.91 -55.18
N ASN M 119 -29.21 10.96 -54.52
CA ASN M 119 -30.02 11.79 -53.64
C ASN M 119 -31.04 12.62 -54.44
N ALA M 120 -30.70 13.15 -55.63
CA ALA M 120 -31.67 13.85 -56.47
C ALA M 120 -32.82 12.92 -56.92
N ILE M 121 -32.54 11.65 -57.27
CA ILE M 121 -33.59 10.66 -57.56
C ILE M 121 -34.50 10.51 -56.34
N GLN M 122 -33.93 10.27 -55.16
CA GLN M 122 -34.72 10.03 -53.98
C GLN M 122 -35.53 11.26 -53.57
N ASP M 123 -35.05 12.45 -53.90
CA ASP M 123 -35.79 13.70 -53.74
C ASP M 123 -36.90 13.80 -54.78
N TRP M 124 -36.62 13.55 -56.06
CA TRP M 124 -37.61 13.60 -57.13
C TRP M 124 -38.79 12.66 -56.88
N ILE M 125 -38.55 11.39 -56.54
CA ILE M 125 -39.64 10.46 -56.19
C ILE M 125 -40.46 10.96 -55.01
N GLN M 126 -39.85 11.59 -54.01
CA GLN M 126 -40.58 12.15 -52.86
C GLN M 126 -41.29 13.44 -53.18
N ARG M 127 -40.84 14.24 -54.15
CA ARG M 127 -41.61 15.39 -54.62
C ARG M 127 -42.85 14.91 -55.35
N VAL M 128 -42.63 14.12 -56.40
CA VAL M 128 -43.61 13.66 -57.37
C VAL M 128 -44.71 12.87 -56.75
N SER M 129 -44.46 11.93 -55.88
CA SER M 129 -45.52 11.16 -55.21
C SER M 129 -46.43 12.01 -54.30
N LYS M 130 -46.08 13.28 -53.96
CA LYS M 130 -46.96 14.21 -53.22
C LYS M 130 -47.75 15.19 -54.11
N ILE M 131 -47.56 15.18 -55.42
CA ILE M 131 -48.39 15.96 -56.36
C ILE M 131 -49.78 15.33 -56.44
N PRO M 132 -50.89 16.07 -56.35
CA PRO M 132 -52.23 15.49 -56.45
C PRO M 132 -52.57 15.02 -57.87
N VAL M 133 -53.39 13.97 -58.00
CA VAL M 133 -53.71 13.36 -59.31
C VAL M 133 -55.18 13.05 -59.56
N ASP M 134 -56.02 12.91 -58.53
CA ASP M 134 -57.47 12.69 -58.64
C ASP M 134 -58.25 14.01 -58.85
N ASP M 135 -59.59 13.93 -58.86
CA ASP M 135 -60.50 15.08 -59.09
C ASP M 135 -60.46 16.16 -57.98
N THR M 136 -59.78 15.89 -56.86
CA THR M 136 -59.56 16.80 -55.73
C THR M 136 -58.08 16.79 -55.36
N GLY M 137 -57.59 17.91 -54.82
CA GLY M 137 -56.18 18.15 -54.52
C GLY M 137 -55.64 17.43 -53.29
N LEU M 138 -56.09 16.21 -53.01
CA LEU M 138 -55.62 15.37 -51.93
C LEU M 138 -54.38 14.57 -52.36
N GLU M 139 -53.33 14.56 -51.55
CA GLU M 139 -52.07 13.90 -51.88
C GLU M 139 -52.19 12.37 -51.78
N PRO M 140 -51.49 11.62 -52.67
CA PRO M 140 -51.61 10.16 -52.76
C PRO M 140 -51.30 9.34 -51.50
N ASP M 141 -52.01 8.23 -51.29
CA ASP M 141 -51.71 7.29 -50.20
C ASP M 141 -50.59 6.32 -50.55
N VAL M 142 -50.56 5.82 -51.79
CA VAL M 142 -49.59 4.82 -52.27
C VAL M 142 -49.09 5.22 -53.66
N CYS M 143 -47.81 5.06 -53.92
CA CYS M 143 -47.20 5.29 -55.22
C CYS M 143 -46.61 4.02 -55.84
N ILE M 144 -47.03 3.65 -57.04
CA ILE M 144 -46.46 2.54 -57.81
C ILE M 144 -45.30 3.07 -58.67
N ILE M 145 -44.08 2.61 -58.46
CA ILE M 145 -42.94 3.02 -59.30
C ILE M 145 -42.63 1.89 -60.29
N GLU M 146 -42.74 2.13 -61.59
CA GLU M 146 -42.32 1.15 -62.60
C GLU M 146 -40.88 1.41 -63.03
N LEU M 147 -39.95 0.54 -62.66
CA LEU M 147 -38.52 0.68 -62.97
C LEU M 147 -38.29 0.10 -64.37
N GLY M 148 -38.20 0.99 -65.37
CA GLY M 148 -37.89 0.63 -66.74
C GLY M 148 -36.47 0.09 -66.91
N GLY M 149 -36.19 -0.51 -68.05
CA GLY M 149 -34.99 -1.33 -68.20
C GLY M 149 -35.05 -2.63 -67.40
N THR M 150 -33.91 -3.17 -66.96
CA THR M 150 -33.89 -4.28 -65.99
C THR M 150 -32.95 -4.00 -64.81
N VAL M 151 -33.16 -4.70 -63.69
CA VAL M 151 -32.26 -4.62 -62.51
C VAL M 151 -31.09 -5.52 -62.87
N GLY M 152 -29.91 -4.97 -63.16
CA GLY M 152 -28.75 -5.74 -63.65
C GLY M 152 -28.37 -5.20 -65.01
N ASP M 153 -28.20 -3.89 -65.12
CA ASP M 153 -27.88 -3.22 -66.40
C ASP M 153 -26.91 -2.07 -66.11
N ILE M 154 -26.62 -1.23 -67.10
CA ILE M 154 -25.73 -0.04 -66.94
C ILE M 154 -26.55 1.24 -67.13
N GLU M 155 -27.73 1.16 -67.75
CA GLU M 155 -28.66 2.32 -67.87
C GLU M 155 -29.55 2.30 -66.63
N SER M 156 -29.61 1.16 -65.93
CA SER M 156 -30.43 1.08 -64.73
C SER M 156 -29.69 1.56 -63.47
N ALA M 157 -28.38 1.63 -63.53
CA ALA M 157 -27.49 1.59 -62.40
C ALA M 157 -27.72 2.66 -61.32
N PRO M 158 -27.85 3.96 -61.63
CA PRO M 158 -28.17 4.95 -60.62
C PRO M 158 -29.55 4.74 -60.00
N PHE M 159 -30.53 4.23 -60.74
CA PHE M 159 -31.86 4.00 -60.19
C PHE M 159 -31.82 2.86 -59.19
N VAL M 160 -31.18 1.73 -59.47
CA VAL M 160 -31.16 0.65 -58.48
C VAL M 160 -30.39 1.03 -57.21
N GLU M 161 -29.35 1.85 -57.30
CA GLU M 161 -28.69 2.39 -56.11
C GLU M 161 -29.58 3.36 -55.36
N ALA M 162 -30.13 4.34 -56.07
CA ALA M 162 -31.06 5.28 -55.47
C ALA M 162 -32.19 4.58 -54.71
N LEU M 163 -32.74 3.50 -55.27
CA LEU M 163 -33.78 2.69 -54.65
C LEU M 163 -33.25 1.78 -53.52
N ARG M 164 -32.00 1.33 -53.51
CA ARG M 164 -31.44 0.76 -52.30
C ARG M 164 -31.44 1.81 -51.19
N GLN M 165 -30.96 3.04 -51.38
CA GLN M 165 -31.04 4.02 -50.30
C GLN M 165 -32.49 4.31 -49.95
N PHE M 166 -33.36 4.40 -50.95
CA PHE M 166 -34.78 4.72 -50.75
C PHE M 166 -35.60 3.67 -50.00
N GLN M 167 -35.07 2.45 -49.90
CA GLN M 167 -35.60 1.41 -49.05
C GLN M 167 -35.45 1.75 -47.56
N PHE M 168 -34.56 2.70 -47.24
CA PHE M 168 -34.33 3.18 -45.87
C PHE M 168 -34.66 4.65 -45.64
N GLU M 169 -34.34 5.52 -46.59
CA GLU M 169 -34.67 6.95 -46.51
C GLU M 169 -36.19 7.14 -46.44
N VAL M 170 -36.98 6.19 -46.99
CA VAL M 170 -38.35 5.87 -46.59
C VAL M 170 -38.29 4.50 -45.90
N GLY M 171 -38.88 4.37 -44.72
CA GLY M 171 -38.73 3.14 -43.92
C GLY M 171 -39.27 1.89 -44.63
N ARG M 172 -38.67 0.70 -44.46
CA ARG M 172 -39.33 -0.58 -44.75
C ARG M 172 -40.66 -0.62 -44.02
N GLU M 173 -41.59 -1.37 -44.57
CA GLU M 173 -43.04 -1.25 -44.29
C GLU M 173 -43.71 0.03 -44.81
N ASN M 174 -42.99 0.99 -45.37
CA ASN M 174 -43.51 1.97 -46.33
C ASN M 174 -42.98 1.70 -47.76
N PHE M 175 -42.32 0.58 -48.03
CA PHE M 175 -41.76 0.24 -49.33
C PHE M 175 -41.86 -1.26 -49.56
N ALA M 176 -42.17 -1.69 -50.78
CA ALA M 176 -42.23 -3.09 -51.21
C ALA M 176 -41.74 -3.24 -52.65
N LEU M 177 -41.02 -4.33 -52.97
CA LEU M 177 -40.52 -4.58 -54.33
C LEU M 177 -41.20 -5.80 -54.96
N ILE M 178 -41.73 -5.61 -56.15
CA ILE M 178 -42.30 -6.66 -56.98
C ILE M 178 -41.32 -6.90 -58.15
N HIS M 179 -40.73 -8.08 -58.21
CA HIS M 179 -39.78 -8.48 -59.23
C HIS M 179 -40.47 -9.37 -60.27
N VAL M 180 -40.71 -8.82 -61.45
CA VAL M 180 -41.17 -9.56 -62.63
C VAL M 180 -40.03 -10.41 -63.13
N SER M 181 -40.29 -11.62 -63.61
CA SER M 181 -39.18 -12.51 -64.00
C SER M 181 -39.56 -13.54 -65.05
N LEU M 182 -38.56 -14.11 -65.73
CA LEU M 182 -38.78 -15.05 -66.84
C LEU M 182 -38.55 -16.48 -66.37
N VAL M 183 -39.49 -17.38 -66.67
CA VAL M 183 -39.38 -18.82 -66.40
C VAL M 183 -39.62 -19.54 -67.72
N PRO M 184 -38.60 -19.71 -68.57
CA PRO M 184 -38.77 -20.34 -69.88
C PRO M 184 -39.28 -21.78 -69.79
N VAL M 185 -39.94 -22.23 -70.85
CA VAL M 185 -40.29 -23.64 -71.03
C VAL M 185 -39.64 -24.20 -72.29
N ILE M 186 -38.94 -25.32 -72.11
CA ILE M 186 -38.08 -26.00 -73.09
C ILE M 186 -38.33 -27.50 -72.93
N HIS M 187 -38.55 -28.22 -74.03
CA HIS M 187 -38.82 -29.67 -74.05
C HIS M 187 -39.88 -30.13 -73.04
N GLY M 188 -40.84 -29.26 -72.71
CA GLY M 188 -41.90 -29.50 -71.71
C GLY M 188 -41.55 -29.24 -70.24
N GLU M 189 -40.39 -28.68 -69.91
CA GLU M 189 -39.95 -28.48 -68.49
C GLU M 189 -39.89 -26.99 -68.17
N GLN M 190 -40.39 -26.54 -67.01
CA GLN M 190 -40.34 -25.11 -66.62
C GLN M 190 -38.94 -24.83 -66.07
N LYS M 191 -38.23 -23.85 -66.64
CA LYS M 191 -36.82 -23.53 -66.30
C LYS M 191 -36.73 -22.27 -65.43
N THR M 192 -36.69 -22.38 -64.10
CA THR M 192 -36.49 -21.25 -63.13
C THR M 192 -35.01 -20.89 -62.87
N LYS M 193 -34.07 -20.98 -63.82
CA LYS M 193 -32.66 -20.51 -63.61
C LYS M 193 -32.43 -19.08 -64.14
N PRO M 194 -33.14 -18.56 -65.16
CA PRO M 194 -33.05 -17.14 -65.56
C PRO M 194 -33.56 -16.34 -64.36
N THR M 195 -34.68 -16.75 -63.74
CA THR M 195 -35.24 -16.06 -62.55
C THR M 195 -34.19 -16.10 -61.43
N GLN M 196 -33.61 -17.26 -61.10
CA GLN M 196 -32.65 -17.40 -59.97
C GLN M 196 -31.36 -16.63 -60.27
N ALA M 197 -31.10 -16.21 -61.51
CA ALA M 197 -29.89 -15.45 -61.92
C ALA M 197 -30.24 -13.97 -61.99
N ALA M 198 -31.46 -13.56 -61.62
CA ALA M 198 -31.88 -12.14 -61.52
C ALA M 198 -32.24 -11.87 -60.05
N ILE M 199 -32.40 -12.87 -59.19
CA ILE M 199 -32.59 -12.77 -57.73
C ILE M 199 -31.21 -12.62 -57.11
N LYS M 200 -30.20 -13.25 -57.64
CA LYS M 200 -28.81 -13.09 -57.25
C LYS M 200 -28.44 -11.65 -57.52
N ASP M 201 -28.63 -11.13 -58.74
CA ASP M 201 -28.29 -9.73 -59.06
C ASP M 201 -29.11 -8.71 -58.27
N LEU M 202 -30.37 -9.02 -57.95
CA LEU M 202 -31.21 -8.11 -57.19
C LEU M 202 -30.64 -7.91 -55.78
N ARG M 203 -30.33 -8.98 -55.08
CA ARG M 203 -29.75 -8.98 -53.74
C ARG M 203 -28.42 -8.25 -53.82
N SER M 204 -27.63 -8.49 -54.87
CA SER M 204 -26.33 -7.85 -55.07
C SER M 204 -26.48 -6.34 -55.20
N LEU M 205 -27.31 -5.82 -56.10
CA LEU M 205 -27.57 -4.37 -56.28
C LEU M 205 -28.31 -3.76 -55.08
N GLY M 206 -28.92 -4.58 -54.23
CA GLY M 206 -29.18 -4.29 -52.81
C GLY M 206 -30.64 -4.22 -52.37
N LEU M 207 -31.58 -4.02 -53.32
CA LEU M 207 -33.00 -4.21 -53.01
C LEU M 207 -33.27 -5.65 -52.62
N ILE M 208 -34.32 -5.91 -51.83
CA ILE M 208 -34.76 -7.29 -51.49
C ILE M 208 -36.14 -7.51 -52.05
N PRO M 209 -36.41 -8.53 -52.88
CA PRO M 209 -37.75 -8.72 -53.43
C PRO M 209 -38.87 -9.19 -52.52
N ASP M 210 -40.13 -8.92 -52.76
CA ASP M 210 -41.34 -9.32 -52.03
C ASP M 210 -42.19 -10.31 -52.79
N MET M 211 -42.44 -10.07 -54.05
CA MET M 211 -43.17 -10.89 -55.01
C MET M 211 -42.22 -11.39 -56.06
N ILE M 212 -42.54 -12.48 -56.75
CA ILE M 212 -41.77 -13.01 -57.86
C ILE M 212 -42.79 -13.29 -58.94
N ALA M 213 -43.03 -12.30 -59.80
CA ALA M 213 -44.13 -12.29 -60.75
C ALA M 213 -43.69 -12.88 -62.09
N CYS M 214 -43.81 -14.19 -62.23
CA CYS M 214 -43.31 -14.90 -63.40
C CYS M 214 -44.20 -14.71 -64.64
N ARG M 215 -43.57 -14.49 -65.79
CA ARG M 215 -44.18 -14.49 -67.13
C ARG M 215 -43.89 -15.78 -67.89
N CYS M 216 -44.30 -16.90 -67.29
CA CYS M 216 -44.24 -18.22 -67.92
C CYS M 216 -45.31 -18.35 -69.01
N SER M 217 -45.12 -19.30 -69.94
CA SER M 217 -46.10 -19.63 -70.98
C SER M 217 -47.30 -20.45 -70.46
N GLU M 218 -47.33 -20.79 -69.17
CA GLU M 218 -48.16 -21.83 -68.58
C GLU M 218 -48.65 -21.42 -67.17
N GLU M 219 -49.50 -22.22 -66.54
CA GLU M 219 -49.56 -22.23 -65.08
C GLU M 219 -48.25 -22.78 -64.51
N LEU M 220 -47.68 -22.10 -63.49
CA LEU M 220 -46.51 -22.61 -62.79
C LEU M 220 -46.84 -23.91 -62.05
N ASN M 221 -46.01 -24.93 -62.18
CA ASN M 221 -46.16 -26.16 -61.41
C ASN M 221 -46.04 -25.88 -59.90
N ARG M 222 -46.73 -26.63 -59.05
CA ARG M 222 -46.55 -26.52 -57.58
C ARG M 222 -45.10 -26.79 -57.16
N SER M 223 -44.40 -27.69 -57.82
CA SER M 223 -42.96 -27.92 -57.63
C SER M 223 -42.08 -26.79 -58.17
N THR M 224 -42.49 -26.08 -59.23
CA THR M 224 -41.77 -24.90 -59.75
C THR M 224 -41.84 -23.75 -58.76
N ILE M 225 -43.03 -23.46 -58.21
CA ILE M 225 -43.20 -22.45 -57.17
C ILE M 225 -42.39 -22.83 -55.93
N ASP M 226 -42.45 -24.09 -55.48
CA ASP M 226 -41.71 -24.53 -54.31
C ASP M 226 -40.20 -24.32 -54.45
N LYS M 227 -39.61 -24.58 -55.63
CA LYS M 227 -38.20 -24.28 -55.88
C LYS M 227 -37.92 -22.78 -55.99
N ILE M 228 -38.74 -21.98 -56.67
CA ILE M 228 -38.53 -20.53 -56.66
C ILE M 228 -38.58 -19.97 -55.23
N ALA M 229 -39.48 -20.45 -54.38
CA ALA M 229 -39.54 -20.09 -52.96
C ALA M 229 -38.40 -20.69 -52.10
N MET M 230 -37.59 -21.60 -52.63
CA MET M 230 -36.39 -22.13 -51.98
C MET M 230 -35.16 -21.29 -52.34
N PHE M 231 -35.06 -20.80 -53.57
CA PHE M 231 -33.94 -20.00 -54.04
C PHE M 231 -34.15 -18.49 -53.89
N CYS M 232 -35.33 -17.93 -54.18
CA CYS M 232 -35.70 -16.66 -53.61
C CYS M 232 -36.25 -16.91 -52.18
N HIS M 233 -36.18 -15.92 -51.29
CA HIS M 233 -36.63 -16.08 -49.91
C HIS M 233 -38.13 -15.82 -49.69
N VAL M 234 -38.92 -15.52 -50.73
CA VAL M 234 -40.38 -15.37 -50.60
C VAL M 234 -41.05 -16.70 -50.25
N GLY M 235 -42.16 -16.65 -49.51
CA GLY M 235 -43.01 -17.83 -49.30
C GLY M 235 -43.81 -18.18 -50.56
N PRO M 236 -44.16 -19.46 -50.78
CA PRO M 236 -44.72 -19.93 -52.05
C PRO M 236 -46.05 -19.27 -52.44
N GLU M 237 -46.85 -18.78 -51.49
CA GLU M 237 -48.05 -18.01 -51.77
C GLU M 237 -47.79 -16.71 -52.55
N GLN M 238 -46.56 -16.21 -52.54
CA GLN M 238 -46.18 -14.90 -53.08
C GLN M 238 -45.60 -14.94 -54.50
N VAL M 239 -45.44 -16.14 -55.06
CA VAL M 239 -44.82 -16.36 -56.38
C VAL M 239 -45.91 -16.25 -57.44
N VAL M 240 -46.43 -15.05 -57.66
CA VAL M 240 -47.60 -14.85 -58.51
C VAL M 240 -47.31 -15.25 -59.95
N ASN M 241 -48.28 -15.83 -60.66
CA ASN M 241 -48.18 -16.14 -62.08
C ASN M 241 -49.05 -15.18 -62.89
N VAL M 242 -48.52 -14.57 -63.95
CA VAL M 242 -49.22 -13.51 -64.69
C VAL M 242 -49.50 -13.92 -66.14
N HIS M 243 -49.90 -15.17 -66.34
CA HIS M 243 -50.13 -15.77 -67.67
C HIS M 243 -51.27 -15.10 -68.45
N ASP M 244 -51.29 -15.29 -69.76
CA ASP M 244 -52.30 -14.70 -70.66
C ASP M 244 -53.74 -15.16 -70.34
N VAL M 245 -54.68 -14.23 -70.44
CA VAL M 245 -56.14 -14.40 -70.28
C VAL M 245 -56.89 -13.54 -71.31
N ASN M 246 -58.17 -13.81 -71.54
CA ASN M 246 -58.97 -13.38 -72.69
C ASN M 246 -58.91 -11.89 -73.09
N SER M 247 -58.60 -10.99 -72.17
CA SER M 247 -58.16 -9.62 -72.48
C SER M 247 -57.38 -9.04 -71.30
N THR M 248 -56.51 -8.05 -71.50
CA THR M 248 -55.67 -7.48 -70.41
C THR M 248 -56.47 -6.82 -69.30
N TYR M 249 -57.75 -6.50 -69.49
CA TYR M 249 -58.61 -6.03 -68.41
C TYR M 249 -58.95 -7.11 -67.39
N HIS M 250 -58.72 -8.39 -67.67
CA HIS M 250 -58.84 -9.44 -66.66
C HIS M 250 -57.65 -9.51 -65.71
N VAL M 251 -56.48 -8.99 -66.07
CA VAL M 251 -55.24 -9.24 -65.29
C VAL M 251 -55.36 -8.83 -63.82
N PRO M 252 -55.92 -7.68 -63.45
CA PRO M 252 -56.16 -7.37 -62.05
C PRO M 252 -56.90 -8.47 -61.29
N LEU M 253 -57.92 -9.08 -61.88
CA LEU M 253 -58.72 -10.10 -61.19
C LEU M 253 -58.00 -11.45 -61.05
N LEU M 254 -57.00 -11.73 -61.87
CA LEU M 254 -56.09 -12.88 -61.68
C LEU M 254 -55.19 -12.64 -60.47
N LEU M 255 -54.67 -11.43 -60.34
CA LEU M 255 -53.82 -11.05 -59.23
C LEU M 255 -54.64 -11.02 -57.93
N LEU M 256 -55.93 -10.66 -58.00
CA LEU M 256 -56.84 -10.74 -56.87
C LEU M 256 -57.19 -12.18 -56.45
N LYS M 257 -57.32 -13.12 -57.39
CA LYS M 257 -57.42 -14.55 -57.07
C LYS M 257 -56.13 -15.09 -56.46
N GLN M 258 -54.98 -14.51 -56.81
CA GLN M 258 -53.66 -14.88 -56.30
C GLN M 258 -53.26 -14.09 -55.05
N HIS M 259 -54.24 -13.66 -54.26
CA HIS M 259 -54.11 -13.03 -52.93
C HIS M 259 -53.36 -11.70 -52.90
N MET M 260 -53.07 -11.03 -54.02
CA MET M 260 -52.13 -9.92 -54.01
C MET M 260 -52.59 -8.69 -53.22
N ILE M 261 -53.88 -8.38 -53.14
CA ILE M 261 -54.35 -7.36 -52.19
C ILE M 261 -54.16 -7.83 -50.76
N ASP M 262 -54.47 -9.09 -50.42
CA ASP M 262 -54.32 -9.55 -49.05
C ASP M 262 -52.86 -9.54 -48.59
N TYR M 263 -51.94 -9.88 -49.48
CA TYR M 263 -50.52 -9.73 -49.21
C TYR M 263 -50.12 -8.26 -49.09
N LEU M 264 -50.39 -7.39 -50.06
CA LEU M 264 -50.01 -5.96 -49.96
C LEU M 264 -50.69 -5.24 -48.79
N HIS M 265 -51.91 -5.61 -48.39
CA HIS M 265 -52.55 -5.05 -47.19
C HIS M 265 -51.73 -5.37 -45.94
N SER M 266 -51.22 -6.58 -45.82
CA SER M 266 -50.30 -6.95 -44.74
C SER M 266 -48.94 -6.28 -44.88
N ARG M 267 -48.22 -6.52 -45.98
CA ARG M 267 -46.81 -6.15 -46.16
C ARG M 267 -46.53 -4.65 -46.18
N LEU M 268 -47.54 -3.80 -46.38
CA LEU M 268 -47.42 -2.34 -46.24
C LEU M 268 -48.31 -1.77 -45.12
N LYS M 269 -48.91 -2.62 -44.29
CA LYS M 269 -49.82 -2.25 -43.19
C LYS M 269 -50.91 -1.24 -43.63
N LEU M 270 -51.58 -1.51 -44.75
CA LEU M 270 -52.51 -0.55 -45.40
C LEU M 270 -53.75 -0.28 -44.54
N GLY M 271 -54.04 -1.11 -43.55
CA GLY M 271 -55.04 -0.82 -42.52
C GLY M 271 -54.72 0.40 -41.64
N GLU M 272 -53.46 0.82 -41.56
CA GLU M 272 -53.05 2.01 -40.79
C GLU M 272 -53.19 3.33 -41.58
N VAL M 273 -53.43 3.29 -42.90
CA VAL M 273 -53.70 4.49 -43.71
C VAL M 273 -55.10 5.01 -43.39
N PRO M 274 -55.31 6.31 -43.14
CA PRO M 274 -56.64 6.86 -42.86
C PRO M 274 -57.52 6.93 -44.13
N LEU M 275 -58.69 6.28 -44.10
CA LEU M 275 -59.68 6.28 -45.18
C LEU M 275 -61.07 6.68 -44.68
N THR M 276 -61.83 7.46 -45.45
CA THR M 276 -63.25 7.75 -45.18
C THR M 276 -64.15 6.67 -45.80
N LEU M 277 -65.43 6.59 -45.42
CA LEU M 277 -66.37 5.76 -46.21
C LEU M 277 -66.51 6.23 -47.64
N GLU M 278 -66.38 7.53 -47.92
CA GLU M 278 -66.38 8.03 -49.29
C GLU M 278 -65.18 7.51 -50.09
N ASP M 279 -64.03 7.28 -49.47
CA ASP M 279 -62.94 6.51 -50.07
C ASP M 279 -63.30 5.03 -50.21
N LYS M 280 -63.62 4.36 -49.09
CA LYS M 280 -63.77 2.91 -49.09
C LYS M 280 -64.91 2.41 -49.96
N GLU M 281 -66.08 3.02 -49.88
CA GLU M 281 -67.22 2.62 -50.69
C GLU M 281 -67.01 2.94 -52.18
N ARG M 282 -66.26 4.01 -52.53
CA ARG M 282 -65.86 4.23 -53.93
C ARG M 282 -64.92 3.12 -54.40
N GLY M 283 -64.05 2.67 -53.51
CA GLY M 283 -63.15 1.54 -53.73
C GLY M 283 -63.92 0.26 -54.05
N SER M 284 -64.80 -0.19 -53.16
CA SER M 284 -65.56 -1.43 -53.37
C SER M 284 -66.59 -1.31 -54.49
N GLN M 285 -67.12 -0.12 -54.79
CA GLN M 285 -67.95 0.08 -55.96
C GLN M 285 -67.13 -0.03 -57.25
N LEU M 286 -65.95 0.59 -57.34
CA LEU M 286 -65.08 0.47 -58.50
C LEU M 286 -64.69 -0.99 -58.77
N LEU M 287 -64.44 -1.78 -57.72
CA LEU M 287 -64.24 -3.22 -57.89
C LEU M 287 -65.44 -3.86 -58.60
N THR M 288 -66.68 -3.56 -58.19
CA THR M 288 -67.84 -4.13 -58.88
C THR M 288 -68.02 -3.60 -60.29
N ASN M 289 -67.59 -2.38 -60.63
CA ASN M 289 -67.58 -1.95 -62.02
C ASN M 289 -66.57 -2.76 -62.82
N TRP M 290 -65.42 -3.14 -62.25
CA TRP M 290 -64.42 -3.97 -62.93
C TRP M 290 -64.88 -5.43 -63.06
N GLU M 291 -65.50 -5.99 -62.04
CA GLU M 291 -66.14 -7.30 -62.14
C GLU M 291 -67.30 -7.31 -63.16
N ASN M 292 -68.09 -6.25 -63.23
CA ASN M 292 -69.13 -6.14 -64.24
C ASN M 292 -68.56 -6.02 -65.65
N MET M 293 -67.63 -5.11 -65.92
CA MET M 293 -67.14 -4.94 -67.29
C MET M 293 -66.36 -6.15 -67.79
N THR M 294 -65.62 -6.86 -66.92
CA THR M 294 -64.99 -8.14 -67.28
C THR M 294 -66.00 -9.27 -67.48
N LYS M 295 -67.06 -9.37 -66.68
CA LYS M 295 -68.19 -10.28 -66.97
C LYS M 295 -68.87 -9.93 -68.30
N ASN M 296 -69.05 -8.64 -68.63
CA ASN M 296 -69.61 -8.26 -69.92
C ASN M 296 -68.70 -8.67 -71.09
N LEU M 297 -67.37 -8.55 -70.95
CA LEU M 297 -66.43 -9.04 -71.96
C LEU M 297 -66.51 -10.57 -72.13
N ASP M 298 -66.71 -11.31 -71.04
CA ASP M 298 -66.75 -12.77 -71.06
C ASP M 298 -67.93 -13.38 -71.86
N ASP M 299 -69.01 -12.63 -72.13
CA ASP M 299 -70.14 -13.15 -72.90
C ASP M 299 -70.77 -12.19 -73.94
N SER M 300 -70.17 -11.01 -74.16
CA SER M 300 -70.37 -10.21 -75.38
C SER M 300 -69.89 -10.98 -76.62
N ASP M 301 -70.77 -11.18 -77.60
CA ASP M 301 -70.50 -11.90 -78.85
C ASP M 301 -70.73 -11.07 -80.11
N ASP M 302 -71.66 -10.13 -80.08
CA ASP M 302 -72.08 -9.38 -81.26
C ASP M 302 -70.99 -8.40 -81.69
N VAL M 303 -70.35 -8.69 -82.83
CA VAL M 303 -69.18 -7.98 -83.30
C VAL M 303 -69.55 -6.59 -83.79
N VAL M 304 -68.60 -5.66 -83.71
CA VAL M 304 -68.63 -4.40 -84.44
C VAL M 304 -67.26 -4.21 -85.09
N LYS M 305 -67.23 -3.93 -86.40
CA LYS M 305 -66.00 -3.78 -87.18
C LYS M 305 -65.72 -2.30 -87.40
N ILE M 306 -64.63 -1.76 -86.87
CA ILE M 306 -64.26 -0.35 -87.05
C ILE M 306 -63.05 -0.26 -87.96
N ALA M 307 -63.11 0.43 -89.09
CA ALA M 307 -61.94 0.64 -89.93
C ALA M 307 -61.08 1.76 -89.38
N LEU M 308 -59.84 1.47 -89.05
CA LEU M 308 -58.86 2.46 -88.68
C LEU M 308 -58.02 2.71 -89.92
N VAL M 309 -58.14 3.91 -90.47
CA VAL M 309 -57.62 4.25 -91.80
C VAL M 309 -56.44 5.20 -91.66
N GLY M 310 -55.21 4.76 -91.95
CA GLY M 310 -54.02 5.61 -91.83
C GLY M 310 -52.72 4.97 -92.31
N LYS M 311 -51.60 5.70 -92.26
CA LYS M 311 -50.26 5.18 -92.59
C LYS M 311 -49.70 4.32 -91.44
N TYR M 312 -48.68 3.54 -91.73
CA TYR M 312 -47.90 2.77 -90.74
C TYR M 312 -48.72 1.79 -89.87
N THR M 313 -49.83 1.24 -90.37
CA THR M 313 -50.68 0.32 -89.58
C THR M 313 -50.00 -0.97 -89.18
N ASN M 314 -48.87 -1.34 -89.80
CA ASN M 314 -48.03 -2.45 -89.33
C ASN M 314 -47.32 -2.16 -87.98
N LEU M 315 -47.22 -0.89 -87.60
CA LEU M 315 -46.69 -0.42 -86.32
C LEU M 315 -47.86 -0.03 -85.40
N LYS M 316 -48.63 -1.02 -84.93
CA LYS M 316 -49.89 -0.82 -84.18
C LYS M 316 -49.71 0.00 -82.90
N ASP M 317 -48.51 -0.06 -82.30
CA ASP M 317 -48.13 0.74 -81.14
C ASP M 317 -48.05 2.24 -81.47
N SER M 318 -47.94 2.61 -82.75
CA SER M 318 -48.06 3.99 -83.22
C SER M 318 -49.46 4.58 -83.01
N TYR M 319 -50.43 3.74 -82.64
CA TYR M 319 -51.81 4.03 -82.35
C TYR M 319 -52.26 3.37 -81.07
N LEU M 320 -51.41 3.09 -80.08
CA LEU M 320 -51.86 2.33 -78.91
C LEU M 320 -53.05 2.97 -78.17
N SER M 321 -53.16 4.29 -78.07
CA SER M 321 -54.18 5.02 -77.33
C SER M 321 -55.50 5.00 -78.09
N VAL M 322 -55.43 5.02 -79.41
CA VAL M 322 -56.58 4.90 -80.33
C VAL M 322 -57.23 3.54 -80.19
N THR M 323 -56.45 2.48 -80.26
CA THR M 323 -56.91 1.11 -80.04
C THR M 323 -57.56 0.97 -78.68
N LYS M 324 -56.89 1.43 -77.62
CA LYS M 324 -57.39 1.24 -76.25
C LYS M 324 -58.70 1.99 -75.99
N SER M 325 -58.85 3.18 -76.55
CA SER M 325 -60.11 3.93 -76.46
C SER M 325 -61.27 3.22 -77.17
N LEU M 326 -61.05 2.61 -78.33
CA LEU M 326 -62.07 1.77 -78.95
C LEU M 326 -62.41 0.55 -78.09
N GLU M 327 -61.45 -0.08 -77.40
CA GLU M 327 -61.76 -1.18 -76.49
C GLU M 327 -62.67 -0.76 -75.32
N HIS M 328 -62.41 0.38 -74.69
CA HIS M 328 -63.32 0.95 -73.68
C HIS M 328 -64.72 1.21 -74.25
N ALA M 329 -64.81 1.83 -75.43
CA ALA M 329 -66.08 2.14 -76.06
C ALA M 329 -66.86 0.87 -76.40
N SER M 330 -66.17 -0.16 -76.89
CA SER M 330 -66.67 -1.51 -77.18
C SER M 330 -67.32 -2.14 -75.97
N MET M 331 -66.57 -2.28 -74.88
CA MET M 331 -67.06 -2.94 -73.67
C MET M 331 -68.24 -2.20 -73.07
N LYS M 332 -68.32 -0.87 -73.23
CA LYS M 332 -69.44 -0.05 -72.76
C LYS M 332 -70.72 -0.24 -73.60
N CYS M 333 -70.58 -0.41 -74.91
CA CYS M 333 -71.66 -0.83 -75.82
C CYS M 333 -72.05 -2.31 -75.71
N ARG M 334 -71.25 -3.15 -75.05
CA ARG M 334 -71.39 -4.61 -75.01
C ARG M 334 -71.36 -5.29 -76.38
N ARG M 335 -70.69 -4.68 -77.36
CA ARG M 335 -70.28 -5.34 -78.61
C ARG M 335 -68.79 -5.64 -78.62
N GLN M 336 -68.43 -6.86 -78.99
CA GLN M 336 -67.06 -7.33 -79.17
C GLN M 336 -66.41 -6.62 -80.35
N LEU M 337 -65.15 -6.22 -80.25
CA LEU M 337 -64.53 -5.38 -81.26
C LEU M 337 -63.67 -6.17 -82.24
N GLU M 338 -63.79 -5.88 -83.52
CA GLU M 338 -62.73 -6.12 -84.51
C GLU M 338 -62.32 -4.77 -85.09
N ILE M 339 -61.03 -4.45 -85.14
CA ILE M 339 -60.54 -3.24 -85.82
C ILE M 339 -59.96 -3.67 -87.17
N LEU M 340 -60.36 -2.99 -88.23
CA LEU M 340 -59.88 -3.28 -89.57
C LEU M 340 -58.77 -2.30 -89.94
N TRP M 341 -57.55 -2.80 -90.03
CA TRP M 341 -56.37 -2.03 -90.38
C TRP M 341 -56.35 -1.73 -91.87
N VAL M 342 -56.68 -0.49 -92.23
CA VAL M 342 -56.63 0.00 -93.61
C VAL M 342 -55.40 0.88 -93.77
N GLU M 343 -54.35 0.33 -94.36
CA GLU M 343 -53.15 1.08 -94.73
C GLU M 343 -53.48 2.10 -95.82
N ALA M 344 -53.75 3.35 -95.45
CA ALA M 344 -54.52 4.30 -96.28
C ALA M 344 -54.01 4.45 -97.70
N SER M 345 -52.71 4.41 -97.93
CA SER M 345 -52.18 4.63 -99.28
C SER M 345 -52.69 3.59 -100.28
N ASN M 346 -53.11 2.41 -99.83
CA ASN M 346 -53.67 1.38 -100.70
C ASN M 346 -55.05 1.75 -101.30
N LEU M 347 -55.83 2.61 -100.65
CA LEU M 347 -57.10 3.08 -101.21
C LEU M 347 -56.92 4.02 -102.40
N GLU M 348 -55.74 4.61 -102.59
CA GLU M 348 -55.50 5.55 -103.67
C GLU M 348 -55.47 4.82 -105.01
N PRO M 349 -56.20 5.26 -106.05
CA PRO M 349 -56.27 4.56 -107.33
C PRO M 349 -54.93 4.22 -107.97
N GLU M 350 -53.86 5.00 -107.76
CA GLU M 350 -52.54 4.64 -108.30
C GLU M 350 -52.03 3.29 -107.80
N THR M 351 -52.51 2.80 -106.65
CA THR M 351 -52.15 1.46 -106.15
C THR M 351 -52.55 0.36 -107.10
N GLN M 352 -53.63 0.56 -107.86
CA GLN M 352 -54.09 -0.35 -108.89
C GLN M 352 -53.06 -0.55 -110.01
N GLU M 353 -52.18 0.42 -110.22
CA GLU M 353 -51.05 0.34 -111.15
C GLU M 353 -49.85 -0.42 -110.57
N VAL M 354 -49.81 -0.65 -109.25
CA VAL M 354 -48.66 -1.25 -108.53
C VAL M 354 -48.97 -2.66 -108.02
N ASP M 355 -50.08 -2.83 -107.30
CA ASP M 355 -50.60 -4.12 -106.89
C ASP M 355 -52.11 -4.02 -106.67
N LYS M 356 -52.89 -4.69 -107.52
CA LYS M 356 -54.34 -4.75 -107.41
C LYS M 356 -54.79 -5.44 -106.12
N ASN M 357 -54.07 -6.44 -105.63
CA ASN M 357 -54.43 -7.13 -104.39
C ASN M 357 -54.52 -6.14 -103.22
N LYS M 358 -53.54 -5.27 -103.04
CA LYS M 358 -53.59 -4.19 -102.04
C LYS M 358 -54.79 -3.27 -102.25
N PHE M 359 -55.08 -2.87 -103.48
CA PHE M 359 -56.21 -2.00 -103.78
C PHE M 359 -57.57 -2.63 -103.42
N HIS M 360 -57.72 -3.93 -103.68
CA HIS M 360 -58.94 -4.64 -103.32
C HIS M 360 -59.01 -4.95 -101.83
N ASP M 361 -57.98 -5.49 -101.19
CA ASP M 361 -58.02 -5.80 -99.76
C ASP M 361 -58.33 -4.59 -98.91
N SER M 362 -57.73 -3.44 -99.23
CA SER M 362 -57.96 -2.22 -98.46
C SER M 362 -59.39 -1.69 -98.66
N TRP M 363 -59.91 -1.60 -99.88
CA TRP M 363 -61.29 -1.21 -100.13
C TRP M 363 -62.30 -2.25 -99.63
N ASN M 364 -61.95 -3.53 -99.64
CA ASN M 364 -62.74 -4.58 -99.04
C ASN M 364 -62.87 -4.35 -97.52
N LYS M 365 -61.76 -4.18 -96.81
CA LYS M 365 -61.78 -3.89 -95.35
C LYS M 365 -62.58 -2.63 -95.05
N LEU M 366 -62.38 -1.55 -95.79
CA LEU M 366 -63.14 -0.33 -95.63
C LEU M 366 -64.65 -0.51 -95.89
N SER M 367 -65.03 -1.24 -96.94
CA SER M 367 -66.43 -1.52 -97.26
C SER M 367 -67.10 -2.44 -96.25
N SER M 368 -66.35 -3.36 -95.64
CA SER M 368 -66.84 -4.28 -94.62
C SER M 368 -67.09 -3.61 -93.27
N ALA M 369 -66.48 -2.45 -93.01
CA ALA M 369 -66.53 -1.82 -91.70
C ALA M 369 -67.90 -1.25 -91.33
N ASP M 370 -68.36 -1.53 -90.12
CA ASP M 370 -69.57 -0.95 -89.53
C ASP M 370 -69.39 0.50 -89.11
N GLY M 371 -68.17 0.97 -88.96
CA GLY M 371 -67.81 2.36 -88.64
C GLY M 371 -66.38 2.68 -89.04
N ILE M 372 -66.02 3.95 -89.20
CA ILE M 372 -64.76 4.38 -89.81
C ILE M 372 -64.08 5.44 -88.94
N LEU M 373 -62.76 5.35 -88.81
CA LEU M 373 -61.95 6.23 -87.99
C LEU M 373 -60.72 6.71 -88.75
N VAL M 374 -60.54 8.02 -88.86
CA VAL M 374 -59.28 8.64 -89.33
C VAL M 374 -58.47 9.10 -88.11
N PRO M 375 -57.39 8.40 -87.74
CA PRO M 375 -56.91 8.32 -86.38
C PRO M 375 -55.82 9.32 -86.00
N GLY M 376 -55.86 10.56 -86.49
CA GLY M 376 -54.85 11.56 -86.18
C GLY M 376 -53.43 11.14 -86.61
N GLY M 377 -53.25 10.87 -87.90
CA GLY M 377 -51.95 10.53 -88.46
C GLY M 377 -50.88 11.61 -88.32
N PHE M 378 -49.71 11.28 -88.83
CA PHE M 378 -48.47 12.05 -88.75
C PHE M 378 -47.76 11.99 -90.09
N GLY M 379 -47.03 13.05 -90.45
CA GLY M 379 -46.60 13.28 -91.83
C GLY M 379 -47.79 13.56 -92.75
N THR M 380 -47.63 13.35 -94.06
CA THR M 380 -48.68 13.61 -95.07
C THR M 380 -48.82 12.55 -96.16
N ARG M 381 -47.94 11.54 -96.25
CA ARG M 381 -47.79 10.76 -97.49
C ARG M 381 -48.93 9.79 -97.82
N GLY M 382 -49.78 9.45 -96.85
CA GLY M 382 -51.02 8.67 -97.05
C GLY M 382 -52.31 9.47 -97.22
N ILE M 383 -52.27 10.80 -97.38
CA ILE M 383 -53.45 11.66 -97.19
C ILE M 383 -54.57 11.38 -98.20
N GLU M 384 -54.27 11.07 -99.46
CA GLU M 384 -55.33 10.81 -100.44
C GLU M 384 -56.18 9.59 -100.10
N GLY M 385 -55.62 8.55 -99.51
CA GLY M 385 -56.41 7.43 -99.02
C GLY M 385 -57.36 7.84 -97.89
N MET M 386 -56.88 8.68 -96.97
CA MET M 386 -57.71 9.20 -95.89
C MET M 386 -58.82 10.13 -96.39
N ILE M 387 -58.62 10.82 -97.51
CA ILE M 387 -59.68 11.60 -98.15
C ILE M 387 -60.73 10.70 -98.79
N LEU M 388 -60.33 9.66 -99.53
CA LEU M 388 -61.27 8.70 -100.12
C LEU M 388 -62.11 7.99 -99.07
N ALA M 389 -61.52 7.55 -97.95
CA ALA M 389 -62.31 7.00 -96.86
C ALA M 389 -63.29 8.02 -96.27
N ALA M 390 -62.95 9.31 -96.22
CA ALA M 390 -63.90 10.33 -95.79
C ALA M 390 -65.01 10.59 -96.83
N LYS M 391 -64.74 10.45 -98.13
CA LYS M 391 -65.75 10.55 -99.18
C LYS M 391 -66.74 9.40 -99.05
N TRP M 392 -66.19 8.20 -98.93
CA TRP M 392 -66.97 7.00 -98.68
C TRP M 392 -67.84 7.14 -97.44
N ALA M 393 -67.28 7.58 -96.31
CA ALA M 393 -68.04 7.69 -95.08
C ALA M 393 -69.17 8.71 -95.12
N ARG M 394 -69.00 9.81 -95.86
CA ARG M 394 -70.04 10.83 -96.07
C ARG M 394 -71.15 10.35 -97.00
N GLU M 395 -70.81 9.80 -98.16
CA GLU M 395 -71.79 9.42 -99.18
C GLU M 395 -72.47 8.09 -98.85
N SER M 396 -71.74 7.08 -98.38
CA SER M 396 -72.32 5.79 -98.00
C SER M 396 -72.93 5.79 -96.59
N GLY M 397 -73.07 6.93 -95.93
CA GLY M 397 -73.74 7.02 -94.63
C GLY M 397 -73.08 6.28 -93.43
N VAL M 398 -71.92 5.64 -93.59
CA VAL M 398 -71.25 4.85 -92.54
C VAL M 398 -70.80 5.75 -91.39
N PRO M 399 -70.90 5.37 -90.11
CA PRO M 399 -70.44 6.19 -88.99
C PRO M 399 -68.96 6.56 -89.07
N PHE M 400 -68.61 7.79 -88.74
CA PHE M 400 -67.27 8.35 -88.95
C PHE M 400 -66.77 9.19 -87.78
N LEU M 401 -65.52 8.99 -87.38
CA LEU M 401 -64.83 9.93 -86.51
C LEU M 401 -63.47 10.32 -87.09
N GLY M 402 -63.25 11.61 -87.29
CA GLY M 402 -61.93 12.14 -87.62
C GLY M 402 -61.26 12.75 -86.40
N VAL M 403 -60.12 12.22 -85.99
CA VAL M 403 -59.32 12.76 -84.89
C VAL M 403 -58.16 13.58 -85.45
N CYS M 404 -57.96 14.80 -84.97
CA CYS M 404 -56.87 15.71 -85.36
C CYS M 404 -56.75 15.86 -86.89
N LEU M 405 -55.75 15.26 -87.56
CA LEU M 405 -55.65 15.17 -89.03
C LEU M 405 -56.96 14.68 -89.66
N GLY M 406 -57.70 13.80 -88.99
CA GLY M 406 -59.01 13.31 -89.39
C GLY M 406 -60.05 14.41 -89.58
N LEU M 407 -60.13 15.38 -88.67
CA LEU M 407 -60.99 16.53 -88.91
C LEU M 407 -60.52 17.28 -90.16
N GLN M 408 -59.21 17.37 -90.36
CA GLN M 408 -58.64 18.19 -91.43
C GLN M 408 -58.83 17.56 -92.80
N VAL M 409 -58.60 16.26 -92.98
CA VAL M 409 -58.98 15.58 -94.22
C VAL M 409 -60.49 15.59 -94.42
N ALA M 410 -61.32 15.59 -93.39
CA ALA M 410 -62.75 15.76 -93.59
C ALA M 410 -63.10 17.12 -94.18
N ALA M 411 -62.45 18.21 -93.76
CA ALA M 411 -62.67 19.52 -94.38
C ALA M 411 -62.16 19.57 -95.82
N ILE M 412 -61.02 18.92 -96.09
CA ILE M 412 -60.45 18.83 -97.44
C ILE M 412 -61.36 18.01 -98.36
N GLU M 413 -61.86 16.86 -97.90
CA GLU M 413 -62.84 16.05 -98.60
C GLU M 413 -64.08 16.86 -98.92
N PHE M 414 -64.68 17.49 -97.90
CA PHE M 414 -65.89 18.26 -98.08
C PHE M 414 -65.68 19.43 -99.06
N ALA M 415 -64.52 20.09 -99.02
CA ALA M 415 -64.20 21.15 -99.97
C ALA M 415 -64.12 20.62 -101.41
N ARG M 416 -63.37 19.54 -101.64
CA ARG M 416 -63.20 18.95 -102.97
C ARG M 416 -64.47 18.32 -103.52
N ASN M 417 -65.32 17.74 -102.68
CA ASN M 417 -66.40 16.85 -103.11
C ASN M 417 -67.83 17.34 -102.79
N VAL M 418 -68.01 18.43 -102.04
CA VAL M 418 -69.34 19.02 -101.80
C VAL M 418 -69.35 20.50 -102.15
N ILE M 419 -68.32 21.26 -101.75
CA ILE M 419 -68.19 22.67 -102.11
C ILE M 419 -67.68 22.85 -103.55
N GLY M 420 -66.96 21.87 -104.09
CA GLY M 420 -66.59 21.81 -105.51
C GLY M 420 -65.32 22.57 -105.88
N ARG M 421 -64.29 22.56 -105.03
CA ARG M 421 -62.95 23.13 -105.31
C ARG M 421 -61.91 21.99 -105.42
N PRO M 422 -61.71 21.32 -106.56
CA PRO M 422 -60.91 20.09 -106.63
C PRO M 422 -59.40 20.31 -106.41
N ASN M 423 -58.95 21.55 -106.57
CA ASN M 423 -57.59 22.00 -106.26
C ASN M 423 -57.38 22.36 -104.77
N SER M 424 -58.42 22.37 -103.92
CA SER M 424 -58.24 22.68 -102.50
C SER M 424 -57.36 21.66 -101.79
N SER M 425 -56.57 22.12 -100.83
CA SER M 425 -55.35 21.42 -100.45
C SER M 425 -55.06 21.52 -98.96
N SER M 426 -54.36 20.50 -98.45
CA SER M 426 -53.69 20.56 -97.17
C SER M 426 -52.48 21.48 -97.27
N THR M 427 -52.57 22.66 -96.67
CA THR M 427 -51.45 23.61 -96.49
C THR M 427 -50.33 23.02 -95.64
N GLU M 428 -50.65 22.00 -94.85
CA GLU M 428 -49.74 21.08 -94.17
C GLU M 428 -48.82 20.30 -95.13
N PHE M 429 -49.17 20.19 -96.41
CA PHE M 429 -48.42 19.44 -97.43
C PHE M 429 -48.01 20.35 -98.61
N LEU M 430 -48.98 20.90 -99.35
CA LEU M 430 -48.79 21.57 -100.64
C LEU M 430 -48.54 23.08 -100.48
N ASP M 431 -47.51 23.43 -99.70
CA ASP M 431 -47.32 24.79 -99.16
C ASP M 431 -46.78 25.80 -100.18
N GLU M 432 -45.59 25.58 -100.72
CA GLU M 432 -44.90 26.56 -101.60
C GLU M 432 -45.52 26.70 -103.01
N THR M 433 -46.64 26.04 -103.26
CA THR M 433 -47.52 26.36 -104.40
C THR M 433 -48.22 27.71 -104.23
N LEU M 434 -48.46 28.14 -102.98
CA LEU M 434 -49.11 29.42 -102.62
C LEU M 434 -50.55 29.61 -103.17
N LEU M 435 -51.28 28.52 -103.41
CA LEU M 435 -52.65 28.55 -103.93
C LEU M 435 -53.67 29.24 -102.99
N ALA M 436 -54.74 29.80 -103.53
CA ALA M 436 -55.80 30.45 -102.75
C ALA M 436 -56.76 29.50 -101.98
N PRO M 437 -57.13 28.28 -102.45
CA PRO M 437 -58.03 27.38 -101.72
C PRO M 437 -57.29 26.55 -100.65
N GLU M 438 -56.79 27.20 -99.62
CA GLU M 438 -56.08 26.59 -98.49
C GLU M 438 -57.07 26.13 -97.42
N ASP M 439 -57.23 24.83 -97.21
CA ASP M 439 -58.14 24.32 -96.18
C ASP M 439 -57.58 24.42 -94.76
N GLN M 440 -56.29 24.74 -94.62
CA GLN M 440 -55.59 24.81 -93.34
C GLN M 440 -54.68 26.03 -93.28
N VAL M 441 -54.22 26.41 -92.10
CA VAL M 441 -53.07 27.32 -91.93
C VAL M 441 -52.21 26.91 -90.74
N VAL M 442 -50.89 27.17 -90.78
CA VAL M 442 -50.05 27.11 -89.57
C VAL M 442 -50.48 28.20 -88.60
N ILE M 443 -50.69 27.89 -87.32
CA ILE M 443 -50.99 28.87 -86.28
C ILE M 443 -50.05 28.71 -85.09
N THR M 444 -46.46 28.12 -83.67
CA THR M 444 -45.53 27.05 -84.05
C THR M 444 -45.84 25.71 -83.38
N MET M 445 -46.65 25.71 -82.30
CA MET M 445 -47.25 24.54 -81.65
C MET M 445 -48.40 24.95 -80.70
N ARG M 446 -49.21 23.96 -80.29
CA ARG M 446 -50.32 24.07 -79.32
C ARG M 446 -50.57 22.70 -78.71
N LEU M 447 -50.33 22.56 -77.42
CA LEU M 447 -50.27 21.27 -76.72
C LEU M 447 -51.00 21.31 -75.36
N GLY M 448 -51.37 20.14 -74.86
CA GLY M 448 -51.89 19.96 -73.50
C GLY M 448 -53.42 20.05 -73.40
N LEU M 449 -53.96 20.01 -72.19
CA LEU M 449 -55.40 20.11 -71.96
C LEU M 449 -55.87 21.55 -72.18
N ARG M 450 -56.83 21.76 -73.09
CA ARG M 450 -57.36 23.08 -73.46
C ARG M 450 -58.90 23.13 -73.39
N PRO M 451 -59.51 24.31 -73.24
CA PRO M 451 -60.96 24.46 -73.15
C PRO M 451 -61.61 24.61 -74.52
N THR M 452 -62.55 23.72 -74.86
CA THR M 452 -63.40 23.81 -76.07
C THR M 452 -64.81 24.24 -75.67
N ILE M 453 -65.32 25.32 -76.25
CA ILE M 453 -66.65 25.88 -75.96
C ILE M 453 -67.59 25.52 -77.12
N PHE M 454 -68.80 25.03 -76.84
CA PHE M 454 -69.77 24.78 -77.92
C PHE M 454 -70.39 26.09 -78.47
N GLN M 455 -70.46 26.22 -79.81
CA GLN M 455 -71.10 27.31 -80.55
C GLN M 455 -72.63 27.33 -80.29
N PRO M 456 -73.36 28.46 -80.37
CA PRO M 456 -74.64 28.61 -79.68
C PRO M 456 -75.78 27.68 -80.12
N ASN M 457 -75.95 27.46 -81.42
CA ASN M 457 -77.10 26.72 -81.97
C ASN M 457 -77.00 25.19 -81.78
N SER M 458 -75.94 24.70 -81.15
CA SER M 458 -75.44 23.32 -81.21
C SER M 458 -76.33 22.23 -80.62
N GLU M 459 -77.49 22.57 -80.08
CA GLU M 459 -78.36 21.68 -79.30
C GLU M 459 -78.64 20.33 -79.97
N TRP M 460 -78.84 20.30 -81.28
CA TRP M 460 -79.19 19.11 -82.07
C TRP M 460 -78.01 18.14 -82.29
N SER M 461 -76.78 18.55 -82.02
CA SER M 461 -75.57 17.81 -82.41
C SER M 461 -75.39 16.57 -81.55
N ASN M 462 -75.32 15.39 -82.14
CA ASN M 462 -75.10 14.14 -81.40
C ASN M 462 -73.83 14.20 -80.56
N ILE M 463 -72.77 14.85 -81.03
CA ILE M 463 -71.56 15.03 -80.25
C ILE M 463 -71.82 15.82 -78.98
N ARG M 464 -72.68 16.84 -79.02
CA ARG M 464 -73.05 17.61 -77.82
C ARG M 464 -73.95 16.80 -76.89
N LYS M 465 -74.81 15.92 -77.39
CA LYS M 465 -75.53 14.94 -76.55
C LYS M 465 -74.58 13.97 -75.86
N LEU M 466 -73.51 13.52 -76.53
CA LEU M 466 -72.52 12.60 -75.95
C LEU M 466 -71.67 13.26 -74.85
N TYR M 467 -71.33 14.55 -74.99
CA TYR M 467 -70.72 15.34 -73.92
C TYR M 467 -71.72 15.80 -72.82
N GLY M 468 -72.90 15.19 -72.72
CA GLY M 468 -73.88 15.51 -71.66
C GLY M 468 -74.54 16.89 -71.81
N GLU M 469 -74.44 17.51 -72.98
CA GLU M 469 -74.87 18.87 -73.29
C GLU M 469 -74.20 20.02 -72.51
N VAL M 470 -73.19 19.72 -71.69
CA VAL M 470 -72.34 20.67 -70.95
C VAL M 470 -71.69 21.69 -71.90
N ASN M 471 -71.64 22.98 -71.57
CA ASN M 471 -71.26 24.04 -72.52
C ASN M 471 -69.76 24.06 -72.88
N GLU M 472 -68.90 23.51 -72.04
CA GLU M 472 -67.45 23.44 -72.26
C GLU M 472 -66.89 22.04 -72.02
N VAL M 473 -65.91 21.67 -72.83
CA VAL M 473 -65.26 20.36 -72.88
C VAL M 473 -63.76 20.56 -72.66
N HIS M 474 -63.15 19.82 -71.75
CA HIS M 474 -61.71 19.88 -71.48
C HIS M 474 -61.02 18.59 -71.95
N GLU M 475 -60.17 18.70 -72.98
CA GLU M 475 -59.57 17.58 -73.71
C GLU M 475 -58.16 17.94 -74.17
N ARG M 476 -57.33 16.97 -74.53
CA ARG M 476 -55.90 17.19 -74.81
C ARG M 476 -55.61 17.41 -76.29
N HIS M 477 -54.77 18.39 -76.63
CA HIS M 477 -54.52 18.84 -78.00
C HIS M 477 -53.10 18.56 -78.47
N ARG M 478 -52.95 18.38 -79.78
CA ARG M 478 -51.71 18.57 -80.54
C ARG M 478 -52.09 18.99 -81.95
N HIS M 479 -51.66 20.17 -82.40
CA HIS M 479 -51.72 20.55 -83.82
C HIS M 479 -50.89 21.79 -84.16
N ARG M 480 -50.01 21.73 -85.15
CA ARG M 480 -49.42 22.94 -85.73
C ARG M 480 -50.40 23.66 -86.66
N TYR M 481 -51.05 22.90 -87.53
CA TYR M 481 -51.94 23.34 -88.60
C TYR M 481 -53.39 23.21 -88.15
N GLU M 482 -54.22 24.20 -88.41
CA GLU M 482 -55.65 24.19 -88.06
C GLU M 482 -56.50 24.61 -89.26
N ILE M 483 -57.80 24.30 -89.26
CA ILE M 483 -58.66 24.70 -90.40
C ILE M 483 -58.56 26.20 -90.65
N ASN M 484 -58.38 26.59 -91.91
CA ASN M 484 -58.41 27.99 -92.32
C ASN M 484 -59.77 28.60 -91.95
N PRO M 485 -59.87 29.53 -91.00
CA PRO M 485 -61.15 29.99 -90.51
C PRO M 485 -61.93 30.80 -91.55
N LYS M 486 -61.33 31.19 -92.67
CA LYS M 486 -62.03 31.91 -93.75
C LYS M 486 -62.88 31.03 -94.69
N ILE M 487 -62.85 29.71 -94.54
CA ILE M 487 -63.78 28.77 -95.22
C ILE M 487 -65.03 28.44 -94.37
N VAL M 488 -64.97 28.61 -93.05
CA VAL M 488 -66.01 28.20 -92.08
C VAL M 488 -67.38 28.76 -92.42
N ASN M 489 -67.52 30.02 -92.84
CA ASN M 489 -68.83 30.57 -93.18
C ASN M 489 -69.49 29.88 -94.40
N ASP M 490 -68.71 29.25 -95.26
CA ASP M 490 -69.21 28.44 -96.36
C ASP M 490 -69.67 27.07 -95.84
N MET M 491 -68.82 26.37 -95.11
CA MET M 491 -69.17 25.09 -94.50
C MET M 491 -70.38 25.17 -93.56
N GLU M 492 -70.45 26.19 -92.72
CA GLU M 492 -71.61 26.50 -91.90
C GLU M 492 -72.88 26.70 -92.73
N SER M 493 -72.79 27.17 -93.98
CA SER M 493 -73.97 27.29 -94.83
C SER M 493 -74.37 25.97 -95.50
N ARG M 494 -73.39 25.09 -95.79
CA ARG M 494 -73.58 23.81 -96.50
C ARG M 494 -73.91 22.61 -95.59
N GLY M 495 -74.15 22.83 -94.30
CA GLY M 495 -74.53 21.79 -93.33
C GLY M 495 -73.37 21.14 -92.57
N PHE M 496 -72.12 21.55 -92.82
CA PHE M 496 -70.93 21.16 -92.05
C PHE M 496 -70.72 22.21 -90.93
N ILE M 497 -71.34 21.96 -89.77
CA ILE M 497 -71.52 22.97 -88.73
C ILE M 497 -70.48 22.77 -87.64
N PHE M 498 -69.74 23.82 -87.30
CA PHE M 498 -68.67 23.75 -86.31
C PHE M 498 -69.23 23.83 -84.89
N VAL M 499 -69.65 22.68 -84.37
CA VAL M 499 -70.25 22.52 -83.05
C VAL M 499 -69.43 23.16 -81.93
N GLY M 500 -68.10 23.17 -82.01
CA GLY M 500 -67.22 23.63 -80.94
C GLY M 500 -65.98 24.37 -81.42
N LYS M 501 -65.56 25.37 -80.65
CA LYS M 501 -64.48 26.31 -80.96
C LYS M 501 -63.66 26.66 -79.72
N ASP M 502 -62.46 27.18 -79.96
CA ASP M 502 -61.62 27.78 -78.91
C ASP M 502 -62.30 29.01 -78.28
N GLU M 503 -61.98 29.32 -77.03
CA GLU M 503 -62.54 30.47 -76.28
C GLU M 503 -62.42 31.84 -76.97
N THR M 504 -61.47 32.06 -77.90
CA THR M 504 -61.38 33.30 -78.70
C THR M 504 -62.39 33.33 -79.87
N GLY M 505 -63.01 32.20 -80.20
CA GLY M 505 -63.90 31.99 -81.35
C GLY M 505 -63.18 31.74 -82.68
N GLN M 506 -61.89 32.07 -82.77
CA GLN M 506 -61.16 32.14 -84.05
C GLN M 506 -60.66 30.78 -84.57
N ARG M 507 -60.66 29.76 -83.72
CA ARG M 507 -60.12 28.41 -84.00
C ARG M 507 -61.21 27.36 -83.88
N CYS M 508 -61.29 26.45 -84.84
CA CYS M 508 -62.35 25.46 -84.95
C CYS M 508 -61.90 24.07 -84.50
N GLU M 509 -62.68 23.45 -83.61
CA GLU M 509 -62.21 22.33 -82.80
C GLU M 509 -63.11 21.09 -82.88
N ILE M 510 -64.41 21.25 -83.14
CA ILE M 510 -65.33 20.14 -83.41
C ILE M 510 -66.23 20.53 -84.58
N PHE M 511 -66.54 19.60 -85.47
CA PHE M 511 -67.69 19.72 -86.36
C PHE M 511 -68.54 18.45 -86.33
N GLU M 512 -69.82 18.58 -86.66
CA GLU M 512 -70.73 17.48 -86.96
C GLU M 512 -71.48 17.83 -88.24
N LEU M 513 -71.57 16.88 -89.17
CA LEU M 513 -72.29 17.08 -90.43
C LEU M 513 -73.79 16.85 -90.21
N LYS M 514 -74.63 17.82 -90.58
CA LYS M 514 -76.09 17.70 -90.51
C LYS M 514 -76.60 16.56 -91.40
N GLY M 515 -77.60 15.83 -90.94
CA GLY M 515 -78.30 14.83 -91.76
C GLY M 515 -77.50 13.55 -92.09
N HIS M 516 -76.61 13.13 -91.19
CA HIS M 516 -75.91 11.84 -91.26
C HIS M 516 -76.01 11.13 -89.89
N PRO M 517 -76.13 9.79 -89.81
CA PRO M 517 -76.28 9.07 -88.54
C PRO M 517 -75.24 9.38 -87.46
N TYR M 518 -73.96 9.55 -87.82
CA TYR M 518 -72.89 9.99 -86.93
C TYR M 518 -71.63 10.30 -87.76
N TYR M 519 -71.31 11.57 -87.98
CA TYR M 519 -70.13 11.98 -88.75
C TYR M 519 -69.51 13.20 -88.11
N VAL M 520 -68.38 12.99 -87.43
CA VAL M 520 -67.78 13.94 -86.48
C VAL M 520 -66.32 14.19 -86.82
N GLY M 521 -65.84 15.44 -86.80
CA GLY M 521 -64.41 15.71 -86.64
C GLY M 521 -64.12 16.32 -85.27
N THR M 522 -63.06 15.88 -84.59
CA THR M 522 -62.51 16.51 -83.38
C THR M 522 -61.05 16.84 -83.62
N GLN M 523 -60.63 18.09 -83.48
CA GLN M 523 -59.23 18.48 -83.76
C GLN M 523 -58.30 18.32 -82.55
N TYR M 524 -58.85 18.29 -81.35
CA TYR M 524 -58.16 17.68 -80.22
C TYR M 524 -58.10 16.15 -80.41
N HIS M 525 -57.32 15.50 -79.57
CA HIS M 525 -57.17 14.05 -79.51
C HIS M 525 -58.09 13.49 -78.43
N PRO M 526 -59.22 12.85 -78.76
CA PRO M 526 -60.06 12.28 -77.72
C PRO M 526 -59.50 10.99 -77.14
N GLU M 527 -58.46 10.39 -77.69
CA GLU M 527 -57.98 9.09 -77.22
C GLU M 527 -57.50 9.15 -75.79
N TYR M 528 -56.67 10.14 -75.45
CA TYR M 528 -55.82 10.12 -74.27
C TYR M 528 -56.58 10.22 -72.94
N THR M 529 -57.76 10.85 -72.97
CA THR M 529 -58.61 11.09 -71.79
C THR M 529 -59.55 9.94 -71.45
N SER M 530 -59.69 8.94 -72.32
CA SER M 530 -60.51 7.76 -72.03
C SER M 530 -59.96 6.99 -70.83
N LYS M 531 -60.84 6.56 -69.92
CA LYS M 531 -60.52 5.66 -68.81
C LYS M 531 -61.27 4.34 -68.99
N VAL M 532 -60.81 3.24 -68.41
CA VAL M 532 -61.42 1.90 -68.57
C VAL M 532 -62.89 1.83 -68.11
N LEU M 533 -63.36 2.78 -67.32
CA LEU M 533 -64.74 2.88 -66.86
C LEU M 533 -65.44 4.17 -67.32
N GLU M 534 -64.83 4.93 -68.23
CA GLU M 534 -65.29 6.23 -68.73
C GLU M 534 -64.70 6.42 -70.14
N PRO M 535 -65.28 5.77 -71.16
CA PRO M 535 -64.76 5.85 -72.52
C PRO M 535 -64.94 7.25 -73.10
N SER M 536 -64.02 7.67 -73.94
CA SER M 536 -63.98 9.03 -74.45
C SER M 536 -65.21 9.31 -75.29
N ARG M 537 -65.96 10.38 -75.03
CA ARG M 537 -67.30 10.55 -75.61
C ARG M 537 -67.38 10.45 -77.13
N PRO M 538 -66.45 10.98 -77.95
CA PRO M 538 -66.52 10.80 -79.40
C PRO M 538 -66.32 9.35 -79.82
N PHE M 539 -65.47 8.61 -79.12
CA PHE M 539 -65.20 7.19 -79.38
C PHE M 539 -66.35 6.29 -78.89
N TRP M 540 -67.01 6.65 -77.79
CA TRP M 540 -68.25 5.99 -77.37
C TRP M 540 -69.34 6.25 -78.39
N GLY M 541 -69.42 7.46 -78.94
CA GLY M 541 -70.30 7.78 -80.07
C GLY M 541 -70.06 6.89 -81.29
N LEU M 542 -68.81 6.77 -81.76
CA LEU M 542 -68.50 5.94 -82.93
C LEU M 542 -68.88 4.47 -82.72
N VAL M 543 -68.42 3.84 -81.64
CA VAL M 543 -68.69 2.42 -81.41
C VAL M 543 -70.16 2.17 -81.09
N ALA M 544 -70.88 3.15 -80.55
CA ALA M 544 -72.33 3.05 -80.42
C ALA M 544 -73.01 3.13 -81.78
N ALA M 545 -72.74 4.15 -82.61
CA ALA M 545 -73.36 4.27 -83.93
C ALA M 545 -73.13 3.03 -84.79
N ALA M 546 -71.91 2.52 -84.80
CA ALA M 546 -71.57 1.29 -85.52
C ALA M 546 -72.26 0.04 -84.96
N SER M 547 -72.52 -0.03 -83.65
CA SER M 547 -73.29 -1.13 -83.03
C SER M 547 -74.79 -1.04 -83.24
N GLY M 548 -75.29 0.09 -83.73
CA GLY M 548 -76.66 0.53 -83.49
C GLY M 548 -76.89 0.91 -82.03
N THR M 549 -78.07 1.42 -81.72
CA THR M 549 -78.44 1.87 -80.37
C THR M 549 -77.65 3.11 -79.87
N LEU M 550 -77.27 4.01 -80.78
CA LEU M 550 -76.71 5.32 -80.44
C LEU M 550 -77.65 6.14 -79.53
N GLY M 551 -78.95 6.07 -79.78
CA GLY M 551 -79.96 6.67 -78.92
C GLY M 551 -79.96 6.12 -77.49
N GLU M 552 -79.86 4.79 -77.31
CA GLU M 552 -79.82 4.16 -75.99
C GLU M 552 -78.58 4.52 -75.18
N VAL M 553 -77.43 4.70 -75.84
CA VAL M 553 -76.22 5.26 -75.21
C VAL M 553 -76.47 6.70 -74.77
N ILE M 554 -77.10 7.53 -75.60
CA ILE M 554 -77.43 8.90 -75.21
C ILE M 554 -78.34 8.97 -73.97
N LYS M 555 -79.23 7.98 -73.71
CA LYS M 555 -79.92 7.88 -72.40
C LYS M 555 -78.97 7.46 -71.28
N ASP M 556 -78.12 6.47 -71.49
CA ASP M 556 -77.21 6.01 -70.43
C ASP M 556 -76.29 7.14 -69.93
N ILE M 557 -75.88 8.03 -70.82
CA ILE M 557 -75.13 9.25 -70.48
C ILE M 557 -75.99 10.25 -69.69
N ASN M 558 -77.13 10.65 -70.24
CA ASN M 558 -77.86 11.82 -69.74
C ASN M 558 -78.76 11.53 -68.52
N LEU M 559 -79.10 10.27 -68.24
CA LEU M 559 -79.78 9.89 -67.00
C LEU M 559 -78.84 9.99 -65.78
N MET N 1 -33.14 -23.05 -29.81
CA MET N 1 -31.82 -22.93 -30.43
C MET N 1 -31.64 -21.58 -31.10
N LYS N 2 -30.42 -21.04 -31.11
CA LYS N 2 -30.04 -19.79 -31.80
C LYS N 2 -28.70 -20.01 -32.51
N TYR N 3 -28.41 -19.33 -33.61
CA TYR N 3 -27.12 -19.39 -34.30
C TYR N 3 -26.59 -17.98 -34.54
N VAL N 4 -25.29 -17.81 -34.38
CA VAL N 4 -24.56 -16.63 -34.89
C VAL N 4 -23.47 -17.13 -35.81
N VAL N 5 -23.49 -16.76 -37.08
CA VAL N 5 -22.48 -17.21 -38.03
C VAL N 5 -21.48 -16.08 -38.18
N VAL N 6 -20.18 -16.35 -38.01
CA VAL N 6 -19.08 -15.40 -38.18
C VAL N 6 -18.36 -15.75 -39.47
N SER N 7 -18.19 -14.77 -40.36
CA SER N 7 -18.11 -15.01 -41.80
C SER N 7 -17.41 -13.87 -42.52
N GLY N 8 -17.18 -14.04 -43.81
CA GLY N 8 -16.98 -12.90 -44.70
C GLY N 8 -15.58 -12.77 -45.24
N GLY N 9 -15.02 -11.58 -45.15
CA GLY N 9 -13.65 -11.28 -45.54
C GLY N 9 -13.49 -10.98 -47.02
N VAL N 10 -12.82 -9.88 -47.33
CA VAL N 10 -12.15 -9.64 -48.62
C VAL N 10 -10.95 -10.57 -48.81
N ILE N 11 -10.24 -10.86 -47.72
CA ILE N 11 -9.04 -11.71 -47.66
C ILE N 11 -9.18 -12.77 -46.55
N SER N 12 -8.62 -13.95 -46.73
CA SER N 12 -8.76 -15.07 -45.80
C SER N 12 -7.87 -14.99 -44.56
N GLY N 13 -6.78 -14.22 -44.57
CA GLY N 13 -5.90 -14.01 -43.42
C GLY N 13 -6.39 -12.98 -42.39
N ILE N 14 -7.63 -12.52 -42.51
CA ILE N 14 -8.16 -11.34 -41.79
C ILE N 14 -8.39 -11.51 -40.29
N GLY N 15 -8.37 -12.73 -39.76
CA GLY N 15 -8.55 -12.98 -38.33
C GLY N 15 -10.01 -12.95 -37.87
N LYS N 16 -10.82 -13.88 -38.38
CA LYS N 16 -12.18 -14.14 -37.91
C LYS N 16 -12.22 -14.91 -36.61
N GLY N 17 -11.22 -15.74 -36.34
CA GLY N 17 -11.21 -16.68 -35.21
C GLY N 17 -11.27 -16.04 -33.84
N VAL N 18 -10.71 -14.84 -33.67
CA VAL N 18 -10.89 -14.06 -32.43
C VAL N 18 -12.33 -13.56 -32.34
N LEU N 19 -12.90 -12.97 -33.40
CA LEU N 19 -14.28 -12.49 -33.31
C LEU N 19 -15.28 -13.61 -33.05
N ALA N 20 -15.07 -14.82 -33.58
CA ALA N 20 -15.85 -16.00 -33.18
C ALA N 20 -15.63 -16.36 -31.70
N SER N 21 -14.39 -16.63 -31.29
CA SER N 21 -14.03 -17.06 -29.92
C SER N 21 -14.35 -16.02 -28.85
N SER N 22 -14.62 -14.78 -29.23
CA SER N 22 -14.86 -13.59 -28.45
C SER N 22 -16.31 -13.14 -28.52
N THR N 23 -17.08 -13.55 -29.54
CA THR N 23 -18.52 -13.30 -29.58
C THR N 23 -19.18 -14.31 -28.68
N GLY N 24 -18.71 -15.55 -28.72
CA GLY N 24 -19.24 -16.61 -27.94
C GLY N 24 -18.96 -16.46 -26.49
N MET N 25 -17.85 -15.79 -26.16
CA MET N 25 -17.48 -15.47 -24.80
C MET N 25 -18.43 -14.40 -24.26
N LEU N 26 -18.68 -13.35 -25.02
CA LEU N 26 -19.65 -12.34 -24.61
C LEU N 26 -21.03 -12.94 -24.38
N LEU N 27 -21.52 -13.82 -25.26
CA LEU N 27 -22.80 -14.48 -25.00
C LEU N 27 -22.76 -15.39 -23.76
N LYS N 28 -21.63 -16.01 -23.43
CA LYS N 28 -21.53 -16.81 -22.20
C LYS N 28 -21.63 -15.96 -20.92
N THR N 29 -21.32 -14.67 -20.99
CA THR N 29 -21.56 -13.76 -19.87
C THR N 29 -23.04 -13.47 -19.60
N LEU N 30 -23.95 -13.68 -20.56
CA LEU N 30 -25.40 -13.70 -20.28
C LEU N 30 -25.83 -15.00 -19.55
N GLY N 31 -24.92 -15.97 -19.39
CA GLY N 31 -25.19 -17.24 -18.74
C GLY N 31 -25.66 -18.34 -19.68
N LEU N 32 -25.84 -18.04 -20.97
CA LEU N 32 -26.26 -18.99 -22.00
C LEU N 32 -25.28 -20.16 -22.15
N LYS N 33 -25.76 -21.39 -22.34
CA LYS N 33 -24.90 -22.56 -22.60
C LYS N 33 -24.38 -22.53 -24.03
N VAL N 34 -23.37 -21.72 -24.31
CA VAL N 34 -22.90 -21.48 -25.69
C VAL N 34 -22.09 -22.67 -26.23
N THR N 35 -22.19 -22.97 -27.53
CA THR N 35 -21.33 -23.93 -28.25
C THR N 35 -20.81 -23.27 -29.53
N SER N 36 -19.92 -23.95 -30.25
CA SER N 36 -19.33 -23.42 -31.46
C SER N 36 -19.01 -24.51 -32.48
N ILE N 37 -19.04 -24.16 -33.76
CA ILE N 37 -18.76 -25.04 -34.90
C ILE N 37 -17.73 -24.33 -35.77
N LYS N 38 -16.71 -25.03 -36.22
CA LYS N 38 -15.75 -24.51 -37.20
C LYS N 38 -16.13 -25.10 -38.52
N ILE N 39 -16.20 -24.32 -39.60
CA ILE N 39 -16.23 -24.81 -40.96
C ILE N 39 -14.83 -24.54 -41.54
N ASP N 40 -14.18 -25.58 -42.08
CA ASP N 40 -12.92 -25.45 -42.81
C ASP N 40 -13.09 -25.94 -44.25
N PRO N 41 -12.97 -25.05 -45.23
CA PRO N 41 -13.08 -25.39 -46.64
C PRO N 41 -12.04 -26.36 -47.22
N TYR N 42 -10.99 -26.69 -46.50
CA TYR N 42 -10.00 -27.67 -46.99
C TYR N 42 -10.56 -29.08 -47.13
N MET N 43 -9.93 -29.88 -47.97
CA MET N 43 -10.37 -31.27 -48.22
C MET N 43 -9.92 -32.27 -47.16
N ASN N 44 -9.09 -31.90 -46.19
CA ASN N 44 -8.71 -32.90 -45.19
C ASN N 44 -9.90 -33.38 -44.37
N ILE N 45 -10.00 -34.70 -44.21
CA ILE N 45 -10.97 -35.29 -43.29
C ILE N 45 -10.77 -34.76 -41.89
N ASP N 46 -9.54 -34.90 -41.40
CA ASP N 46 -9.13 -34.37 -40.12
C ASP N 46 -7.61 -34.16 -40.12
N ALA N 47 -7.14 -33.28 -39.25
CA ALA N 47 -5.81 -32.67 -39.33
C ALA N 47 -4.65 -33.65 -39.13
N GLY N 48 -4.88 -34.88 -38.67
CA GLY N 48 -3.84 -35.86 -38.37
C GLY N 48 -2.87 -36.16 -39.52
N THR N 49 -3.27 -35.97 -40.77
CA THR N 49 -2.42 -36.17 -41.95
C THR N 49 -1.47 -35.03 -42.24
N MET N 50 -1.73 -33.81 -41.76
CA MET N 50 -0.97 -32.62 -42.16
C MET N 50 -0.01 -32.16 -41.05
N SER N 51 1.28 -32.13 -41.38
CA SER N 51 2.39 -31.88 -40.45
C SER N 51 2.34 -30.47 -39.83
N PRO N 52 2.82 -30.30 -38.59
CA PRO N 52 2.83 -29.01 -37.90
C PRO N 52 3.57 -27.85 -38.62
N LEU N 53 4.43 -28.13 -39.59
CA LEU N 53 4.97 -27.10 -40.49
C LEU N 53 3.86 -26.43 -41.32
N GLU N 54 2.88 -27.19 -41.77
CA GLU N 54 1.85 -26.79 -42.72
C GLU N 54 0.63 -26.19 -42.00
N HIS N 55 0.66 -24.89 -41.75
CA HIS N 55 -0.40 -24.15 -41.03
C HIS N 55 -0.66 -24.60 -39.57
N GLY N 56 0.41 -24.84 -38.81
CA GLY N 56 0.38 -24.94 -37.34
C GLY N 56 0.07 -26.32 -36.74
N GLU N 57 0.08 -26.38 -35.41
CA GLU N 57 0.08 -27.61 -34.59
C GLU N 57 -1.07 -28.59 -34.86
N CYS N 58 -0.85 -29.85 -34.50
CA CYS N 58 -1.84 -30.91 -34.62
C CYS N 58 -2.65 -31.05 -33.31
N PHE N 59 -3.82 -30.42 -33.19
CA PHE N 59 -4.63 -30.39 -31.96
C PHE N 59 -5.12 -31.80 -31.55
N VAL N 60 -5.62 -31.98 -30.32
CA VAL N 60 -6.26 -33.22 -29.86
C VAL N 60 -7.53 -32.94 -29.05
N LEU N 61 -8.61 -33.67 -29.34
CA LEU N 61 -9.90 -33.62 -28.63
C LEU N 61 -10.09 -34.81 -27.69
N ASP N 62 -11.15 -34.81 -26.86
CA ASP N 62 -11.44 -35.95 -25.97
C ASP N 62 -11.62 -37.26 -26.74
N ASP N 63 -12.18 -37.20 -27.95
CA ASP N 63 -12.37 -38.35 -28.85
C ASP N 63 -11.06 -38.96 -29.39
N GLY N 64 -9.94 -38.24 -29.26
CA GLY N 64 -8.71 -38.51 -30.02
C GLY N 64 -8.68 -37.87 -31.40
N GLY N 65 -9.70 -37.08 -31.76
CA GLY N 65 -9.80 -36.42 -33.06
C GLY N 65 -8.76 -35.33 -33.28
N GLU N 66 -7.75 -35.63 -34.09
CA GLU N 66 -6.69 -34.70 -34.45
C GLU N 66 -7.24 -33.62 -35.39
N THR N 67 -7.30 -32.35 -34.96
CA THR N 67 -8.24 -31.36 -35.51
C THR N 67 -7.68 -29.97 -35.77
N ASP N 68 -8.45 -29.14 -36.46
CA ASP N 68 -8.07 -27.76 -36.74
C ASP N 68 -7.80 -26.95 -35.46
N LEU N 69 -6.76 -26.13 -35.50
CA LEU N 69 -6.40 -25.20 -34.43
C LEU N 69 -7.59 -24.46 -33.85
N ASP N 70 -8.49 -24.01 -34.71
CA ASP N 70 -9.53 -23.08 -34.29
C ASP N 70 -10.54 -23.70 -33.34
N LEU N 71 -10.65 -25.03 -33.25
CA LEU N 71 -11.40 -25.65 -32.16
C LEU N 71 -10.82 -25.25 -30.81
N GLY N 72 -9.49 -25.28 -30.70
CA GLY N 72 -8.79 -24.99 -29.47
C GLY N 72 -9.12 -23.59 -28.96
N ASN N 73 -9.13 -22.58 -29.83
CA ASN N 73 -9.44 -21.21 -29.41
C ASN N 73 -10.82 -21.12 -28.78
N TYR N 74 -11.85 -21.80 -29.30
CA TYR N 74 -13.15 -21.79 -28.64
C TYR N 74 -13.11 -22.56 -27.33
N GLU N 75 -12.47 -23.73 -27.29
CA GLU N 75 -12.40 -24.51 -26.04
C GLU N 75 -11.84 -23.67 -24.89
N ARG N 76 -10.69 -23.01 -25.12
CA ARG N 76 -10.06 -22.22 -24.06
C ARG N 76 -10.76 -20.90 -23.74
N TYR N 77 -11.39 -20.22 -24.69
CA TYR N 77 -12.17 -19.02 -24.38
C TYR N 77 -13.50 -19.35 -23.72
N LEU N 78 -14.18 -20.42 -24.13
CA LEU N 78 -15.56 -20.70 -23.74
C LEU N 78 -15.68 -21.74 -22.62
N GLY N 79 -14.59 -22.40 -22.23
CA GLY N 79 -14.56 -23.45 -21.21
C GLY N 79 -15.14 -24.79 -21.67
N ILE N 80 -15.59 -24.86 -22.91
CA ILE N 80 -16.32 -25.99 -23.47
C ILE N 80 -15.39 -27.15 -23.86
N THR N 81 -15.92 -28.35 -23.91
CA THR N 81 -15.28 -29.51 -24.54
C THR N 81 -15.94 -29.78 -25.88
N LEU N 82 -15.16 -29.87 -26.95
CA LEU N 82 -15.67 -30.16 -28.29
C LEU N 82 -15.42 -31.62 -28.70
N SER N 83 -16.03 -32.03 -29.81
CA SER N 83 -15.91 -33.37 -30.41
C SER N 83 -15.55 -33.23 -31.88
N ARG N 84 -14.97 -34.27 -32.50
CA ARG N 84 -14.45 -34.17 -33.86
C ARG N 84 -15.52 -33.84 -34.90
N ASP N 85 -16.79 -34.02 -34.60
CA ASP N 85 -17.90 -33.54 -35.44
C ASP N 85 -18.02 -32.02 -35.49
N HIS N 86 -17.52 -31.26 -34.51
CA HIS N 86 -17.63 -29.80 -34.50
C HIS N 86 -16.77 -29.10 -35.57
N ASN N 87 -15.88 -29.85 -36.21
CA ASN N 87 -15.06 -29.40 -37.32
C ASN N 87 -15.72 -29.87 -38.65
N ILE N 88 -16.63 -29.09 -39.21
CA ILE N 88 -17.15 -29.36 -40.54
C ILE N 88 -16.01 -29.12 -41.54
N THR N 89 -15.80 -30.02 -42.51
CA THR N 89 -14.86 -29.74 -43.60
C THR N 89 -15.40 -30.15 -44.96
N THR N 90 -14.86 -29.58 -46.01
CA THR N 90 -15.19 -30.02 -47.36
C THR N 90 -14.83 -31.49 -47.55
N GLY N 91 -13.69 -31.92 -46.99
CA GLY N 91 -13.34 -33.33 -46.90
C GLY N 91 -14.39 -34.21 -46.25
N LYS N 92 -14.82 -33.82 -45.05
CA LYS N 92 -15.79 -34.61 -44.29
C LYS N 92 -17.11 -34.71 -45.01
N ILE N 93 -17.74 -33.58 -45.35
CA ILE N 93 -19.14 -33.62 -45.82
C ILE N 93 -19.23 -34.28 -47.19
N TYR N 94 -18.24 -34.07 -48.06
CA TYR N 94 -18.22 -34.75 -49.35
C TYR N 94 -17.88 -36.24 -49.18
N SER N 95 -16.96 -36.62 -48.29
CA SER N 95 -16.71 -38.04 -47.97
C SER N 95 -17.96 -38.71 -47.37
N HIS N 96 -18.72 -37.98 -46.55
CA HIS N 96 -19.96 -38.43 -45.94
C HIS N 96 -21.01 -38.70 -47.00
N VAL N 97 -21.45 -37.68 -47.75
CA VAL N 97 -22.53 -37.92 -48.73
C VAL N 97 -22.10 -38.85 -49.86
N ILE N 98 -20.87 -38.83 -50.35
CA ILE N 98 -20.40 -39.81 -51.34
C ILE N 98 -20.31 -41.20 -50.74
N SER N 99 -19.95 -41.41 -49.47
CA SER N 99 -20.03 -42.75 -48.88
C SER N 99 -21.49 -43.17 -48.70
N ARG N 100 -22.38 -42.23 -48.38
CA ARG N 100 -23.82 -42.46 -48.28
C ARG N 100 -24.43 -42.89 -49.62
N GLU N 101 -23.92 -42.43 -50.76
CA GLU N 101 -24.35 -42.91 -52.07
C GLU N 101 -24.11 -44.40 -52.28
N ARG N 102 -22.92 -44.90 -51.99
CA ARG N 102 -22.64 -46.34 -52.13
C ARG N 102 -23.46 -47.18 -51.14
N ARG N 103 -23.88 -46.59 -50.01
CA ARG N 103 -24.85 -47.18 -49.07
C ARG N 103 -26.29 -47.14 -49.59
N GLY N 104 -26.63 -46.21 -50.48
CA GLY N 104 -27.88 -46.16 -51.24
C GLY N 104 -28.97 -45.24 -50.69
N ASP N 105 -28.72 -44.46 -49.65
CA ASP N 105 -29.79 -43.82 -48.87
C ASP N 105 -30.60 -42.74 -49.60
N TYR N 106 -30.15 -42.23 -50.74
CA TYR N 106 -30.95 -41.34 -51.58
C TYR N 106 -31.90 -42.09 -52.54
N LEU N 107 -32.13 -43.39 -52.30
CA LEU N 107 -33.08 -44.24 -53.02
C LEU N 107 -32.82 -44.31 -54.53
N GLY N 108 -31.56 -44.20 -54.91
CA GLY N 108 -31.20 -44.17 -56.31
C GLY N 108 -31.66 -42.93 -57.07
N LYS N 109 -31.82 -41.79 -56.40
CA LYS N 109 -31.97 -40.50 -57.09
C LYS N 109 -30.62 -39.95 -57.59
N THR N 110 -30.61 -38.79 -58.24
CA THR N 110 -29.33 -38.06 -58.51
C THR N 110 -28.97 -37.48 -57.16
N VAL N 111 -27.70 -37.33 -56.79
CA VAL N 111 -27.33 -36.65 -55.52
C VAL N 111 -26.73 -35.30 -55.91
N GLN N 112 -27.50 -34.43 -56.56
CA GLN N 112 -27.03 -33.08 -56.95
C GLN N 112 -26.43 -32.44 -55.69
N ILE N 113 -25.43 -31.54 -55.80
CA ILE N 113 -24.85 -30.84 -54.61
C ILE N 113 -25.84 -29.79 -54.11
N VAL N 114 -26.69 -29.19 -54.96
CA VAL N 114 -27.78 -28.29 -54.45
C VAL N 114 -28.75 -29.25 -53.80
N PRO N 115 -29.96 -28.90 -53.33
CA PRO N 115 -30.76 -29.82 -52.56
C PRO N 115 -30.03 -30.83 -51.68
N HIS N 116 -29.47 -31.90 -52.19
CA HIS N 116 -29.12 -32.97 -51.25
C HIS N 116 -27.88 -32.72 -50.38
N LEU N 117 -26.72 -32.35 -50.92
CA LEU N 117 -25.54 -32.10 -50.08
C LEU N 117 -25.74 -30.86 -49.20
N THR N 118 -26.27 -29.74 -49.70
CA THR N 118 -26.59 -28.60 -48.81
C THR N 118 -27.61 -28.98 -47.74
N ASN N 119 -28.48 -29.95 -47.98
CA ASN N 119 -29.33 -30.50 -46.93
C ASN N 119 -28.52 -31.29 -45.90
N ALA N 120 -27.49 -32.06 -46.29
CA ALA N 120 -26.62 -32.73 -45.33
C ALA N 120 -25.87 -31.74 -44.44
N ILE N 121 -25.38 -30.61 -44.97
CA ILE N 121 -24.78 -29.54 -44.15
C ILE N 121 -25.82 -29.04 -43.13
N GLN N 122 -27.03 -28.70 -43.57
CA GLN N 122 -28.02 -28.14 -42.69
C GLN N 122 -28.47 -29.15 -41.64
N ASP N 123 -28.40 -30.44 -41.94
CA ASP N 123 -28.63 -31.52 -40.98
C ASP N 123 -27.45 -31.62 -40.01
N TRP N 124 -26.21 -31.65 -40.50
CA TRP N 124 -25.01 -31.73 -39.65
C TRP N 124 -24.94 -30.59 -38.64
N ILE N 125 -25.12 -29.34 -39.04
CA ILE N 125 -25.15 -28.21 -38.09
C ILE N 125 -26.25 -28.37 -37.05
N GLN N 126 -27.42 -28.90 -37.41
CA GLN N 126 -28.52 -29.15 -36.46
C GLN N 126 -28.28 -30.36 -35.58
N ARG N 127 -27.52 -31.37 -36.01
CA ARG N 127 -27.10 -32.45 -35.12
C ARG N 127 -26.13 -31.92 -34.08
N VAL N 128 -25.03 -31.36 -34.57
CA VAL N 128 -23.86 -30.94 -33.83
C VAL N 128 -24.18 -29.90 -32.80
N SER N 129 -24.93 -28.88 -33.10
CA SER N 129 -25.31 -27.86 -32.10
C SER N 129 -26.18 -28.40 -30.96
N LYS N 130 -26.75 -29.63 -31.03
CA LYS N 130 -27.47 -30.27 -29.91
C LYS N 130 -26.63 -31.25 -29.09
N ILE N 131 -25.37 -31.51 -29.45
CA ILE N 131 -24.44 -32.30 -28.63
C ILE N 131 -24.06 -31.49 -27.39
N PRO N 132 -24.08 -32.04 -26.16
CA PRO N 132 -23.69 -31.28 -24.97
C PRO N 132 -22.18 -31.02 -24.90
N VAL N 133 -21.77 -29.90 -24.29
CA VAL N 133 -20.36 -29.49 -24.27
C VAL N 133 -19.84 -29.01 -22.91
N ASP N 134 -20.69 -28.57 -21.98
CA ASP N 134 -20.32 -28.16 -20.61
C ASP N 134 -20.19 -29.36 -19.66
N ASP N 135 -19.96 -29.10 -18.37
CA ASP N 135 -19.77 -30.12 -17.31
C ASP N 135 -21.02 -30.98 -17.01
N THR N 136 -22.18 -30.63 -17.57
CA THR N 136 -23.45 -31.36 -17.49
C THR N 136 -24.05 -31.50 -18.88
N GLY N 137 -24.80 -32.58 -19.10
CA GLY N 137 -25.35 -32.98 -20.40
C GLY N 137 -26.54 -32.13 -20.91
N LEU N 138 -26.55 -30.83 -20.63
CA LEU N 138 -27.57 -29.90 -21.10
C LEU N 138 -27.21 -29.39 -22.49
N GLU N 139 -28.17 -29.39 -23.42
CA GLU N 139 -27.94 -28.99 -24.81
C GLU N 139 -27.80 -27.46 -24.95
N PRO N 140 -26.94 -26.98 -25.86
CA PRO N 140 -26.61 -25.57 -26.01
C PRO N 140 -27.76 -24.59 -26.28
N ASP N 141 -27.70 -23.37 -25.76
CA ASP N 141 -28.67 -22.32 -26.06
C ASP N 141 -28.37 -21.60 -27.37
N VAL N 142 -27.09 -21.32 -27.66
CA VAL N 142 -26.61 -20.58 -28.83
C VAL N 142 -25.40 -21.27 -29.43
N CYS N 143 -25.32 -21.35 -30.75
CA CYS N 143 -24.18 -21.90 -31.47
C CYS N 143 -23.48 -20.84 -32.34
N ILE N 144 -22.18 -20.62 -32.15
CA ILE N 144 -21.36 -19.76 -33.00
C ILE N 144 -20.78 -20.59 -34.15
N ILE N 145 -21.10 -20.29 -35.40
CA ILE N 145 -20.52 -21.00 -36.55
C ILE N 145 -19.43 -20.12 -37.17
N GLU N 146 -18.17 -20.55 -37.19
CA GLU N 146 -17.12 -19.83 -37.89
C GLU N 146 -16.96 -20.38 -39.31
N LEU N 147 -17.34 -19.61 -40.32
CA LEU N 147 -17.27 -20.01 -41.74
C LEU N 147 -15.86 -19.70 -42.24
N GLY N 148 -15.03 -20.75 -42.30
CA GLY N 148 -13.68 -20.69 -42.85
C GLY N 148 -13.67 -20.40 -44.35
N GLY N 149 -12.49 -20.04 -44.87
CA GLY N 149 -12.41 -19.45 -46.22
C GLY N 149 -13.00 -18.04 -46.27
N THR N 150 -13.52 -17.61 -47.42
CA THR N 150 -14.31 -16.37 -47.51
C THR N 150 -15.65 -16.58 -48.22
N VAL N 151 -16.61 -15.67 -47.97
CA VAL N 151 -17.92 -15.69 -48.70
C VAL N 151 -17.62 -15.03 -50.04
N GLY N 152 -17.59 -15.80 -51.14
CA GLY N 152 -17.18 -15.31 -52.46
C GLY N 152 -16.00 -16.12 -52.93
N ASP N 153 -16.10 -17.45 -52.88
CA ASP N 153 -15.00 -18.36 -53.24
C ASP N 153 -15.60 -19.56 -53.96
N ILE N 154 -14.80 -20.60 -54.22
CA ILE N 154 -15.27 -21.87 -54.86
C ILE N 154 -15.14 -23.02 -53.86
N GLU N 155 -14.35 -22.88 -52.80
CA GLU N 155 -14.26 -23.89 -51.72
C GLU N 155 -15.32 -23.53 -50.69
N SER N 156 -15.83 -22.30 -50.74
CA SER N 156 -16.88 -21.89 -49.80
C SER N 156 -18.28 -22.24 -50.27
N ALA N 157 -18.44 -22.53 -51.56
CA ALA N 157 -19.68 -22.43 -52.28
C ALA N 157 -20.85 -23.25 -51.73
N PRO N 158 -20.71 -24.55 -51.43
CA PRO N 158 -21.80 -25.29 -50.81
C PRO N 158 -22.17 -24.78 -49.42
N PHE N 159 -21.22 -24.26 -48.64
CA PHE N 159 -21.51 -23.74 -47.31
C PHE N 159 -22.33 -22.48 -47.42
N VAL N 160 -21.99 -21.52 -48.27
CA VAL N 160 -22.79 -20.29 -48.34
C VAL N 160 -24.21 -20.55 -48.87
N GLU N 161 -24.41 -21.54 -49.75
CA GLU N 161 -25.75 -21.96 -50.16
C GLU N 161 -26.48 -22.65 -49.03
N ALA N 162 -25.85 -23.63 -48.41
CA ALA N 162 -26.43 -24.31 -47.26
C ALA N 162 -26.90 -23.34 -46.19
N LEU N 163 -26.11 -22.30 -45.90
CA LEU N 163 -26.43 -21.24 -44.95
C LEU N 163 -27.48 -20.25 -45.46
N ARG N 164 -27.62 -20.00 -46.77
CA ARG N 164 -28.80 -19.31 -47.26
C ARG N 164 -30.05 -20.15 -46.93
N GLN N 165 -30.11 -21.44 -47.22
CA GLN N 165 -31.30 -22.21 -46.84
C GLN N 165 -31.45 -22.23 -45.32
N PHE N 166 -30.36 -22.34 -44.59
CA PHE N 166 -30.39 -22.42 -43.12
C PHE N 166 -30.84 -21.14 -42.41
N GLN N 167 -30.84 -20.01 -43.12
CA GLN N 167 -31.44 -18.77 -42.66
C GLN N 167 -32.96 -18.88 -42.55
N PHE N 168 -33.55 -19.88 -43.22
CA PHE N 168 -34.99 -20.15 -43.19
C PHE N 168 -35.38 -21.49 -42.59
N GLU N 169 -34.64 -22.55 -42.87
CA GLU N 169 -34.88 -23.87 -42.30
C GLU N 169 -34.72 -23.83 -40.77
N VAL N 170 -33.94 -22.88 -40.24
CA VAL N 170 -34.06 -22.30 -38.90
C VAL N 170 -34.56 -20.86 -39.09
N GLY N 171 -35.59 -20.44 -38.40
CA GLY N 171 -36.20 -19.13 -38.64
C GLY N 171 -35.25 -17.95 -38.42
N ARG N 172 -35.34 -16.86 -39.20
CA ARG N 172 -34.76 -15.55 -38.81
C ARG N 172 -35.26 -15.20 -37.43
N GLU N 173 -34.48 -14.42 -36.71
CA GLU N 173 -34.54 -14.27 -35.25
C GLU N 173 -34.12 -15.51 -34.42
N ASN N 174 -33.83 -16.65 -35.04
CA ASN N 174 -32.95 -17.69 -34.49
C ASN N 174 -31.59 -17.75 -35.23
N PHE N 175 -31.26 -16.80 -36.12
CA PHE N 175 -30.03 -16.77 -36.88
C PHE N 175 -29.57 -15.34 -37.07
N ALA N 176 -28.27 -15.07 -37.00
CA ALA N 176 -27.64 -13.78 -37.24
C ALA N 176 -26.29 -13.96 -37.93
N LEU N 177 -25.93 -13.05 -38.86
CA LEU N 177 -24.63 -13.10 -39.57
C LEU N 177 -23.73 -11.93 -39.20
N ILE N 178 -22.51 -12.23 -38.80
CA ILE N 178 -21.46 -11.27 -38.53
C ILE N 178 -20.44 -11.38 -39.67
N HIS N 179 -20.30 -10.32 -40.45
CA HIS N 179 -19.38 -10.25 -41.58
C HIS N 179 -18.13 -9.46 -41.21
N VAL N 180 -17.02 -10.16 -41.02
CA VAL N 180 -15.69 -9.59 -40.85
C VAL N 180 -15.25 -8.99 -42.18
N SER N 181 -14.56 -7.87 -42.20
CA SER N 181 -14.23 -7.22 -43.47
C SER N 181 -12.99 -6.34 -43.42
N LEU N 182 -12.39 -6.06 -44.57
CA LEU N 182 -11.15 -5.30 -44.67
C LEU N 182 -11.43 -3.85 -45.08
N VAL N 183 -10.85 -2.90 -44.36
CA VAL N 183 -10.93 -1.47 -44.67
C VAL N 183 -9.49 -0.95 -44.73
N PRO N 184 -8.80 -1.07 -45.87
CA PRO N 184 -7.40 -0.66 -45.98
C PRO N 184 -7.20 0.83 -45.72
N VAL N 185 -5.99 1.19 -45.29
CA VAL N 185 -5.56 2.60 -45.21
C VAL N 185 -4.34 2.82 -46.10
N ILE N 186 -4.46 3.83 -46.96
CA ILE N 186 -3.54 4.20 -48.03
C ILE N 186 -3.44 5.73 -48.03
N HIS N 187 -2.22 6.28 -48.08
CA HIS N 187 -1.95 7.73 -48.07
C HIS N 187 -2.70 8.52 -46.97
N GLY N 188 -3.01 7.86 -45.85
CA GLY N 188 -3.77 8.42 -44.72
C GLY N 188 -5.31 8.37 -44.83
N GLU N 189 -5.89 7.69 -45.83
CA GLU N 189 -7.38 7.68 -46.03
C GLU N 189 -7.92 6.28 -45.80
N GLN N 190 -9.04 6.11 -45.08
CA GLN N 190 -9.64 4.78 -44.84
C GLN N 190 -10.44 4.39 -46.08
N LYS N 191 -10.14 3.23 -46.68
CA LYS N 191 -10.73 2.78 -47.97
C LYS N 191 -11.78 1.68 -47.73
N THR N 192 -13.08 2.00 -47.62
CA THR N 192 -14.21 1.05 -47.49
C THR N 192 -14.75 0.51 -48.83
N LYS N 193 -13.96 0.30 -49.89
CA LYS N 193 -14.45 -0.34 -51.16
C LYS N 193 -14.18 -1.84 -51.22
N PRO N 194 -13.14 -2.43 -50.57
CA PRO N 194 -12.97 -3.88 -50.46
C PRO N 194 -14.18 -4.39 -49.66
N THR N 195 -14.55 -3.72 -48.57
CA THR N 195 -15.73 -4.10 -47.75
C THR N 195 -16.99 -4.03 -48.63
N GLN N 196 -17.23 -2.93 -49.36
CA GLN N 196 -18.47 -2.75 -50.18
C GLN N 196 -18.49 -3.74 -51.34
N ALA N 197 -17.36 -4.39 -51.68
CA ALA N 197 -17.27 -5.38 -52.79
C ALA N 197 -17.36 -6.79 -52.19
N ALA N 198 -17.59 -6.94 -50.89
CA ALA N 198 -17.84 -8.24 -50.22
C ALA N 198 -19.25 -8.22 -49.64
N ILE N 199 -19.93 -7.06 -49.56
CA ILE N 199 -21.33 -6.88 -49.16
C ILE N 199 -22.18 -7.13 -50.39
N LYS N 200 -21.71 -6.76 -51.56
CA LYS N 200 -22.34 -7.05 -52.84
C LYS N 200 -22.35 -8.56 -52.99
N ASP N 201 -21.21 -9.24 -52.86
CA ASP N 201 -21.14 -10.70 -53.01
C ASP N 201 -21.95 -11.44 -51.93
N LEU N 202 -22.02 -10.90 -50.72
CA LEU N 202 -22.76 -11.54 -49.63
C LEU N 202 -24.24 -11.58 -49.98
N ARG N 203 -24.84 -10.46 -50.36
CA ARG N 203 -26.23 -10.32 -50.76
C ARG N 203 -26.47 -11.24 -51.95
N SER N 204 -25.52 -11.31 -52.89
CA SER N 204 -25.63 -12.16 -54.08
C SER N 204 -25.70 -13.63 -53.70
N LEU N 205 -24.77 -14.16 -52.90
CA LEU N 205 -24.76 -15.56 -52.43
C LEU N 205 -25.90 -15.84 -51.44
N GLY N 206 -26.53 -14.82 -50.88
CA GLY N 206 -27.92 -14.82 -50.40
C GLY N 206 -28.14 -14.59 -48.89
N LEU N 207 -27.09 -14.81 -48.08
CA LEU N 207 -27.14 -14.37 -46.67
C LEU N 207 -27.27 -12.85 -46.60
N ILE N 208 -27.84 -12.30 -45.53
CA ILE N 208 -27.91 -10.84 -45.30
C ILE N 208 -27.12 -10.51 -44.05
N PRO N 209 -26.11 -9.63 -44.06
CA PRO N 209 -25.32 -9.34 -42.86
C PRO N 209 -25.98 -8.55 -41.74
N ASP N 210 -25.59 -8.68 -40.49
CA ASP N 210 -26.06 -7.98 -39.28
C ASP N 210 -25.03 -7.02 -38.71
N MET N 211 -23.80 -7.42 -38.60
CA MET N 211 -22.63 -6.68 -38.14
C MET N 211 -21.68 -6.51 -39.30
N ILE N 212 -20.80 -5.53 -39.25
CA ILE N 212 -19.75 -5.32 -40.24
C ILE N 212 -18.49 -5.07 -39.44
N ALA N 213 -17.77 -6.15 -39.14
CA ALA N 213 -16.67 -6.16 -38.19
C ALA N 213 -15.34 -5.87 -38.89
N CYS N 214 -14.99 -4.60 -39.02
CA CYS N 214 -13.82 -4.18 -39.77
C CYS N 214 -12.51 -4.46 -39.04
N ARG N 215 -11.51 -4.96 -39.76
CA ARG N 215 -10.10 -5.09 -39.33
C ARG N 215 -9.22 -3.99 -39.94
N CYS N 216 -9.58 -2.74 -39.66
CA CYS N 216 -8.77 -1.58 -40.02
C CYS N 216 -7.52 -1.48 -39.14
N SER N 217 -6.51 -0.75 -39.61
CA SER N 217 -5.29 -0.45 -38.84
C SER N 217 -5.49 0.62 -37.75
N GLU N 218 -6.70 1.17 -37.61
CA GLU N 218 -7.00 2.41 -36.89
C GLU N 218 -8.36 2.32 -36.17
N GLU N 219 -8.72 3.33 -35.39
CA GLU N 219 -10.14 3.60 -35.14
C GLU N 219 -10.82 4.04 -36.44
N LEU N 220 -11.99 3.47 -36.74
CA LEU N 220 -12.79 3.91 -37.89
C LEU N 220 -13.27 5.34 -37.69
N ASN N 221 -13.13 6.20 -38.70
CA ASN N 221 -13.67 7.55 -38.66
C ASN N 221 -15.20 7.51 -38.54
N ARG N 222 -15.83 8.50 -37.88
CA ARG N 222 -17.30 8.61 -37.84
C ARG N 222 -17.90 8.72 -39.24
N SER N 223 -17.22 9.39 -40.18
CA SER N 223 -17.61 9.43 -41.60
C SER N 223 -17.38 8.11 -42.34
N THR N 224 -16.38 7.29 -41.95
CA THR N 224 -16.16 5.95 -42.51
C THR N 224 -17.28 5.02 -42.12
N ILE N 225 -17.67 5.00 -40.85
CA ILE N 225 -18.82 4.21 -40.37
C ILE N 225 -20.10 4.68 -41.06
N ASP N 226 -20.34 5.98 -41.16
CA ASP N 226 -21.54 6.51 -41.81
C ASP N 226 -21.67 6.05 -43.27
N LYS N 227 -20.58 6.02 -44.04
CA LYS N 227 -20.59 5.48 -45.41
C LYS N 227 -20.74 3.96 -45.44
N ILE N 228 -20.07 3.18 -44.58
CA ILE N 228 -20.33 1.73 -44.54
C ILE N 228 -21.79 1.45 -44.20
N ALA N 229 -22.42 2.20 -43.30
CA ALA N 229 -23.84 2.08 -43.00
C ALA N 229 -24.78 2.65 -44.10
N MET N 230 -24.25 3.33 -45.12
CA MET N 230 -24.99 3.78 -46.31
C MET N 230 -24.96 2.72 -47.40
N PHE N 231 -23.83 2.01 -47.57
CA PHE N 231 -23.67 0.98 -48.59
C PHE N 231 -24.01 -0.43 -48.11
N CYS N 232 -23.62 -0.84 -46.91
CA CYS N 232 -24.31 -1.94 -46.24
C CYS N 232 -25.58 -1.37 -45.57
N HIS N 233 -26.60 -2.19 -45.34
CA HIS N 233 -27.87 -1.72 -44.76
C HIS N 233 -27.88 -1.73 -43.22
N VAL N 234 -26.79 -2.08 -42.53
CA VAL N 234 -26.72 -1.98 -41.06
C VAL N 234 -26.76 -0.54 -40.59
N GLY N 235 -27.31 -0.29 -39.40
CA GLY N 235 -27.21 1.02 -38.74
C GLY N 235 -25.81 1.27 -38.19
N PRO N 236 -25.35 2.53 -38.09
CA PRO N 236 -23.96 2.85 -37.79
C PRO N 236 -23.47 2.34 -36.43
N GLU N 237 -24.34 2.15 -35.45
CA GLU N 237 -23.99 1.53 -34.17
C GLU N 237 -23.46 0.09 -34.31
N GLN N 238 -23.74 -0.58 -35.42
CA GLN N 238 -23.46 -2.01 -35.64
C GLN N 238 -22.16 -2.30 -36.40
N VAL N 239 -21.46 -1.24 -36.83
CA VAL N 239 -20.23 -1.34 -37.64
C VAL N 239 -19.04 -1.47 -36.70
N VAL N 240 -18.93 -2.60 -36.01
CA VAL N 240 -17.94 -2.77 -34.94
C VAL N 240 -16.51 -2.66 -35.49
N ASN N 241 -15.60 -2.07 -34.72
CA ASN N 241 -14.17 -2.03 -35.05
C ASN N 241 -13.39 -2.99 -34.15
N VAL N 242 -12.53 -3.82 -34.71
CA VAL N 242 -11.85 -4.89 -33.94
C VAL N 242 -10.33 -4.70 -33.92
N HIS N 243 -9.89 -3.44 -33.76
CA HIS N 243 -8.47 -3.05 -33.82
C HIS N 243 -7.63 -3.68 -32.69
N ASP N 244 -6.30 -3.70 -32.87
CA ASP N 244 -5.37 -4.28 -31.90
C ASP N 244 -5.39 -3.57 -30.54
N VAL N 245 -5.29 -4.35 -29.47
CA VAL N 245 -5.19 -3.94 -28.05
C VAL N 245 -4.20 -4.85 -27.31
N ASN N 246 -3.73 -4.42 -26.13
CA ASN N 246 -2.54 -4.92 -25.42
C ASN N 246 -2.38 -6.45 -25.27
N SER N 247 -3.46 -7.23 -25.30
CA SER N 247 -3.43 -8.68 -25.54
C SER N 247 -4.79 -9.16 -26.06
N THR N 248 -4.87 -10.28 -26.77
CA THR N 248 -6.15 -10.78 -27.34
C THR N 248 -7.21 -11.11 -26.29
N TYR N 249 -6.86 -11.26 -25.02
CA TYR N 249 -7.86 -11.41 -23.96
C TYR N 249 -8.65 -10.14 -23.68
N HIS N 250 -8.22 -8.97 -24.16
CA HIS N 250 -9.03 -7.76 -24.09
C HIS N 250 -10.13 -7.70 -25.14
N VAL N 251 -10.05 -8.45 -26.25
CA VAL N 251 -10.95 -8.25 -27.41
C VAL N 251 -12.43 -8.38 -27.03
N PRO N 252 -12.88 -9.35 -26.23
CA PRO N 252 -14.26 -9.39 -25.77
C PRO N 252 -14.72 -8.08 -25.14
N LEU N 253 -13.90 -7.43 -24.31
CA LEU N 253 -14.30 -6.20 -23.62
C LEU N 253 -14.35 -4.97 -24.53
N LEU N 254 -13.66 -4.98 -25.68
CA LEU N 254 -13.82 -3.97 -26.73
C LEU N 254 -15.17 -4.13 -27.41
N LEU N 255 -15.56 -5.37 -27.69
CA LEU N 255 -16.84 -5.67 -28.31
C LEU N 255 -17.98 -5.36 -27.33
N LEU N 256 -17.76 -5.52 -26.03
CA LEU N 256 -18.71 -5.12 -25.01
C LEU N 256 -18.85 -3.61 -24.86
N LYS N 257 -17.78 -2.82 -25.01
CA LYS N 257 -17.86 -1.36 -25.12
C LYS N 257 -18.58 -0.92 -26.38
N GLN N 258 -18.51 -1.72 -27.45
CA GLN N 258 -19.15 -1.47 -28.75
C GLN N 258 -20.56 -2.09 -28.85
N HIS N 259 -21.25 -2.22 -27.70
CA HIS N 259 -22.65 -2.63 -27.56
C HIS N 259 -23.00 -4.03 -28.05
N MET N 260 -22.04 -4.91 -28.37
CA MET N 260 -22.36 -6.13 -29.11
C MET N 260 -23.25 -7.12 -28.34
N ILE N 261 -23.16 -7.24 -27.01
CA ILE N 261 -24.17 -8.00 -26.25
C ILE N 261 -25.53 -7.32 -26.33
N ASP N 262 -25.62 -5.99 -26.20
CA ASP N 262 -26.93 -5.32 -26.26
C ASP N 262 -27.60 -5.48 -27.62
N TYR N 263 -26.82 -5.43 -28.69
CA TYR N 263 -27.32 -5.74 -30.02
C TYR N 263 -27.72 -7.21 -30.14
N LEU N 264 -26.86 -8.19 -29.85
CA LEU N 264 -27.23 -9.61 -29.97
C LEU N 264 -28.37 -10.01 -29.03
N HIS N 265 -28.52 -9.42 -27.84
CA HIS N 265 -29.67 -9.65 -26.98
C HIS N 265 -30.97 -9.26 -27.66
N SER N 266 -31.00 -8.13 -28.36
CA SER N 266 -32.13 -7.72 -29.18
C SER N 266 -32.30 -8.60 -30.42
N ARG N 267 -31.31 -8.66 -31.29
CA ARG N 267 -31.41 -9.25 -32.64
C ARG N 267 -31.65 -10.77 -32.65
N LEU N 268 -31.42 -11.48 -31.55
CA LEU N 268 -31.79 -12.89 -31.39
C LEU N 268 -32.83 -13.13 -30.29
N LYS N 269 -33.42 -12.08 -29.73
CA LYS N 269 -34.41 -12.12 -28.64
C LYS N 269 -33.96 -13.01 -27.46
N LEU N 270 -32.73 -12.84 -27.00
CA LEU N 270 -32.10 -13.73 -26.01
C LEU N 270 -32.78 -13.68 -24.64
N GLY N 271 -33.59 -12.66 -24.37
CA GLY N 271 -34.47 -12.61 -23.21
C GLY N 271 -35.55 -13.70 -23.21
N GLU N 272 -35.90 -14.29 -24.35
CA GLU N 272 -36.88 -15.38 -24.45
C GLU N 272 -36.28 -16.77 -24.19
N VAL N 273 -34.95 -16.92 -24.14
CA VAL N 273 -34.30 -18.19 -23.78
C VAL N 273 -34.47 -18.43 -22.26
N PRO N 274 -34.87 -19.62 -21.81
CA PRO N 274 -35.02 -19.91 -20.38
C PRO N 274 -33.65 -20.06 -19.67
N LEU N 275 -33.41 -19.26 -18.63
CA LEU N 275 -32.20 -19.29 -17.80
C LEU N 275 -32.53 -19.40 -16.31
N THR N 276 -31.78 -20.18 -15.55
CA THR N 276 -31.86 -20.20 -14.08
C THR N 276 -30.97 -19.13 -13.46
N LEU N 277 -31.11 -18.79 -12.17
CA LEU N 277 -30.08 -17.97 -11.50
C LEU N 277 -28.72 -18.66 -11.46
N GLU N 278 -28.66 -19.99 -11.42
CA GLU N 278 -27.40 -20.71 -11.50
C GLU N 278 -26.72 -20.51 -12.86
N ASP N 279 -27.49 -20.36 -13.94
CA ASP N 279 -26.95 -19.88 -15.22
C ASP N 279 -26.55 -18.40 -15.14
N LYS N 280 -27.48 -17.51 -14.79
CA LYS N 280 -27.24 -16.06 -14.90
C LYS N 280 -26.14 -15.58 -13.99
N GLU N 281 -26.14 -15.98 -12.73
CA GLU N 281 -25.10 -15.54 -11.78
C GLU N 281 -23.73 -16.15 -12.13
N ARG N 282 -23.66 -17.35 -12.72
CA ARG N 282 -22.39 -17.87 -13.26
C ARG N 282 -21.92 -17.01 -14.42
N GLY N 283 -22.85 -16.55 -15.25
CA GLY N 283 -22.60 -15.62 -16.34
C GLY N 283 -21.99 -14.31 -15.85
N SER N 284 -22.65 -13.59 -14.95
CA SER N 284 -22.15 -12.31 -14.45
C SER N 284 -20.92 -12.47 -13.57
N GLN N 285 -20.72 -13.59 -12.88
CA GLN N 285 -19.47 -13.87 -12.19
C GLN N 285 -18.32 -14.10 -13.18
N LEU N 286 -18.51 -14.90 -14.23
CA LEU N 286 -17.49 -15.10 -15.25
C LEU N 286 -17.08 -13.79 -15.91
N LEU N 287 -18.02 -12.87 -16.16
CA LEU N 287 -17.68 -11.52 -16.62
C LEU N 287 -16.70 -10.85 -15.65
N THR N 288 -16.95 -10.89 -14.35
CA THR N 288 -16.01 -10.27 -13.39
C THR N 288 -14.69 -11.01 -13.31
N ASN N 289 -14.61 -12.31 -13.56
CA ASN N 289 -13.31 -12.98 -13.68
C ASN N 289 -12.56 -12.46 -14.91
N TRP N 290 -13.25 -12.17 -16.02
CA TRP N 290 -12.61 -11.63 -17.22
C TRP N 290 -12.20 -10.17 -17.05
N GLU N 291 -13.02 -9.35 -16.40
CA GLU N 291 -12.64 -7.99 -16.02
C GLU N 291 -11.46 -7.99 -15.03
N ASN N 292 -11.42 -8.91 -14.07
CA ASN N 292 -10.29 -9.04 -13.16
C ASN N 292 -9.01 -9.48 -13.88
N MET N 293 -9.03 -10.55 -14.68
CA MET N 293 -7.79 -11.02 -15.30
C MET N 293 -7.25 -10.04 -16.34
N THR N 294 -8.10 -9.32 -17.06
CA THR N 294 -7.66 -8.22 -17.95
C THR N 294 -7.14 -7.00 -17.19
N LYS N 295 -7.75 -6.61 -16.07
CA LYS N 295 -7.16 -5.62 -15.16
C LYS N 295 -5.81 -6.08 -14.61
N ASN N 296 -5.64 -7.36 -14.25
CA ASN N 296 -4.35 -7.86 -13.79
C ASN N 296 -3.30 -7.80 -14.91
N LEU N 297 -3.65 -8.09 -16.17
CA LEU N 297 -2.74 -7.93 -17.30
C LEU N 297 -2.33 -6.45 -17.50
N ASP N 298 -3.25 -5.51 -17.30
CA ASP N 298 -3.01 -4.08 -17.51
C ASP N 298 -1.97 -3.47 -16.57
N ASP N 299 -1.64 -4.07 -15.42
CA ASP N 299 -0.63 -3.53 -14.50
C ASP N 299 0.33 -4.55 -13.86
N SER N 300 0.28 -5.82 -14.27
CA SER N 300 1.38 -6.78 -14.09
C SER N 300 2.64 -6.31 -14.86
N ASP N 301 3.76 -6.15 -14.15
CA ASP N 301 5.04 -5.70 -14.72
C ASP N 301 6.19 -6.69 -14.50
N ASP N 302 6.16 -7.46 -13.43
CA ASP N 302 7.27 -8.33 -13.04
C ASP N 302 7.38 -9.53 -14.00
N VAL N 303 8.44 -9.53 -14.81
CA VAL N 303 8.61 -10.47 -15.90
C VAL N 303 8.95 -11.86 -15.37
N VAL N 304 8.59 -12.89 -16.12
CA VAL N 304 9.11 -14.25 -15.98
C VAL N 304 9.51 -14.74 -17.36
N LYS N 305 10.74 -15.24 -17.51
CA LYS N 305 11.30 -15.69 -18.79
C LYS N 305 11.24 -17.21 -18.84
N ILE N 306 10.48 -17.82 -19.74
CA ILE N 306 10.40 -19.28 -19.89
C ILE N 306 11.08 -19.70 -21.18
N ALA N 307 12.09 -20.55 -21.14
CA ALA N 307 12.71 -21.08 -22.35
C ALA N 307 11.86 -22.20 -22.92
N LEU N 308 11.40 -22.04 -24.15
CA LEU N 308 10.74 -23.09 -24.89
C LEU N 308 11.78 -23.67 -25.82
N VAL N 309 12.16 -24.91 -25.58
CA VAL N 309 13.33 -25.55 -26.20
C VAL N 309 12.87 -26.63 -27.17
N GLY N 310 13.03 -26.43 -28.48
CA GLY N 310 12.59 -27.41 -29.48
C GLY N 310 12.95 -27.06 -30.92
N LYS N 311 12.64 -27.93 -31.88
CA LYS N 311 12.82 -27.67 -33.32
C LYS N 311 11.74 -26.74 -33.87
N TYR N 312 11.97 -26.17 -35.05
CA TYR N 312 11.01 -25.36 -35.81
C TYR N 312 10.42 -24.14 -35.06
N THR N 313 11.16 -23.53 -34.13
CA THR N 313 10.67 -22.37 -33.36
C THR N 313 10.36 -21.14 -34.20
N ASN N 314 10.83 -21.05 -35.44
CA ASN N 314 10.41 -20.03 -36.40
C ASN N 314 8.95 -20.18 -36.86
N LEU N 315 8.37 -21.36 -36.70
CA LEU N 315 6.97 -21.68 -36.97
C LEU N 315 6.20 -21.74 -35.64
N LYS N 316 6.00 -20.59 -34.99
CA LYS N 316 5.43 -20.45 -33.64
C LYS N 316 4.02 -21.06 -33.51
N ASP N 317 3.27 -21.08 -34.60
CA ASP N 317 1.96 -21.73 -34.69
C ASP N 317 2.06 -23.25 -34.55
N SER N 318 3.24 -23.85 -34.76
CA SER N 318 3.51 -25.26 -34.47
C SER N 318 3.43 -25.58 -32.97
N TYR N 319 3.35 -24.56 -32.13
CA TYR N 319 3.23 -24.58 -30.68
C TYR N 319 2.13 -23.67 -30.20
N LEU N 320 1.08 -23.34 -30.94
CA LEU N 320 0.12 -22.35 -30.49
C LEU N 320 -0.50 -22.66 -29.11
N SER N 321 -0.78 -23.92 -28.78
CA SER N 321 -1.46 -24.34 -27.55
C SER N 321 -0.49 -24.27 -26.37
N VAL N 322 0.78 -24.52 -26.60
CA VAL N 322 1.86 -24.40 -25.62
C VAL N 322 2.03 -22.94 -25.19
N THR N 323 2.13 -22.04 -26.15
CA THR N 323 2.19 -20.60 -25.91
C THR N 323 0.98 -20.13 -25.11
N LYS N 324 -0.23 -20.50 -25.55
CA LYS N 324 -1.46 -20.00 -24.92
C LYS N 324 -1.61 -20.50 -23.49
N SER N 325 -1.21 -21.74 -23.20
CA SER N 325 -1.22 -22.25 -21.84
C SER N 325 -0.25 -21.51 -20.91
N LEU N 326 0.94 -21.15 -21.39
CA LEU N 326 1.83 -20.29 -20.61
C LEU N 326 1.22 -18.90 -20.38
N GLU N 327 0.49 -18.31 -21.33
CA GLU N 327 -0.19 -17.04 -21.10
C GLU N 327 -1.25 -17.12 -19.99
N HIS N 328 -2.08 -18.16 -19.96
CA HIS N 328 -3.01 -18.41 -18.85
C HIS N 328 -2.27 -18.55 -17.52
N ALA N 329 -1.20 -19.35 -17.48
CA ALA N 329 -0.43 -19.57 -16.26
C ALA N 329 0.22 -18.27 -15.75
N SER N 330 0.73 -17.45 -16.67
CA SER N 330 1.29 -16.12 -16.45
C SER N 330 0.30 -15.19 -15.77
N MET N 331 -0.85 -14.98 -16.39
CA MET N 331 -1.85 -14.07 -15.87
C MET N 331 -2.38 -14.52 -14.51
N LYS N 332 -2.41 -15.83 -14.22
CA LYS N 332 -2.81 -16.37 -12.92
C LYS N 332 -1.76 -16.14 -11.82
N CYS N 333 -0.47 -16.21 -12.16
CA CYS N 333 0.64 -15.81 -11.29
C CYS N 333 0.82 -14.29 -11.15
N ARG N 334 0.16 -13.48 -11.99
CA ARG N 334 0.36 -12.02 -12.09
C ARG N 334 1.80 -11.60 -12.41
N ARG N 335 2.56 -12.47 -13.09
CA ARG N 335 3.81 -12.08 -13.77
C ARG N 335 3.64 -12.02 -15.28
N GLN N 336 4.12 -10.94 -15.89
CA GLN N 336 4.15 -10.72 -17.33
C GLN N 336 5.11 -11.71 -18.00
N LEU N 337 4.75 -12.27 -19.14
CA LEU N 337 5.51 -13.36 -19.74
C LEU N 337 6.46 -12.87 -20.84
N GLU N 338 7.69 -13.35 -20.84
CA GLU N 338 8.51 -13.45 -22.03
C GLU N 338 8.83 -14.93 -22.29
N ILE N 339 8.63 -15.44 -23.50
CA ILE N 339 9.03 -16.80 -23.86
C ILE N 339 10.32 -16.70 -24.67
N LEU N 340 11.33 -17.48 -24.30
CA LEU N 340 12.61 -17.50 -24.99
C LEU N 340 12.65 -18.68 -25.95
N TRP N 341 12.62 -18.39 -27.24
CA TRP N 341 12.67 -19.38 -28.32
C TRP N 341 14.08 -19.92 -28.47
N VAL N 342 14.31 -21.14 -27.98
CA VAL N 342 15.57 -21.87 -28.13
C VAL N 342 15.41 -22.92 -29.20
N GLU N 343 15.90 -22.64 -30.40
CA GLU N 343 15.96 -23.61 -31.49
C GLU N 343 16.94 -24.75 -31.13
N ALA N 344 16.43 -25.86 -30.60
CA ALA N 344 17.22 -26.82 -29.80
C ALA N 344 18.50 -27.29 -30.45
N SER N 345 18.54 -27.47 -31.76
CA SER N 345 19.74 -28.00 -32.41
C SER N 345 20.94 -27.08 -32.22
N ASN N 346 20.74 -25.78 -31.95
CA ASN N 346 21.84 -24.85 -31.70
C ASN N 346 22.57 -25.11 -30.37
N LEU N 347 21.93 -25.71 -29.37
CA LEU N 347 22.61 -26.09 -28.11
C LEU N 347 23.62 -27.23 -28.29
N GLU N 348 23.53 -28.00 -29.36
CA GLU N 348 24.40 -29.15 -29.58
C GLU N 348 25.82 -28.66 -29.90
N PRO N 349 26.88 -29.17 -29.26
CA PRO N 349 28.25 -28.69 -29.47
C PRO N 349 28.72 -28.66 -30.92
N GLU N 350 28.23 -29.55 -31.81
CA GLU N 350 28.61 -29.49 -33.23
C GLU N 350 28.24 -28.15 -33.89
N THR N 351 27.27 -27.40 -33.35
CA THR N 351 26.90 -26.08 -33.87
C THR N 351 28.07 -25.11 -33.79
N GLN N 352 28.94 -25.28 -32.81
CA GLN N 352 30.15 -24.48 -32.64
C GLN N 352 31.11 -24.63 -33.82
N GLU N 353 31.04 -25.76 -34.54
CA GLU N 353 31.79 -25.99 -35.78
C GLU N 353 31.14 -25.34 -37.01
N VAL N 354 29.88 -24.89 -36.92
CA VAL N 354 29.09 -24.35 -38.05
C VAL N 354 28.84 -22.85 -37.92
N ASP N 355 28.33 -22.40 -36.78
CA ASP N 355 28.21 -20.99 -36.44
C ASP N 355 28.22 -20.83 -34.92
N LYS N 356 29.27 -20.21 -34.38
CA LYS N 356 29.38 -19.92 -32.95
C LYS N 356 28.31 -18.96 -32.48
N ASN N 357 27.86 -18.01 -33.29
CA ASN N 357 26.81 -17.06 -32.89
C ASN N 357 25.53 -17.81 -32.48
N LYS N 358 25.07 -18.79 -33.27
CA LYS N 358 23.95 -19.67 -32.90
C LYS N 358 24.20 -20.42 -31.60
N PHE N 359 25.40 -20.97 -31.41
CA PHE N 359 25.73 -21.71 -30.18
C PHE N 359 25.69 -20.83 -28.94
N HIS N 360 26.14 -19.59 -29.03
CA HIS N 360 26.10 -18.65 -27.92
C HIS N 360 24.70 -18.09 -27.71
N ASP N 361 23.99 -17.60 -28.73
CA ASP N 361 22.65 -17.05 -28.55
C ASP N 361 21.68 -18.05 -27.94
N SER N 362 21.73 -19.30 -28.36
CA SER N 362 20.84 -20.33 -27.83
C SER N 362 21.17 -20.66 -26.37
N TRP N 363 22.44 -20.88 -26.02
CA TRP N 363 22.83 -21.10 -24.61
C TRP N 363 22.66 -19.85 -23.75
N ASN N 364 22.80 -18.66 -24.30
CA ASN N 364 22.49 -17.41 -23.64
C ASN N 364 21.00 -17.37 -23.29
N LYS N 365 20.09 -17.57 -24.25
CA LYS N 365 18.65 -17.61 -23.98
C LYS N 365 18.29 -18.66 -22.94
N LEU N 366 18.83 -19.86 -23.07
CA LEU N 366 18.60 -20.92 -22.08
C LEU N 366 19.11 -20.56 -20.67
N SER N 367 20.30 -19.97 -20.56
CA SER N 367 20.88 -19.54 -19.28
C SER N 367 20.12 -18.38 -18.66
N SER N 368 19.55 -17.49 -19.46
CA SER N 368 18.77 -16.35 -19.01
C SER N 368 17.38 -16.74 -18.48
N ALA N 369 16.86 -17.91 -18.85
CA ALA N 369 15.50 -18.29 -18.52
C ALA N 369 15.27 -18.58 -17.03
N ASP N 370 14.19 -18.04 -16.48
CA ASP N 370 13.73 -18.32 -15.13
C ASP N 370 13.07 -19.69 -14.99
N GLY N 371 12.68 -20.31 -16.08
CA GLY N 371 12.10 -21.66 -16.16
C GLY N 371 12.23 -22.25 -17.56
N ILE N 372 12.15 -23.57 -17.71
CA ILE N 372 12.47 -24.29 -18.95
C ILE N 372 11.36 -25.26 -19.31
N LEU N 373 11.05 -25.35 -20.60
CA LEU N 373 9.99 -26.19 -21.14
C LEU N 373 10.47 -26.97 -22.35
N VAL N 374 10.36 -28.30 -22.32
CA VAL N 374 10.53 -29.16 -23.50
C VAL N 374 9.14 -29.52 -24.06
N PRO N 375 8.73 -28.93 -25.19
CA PRO N 375 7.32 -28.69 -25.50
C PRO N 375 6.63 -29.77 -26.34
N GLY N 376 6.95 -31.05 -26.14
CA GLY N 376 6.33 -32.13 -26.93
C GLY N 376 6.59 -31.99 -28.44
N GLY N 377 7.86 -31.98 -28.83
CA GLY N 377 8.27 -31.94 -30.23
C GLY N 377 7.80 -33.13 -31.07
N PHE N 378 8.17 -33.07 -32.34
CA PHE N 378 7.78 -33.97 -33.41
C PHE N 378 9.00 -34.26 -34.29
N GLY N 379 9.07 -35.46 -34.87
CA GLY N 379 10.32 -35.98 -35.42
C GLY N 379 11.36 -36.23 -34.33
N THR N 380 12.65 -36.28 -34.69
CA THR N 380 13.76 -36.55 -33.75
C THR N 380 15.01 -35.68 -33.94
N ARG N 381 15.09 -34.84 -34.97
CA ARG N 381 16.40 -34.32 -35.42
C ARG N 381 17.04 -33.25 -34.51
N GLY N 382 16.28 -32.63 -33.61
CA GLY N 382 16.79 -31.72 -32.57
C GLY N 382 17.03 -32.34 -31.19
N ILE N 383 16.99 -33.67 -31.03
CA ILE N 383 16.87 -34.29 -29.69
C ILE N 383 18.06 -34.04 -28.79
N GLU N 384 19.29 -34.00 -29.29
CA GLU N 384 20.46 -33.75 -28.43
C GLU N 384 20.43 -32.37 -27.76
N GLY N 385 19.92 -31.34 -28.41
CA GLY N 385 19.72 -30.06 -27.76
C GLY N 385 18.71 -30.12 -26.62
N MET N 386 17.62 -30.85 -26.83
CA MET N 386 16.60 -31.04 -25.79
C MET N 386 17.14 -31.88 -24.62
N ILE N 387 18.09 -32.78 -24.83
CA ILE N 387 18.77 -33.49 -23.76
C ILE N 387 19.70 -32.56 -22.96
N LEU N 388 20.50 -31.73 -23.62
CA LEU N 388 21.37 -30.76 -22.95
C LEU N 388 20.57 -29.76 -22.12
N ALA N 389 19.46 -29.23 -22.62
CA ALA N 389 18.60 -28.39 -21.80
C ALA N 389 18.02 -29.14 -20.59
N ALA N 390 17.73 -30.44 -20.70
CA ALA N 390 17.31 -31.23 -19.54
C ALA N 390 18.45 -31.49 -18.55
N LYS N 391 19.70 -31.61 -19.01
CA LYS N 391 20.88 -31.73 -18.13
C LYS N 391 21.07 -30.44 -17.35
N TRP N 392 21.05 -29.34 -18.07
CA TRP N 392 21.10 -28.01 -17.49
C TRP N 392 19.99 -27.81 -16.45
N ALA N 393 18.75 -28.13 -16.77
CA ALA N 393 17.64 -27.91 -15.85
C ALA N 393 17.70 -28.75 -14.58
N ARG N 394 18.24 -29.97 -14.66
CA ARG N 394 18.47 -30.85 -13.49
C ARG N 394 19.61 -30.37 -12.61
N GLU N 395 20.77 -30.09 -13.19
CA GLU N 395 21.97 -29.73 -12.42
C GLU N 395 21.96 -28.29 -11.94
N SER N 396 21.52 -27.33 -12.77
CA SER N 396 21.43 -25.92 -12.38
C SER N 396 20.16 -25.60 -11.60
N GLY N 397 19.36 -26.57 -11.18
CA GLY N 397 18.18 -26.33 -10.34
C GLY N 397 17.02 -25.51 -10.96
N VAL N 398 17.10 -25.09 -12.22
CA VAL N 398 16.09 -24.24 -12.88
C VAL N 398 14.75 -25.00 -13.01
N PRO N 399 13.56 -24.38 -12.81
CA PRO N 399 12.28 -25.06 -12.99
C PRO N 399 12.09 -25.65 -14.37
N PHE N 400 11.52 -26.85 -14.46
CA PHE N 400 11.44 -27.63 -15.69
C PHE N 400 10.10 -28.32 -15.90
N LEU N 401 9.54 -28.24 -17.09
CA LEU N 401 8.44 -29.12 -17.51
C LEU N 401 8.75 -29.79 -18.83
N GLY N 402 8.72 -31.12 -18.86
CA GLY N 402 8.75 -31.89 -20.09
C GLY N 402 7.37 -32.37 -20.49
N VAL N 403 6.87 -31.95 -21.64
CA VAL N 403 5.59 -32.41 -22.19
C VAL N 403 5.84 -33.48 -23.25
N CYS N 404 5.16 -34.62 -23.17
CA CYS N 404 5.24 -35.73 -24.13
C CYS N 404 6.70 -36.15 -24.43
N LEU N 405 7.28 -35.83 -25.60
CA LEU N 405 8.72 -36.01 -25.90
C LEU N 405 9.61 -35.44 -24.78
N GLY N 406 9.19 -34.36 -24.12
CA GLY N 406 9.86 -33.76 -22.98
C GLY N 406 10.04 -34.71 -21.80
N LEU N 407 9.02 -35.48 -21.43
CA LEU N 407 9.22 -36.53 -20.42
C LEU N 407 10.26 -37.54 -20.93
N GLN N 408 10.24 -37.84 -22.21
CA GLN N 408 11.08 -38.91 -22.77
C GLN N 408 12.55 -38.51 -22.87
N VAL N 409 12.87 -37.30 -23.34
CA VAL N 409 14.24 -36.80 -23.24
C VAL N 409 14.67 -36.63 -21.79
N ALA N 410 13.79 -36.32 -20.85
CA ALA N 410 14.18 -36.30 -19.44
C ALA N 410 14.62 -37.68 -18.95
N ALA N 411 13.94 -38.77 -19.34
CA ALA N 411 14.38 -40.11 -18.99
C ALA N 411 15.71 -40.48 -19.66
N ILE N 412 15.89 -40.06 -20.92
CA ILE N 412 17.14 -40.29 -21.66
C ILE N 412 18.29 -39.52 -21.04
N GLU N 413 18.10 -38.25 -20.69
CA GLU N 413 19.05 -37.43 -19.97
C GLU N 413 19.42 -38.09 -18.65
N PHE N 414 18.44 -38.43 -17.82
CA PHE N 414 18.70 -39.04 -16.53
C PHE N 414 19.44 -40.38 -16.67
N ALA N 415 19.13 -41.19 -17.69
CA ALA N 415 19.84 -42.43 -17.93
C ALA N 415 21.32 -42.17 -18.29
N ARG N 416 21.59 -41.27 -19.23
CA ARG N 416 22.95 -40.94 -19.68
C ARG N 416 23.78 -40.23 -18.62
N ASN N 417 23.17 -39.40 -17.77
CA ASN N 417 23.89 -38.44 -16.93
C ASN N 417 23.73 -38.65 -15.41
N VAL N 418 22.87 -39.56 -14.95
CA VAL N 418 22.75 -39.91 -13.51
C VAL N 418 22.87 -41.41 -13.29
N ILE N 419 22.21 -42.23 -14.13
CA ILE N 419 22.33 -43.69 -14.05
C ILE N 419 23.64 -44.17 -14.70
N GLY N 420 24.20 -43.42 -15.66
CA GLY N 420 25.53 -43.65 -16.21
C GLY N 420 25.59 -44.66 -17.37
N ARG N 421 24.60 -44.65 -18.27
CA ARG N 421 24.59 -45.43 -19.51
C ARG N 421 24.70 -44.51 -20.73
N PRO N 422 25.88 -44.08 -21.19
CA PRO N 422 25.99 -43.02 -22.19
C PRO N 422 25.53 -43.41 -23.60
N ASN N 423 25.43 -44.71 -23.86
CA ASN N 423 24.85 -45.30 -25.06
C ASN N 423 23.31 -45.42 -25.01
N SER N 424 22.64 -45.15 -23.88
CA SER N 424 21.18 -45.24 -23.82
C SER N 424 20.49 -44.24 -24.76
N SER N 425 19.37 -44.65 -25.34
CA SER N 425 18.91 -44.08 -26.59
C SER N 425 17.40 -43.97 -26.67
N SER N 426 16.94 -42.99 -27.47
CA SER N 426 15.57 -42.94 -27.95
C SER N 426 15.34 -44.03 -28.98
N THR N 427 14.60 -45.05 -28.63
CA THR N 427 14.11 -46.12 -29.52
C THR N 427 13.19 -45.57 -30.61
N GLU N 428 12.62 -44.39 -30.36
CA GLU N 428 11.96 -43.51 -31.32
C GLU N 428 12.86 -43.05 -32.48
N PHE N 429 14.19 -43.11 -32.31
CA PHE N 429 15.18 -42.67 -33.31
C PHE N 429 16.12 -43.82 -33.70
N LEU N 430 16.92 -44.33 -32.77
CA LEU N 430 18.05 -45.23 -33.00
C LEU N 430 17.64 -46.71 -32.97
N ASP N 431 16.67 -47.07 -33.80
CA ASP N 431 15.90 -48.33 -33.70
C ASP N 431 16.68 -49.57 -34.18
N GLU N 432 17.05 -49.63 -35.46
CA GLU N 432 17.66 -50.83 -36.07
C GLU N 432 19.11 -51.11 -35.63
N THR N 433 19.63 -50.35 -34.67
CA THR N 433 20.83 -50.72 -33.91
C THR N 433 20.58 -51.91 -32.97
N LEU N 434 19.32 -52.09 -32.50
CA LEU N 434 18.89 -53.17 -31.61
C LEU N 434 19.62 -53.24 -30.24
N LEU N 435 20.13 -52.11 -29.74
CA LEU N 435 20.85 -52.02 -28.45
C LEU N 435 19.97 -52.38 -27.23
N ALA N 436 20.59 -52.87 -26.16
CA ALA N 436 19.90 -53.20 -24.91
C ALA N 436 19.43 -52.01 -24.04
N PRO N 437 20.13 -50.85 -23.93
CA PRO N 437 19.69 -49.71 -23.12
C PRO N 437 18.65 -48.82 -23.85
N GLU N 438 17.47 -49.36 -24.08
CA GLU N 438 16.35 -48.68 -24.75
C GLU N 438 15.52 -47.90 -23.73
N ASP N 439 15.54 -46.57 -23.75
CA ASP N 439 14.74 -45.76 -22.82
C ASP N 439 13.26 -45.71 -23.17
N GLN N 440 12.87 -46.18 -24.36
CA GLN N 440 11.50 -46.14 -24.87
C GLN N 440 11.13 -47.46 -25.54
N VAL N 441 9.84 -47.70 -25.77
CA VAL N 441 9.37 -48.73 -26.72
C VAL N 441 8.13 -48.25 -27.47
N VAL N 442 7.92 -48.69 -28.72
CA VAL N 442 6.61 -48.56 -29.39
C VAL N 442 5.58 -49.40 -28.66
N ILE N 443 4.41 -48.84 -28.34
CA ILE N 443 3.28 -49.58 -27.74
C ILE N 443 2.01 -49.36 -28.54
N THR N 444 0.15 -49.07 -31.96
CA THR N 444 0.54 -48.23 -33.11
C THR N 444 0.12 -46.77 -32.94
N MET N 445 -0.80 -46.46 -32.02
CA MET N 445 -1.18 -45.12 -31.54
C MET N 445 -1.98 -45.19 -30.22
N ARG N 446 -2.12 -44.04 -29.55
CA ARG N 446 -2.90 -43.82 -28.32
C ARG N 446 -3.25 -42.34 -28.24
N LEU N 447 -4.54 -42.02 -28.32
CA LEU N 447 -5.04 -40.66 -28.51
C LEU N 447 -6.26 -40.35 -27.62
N GLY N 448 -6.52 -39.07 -27.40
CA GLY N 448 -7.74 -38.59 -26.73
C GLY N 448 -7.62 -38.44 -25.23
N LEU N 449 -8.72 -38.11 -24.55
CA LEU N 449 -8.73 -37.96 -23.09
C LEU N 449 -8.65 -39.33 -22.41
N ARG N 450 -7.64 -39.54 -21.56
CA ARG N 450 -7.40 -40.82 -20.86
C ARG N 450 -7.22 -40.62 -19.34
N PRO N 451 -7.45 -41.66 -18.51
CA PRO N 451 -7.34 -41.57 -17.06
C PRO N 451 -5.92 -41.85 -16.58
N THR N 452 -5.32 -40.91 -15.85
CA THR N 452 -4.02 -41.08 -15.17
C THR N 452 -4.26 -41.22 -13.67
N ILE N 453 -3.76 -42.30 -13.06
CA ILE N 453 -3.92 -42.60 -11.63
C ILE N 453 -2.60 -42.30 -10.92
N PHE N 454 -2.60 -41.60 -9.79
CA PHE N 454 -1.37 -41.39 -9.02
C PHE N 454 -0.92 -42.67 -8.26
N GLN N 455 0.38 -43.00 -8.35
CA GLN N 455 1.04 -44.11 -7.63
C GLN N 455 1.03 -43.85 -6.10
N PRO N 456 1.05 -44.86 -5.21
CA PRO N 456 0.55 -44.70 -3.84
C PRO N 456 1.30 -43.70 -2.95
N ASN N 457 2.62 -43.69 -2.98
CA ASN N 457 3.44 -42.89 -2.06
C ASN N 457 3.47 -41.38 -2.39
N SER N 458 2.76 -40.95 -3.42
CA SER N 458 2.94 -39.69 -4.16
C SER N 458 2.67 -38.40 -3.40
N GLU N 459 2.28 -38.46 -2.14
CA GLU N 459 1.77 -37.34 -1.35
C GLU N 459 2.67 -36.09 -1.38
N TRP N 460 3.99 -36.26 -1.37
CA TRP N 460 4.98 -35.17 -1.33
C TRP N 460 5.16 -34.44 -2.67
N SER N 461 4.65 -34.98 -3.77
CA SER N 461 4.95 -34.51 -5.13
C SER N 461 4.26 -33.18 -5.40
N ASN N 462 5.00 -32.14 -5.76
CA ASN N 462 4.44 -30.83 -6.09
C ASN N 462 3.39 -30.94 -7.20
N ILE N 463 3.61 -31.80 -8.19
CA ILE N 463 2.62 -32.02 -9.25
C ILE N 463 1.31 -32.54 -8.69
N ARG N 464 1.33 -33.42 -7.68
CA ARG N 464 0.11 -33.90 -7.03
C ARG N 464 -0.56 -32.83 -6.18
N LYS N 465 0.20 -31.92 -5.54
CA LYS N 465 -0.36 -30.71 -4.91
C LYS N 465 -1.04 -29.79 -5.92
N LEU N 466 -0.49 -29.64 -7.11
CA LEU N 466 -1.08 -28.78 -8.16
C LEU N 466 -2.38 -29.37 -8.74
N TYR N 467 -2.48 -30.69 -8.86
CA TYR N 467 -3.73 -31.38 -9.19
C TYR N 467 -4.73 -31.48 -8.00
N GLY N 468 -4.55 -30.70 -6.93
CA GLY N 468 -5.47 -30.68 -5.79
C GLY N 468 -5.44 -31.95 -4.93
N GLU N 469 -4.40 -32.78 -5.07
CA GLU N 469 -4.22 -34.10 -4.45
C GLU N 469 -5.26 -35.19 -4.81
N VAL N 470 -6.17 -34.89 -5.74
CA VAL N 470 -7.17 -35.82 -6.31
C VAL N 470 -6.48 -37.07 -6.90
N ASN N 471 -7.01 -38.28 -6.68
CA ASN N 471 -6.30 -39.53 -7.00
C ASN N 471 -6.17 -39.84 -8.50
N GLU N 472 -7.05 -39.28 -9.34
CA GLU N 472 -7.04 -39.47 -10.79
C GLU N 472 -7.18 -38.15 -11.54
N VAL N 473 -6.47 -38.06 -12.66
CA VAL N 473 -6.34 -36.91 -13.53
C VAL N 473 -6.81 -37.28 -14.94
N HIS N 474 -7.69 -36.49 -15.53
CA HIS N 474 -8.18 -36.72 -16.91
C HIS N 474 -7.63 -35.65 -17.85
N GLU N 475 -6.79 -36.05 -18.80
CA GLU N 475 -6.00 -35.17 -19.67
C GLU N 475 -5.82 -35.82 -21.05
N ARG N 476 -5.45 -35.05 -22.08
CA ARG N 476 -5.43 -35.52 -23.47
C ARG N 476 -4.07 -36.04 -23.91
N HIS N 477 -4.02 -37.16 -24.59
CA HIS N 477 -2.78 -37.88 -24.95
C HIS N 477 -2.50 -37.90 -26.45
N ARG N 478 -1.21 -37.97 -26.79
CA ARG N 478 -0.69 -38.45 -28.07
C ARG N 478 0.68 -39.06 -27.80
N HIS N 479 0.89 -40.35 -28.08
CA HIS N 479 2.23 -40.95 -28.14
C HIS N 479 2.25 -42.33 -28.78
N ARG N 480 3.09 -42.56 -29.77
CA ARG N 480 3.38 -43.94 -30.23
C ARG N 480 4.34 -44.66 -29.26
N TYR N 481 5.40 -43.96 -28.88
CA TYR N 481 6.52 -44.44 -28.06
C TYR N 481 6.32 -44.03 -26.62
N GLU N 482 6.56 -44.91 -25.67
CA GLU N 482 6.44 -44.62 -24.23
C GLU N 482 7.68 -45.11 -23.49
N ILE N 483 7.94 -44.64 -22.26
CA ILE N 483 9.12 -45.08 -21.51
C ILE N 483 9.13 -46.60 -21.37
N ASN N 484 10.28 -47.22 -21.64
CA ASN N 484 10.47 -48.64 -21.44
C ASN N 484 10.25 -48.98 -19.95
N PRO N 485 9.18 -49.71 -19.58
CA PRO N 485 8.84 -49.88 -18.18
C PRO N 485 9.85 -50.72 -17.41
N LYS N 486 10.81 -51.39 -18.08
CA LYS N 486 11.86 -52.18 -17.41
C LYS N 486 13.03 -51.35 -16.86
N ILE N 487 13.08 -50.04 -17.09
CA ILE N 487 14.02 -49.10 -16.43
C ILE N 487 13.43 -48.46 -15.16
N VAL N 488 12.11 -48.41 -15.01
CA VAL N 488 11.39 -47.70 -13.95
C VAL N 488 11.85 -48.08 -12.55
N ASN N 489 12.10 -49.36 -12.26
CA ASN N 489 12.55 -49.76 -10.92
C ASN N 489 13.94 -49.20 -10.55
N ASP N 490 14.76 -48.85 -11.53
CA ASP N 490 16.03 -48.17 -11.33
C ASP N 490 15.80 -46.69 -11.04
N MET N 491 15.06 -46.00 -11.90
CA MET N 491 14.71 -44.59 -11.70
C MET N 491 13.96 -44.34 -10.38
N GLU N 492 13.00 -45.19 -10.03
CA GLU N 492 12.32 -45.18 -8.74
C GLU N 492 13.30 -45.31 -7.57
N SER N 493 14.44 -45.99 -7.74
CA SER N 493 15.44 -46.09 -6.68
C SER N 493 16.35 -44.86 -6.60
N ARG N 494 16.60 -44.20 -7.74
CA ARG N 494 17.52 -43.04 -7.87
C ARG N 494 16.86 -41.67 -7.64
N GLY N 495 15.60 -41.63 -7.20
CA GLY N 495 14.88 -40.40 -6.88
C GLY N 495 14.06 -39.80 -8.03
N PHE N 496 14.04 -40.42 -9.21
CA PHE N 496 13.16 -40.10 -10.34
C PHE N 496 11.88 -40.96 -10.22
N ILE N 497 10.88 -40.43 -9.50
CA ILE N 497 9.74 -41.21 -9.02
C ILE N 497 8.54 -40.98 -9.94
N PHE N 498 7.94 -42.05 -10.44
CA PHE N 498 6.82 -41.97 -11.36
C PHE N 498 5.51 -41.72 -10.61
N VAL N 499 5.23 -40.46 -10.34
CA VAL N 499 4.06 -39.99 -9.60
C VAL N 499 2.74 -40.55 -10.15
N GLY N 500 2.61 -40.76 -11.46
CA GLY N 500 1.35 -41.16 -12.10
C GLY N 500 1.53 -42.15 -13.25
N LYS N 501 0.56 -43.05 -13.39
CA LYS N 501 0.57 -44.18 -14.32
C LYS N 501 -0.82 -44.43 -14.91
N ASP N 502 -0.85 -45.16 -16.02
CA ASP N 502 -2.10 -45.69 -16.60
C ASP N 502 -2.79 -46.68 -15.64
N GLU N 503 -4.11 -46.82 -15.73
CA GLU N 503 -4.91 -47.72 -14.90
C GLU N 503 -4.46 -49.20 -14.87
N THR N 504 -3.75 -49.71 -15.88
CA THR N 504 -3.15 -51.06 -15.86
C THR N 504 -1.86 -51.15 -15.03
N GLY N 505 -1.28 -50.01 -14.66
CA GLY N 505 0.01 -49.86 -13.97
C GLY N 505 1.26 -49.96 -14.89
N GLN N 506 1.09 -50.49 -16.11
CA GLN N 506 2.22 -50.88 -16.97
C GLN N 506 2.83 -49.72 -17.75
N ARG N 507 2.16 -48.57 -17.82
CA ARG N 507 2.54 -47.40 -18.61
C ARG N 507 2.76 -46.19 -17.71
N CYS N 508 3.84 -45.45 -17.91
CA CYS N 508 4.26 -44.34 -17.07
C CYS N 508 3.94 -42.99 -17.68
N GLU N 509 3.30 -42.11 -16.91
CA GLU N 509 2.59 -40.95 -17.45
C GLU N 509 2.99 -39.63 -16.80
N ILE N 510 3.42 -39.63 -15.54
CA ILE N 510 4.00 -38.46 -14.87
C ILE N 510 5.22 -38.91 -14.07
N PHE N 511 6.27 -38.10 -14.04
CA PHE N 511 7.31 -38.21 -13.02
C PHE N 511 7.59 -36.84 -12.39
N GLU N 512 8.10 -36.84 -11.16
CA GLU N 512 8.69 -35.68 -10.50
C GLU N 512 10.00 -36.12 -9.88
N LEU N 513 11.07 -35.34 -10.07
CA LEU N 513 12.38 -35.64 -9.49
C LEU N 513 12.43 -35.16 -8.04
N LYS N 514 12.79 -36.04 -7.10
CA LYS N 514 12.96 -35.70 -5.68
C LYS N 514 14.07 -34.66 -5.50
N GLY N 515 13.89 -33.72 -4.59
CA GLY N 515 14.94 -32.78 -4.19
C GLY N 515 15.33 -31.72 -5.23
N HIS N 516 14.38 -31.28 -6.05
CA HIS N 516 14.52 -30.14 -6.96
C HIS N 516 13.30 -29.20 -6.81
N PRO N 517 13.44 -27.87 -6.91
CA PRO N 517 12.32 -26.93 -6.72
C PRO N 517 11.07 -27.20 -7.54
N TYR N 518 11.20 -27.61 -8.81
CA TYR N 518 10.10 -28.05 -9.67
C TYR N 518 10.66 -28.68 -10.96
N TYR N 519 10.64 -30.00 -11.08
CA TYR N 519 11.16 -30.71 -12.26
C TYR N 519 10.24 -31.88 -12.57
N VAL N 520 9.44 -31.73 -13.62
CA VAL N 520 8.29 -32.59 -13.93
C VAL N 520 8.35 -33.11 -15.35
N GLY N 521 8.07 -34.38 -15.61
CA GLY N 521 7.66 -34.83 -16.93
C GLY N 521 6.19 -35.24 -16.95
N THR N 522 5.42 -34.84 -17.96
CA THR N 522 4.07 -35.34 -18.23
C THR N 522 4.02 -35.91 -19.63
N GLN N 523 3.64 -37.17 -19.82
CA GLN N 523 3.63 -37.81 -21.15
C GLN N 523 2.33 -37.59 -21.93
N TYR N 524 1.24 -37.27 -21.24
CA TYR N 524 0.13 -36.58 -21.87
C TYR N 524 0.52 -35.14 -22.22
N HIS N 525 -0.33 -34.47 -22.99
CA HIS N 525 -0.19 -33.08 -23.37
C HIS N 525 -1.01 -32.21 -22.42
N PRO N 526 -0.43 -31.47 -21.47
CA PRO N 526 -1.22 -30.62 -20.62
C PRO N 526 -1.69 -29.35 -21.31
N GLU N 527 -1.22 -29.00 -22.50
CA GLU N 527 -1.56 -27.73 -23.14
C GLU N 527 -3.06 -27.62 -23.40
N TYR N 528 -3.65 -28.65 -24.00
CA TYR N 528 -4.94 -28.55 -24.69
C TYR N 528 -6.12 -28.31 -23.75
N THR N 529 -6.02 -28.76 -22.50
CA THR N 529 -7.07 -28.67 -21.48
C THR N 529 -7.09 -27.35 -20.71
N SER N 530 -6.07 -26.50 -20.86
CA SER N 530 -6.04 -25.19 -20.22
C SER N 530 -7.19 -24.31 -20.73
N LYS N 531 -7.89 -23.61 -19.83
CA LYS N 531 -8.89 -22.58 -20.15
C LYS N 531 -8.40 -21.22 -19.66
N VAL N 532 -8.88 -20.12 -20.24
CA VAL N 532 -8.43 -18.75 -19.88
C VAL N 532 -8.64 -18.38 -18.40
N LEU N 533 -9.48 -19.11 -17.67
CA LEU N 533 -9.73 -18.92 -16.24
C LEU N 533 -9.37 -20.16 -15.40
N GLU N 534 -8.68 -21.14 -15.99
CA GLU N 534 -8.31 -22.41 -15.38
C GLU N 534 -7.05 -22.93 -16.10
N PRO N 535 -5.87 -22.40 -15.80
CA PRO N 535 -4.64 -22.78 -16.46
C PRO N 535 -4.25 -24.21 -16.12
N SER N 536 -3.63 -24.89 -17.07
CA SER N 536 -3.34 -26.33 -16.92
C SER N 536 -2.37 -26.55 -15.78
N ARG N 537 -2.66 -27.44 -14.84
CA ARG N 537 -1.92 -27.51 -13.57
C ARG N 537 -0.39 -27.66 -13.70
N PRO N 538 0.19 -28.44 -14.63
CA PRO N 538 1.63 -28.50 -14.78
C PRO N 538 2.22 -27.19 -15.27
N PHE N 539 1.51 -26.47 -16.15
CA PHE N 539 1.94 -25.17 -16.68
C PHE N 539 1.77 -24.05 -15.65
N TRP N 540 0.74 -24.11 -14.80
CA TRP N 540 0.62 -23.22 -13.66
C TRP N 540 1.75 -23.49 -12.67
N GLY N 541 2.12 -24.74 -12.46
CA GLY N 541 3.31 -25.12 -11.69
C GLY N 541 4.60 -24.49 -12.23
N LEU N 542 4.88 -24.63 -13.54
CA LEU N 542 6.09 -24.07 -14.14
C LEU N 542 6.16 -22.55 -13.99
N VAL N 543 5.13 -21.83 -14.41
CA VAL N 543 5.17 -20.36 -14.35
C VAL N 543 5.11 -19.85 -12.92
N ALA N 544 4.55 -20.60 -11.98
CA ALA N 544 4.66 -20.27 -10.57
C ALA N 544 6.09 -20.48 -10.06
N ALA N 545 6.71 -21.65 -10.25
CA ALA N 545 8.08 -21.91 -9.81
C ALA N 545 9.07 -20.87 -10.35
N ALA N 546 8.96 -20.55 -11.64
CA ALA N 546 9.79 -19.53 -12.27
C ALA N 546 9.53 -18.11 -11.74
N SER N 547 8.31 -17.78 -11.32
CA SER N 547 7.98 -16.49 -10.68
C SER N 547 8.41 -16.40 -9.22
N GLY N 548 8.80 -17.51 -8.61
CA GLY N 548 8.72 -17.69 -7.16
C GLY N 548 7.26 -17.78 -6.69
N THR N 549 7.06 -18.05 -5.41
CA THR N 549 5.74 -18.21 -4.79
C THR N 549 4.95 -19.44 -5.29
N LEU N 550 5.65 -20.53 -5.61
CA LEU N 550 5.03 -21.83 -5.90
C LEU N 550 4.18 -22.33 -4.72
N GLY N 551 4.63 -22.12 -3.50
CA GLY N 551 3.85 -22.41 -2.29
C GLY N 551 2.55 -21.62 -2.21
N GLU N 552 2.55 -20.33 -2.51
CA GLU N 552 1.34 -19.48 -2.48
C GLU N 552 0.30 -19.89 -3.53
N VAL N 553 0.74 -20.33 -4.70
CA VAL N 553 -0.15 -20.95 -5.71
C VAL N 553 -0.75 -22.25 -5.17
N ILE N 554 0.04 -23.11 -4.50
CA ILE N 554 -0.49 -24.33 -3.90
C ILE N 554 -1.57 -24.04 -2.85
N LYS N 555 -1.55 -22.91 -2.12
CA LYS N 555 -2.69 -22.50 -1.29
C LYS N 555 -3.88 -22.03 -2.14
N ASP N 556 -3.67 -21.23 -3.17
CA ASP N 556 -4.76 -20.73 -4.00
C ASP N 556 -5.57 -21.88 -4.64
N ILE N 557 -4.89 -22.97 -5.00
CA ILE N 557 -5.52 -24.20 -5.48
C ILE N 557 -6.30 -24.91 -4.37
N ASN N 558 -5.64 -25.23 -3.26
CA ASN N 558 -6.20 -26.18 -2.28
C ASN N 558 -7.20 -25.55 -1.30
N LEU N 559 -7.25 -24.23 -1.13
CA LEU N 559 -8.29 -23.54 -0.38
C LEU N 559 -9.64 -23.58 -1.13
N MET O 1 -1.99 -33.09 -79.14
CA MET O 1 -3.34 -33.14 -78.55
C MET O 1 -4.07 -31.81 -78.76
N LYS O 2 -5.40 -31.85 -78.92
CA LYS O 2 -6.28 -30.69 -79.02
C LYS O 2 -7.52 -30.92 -78.17
N TYR O 3 -8.16 -29.88 -77.64
CA TYR O 3 -9.42 -30.00 -76.88
C TYR O 3 -10.45 -29.02 -77.44
N VAL O 4 -11.70 -29.45 -77.51
CA VAL O 4 -12.85 -28.57 -77.69
C VAL O 4 -13.80 -28.79 -76.52
N VAL O 5 -14.06 -27.78 -75.71
CA VAL O 5 -14.95 -27.92 -74.56
C VAL O 5 -16.30 -27.37 -74.96
N VAL O 6 -17.38 -28.14 -74.79
CA VAL O 6 -18.76 -27.75 -75.06
C VAL O 6 -19.46 -27.51 -73.73
N SER O 7 -20.07 -26.35 -73.56
CA SER O 7 -20.24 -25.72 -72.24
C SER O 7 -21.37 -24.73 -72.24
N GLY O 8 -21.69 -24.19 -71.06
CA GLY O 8 -22.39 -22.91 -70.98
C GLY O 8 -23.79 -23.01 -70.45
N GLY O 9 -24.73 -22.39 -71.14
CA GLY O 9 -26.15 -22.43 -70.83
C GLY O 9 -26.58 -21.43 -69.78
N VAL O 10 -27.64 -20.68 -70.08
CA VAL O 10 -28.49 -20.01 -69.09
C VAL O 10 -29.29 -21.01 -68.27
N ILE O 11 -29.72 -22.12 -68.89
CA ILE O 11 -30.50 -23.21 -68.30
C ILE O 11 -29.86 -24.56 -68.62
N SER O 12 -29.98 -25.52 -67.71
CA SER O 12 -29.32 -26.84 -67.82
C SER O 12 -30.03 -27.82 -68.77
N GLY O 13 -31.32 -27.64 -69.07
CA GLY O 13 -32.08 -28.47 -70.01
C GLY O 13 -31.86 -28.13 -71.50
N ILE O 14 -30.90 -27.28 -71.82
CA ILE O 14 -30.76 -26.64 -73.15
C ILE O 14 -30.31 -27.55 -74.29
N GLY O 15 -29.82 -28.75 -74.01
CA GLY O 15 -29.39 -29.71 -75.05
C GLY O 15 -28.00 -29.41 -75.61
N LYS O 16 -26.98 -29.50 -74.77
CA LYS O 16 -25.56 -29.47 -75.16
C LYS O 16 -25.09 -30.77 -75.77
N GLY O 17 -25.69 -31.91 -75.39
CA GLY O 17 -25.22 -33.25 -75.74
C GLY O 17 -25.23 -33.54 -77.23
N VAL O 18 -26.18 -32.97 -78.00
CA VAL O 18 -26.13 -33.05 -79.47
C VAL O 18 -24.99 -32.21 -80.00
N LEU O 19 -24.79 -30.97 -79.57
CA LEU O 19 -23.69 -30.17 -80.08
C LEU O 19 -22.31 -30.79 -79.77
N ALA O 20 -22.13 -31.44 -78.62
CA ALA O 20 -20.94 -32.24 -78.37
C ALA O 20 -20.84 -33.45 -79.32
N SER O 21 -21.83 -34.33 -79.34
CA SER O 21 -21.84 -35.55 -80.16
C SER O 21 -21.80 -35.31 -81.66
N SER O 22 -22.04 -34.08 -82.09
CA SER O 22 -22.16 -33.57 -83.46
C SER O 22 -21.00 -32.67 -83.82
N THR O 23 -20.26 -32.11 -82.87
CA THR O 23 -19.02 -31.39 -83.15
C THR O 23 -17.93 -32.40 -83.37
N GLY O 24 -17.93 -33.45 -82.56
CA GLY O 24 -16.96 -34.50 -82.65
C GLY O 24 -17.10 -35.33 -83.87
N MET O 25 -18.33 -35.42 -84.38
CA MET O 25 -18.62 -36.11 -85.63
C MET O 25 -18.07 -35.30 -86.79
N LEU O 26 -18.32 -33.98 -86.82
CA LEU O 26 -17.73 -33.15 -87.86
C LEU O 26 -16.22 -33.22 -87.86
N LEU O 27 -15.55 -33.18 -86.71
CA LEU O 27 -14.10 -33.35 -86.69
C LEU O 27 -13.65 -34.74 -87.16
N LYS O 28 -14.43 -35.80 -86.94
CA LYS O 28 -14.09 -37.13 -87.46
C LYS O 28 -14.15 -37.21 -88.99
N THR O 29 -14.92 -36.34 -89.63
CA THR O 29 -14.90 -36.23 -91.10
C THR O 29 -13.61 -35.64 -91.67
N LEU O 30 -12.79 -34.90 -90.89
CA LEU O 30 -11.41 -34.57 -91.27
C LEU O 30 -10.47 -35.78 -91.16
N GLY O 31 -10.92 -36.90 -90.62
CA GLY O 31 -10.14 -38.13 -90.45
C GLY O 31 -9.42 -38.21 -89.11
N LEU O 32 -9.52 -37.18 -88.26
CA LEU O 32 -8.91 -37.13 -86.94
C LEU O 32 -9.40 -38.25 -86.02
N LYS O 33 -8.53 -38.87 -85.22
CA LYS O 33 -8.94 -39.89 -84.23
C LYS O 33 -9.60 -39.22 -83.03
N VAL O 34 -10.86 -38.84 -83.15
CA VAL O 34 -11.54 -38.04 -82.11
C VAL O 34 -11.93 -38.88 -80.88
N THR O 35 -11.88 -38.31 -79.68
CA THR O 35 -12.40 -38.91 -78.44
C THR O 35 -13.28 -37.88 -77.73
N SER O 36 -13.94 -38.28 -76.65
CA SER O 36 -14.82 -37.40 -75.88
C SER O 36 -14.84 -37.73 -74.40
N ILE O 37 -15.09 -36.72 -73.58
CA ILE O 37 -15.17 -36.81 -72.12
C ILE O 37 -16.48 -36.15 -71.70
N LYS O 38 -17.22 -36.77 -70.80
CA LYS O 38 -18.42 -36.18 -70.19
C LYS O 38 -18.01 -35.71 -68.81
N ILE O 39 -18.36 -34.49 -68.42
CA ILE O 39 -18.31 -34.05 -67.03
C ILE O 39 -19.77 -34.03 -66.55
N ASP O 40 -20.06 -34.71 -65.44
CA ASP O 40 -21.34 -34.65 -64.76
C ASP O 40 -21.18 -34.12 -63.34
N PRO O 41 -21.75 -32.93 -63.04
CA PRO O 41 -21.68 -32.33 -61.73
C PRO O 41 -22.35 -33.08 -60.57
N TYR O 42 -23.13 -34.13 -60.83
CA TYR O 42 -23.74 -34.92 -59.75
C TYR O 42 -22.72 -35.66 -58.89
N MET O 43 -23.12 -35.99 -57.67
CA MET O 43 -22.23 -36.69 -56.74
C MET O 43 -22.16 -38.20 -56.96
N ASN O 44 -22.94 -38.80 -57.85
CA ASN O 44 -22.82 -40.24 -58.02
C ASN O 44 -21.45 -40.65 -58.56
N ILE O 45 -20.85 -41.66 -57.94
CA ILE O 45 -19.63 -42.27 -58.47
C ILE O 45 -19.84 -42.77 -59.87
N ASP O 46 -20.86 -43.59 -60.04
CA ASP O 46 -21.30 -44.10 -61.32
C ASP O 46 -22.77 -44.50 -61.25
N ALA O 47 -23.42 -44.53 -62.42
CA ALA O 47 -24.88 -44.52 -62.53
C ALA O 47 -25.58 -45.77 -61.99
N GLY O 48 -24.86 -46.85 -61.68
CA GLY O 48 -25.43 -48.12 -61.23
C GLY O 48 -26.37 -48.03 -60.01
N THR O 49 -26.20 -47.01 -59.16
CA THR O 49 -27.06 -46.80 -57.98
C THR O 49 -28.39 -46.12 -58.28
N MET O 50 -28.53 -45.42 -59.42
CA MET O 50 -29.71 -44.59 -59.69
C MET O 50 -30.63 -45.25 -60.72
N SER O 51 -31.87 -45.50 -60.31
CA SER O 51 -32.88 -46.25 -61.07
C SER O 51 -33.27 -45.56 -62.39
N PRO O 52 -33.63 -46.33 -63.44
CA PRO O 52 -34.03 -45.79 -64.73
C PRO O 52 -35.22 -44.80 -64.73
N LEU O 53 -36.03 -44.75 -63.68
CA LEU O 53 -37.00 -43.67 -63.49
C LEU O 53 -36.32 -42.30 -63.33
N GLU O 54 -35.19 -42.25 -62.65
CA GLU O 54 -34.50 -41.03 -62.24
C GLU O 54 -33.51 -40.56 -63.31
N HIS O 55 -33.97 -39.77 -64.27
CA HIS O 55 -33.18 -39.26 -65.41
C HIS O 55 -32.60 -40.33 -66.36
N GLY O 56 -33.41 -41.33 -66.71
CA GLY O 56 -33.18 -42.25 -67.84
C GLY O 56 -32.32 -43.49 -67.56
N GLU O 57 -32.15 -44.31 -68.60
CA GLU O 57 -31.61 -45.68 -68.56
C GLU O 57 -30.22 -45.84 -67.92
N CYS O 58 -29.91 -47.04 -67.45
CA CYS O 58 -28.63 -47.39 -66.86
C CYS O 58 -27.68 -47.97 -67.94
N PHE O 59 -26.82 -47.14 -68.54
CA PHE O 59 -25.93 -47.54 -69.65
C PHE O 59 -24.92 -48.63 -69.24
N VAL O 60 -24.24 -49.28 -70.19
CA VAL O 60 -23.15 -50.24 -69.91
C VAL O 60 -21.99 -50.04 -70.88
N LEU O 61 -20.75 -50.02 -70.37
CA LEU O 61 -19.50 -49.91 -71.12
C LEU O 61 -18.76 -51.26 -71.22
N ASP O 62 -17.70 -51.35 -72.02
CA ASP O 62 -16.90 -52.59 -72.12
C ASP O 62 -16.35 -53.05 -70.77
N ASP O 63 -16.01 -52.11 -69.89
CA ASP O 63 -15.52 -52.35 -68.52
C ASP O 63 -16.58 -52.98 -67.58
N GLY O 64 -17.85 -52.92 -67.96
CA GLY O 64 -18.97 -53.11 -67.04
C GLY O 64 -19.40 -51.86 -66.29
N GLY O 65 -18.79 -50.71 -66.58
CA GLY O 65 -19.09 -49.44 -65.92
C GLY O 65 -20.47 -48.89 -66.24
N GLU O 66 -21.40 -49.01 -65.30
CA GLU O 66 -22.75 -48.49 -65.41
C GLU O 66 -22.75 -46.97 -65.35
N THR O 67 -23.11 -46.27 -66.42
CA THR O 67 -22.67 -44.88 -66.67
C THR O 67 -23.72 -43.93 -67.19
N ASP O 68 -23.38 -42.63 -67.21
CA ASP O 68 -24.27 -41.61 -67.73
C ASP O 68 -24.66 -41.85 -69.19
N LEU O 69 -25.93 -41.59 -69.52
CA LEU O 69 -26.47 -41.67 -70.88
C LEU O 69 -25.58 -41.03 -71.91
N ASP O 70 -25.01 -39.88 -71.59
CA ASP O 70 -24.33 -39.07 -72.59
C ASP O 70 -23.06 -39.71 -73.14
N LEU O 71 -22.47 -40.69 -72.44
CA LEU O 71 -21.42 -41.50 -73.06
C LEU O 71 -21.94 -42.21 -74.31
N GLY O 72 -23.15 -42.76 -74.22
CA GLY O 72 -23.75 -43.51 -75.30
C GLY O 72 -23.90 -42.67 -76.56
N ASN O 73 -24.36 -41.42 -76.43
CA ASN O 73 -24.52 -40.56 -77.59
C ASN O 73 -23.19 -40.35 -78.34
N TYR O 74 -22.07 -40.17 -77.65
CA TYR O 74 -20.79 -40.08 -78.35
C TYR O 74 -20.39 -41.41 -78.96
N GLU O 75 -20.56 -42.53 -78.24
CA GLU O 75 -20.19 -43.84 -78.79
C GLU O 75 -20.88 -44.10 -80.13
N ARG O 76 -22.19 -43.90 -80.19
CA ARG O 76 -22.95 -44.16 -81.42
C ARG O 76 -22.73 -43.13 -82.53
N TYR O 77 -22.52 -41.85 -82.23
CA TYR O 77 -22.19 -40.87 -83.27
C TYR O 77 -20.76 -41.01 -83.78
N LEU O 78 -19.80 -41.31 -82.91
CA LEU O 78 -18.37 -41.24 -83.23
C LEU O 78 -17.75 -42.61 -83.54
N GLY O 79 -18.48 -43.70 -83.35
CA GLY O 79 -18.01 -45.08 -83.56
C GLY O 79 -17.04 -45.58 -82.49
N ILE O 80 -16.73 -44.76 -81.50
CA ILE O 80 -15.72 -45.00 -80.48
C ILE O 80 -16.21 -45.95 -79.40
N THR O 81 -15.28 -46.61 -78.72
CA THR O 81 -15.53 -47.33 -77.47
C THR O 81 -14.98 -46.51 -76.31
N LEU O 82 -15.80 -46.23 -75.29
CA LEU O 82 -15.39 -45.49 -74.11
C LEU O 82 -15.12 -46.41 -72.91
N SER O 83 -14.55 -45.86 -71.85
CA SER O 83 -14.24 -46.53 -70.59
C SER O 83 -14.80 -45.71 -69.43
N ARG O 84 -15.03 -46.32 -68.25
CA ARG O 84 -15.70 -45.64 -67.14
C ARG O 84 -14.96 -44.42 -66.63
N ASP O 85 -13.69 -44.26 -66.93
CA ASP O 85 -12.93 -43.03 -66.67
C ASP O 85 -13.37 -41.84 -67.51
N HIS O 86 -14.00 -42.03 -68.68
CA HIS O 86 -14.43 -40.93 -69.55
C HIS O 86 -15.61 -40.11 -68.98
N ASN O 87 -16.23 -40.61 -67.91
CA ASN O 87 -17.29 -39.94 -67.19
C ASN O 87 -16.67 -39.27 -65.92
N ILE O 88 -16.17 -38.06 -66.03
CA ILE O 88 -15.75 -37.29 -64.86
C ILE O 88 -17.01 -36.95 -64.06
N THR O 89 -16.99 -37.12 -62.73
CA THR O 89 -18.09 -36.62 -61.89
C THR O 89 -17.61 -35.95 -60.63
N THR O 90 -18.44 -35.11 -60.04
CA THR O 90 -18.14 -34.53 -58.73
C THR O 90 -17.95 -35.64 -57.69
N GLY O 91 -18.78 -36.68 -57.76
CA GLY O 91 -18.59 -37.90 -56.97
C GLY O 91 -17.21 -38.54 -57.12
N LYS O 92 -16.82 -38.78 -58.36
CA LYS O 92 -15.55 -39.46 -58.63
C LYS O 92 -14.37 -38.63 -58.17
N ILE O 93 -14.24 -37.39 -58.63
CA ILE O 93 -13.00 -36.64 -58.39
C ILE O 93 -12.84 -36.28 -56.91
N TYR O 94 -13.92 -36.00 -56.20
CA TYR O 94 -13.85 -35.76 -54.77
C TYR O 94 -13.60 -37.06 -54.01
N SER O 95 -14.21 -38.19 -54.39
CA SER O 95 -13.89 -39.50 -53.81
C SER O 95 -12.42 -39.90 -54.06
N HIS O 96 -11.89 -39.55 -55.22
CA HIS O 96 -10.50 -39.80 -55.62
C HIS O 96 -9.56 -38.99 -54.73
N VAL O 97 -9.60 -37.64 -54.77
CA VAL O 97 -8.65 -36.87 -53.98
C VAL O 97 -8.83 -37.06 -52.48
N ILE O 98 -10.04 -37.20 -51.94
CA ILE O 98 -10.24 -37.51 -50.51
C ILE O 98 -9.74 -38.91 -50.19
N SER O 99 -9.85 -39.93 -51.05
CA SER O 99 -9.22 -41.22 -50.77
C SER O 99 -7.70 -41.11 -50.84
N ARG O 100 -7.18 -40.28 -51.75
CA ARG O 100 -5.74 -39.99 -51.87
C ARG O 100 -5.19 -39.31 -50.62
N GLU O 101 -5.96 -38.49 -49.91
CA GLU O 101 -5.55 -37.94 -48.62
C GLU O 101 -5.24 -38.99 -47.57
N ARG O 102 -6.13 -39.96 -47.36
CA ARG O 102 -5.89 -41.03 -46.38
C ARG O 102 -4.71 -41.91 -46.81
N ARG O 103 -4.40 -41.99 -48.10
CA ARG O 103 -3.17 -42.61 -48.65
C ARG O 103 -1.92 -41.75 -48.43
N GLY O 104 -2.05 -40.43 -48.29
CA GLY O 104 -1.00 -39.51 -47.86
C GLY O 104 -0.26 -38.76 -48.96
N ASP O 105 -0.65 -38.89 -50.22
CA ASP O 105 0.19 -38.48 -51.35
C ASP O 105 0.47 -36.97 -51.49
N TYR O 106 -0.27 -36.10 -50.80
CA TYR O 106 0.04 -34.68 -50.74
C TYR O 106 1.08 -34.33 -49.65
N LEU O 107 1.79 -35.34 -49.13
CA LEU O 107 2.90 -35.21 -48.17
C LEU O 107 2.50 -34.47 -46.87
N GLY O 108 1.25 -34.63 -46.47
CA GLY O 108 0.73 -33.92 -45.32
C GLY O 108 0.62 -32.42 -45.48
N LYS O 109 0.45 -31.91 -46.70
CA LYS O 109 0.03 -30.51 -46.90
C LYS O 109 -1.49 -30.31 -46.64
N THR O 110 -1.98 -29.08 -46.79
CA THR O 110 -3.46 -28.87 -46.83
C THR O 110 -3.84 -29.35 -48.22
N VAL O 111 -5.04 -29.90 -48.44
CA VAL O 111 -5.48 -30.27 -49.82
C VAL O 111 -6.57 -29.28 -50.21
N GLN O 112 -6.24 -28.00 -50.28
CA GLN O 112 -7.22 -26.96 -50.70
C GLN O 112 -7.86 -27.44 -52.00
N ILE O 113 -9.12 -27.08 -52.31
CA ILE O 113 -9.77 -27.46 -53.60
C ILE O 113 -9.17 -26.61 -54.73
N VAL O 114 -8.71 -25.38 -54.50
CA VAL O 114 -7.97 -24.62 -55.56
C VAL O 114 -6.64 -25.35 -55.65
N PRO O 115 -5.61 -24.93 -56.39
CA PRO O 115 -4.43 -25.76 -56.58
C PRO O 115 -4.64 -27.27 -56.61
N HIS O 116 -4.82 -27.96 -55.50
CA HIS O 116 -4.64 -29.41 -55.62
C HIS O 116 -5.78 -30.17 -56.31
N LEU O 117 -7.05 -30.01 -55.93
CA LEU O 117 -8.13 -30.75 -56.62
C LEU O 117 -8.30 -30.28 -58.07
N THR O 118 -8.28 -28.98 -58.37
CA THR O 118 -8.29 -28.54 -59.78
C THR O 118 -7.09 -29.05 -60.56
N ASN O 119 -5.95 -29.33 -59.91
CA ASN O 119 -4.84 -30.02 -60.55
C ASN O 119 -5.19 -31.50 -60.82
N ALA O 120 -5.90 -32.20 -59.95
CA ALA O 120 -6.35 -33.57 -60.22
C ALA O 120 -7.30 -33.62 -61.43
N ILE O 121 -8.22 -32.67 -61.58
CA ILE O 121 -9.07 -32.57 -62.79
C ILE O 121 -8.16 -32.42 -64.03
N GLN O 122 -7.23 -31.49 -64.02
CA GLN O 122 -6.41 -31.22 -65.17
C GLN O 122 -5.49 -32.41 -65.49
N ASP O 123 -5.12 -33.20 -64.50
CA ASP O 123 -4.41 -34.46 -64.68
C ASP O 123 -5.35 -35.52 -65.25
N TRP O 124 -6.55 -35.72 -64.69
CA TRP O 124 -7.51 -36.69 -65.18
C TRP O 124 -7.88 -36.47 -66.65
N ILE O 125 -8.21 -35.26 -67.07
CA ILE O 125 -8.49 -34.97 -68.49
C ILE O 125 -7.29 -35.29 -69.37
N GLN O 126 -6.05 -35.05 -68.92
CA GLN O 126 -4.84 -35.38 -69.68
C GLN O 126 -4.51 -36.87 -69.66
N ARG O 127 -4.90 -37.63 -68.64
CA ARG O 127 -4.79 -39.08 -68.68
C ARG O 127 -5.76 -39.66 -69.71
N VAL O 128 -7.04 -39.36 -69.50
CA VAL O 128 -8.18 -39.90 -70.19
C VAL O 128 -8.15 -39.62 -71.67
N SER O 129 -7.85 -38.42 -72.11
CA SER O 129 -7.77 -38.12 -73.55
C SER O 129 -6.63 -38.86 -74.27
N LYS O 130 -5.66 -39.51 -73.57
CA LYS O 130 -4.63 -40.36 -74.19
C LYS O 130 -4.95 -41.87 -74.18
N ILE O 131 -6.05 -42.30 -73.60
CA ILE O 131 -6.53 -43.69 -73.68
C ILE O 131 -7.04 -43.96 -75.11
N PRO O 132 -6.67 -45.05 -75.79
CA PRO O 132 -7.17 -45.33 -77.13
C PRO O 132 -8.64 -45.72 -77.16
N VAL O 133 -9.36 -45.40 -78.24
CA VAL O 133 -10.81 -45.63 -78.33
C VAL O 133 -11.31 -46.25 -79.64
N ASP O 134 -10.57 -46.16 -80.74
CA ASP O 134 -10.89 -46.79 -82.03
C ASP O 134 -10.46 -48.27 -82.10
N ASP O 135 -10.62 -48.90 -83.26
CA ASP O 135 -10.29 -50.33 -83.50
C ASP O 135 -8.80 -50.68 -83.40
N THR O 136 -7.92 -49.67 -83.30
CA THR O 136 -6.48 -49.79 -83.09
C THR O 136 -6.03 -48.89 -81.96
N GLY O 137 -4.97 -49.27 -81.26
CA GLY O 137 -4.47 -48.61 -80.05
C GLY O 137 -3.74 -47.28 -80.28
N LEU O 138 -4.17 -46.47 -81.25
CA LEU O 138 -3.63 -45.16 -81.54
C LEU O 138 -4.30 -44.10 -80.66
N GLU O 139 -3.53 -43.22 -80.03
CA GLU O 139 -4.04 -42.20 -79.12
C GLU O 139 -4.76 -41.06 -79.86
N PRO O 140 -5.83 -40.50 -79.29
CA PRO O 140 -6.66 -39.49 -79.95
C PRO O 140 -5.98 -38.21 -80.43
N ASP O 141 -6.43 -37.63 -81.55
CA ASP O 141 -5.94 -36.34 -82.04
C ASP O 141 -6.64 -35.17 -81.36
N VAL O 142 -7.96 -35.27 -81.13
CA VAL O 142 -8.81 -34.22 -80.55
C VAL O 142 -9.75 -34.82 -79.53
N CYS O 143 -9.95 -34.14 -78.41
CA CYS O 143 -10.90 -34.53 -77.37
C CYS O 143 -12.03 -33.51 -77.18
N ILE O 144 -13.28 -33.93 -77.31
CA ILE O 144 -14.46 -33.10 -77.01
C ILE O 144 -14.83 -33.25 -75.53
N ILE O 145 -14.79 -32.20 -74.73
CA ILE O 145 -15.21 -32.26 -73.32
C ILE O 145 -16.61 -31.66 -73.21
N GLU O 146 -17.61 -32.41 -72.78
CA GLU O 146 -18.94 -31.87 -72.49
C GLU O 146 -19.05 -31.50 -71.02
N LEU O 147 -19.10 -30.21 -70.69
CA LEU O 147 -19.18 -29.71 -69.32
C LEU O 147 -20.66 -29.71 -68.90
N GLY O 148 -21.05 -30.75 -68.14
CA GLY O 148 -22.39 -30.87 -67.57
C GLY O 148 -22.69 -29.79 -66.53
N GLY O 149 -23.95 -29.66 -66.16
CA GLY O 149 -24.41 -28.48 -65.42
C GLY O 149 -24.38 -27.20 -66.26
N THR O 150 -24.19 -26.04 -65.65
CA THR O 150 -23.92 -24.79 -66.39
C THR O 150 -22.70 -24.05 -65.86
N VAL O 151 -22.10 -23.18 -66.69
CA VAL O 151 -20.98 -22.30 -66.27
C VAL O 151 -21.66 -21.15 -65.52
N GLY O 152 -21.54 -21.10 -64.19
CA GLY O 152 -22.25 -20.11 -63.36
C GLY O 152 -23.10 -20.87 -62.36
N ASP O 153 -22.51 -21.82 -61.65
CA ASP O 153 -23.24 -22.68 -60.69
C ASP O 153 -22.33 -22.93 -59.49
N ILE O 154 -22.72 -23.83 -58.59
CA ILE O 154 -21.91 -24.21 -57.39
C ILE O 154 -21.49 -25.68 -57.51
N GLU O 155 -22.15 -26.48 -58.36
CA GLU O 155 -21.74 -27.87 -58.64
C GLU O 155 -20.76 -27.82 -59.81
N SER O 156 -20.75 -26.71 -60.54
CA SER O 156 -19.82 -26.58 -61.67
C SER O 156 -18.45 -26.06 -61.25
N ALA O 157 -18.35 -25.46 -60.07
CA ALA O 157 -17.33 -24.51 -59.70
C ALA O 157 -15.88 -25.01 -59.82
N PRO O 158 -15.49 -26.19 -59.30
CA PRO O 158 -14.16 -26.70 -59.50
C PRO O 158 -13.83 -27.00 -60.96
N PHE O 159 -14.80 -27.41 -61.76
CA PHE O 159 -14.57 -27.69 -63.18
C PHE O 159 -14.28 -26.40 -63.92
N VAL O 160 -15.05 -25.33 -63.74
CA VAL O 160 -14.76 -24.10 -64.49
C VAL O 160 -13.41 -23.49 -64.09
N GLU O 161 -12.98 -23.61 -62.84
CA GLU O 161 -11.63 -23.20 -62.44
C GLU O 161 -10.57 -24.09 -63.04
N ALA O 162 -10.72 -25.40 -62.89
CA ALA O 162 -9.80 -26.36 -63.49
C ALA O 162 -9.60 -26.10 -64.98
N LEU O 163 -10.67 -25.78 -65.71
CA LEU O 163 -10.64 -25.44 -67.14
C LEU O 163 -10.10 -24.04 -67.42
N ARG O 164 -10.23 -23.05 -66.53
CA ARG O 164 -9.43 -21.84 -66.67
C ARG O 164 -7.94 -22.19 -66.61
N GLN O 165 -7.44 -22.95 -65.64
CA GLN O 165 -6.02 -23.30 -65.65
C GLN O 165 -5.69 -24.13 -66.89
N PHE O 166 -6.57 -25.04 -67.27
CA PHE O 166 -6.36 -25.93 -68.43
C PHE O 166 -6.32 -25.25 -69.79
N GLN O 167 -6.81 -24.02 -69.87
CA GLN O 167 -6.65 -23.15 -71.02
C GLN O 167 -5.19 -22.74 -71.24
N PHE O 168 -4.35 -22.87 -70.19
CA PHE O 168 -2.92 -22.57 -70.24
C PHE O 168 -2.00 -23.76 -70.00
N GLU O 169 -2.34 -24.64 -69.06
CA GLU O 169 -1.58 -25.85 -68.80
C GLU O 169 -1.55 -26.76 -70.04
N VAL O 170 -2.55 -26.66 -70.92
CA VAL O 170 -2.50 -26.95 -72.34
C VAL O 170 -2.59 -25.61 -73.08
N GLY O 171 -1.70 -25.34 -74.02
CA GLY O 171 -1.63 -24.01 -74.65
C GLY O 171 -2.93 -23.63 -75.39
N ARG O 172 -3.33 -22.34 -75.41
CA ARG O 172 -4.30 -21.82 -76.40
C ARG O 172 -3.80 -22.19 -77.79
N GLU O 173 -4.72 -22.31 -78.71
CA GLU O 173 -4.53 -23.03 -79.98
C GLU O 173 -4.39 -24.56 -79.88
N ASN O 174 -4.31 -25.14 -78.69
CA ASN O 174 -4.69 -26.53 -78.43
C ASN O 174 -6.00 -26.64 -77.63
N PHE O 175 -6.75 -25.56 -77.43
CA PHE O 175 -8.00 -25.54 -76.67
C PHE O 175 -8.96 -24.54 -77.29
N ALA O 176 -10.25 -24.86 -77.34
CA ALA O 176 -11.33 -24.00 -77.81
C ALA O 176 -12.60 -24.22 -76.98
N LEU O 177 -13.37 -23.16 -76.72
CA LEU O 177 -14.62 -23.26 -75.95
C LEU O 177 -15.85 -22.94 -76.81
N ILE O 178 -16.82 -23.83 -76.82
CA ILE O 178 -18.11 -23.66 -77.46
C ILE O 178 -19.14 -23.45 -76.35
N HIS O 179 -19.75 -22.27 -76.30
CA HIS O 179 -20.75 -21.90 -75.32
C HIS O 179 -22.15 -22.00 -75.93
N VAL O 180 -22.90 -23.02 -75.54
CA VAL O 180 -24.33 -23.17 -75.85
C VAL O 180 -25.11 -22.14 -75.06
N SER O 181 -26.15 -21.55 -75.61
CA SER O 181 -26.84 -20.47 -74.91
C SER O 181 -28.30 -20.30 -75.30
N LEU O 182 -29.09 -19.64 -74.47
CA LEU O 182 -30.53 -19.48 -74.68
C LEU O 182 -30.85 -18.08 -75.21
N VAL O 183 -31.64 -18.00 -76.28
CA VAL O 183 -32.13 -16.76 -76.86
C VAL O 183 -33.65 -16.85 -76.94
N PRO O 184 -34.38 -16.54 -75.85
CA PRO O 184 -35.84 -16.68 -75.83
C PRO O 184 -36.54 -15.82 -76.88
N VAL O 185 -37.74 -16.23 -77.29
CA VAL O 185 -38.63 -15.41 -78.11
C VAL O 185 -39.94 -15.17 -77.37
N ILE O 186 -40.30 -13.90 -77.27
CA ILE O 186 -41.42 -13.34 -76.50
C ILE O 186 -42.06 -12.26 -77.37
N HIS O 187 -43.40 -12.27 -77.50
CA HIS O 187 -44.17 -11.31 -78.31
C HIS O 187 -43.63 -11.10 -79.74
N GLY O 188 -42.98 -12.12 -80.31
CA GLY O 188 -42.33 -12.08 -81.63
C GLY O 188 -40.91 -11.50 -81.71
N GLU O 189 -40.25 -11.20 -80.60
CA GLU O 189 -38.90 -10.55 -80.59
C GLU O 189 -37.86 -11.53 -80.04
N GLN O 190 -36.68 -11.65 -80.67
CA GLN O 190 -35.60 -12.55 -80.17
C GLN O 190 -34.87 -11.83 -79.04
N LYS O 191 -34.80 -12.44 -77.84
CA LYS O 191 -34.24 -11.82 -76.61
C LYS O 191 -32.84 -12.38 -76.31
N THR O 192 -31.76 -11.73 -76.75
CA THR O 192 -30.35 -12.10 -76.43
C THR O 192 -29.82 -11.52 -75.11
N LYS O 193 -30.60 -11.35 -74.04
CA LYS O 193 -30.05 -10.90 -72.70
C LYS O 193 -29.76 -12.07 -71.76
N PRO O 194 -30.43 -13.24 -71.81
CA PRO O 194 -30.05 -14.43 -71.04
C PRO O 194 -28.65 -14.82 -71.54
N THR O 195 -28.42 -14.84 -72.85
CA THR O 195 -27.09 -15.16 -73.45
C THR O 195 -26.08 -14.15 -72.93
N GLN O 196 -26.33 -12.84 -73.00
CA GLN O 196 -25.35 -11.78 -72.61
C GLN O 196 -25.11 -11.83 -71.10
N ALA O 197 -25.95 -12.51 -70.30
CA ALA O 197 -25.80 -12.63 -68.83
C ALA O 197 -25.14 -13.97 -68.50
N ALA O 198 -24.72 -14.75 -69.50
CA ALA O 198 -23.94 -15.99 -69.32
C ALA O 198 -22.57 -15.80 -69.98
N ILE O 199 -22.36 -14.77 -70.81
CA ILE O 199 -21.08 -14.36 -71.40
C ILE O 199 -20.36 -13.52 -70.36
N LYS O 200 -21.05 -12.73 -69.58
CA LYS O 200 -20.53 -11.99 -68.45
C LYS O 200 -19.99 -12.99 -67.46
N ASP O 201 -20.78 -13.99 -67.02
CA ASP O 201 -20.32 -14.99 -66.06
C ASP O 201 -19.19 -15.86 -66.60
N LEU O 202 -19.16 -16.15 -67.90
CA LEU O 202 -18.12 -16.97 -68.50
C LEU O 202 -16.77 -16.27 -68.39
N ARG O 203 -16.68 -15.01 -68.79
CA ARG O 203 -15.50 -14.17 -68.72
C ARG O 203 -15.09 -14.07 -67.26
N SER O 204 -16.04 -13.91 -66.34
CA SER O 204 -15.78 -13.81 -64.91
C SER O 204 -15.13 -15.09 -64.38
N LEU O 205 -15.71 -16.27 -64.59
CA LEU O 205 -15.15 -17.58 -64.17
C LEU O 205 -13.87 -17.94 -64.94
N GLY O 206 -13.60 -17.28 -66.06
CA GLY O 206 -12.26 -17.06 -66.62
C GLY O 206 -11.96 -17.69 -67.99
N LEU O 207 -12.75 -18.69 -68.41
CA LEU O 207 -12.70 -19.16 -69.79
C LEU O 207 -13.13 -18.05 -70.74
N ILE O 208 -12.67 -18.06 -72.00
CA ILE O 208 -13.10 -17.11 -73.04
C ILE O 208 -13.81 -17.87 -74.14
N PRO O 209 -15.06 -17.57 -74.51
CA PRO O 209 -15.75 -18.35 -75.55
C PRO O 209 -15.30 -18.19 -76.99
N ASP O 210 -15.46 -19.13 -77.89
CA ASP O 210 -15.14 -19.16 -79.32
C ASP O 210 -16.37 -19.16 -80.20
N MET O 211 -17.35 -19.97 -79.92
CA MET O 211 -18.64 -20.11 -80.56
C MET O 211 -19.73 -19.66 -79.61
N ILE O 212 -20.89 -19.28 -80.10
CA ILE O 212 -22.04 -18.93 -79.30
C ILE O 212 -23.21 -19.68 -79.94
N ALA O 213 -23.45 -20.90 -79.46
CA ALA O 213 -24.35 -21.85 -80.10
C ALA O 213 -25.76 -21.72 -79.53
N CYS O 214 -26.56 -20.85 -80.12
CA CYS O 214 -27.89 -20.52 -79.61
C CYS O 214 -28.92 -21.62 -79.88
N ARG O 215 -29.74 -21.94 -78.87
CA ARG O 215 -30.94 -22.79 -78.97
C ARG O 215 -32.23 -21.96 -79.01
N CYS O 216 -32.32 -21.08 -80.00
CA CYS O 216 -33.52 -20.30 -80.28
C CYS O 216 -34.62 -21.19 -80.90
N SER O 217 -35.87 -20.75 -80.82
CA SER O 217 -37.02 -21.42 -81.46
C SER O 217 -37.09 -21.20 -82.98
N GLU O 218 -36.16 -20.43 -83.55
CA GLU O 218 -36.24 -19.84 -84.89
C GLU O 218 -34.87 -19.83 -85.59
N GLU O 219 -34.82 -19.42 -86.85
CA GLU O 219 -33.58 -18.84 -87.38
C GLU O 219 -33.25 -17.52 -86.66
N LEU O 220 -32.00 -17.34 -86.24
CA LEU O 220 -31.56 -16.07 -85.66
C LEU O 220 -31.61 -14.95 -86.72
N ASN O 221 -32.17 -13.80 -86.37
CA ASN O 221 -32.16 -12.64 -87.26
C ASN O 221 -30.71 -12.18 -87.52
N ARG O 222 -30.42 -11.62 -88.70
CA ARG O 222 -29.10 -11.02 -88.98
C ARG O 222 -28.75 -9.92 -87.98
N SER O 223 -29.72 -9.13 -87.53
CA SER O 223 -29.56 -8.14 -86.45
C SER O 223 -29.37 -8.76 -85.06
N THR O 224 -29.94 -9.94 -84.78
CA THR O 224 -29.74 -10.68 -83.52
C THR O 224 -28.31 -11.19 -83.44
N ILE O 225 -27.79 -11.79 -84.51
CA ILE O 225 -26.39 -12.23 -84.58
C ILE O 225 -25.46 -11.03 -84.44
N ASP O 226 -25.73 -9.93 -85.14
CA ASP O 226 -24.89 -8.74 -85.08
C ASP O 226 -24.76 -8.18 -83.65
N LYS O 227 -25.87 -8.14 -82.87
CA LYS O 227 -25.81 -7.75 -81.47
C LYS O 227 -25.13 -8.80 -80.57
N ILE O 228 -25.36 -10.10 -80.74
CA ILE O 228 -24.59 -11.08 -79.97
C ILE O 228 -23.09 -10.96 -80.25
N ALA O 229 -22.68 -10.71 -81.49
CA ALA O 229 -21.29 -10.44 -81.85
C ALA O 229 -20.76 -9.06 -81.40
N MET O 230 -21.62 -8.16 -80.91
CA MET O 230 -21.23 -6.89 -80.30
C MET O 230 -21.01 -7.04 -78.79
N PHE O 231 -21.81 -7.87 -78.12
CA PHE O 231 -21.72 -8.09 -76.67
C PHE O 231 -20.83 -9.27 -76.29
N CYS O 232 -20.89 -10.41 -76.98
CA CYS O 232 -19.77 -11.35 -76.97
C CYS O 232 -18.74 -10.86 -78.00
N HIS O 233 -17.46 -11.22 -77.82
CA HIS O 233 -16.40 -10.76 -78.73
C HIS O 233 -16.20 -11.65 -79.97
N VAL O 234 -17.00 -12.69 -80.19
CA VAL O 234 -16.92 -13.50 -81.42
C VAL O 234 -17.35 -12.70 -82.64
N GLY O 235 -16.79 -13.00 -83.82
CA GLY O 235 -17.28 -12.47 -85.09
C GLY O 235 -18.60 -13.11 -85.51
N PRO O 236 -19.47 -12.41 -86.25
CA PRO O 236 -20.84 -12.86 -86.52
C PRO O 236 -20.95 -14.19 -87.26
N GLU O 237 -19.96 -14.59 -88.04
CA GLU O 237 -19.90 -15.91 -88.67
C GLU O 237 -19.88 -17.07 -87.66
N GLN O 238 -19.52 -16.82 -86.41
CA GLN O 238 -19.27 -17.84 -85.38
C GLN O 238 -20.47 -18.08 -84.45
N VAL O 239 -21.55 -17.32 -84.61
CA VAL O 239 -22.74 -17.36 -83.75
C VAL O 239 -23.69 -18.43 -84.29
N VAL O 240 -23.29 -19.69 -84.18
CA VAL O 240 -24.03 -20.79 -84.83
C VAL O 240 -25.44 -20.92 -84.27
N ASN O 241 -26.41 -21.26 -85.12
CA ASN O 241 -27.79 -21.55 -84.69
C ASN O 241 -28.06 -23.05 -84.77
N VAL O 242 -28.61 -23.66 -83.74
CA VAL O 242 -28.75 -25.13 -83.66
C VAL O 242 -30.23 -25.54 -83.60
N HIS O 243 -31.08 -24.89 -84.39
CA HIS O 243 -32.53 -25.08 -84.41
C HIS O 243 -32.96 -26.49 -84.85
N ASP O 244 -34.19 -26.88 -84.53
CA ASP O 244 -34.73 -28.21 -84.86
C ASP O 244 -34.81 -28.46 -86.38
N VAL O 245 -34.49 -29.69 -86.77
CA VAL O 245 -34.55 -30.24 -88.14
C VAL O 245 -35.06 -31.69 -88.10
N ASN O 246 -35.51 -32.23 -89.23
CA ASN O 246 -36.34 -33.43 -89.37
C ASN O 246 -35.92 -34.71 -88.58
N SER O 247 -34.64 -34.86 -88.25
CA SER O 247 -34.17 -35.79 -87.22
C SER O 247 -32.80 -35.35 -86.69
N THR O 248 -32.39 -35.74 -85.48
CA THR O 248 -31.11 -35.31 -84.89
C THR O 248 -29.88 -35.77 -85.67
N TYR O 249 -30.00 -36.74 -86.57
CA TYR O 249 -28.89 -37.11 -87.46
C TYR O 249 -28.60 -36.05 -88.52
N HIS O 250 -29.48 -35.07 -88.75
CA HIS O 250 -29.15 -33.93 -89.61
C HIS O 250 -28.28 -32.89 -88.93
N VAL O 251 -28.22 -32.83 -87.60
CA VAL O 251 -27.59 -31.68 -86.89
C VAL O 251 -26.14 -31.46 -87.29
N PRO O 252 -25.27 -32.48 -87.43
CA PRO O 252 -23.93 -32.27 -87.96
C PRO O 252 -23.91 -31.51 -89.29
N LEU O 253 -24.81 -31.81 -90.22
CA LEU O 253 -24.80 -31.16 -91.53
C LEU O 253 -25.31 -29.71 -91.52
N LEU O 254 -26.07 -29.32 -90.51
CA LEU O 254 -26.42 -27.91 -90.26
C LEU O 254 -25.19 -27.14 -89.79
N LEU O 255 -24.42 -27.74 -88.89
CA LEU O 255 -23.20 -27.14 -88.37
C LEU O 255 -22.14 -27.06 -89.48
N LEU O 256 -22.13 -28.02 -90.41
CA LEU O 256 -21.27 -27.97 -91.59
C LEU O 256 -21.68 -26.90 -92.59
N LYS O 257 -22.97 -26.63 -92.79
CA LYS O 257 -23.44 -25.47 -93.56
C LYS O 257 -23.08 -24.15 -92.87
N GLN O 258 -22.99 -24.14 -91.55
CA GLN O 258 -22.64 -22.98 -90.73
C GLN O 258 -21.13 -22.86 -90.47
N HIS O 259 -20.31 -23.38 -91.39
CA HIS O 259 -18.85 -23.26 -91.44
C HIS O 259 -18.07 -23.87 -90.27
N MET O 260 -18.67 -24.67 -89.40
CA MET O 260 -18.02 -25.03 -88.14
C MET O 260 -16.75 -25.88 -88.30
N ILE O 261 -16.63 -26.76 -89.30
CA ILE O 261 -15.33 -27.39 -89.59
C ILE O 261 -14.33 -26.35 -90.09
N ASP O 262 -14.72 -25.42 -90.97
CA ASP O 262 -13.76 -24.44 -91.48
C ASP O 262 -13.24 -23.51 -90.36
N TYR O 263 -14.11 -23.13 -89.43
CA TYR O 263 -13.69 -22.42 -88.25
C TYR O 263 -12.80 -23.27 -87.35
N LEU O 264 -13.21 -24.47 -86.90
CA LEU O 264 -12.36 -25.32 -86.04
C LEU O 264 -11.05 -25.74 -86.70
N HIS O 265 -10.99 -25.93 -88.02
CA HIS O 265 -9.74 -26.19 -88.73
C HIS O 265 -8.76 -25.04 -88.57
N SER O 266 -9.23 -23.79 -88.65
CA SER O 266 -8.42 -22.61 -88.37
C SER O 266 -8.09 -22.48 -86.89
N ARG O 267 -9.10 -22.37 -86.02
CA ARG O 267 -8.95 -22.00 -84.61
C ARG O 267 -8.18 -23.00 -83.75
N LEU O 268 -7.99 -24.25 -84.20
CA LEU O 268 -7.12 -25.23 -83.56
C LEU O 268 -5.94 -25.67 -84.44
N LYS O 269 -5.72 -25.00 -85.57
CA LYS O 269 -4.65 -25.31 -86.55
C LYS O 269 -4.61 -26.80 -86.93
N LEU O 270 -5.76 -27.41 -87.25
CA LEU O 270 -5.90 -28.86 -87.45
C LEU O 270 -5.13 -29.36 -88.68
N GLY O 271 -4.72 -28.47 -89.59
CA GLY O 271 -3.77 -28.79 -90.65
C GLY O 271 -2.38 -29.20 -90.17
N GLU O 272 -1.99 -28.84 -88.94
CA GLU O 272 -0.69 -29.22 -88.36
C GLU O 272 -0.72 -30.62 -87.68
N VAL O 273 -1.88 -31.24 -87.48
CA VAL O 273 -1.99 -32.61 -86.96
C VAL O 273 -1.56 -33.60 -88.05
N PRO O 274 -0.68 -34.59 -87.79
CA PRO O 274 -0.28 -35.58 -88.80
C PRO O 274 -1.40 -36.58 -89.11
N LEU O 275 -1.80 -36.69 -90.38
CA LEU O 275 -2.81 -37.62 -90.88
C LEU O 275 -2.28 -38.44 -92.07
N THR O 276 -2.61 -39.73 -92.14
CA THR O 276 -2.35 -40.56 -93.33
C THR O 276 -3.50 -40.46 -94.34
N LEU O 277 -3.33 -40.90 -95.59
CA LEU O 277 -4.50 -41.07 -96.47
C LEU O 277 -5.50 -42.08 -95.93
N GLU O 278 -5.06 -43.10 -95.21
CA GLU O 278 -5.99 -44.04 -94.56
C GLU O 278 -6.84 -43.35 -93.50
N ASP O 279 -6.31 -42.35 -92.81
CA ASP O 279 -7.14 -41.44 -91.99
C ASP O 279 -8.04 -40.56 -92.85
N LYS O 280 -7.46 -39.77 -93.76
CA LYS O 280 -8.21 -38.73 -94.47
C LYS O 280 -9.31 -39.30 -95.37
N GLU O 281 -9.01 -40.33 -96.15
CA GLU O 281 -10.02 -40.93 -97.04
C GLU O 281 -11.10 -41.67 -96.24
N ARG O 282 -10.80 -42.23 -95.06
CA ARG O 282 -11.86 -42.76 -94.17
C ARG O 282 -12.74 -41.63 -93.66
N GLY O 283 -12.15 -40.48 -93.38
CA GLY O 283 -12.83 -39.26 -93.01
C GLY O 283 -13.82 -38.81 -94.08
N SER O 284 -13.36 -38.56 -95.30
CA SER O 284 -14.24 -38.09 -96.38
C SER O 284 -15.21 -39.16 -96.86
N GLN O 285 -14.91 -40.46 -96.74
CA GLN O 285 -15.88 -41.51 -96.98
C GLN O 285 -16.97 -41.52 -95.90
N LEU O 286 -16.63 -41.43 -94.62
CA LEU O 286 -17.62 -41.36 -93.56
C LEU O 286 -18.56 -40.17 -93.73
N LEU O 287 -18.06 -39.01 -94.17
CA LEU O 287 -18.92 -37.88 -94.54
C LEU O 287 -19.94 -38.30 -95.58
N THR O 288 -19.55 -38.99 -96.65
CA THR O 288 -20.52 -39.43 -97.65
C THR O 288 -21.48 -40.50 -97.14
N ASN O 289 -21.10 -41.34 -96.17
CA ASN O 289 -22.06 -42.22 -95.53
C ASN O 289 -23.09 -41.41 -94.75
N TRP O 290 -22.69 -40.31 -94.10
CA TRP O 290 -23.62 -39.44 -93.36
C TRP O 290 -24.52 -38.62 -94.30
N GLU O 291 -23.98 -38.10 -95.39
CA GLU O 291 -24.79 -37.46 -96.44
C GLU O 291 -25.76 -38.46 -97.10
N ASN O 292 -25.34 -39.71 -97.32
CA ASN O 292 -26.23 -40.73 -97.85
C ASN O 292 -27.33 -41.10 -96.85
N MET O 293 -27.03 -41.42 -95.60
CA MET O 293 -28.08 -41.86 -94.67
C MET O 293 -29.05 -40.73 -94.34
N THR O 294 -28.61 -39.47 -94.28
CA THR O 294 -29.52 -38.32 -94.14
C THR O 294 -30.35 -38.05 -95.39
N LYS O 295 -29.80 -38.20 -96.59
CA LYS O 295 -30.61 -38.21 -97.83
C LYS O 295 -31.62 -39.36 -97.84
N ASN O 296 -31.27 -40.56 -97.37
CA ASN O 296 -32.21 -41.66 -97.29
C ASN O 296 -33.35 -41.35 -96.30
N LEU O 297 -33.07 -40.70 -95.16
CA LEU O 297 -34.11 -40.27 -94.22
C LEU O 297 -35.03 -39.22 -94.86
N ASP O 298 -34.50 -38.31 -95.68
CA ASP O 298 -35.27 -37.24 -96.30
C ASP O 298 -36.35 -37.71 -97.29
N ASP O 299 -36.30 -38.93 -97.82
CA ASP O 299 -37.31 -39.42 -98.76
C ASP O 299 -37.75 -40.89 -98.56
N SER O 300 -37.30 -41.57 -97.50
CA SER O 300 -37.95 -42.77 -96.96
C SER O 300 -39.37 -42.44 -96.46
N ASP O 301 -40.37 -43.14 -96.98
CA ASP O 301 -41.80 -42.94 -96.63
C ASP O 301 -42.47 -44.21 -96.08
N ASP O 302 -42.03 -45.38 -96.51
CA ASP O 302 -42.71 -46.64 -96.19
C ASP O 302 -42.49 -47.01 -94.71
N VAL O 303 -43.55 -46.92 -93.93
CA VAL O 303 -43.50 -47.04 -92.48
C VAL O 303 -43.25 -48.49 -92.08
N VAL O 304 -42.63 -48.67 -90.91
CA VAL O 304 -42.60 -49.93 -90.18
C VAL O 304 -42.96 -49.65 -88.73
N LYS O 305 -43.93 -50.36 -88.17
CA LYS O 305 -44.43 -50.16 -86.80
C LYS O 305 -43.83 -51.23 -85.89
N ILE O 306 -43.02 -50.87 -84.91
CA ILE O 306 -42.42 -51.83 -83.96
C ILE O 306 -43.05 -51.63 -82.59
N ALA O 307 -43.68 -52.65 -82.01
CA ALA O 307 -44.19 -52.55 -80.65
C ALA O 307 -43.08 -52.74 -79.64
N LEU O 308 -42.85 -51.74 -78.80
CA LEU O 308 -41.94 -51.84 -77.69
C LEU O 308 -42.81 -52.10 -76.46
N VAL O 309 -42.68 -53.30 -75.89
CA VAL O 309 -43.60 -53.82 -74.88
C VAL O 309 -42.91 -53.87 -73.54
N GLY O 310 -43.28 -53.03 -72.58
CA GLY O 310 -42.64 -53.02 -71.25
C GLY O 310 -43.27 -52.06 -70.24
N LYS O 311 -42.78 -52.02 -69.00
CA LYS O 311 -43.20 -51.07 -67.97
C LYS O 311 -42.61 -49.68 -68.20
N TYR O 312 -43.17 -48.67 -67.55
CA TYR O 312 -42.67 -47.29 -67.52
C TYR O 312 -42.49 -46.62 -68.90
N THR O 313 -43.28 -46.97 -69.92
CA THR O 313 -43.15 -46.39 -71.27
C THR O 313 -43.40 -44.90 -71.34
N ASN O 314 -44.03 -44.29 -70.32
CA ASN O 314 -44.13 -42.83 -70.20
C ASN O 314 -42.77 -42.15 -69.92
N LEU O 315 -41.78 -42.89 -69.44
CA LEU O 315 -40.41 -42.47 -69.21
C LEU O 315 -39.51 -43.00 -70.34
N LYS O 316 -39.67 -42.46 -71.56
CA LYS O 316 -39.03 -42.93 -72.79
C LYS O 316 -37.50 -42.95 -72.72
N ASP O 317 -36.93 -42.06 -71.92
CA ASP O 317 -35.49 -42.01 -71.64
C ASP O 317 -35.01 -43.23 -70.85
N SER O 318 -35.90 -43.97 -70.20
CA SER O 318 -35.61 -45.28 -69.59
C SER O 318 -35.24 -46.34 -70.62
N TYR O 319 -35.44 -46.06 -71.90
CA TYR O 319 -35.16 -46.87 -73.07
C TYR O 319 -34.41 -46.08 -74.12
N LEU O 320 -33.64 -45.03 -73.84
CA LEU O 320 -33.07 -44.22 -74.90
C LEU O 320 -32.21 -45.02 -75.90
N SER O 321 -31.47 -46.04 -75.49
CA SER O 321 -30.54 -46.81 -76.31
C SER O 321 -31.31 -47.78 -77.19
N VAL O 322 -32.43 -48.30 -76.70
CA VAL O 322 -33.36 -49.17 -77.44
C VAL O 322 -33.99 -48.41 -78.60
N THR O 323 -34.53 -47.23 -78.33
CA THR O 323 -35.08 -46.34 -79.35
C THR O 323 -34.03 -46.02 -80.41
N LYS O 324 -32.83 -45.60 -80.00
CA LYS O 324 -31.80 -45.15 -80.93
C LYS O 324 -31.31 -46.29 -81.83
N SER O 325 -31.19 -47.50 -81.30
CA SER O 325 -30.83 -48.67 -82.10
C SER O 325 -31.89 -49.01 -83.15
N LEU O 326 -33.19 -48.91 -82.83
CA LEU O 326 -34.23 -49.04 -83.85
C LEU O 326 -34.13 -47.94 -84.91
N GLU O 327 -33.80 -46.70 -84.57
CA GLU O 327 -33.60 -45.65 -85.58
C GLU O 327 -32.45 -45.97 -86.55
N HIS O 328 -31.30 -46.45 -86.08
CA HIS O 328 -30.23 -46.93 -86.95
C HIS O 328 -30.70 -48.08 -87.86
N ALA O 329 -31.40 -49.07 -87.30
CA ALA O 329 -31.88 -50.21 -88.06
C ALA O 329 -32.89 -49.79 -89.14
N SER O 330 -33.77 -48.85 -88.81
CA SER O 330 -34.75 -48.20 -89.68
C SER O 330 -34.09 -47.56 -90.88
N MET O 331 -33.17 -46.64 -90.65
CA MET O 331 -32.52 -45.90 -91.72
C MET O 331 -31.71 -46.82 -92.63
N LYS O 332 -31.18 -47.94 -92.11
CA LYS O 332 -30.45 -48.94 -92.89
C LYS O 332 -31.38 -49.80 -93.79
N CYS O 333 -32.57 -50.12 -93.31
CA CYS O 333 -33.65 -50.72 -94.11
C CYS O 333 -34.34 -49.75 -95.08
N ARG O 334 -34.14 -48.44 -94.94
CA ARG O 334 -34.86 -47.39 -95.68
C ARG O 334 -36.38 -47.41 -95.49
N ARG O 335 -36.86 -47.93 -94.34
CA ARG O 335 -38.22 -47.72 -93.87
C ARG O 335 -38.27 -46.72 -92.70
N GLN O 336 -39.18 -45.77 -92.78
CA GLN O 336 -39.46 -44.78 -91.73
C GLN O 336 -40.07 -45.47 -90.51
N LEU O 337 -39.66 -45.09 -89.30
CA LEU O 337 -40.04 -45.81 -88.10
C LEU O 337 -41.23 -45.16 -87.38
N GLU O 338 -42.18 -45.96 -86.94
CA GLU O 338 -43.06 -45.64 -85.82
C GLU O 338 -42.84 -46.69 -84.73
N ILE O 339 -42.61 -46.28 -83.48
CA ILE O 339 -42.53 -47.22 -82.35
C ILE O 339 -43.86 -47.15 -81.60
N LEU O 340 -44.46 -48.29 -81.32
CA LEU O 340 -45.73 -48.37 -80.59
C LEU O 340 -45.45 -48.70 -79.14
N TRP O 341 -45.68 -47.72 -78.26
CA TRP O 341 -45.48 -47.85 -76.82
C TRP O 341 -46.61 -48.67 -76.20
N VAL O 342 -46.32 -49.92 -75.86
CA VAL O 342 -47.23 -50.82 -75.18
C VAL O 342 -46.83 -50.91 -73.73
N GLU O 343 -47.53 -50.20 -72.86
CA GLU O 343 -47.37 -50.30 -71.41
C GLU O 343 -47.81 -51.69 -70.92
N ALA O 344 -46.88 -52.63 -70.76
CA ALA O 344 -47.16 -54.07 -70.77
C ALA O 344 -48.26 -54.51 -69.81
N SER O 345 -48.38 -53.90 -68.64
CA SER O 345 -49.37 -54.33 -67.67
C SER O 345 -50.79 -54.22 -68.20
N ASN O 346 -51.06 -53.35 -69.18
CA ASN O 346 -52.37 -53.21 -69.80
C ASN O 346 -52.79 -54.43 -70.64
N LEU O 347 -51.87 -55.23 -71.17
CA LEU O 347 -52.20 -56.46 -71.88
C LEU O 347 -52.75 -57.56 -70.96
N GLU O 348 -52.51 -57.48 -69.65
CA GLU O 348 -52.93 -58.50 -68.72
C GLU O 348 -54.46 -58.48 -68.56
N PRO O 349 -55.18 -59.60 -68.65
CA PRO O 349 -56.63 -59.63 -68.59
C PRO O 349 -57.25 -58.94 -67.38
N GLU O 350 -56.59 -58.89 -66.22
CA GLU O 350 -57.12 -58.16 -65.05
C GLU O 350 -57.34 -56.68 -65.33
N THR O 351 -56.66 -56.08 -66.32
CA THR O 351 -56.86 -54.69 -66.71
C THR O 351 -58.28 -54.44 -67.19
N GLN O 352 -58.90 -55.45 -67.79
CA GLN O 352 -60.30 -55.41 -68.23
C GLN O 352 -61.27 -55.18 -67.06
N GLU O 353 -60.89 -55.56 -65.84
CA GLU O 353 -61.63 -55.29 -64.61
C GLU O 353 -61.42 -53.86 -64.09
N VAL O 354 -60.41 -53.13 -64.57
CA VAL O 354 -60.00 -51.80 -64.06
C VAL O 354 -60.31 -50.69 -65.06
N ASP O 355 -59.87 -50.83 -66.30
CA ASP O 355 -60.23 -49.95 -67.41
C ASP O 355 -60.11 -50.72 -68.74
N LYS O 356 -61.25 -50.96 -69.40
CA LYS O 356 -61.29 -51.61 -70.70
C LYS O 356 -60.58 -50.79 -71.78
N ASN O 357 -60.61 -49.47 -71.72
CA ASN O 357 -59.93 -48.63 -72.72
C ASN O 357 -58.43 -48.95 -72.78
N LYS O 358 -57.74 -49.04 -71.64
CA LYS O 358 -56.34 -49.48 -71.56
C LYS O 358 -56.15 -50.88 -72.14
N PHE O 359 -57.03 -51.83 -71.83
CA PHE O 359 -56.94 -53.19 -72.35
C PHE O 359 -57.06 -53.25 -73.88
N HIS O 360 -57.95 -52.47 -74.46
CA HIS O 360 -58.11 -52.40 -75.91
C HIS O 360 -57.00 -51.61 -76.57
N ASP O 361 -56.65 -50.41 -76.11
CA ASP O 361 -55.59 -49.61 -76.75
C ASP O 361 -54.26 -50.35 -76.77
N SER O 362 -53.89 -51.03 -75.70
CA SER O 362 -52.64 -51.78 -75.66
C SER O 362 -52.65 -52.99 -76.59
N TRP O 363 -53.69 -53.81 -76.60
CA TRP O 363 -53.81 -54.91 -77.55
C TRP O 363 -54.00 -54.45 -78.99
N ASN O 364 -54.63 -53.30 -79.22
CA ASN O 364 -54.73 -52.66 -80.52
C ASN O 364 -53.32 -52.29 -81.02
N LYS O 365 -52.52 -51.57 -80.24
CA LYS O 365 -51.14 -51.21 -80.60
C LYS O 365 -50.29 -52.45 -80.87
N LEU O 366 -50.37 -53.47 -80.01
CA LEU O 366 -49.66 -54.72 -80.23
C LEU O 366 -50.10 -55.45 -81.51
N SER O 367 -51.40 -55.52 -81.79
CA SER O 367 -51.94 -56.16 -83.00
C SER O 367 -51.59 -55.39 -84.28
N SER O 368 -51.48 -54.08 -84.20
CA SER O 368 -51.11 -53.21 -85.32
C SER O 368 -49.64 -53.30 -85.70
N ALA O 369 -48.77 -53.76 -84.79
CA ALA O 369 -47.33 -53.74 -85.01
C ALA O 369 -46.84 -54.73 -86.06
N ASP O 370 -45.97 -54.26 -86.96
CA ASP O 370 -45.29 -55.08 -87.95
C ASP O 370 -44.17 -55.93 -87.35
N GLY O 371 -43.71 -55.60 -86.15
CA GLY O 371 -42.69 -56.33 -85.39
C GLY O 371 -42.75 -56.01 -83.90
N ILE O 372 -42.21 -56.85 -83.03
CA ILE O 372 -42.41 -56.78 -81.58
C ILE O 372 -41.07 -56.88 -80.85
N LEU O 373 -40.90 -56.09 -79.79
CA LEU O 373 -39.69 -56.01 -79.02
C LEU O 373 -39.99 -56.05 -77.52
N VAL O 374 -39.40 -57.00 -76.79
CA VAL O 374 -39.38 -57.00 -75.32
C VAL O 374 -38.04 -56.44 -74.84
N PRO O 375 -38.00 -55.21 -74.31
CA PRO O 375 -36.82 -54.35 -74.38
C PRO O 375 -35.90 -54.41 -73.15
N GLY O 376 -35.70 -55.57 -72.54
CA GLY O 376 -34.83 -55.68 -71.36
C GLY O 376 -35.30 -54.81 -70.19
N GLY O 377 -36.52 -55.03 -69.73
CA GLY O 377 -37.09 -54.34 -68.57
C GLY O 377 -36.32 -54.54 -67.25
N PHE O 378 -36.84 -53.91 -66.22
CA PHE O 378 -36.27 -53.82 -64.89
C PHE O 378 -37.39 -53.95 -63.86
N GLY O 379 -37.10 -54.51 -62.69
CA GLY O 379 -38.13 -55.03 -61.79
C GLY O 379 -38.87 -56.22 -62.40
N THR O 380 -40.08 -56.51 -61.92
CA THR O 380 -40.90 -57.66 -62.39
C THR O 380 -42.39 -57.37 -62.58
N ARG O 381 -42.91 -56.19 -62.22
CA ARG O 381 -44.35 -56.01 -62.00
C ARG O 381 -45.22 -55.99 -63.27
N GLY O 382 -44.63 -55.78 -64.44
CA GLY O 382 -45.30 -55.90 -65.76
C GLY O 382 -45.15 -57.25 -66.47
N ILE O 383 -44.60 -58.30 -65.86
CA ILE O 383 -44.11 -59.48 -66.58
C ILE O 383 -45.20 -60.24 -67.31
N GLU O 384 -46.41 -60.37 -66.78
CA GLU O 384 -47.47 -61.11 -67.47
C GLU O 384 -47.87 -60.48 -68.82
N GLY O 385 -47.85 -59.16 -68.94
CA GLY O 385 -48.06 -58.53 -70.24
C GLY O 385 -46.96 -58.86 -71.24
N MET O 386 -45.71 -58.88 -70.79
CA MET O 386 -44.59 -59.26 -71.64
C MET O 386 -44.63 -60.74 -72.04
N ILE O 387 -45.22 -61.63 -71.23
CA ILE O 387 -45.46 -63.02 -71.61
C ILE O 387 -46.55 -63.13 -72.67
N LEU O 388 -47.68 -62.43 -72.51
CA LEU O 388 -48.76 -62.43 -73.51
C LEU O 388 -48.29 -61.88 -74.86
N ALA O 389 -47.50 -60.80 -74.89
CA ALA O 389 -46.92 -60.36 -76.15
C ALA O 389 -45.97 -61.39 -76.76
N ALA O 390 -45.24 -62.17 -75.96
CA ALA O 390 -44.43 -63.26 -76.49
C ALA O 390 -45.27 -64.44 -77.00
N LYS O 391 -46.44 -64.72 -76.41
CA LYS O 391 -47.38 -65.74 -76.90
C LYS O 391 -47.93 -65.32 -78.25
N TRP O 392 -48.39 -64.08 -78.31
CA TRP O 392 -48.85 -63.46 -79.54
C TRP O 392 -47.78 -63.52 -80.62
N ALA O 393 -46.56 -63.12 -80.34
CA ALA O 393 -45.50 -63.09 -81.34
C ALA O 393 -45.10 -64.46 -81.88
N ARG O 394 -45.16 -65.50 -81.05
CA ARG O 394 -44.92 -66.89 -81.46
C ARG O 394 -46.05 -67.47 -82.30
N GLU O 395 -47.29 -67.35 -81.85
CA GLU O 395 -48.44 -67.97 -82.53
C GLU O 395 -48.89 -67.18 -83.75
N SER O 396 -48.94 -65.85 -83.70
CA SER O 396 -49.32 -65.01 -84.83
C SER O 396 -48.17 -64.76 -85.81
N GLY O 397 -47.03 -65.43 -85.68
CA GLY O 397 -45.92 -65.32 -86.63
C GLY O 397 -45.22 -63.94 -86.75
N VAL O 398 -45.59 -62.93 -85.97
CA VAL O 398 -45.04 -61.56 -86.06
C VAL O 398 -43.55 -61.55 -85.67
N PRO O 399 -42.66 -60.79 -86.32
CA PRO O 399 -41.25 -60.72 -85.97
C PRO O 399 -41.02 -60.28 -84.53
N PHE O 400 -40.06 -60.91 -83.83
CA PHE O 400 -39.87 -60.73 -82.40
C PHE O 400 -38.39 -60.63 -82.00
N LEU O 401 -38.04 -59.68 -81.14
CA LEU O 401 -36.76 -59.68 -80.44
C LEU O 401 -36.96 -59.53 -78.94
N GLY O 402 -36.45 -60.47 -78.16
CA GLY O 402 -36.35 -60.34 -76.71
C GLY O 402 -34.94 -59.96 -76.29
N VAL O 403 -34.77 -58.81 -75.67
CA VAL O 403 -33.48 -58.36 -75.12
C VAL O 403 -33.45 -58.61 -73.62
N CYS O 404 -32.39 -59.25 -73.10
CA CYS O 404 -32.18 -59.54 -71.68
C CYS O 404 -33.41 -60.20 -71.02
N LEU O 405 -34.19 -59.50 -70.18
CA LEU O 405 -35.50 -59.98 -69.66
C LEU O 405 -36.40 -60.52 -70.78
N GLY O 406 -36.33 -59.97 -71.98
CA GLY O 406 -37.04 -60.44 -73.17
C GLY O 406 -36.71 -61.88 -73.55
N LEU O 407 -35.44 -62.29 -73.53
CA LEU O 407 -35.14 -63.70 -73.72
C LEU O 407 -35.78 -64.53 -72.60
N GLN O 408 -35.81 -64.00 -71.38
CA GLN O 408 -36.26 -64.76 -70.22
C GLN O 408 -37.77 -64.95 -70.19
N VAL O 409 -38.57 -63.91 -70.47
CA VAL O 409 -40.01 -64.09 -70.67
C VAL O 409 -40.29 -64.96 -71.88
N ALA O 410 -39.47 -64.96 -72.93
CA ALA O 410 -39.68 -65.89 -74.02
C ALA O 410 -39.52 -67.35 -73.57
N ALA O 411 -38.55 -67.68 -72.72
CA ALA O 411 -38.44 -69.03 -72.17
C ALA O 411 -39.60 -69.37 -71.25
N ILE O 412 -40.07 -68.41 -70.45
CA ILE O 412 -41.23 -68.61 -69.56
C ILE O 412 -42.51 -68.82 -70.38
N GLU O 413 -42.74 -68.01 -71.41
CA GLU O 413 -43.84 -68.19 -72.35
C GLU O 413 -43.79 -69.57 -73.00
N PHE O 414 -42.65 -69.93 -73.58
CA PHE O 414 -42.51 -71.22 -74.24
C PHE O 414 -42.73 -72.39 -73.27
N ALA O 415 -42.27 -72.28 -72.03
CA ALA O 415 -42.51 -73.30 -71.01
C ALA O 415 -44.00 -73.44 -70.69
N ARG O 416 -44.70 -72.33 -70.42
CA ARG O 416 -46.12 -72.33 -70.08
C ARG O 416 -47.02 -72.72 -71.24
N ASN O 417 -46.66 -72.38 -72.48
CA ASN O 417 -47.58 -72.44 -73.63
C ASN O 417 -47.17 -73.41 -74.75
N VAL O 418 -45.99 -74.03 -74.71
CA VAL O 418 -45.58 -75.06 -75.67
C VAL O 418 -45.12 -76.33 -74.98
N ILE O 419 -44.31 -76.21 -73.92
CA ILE O 419 -43.89 -77.37 -73.11
C ILE O 419 -44.99 -77.82 -72.15
N GLY O 420 -45.89 -76.93 -71.74
CA GLY O 420 -47.11 -77.25 -71.00
C GLY O 420 -46.94 -77.34 -69.48
N ARG O 421 -46.13 -76.46 -68.89
CA ARG O 421 -45.98 -76.31 -67.43
C ARG O 421 -46.56 -74.96 -66.95
N PRO O 422 -47.87 -74.81 -66.69
CA PRO O 422 -48.48 -73.50 -66.47
C PRO O 422 -48.07 -72.80 -65.17
N ASN O 423 -47.53 -73.57 -64.23
CA ASN O 423 -46.93 -73.09 -62.99
C ASN O 423 -45.46 -72.65 -63.14
N SER O 424 -44.80 -72.87 -64.30
CA SER O 424 -43.41 -72.43 -64.48
C SER O 424 -43.26 -70.92 -64.38
N SER O 425 -42.13 -70.48 -63.82
CA SER O 425 -42.07 -69.17 -63.19
C SER O 425 -40.72 -68.49 -63.37
N SER O 426 -40.75 -67.16 -63.35
CA SER O 426 -39.56 -66.34 -63.17
C SER O 426 -39.08 -66.45 -61.72
N THR O 427 -37.97 -67.15 -61.51
CA THR O 427 -37.26 -67.23 -60.24
C THR O 427 -36.72 -65.87 -59.78
N GLU O 428 -36.59 -64.94 -60.74
CA GLU O 428 -36.41 -63.50 -60.55
C GLU O 428 -37.56 -62.83 -59.77
N PHE O 429 -38.74 -63.45 -59.70
CA PHE O 429 -39.93 -62.91 -59.04
C PHE O 429 -40.43 -63.86 -57.94
N LEU O 430 -40.87 -65.06 -58.30
CA LEU O 430 -41.62 -65.99 -57.45
C LEU O 430 -40.69 -66.94 -56.67
N ASP O 431 -39.76 -66.37 -55.92
CA ASP O 431 -38.60 -67.08 -55.37
C ASP O 431 -38.91 -67.99 -54.18
N GLU O 432 -39.39 -67.43 -53.06
CA GLU O 432 -39.59 -68.17 -51.80
C GLU O 432 -40.77 -69.16 -51.82
N THR O 433 -41.42 -69.34 -52.96
CA THR O 433 -42.30 -70.48 -53.21
C THR O 433 -41.51 -71.81 -53.31
N LEU O 434 -40.24 -71.75 -53.75
CA LEU O 434 -39.34 -72.91 -53.90
C LEU O 434 -39.84 -74.01 -54.88
N LEU O 435 -40.66 -73.66 -55.87
CA LEU O 435 -41.19 -74.59 -56.86
C LEU O 435 -40.12 -75.25 -57.75
N ALA O 436 -40.39 -76.45 -58.26
CA ALA O 436 -39.47 -77.17 -59.16
C ALA O 436 -39.37 -76.63 -60.61
N PRO O 437 -40.42 -76.09 -61.28
CA PRO O 437 -40.33 -75.57 -62.65
C PRO O 437 -39.79 -74.13 -62.69
N GLU O 438 -38.52 -73.96 -62.33
CA GLU O 438 -37.81 -72.67 -62.34
C GLU O 438 -37.21 -72.40 -63.71
N ASP O 439 -37.71 -71.42 -64.45
CA ASP O 439 -37.16 -71.07 -65.77
C ASP O 439 -35.85 -70.28 -65.70
N GLN O 440 -35.46 -69.81 -64.53
CA GLN O 440 -34.26 -68.99 -64.31
C GLN O 440 -33.53 -69.43 -63.04
N VAL O 441 -32.28 -69.00 -62.88
CA VAL O 441 -31.58 -69.04 -61.59
C VAL O 441 -30.70 -67.80 -61.39
N VAL O 442 -30.49 -67.33 -60.16
CA VAL O 442 -29.41 -66.38 -59.86
C VAL O 442 -28.07 -67.04 -60.09
N ILE O 443 -27.16 -66.39 -60.81
CA ILE O 443 -25.77 -66.88 -61.00
C ILE O 443 -24.77 -65.79 -60.64
N THR O 444 -23.57 -62.93 -58.29
CA THR O 444 -24.36 -61.79 -57.80
C THR O 444 -24.49 -60.67 -58.83
N MET O 445 -23.64 -60.64 -59.86
CA MET O 445 -23.72 -59.80 -61.07
C MET O 445 -22.80 -60.31 -62.19
N ARG O 446 -23.01 -59.82 -63.41
CA ARG O 446 -22.22 -60.08 -64.63
C ARG O 446 -22.42 -58.92 -65.60
N LEU O 447 -21.36 -58.17 -65.86
CA LEU O 447 -21.41 -56.88 -66.56
C LEU O 447 -20.30 -56.75 -67.61
N GLY O 448 -20.48 -55.84 -68.56
CA GLY O 448 -19.46 -55.43 -69.52
C GLY O 448 -19.45 -56.23 -70.82
N LEU O 449 -18.47 -55.99 -71.69
CA LEU O 449 -18.34 -56.72 -72.96
C LEU O 449 -17.84 -58.14 -72.70
N ARG O 450 -18.59 -59.15 -73.15
CA ARG O 450 -18.27 -60.58 -72.94
C ARG O 450 -18.32 -61.38 -74.26
N PRO O 451 -17.63 -62.53 -74.35
CA PRO O 451 -17.59 -63.34 -75.56
C PRO O 451 -18.75 -64.35 -75.63
N THR O 452 -19.57 -64.29 -76.67
CA THR O 452 -20.62 -65.27 -76.97
C THR O 452 -20.17 -66.16 -78.12
N ILE O 453 -20.17 -67.49 -77.93
CA ILE O 453 -19.74 -68.47 -78.93
C ILE O 453 -20.99 -69.14 -79.52
N PHE O 454 -21.11 -69.28 -80.83
CA PHE O 454 -22.23 -70.02 -81.43
C PHE O 454 -22.09 -71.55 -81.24
N GLN O 455 -23.17 -72.22 -80.82
CA GLN O 455 -23.30 -73.69 -80.68
C GLN O 455 -23.21 -74.37 -82.07
N PRO O 456 -22.75 -75.64 -82.20
CA PRO O 456 -22.18 -76.12 -83.47
C PRO O 456 -23.12 -76.18 -84.67
N ASN O 457 -24.37 -76.63 -84.49
CA ASN O 457 -25.29 -76.87 -85.59
C ASN O 457 -25.92 -75.59 -86.19
N SER O 458 -25.53 -74.42 -85.69
CA SER O 458 -26.25 -73.13 -85.80
C SER O 458 -26.38 -72.54 -87.19
N GLU O 459 -25.85 -73.17 -88.22
CA GLU O 459 -25.69 -72.62 -89.57
C GLU O 459 -26.98 -72.02 -90.16
N TRP O 460 -28.14 -72.63 -89.90
CA TRP O 460 -29.45 -72.21 -90.43
C TRP O 460 -30.04 -70.96 -89.75
N SER O 461 -29.50 -70.54 -88.62
CA SER O 461 -30.10 -69.51 -87.76
C SER O 461 -29.98 -68.14 -88.39
N ASN O 462 -31.08 -67.44 -88.62
CA ASN O 462 -31.08 -66.09 -89.17
C ASN O 462 -30.21 -65.15 -88.34
N ILE O 463 -30.20 -65.28 -87.01
CA ILE O 463 -29.35 -64.48 -86.15
C ILE O 463 -27.87 -64.70 -86.46
N ARG O 464 -27.47 -65.94 -86.78
CA ARG O 464 -26.08 -66.22 -87.16
C ARG O 464 -25.75 -65.70 -88.56
N LYS O 465 -26.70 -65.67 -89.50
CA LYS O 465 -26.56 -64.95 -90.78
C LYS O 465 -26.37 -63.45 -90.59
N LEU O 466 -27.08 -62.85 -89.64
CA LEU O 466 -26.98 -61.40 -89.36
C LEU O 466 -25.64 -61.03 -88.71
N TYR O 467 -25.07 -61.88 -87.86
CA TYR O 467 -23.70 -61.74 -87.36
C TYR O 467 -22.61 -62.15 -88.37
N GLY O 468 -22.92 -62.26 -89.67
CA GLY O 468 -21.94 -62.57 -90.72
C GLY O 468 -21.41 -64.01 -90.68
N GLU O 469 -22.09 -64.91 -89.96
CA GLU O 469 -21.70 -66.30 -89.67
C GLU O 469 -20.39 -66.51 -88.89
N VAL O 470 -19.75 -65.43 -88.41
CA VAL O 470 -18.57 -65.42 -87.54
C VAL O 470 -18.82 -66.24 -86.27
N ASN O 471 -17.87 -67.05 -85.81
CA ASN O 471 -18.11 -68.04 -84.74
C ASN O 471 -18.29 -67.44 -83.33
N GLU O 472 -17.78 -66.24 -83.08
CA GLU O 472 -17.88 -65.54 -81.80
C GLU O 472 -18.34 -64.09 -81.97
N VAL O 473 -19.15 -63.64 -81.03
CA VAL O 473 -19.80 -62.33 -80.98
C VAL O 473 -19.39 -61.63 -79.69
N HIS O 474 -18.93 -60.38 -79.77
CA HIS O 474 -18.56 -59.58 -78.59
C HIS O 474 -19.57 -58.45 -78.38
N GLU O 475 -20.32 -58.50 -77.27
CA GLU O 475 -21.47 -57.63 -76.99
C GLU O 475 -21.57 -57.38 -75.48
N ARG O 476 -22.31 -56.35 -75.05
CA ARG O 476 -22.31 -55.90 -73.65
C ARG O 476 -23.45 -56.52 -72.83
N HIS O 477 -23.17 -56.97 -71.61
CA HIS O 477 -24.09 -57.73 -70.77
C HIS O 477 -24.52 -56.98 -69.51
N ARG O 478 -25.72 -57.30 -69.03
CA ARG O 478 -26.18 -57.12 -67.65
C ARG O 478 -27.20 -58.20 -67.35
N HIS O 479 -26.95 -59.05 -66.36
CA HIS O 479 -27.98 -59.94 -65.80
C HIS O 479 -27.57 -60.58 -64.49
N ARG O 480 -28.38 -60.49 -63.43
CA ARG O 480 -28.20 -61.35 -62.25
C ARG O 480 -28.71 -62.77 -62.49
N TYR O 481 -29.90 -62.88 -63.08
CA TYR O 481 -30.66 -64.09 -63.32
C TYR O 481 -30.45 -64.56 -64.75
N GLU O 482 -30.24 -65.85 -64.98
CA GLU O 482 -30.07 -66.42 -66.32
C GLU O 482 -30.96 -67.65 -66.48
N ILE O 483 -31.21 -68.11 -67.72
CA ILE O 483 -32.06 -69.30 -67.92
C ILE O 483 -31.50 -70.48 -67.15
N ASN O 484 -32.37 -71.20 -66.44
CA ASN O 484 -32.00 -72.44 -65.75
C ASN O 484 -31.50 -73.45 -66.79
N PRO O 485 -30.21 -73.82 -66.79
CA PRO O 485 -29.66 -74.62 -67.87
C PRO O 485 -30.19 -76.06 -67.88
N LYS O 486 -30.91 -76.51 -66.84
CA LYS O 486 -31.52 -77.84 -66.79
C LYS O 486 -32.85 -77.99 -67.57
N ILE O 487 -33.39 -76.91 -68.14
CA ILE O 487 -34.53 -76.94 -69.09
C ILE O 487 -34.06 -77.00 -70.56
N VAL O 488 -32.85 -76.57 -70.88
CA VAL O 488 -32.31 -76.40 -72.23
C VAL O 488 -32.43 -77.66 -73.08
N ASN O 489 -32.16 -78.85 -72.56
CA ASN O 489 -32.27 -80.08 -73.35
C ASN O 489 -33.71 -80.39 -73.80
N ASP O 490 -34.72 -79.86 -73.10
CA ASP O 490 -36.11 -79.95 -73.50
C ASP O 490 -36.40 -78.94 -74.62
N MET O 491 -36.07 -77.67 -74.41
CA MET O 491 -36.23 -76.63 -75.43
C MET O 491 -35.48 -76.93 -76.74
N GLU O 492 -34.25 -77.41 -76.65
CA GLU O 492 -33.47 -77.91 -77.78
C GLU O 492 -34.19 -79.03 -78.53
N SER O 493 -35.01 -79.84 -77.85
CA SER O 493 -35.78 -80.89 -78.53
C SER O 493 -37.05 -80.36 -79.20
N ARG O 494 -37.66 -79.32 -78.62
CA ARG O 494 -38.95 -78.73 -79.07
C ARG O 494 -38.80 -77.62 -80.13
N GLY O 495 -37.60 -77.40 -80.66
CA GLY O 495 -37.34 -76.41 -81.72
C GLY O 495 -36.93 -75.02 -81.24
N PHE O 496 -36.84 -74.78 -79.93
CA PHE O 496 -36.27 -73.57 -79.31
C PHE O 496 -34.77 -73.80 -79.08
N ILE O 497 -33.95 -73.47 -80.08
CA ILE O 497 -32.56 -73.91 -80.16
C ILE O 497 -31.64 -72.78 -79.71
N PHE O 498 -30.75 -73.05 -78.75
CA PHE O 498 -29.85 -72.06 -78.19
C PHE O 498 -28.65 -71.83 -79.09
N VAL O 499 -28.83 -70.96 -80.08
CA VAL O 499 -27.82 -70.62 -81.10
C VAL O 499 -26.47 -70.23 -80.49
N GLY O 500 -26.42 -69.59 -79.32
CA GLY O 500 -25.20 -69.06 -78.73
C GLY O 500 -25.14 -69.18 -77.21
N LYS O 501 -23.93 -69.41 -76.70
CA LYS O 501 -23.63 -69.70 -75.29
C LYS O 501 -22.32 -69.04 -74.84
N ASP O 502 -22.16 -68.91 -73.54
CA ASP O 502 -20.89 -68.52 -72.92
C ASP O 502 -19.79 -69.55 -73.20
N GLU O 503 -18.52 -69.12 -73.21
CA GLU O 503 -17.35 -69.97 -73.46
C GLU O 503 -17.22 -71.24 -72.58
N THR O 504 -17.83 -71.28 -71.37
CA THR O 504 -17.87 -72.50 -70.54
C THR O 504 -18.94 -73.51 -71.00
N GLY O 505 -19.85 -73.10 -71.89
CA GLY O 505 -21.02 -73.86 -72.36
C GLY O 505 -22.22 -73.85 -71.42
N GLN O 506 -22.03 -73.47 -70.16
CA GLN O 506 -23.03 -73.66 -69.09
C GLN O 506 -24.12 -72.59 -69.05
N ARG O 507 -23.92 -71.47 -69.74
CA ARG O 507 -24.80 -70.28 -69.73
C ARG O 507 -25.32 -70.00 -71.13
N CYS O 508 -26.61 -69.73 -71.26
CA CYS O 508 -27.31 -69.57 -72.53
C CYS O 508 -27.58 -68.11 -72.86
N GLU O 509 -27.21 -67.68 -74.06
CA GLU O 509 -27.05 -66.26 -74.38
C GLU O 509 -27.81 -65.81 -75.62
N ILE O 510 -28.06 -66.70 -76.58
CA ILE O 510 -28.95 -66.44 -77.73
C ILE O 510 -29.82 -67.67 -77.97
N PHE O 511 -31.09 -67.48 -78.33
CA PHE O 511 -31.87 -68.52 -78.97
C PHE O 511 -32.56 -67.98 -80.22
N GLU O 512 -32.88 -68.87 -81.16
CA GLU O 512 -33.77 -68.62 -82.29
C GLU O 512 -34.75 -69.79 -82.38
N LEU O 513 -36.04 -69.49 -82.54
CA LEU O 513 -37.08 -70.52 -82.67
C LEU O 513 -37.12 -71.02 -84.11
N LYS O 514 -37.02 -72.34 -84.32
CA LYS O 514 -37.14 -72.97 -85.64
C LYS O 514 -38.53 -72.72 -86.24
N GLY O 515 -38.59 -72.49 -87.55
CA GLY O 515 -39.85 -72.42 -88.28
C GLY O 515 -40.72 -71.18 -88.01
N HIS O 516 -40.11 -70.04 -87.71
CA HIS O 516 -40.76 -68.73 -87.62
C HIS O 516 -39.96 -67.69 -88.43
N PRO O 517 -40.57 -66.71 -89.11
CA PRO O 517 -39.87 -65.72 -89.94
C PRO O 517 -38.70 -64.99 -89.27
N TYR O 518 -38.82 -64.61 -87.99
CA TYR O 518 -37.74 -64.04 -87.18
C TYR O 518 -38.20 -63.96 -85.71
N TYR O 519 -37.71 -64.84 -84.85
CA TYR O 519 -38.07 -64.87 -83.43
C TYR O 519 -36.84 -65.21 -82.61
N VAL O 520 -36.27 -64.20 -81.95
CA VAL O 520 -34.93 -64.24 -81.35
C VAL O 520 -34.98 -63.82 -79.89
N GLY O 521 -34.27 -64.51 -78.99
CA GLY O 521 -33.89 -63.91 -77.71
C GLY O 521 -32.38 -63.67 -77.64
N THR O 522 -31.93 -62.52 -77.15
CA THR O 522 -30.54 -62.24 -76.82
C THR O 522 -30.45 -61.82 -75.35
N GLN O 523 -29.67 -62.51 -74.52
CA GLN O 523 -29.59 -62.19 -73.08
C GLN O 523 -28.56 -61.12 -72.74
N TYR O 524 -27.59 -60.89 -73.61
CA TYR O 524 -26.88 -59.62 -73.64
C TYR O 524 -27.81 -58.51 -74.15
N HIS O 525 -27.36 -57.26 -74.02
CA HIS O 525 -28.03 -56.07 -74.49
C HIS O 525 -27.48 -55.69 -75.85
N PRO O 526 -28.18 -55.90 -76.98
CA PRO O 526 -27.65 -55.49 -78.25
C PRO O 526 -27.77 -53.99 -78.49
N GLU O 527 -28.46 -53.22 -77.67
CA GLU O 527 -28.69 -51.80 -77.93
C GLU O 527 -27.38 -51.02 -77.96
N TYR O 528 -26.52 -51.22 -76.97
CA TYR O 528 -25.45 -50.28 -76.63
C TYR O 528 -24.32 -50.22 -77.67
N THR O 529 -24.12 -51.31 -78.40
CA THR O 529 -23.06 -51.45 -79.41
C THR O 529 -23.43 -50.94 -80.79
N SER O 530 -24.70 -50.59 -81.04
CA SER O 530 -25.12 -50.00 -82.31
C SER O 530 -24.44 -48.65 -82.55
N LYS O 531 -23.95 -48.41 -83.76
CA LYS O 531 -23.43 -47.11 -84.22
C LYS O 531 -24.32 -46.57 -85.34
N VAL O 532 -24.35 -45.26 -85.57
CA VAL O 532 -25.21 -44.63 -86.59
C VAL O 532 -24.98 -45.13 -88.02
N LEU O 533 -23.85 -45.79 -88.30
CA LEU O 533 -23.52 -46.39 -89.59
C LEU O 533 -23.31 -47.91 -89.51
N GLU O 534 -23.66 -48.53 -88.38
CA GLU O 534 -23.47 -49.95 -88.10
C GLU O 534 -24.52 -50.37 -87.05
N PRO O 535 -25.78 -50.58 -87.47
CA PRO O 535 -26.85 -50.92 -86.57
C PRO O 535 -26.66 -52.31 -85.97
N SER O 536 -27.09 -52.49 -84.73
CA SER O 536 -26.81 -53.72 -83.99
C SER O 536 -27.50 -54.90 -84.65
N ARG O 537 -26.80 -55.99 -84.94
CA ARG O 537 -27.31 -57.04 -85.83
C ARG O 537 -28.68 -57.62 -85.45
N PRO O 538 -29.03 -57.86 -84.18
CA PRO O 538 -30.36 -58.35 -83.85
C PRO O 538 -31.45 -57.31 -84.13
N PHE O 539 -31.16 -56.04 -83.93
CA PHE O 539 -32.09 -54.93 -84.19
C PHE O 539 -32.22 -54.64 -85.69
N TRP O 540 -31.15 -54.80 -86.46
CA TRP O 540 -31.21 -54.77 -87.92
C TRP O 540 -32.05 -55.94 -88.42
N GLY O 541 -31.92 -57.12 -87.82
CA GLY O 541 -32.79 -58.26 -88.08
C GLY O 541 -34.26 -57.96 -87.84
N LEU O 542 -34.63 -57.42 -86.68
CA LEU O 542 -36.02 -57.09 -86.36
C LEU O 542 -36.62 -56.09 -87.36
N VAL O 543 -35.98 -54.95 -87.57
CA VAL O 543 -36.54 -53.93 -88.46
C VAL O 543 -36.51 -54.35 -89.91
N ALA O 544 -35.61 -55.25 -90.30
CA ALA O 544 -35.65 -55.86 -91.62
C ALA O 544 -36.85 -56.83 -91.74
N ALA O 545 -37.01 -57.80 -90.83
CA ALA O 545 -38.13 -58.74 -90.87
C ALA O 545 -39.49 -58.02 -90.90
N ALA O 546 -39.65 -57.00 -90.06
CA ALA O 546 -40.86 -56.19 -90.04
C ALA O 546 -41.08 -55.36 -91.32
N SER O 547 -40.02 -54.93 -92.00
CA SER O 547 -40.11 -54.23 -93.30
C SER O 547 -40.37 -55.16 -94.48
N GLY O 548 -40.25 -56.47 -94.28
CA GLY O 548 -39.94 -57.40 -95.36
C GLY O 548 -38.50 -57.22 -95.86
N THR O 549 -38.07 -58.09 -96.77
CA THR O 549 -36.72 -58.08 -97.34
C THR O 549 -35.60 -58.41 -96.32
N LEU O 550 -35.89 -59.27 -95.35
CA LEU O 550 -34.86 -59.83 -94.44
C LEU O 550 -33.76 -60.58 -95.21
N GLY O 551 -34.11 -61.29 -96.27
CA GLY O 551 -33.15 -61.92 -97.17
C GLY O 551 -32.22 -60.91 -97.85
N GLU O 552 -32.73 -59.79 -98.36
CA GLU O 552 -31.91 -58.76 -99.01
C GLU O 552 -30.93 -58.06 -98.06
N VAL O 553 -31.32 -57.88 -96.80
CA VAL O 553 -30.39 -57.43 -95.74
C VAL O 553 -29.30 -58.47 -95.50
N ILE O 554 -29.64 -59.77 -95.45
CA ILE O 554 -28.63 -60.81 -95.29
C ILE O 554 -27.61 -60.82 -96.44
N LYS O 555 -27.96 -60.43 -97.68
CA LYS O 555 -26.95 -60.19 -98.74
C LYS O 555 -26.12 -58.92 -98.46
N ASP O 556 -26.74 -57.82 -98.07
CA ASP O 556 -25.99 -56.58 -97.82
C ASP O 556 -24.92 -56.76 -96.74
N ILE O 557 -25.19 -57.59 -95.73
CA ILE O 557 -24.21 -57.99 -94.71
C ILE O 557 -23.11 -58.87 -95.30
N ASN O 558 -23.47 -59.99 -95.93
CA ASN O 558 -22.49 -61.04 -96.24
C ASN O 558 -21.67 -60.79 -97.51
N LEU O 559 -22.09 -59.89 -98.42
CA LEU O 559 -21.29 -59.46 -99.55
C LEU O 559 -20.12 -58.56 -99.10
N MET P 1 -2.03 4.85 -85.22
CA MET P 1 -2.39 5.19 -83.84
C MET P 1 -2.28 3.97 -82.93
N LYS P 2 -1.92 4.18 -81.66
CA LYS P 2 -1.85 3.15 -80.61
C LYS P 2 -2.46 3.71 -79.34
N TYR P 3 -3.04 2.89 -78.47
CA TYR P 3 -3.56 3.30 -77.16
C TYR P 3 -3.01 2.41 -76.06
N VAL P 4 -2.69 3.00 -74.92
CA VAL P 4 -2.47 2.27 -73.66
C VAL P 4 -3.43 2.82 -72.63
N VAL P 5 -4.34 2.02 -72.10
CA VAL P 5 -5.31 2.49 -71.11
C VAL P 5 -4.80 2.09 -69.75
N VAL P 6 -4.68 3.02 -68.80
CA VAL P 6 -4.27 2.78 -67.41
C VAL P 6 -5.50 2.89 -66.54
N SER P 7 -5.74 1.88 -65.72
CA SER P 7 -7.10 1.51 -65.28
C SER P 7 -7.08 0.70 -64.01
N GLY P 8 -8.26 0.42 -63.46
CA GLY P 8 -8.42 -0.70 -62.54
C GLY P 8 -8.72 -0.31 -61.12
N GLY P 9 -7.99 -0.89 -60.18
CA GLY P 9 -8.07 -0.58 -58.77
C GLY P 9 -9.19 -1.34 -58.05
N VAL P 10 -8.84 -1.95 -56.92
CA VAL P 10 -9.78 -2.32 -55.85
C VAL P 10 -10.31 -1.08 -55.14
N ILE P 11 -9.48 -0.05 -54.98
CA ILE P 11 -9.77 1.22 -54.32
C ILE P 11 -9.37 2.40 -55.22
N SER P 12 -10.09 3.51 -55.16
CA SER P 12 -9.88 4.67 -56.03
C SER P 12 -8.71 5.57 -55.62
N GLY P 13 -8.25 5.53 -54.37
CA GLY P 13 -7.09 6.30 -53.89
C GLY P 13 -5.71 5.69 -54.22
N ILE P 14 -5.67 4.66 -55.07
CA ILE P 14 -4.50 3.78 -55.26
C ILE P 14 -3.30 4.41 -55.99
N GLY P 15 -3.48 5.56 -56.64
CA GLY P 15 -2.39 6.25 -57.35
C GLY P 15 -2.09 5.66 -58.74
N LYS P 16 -3.06 5.75 -59.65
CA LYS P 16 -2.89 5.44 -61.07
C LYS P 16 -2.17 6.54 -61.83
N GLY P 17 -2.28 7.79 -61.39
CA GLY P 17 -1.81 8.97 -62.12
C GLY P 17 -0.30 9.01 -62.34
N VAL P 18 0.50 8.46 -61.42
CA VAL P 18 1.94 8.28 -61.66
C VAL P 18 2.16 7.21 -62.71
N LEU P 19 1.52 6.04 -62.64
CA LEU P 19 1.73 5.01 -63.64
C LEU P 19 1.31 5.47 -65.05
N ALA P 20 0.27 6.26 -65.19
CA ALA P 20 -0.05 6.92 -66.46
C ALA P 20 1.05 7.91 -66.88
N SER P 21 1.35 8.92 -66.07
CA SER P 21 2.33 9.97 -66.36
C SER P 21 3.76 9.47 -66.55
N SER P 22 4.04 8.24 -66.16
CA SER P 22 5.31 7.53 -66.13
C SER P 22 5.35 6.42 -67.17
N THR P 23 4.23 5.92 -67.66
CA THR P 23 4.22 4.99 -68.80
C THR P 23 4.42 5.78 -70.06
N GLY P 24 3.78 6.94 -70.14
CA GLY P 24 3.88 7.81 -71.26
C GLY P 24 5.21 8.42 -71.43
N MET P 25 5.92 8.62 -70.31
CA MET P 25 7.28 9.12 -70.29
C MET P 25 8.21 8.04 -70.83
N LEU P 26 8.08 6.79 -70.38
CA LEU P 26 8.88 5.71 -70.93
C LEU P 26 8.66 5.57 -72.43
N LEU P 27 7.43 5.62 -72.94
CA LEU P 27 7.22 5.58 -74.38
C LEU P 27 7.82 6.79 -75.10
N LYS P 28 7.89 7.97 -74.50
CA LYS P 28 8.53 9.13 -75.12
C LYS P 28 10.06 8.96 -75.26
N THR P 29 10.67 8.11 -74.45
CA THR P 29 12.08 7.76 -74.64
C THR P 29 12.35 6.89 -75.87
N LEU P 30 11.36 6.19 -76.45
CA LEU P 30 11.48 5.59 -77.79
C LEU P 30 11.41 6.65 -78.91
N GLY P 31 11.12 7.91 -78.58
CA GLY P 31 11.01 9.01 -79.52
C GLY P 31 9.60 9.22 -80.08
N LEU P 32 8.64 8.38 -79.70
CA LEU P 32 7.24 8.46 -80.13
C LEU P 32 6.59 9.79 -79.71
N LYS P 33 5.76 10.40 -80.57
CA LYS P 33 5.01 11.61 -80.22
C LYS P 33 3.84 11.26 -79.31
N VAL P 34 4.08 11.06 -78.03
CA VAL P 34 3.05 10.56 -77.10
C VAL P 34 2.04 11.65 -76.70
N THR P 35 0.77 11.29 -76.51
CA THR P 35 -0.27 12.15 -75.93
C THR P 35 -1.00 11.41 -74.82
N SER P 36 -1.89 12.08 -74.10
CA SER P 36 -2.63 11.48 -73.00
C SER P 36 -4.03 12.06 -72.85
N ILE P 37 -4.94 11.25 -72.33
CA ILE P 37 -6.35 11.59 -72.09
C ILE P 37 -6.65 11.22 -70.64
N LYS P 38 -7.33 12.08 -69.90
CA LYS P 38 -7.84 11.79 -68.56
C LYS P 38 -9.31 11.50 -68.71
N ILE P 39 -9.83 10.43 -68.11
CA ILE P 39 -11.26 10.23 -67.91
C ILE P 39 -11.51 10.50 -66.42
N ASP P 40 -12.45 11.39 -66.11
CA ASP P 40 -12.92 11.65 -64.76
C ASP P 40 -14.41 11.34 -64.65
N PRO P 41 -14.79 10.32 -63.87
CA PRO P 41 -16.19 9.95 -63.66
C PRO P 41 -17.09 10.98 -62.99
N TYR P 42 -16.57 12.07 -62.44
CA TYR P 42 -17.42 13.11 -61.84
C TYR P 42 -18.30 13.83 -62.85
N MET P 43 -19.39 14.42 -62.37
CA MET P 43 -20.33 15.14 -63.23
C MET P 43 -19.90 16.56 -63.58
N ASN P 44 -18.82 17.10 -63.03
CA ASN P 44 -18.45 18.46 -63.42
C ASN P 44 -18.07 18.56 -64.89
N ILE P 45 -18.62 19.57 -65.57
CA ILE P 45 -18.20 19.90 -66.93
C ILE P 45 -16.72 20.17 -66.98
N ASP P 46 -16.28 21.10 -66.13
CA ASP P 46 -14.89 21.44 -65.97
C ASP P 46 -14.68 22.05 -64.58
N ALA P 47 -13.43 21.97 -64.10
CA ALA P 47 -13.10 22.16 -62.68
C ALA P 47 -13.34 23.57 -62.14
N GLY P 48 -13.60 24.57 -63.00
CA GLY P 48 -13.77 25.97 -62.58
C GLY P 48 -14.83 26.23 -61.51
N THR P 49 -15.82 25.37 -61.39
CA THR P 49 -16.88 25.47 -60.37
C THR P 49 -16.48 24.96 -59.00
N MET P 50 -15.46 24.10 -58.88
CA MET P 50 -15.15 23.42 -57.61
C MET P 50 -13.89 24.02 -56.96
N SER P 51 -14.07 24.51 -55.73
CA SER P 51 -13.06 25.27 -54.98
C SER P 51 -11.81 24.43 -54.65
N PRO P 52 -10.63 25.05 -54.55
CA PRO P 52 -9.38 24.36 -54.22
C PRO P 52 -9.35 23.56 -52.91
N LEU P 53 -10.26 23.81 -51.97
CA LEU P 53 -10.46 22.93 -50.81
C LEU P 53 -10.92 21.53 -51.22
N GLU P 54 -11.76 21.43 -52.24
CA GLU P 54 -12.45 20.21 -52.65
C GLU P 54 -11.62 19.42 -53.68
N HIS P 55 -10.73 18.56 -53.21
CA HIS P 55 -9.81 17.75 -54.05
C HIS P 55 -8.82 18.56 -54.91
N GLY P 56 -8.21 19.59 -54.34
CA GLY P 56 -7.00 20.25 -54.85
C GLY P 56 -7.22 21.39 -55.87
N GLU P 57 -6.10 21.99 -56.31
CA GLU P 57 -6.02 23.24 -57.07
C GLU P 57 -6.84 23.31 -58.36
N CYS P 58 -7.16 24.51 -58.81
CA CYS P 58 -7.88 24.77 -60.05
C CYS P 58 -6.88 25.01 -61.20
N PHE P 59 -6.54 23.96 -62.00
CA PHE P 59 -5.53 24.05 -63.06
C PHE P 59 -5.93 25.03 -64.18
N VAL P 60 -5.01 25.40 -65.07
CA VAL P 60 -5.30 26.22 -66.27
C VAL P 60 -4.56 25.69 -67.50
N LEU P 61 -5.25 25.58 -68.63
CA LEU P 61 -4.72 25.16 -69.94
C LEU P 61 -4.53 26.36 -70.89
N ASP P 62 -3.89 26.16 -72.05
CA ASP P 62 -3.73 27.23 -73.05
C ASP P 62 -5.08 27.83 -73.50
N ASP P 63 -6.12 27.01 -73.56
CA ASP P 63 -7.50 27.40 -73.91
C ASP P 63 -8.17 28.32 -72.87
N GLY P 64 -7.62 28.39 -71.66
CA GLY P 64 -8.32 28.91 -70.48
C GLY P 64 -9.17 27.87 -69.75
N GLY P 65 -9.15 26.61 -70.19
CA GLY P 65 -9.94 25.52 -69.60
C GLY P 65 -9.49 25.14 -68.20
N GLU P 66 -10.25 25.55 -67.20
CA GLU P 66 -10.02 25.23 -65.80
C GLU P 66 -10.31 23.75 -65.54
N THR P 67 -9.30 22.94 -65.20
CA THR P 67 -9.34 21.49 -65.44
C THR P 67 -8.81 20.61 -64.31
N ASP P 68 -9.03 19.30 -64.41
CA ASP P 68 -8.54 18.34 -63.45
C ASP P 68 -7.02 18.39 -63.28
N LEU P 69 -6.55 18.27 -62.05
CA LEU P 69 -5.14 18.20 -61.71
C LEU P 69 -4.34 17.26 -62.60
N ASP P 70 -4.91 16.12 -62.92
CA ASP P 70 -4.16 15.06 -63.56
C ASP P 70 -3.73 15.39 -64.99
N LEU P 71 -4.35 16.39 -65.65
CA LEU P 71 -3.78 16.91 -66.89
C LEU P 71 -2.37 17.46 -66.65
N GLY P 72 -2.20 18.20 -65.56
CA GLY P 72 -0.95 18.84 -65.22
C GLY P 72 0.17 17.82 -65.10
N ASN P 73 -0.05 16.70 -64.42
CA ASN P 73 0.98 15.67 -64.27
C ASN P 73 1.48 15.15 -65.61
N TYR P 74 0.60 14.94 -66.61
CA TYR P 74 1.08 14.53 -67.92
C TYR P 74 1.81 15.67 -68.62
N GLU P 75 1.30 16.91 -68.55
CA GLU P 75 1.98 18.04 -69.21
C GLU P 75 3.42 18.16 -68.74
N ARG P 76 3.66 18.15 -67.43
CA ARG P 76 5.01 18.31 -66.89
C ARG P 76 5.91 17.09 -67.06
N TYR P 77 5.39 15.85 -67.02
CA TYR P 77 6.21 14.67 -67.30
C TYR P 77 6.51 14.52 -68.80
N LEU P 78 5.57 14.82 -69.67
CA LEU P 78 5.66 14.49 -71.10
C LEU P 78 6.07 15.67 -71.98
N GLY P 79 6.16 16.88 -71.42
CA GLY P 79 6.50 18.12 -72.15
C GLY P 79 5.38 18.65 -73.04
N ILE P 80 4.24 17.97 -73.07
CA ILE P 80 3.12 18.23 -73.98
C ILE P 80 2.29 19.41 -73.52
N THR P 81 1.57 20.03 -74.46
CA THR P 81 0.50 20.98 -74.18
C THR P 81 -0.83 20.30 -74.42
N LEU P 82 -1.74 20.33 -73.46
CA LEU P 82 -3.08 19.75 -73.59
C LEU P 82 -4.16 20.81 -73.85
N SER P 83 -5.36 20.36 -74.18
CA SER P 83 -6.54 21.19 -74.43
C SER P 83 -7.72 20.68 -73.61
N ARG P 84 -8.74 21.50 -73.34
CA ARG P 84 -9.81 21.14 -72.43
C ARG P 84 -10.62 19.92 -72.88
N ASP P 85 -10.54 19.52 -74.13
CA ASP P 85 -11.09 18.26 -74.64
C ASP P 85 -10.37 17.02 -74.10
N HIS P 86 -9.10 17.10 -73.68
CA HIS P 86 -8.36 15.93 -73.18
C HIS P 86 -8.86 15.42 -71.82
N ASN P 87 -9.73 16.17 -71.16
CA ASN P 87 -10.38 15.79 -69.92
C ASN P 87 -11.81 15.27 -70.26
N ILE P 88 -11.95 13.99 -70.55
CA ILE P 88 -13.28 13.39 -70.69
C ILE P 88 -13.92 13.37 -69.29
N THR P 89 -15.20 13.76 -69.17
CA THR P 89 -15.92 13.58 -67.91
C THR P 89 -17.33 13.07 -68.12
N THR P 90 -17.91 12.47 -67.08
CA THR P 90 -19.32 12.09 -67.12
C THR P 90 -20.19 13.32 -67.35
N GLY P 91 -19.85 14.45 -66.73
CA GLY P 91 -20.47 15.74 -67.03
C GLY P 91 -20.44 16.13 -68.49
N LYS P 92 -19.25 16.11 -69.08
CA LYS P 92 -19.07 16.53 -70.47
C LYS P 92 -19.83 15.64 -71.42
N ILE P 93 -19.59 14.31 -71.39
CA ILE P 93 -20.12 13.45 -72.46
C ILE P 93 -21.63 13.33 -72.37
N TYR P 94 -22.21 13.33 -71.17
CA TYR P 94 -23.66 13.34 -71.01
C TYR P 94 -24.24 14.70 -71.39
N SER P 95 -23.61 15.82 -71.04
CA SER P 95 -24.04 17.16 -71.49
C SER P 95 -23.95 17.28 -73.02
N HIS P 96 -22.94 16.68 -73.64
CA HIS P 96 -22.73 16.63 -75.08
C HIS P 96 -23.86 15.86 -75.75
N VAL P 97 -24.02 14.56 -75.48
CA VAL P 97 -25.05 13.80 -76.20
C VAL P 97 -26.46 14.26 -75.85
N ILE P 98 -26.78 14.67 -74.63
CA ILE P 98 -28.10 15.24 -74.31
C ILE P 98 -28.29 16.59 -75.00
N SER P 99 -27.27 17.44 -75.17
CA SER P 99 -27.46 18.67 -75.97
C SER P 99 -27.64 18.32 -77.45
N ARG P 100 -26.94 17.29 -77.93
CA ARG P 100 -27.08 16.77 -79.29
C ARG P 100 -28.49 16.23 -79.57
N GLU P 101 -29.19 15.67 -78.58
CA GLU P 101 -30.60 15.29 -78.73
C GLU P 101 -31.52 16.46 -79.07
N ARG P 102 -31.44 17.57 -78.34
CA ARG P 102 -32.27 18.74 -78.64
C ARG P 102 -31.91 19.36 -79.99
N ARG P 103 -30.68 19.17 -80.47
CA ARG P 103 -30.23 19.50 -81.84
C ARG P 103 -30.76 18.51 -82.90
N GLY P 104 -31.08 17.27 -82.52
CA GLY P 104 -31.79 16.30 -83.34
C GLY P 104 -30.94 15.26 -84.08
N ASP P 105 -29.63 15.24 -83.88
CA ASP P 105 -28.71 14.51 -84.78
C ASP P 105 -28.84 12.99 -84.81
N TYR P 106 -29.53 12.36 -83.85
CA TYR P 106 -29.86 10.94 -83.91
C TYR P 106 -31.12 10.63 -84.73
N LEU P 107 -31.60 11.60 -85.53
CA LEU P 107 -32.73 11.48 -86.47
C LEU P 107 -34.03 11.04 -85.79
N GLY P 108 -34.22 11.44 -84.54
CA GLY P 108 -35.36 11.03 -83.77
C GLY P 108 -35.41 9.56 -83.44
N LYS P 109 -34.27 8.88 -83.33
CA LYS P 109 -34.22 7.54 -82.71
C LYS P 109 -34.27 7.61 -81.16
N THR P 110 -34.23 6.46 -80.49
CA THR P 110 -34.00 6.45 -79.02
C THR P 110 -32.52 6.74 -78.90
N VAL P 111 -32.04 7.43 -77.85
CA VAL P 111 -30.58 7.61 -77.66
C VAL P 111 -30.18 6.74 -76.48
N GLN P 112 -30.34 5.43 -76.60
CA GLN P 112 -29.95 4.49 -75.51
C GLN P 112 -28.50 4.82 -75.13
N ILE P 113 -28.07 4.60 -73.87
CA ILE P 113 -26.64 4.85 -73.47
C ILE P 113 -25.75 3.75 -74.04
N VAL P 114 -26.23 2.52 -74.26
CA VAL P 114 -25.42 1.49 -74.99
C VAL P 114 -25.42 2.00 -76.42
N PRO P 115 -24.93 1.29 -77.46
CA PRO P 115 -24.80 1.90 -78.78
C PRO P 115 -24.51 3.40 -78.82
N HIS P 116 -25.46 4.29 -78.62
CA HIS P 116 -25.16 5.66 -79.06
C HIS P 116 -24.21 6.45 -78.15
N LEU P 117 -24.39 6.55 -76.84
CA LEU P 117 -23.45 7.30 -76.00
C LEU P 117 -22.07 6.62 -75.94
N THR P 118 -21.98 5.29 -75.78
CA THR P 118 -20.67 4.63 -75.87
C THR P 118 -20.01 4.82 -77.23
N ASN P 119 -20.77 5.03 -78.31
CA ASN P 119 -20.22 5.45 -79.59
C ASN P 119 -19.68 6.88 -79.53
N ALA P 120 -20.33 7.83 -78.85
CA ALA P 120 -19.78 9.17 -78.67
C ALA P 120 -18.46 9.17 -77.90
N ILE P 121 -18.30 8.34 -76.85
CA ILE P 121 -17.01 8.17 -76.18
C ILE P 121 -15.96 7.68 -77.18
N GLN P 122 -16.25 6.63 -77.93
CA GLN P 122 -15.29 6.06 -78.84
C GLN P 122 -14.94 7.02 -79.97
N ASP P 123 -15.84 7.91 -80.34
CA ASP P 123 -15.58 9.00 -81.27
C ASP P 123 -14.73 10.08 -80.61
N TRP P 124 -15.07 10.53 -79.40
CA TRP P 124 -14.30 11.54 -78.68
C TRP P 124 -12.84 11.14 -78.47
N ILE P 125 -12.55 9.92 -77.99
CA ILE P 125 -11.18 9.44 -77.86
C ILE P 125 -10.45 9.43 -79.19
N GLN P 126 -11.11 9.10 -80.30
CA GLN P 126 -10.50 9.11 -81.64
C GLN P 126 -10.34 10.51 -82.21
N ARG P 127 -11.17 11.48 -81.82
CA ARG P 127 -10.94 12.88 -82.19
C ARG P 127 -9.70 13.40 -81.46
N VAL P 128 -9.76 13.33 -80.14
CA VAL P 128 -8.82 13.92 -79.20
C VAL P 128 -7.43 13.38 -79.37
N SER P 129 -7.22 12.10 -79.51
CA SER P 129 -5.87 11.54 -79.73
C SER P 129 -5.22 11.98 -81.06
N LYS P 130 -5.96 12.59 -82.02
CA LYS P 130 -5.40 13.17 -83.25
C LYS P 130 -5.12 14.67 -83.19
N ILE P 131 -5.47 15.37 -82.11
CA ILE P 131 -5.10 16.77 -81.89
C ILE P 131 -3.59 16.86 -81.62
N PRO P 132 -2.82 17.76 -82.25
CA PRO P 132 -1.39 17.87 -81.98
C PRO P 132 -1.08 18.47 -80.60
N VAL P 133 0.03 18.07 -79.98
CA VAL P 133 0.38 18.49 -78.61
C VAL P 133 1.82 18.95 -78.39
N ASP P 134 2.78 18.56 -79.24
CA ASP P 134 4.18 19.00 -79.20
C ASP P 134 4.40 20.37 -79.88
N ASP P 135 5.65 20.81 -79.97
CA ASP P 135 6.05 22.11 -80.55
C ASP P 135 5.78 22.26 -82.07
N THR P 136 5.39 21.17 -82.74
CA THR P 136 5.00 21.11 -84.16
C THR P 136 3.68 20.35 -84.29
N GLY P 137 2.90 20.69 -85.30
CA GLY P 137 1.53 20.18 -85.53
C GLY P 137 1.45 18.74 -86.05
N LEU P 138 2.35 17.85 -85.62
CA LEU P 138 2.35 16.44 -85.96
C LEU P 138 1.44 15.66 -85.00
N GLU P 139 0.58 14.79 -85.54
CA GLU P 139 -0.39 14.03 -84.75
C GLU P 139 0.28 12.90 -83.95
N PRO P 140 -0.20 12.60 -82.74
CA PRO P 140 0.42 11.63 -81.84
C PRO P 140 0.60 10.19 -82.34
N ASP P 141 1.67 9.52 -81.96
CA ASP P 141 1.88 8.10 -82.27
C ASP P 141 1.15 7.17 -81.31
N VAL P 142 1.14 7.51 -80.00
CA VAL P 142 0.56 6.69 -78.93
C VAL P 142 -0.23 7.60 -77.98
N CYS P 143 -1.38 7.16 -77.53
CA CYS P 143 -2.20 7.86 -76.54
C CYS P 143 -2.36 7.06 -75.23
N ILE P 144 -1.98 7.63 -74.10
CA ILE P 144 -2.22 7.05 -72.77
C ILE P 144 -3.58 7.50 -72.25
N ILE P 145 -4.53 6.60 -72.01
CA ILE P 145 -5.83 6.96 -71.44
C ILE P 145 -5.83 6.59 -69.95
N GLU P 146 -5.98 7.55 -69.05
CA GLU P 146 -6.13 7.26 -67.62
C GLU P 146 -7.62 7.18 -67.27
N LEU P 147 -8.12 5.99 -66.96
CA LEU P 147 -9.53 5.74 -66.62
C LEU P 147 -9.71 6.03 -65.12
N GLY P 148 -10.23 7.22 -64.82
CA GLY P 148 -10.57 7.63 -63.45
C GLY P 148 -11.70 6.80 -62.85
N GLY P 149 -11.89 6.93 -61.54
CA GLY P 149 -12.73 5.97 -60.81
C GLY P 149 -12.10 4.58 -60.72
N THR P 150 -12.90 3.51 -60.64
CA THR P 150 -12.40 2.14 -60.79
C THR P 150 -13.21 1.32 -61.79
N VAL P 151 -12.62 0.25 -62.32
CA VAL P 151 -13.34 -0.71 -63.23
C VAL P 151 -14.14 -1.59 -62.28
N GLY P 152 -15.46 -1.44 -62.22
CA GLY P 152 -16.31 -2.15 -61.25
C GLY P 152 -17.04 -1.13 -60.41
N ASP P 153 -17.69 -0.16 -61.06
CA ASP P 153 -18.38 0.95 -60.38
C ASP P 153 -19.65 1.27 -61.16
N ILE P 154 -20.35 2.35 -60.81
CA ILE P 154 -21.59 2.81 -61.52
C ILE P 154 -21.31 4.16 -62.20
N GLU P 155 -20.27 4.89 -61.79
CA GLU P 155 -19.85 6.14 -62.46
C GLU P 155 -18.86 5.76 -63.56
N SER P 156 -18.32 4.53 -63.48
CA SER P 156 -17.38 4.08 -64.50
C SER P 156 -18.06 3.45 -65.71
N ALA P 157 -19.32 3.06 -65.55
CA ALA P 157 -19.98 2.05 -66.35
C ALA P 157 -20.01 2.30 -67.86
N PRO P 158 -20.40 3.48 -68.37
CA PRO P 158 -20.33 3.74 -69.79
C PRO P 158 -18.91 3.73 -70.34
N PHE P 159 -17.91 4.14 -69.56
CA PHE P 159 -16.53 4.15 -70.02
C PHE P 159 -16.03 2.72 -70.17
N VAL P 160 -16.25 1.82 -69.22
CA VAL P 160 -15.74 0.45 -69.40
C VAL P 160 -16.43 -0.28 -70.55
N GLU P 161 -17.70 0.00 -70.83
CA GLU P 161 -18.35 -0.53 -72.04
C GLU P 161 -17.80 0.08 -73.30
N ALA P 162 -17.73 1.40 -73.35
CA ALA P 162 -17.13 2.10 -74.49
C ALA P 162 -15.75 1.55 -74.82
N LEU P 163 -14.93 1.29 -73.82
CA LEU P 163 -13.58 0.71 -73.97
C LEU P 163 -13.59 -0.79 -74.30
N ARG P 164 -14.59 -1.58 -73.91
CA ARG P 164 -14.75 -2.90 -74.49
C ARG P 164 -14.99 -2.76 -76.01
N GLN P 165 -15.91 -1.93 -76.50
CA GLN P 165 -16.05 -1.80 -77.94
C GLN P 165 -14.77 -1.25 -78.56
N PHE P 166 -14.12 -0.30 -77.90
CA PHE P 166 -12.90 0.34 -78.41
C PHE P 166 -11.68 -0.56 -78.50
N GLN P 167 -11.70 -1.71 -77.82
CA GLN P 167 -10.72 -2.77 -77.98
C GLN P 167 -10.80 -3.42 -79.36
N PHE P 168 -11.93 -3.24 -80.07
CA PHE P 168 -12.14 -3.75 -81.42
C PHE P 168 -12.34 -2.68 -82.49
N GLU P 169 -13.07 -1.63 -82.19
CA GLU P 169 -13.27 -0.51 -83.12
C GLU P 169 -11.93 0.16 -83.44
N VAL P 170 -10.93 0.07 -82.55
CA VAL P 170 -9.50 0.11 -82.84
C VAL P 170 -8.96 -1.32 -82.62
N GLY P 171 -8.23 -1.88 -83.57
CA GLY P 171 -7.82 -3.29 -83.49
C GLY P 171 -6.95 -3.60 -82.24
N ARG P 172 -7.07 -4.80 -81.65
CA ARG P 172 -6.03 -5.33 -80.73
C ARG P 172 -4.69 -5.29 -81.46
N GLU P 173 -3.63 -5.18 -80.69
CA GLU P 173 -2.31 -4.73 -81.15
C GLU P 173 -2.21 -3.25 -81.54
N ASN P 174 -3.30 -2.48 -81.56
CA ASN P 174 -3.29 -1.02 -81.40
C ASN P 174 -3.85 -0.59 -80.03
N PHE P 175 -4.10 -1.51 -79.09
CA PHE P 175 -4.65 -1.21 -77.78
C PHE P 175 -4.05 -2.14 -76.74
N ALA P 176 -3.77 -1.66 -75.54
CA ALA P 176 -3.25 -2.41 -74.40
C ALA P 176 -3.84 -1.88 -73.09
N LEU P 177 -4.15 -2.76 -72.12
CA LEU P 177 -4.69 -2.35 -70.82
C LEU P 177 -3.71 -2.62 -69.67
N ILE P 178 -3.43 -1.61 -68.88
CA ILE P 178 -2.63 -1.70 -67.66
C ILE P 178 -3.59 -1.56 -66.49
N HIS P 179 -3.72 -2.62 -65.69
CA HIS P 179 -4.58 -2.67 -64.51
C HIS P 179 -3.76 -2.47 -63.24
N VAL P 180 -3.88 -1.29 -62.64
CA VAL P 180 -3.33 -1.00 -61.31
C VAL P 180 -4.15 -1.76 -60.27
N SER P 181 -3.54 -2.27 -59.21
CA SER P 181 -4.27 -3.11 -58.27
C SER P 181 -3.69 -3.13 -56.87
N LEU P 182 -4.49 -3.51 -55.87
CA LEU P 182 -4.10 -3.49 -54.47
C LEU P 182 -3.73 -4.90 -53.99
N VAL P 183 -2.58 -5.04 -53.34
CA VAL P 183 -2.12 -6.29 -52.72
C VAL P 183 -1.80 -5.98 -51.26
N PRO P 184 -2.79 -5.99 -50.35
CA PRO P 184 -2.58 -5.64 -48.96
C PRO P 184 -1.58 -6.55 -48.26
N VAL P 185 -0.93 -6.04 -47.22
CA VAL P 185 -0.12 -6.85 -46.30
C VAL P 185 -0.68 -6.78 -44.88
N ILE P 186 -0.91 -7.95 -44.30
CA ILE P 186 -1.57 -8.19 -43.02
C ILE P 186 -0.79 -9.30 -42.31
N HIS P 187 -0.46 -9.12 -41.03
CA HIS P 187 0.31 -10.08 -40.22
C HIS P 187 1.60 -10.61 -40.89
N GLY P 188 2.21 -9.81 -41.77
CA GLY P 188 3.39 -10.16 -42.55
C GLY P 188 3.16 -10.94 -43.86
N GLU P 189 1.94 -11.15 -44.32
CA GLU P 189 1.63 -11.98 -45.53
C GLU P 189 1.08 -11.08 -46.65
N GLN P 190 1.54 -11.23 -47.89
CA GLN P 190 1.01 -10.43 -49.04
C GLN P 190 -0.32 -11.06 -49.48
N LYS P 191 -1.39 -10.26 -49.51
CA LYS P 191 -2.77 -10.74 -49.79
C LYS P 191 -3.20 -10.35 -51.22
N THR P 192 -3.03 -11.21 -52.23
CA THR P 192 -3.49 -11.00 -53.63
C THR P 192 -4.96 -11.42 -53.88
N LYS P 193 -5.92 -11.29 -52.96
CA LYS P 193 -7.37 -11.58 -53.24
C LYS P 193 -8.16 -10.31 -53.61
N PRO P 194 -7.83 -9.10 -53.16
CA PRO P 194 -8.46 -7.86 -53.64
C PRO P 194 -8.13 -7.77 -55.13
N THR P 195 -6.88 -8.01 -55.52
CA THR P 195 -6.45 -7.99 -56.95
C THR P 195 -7.26 -9.04 -57.72
N GLN P 196 -7.35 -10.29 -57.26
CA GLN P 196 -8.04 -11.40 -57.98
C GLN P 196 -9.55 -11.12 -58.03
N ALA P 197 -10.09 -10.20 -57.23
CA ALA P 197 -11.53 -9.85 -57.20
C ALA P 197 -11.76 -8.58 -58.04
N ALA P 198 -10.73 -8.06 -58.70
CA ALA P 198 -10.84 -6.93 -59.66
C ALA P 198 -10.42 -7.44 -61.05
N ILE P 199 -9.81 -8.62 -61.18
CA ILE P 199 -9.49 -9.30 -62.44
C ILE P 199 -10.74 -10.05 -62.87
N LYS P 200 -11.51 -10.57 -61.96
CA LYS P 200 -12.81 -11.19 -62.21
C LYS P 200 -13.71 -10.11 -62.78
N ASP P 201 -13.86 -8.96 -62.11
CA ASP P 201 -14.72 -7.88 -62.61
C ASP P 201 -14.24 -7.29 -63.95
N LEU P 202 -12.93 -7.24 -64.17
CA LEU P 202 -12.38 -6.69 -65.40
C LEU P 202 -12.80 -7.56 -66.59
N ARG P 203 -12.60 -8.87 -66.52
CA ARG P 203 -12.97 -9.84 -67.53
C ARG P 203 -14.48 -9.75 -67.73
N SER P 204 -15.25 -9.61 -66.65
CA SER P 204 -16.71 -9.50 -66.71
C SER P 204 -17.14 -8.26 -67.49
N LEU P 205 -16.67 -7.06 -67.16
CA LEU P 205 -16.97 -5.80 -67.87
C LEU P 205 -16.35 -5.76 -69.28
N GLY P 206 -15.39 -6.64 -69.58
CA GLY P 206 -15.08 -7.14 -70.91
C GLY P 206 -13.69 -6.80 -71.48
N LEU P 207 -13.03 -5.78 -70.93
CA LEU P 207 -11.61 -5.57 -71.24
C LEU P 207 -10.78 -6.75 -70.75
N ILE P 208 -9.63 -7.01 -71.36
CA ILE P 208 -8.68 -8.06 -70.90
C ILE P 208 -7.38 -7.40 -70.47
N PRO P 209 -6.87 -7.57 -69.25
CA PRO P 209 -5.64 -6.90 -68.84
C PRO P 209 -4.32 -7.37 -69.43
N ASP P 210 -3.29 -6.57 -69.55
CA ASP P 210 -1.94 -6.84 -70.04
C ASP P 210 -0.88 -6.82 -68.96
N MET P 211 -0.90 -5.83 -68.10
CA MET P 211 -0.04 -5.61 -66.94
C MET P 211 -0.87 -5.73 -65.69
N ILE P 212 -0.27 -6.01 -64.55
CA ILE P 212 -0.94 -6.04 -63.26
C ILE P 212 -0.03 -5.26 -62.33
N ALA P 213 -0.27 -3.95 -62.23
CA ALA P 213 0.61 -3.01 -61.59
C ALA P 213 0.26 -2.83 -60.12
N CYS P 214 0.83 -3.66 -59.27
CA CYS P 214 0.48 -3.70 -57.86
C CYS P 214 1.06 -2.52 -57.06
N ARG P 215 0.26 -1.93 -56.18
CA ARG P 215 0.66 -0.94 -55.16
C ARG P 215 0.77 -1.56 -53.77
N CYS P 216 1.62 -2.58 -53.66
CA CYS P 216 1.96 -3.20 -52.38
C CYS P 216 2.86 -2.28 -51.54
N SER P 217 2.91 -2.52 -50.23
CA SER P 217 3.80 -1.81 -49.31
C SER P 217 5.27 -2.27 -49.39
N GLU P 218 5.58 -3.25 -50.25
CA GLU P 218 6.80 -4.05 -50.23
C GLU P 218 7.28 -4.37 -51.66
N GLU P 219 8.45 -5.00 -51.80
CA GLU P 219 8.68 -5.83 -52.98
C GLU P 219 7.74 -7.04 -52.99
N LEU P 220 7.11 -7.33 -54.13
CA LEU P 220 6.30 -8.54 -54.27
C LEU P 220 7.16 -9.79 -54.16
N ASN P 221 6.74 -10.77 -53.37
CA ASN P 221 7.43 -12.06 -53.31
C ASN P 221 7.40 -12.76 -54.67
N ARG P 222 8.42 -13.55 -55.02
CA ARG P 222 8.41 -14.38 -56.25
C ARG P 222 7.22 -15.34 -56.27
N SER P 223 6.81 -15.88 -55.13
CA SER P 223 5.58 -16.68 -55.00
C SER P 223 4.29 -15.87 -55.11
N THR P 224 4.28 -14.59 -54.71
CA THR P 224 3.13 -13.68 -54.89
C THR P 224 2.90 -13.38 -56.35
N ILE P 225 3.97 -13.06 -57.09
CA ILE P 225 3.88 -12.85 -58.53
C ILE P 225 3.43 -14.13 -59.23
N ASP P 226 3.99 -15.28 -58.87
CA ASP P 226 3.63 -16.55 -59.49
C ASP P 226 2.13 -16.88 -59.34
N LYS P 227 1.54 -16.61 -58.15
CA LYS P 227 0.08 -16.77 -57.96
C LYS P 227 -0.73 -15.70 -58.69
N ILE P 228 -0.34 -14.42 -58.71
CA ILE P 228 -1.07 -13.43 -59.53
C ILE P 228 -1.03 -13.82 -61.00
N ALA P 229 0.08 -14.34 -61.53
CA ALA P 229 0.18 -14.86 -62.90
C ALA P 229 -0.54 -16.22 -63.12
N MET P 230 -1.03 -16.88 -62.07
CA MET P 230 -1.87 -18.08 -62.15
C MET P 230 -3.35 -17.70 -62.20
N PHE P 231 -3.77 -16.67 -61.47
CA PHE P 231 -5.16 -16.22 -61.43
C PHE P 231 -5.50 -15.13 -62.43
N CYS P 232 -4.64 -14.12 -62.66
CA CYS P 232 -4.69 -13.38 -63.90
C CYS P 232 -3.91 -14.17 -64.97
N HIS P 233 -4.22 -13.98 -66.26
CA HIS P 233 -3.57 -14.74 -67.33
C HIS P 233 -2.25 -14.11 -67.83
N VAL P 234 -1.75 -13.01 -67.25
CA VAL P 234 -0.44 -12.44 -67.62
C VAL P 234 0.70 -13.37 -67.21
N GLY P 235 1.80 -13.36 -67.97
CA GLY P 235 3.04 -14.03 -67.56
C GLY P 235 3.74 -13.29 -66.42
N PRO P 236 4.50 -13.96 -65.54
CA PRO P 236 5.03 -13.37 -64.31
C PRO P 236 5.97 -12.18 -64.52
N GLU P 237 6.64 -12.07 -65.67
CA GLU P 237 7.45 -10.90 -66.02
C GLU P 237 6.63 -9.60 -66.10
N GLN P 238 5.31 -9.69 -66.26
CA GLN P 238 4.43 -8.56 -66.53
C GLN P 238 3.72 -7.98 -65.30
N VAL P 239 3.94 -8.60 -64.14
CA VAL P 239 3.28 -8.24 -62.87
C VAL P 239 4.12 -7.16 -62.20
N VAL P 240 4.13 -5.95 -62.78
CA VAL P 240 5.04 -4.88 -62.33
C VAL P 240 4.72 -4.46 -60.89
N ASN P 241 5.75 -4.14 -60.10
CA ASN P 241 5.59 -3.58 -58.77
C ASN P 241 5.93 -2.09 -58.76
N VAL P 242 5.10 -1.24 -58.19
CA VAL P 242 5.26 0.23 -58.28
C VAL P 242 5.48 0.85 -56.90
N HIS P 243 6.29 0.20 -56.07
CA HIS P 243 6.56 0.60 -54.68
C HIS P 243 7.25 1.96 -54.56
N ASP P 244 7.18 2.58 -53.38
CA ASP P 244 7.78 3.90 -53.11
C ASP P 244 9.33 3.90 -53.27
N VAL P 245 9.84 4.97 -53.84
CA VAL P 245 11.27 5.30 -54.04
C VAL P 245 11.52 6.78 -53.78
N ASN P 246 12.78 7.19 -53.58
CA ASN P 246 13.22 8.45 -52.99
C ASN P 246 12.58 9.76 -53.52
N SER P 247 12.07 9.79 -54.75
CA SER P 247 11.13 10.80 -55.23
C SER P 247 10.35 10.26 -56.44
N THR P 248 9.16 10.79 -56.74
CA THR P 248 8.33 10.29 -57.86
C THR P 248 8.97 10.41 -59.23
N TYR P 249 10.01 11.23 -59.39
CA TYR P 249 10.77 11.28 -60.65
C TYR P 249 11.61 10.02 -60.89
N HIS P 250 11.82 9.15 -59.90
CA HIS P 250 12.44 7.85 -60.12
C HIS P 250 11.48 6.82 -60.72
N VAL P 251 10.16 6.98 -60.59
CA VAL P 251 9.21 5.90 -60.93
C VAL P 251 9.36 5.40 -62.37
N PRO P 252 9.51 6.24 -63.41
CA PRO P 252 9.79 5.74 -64.75
C PRO P 252 10.97 4.78 -64.81
N LEU P 253 12.06 5.04 -64.10
CA LEU P 253 13.25 4.19 -64.17
C LEU P 253 13.09 2.85 -63.42
N LEU P 254 12.16 2.75 -62.47
CA LEU P 254 11.76 1.46 -61.87
C LEU P 254 11.00 0.62 -62.87
N LEU P 255 10.10 1.25 -63.62
CA LEU P 255 9.32 0.58 -64.65
C LEU P 255 10.23 0.16 -65.81
N LEU P 256 11.28 0.92 -66.10
CA LEU P 256 12.29 0.56 -67.08
C LEU P 256 13.18 -0.60 -66.63
N LYS P 257 13.53 -0.71 -65.34
CA LYS P 257 14.18 -1.91 -64.78
C LYS P 257 13.26 -3.13 -64.82
N GLN P 258 11.95 -2.92 -64.74
CA GLN P 258 10.92 -3.96 -64.79
C GLN P 258 10.42 -4.25 -66.21
N HIS P 259 11.28 -4.03 -67.22
CA HIS P 259 11.09 -4.37 -68.64
C HIS P 259 9.93 -3.69 -69.35
N MET P 260 9.28 -2.66 -68.79
CA MET P 260 8.00 -2.20 -69.33
C MET P 260 8.09 -1.59 -70.74
N ILE P 261 9.18 -0.92 -71.11
CA ILE P 261 9.37 -0.55 -72.53
C ILE P 261 9.55 -1.79 -73.40
N ASP P 262 10.32 -2.78 -72.99
CA ASP P 262 10.52 -3.97 -73.81
C ASP P 262 9.23 -4.76 -74.02
N TYR P 263 8.39 -4.83 -73.00
CA TYR P 263 7.06 -5.40 -73.13
C TYR P 263 6.17 -4.54 -74.04
N LEU P 264 5.98 -3.23 -73.78
CA LEU P 264 5.13 -2.39 -74.64
C LEU P 264 5.64 -2.28 -76.08
N HIS P 265 6.95 -2.33 -76.34
CA HIS P 265 7.49 -2.38 -77.69
C HIS P 265 7.02 -3.63 -78.44
N SER P 266 6.98 -4.78 -77.77
CA SER P 266 6.42 -6.00 -78.34
C SER P 266 4.89 -5.93 -78.45
N ARG P 267 4.18 -5.73 -77.34
CA ARG P 267 2.72 -5.88 -77.25
C ARG P 267 1.92 -4.86 -78.06
N LEU P 268 2.52 -3.75 -78.50
CA LEU P 268 1.90 -2.81 -79.44
C LEU P 268 2.65 -2.71 -80.78
N LYS P 269 3.63 -3.58 -81.03
CA LYS P 269 4.47 -3.61 -82.24
C LYS P 269 5.06 -2.22 -82.58
N LEU P 270 5.63 -1.53 -81.60
CA LEU P 270 6.06 -0.12 -81.74
C LEU P 270 7.22 0.05 -82.73
N GLY P 271 7.92 -1.03 -83.10
CA GLY P 271 8.86 -1.04 -84.20
C GLY P 271 8.24 -0.77 -85.58
N GLU P 272 6.93 -0.96 -85.75
CA GLU P 272 6.21 -0.68 -87.00
C GLU P 272 5.76 0.79 -87.14
N VAL P 273 5.84 1.60 -86.08
CA VAL P 273 5.54 3.05 -86.14
C VAL P 273 6.70 3.75 -86.86
N PRO P 274 6.45 4.65 -87.84
CA PRO P 274 7.52 5.38 -88.52
C PRO P 274 8.15 6.47 -87.64
N LEU P 275 9.46 6.41 -87.42
CA LEU P 275 10.25 7.39 -86.66
C LEU P 275 11.45 7.91 -87.47
N THR P 276 11.76 9.20 -87.37
CA THR P 276 13.01 9.77 -87.91
C THR P 276 14.15 9.66 -86.91
N LEU P 277 15.42 9.85 -87.30
CA LEU P 277 16.48 10.03 -86.30
C LEU P 277 16.26 11.26 -85.42
N GLU P 278 15.64 12.32 -85.93
CA GLU P 278 15.29 13.48 -85.10
C GLU P 278 14.26 13.11 -84.01
N ASP P 279 13.35 12.17 -84.27
CA ASP P 279 12.55 11.56 -83.22
C ASP P 279 13.40 10.68 -82.30
N LYS P 280 14.08 9.67 -82.84
CA LYS P 280 14.75 8.64 -82.02
C LYS P 280 15.86 9.21 -81.16
N GLU P 281 16.74 10.03 -81.72
CA GLU P 281 17.84 10.61 -80.95
C GLU P 281 17.34 11.62 -79.91
N ARG P 282 16.22 12.33 -80.16
CA ARG P 282 15.59 13.15 -79.10
C ARG P 282 15.06 12.26 -77.98
N GLY P 283 14.52 11.10 -78.33
CA GLY P 283 14.08 10.08 -77.41
C GLY P 283 15.21 9.60 -76.49
N SER P 284 16.30 9.08 -77.06
CA SER P 284 17.42 8.57 -76.27
C SER P 284 18.19 9.68 -75.54
N GLN P 285 18.21 10.91 -76.06
CA GLN P 285 18.76 12.04 -75.31
C GLN P 285 17.87 12.39 -74.11
N LEU P 286 16.56 12.47 -74.26
CA LEU P 286 15.65 12.73 -73.15
C LEU P 286 15.78 11.67 -72.06
N LEU P 287 15.97 10.40 -72.41
CA LEU P 287 16.29 9.36 -71.42
C LEU P 287 17.54 9.74 -70.62
N THR P 288 18.62 10.17 -71.26
CA THR P 288 19.81 10.58 -70.51
C THR P 288 19.60 11.84 -69.69
N ASN P 289 18.73 12.77 -70.08
CA ASN P 289 18.39 13.88 -69.19
C ASN P 289 17.64 13.38 -67.97
N TRP P 290 16.79 12.35 -68.08
CA TRP P 290 16.08 11.76 -66.94
C TRP P 290 17.02 10.94 -66.04
N GLU P 291 17.93 10.17 -66.61
CA GLU P 291 18.98 9.49 -65.86
C GLU P 291 19.92 10.50 -65.16
N ASN P 292 20.26 11.60 -65.80
CA ASN P 292 21.06 12.65 -65.17
C ASN P 292 20.30 13.33 -64.03
N MET P 293 19.09 13.81 -64.22
CA MET P 293 18.39 14.55 -63.15
C MET P 293 18.05 13.66 -61.97
N THR P 294 17.73 12.37 -62.17
CA THR P 294 17.57 11.41 -61.08
C THR P 294 18.88 11.07 -60.38
N LYS P 295 20.00 10.91 -61.09
CA LYS P 295 21.32 10.83 -60.46
C LYS P 295 21.67 12.10 -59.67
N ASN P 296 21.32 13.29 -60.16
CA ASN P 296 21.55 14.53 -59.39
C ASN P 296 20.71 14.55 -58.11
N LEU P 297 19.46 14.07 -58.14
CA LEU P 297 18.63 13.96 -56.94
C LEU P 297 19.24 12.96 -55.93
N ASP P 298 19.82 11.86 -56.40
CA ASP P 298 20.40 10.82 -55.55
C ASP P 298 21.59 11.27 -54.69
N ASP P 299 22.28 12.36 -55.02
CA ASP P 299 23.43 12.83 -54.22
C ASP P 299 23.52 14.36 -54.02
N SER P 300 22.51 15.13 -54.44
CA SER P 300 22.26 16.49 -53.94
C SER P 300 21.94 16.46 -52.44
N ASP P 301 22.71 17.20 -51.63
CA ASP P 301 22.55 17.27 -50.17
C ASP P 301 22.31 18.70 -49.65
N ASP P 302 22.83 19.71 -50.33
CA ASP P 302 22.81 21.09 -49.85
C ASP P 302 21.38 21.66 -49.94
N VAL P 303 20.76 21.87 -48.78
CA VAL P 303 19.36 22.22 -48.67
C VAL P 303 19.14 23.66 -49.11
N VAL P 304 17.94 23.96 -49.60
CA VAL P 304 17.40 25.31 -49.75
C VAL P 304 15.99 25.33 -49.17
N LYS P 305 15.70 26.26 -48.26
CA LYS P 305 14.41 26.37 -47.58
C LYS P 305 13.59 27.48 -48.23
N ILE P 306 12.45 27.18 -48.84
CA ILE P 306 11.57 28.19 -49.46
C ILE P 306 10.30 28.32 -48.64
N ALA P 307 9.98 29.50 -48.13
CA ALA P 307 8.72 29.71 -47.43
C ALA P 307 7.59 29.91 -48.43
N LEU P 308 6.59 29.05 -48.38
CA LEU P 308 5.37 29.20 -49.15
C LEU P 308 4.34 29.78 -48.19
N VAL P 309 3.95 31.03 -48.44
CA VAL P 309 3.18 31.85 -47.51
C VAL P 309 1.77 32.04 -48.03
N GLY P 310 0.75 31.43 -47.40
CA GLY P 310 -0.64 31.55 -47.85
C GLY P 310 -1.67 30.88 -46.95
N LYS P 311 -2.95 30.98 -47.27
CA LYS P 311 -4.05 30.29 -46.56
C LYS P 311 -4.12 28.81 -46.94
N TYR P 312 -4.81 28.01 -46.13
CA TYR P 312 -5.13 26.60 -46.40
C TYR P 312 -3.90 25.69 -46.62
N THR P 313 -2.75 25.98 -46.05
CA THR P 313 -1.52 25.16 -46.25
C THR P 313 -1.64 23.73 -45.75
N ASN P 314 -2.63 23.40 -44.91
CA ASN P 314 -2.95 22.01 -44.55
C ASN P 314 -3.53 21.20 -45.72
N LEU P 315 -4.04 21.87 -46.75
CA LEU P 315 -4.53 21.30 -48.00
C LEU P 315 -3.48 21.48 -49.10
N LYS P 316 -2.36 20.77 -49.01
CA LYS P 316 -1.16 20.93 -49.87
C LYS P 316 -1.47 20.74 -51.37
N ASP P 317 -2.47 19.92 -51.67
CA ASP P 317 -2.96 19.70 -53.04
C ASP P 317 -3.62 20.96 -53.62
N SER P 318 -4.03 21.93 -52.78
CA SER P 318 -4.46 23.26 -53.21
C SER P 318 -3.36 24.07 -53.87
N TYR P 319 -2.12 23.60 -53.80
CA TYR P 319 -0.90 24.15 -54.35
C TYR P 319 -0.11 23.10 -55.08
N LEU P 320 -0.66 22.02 -55.62
CA LEU P 320 0.18 20.95 -56.18
C LEU P 320 1.15 21.44 -57.28
N SER P 321 0.78 22.39 -58.14
CA SER P 321 1.55 22.87 -59.28
C SER P 321 2.68 23.77 -58.79
N VAL P 322 2.45 24.53 -57.73
CA VAL P 322 3.43 25.38 -57.05
C VAL P 322 4.55 24.54 -56.45
N THR P 323 4.19 23.51 -55.70
CA THR P 323 5.14 22.56 -55.15
C THR P 323 5.98 21.91 -56.24
N LYS P 324 5.33 21.39 -57.28
CA LYS P 324 6.03 20.65 -58.33
C LYS P 324 6.99 21.53 -59.13
N SER P 325 6.64 22.78 -59.37
CA SER P 325 7.54 23.73 -60.02
C SER P 325 8.78 24.05 -59.18
N LEU P 326 8.65 24.18 -57.86
CA LEU P 326 9.82 24.29 -56.99
C LEU P 326 10.68 23.03 -57.03
N GLU P 327 10.11 21.83 -57.11
CA GLU P 327 10.90 20.61 -57.26
C GLU P 327 11.73 20.59 -58.54
N HIS P 328 11.17 20.96 -59.69
CA HIS P 328 11.93 21.13 -60.93
C HIS P 328 13.05 22.16 -60.77
N ALA P 329 12.77 23.32 -60.19
CA ALA P 329 13.75 24.38 -60.01
C ALA P 329 14.89 23.93 -59.08
N SER P 330 14.57 23.20 -58.02
CA SER P 330 15.47 22.56 -57.07
C SER P 330 16.45 21.64 -57.75
N MET P 331 15.94 20.64 -58.47
CA MET P 331 16.78 19.64 -59.12
C MET P 331 17.68 20.26 -60.18
N LYS P 332 17.26 21.37 -60.82
CA LYS P 332 18.07 22.11 -61.80
C LYS P 332 19.21 22.91 -61.15
N CYS P 333 18.97 23.49 -59.98
CA CYS P 333 20.00 24.10 -59.14
C CYS P 333 20.92 23.09 -58.41
N ARG P 334 20.56 21.81 -58.36
CA ARG P 334 21.23 20.76 -57.58
C ARG P 334 21.27 21.04 -56.07
N ARG P 335 20.31 21.80 -55.56
CA ARG P 335 20.01 21.88 -54.12
C ARG P 335 18.74 21.13 -53.76
N GLN P 336 18.80 20.30 -52.72
CA GLN P 336 17.68 19.56 -52.15
C GLN P 336 16.68 20.53 -51.52
N LEU P 337 15.38 20.30 -51.69
CA LEU P 337 14.37 21.27 -51.28
C LEU P 337 13.75 20.93 -49.94
N GLU P 338 13.59 21.93 -49.08
CA GLU P 338 12.57 21.93 -48.03
C GLU P 338 11.63 23.11 -48.28
N ILE P 339 10.32 22.90 -48.27
CA ILE P 339 9.34 23.99 -48.37
C ILE P 339 8.80 24.24 -46.97
N LEU P 340 8.78 25.49 -46.54
CA LEU P 340 8.28 25.87 -45.24
C LEU P 340 6.86 26.41 -45.37
N TRP P 341 5.89 25.63 -44.87
CA TRP P 341 4.47 25.97 -44.90
C TRP P 341 4.16 27.05 -43.86
N VAL P 342 3.97 28.27 -44.31
CA VAL P 342 3.58 29.41 -43.48
C VAL P 342 2.10 29.69 -43.71
N GLU P 343 1.26 29.25 -42.79
CA GLU P 343 -0.17 29.57 -42.79
C GLU P 343 -0.37 31.07 -42.53
N ALA P 344 -0.52 31.87 -43.59
CA ALA P 344 -0.27 33.31 -43.55
C ALA P 344 -0.97 34.06 -42.42
N SER P 345 -2.19 33.69 -42.06
CA SER P 345 -2.92 34.42 -41.04
C SER P 345 -2.21 34.43 -39.70
N ASN P 346 -1.33 33.45 -39.43
CA ASN P 346 -0.56 33.40 -38.19
C ASN P 346 0.51 34.51 -38.08
N LEU P 347 1.01 35.06 -39.19
CA LEU P 347 1.94 36.20 -39.16
C LEU P 347 1.28 37.50 -38.70
N GLU P 348 -0.04 37.60 -38.75
CA GLU P 348 -0.74 38.83 -38.40
C GLU P 348 -0.67 39.04 -36.88
N PRO P 349 -0.30 40.23 -36.38
CA PRO P 349 -0.14 40.48 -34.95
C PRO P 349 -1.33 40.10 -34.08
N GLU P 350 -2.57 40.17 -34.57
CA GLU P 350 -3.74 39.73 -33.78
C GLU P 350 -3.65 38.27 -33.35
N THR P 351 -2.88 37.42 -34.04
CA THR P 351 -2.68 36.02 -33.66
C THR P 351 -2.02 35.91 -32.29
N GLN P 352 -1.20 36.89 -31.92
CA GLN P 352 -0.56 36.97 -30.61
C GLN P 352 -1.59 37.08 -29.48
N GLU P 353 -2.79 37.60 -29.76
CA GLU P 353 -3.91 37.66 -28.83
C GLU P 353 -4.67 36.33 -28.72
N VAL P 354 -4.46 35.39 -29.66
CA VAL P 354 -5.21 34.12 -29.76
C VAL P 354 -4.36 32.90 -29.41
N ASP P 355 -3.19 32.77 -30.02
CA ASP P 355 -2.18 31.79 -29.67
C ASP P 355 -0.79 32.29 -30.06
N LYS P 356 0.05 32.57 -29.08
CA LYS P 356 1.44 32.99 -29.31
C LYS P 356 2.26 31.90 -30.00
N ASN P 357 2.01 30.63 -29.74
CA ASN P 357 2.76 29.54 -30.39
C ASN P 357 2.64 29.63 -31.92
N LYS P 358 1.44 29.81 -32.46
CA LYS P 358 1.22 30.05 -33.90
C LYS P 358 1.96 31.28 -34.39
N PHE P 359 1.93 32.38 -33.65
CA PHE P 359 2.63 33.62 -34.04
C PHE P 359 4.15 33.44 -34.12
N HIS P 360 4.73 32.69 -33.20
CA HIS P 360 6.16 32.41 -33.21
C HIS P 360 6.53 31.36 -34.24
N ASP P 361 5.85 30.22 -34.34
CA ASP P 361 6.18 29.18 -35.31
C ASP P 361 6.13 29.70 -36.74
N SER P 362 5.12 30.50 -37.07
CA SER P 362 4.99 31.04 -38.42
C SER P 362 6.10 32.06 -38.74
N TRP P 363 6.38 33.02 -37.85
CA TRP P 363 7.50 33.95 -38.04
C TRP P 363 8.86 33.27 -37.96
N ASN P 364 9.02 32.22 -37.18
CA ASN P 364 10.20 31.38 -37.14
C ASN P 364 10.42 30.73 -38.52
N LYS P 365 9.42 30.04 -39.07
CA LYS P 365 9.53 29.44 -40.41
C LYS P 365 9.85 30.47 -41.48
N LEU P 366 9.17 31.62 -41.47
CA LEU P 366 9.46 32.70 -42.40
C LEU P 366 10.88 33.26 -42.25
N SER P 367 11.36 33.47 -41.03
CA SER P 367 12.72 33.96 -40.77
C SER P 367 13.80 32.95 -41.13
N SER P 368 13.52 31.66 -41.01
CA SER P 368 14.43 30.57 -41.37
C SER P 368 14.58 30.38 -42.88
N ALA P 369 13.63 30.85 -43.68
CA ALA P 369 13.62 30.59 -45.11
C ALA P 369 14.73 31.30 -45.89
N ASP P 370 15.40 30.57 -46.77
CA ASP P 370 16.39 31.10 -47.71
C ASP P 370 15.76 31.86 -48.87
N GLY P 371 14.47 31.68 -49.12
CA GLY P 371 13.68 32.37 -50.14
C GLY P 371 12.19 32.32 -49.83
N ILE P 372 11.38 33.21 -50.38
CA ILE P 372 9.98 33.42 -50.00
C ILE P 372 9.08 33.45 -51.25
N LEU P 373 7.91 32.82 -51.15
CA LEU P 373 6.95 32.70 -52.22
C LEU P 373 5.54 33.05 -51.74
N VAL P 374 4.88 34.01 -52.39
CA VAL P 374 3.45 34.26 -52.22
C VAL P 374 2.68 33.61 -53.38
N PRO P 375 1.98 32.49 -53.14
CA PRO P 375 1.75 31.47 -54.15
C PRO P 375 0.41 31.59 -54.92
N GLY P 376 -0.05 32.80 -55.22
CA GLY P 376 -1.31 32.98 -55.94
C GLY P 376 -2.51 32.40 -55.19
N GLY P 377 -2.75 32.87 -53.97
CA GLY P 377 -3.90 32.47 -53.17
C GLY P 377 -5.27 32.80 -53.78
N PHE P 378 -6.30 32.42 -53.04
CA PHE P 378 -7.70 32.48 -53.42
C PHE P 378 -8.51 32.94 -52.20
N GLY P 379 -9.61 33.66 -52.45
CA GLY P 379 -10.25 34.46 -51.41
C GLY P 379 -9.38 35.64 -50.96
N THR P 380 -9.62 36.18 -49.77
CA THR P 380 -8.88 37.32 -49.22
C THR P 380 -8.50 37.22 -47.74
N ARG P 381 -8.95 36.22 -46.99
CA ARG P 381 -8.97 36.30 -45.51
C ARG P 381 -7.60 36.18 -44.82
N GLY P 382 -6.57 35.69 -45.51
CA GLY P 382 -5.17 35.69 -45.04
C GLY P 382 -4.30 36.85 -45.51
N ILE P 383 -4.83 37.90 -46.14
CA ILE P 383 -4.03 38.85 -46.91
C ILE P 383 -3.03 39.63 -46.07
N GLU P 384 -3.34 40.02 -44.84
CA GLU P 384 -2.39 40.78 -44.02
C GLU P 384 -1.12 40.00 -43.68
N GLY P 385 -1.19 38.69 -43.50
CA GLY P 385 0.01 37.89 -43.35
C GLY P 385 0.87 37.88 -44.61
N MET P 386 0.24 37.80 -45.77
CA MET P 386 0.97 37.85 -47.05
C MET P 386 1.59 39.23 -47.30
N ILE P 387 1.02 40.31 -46.78
CA ILE P 387 1.62 41.64 -46.83
C ILE P 387 2.84 41.72 -45.90
N LEU P 388 2.76 41.23 -44.67
CA LEU P 388 3.89 41.22 -43.74
C LEU P 388 5.06 40.40 -44.27
N ALA P 389 4.81 39.22 -44.87
CA ALA P 389 5.88 38.49 -45.52
C ALA P 389 6.49 39.25 -46.69
N ALA P 390 5.72 40.04 -47.44
CA ALA P 390 6.28 40.89 -48.49
C ALA P 390 7.08 42.09 -47.93
N LYS P 391 6.72 42.62 -46.76
CA LYS P 391 7.49 43.67 -46.07
C LYS P 391 8.83 43.12 -45.64
N TRP P 392 8.77 41.97 -44.98
CA TRP P 392 9.95 41.22 -44.57
C TRP P 392 10.86 40.93 -45.77
N ALA P 393 10.34 40.41 -46.86
CA ALA P 393 11.16 40.06 -48.02
C ALA P 393 11.82 41.25 -48.71
N ARG P 394 11.18 42.42 -48.71
CA ARG P 394 11.74 43.67 -49.24
C ARG P 394 12.83 44.25 -48.35
N GLU P 395 12.55 44.39 -47.05
CA GLU P 395 13.48 45.04 -46.12
C GLU P 395 14.63 44.14 -45.69
N SER P 396 14.38 42.85 -45.42
CA SER P 396 15.43 41.90 -45.05
C SER P 396 16.16 41.32 -46.25
N GLY P 397 15.97 41.83 -47.46
CA GLY P 397 16.72 41.38 -48.64
C GLY P 397 16.53 39.92 -49.12
N VAL P 398 15.67 39.13 -48.48
CA VAL P 398 15.46 37.70 -48.81
C VAL P 398 14.86 37.53 -50.21
N PRO P 399 15.26 36.56 -51.04
CA PRO P 399 14.68 36.34 -52.36
C PRO P 399 13.17 36.13 -52.33
N PHE P 400 12.44 36.71 -53.28
CA PHE P 400 10.98 36.75 -53.27
C PHE P 400 10.36 36.52 -54.65
N LEU P 401 9.32 35.69 -54.71
CA LEU P 401 8.45 35.62 -55.88
C LEU P 401 7.00 35.75 -55.47
N GLY P 402 6.29 36.73 -56.03
CA GLY P 402 4.85 36.83 -55.92
C GLY P 402 4.16 36.32 -57.17
N VAL P 403 3.35 35.29 -57.08
CA VAL P 403 2.55 34.76 -58.19
C VAL P 403 1.12 35.26 -58.08
N CYS P 404 0.55 35.81 -59.15
CA CYS P 404 -0.83 36.30 -59.23
C CYS P 404 -1.19 37.23 -58.05
N LEU P 405 -1.99 36.82 -57.06
CA LEU P 405 -2.23 37.56 -55.80
C LEU P 405 -0.92 38.04 -55.15
N GLY P 406 0.16 37.27 -55.29
CA GLY P 406 1.50 37.63 -54.82
C GLY P 406 2.03 38.92 -55.43
N LEU P 407 1.88 39.14 -56.73
CA LEU P 407 2.22 40.44 -57.30
C LEU P 407 1.35 41.54 -56.67
N GLN P 408 0.09 41.23 -56.39
CA GLN P 408 -0.87 42.23 -55.94
C GLN P 408 -0.64 42.63 -54.49
N VAL P 409 -0.39 41.69 -53.57
CA VAL P 409 0.04 42.05 -52.21
C VAL P 409 1.40 42.73 -52.23
N ALA P 410 2.30 42.43 -53.17
CA ALA P 410 3.54 43.20 -53.26
C ALA P 410 3.29 44.66 -53.61
N ALA P 411 2.35 44.98 -54.50
CA ALA P 411 2.00 46.37 -54.78
C ALA P 411 1.34 47.04 -53.58
N ILE P 412 0.48 46.32 -52.86
CA ILE P 412 -0.19 46.81 -51.65
C ILE P 412 0.85 47.07 -50.53
N GLU P 413 1.76 46.15 -50.30
CA GLU P 413 2.88 46.31 -49.38
C GLU P 413 3.70 47.54 -49.73
N PHE P 414 4.17 47.64 -50.98
CA PHE P 414 4.97 48.76 -51.42
C PHE P 414 4.23 50.09 -51.28
N ALA P 415 2.92 50.13 -51.56
CA ALA P 415 2.12 51.33 -51.36
C ALA P 415 2.06 51.74 -49.89
N ARG P 416 1.73 50.81 -48.99
CA ARG P 416 1.62 51.07 -47.55
C ARG P 416 2.94 51.39 -46.88
N ASN P 417 4.04 50.79 -47.33
CA ASN P 417 5.31 50.79 -46.59
C ASN P 417 6.49 51.48 -47.29
N VAL P 418 6.36 51.91 -48.55
CA VAL P 418 7.40 52.71 -49.24
C VAL P 418 6.84 54.00 -49.81
N ILE P 419 5.67 53.94 -50.46
CA ILE P 419 4.98 55.13 -50.96
C ILE P 419 4.28 55.91 -49.83
N GLY P 420 3.88 55.23 -48.75
CA GLY P 420 3.39 55.86 -47.53
C GLY P 420 1.89 56.17 -47.52
N ARG P 421 1.06 55.30 -48.08
CA ARG P 421 -0.42 55.39 -48.03
C ARG P 421 -0.99 54.23 -47.17
N PRO P 422 -1.07 54.33 -45.83
CA PRO P 422 -1.38 53.17 -44.99
C PRO P 422 -2.82 52.65 -45.11
N ASN P 423 -3.71 53.48 -45.64
CA ASN P 423 -5.08 53.14 -46.00
C ASN P 423 -5.21 52.48 -47.38
N SER P 424 -4.16 52.39 -48.19
CA SER P 424 -4.26 51.74 -49.51
C SER P 424 -4.60 50.25 -49.40
N SER P 425 -5.38 49.75 -50.35
CA SER P 425 -6.21 48.57 -50.12
C SER P 425 -6.33 47.68 -51.35
N SER P 426 -6.55 46.40 -51.09
CA SER P 426 -7.02 45.45 -52.09
C SER P 426 -8.49 45.75 -52.40
N THR P 427 -8.76 46.29 -53.58
CA THR P 427 -10.10 46.49 -54.13
C THR P 427 -10.83 45.16 -54.36
N GLU P 428 -10.05 44.07 -54.45
CA GLU P 428 -10.48 42.68 -54.36
C GLU P 428 -11.17 42.33 -53.03
N PHE P 429 -10.97 43.11 -51.97
CA PHE P 429 -11.51 42.87 -50.63
C PHE P 429 -12.37 44.06 -50.16
N LEU P 430 -11.77 45.23 -49.98
CA LEU P 430 -12.35 46.40 -49.30
C LEU P 430 -13.11 47.31 -50.26
N ASP P 431 -14.07 46.76 -50.99
CA ASP P 431 -14.68 47.37 -52.18
C ASP P 431 -15.67 48.50 -51.88
N GLU P 432 -16.77 48.21 -51.17
CA GLU P 432 -17.87 49.18 -50.94
C GLU P 432 -17.52 50.32 -49.95
N THR P 433 -16.27 50.39 -49.50
CA THR P 433 -15.72 51.60 -48.85
C THR P 433 -15.55 52.75 -49.86
N LEU P 434 -15.32 52.44 -51.14
CA LEU P 434 -15.14 53.41 -52.24
C LEU P 434 -13.95 54.39 -52.06
N LEU P 435 -12.91 53.99 -51.34
CA LEU P 435 -11.72 54.82 -51.08
C LEU P 435 -10.91 55.15 -52.36
N ALA P 436 -10.19 56.27 -52.38
CA ALA P 436 -9.34 56.68 -53.49
C ALA P 436 -8.02 55.89 -53.69
N PRO P 437 -7.30 55.41 -52.65
CA PRO P 437 -6.05 54.65 -52.83
C PRO P 437 -6.29 53.16 -53.12
N GLU P 438 -6.87 52.87 -54.28
CA GLU P 438 -7.16 51.51 -54.76
C GLU P 438 -5.94 50.92 -55.48
N ASP P 439 -5.29 49.91 -54.91
CA ASP P 439 -4.14 49.28 -55.56
C ASP P 439 -4.53 48.33 -56.70
N GLN P 440 -5.80 48.01 -56.86
CA GLN P 440 -6.31 47.07 -57.86
C GLN P 440 -7.60 47.61 -58.49
N VAL P 441 -8.01 47.04 -59.62
CA VAL P 441 -9.38 47.19 -60.15
C VAL P 441 -9.87 45.89 -60.78
N VAL P 442 -11.18 45.61 -60.74
CA VAL P 442 -11.79 44.58 -61.60
C VAL P 442 -11.66 44.99 -63.06
N ILE P 443 -11.19 44.09 -63.93
CA ILE P 443 -11.14 44.33 -65.38
C ILE P 443 -11.81 43.19 -66.15
N THR P 444 -14.72 40.63 -66.54
CA THR P 444 -15.25 39.73 -65.51
C THR P 444 -14.39 38.47 -65.32
N MET P 445 -13.51 38.15 -66.28
CA MET P 445 -12.44 37.13 -66.21
C MET P 445 -11.42 37.31 -67.34
N ARG P 446 -10.25 36.64 -67.20
CA ARG P 446 -9.15 36.58 -68.17
C ARG P 446 -8.34 35.32 -67.90
N LEU P 447 -8.35 34.38 -68.85
CA LEU P 447 -7.85 33.02 -68.67
C LEU P 447 -7.02 32.54 -69.87
N GLY P 448 -6.20 31.52 -69.64
CA GLY P 448 -5.47 30.81 -70.71
C GLY P 448 -4.08 31.36 -71.01
N LEU P 449 -3.42 30.83 -72.03
CA LEU P 449 -2.10 31.32 -72.45
C LEU P 449 -2.21 32.67 -73.14
N ARG P 450 -1.51 33.69 -72.64
CA ARG P 450 -1.55 35.07 -73.17
C ARG P 450 -0.13 35.62 -73.42
N PRO P 451 0.03 36.64 -74.29
CA PRO P 451 1.32 37.22 -74.61
C PRO P 451 1.71 38.35 -73.66
N THR P 452 2.85 38.24 -72.99
CA THR P 452 3.44 39.30 -72.16
C THR P 452 4.63 39.90 -72.90
N ILE P 453 4.64 41.22 -73.10
CA ILE P 453 5.71 41.95 -73.80
C ILE P 453 6.56 42.70 -72.78
N PHE P 454 7.89 42.62 -72.85
CA PHE P 454 8.75 43.40 -71.96
C PHE P 454 8.77 44.91 -72.31
N GLN P 455 8.62 45.79 -71.32
CA GLN P 455 8.72 47.25 -71.42
C GLN P 455 10.16 47.67 -71.82
N PRO P 456 10.42 48.82 -72.49
CA PRO P 456 11.64 48.99 -73.27
C PRO P 456 12.96 48.98 -72.52
N ASN P 457 13.04 49.64 -71.36
CA ASN P 457 14.30 49.82 -70.62
C ASN P 457 14.79 48.56 -69.88
N SER P 458 14.06 47.44 -69.99
CA SER P 458 14.09 46.28 -69.09
C SER P 458 15.38 45.49 -69.03
N GLU P 459 16.40 45.84 -69.80
CA GLU P 459 17.62 45.06 -70.02
C GLU P 459 18.28 44.55 -68.74
N TRP P 460 18.31 45.36 -67.68
CA TRP P 460 18.96 45.06 -66.40
C TRP P 460 18.21 44.04 -65.53
N SER P 461 16.95 43.74 -65.83
CA SER P 461 16.05 42.98 -64.95
C SER P 461 16.44 41.51 -64.93
N ASN P 462 16.73 40.95 -63.76
CA ASN P 462 17.07 39.54 -63.60
C ASN P 462 15.98 38.64 -64.19
N ILE P 463 14.71 39.01 -64.06
CA ILE P 463 13.62 38.23 -64.65
C ILE P 463 13.74 38.19 -66.17
N ARG P 464 14.16 39.27 -66.82
CA ARG P 464 14.38 39.29 -68.27
C ARG P 464 15.61 38.48 -68.67
N LYS P 465 16.67 38.44 -67.85
CA LYS P 465 17.79 37.50 -68.04
C LYS P 465 17.35 36.04 -67.94
N LEU P 466 16.44 35.72 -67.02
CA LEU P 466 15.93 34.35 -66.85
C LEU P 466 15.05 33.89 -68.02
N TYR P 467 14.25 34.78 -68.61
CA TYR P 467 13.54 34.53 -69.86
C TYR P 467 14.42 34.60 -71.13
N GLY P 468 15.76 34.53 -71.00
CA GLY P 468 16.68 34.52 -72.15
C GLY P 468 16.77 35.85 -72.90
N GLU P 469 16.31 36.95 -72.30
CA GLU P 469 16.17 38.29 -72.87
C GLU P 469 15.25 38.43 -74.09
N VAL P 470 14.52 37.37 -74.47
CA VAL P 470 13.48 37.34 -75.52
C VAL P 470 12.40 38.39 -75.25
N ASN P 471 11.93 39.13 -76.26
CA ASN P 471 11.06 40.30 -76.07
C ASN P 471 9.63 39.99 -75.61
N GLU P 472 9.13 38.78 -75.87
CA GLU P 472 7.80 38.34 -75.49
C GLU P 472 7.82 36.96 -74.82
N VAL P 473 6.94 36.80 -73.84
CA VAL P 473 6.80 35.62 -72.98
C VAL P 473 5.37 35.10 -73.09
N HIS P 474 5.20 33.80 -73.34
CA HIS P 474 3.87 33.17 -73.42
C HIS P 474 3.64 32.26 -72.22
N GLU P 475 2.70 32.61 -71.35
CA GLU P 475 2.46 31.98 -70.04
C GLU P 475 0.96 32.00 -69.72
N ARG P 476 0.49 31.18 -68.76
CA ARG P 476 -0.94 30.98 -68.51
C ARG P 476 -1.47 31.89 -67.40
N HIS P 477 -2.63 32.50 -67.60
CA HIS P 477 -3.21 33.52 -66.72
C HIS P 477 -4.48 33.07 -66.02
N ARG P 478 -4.72 33.63 -64.84
CA ARG P 478 -6.03 33.75 -64.18
C ARG P 478 -6.01 35.01 -63.33
N HIS P 479 -6.89 35.97 -63.59
CA HIS P 479 -7.15 37.08 -62.67
C HIS P 479 -8.40 37.88 -63.01
N ARG P 480 -9.32 38.08 -62.07
CA ARG P 480 -10.37 39.09 -62.24
C ARG P 480 -9.86 40.51 -62.00
N TYR P 481 -9.09 40.69 -60.93
CA TYR P 481 -8.56 41.95 -60.42
C TYR P 481 -7.12 42.12 -60.88
N GLU P 482 -6.74 43.31 -61.34
CA GLU P 482 -5.37 43.61 -61.77
C GLU P 482 -4.89 44.92 -61.13
N ILE P 483 -3.58 45.18 -61.11
CA ILE P 483 -3.07 46.43 -60.52
C ILE P 483 -3.73 47.64 -61.17
N ASN P 484 -4.20 48.59 -60.35
CA ASN P 484 -4.73 49.85 -60.83
C ASN P 484 -3.65 50.60 -61.62
N PRO P 485 -3.78 50.76 -62.95
CA PRO P 485 -2.69 51.29 -63.76
C PRO P 485 -2.39 52.75 -63.48
N LYS P 486 -3.23 53.48 -62.72
CA LYS P 486 -2.99 54.88 -62.33
C LYS P 486 -2.00 55.08 -61.17
N ILE P 487 -1.53 54.01 -60.52
CA ILE P 487 -0.42 54.04 -59.55
C ILE P 487 0.95 53.78 -60.19
N VAL P 488 1.02 53.13 -61.35
CA VAL P 488 2.23 52.65 -62.01
C VAL P 488 3.27 53.75 -62.21
N ASN P 489 2.89 54.97 -62.61
CA ASN P 489 3.86 56.05 -62.81
C ASN P 489 4.56 56.47 -61.50
N ASP P 490 3.96 56.23 -60.35
CA ASP P 490 4.57 56.45 -59.05
C ASP P 490 5.57 55.32 -58.73
N MET P 491 5.12 54.07 -58.83
CA MET P 491 5.98 52.91 -58.62
C MET P 491 7.19 52.87 -59.57
N GLU P 492 6.99 53.17 -60.85
CA GLU P 492 8.05 53.35 -61.82
C GLU P 492 9.05 54.43 -61.41
N SER P 493 8.65 55.45 -60.66
CA SER P 493 9.57 56.46 -60.16
C SER P 493 10.35 56.02 -58.91
N ARG P 494 9.72 55.19 -58.06
CA ARG P 494 10.27 54.73 -56.78
C ARG P 494 11.11 53.45 -56.85
N GLY P 495 11.42 52.96 -58.05
CA GLY P 495 12.27 51.78 -58.29
C GLY P 495 11.53 50.45 -58.39
N PHE P 496 10.20 50.43 -58.28
CA PHE P 496 9.33 49.27 -58.55
C PHE P 496 8.90 49.32 -60.03
N ILE P 497 9.71 48.70 -60.90
CA ILE P 497 9.64 48.91 -62.34
C ILE P 497 8.89 47.75 -62.99
N PHE P 498 7.87 48.06 -63.79
CA PHE P 498 7.04 47.05 -64.43
C PHE P 498 7.71 46.51 -65.68
N VAL P 499 8.57 45.51 -65.49
CA VAL P 499 9.36 44.86 -66.54
C VAL P 499 8.50 44.39 -67.72
N GLY P 500 7.26 43.95 -67.51
CA GLY P 500 6.42 43.35 -68.55
C GLY P 500 4.95 43.72 -68.44
N LYS P 501 4.30 43.86 -69.59
CA LYS P 501 2.92 44.34 -69.75
C LYS P 501 2.18 43.57 -70.86
N ASP P 502 0.86 43.66 -70.83
CA ASP P 502 0.01 43.19 -71.93
C ASP P 502 0.27 43.98 -73.23
N GLU P 503 0.03 43.38 -74.39
CA GLU P 503 0.22 43.99 -75.71
C GLU P 503 -0.48 45.36 -75.93
N THR P 504 -1.55 45.70 -75.20
CA THR P 504 -2.18 47.04 -75.25
C THR P 504 -1.42 48.10 -74.44
N GLY P 505 -0.47 47.68 -73.60
CA GLY P 505 0.28 48.51 -72.64
C GLY P 505 -0.47 48.84 -71.34
N GLN P 506 -1.79 48.65 -71.31
CA GLN P 506 -2.64 49.17 -70.23
C GLN P 506 -2.68 48.28 -68.98
N ARG P 507 -2.20 47.04 -69.06
CA ARG P 507 -2.25 46.03 -68.01
C ARG P 507 -0.85 45.59 -67.62
N CYS P 508 -0.57 45.50 -66.34
CA CYS P 508 0.75 45.22 -65.79
C CYS P 508 0.90 43.77 -65.32
N GLU P 509 1.96 43.10 -65.75
CA GLU P 509 2.03 41.64 -65.72
C GLU P 509 3.29 41.10 -65.04
N ILE P 510 4.41 41.84 -65.07
CA ILE P 510 5.61 41.52 -64.32
C ILE P 510 6.16 42.80 -63.70
N PHE P 511 6.68 42.74 -62.48
CA PHE P 511 7.59 43.76 -61.96
C PHE P 511 8.83 43.12 -61.35
N GLU P 512 9.93 43.89 -61.30
CA GLU P 512 11.12 43.57 -60.53
C GLU P 512 11.53 44.84 -59.78
N LEU P 513 11.83 44.71 -58.49
CA LEU P 513 12.27 45.84 -57.67
C LEU P 513 13.77 46.09 -57.89
N LYS P 514 14.15 47.33 -58.25
CA LYS P 514 15.56 47.74 -58.39
C LYS P 514 16.33 47.59 -57.08
N GLY P 515 17.57 47.15 -57.14
CA GLY P 515 18.47 47.15 -55.99
C GLY P 515 18.15 46.11 -54.89
N HIS P 516 17.60 44.95 -55.27
CA HIS P 516 17.41 43.79 -54.40
C HIS P 516 17.92 42.53 -55.10
N PRO P 517 18.54 41.53 -54.42
CA PRO P 517 19.10 40.34 -55.04
C PRO P 517 18.16 39.57 -55.99
N TYR P 518 16.88 39.43 -55.64
CA TYR P 518 15.83 38.86 -56.49
C TYR P 518 14.44 39.09 -55.86
N TYR P 519 13.67 40.03 -56.37
CA TYR P 519 12.33 40.35 -55.84
C TYR P 519 11.40 40.65 -57.00
N VAL P 520 10.52 39.69 -57.31
CA VAL P 520 9.74 39.63 -58.55
C VAL P 520 8.26 39.48 -58.25
N GLY P 521 7.37 40.20 -58.93
CA GLY P 521 5.97 39.78 -59.05
C GLY P 521 5.64 39.34 -60.48
N THR P 522 4.92 38.25 -60.65
CA THR P 522 4.33 37.81 -61.94
C THR P 522 2.84 37.65 -61.77
N GLN P 523 2.01 38.35 -62.54
CA GLN P 523 0.55 38.27 -62.38
C GLN P 523 -0.10 37.13 -63.17
N TYR P 524 0.57 36.62 -64.19
CA TYR P 524 0.30 35.27 -64.66
C TYR P 524 0.76 34.23 -63.64
N HIS P 525 0.38 32.98 -63.85
CA HIS P 525 0.77 31.84 -63.05
C HIS P 525 1.97 31.15 -63.70
N PRO P 526 3.20 31.28 -63.19
CA PRO P 526 4.31 30.57 -63.80
C PRO P 526 4.34 29.09 -63.47
N GLU P 527 3.52 28.58 -62.55
CA GLU P 527 3.60 27.18 -62.13
C GLU P 527 3.33 26.23 -63.27
N TYR P 528 2.25 26.46 -64.02
CA TYR P 528 1.61 25.46 -64.87
C TYR P 528 2.45 25.05 -66.09
N THR P 529 3.30 25.95 -66.57
CA THR P 529 4.14 25.77 -67.75
C THR P 529 5.48 25.08 -67.48
N SER P 530 5.86 24.89 -66.22
CA SER P 530 7.08 24.16 -65.86
C SER P 530 7.01 22.71 -66.33
N LYS P 531 8.09 22.19 -66.93
CA LYS P 531 8.26 20.76 -67.27
C LYS P 531 9.41 20.19 -66.45
N VAL P 532 9.44 18.87 -66.23
CA VAL P 532 10.48 18.22 -65.40
C VAL P 532 11.92 18.44 -65.90
N LEU P 533 12.11 18.85 -67.13
CA LEU P 533 13.41 19.16 -67.73
C LEU P 533 13.53 20.63 -68.18
N GLU P 534 12.57 21.48 -67.80
CA GLU P 534 12.48 22.89 -68.20
C GLU P 534 11.68 23.63 -67.11
N PRO P 535 12.31 23.95 -65.97
CA PRO P 535 11.63 24.59 -64.85
C PRO P 535 11.23 26.01 -65.21
N SER P 536 10.11 26.46 -64.66
CA SER P 536 9.52 27.75 -65.04
C SER P 536 10.46 28.88 -64.65
N ARG P 537 10.79 29.79 -65.56
CA ARG P 537 11.90 30.74 -65.35
C ARG P 537 11.81 31.57 -64.06
N PRO P 538 10.67 32.08 -63.60
CA PRO P 538 10.60 32.81 -62.33
C PRO P 538 10.90 31.90 -61.13
N PHE P 539 10.46 30.65 -61.18
CA PHE P 539 10.70 29.66 -60.12
C PHE P 539 12.15 29.15 -60.12
N TRP P 540 12.76 29.02 -61.30
CA TRP P 540 14.19 28.75 -61.41
C TRP P 540 14.98 29.92 -60.85
N GLY P 541 14.55 31.15 -61.11
CA GLY P 541 15.10 32.36 -60.48
C GLY P 541 15.04 32.31 -58.96
N LEU P 542 13.88 32.03 -58.36
CA LEU P 542 13.74 31.97 -56.91
C LEU P 542 14.65 30.91 -56.27
N VAL P 543 14.59 29.67 -56.73
CA VAL P 543 15.39 28.61 -56.14
C VAL P 543 16.87 28.77 -56.42
N ALA P 544 17.25 29.44 -57.50
CA ALA P 544 18.64 29.82 -57.72
C ALA P 544 19.07 30.91 -56.74
N ALA P 545 18.36 32.04 -56.62
CA ALA P 545 18.70 33.11 -55.69
C ALA P 545 18.84 32.61 -54.25
N ALA P 546 17.89 31.79 -53.81
CA ALA P 546 17.93 31.18 -52.48
C ALA P 546 19.09 30.18 -52.29
N SER P 547 19.53 29.49 -53.34
CA SER P 547 20.71 28.60 -53.30
C SER P 547 22.05 29.35 -53.34
N GLY P 548 22.03 30.64 -53.66
CA GLY P 548 23.17 31.32 -54.26
C GLY P 548 23.42 30.84 -55.70
N THR P 549 24.36 31.47 -56.37
CA THR P 549 24.72 31.17 -57.77
C THR P 549 23.60 31.49 -58.80
N LEU P 550 22.82 32.55 -58.54
CA LEU P 550 21.87 33.10 -59.50
C LEU P 550 22.56 33.53 -60.82
N GLY P 551 23.75 34.10 -60.73
CA GLY P 551 24.58 34.41 -61.88
C GLY P 551 24.95 33.18 -62.71
N GLU P 552 25.37 32.08 -62.09
CA GLU P 552 25.73 30.84 -62.80
C GLU P 552 24.55 30.18 -63.52
N VAL P 553 23.34 30.27 -62.95
CA VAL P 553 22.10 29.88 -63.65
C VAL P 553 21.86 30.78 -64.85
N ILE P 554 22.04 32.09 -64.74
CA ILE P 554 21.90 33.00 -65.88
C ILE P 554 22.88 32.66 -67.02
N LYS P 555 24.08 32.12 -66.78
CA LYS P 555 24.92 31.56 -67.85
C LYS P 555 24.34 30.25 -68.41
N ASP P 556 23.89 29.34 -67.57
CA ASP P 556 23.35 28.06 -68.06
C ASP P 556 22.15 28.27 -69.01
N ILE P 557 21.33 29.29 -68.75
CA ILE P 557 20.24 29.71 -69.65
C ILE P 557 20.78 30.30 -70.96
N ASN P 558 21.62 31.33 -70.88
CA ASN P 558 21.93 32.16 -72.04
C ASN P 558 23.02 31.59 -72.96
N LEU P 559 23.83 30.62 -72.51
CA LEU P 559 24.75 29.88 -73.37
C LEU P 559 24.00 28.91 -74.29
N1 CTP Q . -90.88 -24.54 -5.69
C2 CTP Q . -92.13 -25.15 -5.53
N3 CTP Q . -92.42 -25.73 -4.35
C4 CTP Q . -91.52 -25.78 -3.36
C5 CTP Q . -90.25 -25.20 -3.51
C6 CTP Q . -89.96 -24.59 -4.67
O2 CTP Q . -92.94 -25.11 -6.46
N4 CTP Q . -91.89 -26.38 -2.23
C1' CTP Q . -90.57 -23.89 -7.00
C2' CTP Q . -91.35 -22.57 -7.21
O2' CTP Q . -92.51 -22.75 -8.00
C3' CTP Q . -90.35 -21.66 -7.98
C4' CTP Q . -88.98 -22.32 -7.65
O4' CTP Q . -89.19 -23.61 -7.02
O3' CTP Q . -90.48 -21.79 -9.39
C5' CTP Q . -87.62 -21.67 -7.59
O5' CTP Q . -86.64 -22.69 -7.25
PA CTP Q . -86.34 -23.04 -5.71
O1A CTP Q . -87.08 -22.09 -4.83
O2A CTP Q . -86.51 -24.50 -5.48
O3A CTP Q . -84.78 -22.66 -5.69
PB CTP Q . -83.96 -21.76 -6.71
O1B CTP Q . -84.80 -20.64 -7.21
O2B CTP Q . -83.29 -22.68 -7.68
O3B CTP Q . -82.85 -21.09 -5.78
PG CTP Q . -81.75 -21.57 -4.73
O1G CTP Q . -80.70 -20.50 -4.78
O2G CTP Q . -82.30 -21.76 -3.34
O3G CTP Q . -81.30 -22.86 -5.30
H5 CTP Q . -89.62 -25.21 -2.79
H6 CTP Q . -89.12 -24.19 -4.79
H1' CTP Q . -90.77 -24.52 -7.73
H2' CTP Q . -91.58 -22.16 -6.34
HO2' CTP Q . -93.01 -23.37 -7.68
H3' CTP Q . -90.49 -20.67 -7.73
H4' CTP Q . -89.10 -21.89 -6.75
HO3' CTP Q . -91.28 -21.71 -9.67
N1 CTP R . -71.28 -15.14 -6.78
C2 CTP R . -70.20 -15.28 -5.91
N3 CTP R . -69.02 -15.72 -6.37
C4 CTP R . -68.88 -16.08 -7.65
C5 CTP R . -69.98 -15.98 -8.56
C6 CTP R . -71.15 -15.52 -8.08
O2 CTP R . -70.35 -14.96 -4.73
N4 CTP R . -67.70 -16.53 -8.02
C1' CTP R . -72.58 -14.67 -6.21
C2' CTP R . -73.34 -13.62 -7.05
O2' CTP R . -73.72 -12.52 -6.25
C3' CTP R . -74.54 -14.40 -7.60
C4' CTP R . -74.75 -15.47 -6.52
O4' CTP R . -73.41 -15.80 -6.09
O3' CTP R . -75.68 -13.54 -7.76
C5' CTP R . -75.38 -16.73 -7.01
O5' CTP R . -74.49 -17.29 -8.00
PA CTP R . -75.10 -17.29 -9.46
O1A CTP R . -75.92 -16.06 -9.62
O2A CTP R . -75.77 -18.59 -9.69
O3A CTP R . -73.83 -17.24 -10.45
PB CTP R . -73.32 -18.25 -11.58
O1B CTP R . -74.04 -18.14 -12.86
O2B CTP R . -71.84 -18.23 -11.61
O3B CTP R . -73.85 -19.67 -11.08
PG CTP R . -74.56 -20.69 -12.08
O1G CTP R . -75.92 -20.15 -12.39
O2G CTP R . -73.65 -20.71 -13.28
O3G CTP R . -74.60 -21.99 -11.36
H5 CTP R . -69.88 -16.22 -9.48
H6 CTP R . -71.89 -15.43 -8.65
H1' CTP R . -72.45 -14.31 -5.30
H2' CTP R . -72.80 -13.31 -7.79
HO2' CTP R . -74.25 -12.76 -5.62
H3' CTP R . -74.29 -14.80 -8.47
H4' CTP R . -75.27 -15.13 -5.76
HO3' CTP R . -76.40 -13.97 -7.91
MG MG S . -84.69 -20.62 -3.85
MG MG T . -65.78 -42.17 -12.82
N1 CTP U . -34.08 -34.53 16.73
C2 CTP U . -33.56 -34.85 17.98
N3 CTP U . -34.31 -35.57 18.84
C4 CTP U . -35.55 -35.96 18.52
C5 CTP U . -36.11 -35.63 17.26
C6 CTP U . -35.35 -34.94 16.39
O2 CTP U . -32.42 -34.48 18.27
N4 CTP U . -36.22 -36.66 19.41
C1' CTP U . -33.24 -33.74 15.79
C2' CTP U . -32.05 -34.54 15.20
O2' CTP U . -30.85 -34.29 15.91
C3' CTP U . -31.91 -34.01 13.76
C4' CTP U . -33.31 -33.40 13.49
O4' CTP U . -34.06 -33.31 14.73
O3' CTP U . -31.01 -32.92 13.66
C5' CTP U . -34.03 -33.23 12.18
O5' CTP U . -35.31 -32.59 12.43
PA CTP U . -36.60 -33.48 12.79
O1A CTP U . -37.19 -32.99 14.07
O2A CTP U . -36.25 -34.93 12.69
O3A CTP U . -37.53 -33.08 11.55
PB CTP U . -37.12 -32.41 10.17
O1B CTP U . -37.35 -30.95 10.28
O2B CTP U . -35.79 -32.93 9.72
O3B CTP U . -38.18 -33.03 9.15
PG CTP U . -39.77 -33.17 9.05
O1G CTP U . -40.24 -31.90 9.66
O2G CTP U . -40.30 -34.36 9.79
O3G CTP U . -40.03 -33.25 7.57
H5 CTP U . -36.98 -35.93 17.02
H6 CTP U . -35.69 -34.72 15.55
H1' CTP U . -32.91 -32.94 16.26
H2' CTP U . -32.26 -35.51 15.20
HO2' CTP U . -30.94 -34.43 16.75
H3' CTP U . -31.57 -34.76 13.12
H4' CTP U . -33.60 -34.34 13.40
HO3' CTP U . -30.26 -33.06 14.05
N1 CTP V . -43.16 -30.70 -2.68
C2 CTP V . -44.49 -30.87 -3.07
N3 CTP V . -45.19 -29.82 -3.53
C4 CTP V . -44.64 -28.61 -3.59
C5 CTP V . -43.30 -28.39 -3.17
C6 CTP V . -42.61 -29.45 -2.72
O2 CTP V . -44.99 -31.99 -3.00
N4 CTP V . -45.42 -27.63 -4.02
C1' CTP V . -42.43 -31.88 -2.14
C2' CTP V . -40.98 -32.07 -2.64
O2' CTP V . -40.77 -33.38 -3.10
C3' CTP V . -40.13 -31.73 -1.41
C4' CTP V . -41.07 -32.09 -0.26
O4' CTP V . -42.38 -31.74 -0.74
O3' CTP V . -38.92 -32.48 -1.40
C5' CTP V . -40.84 -31.34 1.02
O5' CTP V . -41.07 -29.93 0.71
PA CTP V . -39.76 -29.05 0.80
O1A CTP V . -39.67 -28.50 2.18
O2A CTP V . -38.61 -29.88 0.33
O3A CTP V . -40.01 -27.83 -0.19
PB CTP V . -40.07 -26.24 0.06
O1B CTP V . -41.06 -25.64 -0.88
O2B CTP V . -38.74 -25.60 0.17
O3B CTP V . -40.56 -26.12 1.56
PG CTP V . -39.87 -25.12 2.58
O1G CTP V . -39.77 -23.82 1.82
O2G CTP V . -40.80 -25.03 3.75
O3G CTP V . -38.54 -25.69 2.95
H5 CTP V . -42.91 -27.53 -3.21
H6 CTP V . -41.72 -29.35 -2.43
H1' CTP V . -42.93 -32.71 -2.32
H2' CTP V . -40.78 -31.43 -3.35
HO2' CTP V . -40.89 -33.96 -2.47
H3' CTP V . -39.93 -30.75 -1.42
H4' CTP V . -41.04 -33.06 -0.06
HO3' CTP V . -38.49 -32.43 -0.66
MG MG W . -37.90 -35.49 10.27
N1 CTP X . -59.64 -39.60 -8.95
C2 CTP X . -58.80 -38.68 -8.33
N3 CTP X . -59.26 -37.93 -7.31
C4 CTP X . -60.53 -38.05 -6.91
C5 CTP X . -61.42 -38.96 -7.53
C6 CTP X . -60.94 -39.71 -8.55
O2 CTP X . -57.64 -38.58 -8.71
N4 CTP X . -60.91 -37.25 -5.91
C1' CTP X . -59.09 -40.38 -10.10
C2' CTP X . -59.45 -41.88 -10.12
O2' CTP X . -58.28 -42.67 -10.31
C3' CTP X . -60.43 -42.01 -11.27
C4' CTP X . -60.02 -40.85 -12.18
O4' CTP X . -59.61 -39.81 -11.27
O3' CTP X . -60.34 -43.28 -11.91
C5' CTP X . -61.11 -40.29 -13.04
O5' CTP X . -62.12 -39.78 -12.15
PA CTP X . -63.49 -40.58 -12.22
O1A CTP X . -64.37 -39.92 -13.20
O2A CTP X . -63.16 -42.03 -12.44
O3A CTP X . -64.16 -40.38 -10.77
PB CTP X . -65.55 -39.74 -10.32
O1B CTP X . -65.38 -39.07 -9.00
O2B CTP X . -66.72 -40.62 -10.51
O3B CTP X . -65.84 -38.67 -11.46
PG CTP X . -67.28 -38.52 -12.12
O1G CTP X . -67.26 -37.22 -12.86
O2G CTP X . -68.23 -38.51 -10.94
O3G CTP X . -67.49 -39.70 -13.02
H5 CTP X . -62.31 -39.04 -7.24
H6 CTP X . -61.50 -40.32 -8.99
H1' CTP X . -58.12 -40.28 -10.13
H2' CTP X . -59.88 -42.15 -9.29
HO2' CTP X . -57.92 -42.50 -11.07
H3' CTP X . -61.36 -41.87 -10.92
H4' CTP X . -59.26 -41.10 -12.75
HO3' CTP X . -60.76 -43.33 -12.65
MG MG Y . -53.93 -10.26 13.65
MG MG Z . -76.68 -17.28 -11.85
N1 CTP AA . -65.58 -40.67 -29.86
C2 CTP AA . -65.88 -40.71 -31.22
N3 CTP AA . -65.16 -39.95 -32.07
C4 CTP AA . -64.20 -39.14 -31.61
C5 CTP AA . -63.89 -39.08 -30.24
C6 CTP AA . -64.58 -39.85 -29.40
O2 CTP AA . -66.79 -41.45 -31.62
N4 CTP AA . -63.54 -38.43 -32.51
C1' CTP AA . -66.39 -41.53 -28.93
C2' CTP AA . -66.07 -43.04 -29.07
O2' CTP AA . -67.00 -43.71 -29.90
C3' CTP AA . -66.19 -43.58 -27.63
C4' CTP AA . -66.02 -42.30 -26.77
O4' CTP AA . -66.11 -41.13 -27.61
O3' CTP AA . -67.50 -44.06 -27.32
C5' CTP AA . -65.49 -42.16 -25.36
O5' CTP AA . -65.55 -40.77 -24.97
PA CTP AA . -64.32 -39.80 -25.33
O1A CTP AA . -64.81 -38.61 -26.08
O2A CTP AA . -63.20 -40.59 -25.92
O3A CTP AA . -63.92 -39.38 -23.84
PB CTP AA . -64.30 -40.09 -22.46
O1B CTP AA . -65.47 -39.38 -21.89
O2B CTP AA . -64.32 -41.56 -22.63
O3B CTP AA . -63.02 -39.79 -21.55
PG CTP AA . -62.18 -38.51 -21.10
O1G CTP AA . -63.21 -37.46 -20.98
O2G CTP AA . -61.12 -38.11 -22.09
O3G CTP AA . -61.59 -38.92 -19.77
H5 CTP AA . -63.19 -38.52 -29.92
H6 CTP AA . -64.39 -39.83 -28.47
H1' CTP AA . -67.34 -41.37 -29.11
H2' CTP AA . -65.15 -43.17 -29.40
HO2' CTP AA . -67.07 -43.33 -30.67
H3' CTP AA . -65.54 -44.37 -27.46
H4' CTP AA . -65.06 -42.38 -27.01
HO3' CTP AA . -67.82 -44.58 -27.92
MG MG BA . -61.35 -40.34 -23.60
MG MG CA . -37.21 -27.84 1.31
N1 CTP DA . -43.05 2.16 9.21
C2 CTP DA . -42.02 3.10 9.16
N3 CTP DA . -41.69 3.66 7.98
C4 CTP DA . -42.31 3.29 6.85
C5 CTP DA . -43.34 2.32 6.87
C6 CTP DA . -43.69 1.78 8.05
O2 CTP DA . -41.44 3.42 10.21
N4 CTP DA . -41.93 3.88 5.72
C1' CTP DA . -43.40 1.56 10.53
C2' CTP DA . -44.13 2.54 11.47
O2' CTP DA . -43.25 3.15 12.40
C3' CTP DA . -45.14 1.66 12.23
C4' CTP DA . -45.28 0.43 11.30
O4' CTP DA . -44.24 0.45 10.29
O3' CTP DA . -44.62 1.14 13.44
C5' CTP DA . -46.45 -0.51 11.14
O5' CTP DA . -46.09 -1.53 10.16
PA CTP DA . -46.34 -1.26 8.60
O1A CTP DA . -47.05 0.03 8.42
O2A CTP DA . -45.07 -1.48 7.85
O3A CTP DA . -47.36 -2.45 8.31
PB CTP DA . -48.22 -3.31 9.34
O1B CTP DA . -48.68 -2.44 10.46
O2B CTP DA . -47.48 -4.57 9.62
O3B CTP DA . -49.55 -3.65 8.50
PG CTP DA . -49.89 -4.31 7.08
O1G CTP DA . -49.85 -3.32 5.95
O2G CTP DA . -48.83 -5.33 6.93
O3G CTP DA . -51.26 -4.89 7.29
H5 CTP DA . -43.79 2.07 6.07
H6 CTP DA . -44.37 1.15 8.09
H1' CTP DA . -42.58 1.22 10.96
H2' CTP DA . -44.62 3.23 10.94
HO2' CTP DA . -42.58 3.52 12.01
H3' CTP DA . -46.00 2.20 12.46
H4' CTP DA . -45.82 1.03 10.73
HO3' CTP DA . -44.24 1.74 13.93
N1 CTP EA . -59.50 -12.08 8.64
C2 CTP EA . -60.08 -12.69 7.52
N3 CTP EA . -60.10 -14.03 7.42
C4 CTP EA . -59.52 -14.78 8.35
C5 CTP EA . -58.89 -14.20 9.49
C6 CTP EA . -58.89 -12.85 9.58
O2 CTP EA . -60.60 -11.98 6.67
N4 CTP EA . -59.55 -16.10 8.17
C1' CTP EA . -59.48 -10.59 8.68
C2' CTP EA . -59.81 -9.96 10.06
O2' CTP EA . -60.80 -8.95 9.91
C3' CTP EA . -58.48 -9.40 10.55
C4' CTP EA . -57.75 -9.12 9.22
O4' CTP EA . -58.18 -10.18 8.34
O3' CTP EA . -58.66 -8.24 11.34
C5' CTP EA . -56.25 -9.17 9.30
O5' CTP EA . -55.91 -10.53 9.69
PA CTP EA . -55.25 -10.62 11.14
O1A CTP EA . -55.91 -9.59 12.00
O2A CTP EA . -53.78 -10.54 10.98
O3A CTP EA . -55.59 -12.09 11.67
PB CTP EA . -54.66 -13.31 12.10
O1B CTP EA . -54.10 -13.18 13.46
O2B CTP EA . -55.33 -14.59 11.72
O3B CTP EA . -53.34 -13.09 11.23
PG CTP EA . -51.89 -13.23 11.88
O1G CTP EA . -51.66 -12.03 12.74
O2G CTP EA . -51.96 -14.52 12.67
O3G CTP EA . -50.94 -13.30 10.73
H5 CTP EA . -58.49 -14.74 10.15
H6 CTP EA . -58.48 -12.43 10.31
H1' CTP EA . -60.08 -10.22 8.01
H2' CTP EA . -60.12 -10.63 10.68
HO2' CTP EA . -60.52 -8.32 9.42
H3' CTP EA . -58.00 -10.11 11.07
H4' CTP EA . -58.02 -8.25 8.84
HO3' CTP EA . -57.93 -7.82 11.50
MG MG FA . -49.64 -1.13 7.52
N1 CTP GA . 79.51 50.42 5.57
C2 CTP GA . 80.81 50.93 5.41
N3 CTP GA . 81.45 50.74 4.24
C4 CTP GA . 80.88 50.05 3.26
C5 CTP GA . 79.58 49.49 3.40
C6 CTP GA . 78.93 49.71 4.55
O2 CTP GA . 81.32 51.57 6.34
N4 CTP GA . 81.56 49.89 2.13
C1' CTP GA . 78.83 50.64 6.88
C2' CTP GA . 78.37 52.12 7.09
O2' CTP GA . 79.29 52.85 7.87
C3' CTP GA . 77.03 52.00 7.84
C4' CTP GA . 76.59 50.55 7.52
O4' CTP GA . 77.68 49.81 6.91
O3' CTP GA . 77.20 52.02 9.26
C5' CTP GA . 75.20 49.98 7.46
O5' CTP GA . 75.28 48.56 7.14
PA CTP GA . 75.33 48.09 5.61
O1A CTP GA . 75.15 49.27 4.72
O2A CTP GA . 76.53 47.23 5.38
O3A CTP GA . 74.01 47.20 5.58
PB CTP GA . 72.78 47.21 6.60
O1B CTP GA . 72.53 48.59 7.08
O2B CTP GA . 73.00 46.10 7.58
O3B CTP GA . 71.53 46.84 5.66
PG CTP GA . 71.16 45.69 4.62
O1G CTP GA . 69.66 45.65 4.67
O2G CTP GA . 71.67 45.97 3.24
O3G CTP GA . 71.80 44.49 5.21
H5 CTP GA . 79.16 49.02 2.69
H6 CTP GA . 78.07 49.37 4.67
H1' CTP GA . 79.42 50.36 7.61
H2' CTP GA . 78.24 52.56 6.20
HO2' CTP GA . 80.08 52.81 7.55
H3' CTP GA . 76.39 52.77 7.60
H4' CTP GA . 76.36 50.91 6.62
HO3' CTP GA . 77.69 52.66 9.53
N1 CTP HA . 59.34 42.35 6.66
C2 CTP HA . 58.71 41.45 5.80
N3 CTP HA . 58.24 40.27 6.27
C4 CTP HA . 58.41 39.95 7.55
C5 CTP HA . 59.06 40.83 8.45
C6 CTP HA . 59.51 42.01 7.97
O2 CTP HA . 58.58 41.76 4.62
N4 CTP HA . 57.94 38.77 7.93
C1' CTP HA . 59.87 43.62 6.09
C2' CTP HA . 59.61 44.89 6.91
O2' CTP HA . 59.06 45.91 6.10
C3' CTP HA . 60.99 45.25 7.46
C4' CTP HA . 61.92 44.67 6.40
O4' CTP HA . 61.26 43.46 5.96
O3' CTP HA . 61.13 46.67 7.62
C5' CTP HA . 63.28 44.28 6.89
O5' CTP HA . 63.09 43.26 7.88
PA CTP HA . 63.50 43.72 9.35
O1A CTP HA . 63.14 45.17 9.49
O2A CTP HA . 64.91 43.34 9.57
O3A CTP HA . 62.60 42.82 10.33
PB CTP HA . 62.99 41.78 11.48
O1B CTP HA . 63.40 42.40 12.75
O2B CTP HA . 61.98 40.70 11.51
O3B CTP HA . 64.39 41.21 10.99
PG CTP HA . 65.62 41.04 12.00
O1G CTP HA . 66.15 42.41 12.30
O2G CTP HA . 65.02 40.37 13.20
O3G CTP HA . 66.61 40.19 11.28
H5 CTP HA . 59.17 40.60 9.36
H6 CTP HA . 59.97 42.61 8.54
H1' CTP HA . 59.52 43.75 5.18
H2' CTP HA . 59.01 44.70 7.65
HO2' CTP HA . 59.59 46.13 5.48
H3' CTP HA . 61.12 44.80 8.34
H4' CTP HA . 62.02 45.28 5.63
HO3' CTP HA . 61.93 46.91 7.77
MG MG IA . 72.44 48.51 3.73
MG MG JA . 75.53 20.06 12.91
N1 CTP KA . 48.56 1.66 -16.58
C2 CTP KA . 48.44 1.05 -17.85
N3 CTP KA . 49.48 1.11 -18.70
C4 CTP KA . 50.60 1.76 -18.38
C5 CTP KA . 50.74 2.40 -17.12
C6 CTP KA . 49.71 2.32 -16.26
O2 CTP KA . 47.39 0.46 -18.13
N4 CTP KA . 51.58 1.78 -19.27
C1' CTP KA . 47.39 1.59 -15.65
C2' CTP KA . 47.18 0.17 -15.05
O2' CTP KA . 46.18 -0.56 -15.77
C3' CTP KA . 46.69 0.43 -13.61
C4' CTP KA . 47.18 1.87 -13.36
O4' CTP KA . 47.63 2.48 -14.59
O3' CTP KA . 45.28 0.51 -13.52
C5' CTP KA . 47.54 2.53 -12.04
O5' CTP KA . 47.93 3.91 -12.31
PA CTP KA . 49.46 4.25 -12.67
O1A CTP KA . 49.51 5.01 -13.95
O2A CTP KA . 50.30 3.01 -12.56
O3A CTP KA . 49.80 5.21 -11.44
PB CTP KA . 49.02 5.38 -10.05
O1B CTP KA . 48.09 6.53 -10.18
O2B CTP KA . 48.50 4.05 -9.60
O3B CTP KA . 50.20 5.74 -9.03
PG CTP KA . 51.37 6.83 -8.94
O1G CTP KA . 50.75 8.02 -9.56
O2G CTP KA . 52.61 6.41 -9.68
O3G CTP KA . 51.60 6.97 -7.46
H5 CTP KA . 51.53 2.84 -16.88
H6 CTP KA . 49.78 2.73 -15.42
H1' CTP KA . 46.58 1.87 -16.13
H2' CTP KA . 48.04 -0.33 -15.05
HO2' CTP KA . 46.35 -0.59 -16.61
H3' CTP KA . 47.01 -0.32 -12.97
H4' CTP KA . 48.09 1.45 -13.27
HO3' CTP KA . 44.87 -0.14 -13.91
N1 CTP LA . 51.81 11.07 2.76
C2 CTP LA . 52.83 11.95 3.15
N3 CTP LA . 52.54 13.17 3.60
C4 CTP LA . 51.27 13.59 3.65
C5 CTP LA . 50.20 12.74 3.24
C6 CTP LA . 50.51 11.50 2.79
O2 CTP LA . 54.00 11.54 3.08
N4 CTP LA . 51.07 14.82 4.07
C1' CTP LA . 52.20 9.73 2.23
C2' CTP LA . 51.35 8.55 2.73
O2' CTP LA . 52.17 7.50 3.21
C3' CTP LA . 50.52 8.14 1.51
C4' CTP LA . 51.42 8.58 0.35
O4' CTP LA . 52.05 9.79 0.83
O3' CTP LA . 50.24 6.74 1.52
C5' CTP LA . 50.72 8.91 -0.92
O5' CTP LA . 49.84 10.02 -0.63
PA CTP LA . 48.31 9.65 -0.72
O1A CTP LA . 47.84 9.97 -2.10
O2A CTP LA . 48.13 8.25 -0.24
O3A CTP LA . 47.56 10.68 0.26
PB CTP LA . 46.44 11.79 0.01
O1B CTP LA . 46.67 12.93 0.93
O2B CTP LA . 45.07 11.24 -0.11
O3B CTP LA . 46.70 12.22 -1.50
PG CTP LA . 45.49 12.38 -2.53
O1G CTP LA . 44.46 13.19 -1.77
O2G CTP LA . 46.06 13.12 -3.70
O3G CTP LA . 45.00 11.01 -2.89
H5 CTP LA . 49.30 13.04 3.27
H6 CTP LA . 49.83 10.92 2.51
H1' CTP LA . 53.13 9.55 2.41
H2' CTP LA . 50.74 8.83 3.43
HO2' CTP LA . 52.67 7.20 2.58
H3' CTP LA . 49.67 8.65 1.51
H4' CTP LA . 52.12 7.90 0.17
HO3' CTP LA . 49.94 6.45 0.78
MG MG MA . 51.82 3.87 -10.15
N1 CTP NA . 69.49 17.24 9.03
C2 CTP NA . 68.24 17.24 8.41
N3 CTP NA . 68.01 18.08 7.39
C4 CTP NA . 68.94 18.94 6.98
C5 CTP NA . 70.22 18.98 7.61
C6 CTP NA . 70.44 18.14 8.64
O2 CTP NA . 67.38 16.45 8.81
N4 CTP NA . 68.62 19.74 5.98
C1' CTP NA . 69.70 16.32 10.19
C2' CTP NA . 71.04 15.56 10.22
O2' CTP NA . 70.83 14.18 10.43
C3' CTP NA . 71.79 16.21 11.38
C4' CTP NA . 70.65 16.71 12.28
O4' CTP NA . 69.62 17.10 11.36
O3' CTP NA . 72.67 15.29 12.02
C5' CTP NA . 70.98 17.89 13.13
O5' CTP NA . 71.29 18.98 12.23
PA CTP NA . 72.81 19.44 12.29
O1A CTP NA . 72.91 20.55 13.28
O2A CTP NA . 73.65 18.23 12.53
O3A CTP NA . 73.12 20.06 10.85
PB CTP NA . 73.58 21.52 10.38
O1B CTP NA . 72.98 21.83 9.07
O2B CTP NA . 75.03 21.78 10.58
O3B CTP NA . 72.98 22.46 11.51
PG CTP NA . 73.85 23.63 12.18
O1G CTP NA . 72.87 24.49 12.91
O2G CTP NA . 74.48 24.32 11.00
O3G CTP NA . 74.86 23.00 13.09
H5 CTP NA . 70.89 19.59 7.32
H6 CTP NA . 71.27 18.13 9.07
H1' CTP NA . 68.95 15.67 10.24
H2' CTP NA . 71.52 15.71 9.40
HO2' CTP NA . 70.45 14.03 11.18
H3' CTP NA . 72.33 16.99 11.02
H4' CTP NA . 70.32 15.98 12.86
HO3' CTP NA . 72.99 15.59 12.76
MG MG OA . 44.07 32.72 -13.73
MG MG PA . 64.55 44.91 11.72
N1 CTP QA . 74.24 21.04 29.93
C2 CTP QA . 74.46 21.25 31.29
N3 CTP QA . 73.41 21.25 32.14
C4 CTP QA . 72.17 21.07 31.69
C5 CTP QA . 71.92 20.88 30.30
C6 CTP QA . 72.96 20.87 29.47
O2 CTP QA . 75.62 21.42 31.70
N4 CTP QA . 71.19 21.08 32.57
C1' CTP QA . 75.42 21.05 29.01
C2' CTP QA . 76.32 19.80 29.16
O2' CTP QA . 77.44 20.04 29.99
C3' CTP QA . 76.80 19.51 27.72
C4' CTP QA . 75.74 20.25 26.86
O4' CTP QA . 74.93 21.11 27.69
O3' CTP QA . 78.03 20.16 27.41
C5' CTP QA . 75.30 19.94 25.45
O5' CTP QA . 74.30 20.92 25.06
PA CTP QA . 72.75 20.68 25.40
O1A CTP QA . 72.20 21.85 26.14
O2A CTP QA . 72.58 19.33 26.00
O3A CTP QA . 72.17 20.65 23.91
PB CTP QA . 72.95 20.44 22.53
O1B CTP QA . 73.24 21.79 21.96
O2B CTP QA . 74.06 19.46 22.72
O3B CTP QA . 71.88 19.70 21.62
PG CTP QA . 70.36 19.94 21.16
O1G CTP QA . 70.30 21.41 21.04
O2G CTP QA . 69.36 19.43 22.16
O3G CTP QA . 70.26 19.22 19.85
H5 CTP QA . 71.03 20.74 29.99
H6 CTP QA . 72.82 20.73 28.55
H1' CTP QA . 75.94 21.88 29.18
H2' CTP QA . 75.78 19.03 29.50
HO2' CTP QA . 77.20 20.34 30.76
H3' CTP QA . 76.94 18.49 27.57
H4' CTP QA . 75.15 19.49 27.10
HO3' CTP QA . 78.63 20.04 28.02
MG MG RA . 71.14 18.11 23.69
MG MG SA . 45.70 8.59 -1.23
N1 CTP TA . 27.55 33.11 -9.34
C2 CTP TA . 26.16 33.00 -9.31
N3 CTP TA . 25.52 33.14 -8.12
C4 CTP TA . 26.21 33.36 -7.00
C5 CTP TA . 27.62 33.45 -7.01
C6 CTP TA . 28.25 33.34 -8.19
O2 CTP TA . 25.54 32.78 -10.36
N4 CTP TA . 25.52 33.48 -5.88
C1' CTP TA . 28.24 32.96 -10.67
C2' CTP TA . 28.01 34.16 -11.62
O2' CTP TA . 26.96 33.91 -12.54
C3' CTP TA . 29.34 34.31 -12.38
C4' CTP TA . 30.34 33.57 -11.44
O4' CTP TA . 29.62 32.84 -10.42
O3' CTP TA . 29.38 33.55 -13.59
C5' CTP TA . 31.82 33.80 -11.28
O5' CTP TA . 32.33 32.86 -10.28
PA CTP TA . 32.29 33.23 -8.72
O1A CTP TA . 31.81 34.64 -8.56
O2A CTP TA . 31.59 32.16 -7.97
O3A CTP TA . 33.86 33.18 -8.42
PB CTP TA . 35.08 33.23 -9.46
O1B CTP TA . 34.75 34.14 -10.59
O2B CTP TA . 35.51 31.84 -9.73
O3B CTP TA . 36.23 33.98 -8.63
PG CTP TA . 36.93 33.80 -7.21
O1G CTP TA . 36.18 34.44 -6.08
O2G CTP TA . 36.98 32.32 -7.04
O3G CTP TA . 38.29 34.42 -7.41
H5 CTP TA . 28.10 33.63 -6.21
H6 CTP TA . 29.18 33.41 -8.23
H1' CTP TA . 27.93 32.12 -11.09
H2' CTP TA . 27.81 34.98 -11.09
HO2' CTP TA . 26.24 33.67 -12.16
H3' CTP TA . 29.53 35.30 -12.61
H4' CTP TA . 30.26 34.39 -10.87
HO3' CTP TA . 28.68 33.68 -14.08
N1 CTP UA . 49.16 35.62 -8.74
C2 CTP UA . 50.00 35.65 -7.62
N3 CTP UA . 51.00 34.75 -7.51
C4 CTP UA . 51.17 33.81 -8.43
C5 CTP UA . 50.32 33.73 -9.57
C6 CTP UA . 49.33 34.64 -9.67
O2 CTP UA . 49.82 36.51 -6.77
N4 CTP UA . 52.16 32.95 -8.24
C1' CTP UA . 48.04 36.61 -8.79
C2' CTP UA . 47.81 37.27 -10.17
O2' CTP UA . 47.74 38.68 -10.04
C3' CTP UA . 46.51 36.66 -10.65
C4' CTP UA . 45.80 36.32 -9.34
O4' CTP UA . 46.87 35.92 -8.45
O3' CTP UA . 45.77 37.58 -11.47
C5' CTP UA . 44.83 35.18 -9.41
O5' CTP UA . 45.59 34.01 -9.79
PA CTP UA . 45.22 33.46 -11.23
O1A CTP UA . 44.90 34.63 -12.11
O2A CTP UA . 44.17 32.43 -11.06
O3A CTP UA . 46.54 32.72 -11.75
PB CTP UA . 46.81 31.20 -12.18
O1B CTP UA . 46.34 30.86 -13.53
O2B CTP UA . 48.20 30.83 -11.79
O3B CTP UA . 45.75 30.39 -11.30
PG CTP UA . 44.88 29.21 -11.95
O1G CTP UA . 43.83 29.85 -12.82
O2G CTP UA . 45.87 28.39 -12.73
O3G CTP UA . 44.28 28.47 -10.79
H5 CTP UA . 50.44 33.06 -10.23
H6 CTP UA . 48.74 34.62 -10.41
H1' CTP UA . 48.18 37.31 -8.12
H2' CTP UA . 48.52 37.05 -10.78
HO2' CTP UA . 47.08 38.91 -9.54
H3' CTP UA . 46.70 35.83 -11.18
H4' CTP UA . 45.34 37.10 -8.97
HO3' CTP UA . 44.97 37.33 -11.62
MG MG VA . 34.43 35.76 -7.66
N1 CTP WA . 14.91 -6.37 32.05
C2 CTP WA . 14.59 -6.35 30.69
N3 CTP WA . 15.26 -5.51 29.87
C4 CTP WA . 16.19 -4.69 30.34
C5 CTP WA . 16.53 -4.67 31.72
C6 CTP WA . 15.88 -5.52 32.53
O2 CTP WA . 13.69 -7.11 30.27
N4 CTP WA . 16.79 -3.90 29.47
C1' CTP WA . 14.16 -7.31 32.94
C2' CTP WA . 14.55 -8.79 32.73
O2' CTP WA . 13.62 -9.45 31.88
C3' CTP WA . 14.47 -9.41 34.14
C4' CTP WA . 14.61 -8.16 35.06
O4' CTP WA . 14.47 -6.95 34.28
O3' CTP WA . 13.19 -9.95 34.45
C5' CTP WA . 15.17 -8.08 36.45
O5' CTP WA . 15.06 -6.70 36.91
PA CTP WA . 16.25 -5.66 36.60
O1A CTP WA . 15.68 -4.46 35.91
O2A CTP WA . 17.37 -6.38 35.93
O3A CTP WA . 16.66 -5.30 38.08
PB CTP WA . 16.35 -6.09 39.44
O1B CTP WA . 15.15 -5.47 40.05
O2B CTP WA . 16.38 -7.56 39.18
O3B CTP WA . 17.63 -5.79 40.33
PG CTP WA . 18.43 -4.49 40.83
O1G CTP WA . 17.35 -3.50 41.02
O2G CTP WA . 19.45 -4.01 39.84
O3G CTP WA . 19.07 -4.94 42.12
H5 CTP WA . 17.22 -4.11 32.05
H6 CTP WA . 16.10 -5.55 33.44
H1' CTP WA . 13.19 -7.18 32.80
H2' CTP WA . 15.47 -8.85 32.36
HO2' CTP WA . 13.52 -9.05 31.13
H3' CTP WA . 15.17 -10.17 34.25
H4' CTP WA . 15.57 -8.19 34.80
HO3' CTP WA . 12.88 -10.46 33.83
N1 CTP XA . 21.29 -6.09 52.85
C2 CTP XA . 22.11 -5.16 53.50
N3 CTP XA . 21.64 -4.49 54.57
C4 CTP XA . 20.40 -4.66 54.99
C5 CTP XA . 19.53 -5.59 54.34
C6 CTP XA . 20.00 -6.26 53.28
O2 CTP XA . 23.26 -4.99 53.09
N4 CTP XA . 20.01 -3.95 56.03
C1' CTP XA . 21.85 -6.78 51.65
C2' CTP XA . 21.56 -8.29 51.56
O2' CTP XA . 22.74 -9.03 51.30
C3' CTP XA . 20.54 -8.40 50.42
C4' CTP XA . 20.89 -7.18 49.56
O4' CTP XA . 21.28 -6.17 50.52
O3' CTP XA . 20.68 -9.64 49.72
C5' CTP XA . 19.76 -6.63 48.75
O5' CTP XA . 18.74 -6.20 49.70
PA CTP XA . 17.41 -7.07 49.63
O1A CTP XA . 16.48 -6.39 48.69
O2A CTP XA . 17.80 -8.48 49.32
O3A CTP XA . 16.77 -6.97 51.09
PB CTP XA . 15.36 -6.41 51.60
O1B CTP XA . 15.54 -5.80 52.95
O2B CTP XA . 14.23 -7.33 51.39
O3B CTP XA . 15.01 -5.29 50.52
PG CTP XA . 13.54 -5.17 49.91
O1G CTP XA . 13.49 -3.84 49.23
O2G CTP XA . 12.63 -5.26 51.09
O3G CTP XA . 13.37 -6.31 48.94
H5 CTP XA . 18.64 -5.72 54.64
H6 CTP XA . 19.47 -6.88 52.81
H1' CTP XA . 22.82 -6.64 51.60
H2' CTP XA . 21.15 -8.62 52.38
HO2' CTP XA . 23.08 -8.79 50.55
H3' CTP XA . 19.62 -8.32 50.80
H4' CTP XA . 21.65 -7.37 48.96
HO3' CTP XA . 20.24 -9.66 48.99
MG MG YA . 19.28 -6.16 38.21
MG MG ZA . 3.25 15.60 51.37
N1 CTP AB . 36.51 35.00 72.66
C2 CTP AB . 37.50 35.99 72.63
N3 CTP AB . 37.77 36.61 71.46
C4 CTP AB . 37.14 36.26 70.34
C5 CTP AB . 36.15 35.25 70.34
C6 CTP AB . 35.86 34.65 71.51
O2 CTP AB . 38.09 36.29 73.68
N4 CTP AB . 37.46 36.91 69.23
C1' CTP AB . 36.22 34.33 73.96
C2' CTP AB . 35.48 35.25 74.96
O2' CTP AB . 36.37 35.85 75.90
C3' CTP AB . 34.53 34.29 75.72
C4' CTP AB . 34.43 33.09 74.74
O4' CTP AB . 35.43 33.20 73.70
O3' CTP AB . 35.11 33.75 76.90
C5' CTP AB . 33.29 32.11 74.56
O5' CTP AB . 33.65 31.15 73.54
PA CTP AB . 33.35 31.48 71.99
O1A CTP AB . 32.59 32.74 71.90
O2A CTP AB . 34.61 31.34 71.21
O3A CTP AB . 32.38 30.25 71.68
PB CTP AB . 31.57 29.32 72.69
O1B CTP AB . 31.12 30.11 73.87
O2B CTP AB . 32.39 28.08 72.91
O3B CTP AB . 30.25 28.95 71.88
PG CTP AB . 29.90 28.33 70.45
O1G CTP AB . 29.86 29.38 69.36
O2G CTP AB . 30.99 27.37 70.22
O3G CTP AB . 28.56 27.69 70.66
H5 CTP AB . 35.69 35.02 69.54
H6 CTP AB . 35.21 33.98 71.53
H1' CTP AB . 37.08 34.02 74.35
H2' CTP AB . 34.96 35.94 74.47
HO2' CTP AB . 37.00 36.27 75.51
H3' CTP AB . 33.65 34.77 76.00
H4' CTP AB . 33.83 33.69 74.21
HO3' CTP AB . 35.48 34.33 77.39
N1 CTP BB . 20.68 20.11 71.93
C2 CTP BB . 20.08 19.51 70.81
N3 CTP BB . 20.12 18.18 70.64
C4 CTP BB . 20.76 17.41 71.52
C5 CTP BB . 21.40 17.98 72.67
C6 CTP BB . 21.34 19.31 72.82
O2 CTP BB . 19.51 20.24 69.99
N4 CTP BB . 20.78 16.10 71.28
C1' CTP BB . 20.63 21.59 72.04
C2' CTP BB . 20.31 22.14 73.44
O2' CTP BB . 19.28 23.11 73.37
C3' CTP BB . 21.63 22.74 73.91
C4' CTP BB . 22.32 23.10 72.59
O4' CTP BB . 21.91 22.06 71.68
O3' CTP BB . 21.43 23.85 74.77
C5' CTP BB . 23.82 23.12 72.63
O5' CTP BB . 24.23 21.76 72.95
PA CTP BB . 24.93 21.64 74.37
O1A CTP BB . 24.25 22.60 75.30
O2A CTP BB . 26.39 21.78 74.17
O3A CTP BB . 24.66 20.14 74.84
PB CTP BB . 25.66 18.93 75.20
O1B CTP BB . 26.25 19.03 76.55
O2B CTP BB . 25.04 17.65 74.78
O3B CTP BB . 26.94 19.25 74.30
PG CTP BB . 28.41 19.15 74.90
O1G CTP BB . 28.62 20.33 75.82
O2G CTP BB . 28.42 17.83 75.64
O3G CTP BB . 29.33 19.17 73.73
H5 CTP BB . 21.85 17.42 73.30
H6 CTP BB . 21.75 19.72 73.56
H1' CTP BB . 20.00 21.96 71.39
H2' CTP BB . 20.05 21.43 74.04
HO2' CTP BB . 19.51 23.78 72.89
H3' CTP BB . 22.16 22.03 74.40
H4' CTP BB . 22.00 23.98 72.26
HO3' CTP BB . 22.13 24.31 74.93
MG MG CB . 30.03 31.51 71.01
N1 CTP DB . 8.67 17.72 56.42
C2 CTP DB . 9.77 17.59 57.26
N3 CTP DB . 10.97 17.20 56.75
C4 CTP DB . 11.09 16.92 55.46
C5 CTP DB . 9.97 17.02 54.57
C6 CTP DB . 8.79 17.41 55.10
O2 CTP DB . 9.64 17.84 58.46
N4 CTP DB . 12.27 16.53 55.04
C1' CTP DB . 7.36 18.11 57.04
C2' CTP DB . 6.55 19.16 56.27
O2' CTP DB . 6.14 20.20 57.13
C3' CTP DB . 5.36 18.36 55.71
C4' CTP DB . 5.23 17.24 56.73
O4' CTP DB . 6.58 16.94 57.13
O3' CTP DB . 4.20 19.18 55.61
C5' CTP DB . 4.62 15.97 56.20
O5' CTP DB . 5.52 15.49 55.17
PA CTP DB . 4.88 15.54 53.71
O1A CTP DB . 4.01 16.75 53.64
O2A CTP DB . 4.26 14.22 53.44
O3A CTP DB . 6.12 15.68 52.71
PB CTP DB . 6.65 14.76 51.52
O1B CTP DB . 5.89 14.90 50.26
O2B CTP DB . 8.13 14.83 51.46
O3B CTP DB . 6.18 13.31 51.97
PG CTP DB . 5.50 12.29 50.92
O1G CTP DB . 4.10 12.79 50.67
O2G CTP DB . 6.38 12.37 49.71
O3G CTP DB . 5.52 10.95 51.59
H5 CTP DB . 10.05 16.83 53.66
H6 CTP DB . 8.03 17.49 54.55
H1' CTP DB . 7.51 18.43 57.96
H2' CTP DB . 7.06 19.53 55.53
HO2' CTP DB . 5.63 19.92 57.75
H3' CTP DB . 5.61 18.01 54.81
H4' CTP DB . 4.71 17.52 57.53
HO3' CTP DB . 3.49 18.73 55.45
MG MG EB . 43.48 5.71 63.37
MG MG FB . 15.18 -8.72 48.98
N1 CTP GB . -10.51 7.49 57.45
C2 CTP GB . -11.73 6.84 57.62
N3 CTP GB . -11.98 6.17 58.77
C4 CTP GB . -11.07 6.12 59.74
C5 CTP GB . -9.80 6.76 59.59
C6 CTP GB . -9.57 7.44 58.46
O2 CTP GB . -12.57 6.88 56.71
N4 CTP GB . -11.37 5.45 60.84
C1' CTP GB . -10.27 8.22 56.18
C2' CTP GB . -11.09 9.52 56.04
O2' CTP GB . -12.27 9.32 55.27
C3' CTP GB . -10.15 10.50 55.30
C4' CTP GB . -8.76 9.88 55.57
O4' CTP GB . -8.89 8.55 56.14
O3' CTP GB . -10.30 10.44 53.89
C5' CTP GB . -7.41 10.58 55.64
O5' CTP GB . -6.39 9.58 55.91
PA CTP GB . -6.03 9.18 57.42
O1A CTP GB . -6.80 10.04 58.36
O2A CTP GB . -6.14 7.70 57.57
O3A CTP GB . -4.50 9.61 57.43
PB CTP GB . -3.73 10.59 56.43
O1B CTP GB . -4.62 11.71 56.00
O2B CTP GB . -3.05 9.75 55.41
O3B CTP GB . -2.62 11.27 57.37
PG CTP GB . -1.48 10.78 58.37
O1G CTP GB . -0.48 11.90 58.35
O2G CTP GB . -2.00 10.50 59.76
O3G CTP GB . -1.00 9.54 57.73
H5 CTP GB . -9.17 6.75 60.30
H6 CTP GB . -8.76 7.88 58.34
H1' CTP GB . -10.45 7.61 55.42
H2' CTP GB . -11.33 9.87 56.94
HO2' CTP GB . -12.74 8.67 55.57
H3' CTP GB . -10.33 11.47 55.59
H4' CTP GB . -8.87 10.26 56.49
HO3' CTP GB . -11.12 10.48 53.63
MG MG HB . -4.44 11.58 59.36
MG MG IB . 26.30 21.96 76.85
N1 CTP JB . 47.37 -1.50 78.36
C2 CTP JB . 47.94 -1.85 79.59
N3 CTP JB . 47.25 -2.64 80.44
C4 CTP JB . 46.03 -3.07 80.13
C5 CTP JB . 45.42 -2.72 78.90
C6 CTP JB . 46.11 -1.95 78.05
O2 CTP JB . 49.08 -1.43 79.86
N4 CTP JB . 45.41 -3.84 81.01
C1' CTP JB . 48.15 -0.62 77.44
C2' CTP JB . 49.35 -1.35 76.78
O2' CTP JB . 50.57 -1.08 77.47
C3' CTP JB . 49.43 -0.75 75.37
C4' CTP JB . 47.99 -0.19 75.16
O4' CTP JB . 47.28 -0.19 76.42
O3' CTP JB . 50.27 0.38 75.29
C5' CTP JB . 47.23 0.00 73.87
O5' CTP JB . 45.93 0.58 74.20
PA CTP JB . 44.70 -0.39 74.55
O1A CTP JB . 44.11 0.01 75.86
O2A CTP JB . 45.11 -1.81 74.38
O3A CTP JB . 43.71 0.01 73.37
PB CTP JB . 44.05 0.77 72.00
O1B CTP JB . 43.76 2.22 72.18
O2B CTP JB . 45.39 0.33 71.50
O3B CTP JB . 42.99 0.14 70.98
PG CTP JB . 41.40 -0.06 70.93
O1G CTP JB . 40.90 1.16 71.60
O2G CTP JB . 40.94 -1.30 71.62
O3G CTP JB . 41.10 -0.09 69.45
H5 CTP JB . 44.55 -3.05 78.68
H6 CTP JB . 45.73 -1.71 77.23
H1' CTP JB . 48.45 0.17 77.94
H2' CTP JB . 49.18 -2.32 76.74
HO2' CTP JB . 50.51 -1.25 78.31
H3' CTP JB . 49.78 -1.45 74.69
H4' CTP JB . 47.74 -1.15 75.05
HO3' CTP JB . 51.04 0.26 75.65
N1 CTP KB . 37.55 2.77 59.42
C2 CTP KB . 36.22 2.55 59.06
N3 CTP KB . 35.46 3.59 58.66
C4 CTP KB . 35.95 4.82 58.65
C5 CTP KB . 37.29 5.09 59.03
C6 CTP KB . 38.05 4.04 59.43
O2 CTP KB . 35.78 1.41 59.10
N4 CTP KB . 35.12 5.79 58.27
C1' CTP KB . 38.35 1.59 59.89
C2' CTP KB . 39.79 1.50 59.33
O2' CTP KB . 40.05 0.22 58.81
C3' CTP KB . 40.66 1.82 60.55
C4' CTP KB . 39.77 1.37 61.71
O4' CTP KB . 38.43 1.68 61.29
O3' CTP KB . 41.91 1.13 60.49
C5' CTP KB . 40.01 2.08 63.01
O5' CTP KB . 39.71 3.47 62.78
PA CTP KB . 40.98 4.42 62.88
O1A CTP KB . 41.08 4.91 64.27
O2A CTP KB . 42.15 3.66 62.32
O3A CTP KB . 40.65 5.67 61.94
PB CTP KB . 40.53 7.24 62.26
O1B CTP KB . 39.47 7.83 61.39
O2B CTP KB . 41.83 7.93 62.37
O3B CTP KB . 40.07 7.26 63.78
PG CTP KB . 40.74 8.26 64.84
O1G CTP KB . 40.76 9.59 64.12
O2G CTP KB . 39.85 8.25 66.04
O3G CTP KB . 42.12 7.73 65.14
H5 CTP KB . 37.65 5.97 59.02
H6 CTP KB . 38.94 4.18 59.68
H1' CTP KB . 37.88 0.76 59.68
H2' CTP KB . 39.94 2.18 58.65
HO2' CTP KB . 39.97 -0.38 59.41
H3' CTP KB . 40.82 2.81 60.58
H4' CTP KB . 39.85 0.40 61.87
HO3' CTP KB . 42.35 1.17 61.22
MG MG LB . 43.40 -2.34 71.99
N1 CTP MB . -50.43 -3.73 -72.71
C2 CTP MB . -51.83 -3.78 -72.68
N3 CTP MB . -52.47 -3.56 -71.51
C4 CTP MB . -51.79 -3.32 -70.39
C5 CTP MB . -50.37 -3.29 -70.39
C6 CTP MB . -49.74 -3.48 -71.55
O2 CTP MB . -52.44 -4.02 -73.73
N4 CTP MB . -52.49 -3.11 -69.29
C1' CTP MB . -49.74 -3.98 -74.01
C2' CTP MB . -49.89 -2.82 -75.01
O2' CTP MB . -50.93 -3.06 -75.95
C3' CTP MB . -48.54 -2.76 -75.76
C4' CTP MB . -47.59 -3.49 -74.77
O4' CTP MB . -48.36 -4.15 -73.74
O3' CTP MB . -48.53 -3.56 -76.93
C5' CTP MB . -46.11 -3.31 -74.58
O5' CTP MB . -45.65 -4.23 -73.56
PA CTP MB . -45.69 -3.78 -72.01
O1A CTP MB . -46.12 -2.36 -71.92
O2A CTP MB . -46.45 -4.79 -71.22
O3A CTP MB . -44.14 -3.89 -71.69
PB CTP MB . -42.90 -3.94 -72.70
O1B CTP MB . -43.17 -3.07 -73.88
O2B CTP MB . -42.53 -5.36 -72.90
O3B CTP MB . -41.74 -3.21 -71.88
PG CTP MB . -41.05 -3.35 -70.45
O1G CTP MB . -41.80 -2.62 -69.37
O2G CTP MB . -41.09 -4.81 -70.22
O3G CTP MB . -39.67 -2.80 -70.65
H5 CTP MB . -49.89 -3.09 -69.59
H6 CTP MB . -48.80 -3.45 -71.58
H1' CTP MB . -50.07 -4.82 -74.39
H2' CTP MB . -50.06 -1.96 -74.53
HO2' CTP MB . -51.68 -3.24 -75.56
H3' CTP MB . -48.31 -1.79 -76.04
H4' CTP MB . -47.64 -2.64 -74.25
HO3' CTP MB . -49.20 -3.44 -77.44
N1 CTP NB . -28.75 -2.13 -71.86
C2 CTP NB . -27.91 -2.08 -70.75
N3 CTP NB . -26.96 -3.01 -70.57
C4 CTP NB . -26.82 -4.00 -71.44
C5 CTP NB . -27.65 -4.09 -72.60
C6 CTP NB . -28.61 -3.15 -72.76
O2 CTP NB . -28.06 -1.16 -69.94
N4 CTP NB . -25.87 -4.90 -71.20
C1' CTP NB . -29.81 -1.09 -71.99
C2' CTP NB . -30.00 -0.48 -73.39
O2' CTP NB . -30.01 0.93 -73.33
C3' CTP NB . -31.33 -1.07 -73.88
C4' CTP NB . -32.06 -1.31 -72.55
O4' CTP NB . -31.02 -1.71 -71.63
O3' CTP NB . -32.00 -0.15 -74.74
C5' CTP NB . -33.08 -2.40 -72.59
O5' CTP NB . -32.37 -3.63 -72.90
PA CTP NB . -32.74 -4.23 -74.32
O1A CTP NB . -32.99 -3.09 -75.26
O2A CTP NB . -33.84 -5.21 -74.12
O3A CTP NB . -31.44 -5.05 -74.78
PB CTP NB . -31.24 -6.60 -75.13
O1B CTP NB . -31.69 -6.98 -76.48
O2B CTP NB . -29.86 -7.01 -74.71
O3B CTP NB . -32.33 -7.32 -74.24
PG CTP NB . -33.26 -8.48 -74.84
O1G CTP NB . -34.26 -7.83 -75.77
O2G CTP NB . -32.29 -9.38 -75.57
O3G CTP NB . -33.89 -9.14 -73.67
H5 CTP NB . -27.55 -4.80 -73.23
H6 CTP NB . -29.19 -3.18 -73.50
H1' CTP NB . -29.65 -0.37 -71.35
H2' CTP NB . -29.29 -0.77 -73.99
HO2' CTP NB . -30.66 1.21 -72.86
H3' CTP NB . -31.16 -1.92 -74.36
H4' CTP NB . -32.49 -0.48 -72.22
HO3' CTP NB . -32.81 -0.38 -74.89
MG MG OB . -43.48 -1.30 -71.03
MG MG PB . -33.57 -28.58 -63.21
N1 CTP QB . -5.27 -15.59 -32.12
C2 CTP QB . -5.07 -15.33 -30.76
N3 CTP QB . -6.14 -15.26 -29.94
C4 CTP QB . -7.38 -15.40 -30.42
C5 CTP QB . -7.61 -15.65 -31.79
C6 CTP QB . -6.54 -15.75 -32.60
O2 CTP QB . -3.92 -15.19 -30.34
N4 CTP QB . -8.38 -15.30 -29.56
C1' CTP QB . -4.07 -15.67 -33.00
C2' CTP QB . -3.23 -16.95 -32.78
O2' CTP QB . -2.12 -16.72 -31.93
C3' CTP QB . -2.72 -17.33 -34.18
C4' CTP QB . -3.73 -16.60 -35.11
O4' CTP QB . -4.52 -15.67 -34.34
O3' CTP QB . -1.46 -16.75 -34.49
C5' CTP QB . -4.17 -16.96 -36.51
O5' CTP QB . -5.11 -15.95 -36.97
PA CTP QB . -6.66 -16.13 -36.66
O1A CTP QB . -7.18 -14.90 -35.99
O2A CTP QB . -6.91 -17.44 -36.00
O3A CTP QB . -7.22 -16.20 -38.16
PB CTP QB . -6.41 -16.51 -39.51
O1B CTP QB . -6.05 -15.20 -40.13
O2B CTP QB . -5.34 -17.52 -39.24
O3B CTP QB . -7.49 -17.25 -40.41
PG CTP QB . -8.98 -16.97 -40.91
O1G CTP QB . -8.99 -15.50 -41.10
O2G CTP QB . -10.03 -17.39 -39.92
O3G CTP QB . -9.07 -17.75 -42.19
H5 CTP QB . -8.48 -15.77 -32.12
H6 CTP QB . -6.67 -15.92 -33.51
H1' CTP QB . -3.52 -14.87 -32.86
H2' CTP QB . -3.80 -17.69 -32.41
HO2' CTP QB . -2.36 -16.37 -31.18
H3' CTP QB . -2.62 -18.36 -34.29
H4' CTP QB . -4.35 -17.32 -34.85
HO3' CTP QB . -0.88 -16.86 -33.86
N1 CTP RB . -9.69 -20.23 -52.92
C2 CTP RB . -10.92 -20.20 -53.57
N3 CTP RB . -11.10 -19.41 -54.64
C4 CTP RB . -10.11 -18.61 -55.06
C5 CTP RB . -8.85 -18.59 -54.40
C6 CTP RB . -8.69 -19.39 -53.34
O2 CTP RB . -11.82 -20.94 -53.16
N4 CTP RB . -10.38 -17.84 -56.11
C1' CTP RB . -9.54 -21.10 -51.71
C2' CTP RB . -8.24 -21.90 -51.61
O2' CTP RB . -8.51 -23.27 -51.34
C3' CTP RB . -7.48 -21.22 -50.47
C4' CTP RB . -8.62 -20.64 -49.63
O4' CTP RB . -9.62 -20.25 -50.58
O3' CTP RB . -6.67 -22.16 -49.77
C5' CTP RB . -8.26 -19.44 -48.82
O5' CTP RB . -7.89 -18.40 -49.77
PA CTP RB . -6.36 -18.01 -49.69
O1A CTP RB . -6.24 -16.86 -48.76
O2A CTP RB . -5.57 -19.24 -49.37
O3A CTP RB . -5.99 -17.47 -51.15
PB CTP RB . -5.45 -16.05 -51.67
O1B CTP RB . -6.01 -15.78 -53.02
O2B CTP RB . -4.01 -15.84 -51.46
O3B CTP RB . -6.04 -15.03 -50.60
PG CTP RB . -5.14 -13.87 -49.98
O1G CTP RB . -6.09 -12.93 -49.31
O2G CTP RB . -4.45 -13.26 -51.17
O3G CTP RB . -4.19 -14.51 -49.01
H5 CTP RB . -8.15 -18.03 -54.70
H6 CTP RB . -7.87 -19.41 -52.87
H1' CTP RB . -10.31 -21.71 -51.65
H2' CTP RB . -7.73 -21.82 -52.43
HO2' CTP RB . -8.91 -23.37 -50.60
H3' CTP RB . -6.91 -20.48 -50.85
H4' CTP RB . -9.00 -21.33 -49.02
HO3' CTP RB . -6.35 -21.84 -49.03
MG MG SB . -8.34 -18.70 -38.28
N1 CTP TB . -27.44 -26.16 -59.23
C2 CTP TB . -26.39 -25.32 -58.86
N3 CTP TB . -26.64 -24.05 -58.47
C4 CTP TB . -27.88 -23.58 -58.47
C5 CTP TB . -28.98 -24.40 -58.86
C6 CTP TB . -28.72 -25.67 -59.24
O2 CTP TB . -25.24 -25.76 -58.88
N4 CTP TB . -28.04 -22.32 -58.11
C1' CTP TB . -27.10 -27.55 -59.68
C2' CTP TB . -28.01 -28.67 -59.13
O2' CTP TB . -27.24 -29.71 -58.59
C3' CTP TB . -28.83 -29.09 -60.35
C4' CTP TB . -27.88 -28.76 -61.51
O4' CTP TB . -27.21 -27.55 -61.08
O3' CTP TB . -29.16 -30.48 -60.28
C5' CTP TB . -28.55 -28.46 -62.82
O5' CTP TB . -29.38 -27.29 -62.59
PA CTP TB . -30.94 -27.60 -62.70
O1A CTP TB . -31.36 -27.34 -64.10
O2A CTP TB . -31.17 -28.97 -62.15
O3A CTP TB . -31.65 -26.51 -61.78
PB CTP TB . -32.72 -25.36 -62.11
O1B CTP TB . -32.46 -24.18 -61.25
O2B CTP TB . -34.11 -25.85 -62.23
O3B CTP TB . -32.42 -25.01 -63.63
PG CTP TB . -33.60 -24.85 -64.70
O1G CTP TB . -34.60 -23.96 -64.01
O2G CTP TB . -32.98 -24.20 -65.89
O3G CTP TB . -34.13 -26.22 -65.00
H5 CTP TB . -29.86 -24.06 -58.86
H6 CTP TB . -29.41 -26.25 -59.51
H1' CTP TB . -26.17 -27.75 -59.47
H2' CTP TB . -28.61 -28.32 -58.46
HO2' CTP TB . -26.74 -30.07 -59.19
H3' CTP TB . -29.67 -28.55 -60.40
H4' CTP TB . -27.21 -29.47 -61.65
HO3' CTP TB . -29.47 -30.79 -61.02
MG MG UB . -13.49 7.78 -51.58
MG MG VB . -33.89 -5.04 -76.81
N1 CTP WB . -30.73 -36.39 -78.14
C2 CTP WB . -30.85 -37.06 -79.36
N3 CTP WB . -29.80 -37.09 -80.21
C4 CTP WB . -28.65 -36.46 -79.89
C5 CTP WB . -28.52 -35.77 -78.67
C6 CTP WB . -29.56 -35.76 -77.82
O2 CTP WB . -31.93 -37.62 -79.66
N4 CTP WB . -27.67 -36.53 -80.76
C1' CTP WB . -31.92 -36.37 -77.23
C2' CTP WB . -32.20 -37.74 -76.57
O2' CTP WB . -33.22 -38.46 -77.26
C3' CTP WB . -32.70 -37.39 -75.16
C4' CTP WB . -32.15 -35.96 -74.96
O4' CTP WB . -31.66 -35.43 -76.21
O3' CTP WB . -34.11 -37.25 -75.09
C5' CTP WB . -31.79 -35.25 -73.67
O5' CTP WB . -31.32 -33.91 -73.99
PA CTP WB . -29.79 -33.65 -74.34
O1A CTP WB . -29.68 -32.95 -75.66
O2A CTP WB . -29.01 -34.90 -74.15
O3A CTP WB . -29.43 -32.64 -73.16
PB CTP WB . -30.22 -32.37 -71.79
O1B CTP WB . -31.10 -31.18 -72.00
O2B CTP WB . -30.81 -33.65 -71.29
O3B CTP WB . -29.06 -32.01 -70.77
PG CTP WB . -27.84 -30.97 -70.70
O1G CTP WB . -28.39 -29.78 -71.39
O2G CTP WB . -26.60 -31.46 -71.39
O3G CTP WB . -27.63 -30.76 -69.23
H5 CTP WB . -27.70 -35.35 -78.43
H6 CTP WB . -29.49 -35.31 -77.00
H1' CTP WB . -32.71 -36.07 -77.74
H2' CTP WB . -31.37 -38.28 -76.52
HO2' CTP WB . -33.03 -38.55 -78.09
H3' CTP WB . -32.43 -38.12 -74.47
H4' CTP WB . -31.27 -36.41 -74.82
HO3' CTP WB . -34.54 -37.90 -75.46
MG MG XB . -27.50 -33.99 -71.75
MG MG YB . -3.63 -17.46 -49.03
N1 CTP ZB . 1.83 12.43 -57.55
C2 CTP ZB . 3.15 12.89 -57.70
N3 CTP ZB . 3.81 12.62 -58.85
C4 CTP ZB . 3.24 11.90 -59.82
C5 CTP ZB . 1.92 11.41 -59.68
C6 CTP ZB . 1.25 11.70 -58.55
O2 CTP ZB . 3.67 13.54 -56.78
N4 CTP ZB . 3.96 11.68 -60.91
C1' CTP ZB . 1.12 12.74 -56.28
C2' CTP ZB . 0.72 14.23 -56.16
O2' CTP ZB . 1.65 14.97 -55.37
C3' CTP ZB . -0.64 14.20 -55.43
C4' CTP ZB . -1.13 12.75 -55.70
O4' CTP ZB . -0.05 11.95 -56.24
O3' CTP ZB . -0.51 14.28 -54.01
C5' CTP ZB . -2.55 12.23 -55.77
O5' CTP ZB . -2.50 10.80 -56.04
PA CTP ZB . -2.44 10.27 -57.54
O1A CTP ZB . -2.54 11.41 -58.49
O2A CTP ZB . -1.27 9.35 -57.69
O3A CTP ZB . -3.79 9.43 -57.56
PB CTP ZB . -5.04 9.53 -56.58
O1B CTP ZB . -5.26 10.94 -56.16
O2B CTP ZB . -4.89 8.46 -55.55
O3B CTP ZB . -6.28 9.17 -57.53
PG CTP ZB . -6.67 8.00 -58.53
O1G CTP ZB . -8.18 8.01 -58.53
O2G CTP ZB . -6.12 8.18 -59.91
O3G CTP ZB . -6.10 6.80 -57.88
H5 CTP ZB . 1.50 10.92 -60.39
H6 CTP ZB . 0.37 11.39 -58.45
H1' CTP ZB . 1.69 12.47 -55.52
H2' CTP ZB . 0.62 14.64 -57.05
HO2' CTP ZB . 2.46 14.87 -55.67
H3' CTP ZB . -1.24 14.98 -55.73
H4' CTP ZB . -1.32 13.09 -56.61
HO3' CTP ZB . 0.01 14.91 -53.75
N1 CTP AC . -18.67 5.20 -56.68
C2 CTP AC . -19.31 4.29 -57.52
N3 CTP AC . -19.84 3.16 -57.01
C4 CTP AC . -19.72 2.89 -55.71
C5 CTP AC . -19.06 3.78 -54.83
C6 CTP AC . -18.53 4.92 -55.35
O2 CTP AC . -19.40 4.56 -58.71
N4 CTP AC . -20.24 1.74 -55.29
C1' CTP AC . -18.07 6.43 -57.30
C2' CTP AC . -18.30 7.74 -56.53
O2' CTP AC . -18.79 8.75 -57.39
C3' CTP AC . -16.93 8.08 -55.95
C4' CTP AC . -15.99 7.41 -56.97
O4' CTP AC . -16.69 6.20 -57.37
O3' CTP AC . -16.74 9.49 -55.86
C5' CTP AC . -14.65 7.00 -56.43
O5' CTP AC . -14.92 6.02 -55.39
PA CTP AC . -14.53 6.53 -53.94
O1A CTP AC . -14.83 7.99 -53.87
O2A CTP AC . -13.14 6.10 -53.66
O3A CTP AC . -15.49 5.71 -52.94
PB CTP AC . -15.17 4.70 -51.74
O1B CTP AC . -14.77 5.37 -50.49
O2B CTP AC . -16.23 3.66 -51.69
O3B CTP AC . -13.78 4.07 -52.17
PG CTP AC . -12.58 3.90 -51.12
O1G CTP AC . -12.00 5.26 -50.87
O2G CTP AC . -13.24 3.29 -49.91
O3G CTP AC . -11.60 2.97 -51.77
H5 CTP AC . -18.97 3.58 -53.91
H6 CTP AC . -18.09 5.53 -54.80
H1' CTP AC . -18.39 6.53 -58.22
H2' CTP AC . -18.93 7.61 -55.80
HO2' CTP AC . -18.23 8.92 -58.02
H3' CTP AC . -16.84 7.65 -55.05
H4' CTP AC . -15.85 7.98 -57.76
HO3' CTP AC . -15.92 9.71 -55.69
MG MG BC . -5.25 10.71 -59.51
#